data_6I1X
#
_entry.id   6I1X
#
_cell.length_a   1.00
_cell.length_b   1.00
_cell.length_c   1.00
_cell.angle_alpha   90.00
_cell.angle_beta   90.00
_cell.angle_gamma   90.00
#
_symmetry.space_group_name_H-M   'P 1'
#
_entity_poly.entity_id   1
_entity_poly.type   'polypeptide(L)'
_entity_poly.pdbx_seq_one_letter_code
;GDEMVTRVVPVRNVSVRELAPLLRQLNDNAGGGNVVHYDPSNVLLITGRAAVVNRLVEVVRRVDKAGDQEVDIIKLKYAS
AGEMVRLVTNLNKDGNSQGGNTSLLLAPKVVADERTNSVVVSGEPKARARIIQMVRQLDRELQSQGNTRVFYLKYGKAKD
MVEVLKGVSSSIEADKKGGGTATTAGGGASIGGGKLAISADETTNALVITAQPDVMAELEQVVAKLDIRRAQVLVEAIIV
EIADGDGLNLGVQWANTNGGGTQFTNAGPGIGSVAIAAKDYKDNGTTTGLAKLAENFNGMAAGFYQGNWAMLVTALSTNT
KSDILSTPSIVTMDNKEASFNVGQEVPVQTGTQNSTSGDTTFSTIERKTVGTKLVLTPQINEGDSVLLTIEQEVSSVGKQ
ATGTDGLGPTFDTRTVKNAVLVKSGETVVLGGLMDEQTKEEVSKVPLLGDIPVLGYLFRSTSNNTSKRNLMVFIRPTILR
DANVYSGISSNKYTLFRAQQLDAVAQEGYATSPDRQVLPEYGQD
;
_entity_poly.pdbx_strand_id   A,B,C,D,E,F,G,H,I,J,K,L,M,N,O
#
# COMPACT_ATOMS: atom_id res chain seq x y z
N GLY A 1 -12.31 -18.62 -100.32
CA GLY A 1 -11.21 -18.05 -101.16
C GLY A 1 -11.16 -16.53 -101.09
N ASP A 2 -12.08 -15.87 -101.81
CA ASP A 2 -12.14 -14.38 -101.88
C ASP A 2 -13.18 -13.87 -100.89
N GLU A 3 -13.70 -14.74 -100.03
CA GLU A 3 -14.85 -14.44 -99.13
C GLU A 3 -14.39 -13.46 -98.05
N MET A 4 -14.89 -12.22 -98.10
CA MET A 4 -14.48 -11.15 -97.16
C MET A 4 -15.36 -11.24 -95.90
N VAL A 5 -14.75 -11.65 -94.79
CA VAL A 5 -15.44 -11.80 -93.48
C VAL A 5 -14.53 -11.26 -92.38
N THR A 6 -15.13 -10.85 -91.27
CA THR A 6 -14.40 -10.43 -90.05
C THR A 6 -14.42 -11.60 -89.06
N ARG A 7 -13.25 -11.97 -88.54
CA ARG A 7 -13.14 -12.98 -87.45
C ARG A 7 -12.02 -12.58 -86.49
N VAL A 8 -12.20 -12.93 -85.23
CA VAL A 8 -11.49 -12.31 -84.08
C VAL A 8 -10.93 -13.39 -83.17
N VAL A 9 -9.61 -13.39 -83.00
CA VAL A 9 -8.91 -14.29 -82.05
C VAL A 9 -8.09 -13.42 -81.10
N PRO A 10 -8.29 -13.56 -79.77
CA PRO A 10 -7.37 -12.98 -78.80
C PRO A 10 -6.00 -13.69 -78.78
N VAL A 11 -4.97 -12.95 -78.39
CA VAL A 11 -3.72 -13.52 -77.79
C VAL A 11 -3.84 -13.31 -76.28
N ARG A 12 -4.22 -14.33 -75.53
CA ARG A 12 -4.46 -14.21 -74.06
C ARG A 12 -3.10 -14.13 -73.35
N ASN A 13 -2.18 -15.02 -73.74
CA ASN A 13 -0.82 -15.19 -73.13
C ASN A 13 -0.06 -13.86 -73.15
N VAL A 14 -0.06 -13.18 -74.29
CA VAL A 14 0.74 -11.94 -74.52
C VAL A 14 -0.23 -10.81 -74.89
N SER A 15 0.19 -9.55 -74.74
CA SER A 15 -0.53 -8.40 -75.31
C SER A 15 -0.43 -8.48 -76.84
N VAL A 16 -1.56 -8.43 -77.54
CA VAL A 16 -1.63 -8.69 -79.01
C VAL A 16 -0.90 -7.59 -79.78
N ARG A 17 -0.47 -6.53 -79.08
CA ARG A 17 0.11 -5.28 -79.65
C ARG A 17 1.29 -5.63 -80.57
N GLU A 18 1.91 -6.80 -80.37
CA GLU A 18 3.19 -7.20 -81.03
C GLU A 18 2.94 -7.67 -82.47
N LEU A 19 1.68 -7.86 -82.88
CA LEU A 19 1.37 -8.39 -84.24
C LEU A 19 0.94 -7.24 -85.16
N ALA A 20 1.02 -5.98 -84.69
CA ALA A 20 0.53 -4.80 -85.43
C ALA A 20 1.36 -4.59 -86.71
N PRO A 21 2.70 -4.57 -86.65
CA PRO A 21 3.52 -4.62 -87.87
C PRO A 21 3.22 -5.83 -88.77
N LEU A 22 3.08 -7.00 -88.15
CA LEU A 22 2.92 -8.34 -88.79
C LEU A 22 1.60 -8.38 -89.58
N LEU A 23 0.48 -8.06 -88.94
CA LEU A 23 -0.86 -8.43 -89.46
C LEU A 23 -1.38 -7.33 -90.39
N ARG A 24 -1.15 -6.06 -90.06
CA ARG A 24 -1.41 -4.93 -90.99
C ARG A 24 -0.35 -4.99 -92.11
N GLN A 25 0.76 -5.67 -91.84
CA GLN A 25 1.74 -6.02 -92.90
C GLN A 25 1.11 -7.11 -93.78
N LEU A 26 0.23 -7.95 -93.23
CA LEU A 26 -0.47 -9.03 -94.01
C LEU A 26 -1.63 -8.40 -94.79
N ASN A 27 -2.21 -7.32 -94.29
CA ASN A 27 -3.00 -6.39 -95.13
C ASN A 27 -2.09 -5.95 -96.28
N ASP A 28 -0.90 -5.45 -95.93
CA ASP A 28 0.12 -4.91 -96.86
C ASP A 28 0.75 -6.04 -97.69
N ASN A 29 0.42 -7.31 -97.39
CA ASN A 29 1.01 -8.49 -98.08
C ASN A 29 0.38 -8.63 -99.47
N ALA A 30 -0.95 -8.48 -99.58
CA ALA A 30 -1.70 -8.76 -100.84
C ALA A 30 -2.87 -7.78 -101.02
N GLY A 31 -3.59 -7.91 -102.14
CA GLY A 31 -4.72 -7.05 -102.53
C GLY A 31 -5.60 -6.71 -101.33
N GLY A 32 -5.78 -5.42 -101.07
CA GLY A 32 -6.38 -4.86 -99.83
C GLY A 32 -7.87 -5.15 -99.69
N GLY A 33 -8.51 -4.45 -98.75
CA GLY A 33 -9.85 -4.79 -98.20
C GLY A 33 -9.74 -5.39 -96.81
N ASN A 34 -8.61 -5.15 -96.15
CA ASN A 34 -8.29 -5.79 -94.84
C ASN A 34 -8.37 -4.75 -93.71
N VAL A 35 -8.71 -5.23 -92.51
CA VAL A 35 -8.58 -4.47 -91.22
C VAL A 35 -7.99 -5.41 -90.17
N VAL A 36 -7.01 -4.92 -89.43
CA VAL A 36 -6.50 -5.58 -88.20
C VAL A 36 -6.54 -4.52 -87.11
N HIS A 37 -6.94 -4.88 -85.89
CA HIS A 37 -6.89 -3.94 -84.72
C HIS A 37 -6.91 -4.70 -83.39
N TYR A 38 -6.66 -3.96 -82.30
CA TYR A 38 -6.15 -4.49 -81.01
C TYR A 38 -6.92 -3.89 -79.84
N ASP A 39 -7.44 -4.76 -78.99
CA ASP A 39 -8.10 -4.33 -77.73
C ASP A 39 -7.03 -4.37 -76.65
N PRO A 40 -7.05 -3.43 -75.68
CA PRO A 40 -6.21 -3.56 -74.49
C PRO A 40 -6.60 -4.85 -73.78
N SER A 41 -7.89 -5.24 -73.91
CA SER A 41 -8.48 -6.52 -73.42
C SER A 41 -7.80 -7.67 -74.16
N ASN A 42 -7.01 -7.33 -75.19
CA ASN A 42 -6.01 -8.21 -75.82
C ASN A 42 -6.74 -9.28 -76.63
N VAL A 43 -7.84 -8.90 -77.26
CA VAL A 43 -8.43 -9.65 -78.42
C VAL A 43 -7.96 -8.98 -79.70
N LEU A 44 -7.69 -9.78 -80.73
CA LEU A 44 -7.18 -9.30 -82.04
C LEU A 44 -8.29 -9.49 -83.07
N LEU A 45 -8.86 -8.38 -83.54
CA LEU A 45 -10.05 -8.41 -84.44
C LEU A 45 -9.59 -8.21 -85.89
N ILE A 46 -10.10 -9.04 -86.79
CA ILE A 46 -9.68 -9.06 -88.23
C ILE A 46 -10.90 -8.91 -89.14
N THR A 47 -10.63 -8.34 -90.32
CA THR A 47 -11.55 -8.27 -91.49
C THR A 47 -10.73 -8.56 -92.75
N GLY A 48 -11.24 -9.40 -93.65
CA GLY A 48 -10.54 -9.66 -94.92
C GLY A 48 -11.04 -10.92 -95.61
N ARG A 49 -10.53 -11.14 -96.82
CA ARG A 49 -10.90 -12.29 -97.68
C ARG A 49 -10.34 -13.58 -97.04
N ALA A 50 -10.91 -14.71 -97.43
CA ALA A 50 -10.82 -16.00 -96.72
C ALA A 50 -9.35 -16.44 -96.55
N ALA A 51 -8.50 -16.24 -97.56
CA ALA A 51 -7.08 -16.69 -97.56
C ALA A 51 -6.26 -15.78 -96.65
N VAL A 52 -6.25 -14.47 -96.93
CA VAL A 52 -5.48 -13.46 -96.17
C VAL A 52 -5.79 -13.67 -94.69
N VAL A 53 -7.06 -13.95 -94.37
CA VAL A 53 -7.52 -14.17 -92.97
C VAL A 53 -7.11 -15.57 -92.52
N ASN A 54 -7.03 -16.55 -93.42
CA ASN A 54 -6.51 -17.91 -93.09
C ASN A 54 -5.15 -17.74 -92.42
N ARG A 55 -4.22 -17.05 -93.09
CA ARG A 55 -2.80 -16.91 -92.63
C ARG A 55 -2.69 -15.82 -91.56
N LEU A 56 -3.65 -14.88 -91.52
CA LEU A 56 -3.72 -13.85 -90.43
C LEU A 56 -4.06 -14.57 -89.12
N VAL A 57 -5.22 -15.23 -89.08
CA VAL A 57 -5.72 -15.95 -87.87
C VAL A 57 -4.72 -17.06 -87.55
N GLU A 58 -4.08 -17.65 -88.56
CA GLU A 58 -2.91 -18.56 -88.39
C GLU A 58 -1.91 -17.85 -87.47
N VAL A 59 -1.49 -16.63 -87.85
CA VAL A 59 -0.51 -15.83 -87.06
C VAL A 59 -1.05 -15.71 -85.63
N VAL A 60 -2.35 -15.46 -85.46
CA VAL A 60 -2.92 -14.99 -84.17
C VAL A 60 -2.99 -16.16 -83.20
N ARG A 61 -3.65 -17.26 -83.58
CA ARG A 61 -3.72 -18.49 -82.75
C ARG A 61 -2.28 -18.92 -82.47
N ARG A 62 -1.41 -18.80 -83.48
CA ARG A 62 0.02 -19.15 -83.36
C ARG A 62 0.60 -18.36 -82.18
N VAL A 63 0.72 -17.04 -82.30
CA VAL A 63 1.23 -16.15 -81.22
C VAL A 63 0.48 -16.48 -79.92
N ASP A 64 -0.76 -16.96 -80.02
CA ASP A 64 -1.60 -17.32 -78.85
C ASP A 64 -1.05 -18.57 -78.16
N LYS A 65 -0.72 -19.60 -78.94
CA LYS A 65 -0.22 -20.91 -78.45
C LYS A 65 1.30 -20.85 -78.28
N ALA A 66 1.93 -19.78 -78.78
CA ALA A 66 3.39 -19.60 -78.77
C ALA A 66 3.86 -19.43 -77.34
N GLY A 67 3.08 -18.69 -76.53
CA GLY A 67 3.42 -18.30 -75.15
C GLY A 67 2.45 -18.89 -74.14
N ASP A 68 2.41 -20.22 -73.99
CA ASP A 68 1.47 -20.92 -73.09
C ASP A 68 1.87 -20.67 -71.64
N GLN A 69 0.89 -20.67 -70.73
CA GLN A 69 1.11 -20.44 -69.28
C GLN A 69 0.00 -21.10 -68.48
N GLU A 70 0.09 -22.41 -68.26
CA GLU A 70 -0.95 -23.17 -67.55
C GLU A 70 -0.42 -23.57 -66.16
N VAL A 71 -1.32 -24.09 -65.32
CA VAL A 71 -0.96 -24.64 -63.99
C VAL A 71 -1.20 -26.15 -63.99
N ASP A 72 -0.31 -26.85 -63.27
CA ASP A 72 -0.35 -28.30 -62.95
C ASP A 72 -0.23 -28.51 -61.44
N ILE A 73 -1.12 -29.34 -60.91
CA ILE A 73 -1.09 -29.72 -59.47
C ILE A 73 -0.93 -31.23 -59.35
N ILE A 74 0.17 -31.68 -58.77
CA ILE A 74 0.30 -33.10 -58.35
C ILE A 74 0.77 -33.13 -56.89
N LYS A 75 0.20 -34.06 -56.11
CA LYS A 75 0.42 -34.19 -54.65
C LYS A 75 1.89 -34.48 -54.35
N LEU A 76 2.42 -33.79 -53.33
CA LEU A 76 3.69 -34.19 -52.64
C LEU A 76 3.30 -34.99 -51.40
N LYS A 77 3.90 -36.17 -51.26
CA LYS A 77 3.57 -37.07 -50.13
C LYS A 77 4.56 -36.83 -48.99
N TYR A 78 5.78 -36.33 -49.26
CA TYR A 78 6.91 -36.35 -48.30
C TYR A 78 7.36 -34.93 -47.89
N ALA A 79 8.47 -34.40 -48.42
CA ALA A 79 9.13 -33.19 -47.85
C ALA A 79 8.29 -31.93 -48.09
N SER A 80 8.37 -31.01 -47.12
CA SER A 80 7.43 -29.89 -46.88
C SER A 80 7.33 -29.00 -48.11
N ALA A 81 6.12 -28.58 -48.43
CA ALA A 81 5.83 -27.68 -49.56
C ALA A 81 6.52 -26.32 -49.33
N GLY A 82 6.57 -25.86 -48.07
CA GLY A 82 7.22 -24.61 -47.65
C GLY A 82 8.74 -24.65 -47.80
N GLU A 83 9.37 -25.79 -47.50
CA GLU A 83 10.81 -26.01 -47.75
C GLU A 83 10.98 -26.08 -49.27
N MET A 84 10.08 -26.81 -49.92
CA MET A 84 10.02 -26.92 -51.40
C MET A 84 10.05 -25.48 -51.94
N VAL A 85 9.23 -24.62 -51.33
CA VAL A 85 9.08 -23.20 -51.73
C VAL A 85 10.43 -22.50 -51.56
N ARG A 86 11.00 -22.57 -50.36
CA ARG A 86 12.23 -21.83 -49.98
C ARG A 86 13.36 -22.19 -50.93
N LEU A 87 13.57 -23.50 -51.14
CA LEU A 87 14.74 -24.05 -51.87
C LEU A 87 14.62 -23.64 -53.33
N VAL A 88 13.40 -23.68 -53.86
CA VAL A 88 13.12 -23.34 -55.27
C VAL A 88 13.06 -21.82 -55.41
N THR A 89 12.65 -21.09 -54.37
CA THR A 89 12.59 -19.61 -54.45
C THR A 89 13.98 -19.08 -54.80
N ASN A 90 15.02 -19.77 -54.33
CA ASN A 90 16.43 -19.36 -54.58
C ASN A 90 16.78 -19.65 -56.06
N LEU A 91 16.01 -20.52 -56.73
CA LEU A 91 15.89 -20.57 -58.22
C LEU A 91 15.26 -19.24 -58.70
N ASN A 92 15.89 -18.10 -58.41
CA ASN A 92 15.54 -16.79 -58.99
C ASN A 92 15.69 -16.88 -60.52
N LYS A 93 14.78 -16.23 -61.26
CA LYS A 93 14.73 -16.13 -62.74
C LYS A 93 13.88 -17.28 -63.33
N ASP A 94 13.43 -18.21 -62.48
CA ASP A 94 12.19 -18.98 -62.74
C ASP A 94 11.01 -18.04 -62.52
N GLY A 95 10.82 -17.08 -63.45
CA GLY A 95 9.69 -16.13 -63.50
C GLY A 95 9.76 -15.02 -62.45
N ASN A 96 10.76 -15.08 -61.57
CA ASN A 96 10.93 -14.18 -60.40
C ASN A 96 12.03 -13.16 -60.74
N SER A 97 11.70 -12.11 -61.48
CA SER A 97 12.65 -11.03 -61.87
C SER A 97 11.89 -9.78 -62.29
N GLN A 98 12.62 -8.67 -62.45
CA GLN A 98 12.08 -7.35 -62.89
C GLN A 98 12.71 -7.01 -64.24
N GLY A 99 13.09 -8.04 -65.02
CA GLY A 99 13.75 -7.92 -66.33
C GLY A 99 12.89 -7.21 -67.36
N GLY A 100 13.44 -6.20 -68.04
CA GLY A 100 12.72 -5.30 -68.97
C GLY A 100 12.27 -6.00 -70.24
N ASN A 101 13.08 -5.95 -71.32
CA ASN A 101 12.79 -6.58 -72.64
C ASN A 101 12.74 -8.10 -72.48
N THR A 102 13.29 -8.63 -71.39
CA THR A 102 13.20 -10.04 -70.95
C THR A 102 11.74 -10.39 -70.65
N SER A 103 11.05 -9.48 -69.96
CA SER A 103 9.62 -9.60 -69.54
C SER A 103 9.41 -10.90 -68.75
N LEU A 104 10.33 -11.21 -67.82
CA LEU A 104 10.37 -12.54 -67.15
C LEU A 104 9.20 -12.63 -66.17
N LEU A 105 8.51 -11.51 -65.97
CA LEU A 105 7.24 -11.42 -65.20
C LEU A 105 6.13 -12.22 -65.91
N LEU A 106 6.34 -12.59 -67.19
CA LEU A 106 5.41 -13.43 -68.00
C LEU A 106 5.89 -14.89 -68.06
N ALA A 107 7.00 -15.22 -67.38
CA ALA A 107 7.66 -16.54 -67.44
C ALA A 107 7.22 -17.40 -66.27
N PRO A 108 7.41 -18.75 -66.35
CA PRO A 108 6.96 -19.68 -65.30
C PRO A 108 7.39 -19.42 -63.86
N LYS A 109 6.46 -19.55 -62.90
CA LYS A 109 6.70 -19.34 -61.44
C LYS A 109 6.31 -20.60 -60.65
N VAL A 110 6.79 -20.69 -59.40
CA VAL A 110 6.69 -21.91 -58.53
C VAL A 110 5.99 -21.57 -57.22
N VAL A 111 5.24 -22.54 -56.69
CA VAL A 111 4.39 -22.39 -55.47
C VAL A 111 4.24 -23.73 -54.78
N ALA A 112 3.57 -23.72 -53.62
CA ALA A 112 3.07 -24.93 -52.94
C ALA A 112 1.96 -24.62 -51.93
N ASP A 113 1.17 -25.64 -51.65
CA ASP A 113 0.12 -25.71 -50.60
C ASP A 113 0.60 -26.68 -49.52
N GLU A 114 0.40 -26.34 -48.24
CA GLU A 114 0.81 -27.21 -47.12
C GLU A 114 -0.44 -27.88 -46.52
N ARG A 115 -1.67 -27.58 -47.00
CA ARG A 115 -2.92 -28.27 -46.56
C ARG A 115 -3.02 -29.66 -47.22
N THR A 116 -2.76 -29.74 -48.54
CA THR A 116 -2.74 -31.02 -49.31
C THR A 116 -1.29 -31.48 -49.53
N ASN A 117 -0.32 -30.63 -49.17
CA ASN A 117 1.11 -30.66 -49.59
C ASN A 117 1.18 -30.87 -51.11
N SER A 118 0.82 -29.83 -51.85
CA SER A 118 0.76 -29.89 -53.33
C SER A 118 1.73 -28.88 -53.93
N VAL A 119 2.52 -29.29 -54.92
CA VAL A 119 3.28 -28.30 -55.71
C VAL A 119 2.29 -27.63 -56.64
N VAL A 120 2.54 -26.35 -56.82
CA VAL A 120 1.78 -25.52 -57.78
C VAL A 120 2.80 -24.91 -58.73
N VAL A 121 2.57 -25.09 -60.02
CA VAL A 121 3.36 -24.41 -61.09
C VAL A 121 2.43 -23.40 -61.74
N SER A 122 2.97 -22.30 -62.25
CA SER A 122 2.24 -21.39 -63.17
C SER A 122 3.15 -21.04 -64.35
N GLY A 123 2.96 -21.68 -65.52
CA GLY A 123 3.78 -21.34 -66.70
C GLY A 123 3.77 -22.35 -67.82
N GLU A 124 4.83 -22.29 -68.65
CA GLU A 124 5.19 -23.13 -69.83
C GLU A 124 4.94 -24.62 -69.62
N PRO A 125 4.74 -25.40 -70.71
CA PRO A 125 4.87 -26.85 -70.62
C PRO A 125 6.31 -27.39 -70.47
N LYS A 126 7.32 -26.60 -70.84
CA LYS A 126 8.73 -26.89 -70.49
C LYS A 126 8.85 -26.79 -68.97
N ALA A 127 8.12 -25.88 -68.33
CA ALA A 127 8.07 -25.74 -66.85
C ALA A 127 7.27 -26.92 -66.25
N ARG A 128 6.14 -27.33 -66.85
CA ARG A 128 5.43 -28.58 -66.46
C ARG A 128 6.42 -29.74 -66.51
N ALA A 129 7.14 -29.88 -67.63
CA ALA A 129 8.10 -30.98 -67.86
C ALA A 129 9.19 -30.95 -66.79
N ARG A 130 9.84 -29.80 -66.54
CA ARG A 130 11.03 -29.71 -65.65
C ARG A 130 10.62 -29.54 -64.19
N ILE A 131 9.41 -29.06 -63.89
CA ILE A 131 9.02 -28.89 -62.45
C ILE A 131 8.29 -30.14 -61.96
N ILE A 132 7.74 -30.97 -62.85
CA ILE A 132 7.33 -32.34 -62.42
C ILE A 132 8.58 -33.14 -62.08
N GLN A 133 9.73 -32.85 -62.71
CA GLN A 133 11.05 -33.42 -62.32
C GLN A 133 11.43 -32.90 -60.93
N MET A 134 11.26 -31.61 -60.67
CA MET A 134 11.66 -30.99 -59.38
C MET A 134 10.72 -31.43 -58.25
N VAL A 135 9.44 -31.66 -58.54
CA VAL A 135 8.46 -32.34 -57.64
C VAL A 135 9.07 -33.66 -57.18
N ARG A 136 9.55 -34.47 -58.14
CA ARG A 136 10.04 -35.86 -57.91
C ARG A 136 11.39 -35.80 -57.20
N GLN A 137 12.21 -34.79 -57.50
CA GLN A 137 13.57 -34.64 -56.93
C GLN A 137 13.51 -34.51 -55.41
N LEU A 138 12.50 -33.81 -54.88
CA LEU A 138 12.43 -33.42 -53.45
C LEU A 138 11.27 -34.10 -52.73
N ASP A 139 10.54 -34.95 -53.45
CA ASP A 139 9.43 -35.76 -52.89
C ASP A 139 10.03 -37.00 -52.25
N ARG A 140 11.35 -37.02 -52.08
CA ARG A 140 12.04 -38.14 -51.38
C ARG A 140 11.67 -38.09 -49.90
N GLU A 141 11.46 -39.27 -49.32
CA GLU A 141 11.14 -39.50 -47.90
C GLU A 141 12.44 -39.50 -47.09
N LEU A 142 12.34 -39.63 -45.77
CA LEU A 142 13.56 -39.78 -44.92
C LEU A 142 13.98 -41.25 -44.97
N GLN A 143 15.28 -41.49 -44.81
CA GLN A 143 15.84 -42.86 -44.74
C GLN A 143 16.18 -43.15 -43.28
N SER A 144 15.30 -43.85 -42.55
CA SER A 144 15.49 -44.25 -41.14
C SER A 144 15.88 -43.03 -40.29
N GLN A 145 17.18 -42.73 -40.20
CA GLN A 145 17.72 -41.56 -39.46
C GLN A 145 16.93 -40.31 -39.85
N GLY A 146 16.31 -39.64 -38.88
CA GLY A 146 15.50 -38.44 -39.11
C GLY A 146 16.23 -37.15 -38.75
N ASN A 147 15.49 -36.05 -38.68
CA ASN A 147 15.97 -34.77 -38.08
C ASN A 147 16.01 -34.98 -36.57
N THR A 148 14.96 -35.58 -35.99
CA THR A 148 14.90 -35.82 -34.53
C THR A 148 15.14 -37.28 -34.18
N ARG A 149 15.98 -37.49 -33.18
CA ARG A 149 16.28 -38.81 -32.59
C ARG A 149 15.75 -38.86 -31.16
N VAL A 150 15.50 -40.06 -30.65
CA VAL A 150 15.30 -40.25 -29.20
C VAL A 150 16.38 -41.18 -28.69
N PHE A 151 17.20 -40.68 -27.76
CA PHE A 151 18.20 -41.49 -27.02
C PHE A 151 17.57 -42.06 -25.76
N TYR A 152 17.62 -43.39 -25.68
CA TYR A 152 17.33 -44.13 -24.44
C TYR A 152 18.59 -44.07 -23.59
N LEU A 153 18.57 -43.26 -22.54
CA LEU A 153 19.72 -43.25 -21.62
C LEU A 153 19.60 -44.44 -20.68
N LYS A 154 20.73 -45.09 -20.38
CA LYS A 154 20.72 -46.27 -19.49
C LYS A 154 21.09 -45.91 -18.04
N TYR A 155 22.20 -45.23 -17.77
CA TYR A 155 22.69 -44.95 -16.40
C TYR A 155 22.41 -43.48 -16.03
N GLY A 156 22.12 -42.65 -17.02
CA GLY A 156 21.80 -41.21 -16.84
C GLY A 156 20.30 -40.97 -16.83
N LYS A 157 19.84 -39.94 -16.09
CA LYS A 157 18.41 -39.59 -15.91
C LYS A 157 18.02 -38.48 -16.87
N ALA A 158 16.95 -38.67 -17.64
CA ALA A 158 16.64 -37.82 -18.80
C ALA A 158 16.39 -36.37 -18.35
N LYS A 159 15.70 -36.17 -17.23
CA LYS A 159 15.28 -34.81 -16.76
C LYS A 159 16.54 -34.01 -16.39
N ASP A 160 17.49 -34.68 -15.74
CA ASP A 160 18.74 -34.08 -15.25
C ASP A 160 19.61 -33.77 -16.47
N MET A 161 19.65 -34.69 -17.43
CA MET A 161 20.49 -34.57 -18.66
C MET A 161 20.02 -33.40 -19.51
N VAL A 162 18.70 -33.15 -19.52
CA VAL A 162 18.14 -32.06 -20.36
C VAL A 162 18.87 -30.77 -19.99
N GLU A 163 19.00 -30.49 -18.70
CA GLU A 163 19.58 -29.22 -18.22
C GLU A 163 21.03 -29.15 -18.67
N VAL A 164 21.72 -30.26 -18.56
CA VAL A 164 23.16 -30.38 -18.96
C VAL A 164 23.27 -30.00 -20.42
N LEU A 165 22.41 -30.60 -21.24
CA LEU A 165 22.51 -30.48 -22.71
C LEU A 165 22.02 -29.09 -23.11
N LYS A 166 21.14 -28.49 -22.32
CA LYS A 166 20.56 -27.16 -22.62
C LYS A 166 21.69 -26.15 -22.76
N GLY A 167 22.70 -26.25 -21.89
CA GLY A 167 23.91 -25.44 -22.01
C GLY A 167 24.51 -25.61 -23.40
N VAL A 168 24.67 -26.85 -23.85
CA VAL A 168 25.42 -27.17 -25.10
C VAL A 168 24.66 -26.55 -26.26
N SER A 169 23.33 -26.69 -26.23
CA SER A 169 22.38 -26.12 -27.21
C SER A 169 22.44 -24.59 -27.12
N SER A 170 22.43 -24.08 -25.90
CA SER A 170 22.33 -22.64 -25.56
C SER A 170 23.71 -21.99 -25.69
N LEU A 196 18.75 -25.44 -31.20
CA LEU A 196 18.76 -26.86 -30.74
C LEU A 196 17.82 -27.01 -29.56
N ALA A 197 16.93 -27.99 -29.62
CA ALA A 197 15.64 -28.01 -28.89
C ALA A 197 15.42 -29.38 -28.21
N ILE A 198 15.30 -29.38 -26.88
CA ILE A 198 15.36 -30.64 -26.09
C ILE A 198 14.14 -30.70 -25.19
N SER A 199 13.66 -31.92 -24.94
CA SER A 199 12.78 -32.29 -23.79
C SER A 199 13.12 -33.71 -23.35
N ALA A 200 12.93 -33.98 -22.08
CA ALA A 200 13.08 -35.34 -21.53
C ALA A 200 11.73 -35.85 -21.05
N ASP A 201 11.36 -37.05 -21.49
CA ASP A 201 10.13 -37.77 -21.08
C ASP A 201 10.41 -38.47 -19.75
N GLU A 202 9.69 -38.05 -18.71
CA GLU A 202 9.93 -38.53 -17.34
C GLU A 202 9.65 -40.03 -17.31
N THR A 203 8.74 -40.52 -18.16
CA THR A 203 8.20 -41.90 -18.06
C THR A 203 9.24 -42.88 -18.58
N THR A 204 9.51 -42.86 -19.90
CA THR A 204 10.47 -43.80 -20.53
C THR A 204 11.90 -43.33 -20.24
N ASN A 205 12.06 -42.20 -19.55
CA ASN A 205 13.39 -41.64 -19.18
C ASN A 205 14.25 -41.55 -20.44
N ALA A 206 13.71 -40.94 -21.48
CA ALA A 206 14.41 -40.75 -22.77
C ALA A 206 14.53 -39.26 -23.06
N LEU A 207 15.53 -38.88 -23.85
CA LEU A 207 15.81 -37.48 -24.25
C LEU A 207 15.45 -37.31 -25.72
N VAL A 208 14.54 -36.37 -26.01
CA VAL A 208 14.13 -36.05 -27.40
C VAL A 208 14.76 -34.71 -27.81
N ILE A 209 15.82 -34.76 -28.60
CA ILE A 209 16.52 -33.55 -29.10
C ILE A 209 16.27 -33.44 -30.61
N THR A 210 16.28 -32.22 -31.13
CA THR A 210 16.08 -31.91 -32.57
C THR A 210 17.09 -30.84 -33.00
N ALA A 211 18.21 -31.27 -33.58
CA ALA A 211 19.25 -30.37 -34.12
C ALA A 211 19.71 -30.88 -35.48
N GLN A 212 20.57 -30.12 -36.15
CA GLN A 212 21.15 -30.49 -37.48
C GLN A 212 21.84 -31.83 -37.30
N PRO A 213 21.94 -32.63 -38.37
CA PRO A 213 22.61 -33.93 -38.29
C PRO A 213 24.06 -33.77 -37.82
N ASP A 214 24.68 -32.61 -38.08
CA ASP A 214 26.05 -32.30 -37.58
C ASP A 214 26.03 -32.24 -36.04
N VAL A 215 25.00 -31.63 -35.47
CA VAL A 215 24.87 -31.45 -34.00
C VAL A 215 24.37 -32.77 -33.41
N MET A 216 23.56 -33.51 -34.16
CA MET A 216 23.01 -34.82 -33.72
C MET A 216 24.17 -35.76 -33.40
N ALA A 217 25.17 -35.81 -34.29
CA ALA A 217 26.37 -36.66 -34.13
C ALA A 217 27.23 -36.10 -32.99
N GLU A 218 27.24 -34.78 -32.79
CA GLU A 218 28.01 -34.14 -31.69
C GLU A 218 27.30 -34.42 -30.36
N LEU A 219 25.97 -34.31 -30.31
CA LEU A 219 25.16 -34.57 -29.10
C LEU A 219 25.25 -36.06 -28.78
N GLU A 220 25.41 -36.89 -29.80
CA GLU A 220 25.48 -38.37 -29.67
C GLU A 220 26.77 -38.76 -28.94
N GLN A 221 27.87 -38.00 -29.09
CA GLN A 221 29.14 -38.28 -28.37
C GLN A 221 29.01 -37.73 -26.94
N VAL A 222 28.39 -36.57 -26.80
CA VAL A 222 28.21 -35.90 -25.49
C VAL A 222 27.42 -36.85 -24.59
N VAL A 223 26.34 -37.38 -25.14
CA VAL A 223 25.41 -38.29 -24.43
C VAL A 223 26.17 -39.54 -24.04
N ALA A 224 26.91 -40.14 -24.97
CA ALA A 224 27.61 -41.41 -24.75
C ALA A 224 28.64 -41.22 -23.64
N LYS A 225 29.28 -40.06 -23.56
CA LYS A 225 30.29 -39.80 -22.52
C LYS A 225 29.58 -39.57 -21.19
N LEU A 226 28.40 -38.97 -21.25
CA LEU A 226 27.68 -38.38 -20.11
C LEU A 226 26.81 -39.46 -19.47
N ASP A 227 26.61 -40.57 -20.18
CA ASP A 227 25.76 -41.71 -19.76
C ASP A 227 26.66 -42.86 -19.32
N ILE A 228 27.94 -42.59 -19.07
CA ILE A 228 28.89 -43.63 -18.60
C ILE A 228 28.41 -44.20 -17.27
N ARG A 229 28.48 -45.53 -17.12
CA ARG A 229 28.10 -46.23 -15.88
C ARG A 229 28.85 -45.62 -14.70
N ARG A 230 28.16 -44.80 -13.91
CA ARG A 230 28.75 -44.14 -12.72
C ARG A 230 29.10 -45.20 -11.67
N ALA A 231 30.34 -45.19 -11.22
CA ALA A 231 30.88 -46.20 -10.30
C ALA A 231 30.29 -45.99 -8.90
N GLN A 232 30.22 -47.09 -8.14
CA GLN A 232 29.63 -47.13 -6.79
C GLN A 232 30.75 -47.17 -5.75
N VAL A 233 30.48 -46.62 -4.58
CA VAL A 233 31.48 -46.56 -3.49
C VAL A 233 30.87 -47.11 -2.21
N LEU A 234 31.50 -48.12 -1.63
CA LEU A 234 31.16 -48.59 -0.26
C LEU A 234 32.01 -47.82 0.73
N VAL A 235 31.37 -47.05 1.61
CA VAL A 235 32.08 -46.19 2.58
C VAL A 235 31.80 -46.72 3.97
N GLU A 236 32.80 -47.33 4.61
CA GLU A 236 32.72 -47.70 6.04
C GLU A 236 33.38 -46.59 6.87
N ALA A 237 32.64 -46.05 7.83
CA ALA A 237 33.22 -45.19 8.86
C ALA A 237 33.39 -46.03 10.12
N ILE A 238 34.39 -45.69 10.91
CA ILE A 238 34.64 -46.40 12.20
C ILE A 238 34.81 -45.33 13.26
N ILE A 239 33.84 -45.24 14.16
CA ILE A 239 33.89 -44.28 15.28
C ILE A 239 34.17 -45.06 16.55
N VAL A 240 35.36 -44.87 17.10
CA VAL A 240 35.74 -45.56 18.35
C VAL A 240 35.95 -44.47 19.39
N GLU A 241 35.27 -44.62 20.51
CA GLU A 241 35.48 -43.73 21.66
C GLU A 241 35.73 -44.59 22.89
N ILE A 242 36.58 -44.09 23.77
CA ILE A 242 36.86 -44.76 25.06
C ILE A 242 36.96 -43.71 26.15
N ALA A 243 36.29 -43.97 27.28
CA ALA A 243 36.06 -43.02 28.38
C ALA A 243 36.16 -43.74 29.71
N ASP A 244 36.62 -43.02 30.74
CA ASP A 244 36.76 -43.51 32.12
C ASP A 244 37.26 -42.34 32.96
N GLY A 245 37.54 -42.59 34.22
CA GLY A 245 38.20 -41.60 35.07
C GLY A 245 37.98 -41.99 36.51
N ASP A 246 38.77 -41.43 37.42
CA ASP A 246 38.71 -41.83 38.84
C ASP A 246 38.56 -40.60 39.73
N GLY A 247 37.38 -40.53 40.35
CA GLY A 247 37.14 -39.71 41.55
C GLY A 247 37.63 -40.44 42.79
N LEU A 248 37.96 -39.67 43.81
CA LEU A 248 38.49 -40.12 45.11
C LEU A 248 37.97 -39.06 46.07
N ASN A 249 37.17 -39.41 47.07
CA ASN A 249 36.93 -38.43 48.16
C ASN A 249 37.16 -39.12 49.50
N LEU A 250 38.28 -38.78 50.12
CA LEU A 250 38.60 -39.24 51.47
C LEU A 250 38.97 -38.01 52.31
N GLY A 251 38.43 -38.00 53.53
CA GLY A 251 38.35 -36.83 54.42
C GLY A 251 38.05 -37.28 55.83
N VAL A 252 38.69 -36.67 56.81
CA VAL A 252 38.59 -37.17 58.20
C VAL A 252 38.20 -35.99 59.09
N GLN A 253 37.18 -36.18 59.90
CA GLN A 253 36.64 -35.11 60.78
C GLN A 253 36.73 -35.61 62.23
N TRP A 254 37.25 -34.76 63.12
CA TRP A 254 37.39 -35.05 64.56
C TRP A 254 36.59 -34.01 65.32
N ALA A 255 35.59 -34.42 66.09
CA ALA A 255 34.78 -33.47 66.89
C ALA A 255 34.92 -33.83 68.38
N ASN A 256 35.32 -32.85 69.20
CA ASN A 256 35.54 -33.08 70.66
C ASN A 256 34.72 -32.04 71.44
N THR A 257 33.89 -32.51 72.35
CA THR A 257 33.01 -31.59 73.11
C THR A 257 33.90 -30.56 73.80
N ASN A 258 34.99 -31.00 74.44
CA ASN A 258 35.82 -30.15 75.34
C ASN A 258 36.68 -29.19 74.51
N GLY A 259 37.31 -29.71 73.45
CA GLY A 259 38.46 -29.07 72.74
C GLY A 259 38.04 -28.33 71.48
N GLY A 260 37.23 -28.95 70.62
CA GLY A 260 36.79 -28.36 69.33
C GLY A 260 36.49 -29.42 68.29
N GLY A 261 35.80 -29.03 67.21
CA GLY A 261 35.39 -29.91 66.10
C GLY A 261 35.88 -29.37 64.77
N THR A 262 36.09 -30.24 63.77
CA THR A 262 36.58 -29.90 62.41
C THR A 262 35.60 -30.49 61.38
N GLN A 263 34.71 -29.66 60.83
CA GLN A 263 33.68 -30.11 59.86
C GLN A 263 34.07 -29.60 58.46
N PHE A 264 33.87 -30.43 57.44
CA PHE A 264 34.23 -30.17 56.02
C PHE A 264 33.03 -30.45 55.12
N THR A 265 33.21 -30.30 53.79
CA THR A 265 32.13 -30.33 52.75
C THR A 265 32.44 -31.29 51.60
N ASN A 266 33.69 -31.34 51.12
CA ASN A 266 34.12 -32.27 50.03
C ASN A 266 33.55 -33.66 50.31
N ALA A 267 33.35 -33.96 51.61
CA ALA A 267 32.79 -35.22 52.13
C ALA A 267 31.33 -35.34 51.69
N GLY A 268 30.85 -36.57 51.49
CA GLY A 268 29.43 -36.89 51.25
C GLY A 268 28.48 -36.09 52.15
N PRO A 269 28.43 -36.35 53.48
CA PRO A 269 27.60 -35.61 54.42
C PRO A 269 28.32 -34.93 55.60
N GLY A 270 27.65 -33.95 56.21
CA GLY A 270 28.16 -33.16 57.35
C GLY A 270 27.69 -33.73 58.67
N ILE A 271 28.59 -33.79 59.66
CA ILE A 271 28.34 -34.38 61.00
C ILE A 271 27.06 -33.79 61.58
N GLY A 272 26.74 -32.53 61.24
CA GLY A 272 25.55 -31.81 61.72
C GLY A 272 24.27 -32.58 61.44
N SER A 273 23.95 -32.81 60.16
CA SER A 273 22.69 -33.46 59.72
C SER A 273 22.63 -34.87 60.31
N VAL A 274 23.78 -35.51 60.45
CA VAL A 274 23.88 -36.92 60.93
C VAL A 274 23.47 -36.96 62.42
N ALA A 275 24.11 -36.12 63.24
CA ALA A 275 23.90 -36.07 64.71
C ALA A 275 22.46 -35.68 64.97
N ILE A 276 22.00 -34.63 64.30
CA ILE A 276 20.61 -34.10 64.50
C ILE A 276 19.63 -35.23 64.16
N ALA A 277 19.86 -35.93 63.06
CA ALA A 277 18.99 -37.02 62.58
C ALA A 277 18.94 -38.14 63.62
N ALA A 278 20.10 -38.53 64.16
CA ALA A 278 20.20 -39.61 65.15
C ALA A 278 19.45 -39.21 66.43
N LYS A 279 19.46 -37.93 66.78
CA LYS A 279 18.78 -37.40 68.00
C LYS A 279 17.30 -37.19 67.69
N ASP A 280 16.95 -37.09 66.40
CA ASP A 280 15.55 -36.89 65.94
C ASP A 280 14.91 -38.25 65.66
N TYR A 281 15.72 -39.31 65.49
CA TYR A 281 15.28 -40.71 65.25
C TYR A 281 15.03 -41.43 66.59
N LYS A 282 15.38 -40.78 67.70
CA LYS A 282 15.23 -41.33 69.07
C LYS A 282 13.74 -41.29 69.47
N ASP A 283 13.35 -42.20 70.37
CA ASP A 283 11.96 -42.41 70.87
C ASP A 283 11.00 -42.52 69.68
N ASN A 284 11.35 -43.34 68.68
CA ASN A 284 10.56 -43.60 67.45
C ASN A 284 10.19 -42.26 66.79
N GLY A 285 11.20 -41.50 66.34
CA GLY A 285 11.03 -40.19 65.67
C GLY A 285 10.85 -40.33 64.16
N THR A 286 11.18 -39.29 63.39
CA THR A 286 11.10 -39.26 61.90
C THR A 286 12.36 -39.88 61.29
N THR A 287 12.35 -40.07 59.97
CA THR A 287 13.48 -40.65 59.19
C THR A 287 13.64 -39.86 57.87
N THR A 288 12.67 -39.02 57.52
CA THR A 288 12.67 -38.18 56.30
C THR A 288 14.00 -37.41 56.26
N GLY A 289 14.19 -36.50 57.22
CA GLY A 289 15.41 -35.70 57.37
C GLY A 289 16.64 -36.54 57.07
N LEU A 290 16.86 -37.61 57.84
CA LEU A 290 18.13 -38.36 57.75
C LEU A 290 18.14 -39.20 56.48
N ALA A 291 16.99 -39.75 56.06
CA ALA A 291 16.91 -40.62 54.87
C ALA A 291 17.27 -39.78 53.63
N LYS A 292 17.17 -38.45 53.71
CA LYS A 292 17.39 -37.56 52.54
C LYS A 292 18.88 -37.23 52.44
N LEU A 293 19.56 -37.12 53.58
CA LEU A 293 21.04 -36.98 53.62
C LEU A 293 21.66 -38.20 52.94
N ALA A 294 21.31 -39.39 53.42
CA ALA A 294 21.96 -40.66 53.05
C ALA A 294 21.52 -41.11 51.66
N GLU A 295 20.75 -40.28 50.93
CA GLU A 295 20.19 -40.64 49.59
C GLU A 295 21.32 -40.90 48.57
N ASN A 296 22.25 -39.97 48.38
CA ASN A 296 23.26 -40.11 47.30
C ASN A 296 24.61 -40.54 47.86
N PHE A 297 24.75 -40.71 49.19
CA PHE A 297 26.07 -40.96 49.82
C PHE A 297 26.68 -42.23 49.23
N ASN A 298 28.00 -42.22 49.03
CA ASN A 298 28.76 -43.38 48.51
C ASN A 298 30.18 -43.40 49.09
N GLY A 299 30.43 -44.36 49.98
CA GLY A 299 31.78 -44.66 50.50
C GLY A 299 31.75 -45.38 51.84
N MET A 300 32.84 -45.26 52.59
CA MET A 300 33.03 -45.89 53.91
C MET A 300 33.11 -44.77 54.96
N ALA A 301 32.00 -44.52 55.65
CA ALA A 301 31.94 -43.58 56.81
C ALA A 301 32.21 -44.39 58.09
N ALA A 302 33.41 -44.23 58.66
CA ALA A 302 33.85 -45.03 59.82
C ALA A 302 34.03 -44.12 61.04
N GLY A 303 33.11 -44.22 62.01
CA GLY A 303 33.12 -43.49 63.29
C GLY A 303 33.88 -44.25 64.37
N PHE A 304 34.47 -43.54 65.32
CA PHE A 304 35.26 -44.12 66.44
C PHE A 304 35.19 -43.17 67.64
N TYR A 305 34.88 -43.70 68.83
CA TYR A 305 34.93 -42.98 70.14
C TYR A 305 36.03 -43.56 71.03
N GLN A 306 37.13 -42.82 71.23
CA GLN A 306 38.12 -43.14 72.29
C GLN A 306 38.01 -42.04 73.34
N GLY A 307 37.49 -42.43 74.51
CA GLY A 307 37.00 -41.49 75.54
C GLY A 307 36.09 -40.44 74.91
N ASN A 308 36.57 -39.19 74.88
CA ASN A 308 35.72 -37.99 74.63
C ASN A 308 35.89 -37.51 73.18
N TRP A 309 36.99 -37.83 72.50
CA TRP A 309 37.18 -37.37 71.09
C TRP A 309 36.45 -38.32 70.13
N ALA A 310 35.43 -37.80 69.43
CA ALA A 310 34.72 -38.49 68.34
C ALA A 310 35.48 -38.22 67.02
N MET A 311 35.48 -39.21 66.13
CA MET A 311 36.23 -39.18 64.85
C MET A 311 35.36 -39.81 63.75
N LEU A 312 35.28 -39.15 62.60
CA LEU A 312 34.49 -39.62 61.43
C LEU A 312 35.37 -39.55 60.17
N VAL A 313 35.60 -40.72 59.59
CA VAL A 313 36.47 -40.91 58.40
C VAL A 313 35.56 -41.18 57.21
N THR A 314 35.75 -40.42 56.12
CA THR A 314 34.94 -40.53 54.88
C THR A 314 35.85 -40.88 53.70
N ALA A 315 35.41 -41.83 52.88
CA ALA A 315 36.21 -42.32 51.73
C ALA A 315 35.30 -43.00 50.71
N LEU A 316 35.42 -42.56 49.45
CA LEU A 316 35.02 -43.34 48.25
C LEU A 316 35.90 -42.93 47.08
N SER A 317 36.27 -43.89 46.27
CA SER A 317 36.86 -43.61 44.95
C SER A 317 35.86 -44.07 43.90
N THR A 318 35.31 -43.15 43.13
CA THR A 318 34.57 -43.50 41.91
C THR A 318 35.60 -43.60 40.77
N ASN A 319 35.46 -44.64 39.95
CA ASN A 319 36.36 -45.00 38.84
C ASN A 319 35.45 -45.61 37.78
N THR A 320 35.59 -45.15 36.55
CA THR A 320 34.54 -45.33 35.52
C THR A 320 35.21 -45.80 34.24
N LYS A 321 34.43 -46.39 33.35
CA LYS A 321 34.93 -46.93 32.07
C LYS A 321 33.76 -46.99 31.10
N SER A 322 33.98 -46.53 29.87
CA SER A 322 33.03 -46.65 28.76
C SER A 322 33.82 -46.80 27.46
N ASP A 323 33.28 -47.57 26.53
CA ASP A 323 33.86 -47.81 25.19
C ASP A 323 32.74 -47.80 24.17
N ILE A 324 32.87 -46.98 23.13
CA ILE A 324 31.84 -46.85 22.08
C ILE A 324 32.53 -47.06 20.74
N LEU A 325 31.84 -47.70 19.79
CA LEU A 325 32.36 -47.99 18.43
C LEU A 325 31.19 -48.12 17.45
N SER A 326 31.03 -47.13 16.57
CA SER A 326 29.98 -47.11 15.53
C SER A 326 30.62 -47.11 14.15
N THR A 327 30.18 -47.99 13.25
CA THR A 327 30.73 -48.13 11.88
C THR A 327 29.58 -48.13 10.90
N PRO A 328 28.95 -46.97 10.65
CA PRO A 328 27.86 -46.89 9.69
C PRO A 328 28.40 -46.77 8.26
N SER A 329 28.38 -47.86 7.51
CA SER A 329 28.78 -47.90 6.09
C SER A 329 27.56 -47.55 5.21
N ILE A 330 27.80 -47.25 3.93
CA ILE A 330 26.73 -46.93 2.95
C ILE A 330 27.31 -47.01 1.54
N VAL A 331 26.53 -47.51 0.59
CA VAL A 331 26.96 -47.59 -0.83
C VAL A 331 26.14 -46.61 -1.66
N THR A 332 26.82 -45.67 -2.31
CA THR A 332 26.23 -44.52 -3.05
C THR A 332 26.80 -44.48 -4.47
N MET A 333 26.05 -43.89 -5.40
CA MET A 333 26.60 -43.48 -6.71
C MET A 333 27.49 -42.27 -6.49
N ASP A 334 28.61 -42.19 -7.20
CA ASP A 334 29.50 -40.99 -7.19
C ASP A 334 28.66 -39.73 -7.32
N ASN A 335 28.95 -38.72 -6.53
CA ASN A 335 28.46 -37.35 -6.80
C ASN A 335 26.97 -37.24 -6.55
N LYS A 336 26.33 -38.31 -6.11
CA LYS A 336 25.03 -38.18 -5.40
C LYS A 336 25.32 -38.17 -3.91
N GLU A 337 24.67 -37.29 -3.18
CA GLU A 337 24.75 -37.39 -1.72
C GLU A 337 23.76 -38.49 -1.31
N ALA A 338 24.32 -39.46 -0.60
CA ALA A 338 23.60 -40.41 0.25
C ALA A 338 23.29 -39.70 1.56
N SER A 339 22.20 -40.11 2.19
CA SER A 339 22.00 -39.90 3.64
C SER A 339 22.02 -41.29 4.26
N PHE A 340 22.38 -41.37 5.52
CA PHE A 340 22.18 -42.61 6.30
C PHE A 340 21.90 -42.16 7.72
N ASN A 341 20.81 -42.61 8.30
CA ASN A 341 20.50 -42.21 9.68
C ASN A 341 20.19 -43.49 10.44
N VAL A 342 20.67 -43.62 11.68
CA VAL A 342 20.07 -44.60 12.62
C VAL A 342 20.04 -44.00 14.02
N GLY A 343 18.88 -43.45 14.34
CA GLY A 343 18.71 -42.46 15.41
C GLY A 343 17.27 -42.02 15.42
N GLN A 344 17.00 -40.74 15.56
CA GLN A 344 15.58 -40.44 15.82
C GLN A 344 15.26 -38.97 15.71
N GLU A 345 13.97 -38.73 15.49
CA GLU A 345 13.29 -37.42 15.36
C GLU A 345 12.66 -37.06 16.72
N VAL A 346 13.19 -36.02 17.34
CA VAL A 346 12.70 -35.46 18.62
C VAL A 346 12.30 -34.01 18.36
N PRO A 347 11.31 -33.52 19.08
CA PRO A 347 10.92 -32.13 18.91
C PRO A 347 11.86 -31.17 19.65
N VAL A 348 12.14 -30.02 19.05
CA VAL A 348 12.89 -28.89 19.68
C VAL A 348 12.05 -27.63 19.51
N GLN A 349 11.99 -26.76 20.53
CA GLN A 349 11.22 -25.49 20.44
C GLN A 349 11.90 -24.55 19.46
N THR A 350 11.19 -23.52 18.99
CA THR A 350 11.75 -22.45 18.13
C THR A 350 10.80 -21.24 18.10
N THR A 364 5.01 -23.74 19.45
CA THR A 364 5.79 -23.97 18.21
C THR A 364 6.97 -24.90 18.51
N ILE A 365 7.08 -26.03 17.80
CA ILE A 365 8.16 -27.04 17.97
C ILE A 365 8.75 -27.38 16.61
N GLU A 366 9.66 -28.36 16.56
CA GLU A 366 10.38 -28.79 15.33
C GLU A 366 10.97 -30.18 15.51
N ARG A 367 11.14 -30.90 14.42
CA ARG A 367 11.66 -32.29 14.42
C ARG A 367 13.13 -32.23 14.04
N LYS A 368 13.99 -32.87 14.83
CA LYS A 368 15.44 -32.97 14.55
C LYS A 368 15.85 -34.44 14.57
N THR A 369 16.51 -34.92 13.53
CA THR A 369 17.02 -36.32 13.44
C THR A 369 18.36 -36.40 14.16
N VAL A 370 18.34 -36.92 15.40
CA VAL A 370 19.56 -37.10 16.24
C VAL A 370 19.72 -38.59 16.51
N GLY A 371 20.82 -39.15 16.05
CA GLY A 371 21.21 -40.57 16.21
C GLY A 371 22.54 -40.77 15.53
N THR A 372 22.89 -41.98 15.14
CA THR A 372 24.09 -42.16 14.30
C THR A 372 23.72 -41.69 12.88
N LYS A 373 24.29 -40.58 12.44
CA LYS A 373 24.08 -40.05 11.07
C LYS A 373 25.38 -40.07 10.33
N LEU A 374 25.29 -40.49 9.11
CA LEU A 374 26.35 -40.29 8.14
C LEU A 374 25.67 -39.62 6.97
N VAL A 375 26.11 -38.43 6.62
CA VAL A 375 25.69 -37.84 5.34
C VAL A 375 26.92 -37.77 4.47
N LEU A 376 26.92 -38.44 3.35
CA LEU A 376 28.18 -38.46 2.61
C LEU A 376 27.87 -38.31 1.13
N THR A 377 28.61 -37.44 0.46
CA THR A 377 28.63 -37.31 -1.01
C THR A 377 30.02 -37.66 -1.48
N PRO A 378 30.31 -38.94 -1.77
CA PRO A 378 31.56 -39.32 -2.44
C PRO A 378 31.75 -38.80 -3.87
N GLN A 379 33.01 -38.65 -4.25
CA GLN A 379 33.46 -38.19 -5.58
C GLN A 379 34.73 -38.96 -5.95
N ILE A 380 34.81 -39.56 -7.13
CA ILE A 380 35.86 -40.57 -7.43
C ILE A 380 36.94 -39.98 -8.33
N ASN A 381 38.20 -40.05 -7.88
CA ASN A 381 39.42 -39.90 -8.72
C ASN A 381 39.41 -41.06 -9.71
N GLU A 382 39.50 -40.78 -11.01
CA GLU A 382 39.47 -41.78 -12.12
C GLU A 382 39.94 -43.15 -11.64
N GLY A 383 41.05 -43.21 -10.89
CA GLY A 383 41.84 -44.44 -10.58
C GLY A 383 41.48 -45.14 -9.28
N ASP A 384 41.76 -44.54 -8.11
CA ASP A 384 41.63 -45.21 -6.80
C ASP A 384 40.92 -44.31 -5.80
N SER A 385 41.50 -43.14 -5.55
CA SER A 385 41.32 -42.41 -4.27
C SER A 385 40.04 -41.58 -4.26
N VAL A 386 39.23 -41.80 -3.23
CA VAL A 386 37.88 -41.19 -3.07
C VAL A 386 38.02 -39.85 -2.35
N LEU A 387 37.44 -38.78 -2.89
CA LEU A 387 37.13 -37.53 -2.15
C LEU A 387 35.79 -37.73 -1.46
N LEU A 388 35.78 -37.69 -0.13
CA LEU A 388 34.57 -37.91 0.69
C LEU A 388 34.19 -36.61 1.37
N THR A 389 33.05 -36.03 1.04
CA THR A 389 32.52 -34.89 1.81
C THR A 389 31.64 -35.47 2.90
N ILE A 390 32.12 -35.41 4.14
CA ILE A 390 31.44 -36.04 5.30
C ILE A 390 30.86 -34.95 6.17
N GLU A 391 29.60 -35.12 6.53
CA GLU A 391 29.00 -34.42 7.69
C GLU A 391 28.39 -35.51 8.56
N GLN A 392 29.00 -35.82 9.69
CA GLN A 392 28.49 -36.90 10.57
C GLN A 392 28.53 -36.47 12.02
N GLU A 393 27.79 -37.19 12.84
CA GLU A 393 27.81 -36.95 14.28
C GLU A 393 27.14 -38.13 14.96
N VAL A 394 27.49 -38.35 16.21
CA VAL A 394 26.77 -39.28 17.10
C VAL A 394 26.18 -38.42 18.20
N SER A 395 24.87 -38.24 18.16
CA SER A 395 24.21 -37.29 19.06
C SER A 395 23.04 -37.98 19.76
N SER A 396 22.61 -37.42 20.88
CA SER A 396 21.66 -38.09 21.77
C SER A 396 20.92 -37.03 22.58
N VAL A 397 19.71 -37.36 22.99
CA VAL A 397 18.87 -36.46 23.81
C VAL A 397 19.11 -36.77 25.30
N GLY A 398 20.37 -36.97 25.70
CA GLY A 398 20.68 -37.41 27.08
C GLY A 398 19.78 -38.57 27.48
N LYS A 399 18.79 -38.31 28.36
CA LYS A 399 17.79 -39.31 28.86
C LYS A 399 16.36 -38.84 28.48
N GLN A 400 15.59 -39.71 27.80
CA GLN A 400 14.20 -39.45 27.34
C GLN A 400 13.27 -39.11 28.52
N ALA A 401 13.77 -39.22 29.76
CA ALA A 401 13.01 -39.00 31.02
C ALA A 401 13.77 -38.06 31.97
N THR A 402 14.73 -37.29 31.41
CA THR A 402 15.54 -36.25 32.08
C THR A 402 15.26 -34.89 31.42
N GLY A 403 15.25 -33.84 32.24
CA GLY A 403 15.05 -32.46 31.77
C GLY A 403 16.37 -31.78 31.41
N THR A 404 16.33 -30.46 31.38
CA THR A 404 17.45 -29.58 31.00
C THR A 404 17.42 -28.39 31.99
N ASP A 405 18.53 -27.64 32.18
CA ASP A 405 18.52 -26.36 32.92
C ASP A 405 17.93 -25.27 32.02
N GLY A 406 17.93 -25.51 30.71
CA GLY A 406 17.23 -24.70 29.68
C GLY A 406 15.76 -25.09 29.52
N LEU A 407 15.29 -25.25 28.28
CA LEU A 407 13.84 -25.14 27.97
C LEU A 407 13.37 -26.28 27.05
N GLY A 408 14.11 -26.61 25.99
CA GLY A 408 13.80 -27.77 25.15
C GLY A 408 14.66 -28.98 25.50
N PRO A 409 14.74 -30.00 24.63
CA PRO A 409 15.69 -31.09 24.80
C PRO A 409 17.14 -30.67 24.50
N THR A 410 18.14 -31.35 25.06
CA THR A 410 19.58 -31.10 24.74
C THR A 410 20.19 -32.29 24.02
N PHE A 411 21.35 -32.14 23.41
CA PHE A 411 21.95 -33.24 22.62
C PHE A 411 23.43 -33.37 22.88
N ASP A 412 23.89 -34.60 23.17
CA ASP A 412 25.32 -34.93 23.14
C ASP A 412 25.69 -35.37 21.72
N THR A 413 26.52 -34.58 21.06
CA THR A 413 26.87 -34.83 19.66
C THR A 413 28.37 -35.03 19.55
N ARG A 414 28.76 -35.89 18.64
CA ARG A 414 30.14 -35.97 18.16
C ARG A 414 30.09 -35.88 16.65
N THR A 415 30.63 -34.80 16.16
CA THR A 415 30.38 -34.37 14.78
C THR A 415 31.70 -34.22 14.11
N VAL A 416 31.69 -34.36 12.82
CA VAL A 416 32.90 -33.99 12.06
C VAL A 416 32.38 -33.83 10.66
N LYS A 417 32.51 -32.63 10.11
CA LYS A 417 32.18 -32.36 8.71
C LYS A 417 33.45 -31.88 8.04
N ASN A 418 33.91 -32.66 7.07
CA ASN A 418 35.12 -32.32 6.32
C ASN A 418 35.06 -33.02 4.96
N ALA A 419 35.85 -32.52 4.06
CA ALA A 419 36.23 -33.30 2.88
C ALA A 419 37.61 -33.88 3.16
N VAL A 420 37.72 -35.16 2.84
CA VAL A 420 38.98 -35.95 2.97
C VAL A 420 39.17 -36.67 1.64
N LEU A 421 40.40 -36.88 1.23
CA LEU A 421 40.63 -37.70 0.02
C LEU A 421 41.53 -38.88 0.38
N VAL A 422 40.96 -40.07 0.23
CA VAL A 422 41.56 -41.33 0.74
C VAL A 422 41.64 -42.33 -0.39
N LYS A 423 42.68 -43.16 -0.36
CA LYS A 423 42.95 -44.27 -1.31
C LYS A 423 41.85 -45.32 -1.17
N SER A 424 41.56 -46.03 -2.26
CA SER A 424 40.32 -46.83 -2.43
C SER A 424 40.30 -48.01 -1.45
N GLY A 425 41.43 -48.38 -0.85
CA GLY A 425 41.50 -49.55 0.04
C GLY A 425 41.67 -49.16 1.50
N GLU A 426 42.09 -47.93 1.78
CA GLU A 426 42.80 -47.58 3.03
C GLU A 426 41.83 -47.03 4.08
N THR A 427 42.06 -47.38 5.34
CA THR A 427 41.27 -46.89 6.49
C THR A 427 42.03 -45.75 7.15
N VAL A 428 41.39 -44.59 7.34
CA VAL A 428 42.15 -43.37 7.72
C VAL A 428 41.45 -42.60 8.82
N VAL A 429 42.15 -41.60 9.30
CA VAL A 429 41.65 -40.69 10.35
C VAL A 429 40.95 -39.52 9.67
N LEU A 430 39.68 -39.29 9.99
CA LEU A 430 38.92 -38.07 9.61
C LEU A 430 39.33 -36.96 10.55
N GLY A 431 39.32 -37.30 11.84
CA GLY A 431 39.49 -36.36 12.95
C GLY A 431 39.49 -37.10 14.27
N GLY A 432 39.31 -36.37 15.36
CA GLY A 432 39.37 -36.97 16.70
C GLY A 432 39.60 -35.93 17.75
N LEU A 433 39.26 -36.28 18.99
CA LEU A 433 39.44 -35.45 20.18
C LEU A 433 39.93 -36.35 21.30
N MET A 434 41.10 -36.02 21.83
CA MET A 434 41.70 -36.68 23.01
C MET A 434 41.67 -35.67 24.15
N ASP A 435 40.79 -35.89 25.12
CA ASP A 435 40.44 -34.88 26.15
C ASP A 435 40.81 -35.49 27.49
N GLU A 436 41.49 -34.73 28.33
CA GLU A 436 41.95 -35.21 29.65
C GLU A 436 41.66 -34.14 30.69
N GLN A 437 41.02 -34.54 31.78
CA GLN A 437 40.54 -33.63 32.83
C GLN A 437 40.93 -34.19 34.19
N THR A 438 41.41 -33.32 35.08
CA THR A 438 41.79 -33.72 36.45
C THR A 438 41.54 -32.56 37.40
N LYS A 439 40.55 -32.72 38.27
CA LYS A 439 40.22 -31.71 39.29
C LYS A 439 40.64 -32.28 40.65
N GLU A 440 41.40 -31.49 41.42
CA GLU A 440 41.87 -31.87 42.77
C GLU A 440 41.42 -30.81 43.77
N GLU A 441 40.83 -31.25 44.87
CA GLU A 441 40.35 -30.39 45.97
C GLU A 441 40.77 -30.98 47.31
N VAL A 442 41.13 -30.10 48.25
CA VAL A 442 41.31 -30.46 49.68
C VAL A 442 40.65 -29.39 50.55
N SER A 443 40.01 -29.82 51.63
CA SER A 443 39.57 -28.96 52.74
C SER A 443 40.40 -29.38 53.94
N LYS A 444 41.45 -28.65 54.22
CA LYS A 444 42.41 -29.05 55.28
C LYS A 444 42.49 -27.95 56.33
N VAL A 445 43.09 -28.30 57.46
CA VAL A 445 43.40 -27.32 58.55
C VAL A 445 44.78 -26.77 58.24
N PRO A 446 44.92 -25.43 58.23
CA PRO A 446 46.04 -24.73 57.62
C PRO A 446 47.42 -25.36 57.81
N LEU A 447 47.88 -25.42 59.06
CA LEU A 447 49.26 -25.85 59.38
C LEU A 447 49.27 -27.39 59.42
N LEU A 448 48.25 -27.97 60.06
CA LEU A 448 48.24 -29.41 60.41
C LEU A 448 48.03 -30.21 59.13
N GLY A 449 47.24 -29.69 58.20
CA GLY A 449 46.90 -30.40 56.96
C GLY A 449 48.13 -30.62 56.09
N ASP A 450 49.24 -29.93 56.40
CA ASP A 450 50.45 -29.91 55.53
C ASP A 450 51.54 -30.84 56.11
N ILE A 451 51.33 -31.42 57.28
CA ILE A 451 52.26 -32.46 57.83
C ILE A 451 52.28 -33.60 56.81
N PRO A 452 53.45 -33.96 56.21
CA PRO A 452 53.46 -34.74 54.97
C PRO A 452 52.67 -36.06 55.02
N VAL A 453 52.68 -36.77 56.15
CA VAL A 453 51.90 -38.05 56.32
C VAL A 453 50.72 -37.83 57.28
N LEU A 454 50.94 -37.48 58.55
CA LEU A 454 49.85 -37.25 59.54
C LEU A 454 48.80 -36.31 58.95
N GLY A 455 49.23 -35.34 58.15
CA GLY A 455 48.39 -34.24 57.63
C GLY A 455 47.14 -34.75 56.91
N TYR A 456 47.16 -35.97 56.38
CA TYR A 456 46.02 -36.56 55.64
C TYR A 456 44.89 -36.82 56.63
N LEU A 457 45.17 -36.76 57.93
CA LEU A 457 44.11 -36.93 58.95
C LEU A 457 43.31 -35.63 59.09
N PHE A 458 43.90 -34.49 58.78
CA PHE A 458 43.20 -33.19 58.88
C PHE A 458 42.47 -32.88 57.57
N ARG A 459 43.03 -33.34 56.45
CA ARG A 459 42.53 -32.97 55.10
C ARG A 459 41.40 -33.93 54.67
N SER A 460 40.37 -33.37 54.04
CA SER A 460 39.30 -34.12 53.34
C SER A 460 39.52 -33.92 51.84
N THR A 461 40.19 -34.84 51.20
CA THR A 461 40.58 -34.61 49.80
C THR A 461 39.46 -35.14 48.92
N SER A 462 39.18 -34.45 47.82
CA SER A 462 38.31 -34.94 46.72
C SER A 462 39.06 -34.80 45.39
N ASN A 463 39.42 -35.93 44.78
CA ASN A 463 40.15 -35.95 43.49
C ASN A 463 39.20 -36.44 42.41
N ASN A 464 39.43 -36.04 41.17
CA ASN A 464 38.63 -36.54 40.04
C ASN A 464 39.54 -36.57 38.82
N THR A 465 39.33 -37.54 37.94
CA THR A 465 40.07 -37.65 36.66
C THR A 465 39.17 -38.26 35.61
N SER A 466 39.46 -37.98 34.34
CA SER A 466 38.70 -38.47 33.17
C SER A 466 39.62 -38.50 31.95
N LYS A 467 39.17 -39.28 30.97
CA LYS A 467 39.86 -39.48 29.69
C LYS A 467 38.79 -39.79 28.67
N ARG A 468 38.90 -39.18 27.50
CA ARG A 468 38.09 -39.57 26.33
C ARG A 468 39.01 -39.52 25.13
N ASN A 469 39.16 -40.62 24.43
CA ASN A 469 39.94 -40.64 23.18
C ASN A 469 38.98 -41.04 22.07
N LEU A 470 38.59 -40.09 21.23
CA LEU A 470 37.61 -40.32 20.14
C LEU A 470 38.35 -40.22 18.82
N MET A 471 38.20 -41.24 17.97
CA MET A 471 38.85 -41.30 16.64
C MET A 471 37.81 -41.65 15.61
N VAL A 472 37.71 -40.88 14.53
CA VAL A 472 36.74 -41.13 13.44
C VAL A 472 37.50 -41.57 12.20
N PHE A 473 37.39 -42.85 11.83
CA PHE A 473 38.07 -43.43 10.64
C PHE A 473 37.07 -43.69 9.52
N ILE A 474 37.48 -43.47 8.27
CA ILE A 474 36.62 -43.69 7.07
C ILE A 474 37.41 -44.54 6.08
N ARG A 475 36.84 -45.67 5.64
CA ARG A 475 37.53 -46.60 4.71
C ARG A 475 36.69 -46.78 3.45
N PRO A 476 36.93 -45.95 2.40
CA PRO A 476 36.19 -46.09 1.16
C PRO A 476 36.67 -47.33 0.43
N THR A 477 35.83 -47.78 -0.50
CA THR A 477 36.00 -49.03 -1.25
C THR A 477 35.24 -48.86 -2.56
N ILE A 478 35.93 -48.92 -3.68
CA ILE A 478 35.24 -48.60 -4.95
C ILE A 478 34.95 -49.86 -5.74
N LEU A 479 33.70 -49.88 -6.20
CA LEU A 479 33.08 -50.93 -7.04
C LEU A 479 33.03 -50.41 -8.47
N ARG A 480 33.88 -50.94 -9.35
CA ARG A 480 33.99 -50.46 -10.76
C ARG A 480 32.92 -51.16 -11.61
N ASP A 481 32.67 -52.44 -11.35
CA ASP A 481 31.65 -53.23 -12.09
C ASP A 481 30.81 -54.00 -11.04
N ALA A 482 29.80 -54.75 -11.50
CA ALA A 482 28.82 -55.44 -10.64
C ALA A 482 29.47 -56.60 -9.89
N ASN A 483 30.30 -57.41 -10.57
CA ASN A 483 30.90 -58.63 -10.00
C ASN A 483 31.68 -58.32 -8.72
N VAL A 484 32.26 -57.13 -8.59
CA VAL A 484 32.99 -56.76 -7.34
C VAL A 484 31.97 -56.40 -6.26
N TYR A 485 30.76 -56.05 -6.67
CA TYR A 485 29.72 -55.49 -5.77
C TYR A 485 28.85 -56.63 -5.25
N SER A 486 28.91 -57.79 -5.88
CA SER A 486 28.30 -59.01 -5.29
C SER A 486 29.22 -59.48 -4.16
N GLY A 487 30.49 -59.71 -4.47
CA GLY A 487 31.48 -60.24 -3.52
C GLY A 487 31.55 -59.39 -2.28
N ILE A 488 31.45 -58.08 -2.45
CA ILE A 488 31.52 -57.12 -1.31
C ILE A 488 30.22 -57.23 -0.50
N SER A 489 29.09 -57.40 -1.18
CA SER A 489 27.76 -57.53 -0.55
C SER A 489 27.59 -58.95 -0.03
N SER A 490 28.16 -59.94 -0.71
CA SER A 490 28.04 -61.36 -0.33
C SER A 490 28.78 -61.61 0.98
N ASN A 491 29.88 -60.89 1.22
CA ASN A 491 30.70 -61.11 2.44
C ASN A 491 30.03 -60.45 3.63
N LYS A 492 29.23 -59.41 3.40
CA LYS A 492 28.45 -58.76 4.49
C LYS A 492 27.17 -59.56 4.67
N TYR A 493 26.61 -60.09 3.57
CA TYR A 493 25.37 -60.91 3.61
C TYR A 493 25.66 -62.20 4.38
N THR A 494 26.84 -62.76 4.14
CA THR A 494 27.25 -64.06 4.76
C THR A 494 27.74 -63.80 6.18
N LEU A 495 28.56 -62.76 6.40
CA LEU A 495 29.09 -62.47 7.76
C LEU A 495 27.90 -62.14 8.67
N PHE A 496 26.81 -61.60 8.09
CA PHE A 496 25.58 -61.34 8.87
C PHE A 496 24.85 -62.66 9.08
N ARG A 497 24.79 -63.49 8.04
CA ARG A 497 24.11 -64.81 8.10
C ARG A 497 24.85 -65.69 9.11
N ALA A 498 26.18 -65.73 8.99
CA ALA A 498 27.07 -66.54 9.84
C ALA A 498 26.94 -66.05 11.29
N GLN A 499 26.55 -64.80 11.49
CA GLN A 499 26.40 -64.23 12.86
C GLN A 499 25.07 -64.70 13.43
N GLN A 500 24.03 -64.75 12.58
CA GLN A 500 22.71 -65.25 13.00
C GLN A 500 22.82 -66.73 13.35
N LEU A 501 23.53 -67.51 12.54
CA LEU A 501 23.66 -68.98 12.77
C LEU A 501 24.46 -69.23 14.05
N ASP A 502 25.39 -68.32 14.38
CA ASP A 502 26.17 -68.39 15.64
C ASP A 502 25.24 -68.14 16.83
N ALA A 503 24.29 -67.20 16.68
CA ALA A 503 23.34 -66.78 17.74
C ALA A 503 22.31 -67.89 17.96
N VAL A 504 22.00 -68.67 16.92
CA VAL A 504 21.08 -69.83 17.02
C VAL A 504 21.76 -70.90 17.88
N ALA A 505 23.07 -71.12 17.72
CA ALA A 505 23.83 -72.18 18.42
C ALA A 505 24.12 -71.80 19.88
N GLN A 506 23.75 -70.59 20.32
CA GLN A 506 23.70 -70.22 21.77
C GLN A 506 22.25 -70.32 22.26
N GLU A 507 21.29 -69.81 21.49
CA GLU A 507 19.84 -69.88 21.82
C GLU A 507 19.41 -71.35 21.87
N GLY A 508 19.96 -72.19 20.99
CA GLY A 508 19.72 -73.64 21.00
C GLY A 508 20.22 -74.26 22.30
N TYR A 509 21.36 -73.77 22.77
CA TYR A 509 21.99 -74.23 24.04
C TYR A 509 21.10 -73.82 25.22
N ALA A 510 20.64 -72.56 25.22
CA ALA A 510 19.84 -71.98 26.33
C ALA A 510 18.41 -72.55 26.33
N THR A 511 17.88 -72.93 25.16
CA THR A 511 16.50 -73.46 24.97
C THR A 511 15.46 -72.37 25.30
N SER A 512 14.25 -72.52 24.74
CA SER A 512 13.06 -71.68 25.01
C SER A 512 13.22 -70.24 24.50
N PRO A 513 14.05 -69.95 23.47
CA PRO A 513 14.01 -68.70 22.72
C PRO A 513 14.31 -68.85 21.23
N ASP A 514 13.93 -67.90 20.36
CA ASP A 514 14.23 -68.04 18.92
C ASP A 514 14.85 -66.77 18.32
N ARG A 515 16.02 -66.94 17.71
CA ARG A 515 16.62 -65.96 16.78
C ARG A 515 16.47 -66.57 15.38
N GLN A 516 15.80 -65.87 14.45
CA GLN A 516 15.49 -66.49 13.14
C GLN A 516 16.41 -65.93 12.06
N VAL A 517 16.80 -66.82 11.17
CA VAL A 517 17.98 -66.59 10.30
C VAL A 517 17.53 -66.44 8.86
N LEU A 518 18.07 -65.37 8.31
CA LEU A 518 18.37 -65.07 6.89
C LEU A 518 18.83 -66.30 6.12
N PRO A 519 18.26 -66.55 4.92
CA PRO A 519 18.64 -67.75 4.18
C PRO A 519 20.05 -67.61 3.61
N GLU A 520 20.36 -68.41 2.59
CA GLU A 520 21.65 -68.33 1.88
C GLU A 520 21.50 -67.38 0.70
N TYR A 521 22.61 -66.85 0.21
CA TYR A 521 22.64 -65.83 -0.87
C TYR A 521 21.96 -66.38 -2.12
N GLY A 522 20.93 -65.67 -2.58
CA GLY A 522 20.28 -65.87 -3.89
C GLY A 522 19.21 -66.95 -3.87
N GLN A 523 18.77 -67.38 -2.68
CA GLN A 523 17.81 -68.50 -2.53
C GLN A 523 16.39 -67.97 -2.21
N ASP A 524 16.28 -66.72 -1.75
CA ASP A 524 15.03 -66.15 -1.14
C ASP A 524 14.42 -67.23 -0.22
N GLY B 1 -30.85 -1.02 -98.23
CA GLY B 1 -29.72 -0.76 -99.18
C GLY B 1 -29.13 0.62 -99.02
N ASP B 2 -29.82 1.65 -99.53
CA ASP B 2 -29.35 3.05 -99.48
C ASP B 2 -30.02 3.77 -98.31
N GLU B 3 -30.71 3.04 -97.44
CA GLU B 3 -31.54 3.61 -96.36
C GLU B 3 -30.64 4.22 -95.29
N MET B 4 -30.66 5.55 -95.17
CA MET B 4 -29.78 6.30 -94.23
C MET B 4 -30.47 6.36 -92.87
N VAL B 5 -29.92 5.65 -91.90
CA VAL B 5 -30.46 5.58 -90.51
C VAL B 5 -29.29 5.63 -89.53
N THR B 6 -29.56 6.09 -88.31
CA THR B 6 -28.58 6.08 -87.19
C THR B 6 -28.89 4.89 -86.29
N ARG B 7 -27.89 4.08 -85.98
CA ARG B 7 -28.02 2.97 -85.00
C ARG B 7 -26.72 2.85 -84.20
N VAL B 8 -26.87 2.43 -82.94
CA VAL B 8 -25.86 2.63 -81.87
C VAL B 8 -25.62 1.30 -81.15
N VAL B 9 -24.40 0.81 -81.18
CA VAL B 9 -23.96 -0.39 -80.43
C VAL B 9 -22.78 0.01 -79.56
N PRO B 10 -22.84 -0.22 -78.23
CA PRO B 10 -21.66 -0.10 -77.37
C PRO B 10 -20.66 -1.25 -77.62
N VAL B 11 -19.38 -0.98 -77.34
CA VAL B 11 -18.37 -2.00 -77.00
C VAL B 11 -18.19 -1.95 -75.48
N ARG B 12 -18.85 -2.85 -74.74
CA ARG B 12 -18.84 -2.84 -73.26
C ARG B 12 -17.47 -3.33 -72.76
N ASN B 13 -16.98 -4.43 -73.35
CA ASN B 13 -15.74 -5.14 -72.98
C ASN B 13 -14.54 -4.18 -73.02
N VAL B 14 -14.43 -3.40 -74.10
CA VAL B 14 -13.27 -2.50 -74.35
C VAL B 14 -13.80 -1.08 -74.49
N SER B 15 -12.94 -0.07 -74.29
CA SER B 15 -13.26 1.33 -74.67
C SER B 15 -13.36 1.41 -76.19
N VAL B 16 -14.48 1.93 -76.70
CA VAL B 16 -14.82 1.90 -78.16
C VAL B 16 -13.83 2.75 -78.97
N ARG B 17 -12.97 3.50 -78.27
CA ARG B 17 -12.05 4.53 -78.83
C ARG B 17 -11.19 3.90 -79.95
N GLU B 18 -11.02 2.58 -79.93
CA GLU B 18 -10.08 1.83 -80.80
C GLU B 18 -10.66 1.67 -82.22
N LEU B 19 -11.94 1.98 -82.45
CA LEU B 19 -12.58 1.77 -83.78
C LEU B 19 -12.67 3.10 -84.53
N ALA B 20 -12.07 4.17 -84.00
CA ALA B 20 -12.17 5.53 -84.57
C ALA B 20 -11.50 5.59 -85.95
N PRO B 21 -10.25 5.12 -86.10
CA PRO B 21 -9.65 4.95 -87.43
C PRO B 21 -10.49 4.04 -88.36
N LEU B 22 -10.96 2.92 -87.80
CA LEU B 22 -11.67 1.82 -88.51
C LEU B 22 -13.00 2.34 -89.08
N LEU B 23 -13.84 2.95 -88.25
CA LEU B 23 -15.28 3.14 -88.60
C LEU B 23 -15.47 4.45 -89.35
N ARG B 24 -14.76 5.50 -88.97
CA ARG B 24 -14.70 6.76 -89.76
C ARG B 24 -13.88 6.47 -91.04
N GLN B 25 -13.06 5.42 -91.00
CA GLN B 25 -12.42 4.89 -92.22
C GLN B 25 -13.51 4.20 -93.06
N LEU B 26 -14.56 3.65 -92.44
CA LEU B 26 -15.68 3.00 -93.17
C LEU B 26 -16.63 4.08 -93.72
N ASN B 27 -16.70 5.23 -93.05
CA ASN B 27 -17.20 6.47 -93.70
C ASN B 27 -16.34 6.70 -94.93
N ASP B 28 -15.01 6.70 -94.74
CA ASP B 28 -13.99 6.97 -95.79
C ASP B 28 -13.92 5.79 -96.78
N ASN B 29 -14.65 4.70 -96.53
CA ASN B 29 -14.62 3.48 -97.37
C ASN B 29 -15.42 3.72 -98.66
N ALA B 30 -16.60 4.34 -98.56
CA ALA B 30 -17.54 4.50 -99.70
C ALA B 30 -18.29 5.83 -99.62
N GLY B 31 -19.14 6.10 -100.61
CA GLY B 31 -19.93 7.33 -100.75
C GLY B 31 -20.48 7.80 -99.42
N GLY B 32 -20.14 9.06 -99.04
CA GLY B 32 -20.33 9.63 -97.69
C GLY B 32 -21.80 9.87 -97.34
N GLY B 33 -22.03 10.62 -96.26
CA GLY B 33 -23.32 10.72 -95.55
C GLY B 33 -23.26 9.95 -94.23
N ASN B 34 -22.05 9.70 -93.72
CA ASN B 34 -21.83 8.83 -92.54
C ASN B 34 -21.39 9.69 -91.34
N VAL B 35 -21.73 9.23 -90.13
CA VAL B 35 -21.18 9.73 -88.83
C VAL B 35 -20.84 8.52 -87.96
N VAL B 36 -19.67 8.56 -87.35
CA VAL B 36 -19.29 7.61 -86.26
C VAL B 36 -18.80 8.48 -85.11
N HIS B 37 -19.16 8.15 -83.86
CA HIS B 37 -18.64 8.86 -82.66
C HIS B 37 -18.79 8.00 -81.39
N TYR B 38 -18.16 8.47 -80.31
CA TYR B 38 -17.73 7.63 -79.16
C TYR B 38 -18.08 8.31 -77.84
N ASP B 39 -18.78 7.58 -76.99
CA ASP B 39 -19.07 8.06 -75.62
C ASP B 39 -17.96 7.51 -74.71
N PRO B 40 -17.52 8.28 -73.70
CA PRO B 40 -16.62 7.73 -72.68
C PRO B 40 -17.38 6.59 -71.99
N SER B 41 -18.71 6.69 -71.94
CA SER B 41 -19.67 5.65 -71.45
C SER B 41 -19.56 4.43 -72.36
N ASN B 42 -18.85 4.59 -73.47
CA ASN B 42 -18.31 3.49 -74.31
C ASN B 42 -19.47 2.85 -75.08
N VAL B 43 -20.43 3.67 -75.50
CA VAL B 43 -21.38 3.30 -76.59
C VAL B 43 -20.85 3.93 -77.88
N LEU B 44 -21.02 3.21 -79.00
CA LEU B 44 -20.55 3.65 -80.33
C LEU B 44 -21.76 3.99 -81.18
N LEU B 45 -21.94 5.28 -81.49
CA LEU B 45 -23.14 5.77 -82.20
C LEU B 45 -22.82 5.97 -83.68
N ILE B 46 -23.70 5.48 -84.55
CA ILE B 46 -23.49 5.50 -86.03
C ILE B 46 -24.67 6.19 -86.72
N THR B 47 -24.37 6.75 -87.89
CA THR B 47 -25.33 7.27 -88.91
C THR B 47 -24.83 6.86 -90.29
N GLY B 48 -25.71 6.36 -91.15
CA GLY B 48 -25.33 6.02 -92.53
C GLY B 48 -26.32 5.13 -93.23
N ARG B 49 -26.09 4.88 -94.51
CA ARG B 49 -26.95 4.04 -95.39
C ARG B 49 -26.83 2.58 -94.93
N ALA B 50 -27.81 1.77 -95.31
CA ALA B 50 -28.11 0.44 -94.72
C ALA B 50 -26.89 -0.49 -94.81
N ALA B 51 -26.15 -0.47 -95.91
CA ALA B 51 -25.00 -1.38 -96.16
C ALA B 51 -23.80 -0.93 -95.33
N VAL B 52 -23.36 0.32 -95.53
CA VAL B 52 -22.18 0.89 -94.82
C VAL B 52 -22.37 0.62 -93.33
N VAL B 53 -23.61 0.77 -92.84
CA VAL B 53 -23.95 0.55 -91.40
C VAL B 53 -24.02 -0.95 -91.12
N ASN B 54 -24.41 -1.78 -92.09
CA ASN B 54 -24.38 -3.26 -91.94
C ASN B 54 -22.98 -3.66 -91.48
N ARG B 55 -21.95 -3.27 -92.23
CA ARG B 55 -20.54 -3.69 -92.01
C ARG B 55 -19.91 -2.84 -90.89
N LEU B 56 -20.44 -1.64 -90.62
CA LEU B 56 -20.01 -0.79 -89.48
C LEU B 56 -20.42 -1.49 -88.18
N VAL B 57 -21.72 -1.70 -88.00
CA VAL B 57 -22.30 -2.35 -86.78
C VAL B 57 -21.74 -3.76 -86.70
N GLU B 58 -21.50 -4.42 -87.84
CA GLU B 58 -20.72 -5.69 -87.90
C GLU B 58 -19.42 -5.49 -87.11
N VAL B 59 -18.64 -4.46 -87.47
CA VAL B 59 -17.35 -4.16 -86.78
C VAL B 59 -17.62 -4.02 -85.28
N VAL B 60 -18.73 -3.35 -84.90
CA VAL B 60 -18.93 -2.88 -83.50
C VAL B 60 -19.29 -4.06 -82.62
N ARG B 61 -20.35 -4.80 -82.97
CA ARG B 61 -20.75 -6.03 -82.22
C ARG B 61 -19.55 -6.96 -82.20
N ARG B 62 -18.83 -7.03 -83.33
CA ARG B 62 -17.61 -7.86 -83.44
C ARG B 62 -16.65 -7.48 -82.32
N VAL B 63 -16.08 -6.27 -82.37
CA VAL B 63 -15.15 -5.75 -81.31
C VAL B 63 -15.80 -5.94 -79.94
N ASP B 64 -17.14 -5.97 -79.90
CA ASP B 64 -17.91 -6.14 -78.64
C ASP B 64 -17.76 -7.58 -78.13
N LYS B 65 -17.91 -8.57 -79.03
CA LYS B 65 -17.84 -10.02 -78.70
C LYS B 65 -16.38 -10.49 -78.76
N ALA B 66 -15.48 -9.65 -79.26
CA ALA B 66 -14.05 -9.97 -79.47
C ALA B 66 -13.38 -10.15 -78.11
N GLY B 67 -13.75 -9.31 -77.15
CA GLY B 67 -13.15 -9.25 -75.81
C GLY B 67 -14.15 -9.58 -74.71
N ASP B 68 -14.64 -10.83 -74.67
CA ASP B 68 -15.68 -11.26 -73.70
C ASP B 68 -15.04 -11.35 -72.31
N GLN B 69 -15.85 -11.14 -71.26
CA GLN B 69 -15.40 -11.17 -69.85
C GLN B 69 -16.58 -11.50 -68.94
N GLU B 70 -16.93 -12.77 -68.83
CA GLU B 70 -18.09 -13.22 -68.03
C GLU B 70 -17.58 -13.92 -66.76
N VAL B 71 -18.50 -14.19 -65.83
CA VAL B 71 -18.21 -14.99 -64.60
C VAL B 71 -18.96 -16.31 -64.65
N ASP B 72 -18.30 -17.34 -64.13
CA ASP B 72 -18.83 -18.72 -63.90
C ASP B 72 -18.62 -19.12 -62.44
N ILE B 73 -19.67 -19.64 -61.83
CA ILE B 73 -19.62 -20.16 -60.44
C ILE B 73 -20.01 -21.63 -60.45
N ILE B 74 -19.09 -22.51 -60.09
CA ILE B 74 -19.43 -23.92 -59.79
C ILE B 74 -18.82 -24.29 -58.43
N LYS B 75 -19.60 -25.02 -57.63
CA LYS B 75 -19.27 -25.42 -56.24
C LYS B 75 -17.97 -26.22 -56.19
N LEU B 76 -17.12 -25.91 -55.22
CA LEU B 76 -16.02 -26.81 -54.78
C LEU B 76 -16.51 -27.58 -53.54
N LYS B 77 -16.37 -28.90 -53.57
CA LYS B 77 -16.86 -29.76 -52.49
C LYS B 77 -15.73 -30.03 -51.49
N TYR B 78 -14.46 -29.97 -51.92
CA TYR B 78 -13.30 -30.50 -51.14
C TYR B 78 -12.32 -29.38 -50.73
N ALA B 79 -11.16 -29.22 -51.37
CA ALA B 79 -10.05 -28.40 -50.84
C ALA B 79 -10.39 -26.90 -50.86
N SER B 80 -9.85 -26.20 -49.86
CA SER B 80 -10.31 -24.86 -49.41
C SER B 80 -10.20 -23.84 -50.54
N ALA B 81 -11.21 -22.98 -50.64
CA ALA B 81 -11.29 -21.90 -51.65
C ALA B 81 -10.13 -20.91 -51.43
N GLY B 82 -9.76 -20.66 -50.17
CA GLY B 82 -8.65 -19.77 -49.77
C GLY B 82 -7.28 -20.32 -50.15
N GLU B 83 -7.08 -21.63 -50.04
CA GLU B 83 -5.87 -22.31 -50.54
C GLU B 83 -5.92 -22.25 -52.06
N MET B 84 -7.09 -22.54 -52.61
CA MET B 84 -7.37 -22.44 -54.07
C MET B 84 -6.88 -21.06 -54.50
N VAL B 85 -7.25 -20.04 -53.71
CA VAL B 85 -6.92 -18.61 -53.98
C VAL B 85 -5.41 -18.45 -53.98
N ARG B 86 -4.76 -18.88 -52.89
CA ARG B 86 -3.31 -18.65 -52.66
C ARG B 86 -2.51 -19.27 -53.80
N LEU B 87 -2.81 -20.53 -54.13
CA LEU B 87 -2.02 -21.37 -55.06
C LEU B 87 -2.16 -20.76 -56.46
N VAL B 88 -3.37 -20.33 -56.78
CA VAL B 88 -3.67 -19.73 -58.12
C VAL B 88 -3.21 -18.28 -58.14
N THR B 89 -3.19 -17.57 -57.00
CA THR B 89 -2.72 -16.17 -56.98
C THR B 89 -1.29 -16.13 -57.50
N ASN B 90 -0.52 -17.19 -57.24
CA ASN B 90 0.90 -17.27 -57.68
C ASN B 90 0.95 -17.50 -59.20
N LEU B 91 -0.16 -17.95 -59.80
CA LEU B 91 -0.45 -17.78 -61.25
C LEU B 91 -0.61 -16.28 -61.54
N ASN B 92 0.44 -15.49 -61.28
CA ASN B 92 0.53 -14.07 -61.72
C ASN B 92 0.43 -14.03 -63.25
N LYS B 93 -0.25 -13.02 -63.79
CA LYS B 93 -0.45 -12.73 -65.24
C LYS B 93 -1.73 -13.41 -65.75
N ASP B 94 -2.38 -14.22 -64.91
CA ASP B 94 -3.84 -14.48 -65.02
C ASP B 94 -4.57 -13.21 -64.56
N GLY B 95 -4.50 -12.15 -65.39
CA GLY B 95 -5.21 -10.86 -65.19
C GLY B 95 -4.61 -9.98 -64.09
N ASN B 96 -3.60 -10.50 -63.37
CA ASN B 96 -2.97 -9.87 -62.20
C ASN B 96 -1.61 -9.27 -62.62
N SER B 97 -1.63 -8.09 -63.25
CA SER B 97 -0.41 -7.37 -63.69
C SER B 97 -0.70 -5.89 -63.90
N GLN B 98 0.36 -5.10 -64.08
CA GLN B 98 0.29 -3.63 -64.34
C GLN B 98 0.85 -3.38 -65.74
N GLY B 99 0.74 -4.37 -66.63
CA GLY B 99 1.23 -4.33 -68.03
C GLY B 99 0.58 -3.23 -68.85
N GLY B 100 1.38 -2.42 -69.54
CA GLY B 100 0.93 -1.21 -70.28
C GLY B 100 0.09 -1.54 -71.50
N ASN B 101 0.72 -1.66 -72.69
CA ASN B 101 0.05 -1.96 -73.99
C ASN B 101 -0.55 -3.37 -73.93
N THR B 102 -0.09 -4.20 -72.98
CA THR B 102 -0.66 -5.52 -72.62
C THR B 102 -2.09 -5.35 -72.11
N SER B 103 -2.29 -4.35 -71.24
CA SER B 103 -3.58 -3.99 -70.60
C SER B 103 -4.17 -5.23 -69.89
N LEU B 104 -3.34 -5.97 -69.15
CA LEU B 104 -3.71 -7.31 -68.61
C LEU B 104 -4.71 -7.11 -67.47
N LEU B 105 -4.92 -5.84 -67.08
CA LEU B 105 -5.98 -5.43 -66.12
C LEU B 105 -7.38 -5.68 -66.71
N LEU B 106 -7.47 -5.94 -68.03
CA LEU B 106 -8.72 -6.30 -68.76
C LEU B 106 -8.82 -7.82 -69.00
N ALA B 107 -7.84 -8.59 -68.51
CA ALA B 107 -7.70 -10.03 -68.78
C ALA B 107 -8.29 -10.84 -67.61
N PRO B 108 -8.62 -12.13 -67.81
CA PRO B 108 -9.24 -12.98 -66.79
C PRO B 108 -8.56 -13.06 -65.40
N LYS B 109 -9.37 -12.96 -64.33
CA LYS B 109 -8.89 -13.03 -62.92
C LYS B 109 -9.62 -14.15 -62.16
N VAL B 110 -9.06 -14.56 -61.01
CA VAL B 110 -9.47 -15.75 -60.22
C VAL B 110 -9.84 -15.34 -58.79
N VAL B 111 -10.82 -16.04 -58.21
CA VAL B 111 -11.42 -15.74 -56.87
C VAL B 111 -11.95 -17.02 -56.26
N ALA B 112 -12.42 -16.91 -55.01
CA ALA B 112 -13.24 -17.94 -54.34
C ALA B 112 -14.03 -17.38 -53.14
N ASP B 113 -15.11 -18.09 -52.82
CA ASP B 113 -15.98 -17.92 -51.63
C ASP B 113 -15.75 -19.12 -50.72
N GLU B 114 -15.66 -18.88 -49.40
CA GLU B 114 -15.46 -19.97 -48.42
C GLU B 114 -16.79 -20.24 -47.69
N ARG B 115 -17.87 -19.48 -47.95
CA ARG B 115 -19.22 -19.76 -47.38
C ARG B 115 -19.90 -20.93 -48.11
N THR B 116 -19.85 -20.93 -49.45
CA THR B 116 -20.38 -22.03 -50.31
C THR B 116 -19.23 -22.94 -50.77
N ASN B 117 -17.99 -22.52 -50.50
CA ASN B 117 -16.72 -23.01 -51.13
C ASN B 117 -16.91 -23.03 -52.64
N SER B 118 -16.96 -21.85 -53.26
CA SER B 118 -17.21 -21.70 -54.71
C SER B 118 -16.02 -21.04 -55.39
N VAL B 119 -15.57 -21.58 -56.50
CA VAL B 119 -14.61 -20.83 -57.34
C VAL B 119 -15.38 -19.75 -58.05
N VAL B 120 -14.72 -18.62 -58.19
CA VAL B 120 -15.23 -17.47 -58.95
C VAL B 120 -14.19 -17.16 -60.01
N VAL B 121 -14.62 -17.08 -61.26
CA VAL B 121 -13.78 -16.61 -62.38
C VAL B 121 -14.34 -15.26 -62.83
N SER B 122 -13.51 -14.37 -63.34
CA SER B 122 -13.97 -13.17 -64.07
C SER B 122 -13.15 -13.02 -65.35
N GLY B 123 -13.69 -13.41 -66.50
CA GLY B 123 -12.95 -13.24 -67.78
C GLY B 123 -13.47 -14.05 -68.96
N GLU B 124 -12.57 -14.27 -69.92
CA GLU B 124 -12.68 -15.03 -71.20
C GLU B 124 -13.43 -16.35 -71.06
N PRO B 125 -14.02 -16.88 -72.16
CA PRO B 125 -14.42 -18.27 -72.19
C PRO B 125 -13.27 -19.30 -72.30
N LYS B 126 -12.10 -18.87 -72.77
CA LYS B 126 -10.86 -19.68 -72.68
C LYS B 126 -10.51 -19.81 -71.19
N ALA B 127 -10.78 -18.78 -70.38
CA ALA B 127 -10.61 -18.82 -68.91
C ALA B 127 -11.69 -19.70 -68.27
N ARG B 128 -12.95 -19.62 -68.71
CA ARG B 128 -14.02 -20.58 -68.29
C ARG B 128 -13.54 -22.00 -68.58
N ALA B 129 -13.06 -22.24 -69.80
CA ALA B 129 -12.59 -23.56 -70.27
C ALA B 129 -11.44 -24.06 -69.38
N ARG B 130 -10.39 -23.25 -69.15
CA ARG B 130 -9.15 -23.67 -68.45
C ARG B 130 -9.31 -23.55 -66.93
N ILE B 131 -10.21 -22.72 -66.41
CA ILE B 131 -10.34 -22.60 -64.93
C ILE B 131 -11.41 -23.56 -64.42
N ILE B 132 -12.32 -24.04 -65.26
CA ILE B 132 -13.15 -25.21 -64.87
C ILE B 132 -12.24 -26.44 -64.79
N GLN B 133 -11.16 -26.50 -65.57
CA GLN B 133 -10.10 -27.55 -65.45
C GLN B 133 -9.38 -27.36 -64.09
N MET B 134 -9.05 -26.13 -63.72
CA MET B 134 -8.30 -25.85 -62.47
C MET B 134 -9.20 -26.06 -61.22
N VAL B 135 -10.50 -25.80 -61.34
CA VAL B 135 -11.54 -26.21 -60.35
C VAL B 135 -11.40 -27.71 -60.08
N ARG B 136 -11.37 -28.50 -61.16
CA ARG B 136 -11.39 -29.99 -61.11
C ARG B 136 -10.04 -30.50 -60.61
N GLN B 137 -8.95 -29.80 -60.96
CA GLN B 137 -7.56 -30.20 -60.60
C GLN B 137 -7.40 -30.25 -59.08
N LEU B 138 -8.02 -29.31 -58.35
CA LEU B 138 -7.76 -29.08 -56.90
C LEU B 138 -8.99 -29.41 -56.06
N ASP B 139 -10.07 -29.85 -56.70
CA ASP B 139 -11.33 -30.27 -56.03
C ASP B 139 -11.14 -31.71 -55.58
N ARG B 140 -9.91 -32.22 -55.62
CA ARG B 140 -9.60 -33.58 -55.13
C ARG B 140 -9.74 -33.59 -53.61
N GLU B 141 -10.30 -34.69 -53.09
CA GLU B 141 -10.50 -34.96 -51.65
C GLU B 141 -9.21 -35.54 -51.08
N LEU B 142 -9.17 -35.80 -49.77
CA LEU B 142 -8.00 -36.47 -49.15
C LEU B 142 -8.12 -37.98 -49.39
N GLN B 143 -6.99 -38.66 -49.44
CA GLN B 143 -6.95 -40.15 -49.55
C GLN B 143 -6.56 -40.70 -48.19
N SER B 144 -7.55 -41.13 -47.38
CA SER B 144 -7.37 -41.74 -46.04
C SER B 144 -6.47 -40.84 -45.19
N GLN B 145 -5.15 -41.01 -45.26
CA GLN B 145 -4.14 -40.21 -44.52
C GLN B 145 -4.48 -38.72 -44.70
N GLY B 146 -4.69 -38.00 -43.60
CA GLY B 146 -5.03 -36.56 -43.62
C GLY B 146 -3.85 -35.68 -43.28
N ASN B 147 -4.11 -34.40 -43.03
CA ASN B 147 -3.15 -33.44 -42.43
C ASN B 147 -3.00 -33.83 -40.95
N THR B 148 -4.10 -34.07 -40.25
CA THR B 148 -4.07 -34.44 -38.82
C THR B 148 -4.34 -35.93 -38.61
N ARG B 149 -3.51 -36.53 -37.76
CA ARG B 149 -3.64 -37.94 -37.33
C ARG B 149 -3.99 -37.96 -35.83
N VAL B 150 -4.59 -39.05 -35.38
CA VAL B 150 -4.67 -39.32 -33.93
C VAL B 150 -3.96 -40.64 -33.65
N PHE B 151 -2.91 -40.58 -32.83
CA PHE B 151 -2.20 -41.76 -32.31
C PHE B 151 -2.85 -42.23 -31.01
N TYR B 152 -3.28 -43.48 -31.03
CA TYR B 152 -3.66 -44.23 -29.82
C TYR B 152 -2.38 -44.72 -29.17
N LEU B 153 -1.97 -44.11 -28.09
CA LEU B 153 -0.80 -44.61 -27.36
C LEU B 153 -1.22 -45.79 -26.50
N LYS B 154 -0.39 -46.83 -26.43
CA LYS B 154 -0.72 -48.04 -25.63
C LYS B 154 -0.08 -48.00 -24.24
N TYR B 155 1.25 -47.80 -24.11
CA TYR B 155 1.97 -47.87 -22.81
C TYR B 155 2.31 -46.47 -22.30
N GLY B 156 2.21 -45.46 -23.17
CA GLY B 156 2.46 -44.05 -22.86
C GLY B 156 1.17 -43.29 -22.58
N LYS B 157 1.22 -42.27 -21.72
CA LYS B 157 0.04 -41.46 -21.29
C LYS B 157 -0.02 -40.17 -22.11
N ALA B 158 -1.16 -39.88 -22.72
CA ALA B 158 -1.28 -38.84 -23.76
C ALA B 158 -0.92 -37.47 -23.15
N LYS B 159 -1.35 -37.17 -21.93
CA LYS B 159 -1.20 -35.82 -21.32
C LYS B 159 0.31 -35.57 -21.09
N ASP B 160 1.02 -36.60 -20.65
CA ASP B 160 2.45 -36.52 -20.32
C ASP B 160 3.22 -36.41 -21.64
N MET B 161 2.81 -37.17 -22.65
CA MET B 161 3.47 -37.21 -23.98
C MET B 161 3.36 -35.84 -24.66
N VAL B 162 2.25 -35.14 -24.45
CA VAL B 162 2.00 -33.82 -25.11
C VAL B 162 3.21 -32.93 -24.77
N GLU B 163 3.58 -32.88 -23.49
CA GLU B 163 4.64 -31.96 -23.02
C GLU B 163 5.95 -32.36 -23.69
N VAL B 164 6.20 -33.65 -23.78
CA VAL B 164 7.43 -34.20 -24.40
C VAL B 164 7.50 -33.72 -25.84
N LEU B 165 6.38 -33.87 -26.54
CA LEU B 165 6.33 -33.62 -28.00
C LEU B 165 6.35 -32.11 -28.23
N LYS B 166 5.85 -31.33 -27.26
CA LYS B 166 5.76 -29.86 -27.38
C LYS B 166 7.17 -29.31 -27.63
N GLY B 167 8.16 -29.86 -26.93
CA GLY B 167 9.56 -29.52 -27.19
C GLY B 167 9.90 -29.73 -28.65
N VAL B 168 9.53 -30.88 -29.20
CA VAL B 168 9.95 -31.29 -30.58
C VAL B 168 9.33 -30.30 -31.56
N SER B 169 8.07 -29.97 -31.34
CA SER B 169 7.28 -28.99 -32.11
C SER B 169 7.90 -27.61 -31.94
N SER B 170 8.24 -27.27 -30.69
CA SER B 170 8.72 -25.94 -30.25
C SER B 170 10.22 -25.82 -30.56
N LEU B 196 3.70 -26.58 -35.42
CA LEU B 196 3.24 -27.95 -35.07
C LEU B 196 2.46 -27.90 -33.76
N ALA B 197 1.27 -28.49 -33.75
CA ALA B 197 0.16 -28.15 -32.83
C ALA B 197 -0.46 -29.41 -32.22
N ILE B 198 -0.41 -29.53 -30.90
CA ILE B 198 -0.73 -30.80 -30.20
C ILE B 198 -1.75 -30.55 -29.13
N SER B 199 -2.62 -31.54 -28.88
CA SER B 199 -3.41 -31.71 -27.64
C SER B 199 -3.57 -33.20 -27.36
N ALA B 200 -3.71 -33.55 -26.09
CA ALA B 200 -4.01 -34.93 -25.68
C ALA B 200 -5.39 -34.97 -25.03
N ASP B 201 -6.22 -35.90 -25.51
CA ASP B 201 -7.57 -36.18 -24.96
C ASP B 201 -7.42 -37.09 -23.75
N GLU B 202 -7.80 -36.59 -22.58
CA GLU B 202 -7.59 -37.28 -21.31
C GLU B 202 -8.39 -38.58 -21.33
N THR B 203 -9.50 -38.61 -22.05
CA THR B 203 -10.49 -39.72 -21.97
C THR B 203 -9.95 -40.94 -22.73
N THR B 204 -9.85 -40.86 -24.05
CA THR B 204 -9.38 -41.99 -24.89
C THR B 204 -7.85 -42.09 -24.79
N ASN B 205 -7.21 -41.17 -24.06
CA ASN B 205 -5.73 -41.16 -23.86
C ASN B 205 -5.07 -41.22 -25.23
N ALA B 206 -5.47 -40.34 -26.13
CA ALA B 206 -4.92 -40.25 -27.49
C ALA B 206 -4.29 -38.87 -27.69
N LEU B 207 -3.33 -38.79 -28.61
CA LEU B 207 -2.61 -37.54 -28.93
C LEU B 207 -3.05 -37.06 -30.31
N VAL B 208 -3.57 -35.84 -30.40
CA VAL B 208 -4.01 -35.23 -31.68
C VAL B 208 -2.98 -34.15 -32.09
N ILE B 209 -2.11 -34.49 -33.03
CA ILE B 209 -1.09 -33.57 -33.56
C ILE B 209 -1.46 -33.18 -34.99
N THR B 210 -1.05 -31.99 -35.43
CA THR B 210 -1.30 -31.46 -36.80
C THR B 210 -0.04 -30.79 -37.31
N ALA B 211 0.77 -31.50 -38.10
CA ALA B 211 1.99 -30.97 -38.73
C ALA B 211 2.06 -31.45 -40.18
N GLN B 212 3.05 -30.97 -40.93
CA GLN B 212 3.29 -31.37 -42.35
C GLN B 212 3.46 -32.88 -42.37
N PRO B 213 3.14 -33.52 -43.50
CA PRO B 213 3.30 -34.97 -43.61
C PRO B 213 4.75 -35.39 -43.35
N ASP B 214 5.72 -34.51 -43.62
CA ASP B 214 7.16 -34.75 -43.32
C ASP B 214 7.34 -34.89 -41.81
N VAL B 215 6.67 -34.02 -41.04
CA VAL B 215 6.79 -33.98 -39.56
C VAL B 215 5.92 -35.10 -39.00
N MET B 216 4.81 -35.42 -39.66
CA MET B 216 3.88 -36.48 -39.22
C MET B 216 4.65 -37.82 -39.16
N ALA B 217 5.44 -38.10 -40.20
CA ALA B 217 6.25 -39.33 -40.28
C ALA B 217 7.39 -39.26 -39.25
N GLU B 218 7.91 -38.06 -38.96
CA GLU B 218 8.98 -37.86 -37.95
C GLU B 218 8.39 -38.03 -36.55
N LEU B 219 7.21 -37.46 -36.29
CA LEU B 219 6.51 -37.58 -35.00
C LEU B 219 6.09 -39.03 -34.79
N GLU B 220 5.80 -39.73 -35.89
CA GLU B 220 5.34 -41.14 -35.86
C GLU B 220 6.48 -42.05 -35.37
N GLN B 221 7.75 -41.72 -35.65
CA GLN B 221 8.90 -42.50 -35.16
C GLN B 221 9.17 -42.14 -33.69
N VAL B 222 9.02 -40.85 -33.37
CA VAL B 222 9.27 -40.32 -32.00
C VAL B 222 8.30 -41.04 -31.07
N VAL B 223 7.05 -41.09 -31.47
CA VAL B 223 5.94 -41.68 -30.69
C VAL B 223 6.23 -43.16 -30.51
N ALA B 224 6.58 -43.86 -31.59
CA ALA B 224 6.79 -45.32 -31.56
C ALA B 224 7.94 -45.64 -30.61
N LYS B 225 8.97 -44.80 -30.56
CA LYS B 225 10.13 -45.03 -29.68
C LYS B 225 9.71 -44.74 -28.24
N LEU B 226 8.84 -43.74 -28.08
CA LEU B 226 8.51 -43.09 -26.79
C LEU B 226 7.39 -43.86 -26.10
N ASP B 227 6.73 -44.74 -26.85
CA ASP B 227 5.58 -45.54 -26.38
C ASP B 227 6.04 -46.98 -26.16
N ILE B 228 7.34 -47.21 -26.10
CA ILE B 228 7.91 -48.57 -25.85
C ILE B 228 7.40 -49.09 -24.50
N ARG B 229 7.00 -50.35 -24.47
CA ARG B 229 6.53 -51.03 -23.23
C ARG B 229 7.57 -50.87 -22.14
N ARG B 230 7.34 -49.97 -21.19
CA ARG B 230 8.27 -49.69 -20.06
C ARG B 230 8.33 -50.92 -19.17
N ALA B 231 9.54 -51.41 -18.94
CA ALA B 231 9.79 -52.65 -18.17
C ALA B 231 9.49 -52.42 -16.69
N GLN B 232 9.11 -53.50 -16.01
CA GLN B 232 8.72 -53.50 -14.59
C GLN B 232 9.86 -54.06 -13.74
N VAL B 233 9.96 -53.59 -12.51
CA VAL B 233 11.04 -54.02 -11.58
C VAL B 233 10.43 -54.46 -10.27
N LEU B 234 10.71 -55.70 -9.86
CA LEU B 234 10.39 -56.18 -8.50
C LEU B 234 11.58 -55.88 -7.60
N VAL B 235 11.37 -55.06 -6.58
CA VAL B 235 12.46 -54.62 -5.68
C VAL B 235 12.18 -55.18 -4.29
N GLU B 236 12.95 -56.19 -3.87
CA GLU B 236 12.92 -56.68 -2.47
C GLU B 236 14.03 -55.99 -1.69
N ALA B 237 13.68 -55.34 -0.59
CA ALA B 237 14.66 -54.87 0.40
C ALA B 237 14.66 -55.87 1.55
N ILE B 238 15.80 -56.01 2.20
CA ILE B 238 15.93 -56.90 3.38
C ILE B 238 16.60 -56.09 4.47
N ILE B 239 15.85 -55.78 5.51
CA ILE B 239 16.38 -55.04 6.68
C ILE B 239 16.51 -56.02 7.82
N VAL B 240 17.74 -56.32 8.21
CA VAL B 240 18.00 -57.25 9.32
C VAL B 240 18.72 -56.45 10.39
N GLU B 241 18.18 -56.48 11.59
CA GLU B 241 18.84 -55.87 12.76
C GLU B 241 18.91 -56.91 13.86
N ILE B 242 19.98 -56.86 14.63
CA ILE B 242 20.16 -57.74 15.82
C ILE B 242 20.76 -56.92 16.95
N ALA B 243 20.19 -57.08 18.14
CA ALA B 243 20.45 -56.23 19.33
C ALA B 243 20.45 -57.10 20.58
N ASP B 244 21.26 -56.72 21.56
CA ASP B 244 21.39 -57.40 22.87
C ASP B 244 22.37 -56.59 23.70
N GLY B 245 22.70 -57.07 24.89
CA GLY B 245 23.77 -56.49 25.69
C GLY B 245 23.60 -56.94 27.11
N ASP B 246 24.64 -56.80 27.92
CA ASP B 246 24.60 -57.33 29.30
C ASP B 246 25.02 -56.24 30.28
N GLY B 247 24.05 -55.82 31.09
CA GLY B 247 24.25 -55.13 32.37
C GLY B 247 24.59 -56.13 33.46
N LEU B 248 25.31 -55.65 34.46
CA LEU B 248 25.78 -56.41 35.64
C LEU B 248 25.80 -55.38 36.74
N ASN B 249 25.06 -55.53 37.83
CA ASN B 249 25.33 -54.67 39.01
C ASN B 249 25.45 -55.55 40.24
N LEU B 250 26.69 -55.70 40.69
CA LEU B 250 26.99 -56.41 41.95
C LEU B 250 27.87 -55.50 42.81
N GLY B 251 27.52 -55.46 44.09
CA GLY B 251 27.98 -54.46 45.06
C GLY B 251 27.70 -54.93 46.46
N VAL B 252 28.63 -54.69 47.37
CA VAL B 252 28.52 -55.29 48.72
C VAL B 252 28.69 -54.16 49.73
N GLN B 253 27.77 -54.07 50.69
CA GLN B 253 27.76 -53.00 51.71
C GLN B 253 27.85 -53.67 53.08
N TRP B 254 28.74 -53.17 53.94
CA TRP B 254 28.94 -53.66 55.32
C TRP B 254 28.67 -52.51 56.28
N ALA B 255 27.69 -52.63 57.16
CA ALA B 255 27.38 -51.58 58.15
C ALA B 255 27.56 -52.14 59.56
N ASN B 256 28.38 -51.47 60.38
CA ASN B 256 28.67 -51.93 61.76
C ASN B 256 28.39 -50.79 62.74
N THR B 257 27.56 -51.05 63.74
CA THR B 257 27.17 -50.00 64.70
C THR B 257 28.45 -49.43 65.31
N ASN B 258 29.38 -50.29 65.74
CA ASN B 258 30.55 -49.87 66.54
C ASN B 258 31.60 -49.17 65.67
N GLY B 259 31.87 -49.74 64.49
CA GLY B 259 33.06 -49.44 63.66
C GLY B 259 32.77 -48.43 62.55
N GLY B 260 31.70 -48.64 61.78
CA GLY B 260 31.33 -47.79 60.63
C GLY B 260 30.58 -48.55 59.55
N GLY B 261 29.98 -47.83 58.60
CA GLY B 261 29.16 -48.38 57.50
C GLY B 261 29.65 -47.88 56.15
N THR B 262 29.41 -48.65 55.08
CA THR B 262 29.82 -48.33 53.68
C THR B 262 28.59 -48.41 52.78
N GLN B 263 28.01 -47.26 52.43
CA GLN B 263 26.78 -47.19 51.59
C GLN B 263 27.15 -46.67 50.22
N PHE B 264 26.55 -47.27 49.17
CA PHE B 264 26.81 -46.98 47.74
C PHE B 264 25.48 -46.71 47.02
N THR B 265 25.53 -46.48 45.69
CA THR B 265 24.40 -46.00 44.84
C THR B 265 24.19 -46.87 43.60
N ASN B 266 25.27 -47.31 42.92
CA ASN B 266 25.20 -48.19 41.72
C ASN B 266 24.18 -49.31 41.98
N ALA B 267 24.05 -49.68 43.27
CA ALA B 267 23.13 -50.72 43.79
C ALA B 267 21.69 -50.26 43.58
N GLY B 268 20.78 -51.21 43.38
CA GLY B 268 19.32 -50.98 43.33
C GLY B 268 18.85 -50.01 44.41
N PRO B 269 18.86 -50.40 45.72
CA PRO B 269 18.48 -49.53 46.82
C PRO B 269 19.53 -49.29 47.92
N GLY B 270 19.34 -48.22 48.68
CA GLY B 270 20.23 -47.80 49.79
C GLY B 270 19.74 -48.34 51.13
N ILE B 271 20.67 -48.84 51.94
CA ILE B 271 20.37 -49.47 53.26
C ILE B 271 19.49 -48.53 54.08
N GLY B 272 19.61 -47.21 53.87
CA GLY B 272 18.83 -46.18 54.58
C GLY B 272 17.34 -46.42 54.46
N SER B 273 16.80 -46.36 53.24
CA SER B 273 15.35 -46.48 52.96
C SER B 273 14.85 -47.83 53.46
N VAL B 274 15.70 -48.86 53.38
CA VAL B 274 15.33 -50.26 53.74
C VAL B 274 15.13 -50.32 55.26
N ALA B 275 16.11 -49.86 56.03
CA ALA B 275 16.13 -49.92 57.51
C ALA B 275 14.96 -49.07 58.02
N ILE B 276 14.83 -47.85 57.51
CA ILE B 276 13.76 -46.91 57.95
C ILE B 276 12.41 -47.58 57.69
N ALA B 277 12.24 -48.18 56.51
CA ALA B 277 10.98 -48.84 56.11
C ALA B 277 10.66 -49.98 57.08
N ALA B 278 11.66 -50.80 57.40
CA ALA B 278 11.48 -51.97 58.30
C ALA B 278 11.08 -51.48 59.69
N LYS B 279 11.60 -50.32 60.11
CA LYS B 279 11.31 -49.73 61.45
C LYS B 279 9.97 -48.99 61.39
N ASP B 280 9.53 -48.63 60.18
CA ASP B 280 8.25 -47.91 59.95
C ASP B 280 7.13 -48.93 59.70
N TYR B 281 7.48 -50.16 59.33
CA TYR B 281 6.54 -51.29 59.07
C TYR B 281 6.21 -52.03 60.37
N LYS B 282 6.90 -51.69 61.46
CA LYS B 282 6.73 -52.31 62.79
C LYS B 282 5.42 -51.81 63.43
N ASP B 283 4.82 -52.62 64.32
CA ASP B 283 3.53 -52.37 65.00
C ASP B 283 2.45 -52.02 63.97
N ASN B 284 2.37 -52.79 62.88
CA ASN B 284 1.40 -52.61 61.76
C ASN B 284 1.46 -51.16 61.27
N GLY B 285 2.60 -50.74 60.72
CA GLY B 285 2.84 -49.38 60.17
C GLY B 285 2.44 -49.27 58.70
N THR B 286 3.03 -48.32 57.96
CA THR B 286 2.80 -48.09 56.51
C THR B 286 3.66 -49.04 55.67
N THR B 287 3.43 -49.06 54.36
CA THR B 287 4.17 -49.88 53.37
C THR B 287 4.44 -49.06 52.10
N THR B 288 3.80 -47.89 51.98
CA THR B 288 3.95 -46.96 50.82
C THR B 288 5.44 -46.68 50.63
N GLY B 289 6.06 -46.02 51.62
CA GLY B 289 7.51 -45.71 51.63
C GLY B 289 8.31 -46.88 51.09
N LEU B 290 8.22 -48.04 51.74
CA LEU B 290 9.10 -49.18 51.40
C LEU B 290 8.67 -49.80 50.08
N ALA B 291 7.36 -49.86 49.80
CA ALA B 291 6.85 -50.49 48.57
C ALA B 291 7.32 -49.67 47.36
N LYS B 292 7.72 -48.41 47.56
CA LYS B 292 8.11 -47.51 46.44
C LYS B 292 9.59 -47.72 46.12
N LEU B 293 10.41 -47.99 47.14
CA LEU B 293 11.82 -48.39 46.96
C LEU B 293 11.87 -49.65 46.10
N ALA B 294 11.17 -50.69 46.54
CA ALA B 294 11.29 -52.06 45.99
C ALA B 294 10.54 -52.16 44.66
N GLU B 295 10.05 -51.04 44.12
CA GLU B 295 9.23 -51.02 42.88
C GLU B 295 10.06 -51.53 41.68
N ASN B 296 11.23 -50.96 41.41
CA ASN B 296 11.99 -51.31 40.17
C ASN B 296 13.14 -52.25 40.49
N PHE B 297 13.37 -52.61 41.76
CA PHE B 297 14.58 -53.38 42.15
C PHE B 297 14.61 -54.70 41.38
N ASN B 298 15.82 -55.13 40.98
CA ASN B 298 16.03 -56.42 40.27
C ASN B 298 17.40 -57.01 40.62
N GLY B 299 17.38 -58.10 41.38
CA GLY B 299 18.58 -58.91 41.68
C GLY B 299 18.44 -59.74 42.94
N MET B 300 19.59 -60.09 43.53
CA MET B 300 19.70 -60.91 44.74
C MET B 300 20.31 -60.04 45.85
N ALA B 301 19.46 -59.49 46.72
CA ALA B 301 19.88 -58.75 47.93
C ALA B 301 19.97 -59.74 49.09
N ALA B 302 21.19 -60.09 49.50
CA ALA B 302 21.46 -61.12 50.52
C ALA B 302 22.10 -60.49 51.76
N GLY B 303 21.32 -60.37 52.84
CA GLY B 303 21.78 -59.85 54.15
C GLY B 303 22.33 -60.96 55.03
N PHE B 304 23.26 -60.62 55.92
CA PHE B 304 23.91 -61.57 56.86
C PHE B 304 24.32 -60.81 58.13
N TYR B 305 23.98 -61.34 59.31
CA TYR B 305 24.44 -60.86 60.64
C TYR B 305 25.36 -61.89 61.31
N GLN B 306 26.66 -61.59 61.37
CA GLN B 306 27.59 -62.37 62.24
C GLN B 306 28.02 -61.44 63.38
N GLY B 307 27.54 -61.77 64.57
CA GLY B 307 27.51 -60.86 65.72
C GLY B 307 26.99 -59.50 65.33
N ASN B 308 27.87 -58.49 65.33
CA ASN B 308 27.52 -57.04 65.29
C ASN B 308 27.69 -56.47 63.88
N TRP B 309 28.51 -57.08 63.00
CA TRP B 309 28.68 -56.54 61.62
C TRP B 309 27.54 -57.04 60.73
N ALA B 310 26.71 -56.12 60.24
CA ALA B 310 25.68 -56.38 59.22
C ALA B 310 26.31 -56.24 57.83
N MET B 311 25.84 -57.06 56.88
CA MET B 311 26.40 -57.13 55.49
C MET B 311 25.23 -57.27 54.51
N LEU B 312 25.26 -56.50 53.43
CA LEU B 312 24.23 -56.52 52.36
C LEU B 312 24.92 -56.62 51.00
N VAL B 313 24.64 -57.72 50.31
CA VAL B 313 25.22 -58.06 48.99
C VAL B 313 24.14 -57.84 47.94
N THR B 314 24.47 -57.08 46.89
CA THR B 314 23.55 -56.74 45.77
C THR B 314 24.12 -57.25 44.46
N ALA B 315 23.27 -57.89 43.65
CA ALA B 315 23.68 -58.46 42.35
C ALA B 315 22.47 -58.65 41.44
N LEU B 316 22.59 -58.14 40.22
CA LEU B 316 21.79 -58.56 39.05
C LEU B 316 22.62 -58.35 37.79
N SER B 317 22.50 -59.28 36.86
CA SER B 317 22.99 -59.07 35.49
C SER B 317 21.78 -59.01 34.58
N THR B 318 21.51 -57.87 33.97
CA THR B 318 20.55 -57.79 32.85
C THR B 318 21.32 -58.11 31.57
N ASN B 319 20.70 -58.92 30.72
CA ASN B 319 21.28 -59.44 29.45
C ASN B 319 20.09 -59.56 28.51
N THR B 320 20.23 -59.03 27.30
CA THR B 320 19.08 -58.71 26.44
C THR B 320 19.37 -59.22 25.05
N LYS B 321 18.33 -59.38 24.25
CA LYS B 321 18.44 -59.91 22.87
C LYS B 321 17.22 -59.43 22.11
N SER B 322 17.44 -58.95 20.88
CA SER B 322 16.39 -58.59 19.92
C SER B 322 16.89 -58.85 18.52
N ASP B 323 16.00 -59.27 17.63
CA ASP B 323 16.30 -59.52 16.21
C ASP B 323 15.13 -58.98 15.38
N ILE B 324 15.42 -58.15 14.39
CA ILE B 324 14.40 -57.54 13.52
C ILE B 324 14.78 -57.82 12.08
N LEU B 325 13.79 -58.04 11.21
CA LEU B 325 14.00 -58.33 9.76
C LEU B 325 12.76 -57.92 8.97
N SER B 326 12.86 -56.84 8.20
CA SER B 326 11.77 -56.32 7.34
C SER B 326 12.20 -56.38 5.88
N THR B 327 11.36 -56.93 5.01
CA THR B 327 11.65 -57.09 3.57
C THR B 327 10.47 -56.57 2.77
N PRO B 328 10.28 -55.24 2.72
CA PRO B 328 9.20 -54.66 1.94
C PRO B 328 9.56 -54.56 0.46
N SER B 329 9.03 -55.47 -0.35
CA SER B 329 9.22 -55.46 -1.82
C SER B 329 8.12 -54.61 -2.46
N ILE B 330 8.29 -54.26 -3.74
CA ILE B 330 7.30 -53.46 -4.53
C ILE B 330 7.63 -53.59 -6.00
N VAL B 331 6.62 -53.64 -6.85
CA VAL B 331 6.81 -53.70 -8.33
C VAL B 331 6.30 -52.40 -8.94
N THR B 332 7.20 -51.69 -9.63
CA THR B 332 7.00 -50.33 -10.19
C THR B 332 7.35 -50.33 -11.67
N MET B 333 6.78 -49.39 -12.43
CA MET B 333 7.28 -49.05 -13.78
C MET B 333 8.57 -48.26 -13.61
N ASP B 334 9.54 -48.50 -14.50
CA ASP B 334 10.81 -47.72 -14.54
C ASP B 334 10.49 -46.23 -14.46
N ASN B 335 11.23 -45.48 -13.65
CA ASN B 335 11.25 -44.01 -13.76
C ASN B 335 9.93 -43.41 -13.26
N LYS B 336 9.01 -44.24 -12.80
CA LYS B 336 7.96 -43.73 -11.89
C LYS B 336 8.41 -44.01 -10.46
N GLU B 337 8.21 -43.05 -9.58
CA GLU B 337 8.42 -43.36 -8.16
C GLU B 337 7.17 -44.07 -7.68
N ALA B 338 7.41 -45.26 -7.13
CA ALA B 338 6.50 -45.99 -6.23
C ALA B 338 6.64 -45.38 -4.85
N SER B 339 5.58 -45.45 -4.08
CA SER B 339 5.64 -45.36 -2.61
C SER B 339 5.23 -46.72 -2.10
N PHE B 340 5.68 -47.09 -0.91
CA PHE B 340 5.14 -48.25 -0.20
C PHE B 340 5.22 -47.91 1.27
N ASN B 341 4.12 -48.00 1.98
CA ASN B 341 4.15 -47.71 3.43
C ASN B 341 3.49 -48.87 4.13
N VAL B 342 4.04 -49.33 5.25
CA VAL B 342 3.24 -50.14 6.21
C VAL B 342 3.59 -49.74 7.63
N GLY B 343 2.78 -48.86 8.18
CA GLY B 343 3.11 -48.01 9.32
C GLY B 343 1.96 -47.09 9.57
N GLN B 344 2.20 -45.82 9.85
CA GLN B 344 1.04 -45.06 10.36
C GLN B 344 1.27 -43.57 10.39
N GLU B 345 0.13 -42.86 10.38
CA GLU B 345 -0.02 -41.39 10.46
C GLU B 345 -0.31 -41.01 11.90
N VAL B 346 0.65 -40.29 12.51
CA VAL B 346 0.57 -39.76 13.88
C VAL B 346 0.70 -38.26 13.80
N PRO B 347 0.05 -37.53 14.69
CA PRO B 347 0.18 -36.08 14.68
C PRO B 347 1.48 -35.62 15.34
N VAL B 348 2.10 -34.58 14.79
CA VAL B 348 3.29 -33.89 15.37
C VAL B 348 2.98 -32.40 15.44
N GLN B 349 3.40 -31.71 16.50
CA GLN B 349 3.16 -30.26 16.66
C GLN B 349 4.02 -29.48 15.66
N THR B 350 3.68 -28.23 15.40
CA THR B 350 4.49 -27.31 14.55
C THR B 350 4.04 -25.86 14.79
N THR B 364 -2.06 -26.33 16.83
CA THR B 364 -1.58 -26.66 15.46
C THR B 364 -0.80 -27.97 15.49
N ILE B 365 -1.22 -28.97 14.70
CA ILE B 365 -0.58 -30.31 14.61
C ILE B 365 -0.33 -30.64 13.15
N GLU B 366 0.14 -31.87 12.87
CA GLU B 366 0.50 -32.34 11.51
C GLU B 366 0.54 -33.88 11.48
N ARG B 367 0.30 -34.45 10.32
CA ARG B 367 0.24 -35.93 10.14
C ARG B 367 1.58 -36.36 9.52
N LYS B 368 2.23 -37.35 10.12
CA LYS B 368 3.49 -37.93 9.61
C LYS B 368 3.33 -39.44 9.46
N THR B 369 3.63 -40.00 8.30
CA THR B 369 3.58 -41.46 8.05
C THR B 369 4.87 -42.09 8.55
N VAL B 370 4.82 -42.73 9.72
CA VAL B 370 5.97 -43.42 10.35
C VAL B 370 5.60 -44.90 10.49
N GLY B 371 6.36 -45.75 9.82
CA GLY B 371 6.20 -47.22 9.82
C GLY B 371 7.28 -47.80 8.95
N THR B 372 7.11 -49.01 8.43
CA THR B 372 8.05 -49.50 7.40
C THR B 372 7.71 -48.76 6.09
N LYS B 373 8.60 -47.88 5.64
CA LYS B 373 8.42 -47.15 4.37
C LYS B 373 9.53 -47.53 3.43
N LEU B 374 9.13 -47.74 2.22
CA LEU B 374 10.07 -47.81 1.09
C LEU B 374 9.53 -46.81 0.10
N VAL B 375 10.33 -45.81 -0.22
CA VAL B 375 10.00 -44.96 -1.38
C VAL B 375 11.06 -45.22 -2.42
N LEU B 376 10.68 -45.71 -3.57
CA LEU B 376 11.73 -46.08 -4.50
C LEU B 376 11.31 -45.65 -5.90
N THR B 377 12.23 -45.03 -6.62
CA THR B 377 12.12 -44.73 -8.06
C THR B 377 13.22 -45.50 -8.78
N PRO B 378 12.98 -46.76 -9.19
CA PRO B 378 13.90 -47.46 -10.07
C PRO B 378 14.09 -46.88 -11.48
N GLN B 379 15.27 -47.14 -12.04
CA GLN B 379 15.69 -46.70 -13.40
C GLN B 379 16.54 -47.83 -14.01
N ILE B 380 16.24 -48.27 -15.23
CA ILE B 380 16.80 -49.54 -15.75
C ILE B 380 17.91 -49.27 -16.77
N ASN B 381 19.10 -49.84 -16.52
CA ASN B 381 20.17 -50.03 -17.53
C ASN B 381 19.61 -50.97 -18.59
N GLU B 382 19.64 -50.58 -19.87
CA GLU B 382 19.14 -51.36 -21.03
C GLU B 382 19.13 -52.87 -20.73
N GLY B 383 20.21 -53.40 -20.16
CA GLY B 383 20.52 -54.85 -20.07
C GLY B 383 20.10 -55.54 -18.77
N ASP B 384 20.71 -55.21 -17.63
CA ASP B 384 20.50 -55.95 -16.35
C ASP B 384 20.29 -54.98 -15.20
N SER B 385 21.28 -54.15 -14.95
CA SER B 385 21.54 -53.56 -13.61
C SER B 385 20.66 -52.34 -13.35
N VAL B 386 19.96 -52.39 -12.23
CA VAL B 386 18.97 -51.36 -11.82
C VAL B 386 19.68 -50.26 -11.03
N LEU B 387 19.48 -48.98 -11.41
CA LEU B 387 19.73 -47.81 -10.55
C LEU B 387 18.51 -47.60 -9.66
N LEU B 388 18.68 -47.73 -8.35
CA LEU B 388 17.58 -47.59 -7.37
C LEU B 388 17.79 -46.34 -6.54
N THR B 389 16.92 -45.35 -6.66
CA THR B 389 16.94 -44.21 -5.73
C THR B 389 16.05 -44.58 -4.56
N ILE B 390 16.67 -44.83 -3.41
CA ILE B 390 15.95 -45.32 -2.20
C ILE B 390 15.92 -44.21 -1.17
N GLU B 391 14.74 -43.97 -0.63
CA GLU B 391 14.58 -43.25 0.66
C GLU B 391 13.74 -44.15 1.53
N GLN B 392 14.33 -44.79 2.53
CA GLN B 392 13.57 -45.71 3.40
C GLN B 392 13.96 -45.51 4.85
N GLU B 393 13.10 -46.02 5.72
CA GLU B 393 13.38 -45.98 7.16
C GLU B 393 12.42 -46.93 7.85
N VAL B 394 12.82 -47.40 9.02
CA VAL B 394 11.91 -48.11 9.94
C VAL B 394 11.82 -47.24 11.18
N SER B 395 10.68 -46.60 11.35
CA SER B 395 10.52 -45.59 12.41
C SER B 395 9.28 -45.89 13.24
N SER B 396 9.22 -45.35 14.44
CA SER B 396 8.21 -45.73 15.43
C SER B 396 8.02 -44.59 16.41
N VAL B 397 6.83 -44.51 16.99
CA VAL B 397 6.49 -43.47 17.99
C VAL B 397 6.77 -44.03 19.39
N GLY B 398 7.89 -44.72 19.59
CA GLY B 398 8.17 -45.43 20.85
C GLY B 398 6.95 -46.23 21.29
N LYS B 399 6.23 -45.77 22.33
CA LYS B 399 5.01 -46.40 22.90
C LYS B 399 3.82 -45.43 22.79
N GLN B 400 2.70 -45.88 22.19
CA GLN B 400 1.44 -45.11 21.99
C GLN B 400 0.85 -44.63 23.32
N ALA B 401 1.45 -45.04 24.46
CA ALA B 401 0.98 -44.73 25.83
C ALA B 401 2.14 -44.20 26.70
N THR B 402 3.22 -43.76 26.04
CA THR B 402 4.45 -43.17 26.64
C THR B 402 4.62 -41.73 26.13
N GLY B 403 5.10 -40.84 27.01
CA GLY B 403 5.39 -39.44 26.66
C GLY B 403 6.81 -39.24 26.16
N THR B 404 7.26 -37.98 26.22
CA THR B 404 8.58 -37.52 25.74
C THR B 404 9.10 -36.51 26.79
N ASP B 405 10.42 -36.23 26.84
CA ASP B 405 10.95 -35.10 27.67
C ASP B 405 10.70 -33.77 26.96
N GLY B 406 10.45 -33.84 25.65
CA GLY B 406 10.01 -32.71 24.80
C GLY B 406 8.50 -32.50 24.82
N LEU B 407 7.88 -32.32 23.66
CA LEU B 407 6.54 -31.68 23.58
C LEU B 407 5.60 -32.47 22.66
N GLY B 408 6.04 -32.89 21.49
CA GLY B 408 5.25 -33.78 20.60
C GLY B 408 5.64 -35.24 20.76
N PRO B 409 5.20 -36.12 19.84
CA PRO B 409 5.69 -37.50 19.79
C PRO B 409 7.14 -37.58 19.27
N THR B 410 7.89 -38.60 19.64
CA THR B 410 9.26 -38.85 19.11
C THR B 410 9.29 -40.11 18.23
N PHE B 411 10.34 -40.30 17.44
CA PHE B 411 10.38 -41.44 16.51
C PHE B 411 11.73 -42.12 16.53
N ASP B 412 11.72 -43.45 16.67
CA ASP B 412 12.92 -44.28 16.40
C ASP B 412 12.92 -44.65 14.93
N THR B 413 13.90 -44.14 14.20
CA THR B 413 13.96 -44.32 12.75
C THR B 413 15.26 -45.02 12.40
N ARG B 414 15.18 -45.86 11.38
CA ARG B 414 16.37 -46.37 10.68
C ARG B 414 16.17 -46.09 9.21
N THR B 415 17.01 -45.22 8.71
CA THR B 415 16.76 -44.57 7.42
C THR B 415 17.96 -44.82 6.56
N VAL B 416 17.74 -44.79 5.28
CA VAL B 416 18.89 -44.77 4.36
C VAL B 416 18.30 -44.27 3.08
N LYS B 417 18.78 -43.12 2.62
CA LYS B 417 18.41 -42.58 1.30
C LYS B 417 19.66 -42.50 0.47
N ASN B 418 19.68 -43.26 -0.60
CA ASN B 418 20.83 -43.29 -1.53
C ASN B 418 20.36 -43.75 -2.88
N ALA B 419 21.16 -43.46 -3.88
CA ALA B 419 21.07 -44.18 -5.15
C ALA B 419 22.16 -45.23 -5.13
N VAL B 420 21.77 -46.42 -5.56
CA VAL B 420 22.64 -47.61 -5.68
C VAL B 420 22.39 -48.18 -7.06
N LEU B 421 23.39 -48.77 -7.68
CA LEU B 421 23.15 -49.47 -8.96
C LEU B 421 23.59 -50.92 -8.84
N VAL B 422 22.61 -51.80 -8.97
CA VAL B 422 22.76 -53.24 -8.64
C VAL B 422 22.32 -54.07 -9.84
N LYS B 423 23.00 -55.20 -10.03
CA LYS B 423 22.73 -56.21 -11.08
C LYS B 423 21.34 -56.81 -10.85
N SER B 424 20.70 -57.25 -11.93
CA SER B 424 19.24 -57.53 -11.97
C SER B 424 18.90 -58.73 -11.08
N GLY B 425 19.87 -59.55 -10.69
CA GLY B 425 19.61 -60.76 -9.89
C GLY B 425 20.09 -60.65 -8.46
N GLU B 426 20.97 -59.68 -8.17
CA GLU B 426 21.90 -59.76 -7.02
C GLU B 426 21.33 -59.03 -5.79
N THR B 427 21.57 -59.59 -4.62
CA THR B 427 21.15 -59.01 -3.32
C THR B 427 22.36 -58.28 -2.72
N VAL B 428 22.21 -57.02 -2.35
CA VAL B 428 23.40 -56.19 -2.01
C VAL B 428 23.18 -55.37 -0.76
N VAL B 429 24.27 -54.76 -0.33
CA VAL B 429 24.27 -53.86 0.85
C VAL B 429 23.98 -52.45 0.38
N LEU B 430 22.93 -51.83 0.90
CA LEU B 430 22.64 -50.38 0.72
C LEU B 430 23.53 -49.61 1.66
N GLY B 431 23.56 -50.09 2.91
CA GLY B 431 24.20 -49.41 4.06
C GLY B 431 24.10 -50.27 5.30
N GLY B 432 24.36 -49.67 6.44
CA GLY B 432 24.36 -50.43 7.70
C GLY B 432 25.08 -49.66 8.79
N LEU B 433 24.76 -50.01 10.03
CA LEU B 433 25.37 -49.43 11.24
C LEU B 433 25.62 -50.57 12.21
N MET B 434 26.88 -50.74 12.57
CA MET B 434 27.33 -51.71 13.60
C MET B 434 27.82 -50.90 14.79
N ASP B 435 27.05 -50.90 15.86
CA ASP B 435 27.22 -49.96 17.00
C ASP B 435 27.49 -50.81 18.23
N GLU B 436 28.48 -50.45 19.01
CA GLU B 436 28.89 -51.22 20.20
C GLU B 436 29.15 -50.25 21.34
N GLN B 437 28.54 -50.53 22.49
CA GLN B 437 28.58 -49.64 23.67
C GLN B 437 28.91 -50.45 24.91
N THR B 438 29.78 -49.94 25.76
CA THR B 438 30.15 -50.61 27.02
C THR B 438 30.44 -49.55 28.08
N LYS B 439 29.58 -49.45 29.08
CA LYS B 439 29.77 -48.52 30.22
C LYS B 439 30.11 -49.36 31.44
N GLU B 440 31.19 -48.99 32.14
CA GLU B 440 31.64 -49.66 33.38
C GLU B 440 31.71 -48.63 34.50
N GLU B 441 31.13 -48.96 35.66
CA GLU B 441 31.13 -48.12 36.87
C GLU B 441 31.47 -48.98 38.08
N VAL B 442 32.24 -48.41 39.01
CA VAL B 442 32.46 -48.99 40.36
C VAL B 442 32.35 -47.87 41.39
N SER B 443 31.73 -48.17 42.52
CA SER B 443 31.76 -47.37 43.75
C SER B 443 32.52 -48.18 44.78
N LYS B 444 33.79 -47.92 44.94
CA LYS B 444 34.65 -48.75 45.80
C LYS B 444 35.24 -47.88 46.92
N VAL B 445 35.79 -48.55 47.92
CA VAL B 445 36.57 -47.89 49.00
C VAL B 445 38.01 -47.82 48.50
N PRO B 446 38.63 -46.61 48.54
CA PRO B 446 39.84 -46.30 47.79
C PRO B 446 40.92 -47.39 47.74
N LEU B 447 41.46 -47.74 48.90
CA LEU B 447 42.62 -48.65 48.99
C LEU B 447 42.09 -50.09 48.94
N LEU B 448 41.02 -50.36 49.69
CA LEU B 448 40.52 -51.73 49.94
C LEU B 448 39.89 -52.26 48.65
N GLY B 449 39.24 -51.39 47.89
CA GLY B 449 38.52 -51.78 46.67
C GLY B 449 39.48 -52.31 45.62
N ASP B 450 40.79 -52.09 45.79
CA ASP B 450 41.81 -52.41 44.77
C ASP B 450 42.54 -53.71 45.11
N ILE B 451 42.27 -54.32 46.26
CA ILE B 451 42.81 -55.68 46.59
C ILE B 451 42.29 -56.62 45.49
N PRO B 452 43.17 -57.29 44.69
CA PRO B 452 42.75 -57.88 43.42
C PRO B 452 41.56 -58.84 43.51
N VAL B 453 41.43 -59.63 44.58
CA VAL B 453 40.28 -60.56 44.78
C VAL B 453 39.38 -60.06 45.91
N LEU B 454 39.86 -59.96 47.15
CA LEU B 454 39.04 -59.48 48.31
C LEU B 454 38.34 -58.16 47.95
N GLY B 455 39.00 -57.32 47.15
CA GLY B 455 38.56 -55.94 46.85
C GLY B 455 37.15 -55.89 46.32
N TYR B 456 36.65 -56.97 45.69
CA TYR B 456 35.30 -57.03 45.10
C TYR B 456 34.27 -56.99 46.23
N LEU B 457 34.70 -57.18 47.47
CA LEU B 457 33.79 -57.10 48.62
C LEU B 457 33.53 -55.63 48.98
N PHE B 458 34.47 -54.74 48.66
CA PHE B 458 34.31 -53.29 48.96
C PHE B 458 33.60 -52.60 47.80
N ARG B 459 33.80 -53.09 46.57
CA ARG B 459 33.31 -52.40 45.33
C ARG B 459 31.87 -52.85 45.04
N SER B 460 31.04 -51.89 44.61
CA SER B 460 29.70 -52.14 44.03
C SER B 460 29.81 -51.83 42.53
N THR B 461 30.03 -52.86 41.74
CA THR B 461 30.29 -52.60 40.31
C THR B 461 28.94 -52.60 39.59
N SER B 462 28.80 -51.72 38.59
CA SER B 462 27.69 -51.73 37.62
C SER B 462 28.28 -51.71 36.20
N ASN B 463 28.12 -52.81 35.46
CA ASN B 463 28.64 -52.92 34.07
C ASN B 463 27.46 -52.92 33.11
N ASN B 464 27.67 -52.49 31.89
CA ASN B 464 26.62 -52.52 30.86
C ASN B 464 27.30 -52.74 29.52
N THR B 465 26.64 -53.46 28.62
CA THR B 465 27.13 -53.66 27.23
C THR B 465 25.95 -53.79 26.30
N SER B 466 26.18 -53.48 25.02
CA SER B 466 25.15 -53.53 23.95
C SER B 466 25.83 -53.74 22.61
N LYS B 467 25.03 -54.18 21.66
CA LYS B 467 25.42 -54.46 20.26
C LYS B 467 24.19 -54.24 19.41
N ARG B 468 24.38 -53.58 18.28
CA ARG B 468 23.34 -53.52 17.24
C ARG B 468 24.07 -53.65 15.91
N ASN B 469 23.72 -54.64 15.11
CA ASN B 469 24.28 -54.77 13.75
C ASN B 469 23.10 -54.68 12.79
N LEU B 470 22.99 -53.56 12.09
CA LEU B 470 21.88 -53.29 11.16
C LEU B 470 22.43 -53.30 9.74
N MET B 471 21.82 -54.08 8.86
CA MET B 471 22.24 -54.21 7.44
C MET B 471 21.00 -54.03 6.56
N VAL B 472 21.08 -53.16 5.57
CA VAL B 472 19.96 -52.90 4.64
C VAL B 472 20.34 -53.44 3.26
N PHE B 473 19.72 -54.54 2.82
CA PHE B 473 20.00 -55.17 1.51
C PHE B 473 18.83 -54.91 0.55
N ILE B 474 19.13 -54.71 -0.74
CA ILE B 474 18.12 -54.46 -1.80
C ILE B 474 18.41 -55.42 -2.95
N ARG B 475 17.42 -56.20 -3.38
CA ARG B 475 17.59 -57.19 -4.47
C ARG B 475 16.61 -56.91 -5.59
N PRO B 476 17.00 -56.10 -6.60
CA PRO B 476 16.12 -55.81 -7.71
C PRO B 476 16.01 -57.05 -8.61
N THR B 477 14.98 -57.04 -9.41
CA THR B 477 14.57 -58.17 -10.27
C THR B 477 13.78 -57.60 -11.42
N ILE B 478 14.26 -57.76 -12.63
CA ILE B 478 13.58 -57.05 -13.76
C ILE B 478 12.75 -58.03 -14.58
N LEU B 479 11.54 -57.56 -14.84
CA LEU B 479 10.49 -58.20 -15.64
C LEU B 479 10.48 -57.54 -17.01
N ARG B 480 10.96 -58.21 -18.05
CA ARG B 480 11.06 -57.64 -19.42
C ARG B 480 9.72 -57.82 -20.14
N ASP B 481 9.06 -58.95 -19.94
CA ASP B 481 7.74 -59.25 -20.54
C ASP B 481 6.81 -59.78 -19.44
N ALA B 482 5.55 -60.06 -19.78
CA ALA B 482 4.49 -60.47 -18.83
C ALA B 482 4.76 -61.87 -18.27
N ASN B 483 5.15 -62.82 -19.13
CA ASN B 483 5.32 -64.25 -18.75
C ASN B 483 6.32 -64.39 -17.59
N VAL B 484 7.30 -63.50 -17.48
CA VAL B 484 8.27 -63.57 -16.33
C VAL B 484 7.60 -63.00 -15.08
N TYR B 485 6.54 -62.21 -15.27
CA TYR B 485 5.90 -61.42 -14.19
C TYR B 485 4.74 -62.24 -13.62
N SER B 486 4.30 -63.27 -14.33
CA SER B 486 3.37 -64.25 -13.74
C SER B 486 4.17 -65.14 -12.79
N GLY B 487 5.22 -65.77 -13.32
CA GLY B 487 6.06 -66.73 -12.57
C GLY B 487 6.60 -66.10 -11.30
N ILE B 488 6.95 -64.82 -11.35
CA ILE B 488 7.50 -64.09 -10.18
C ILE B 488 6.37 -63.84 -9.20
N SER B 489 5.17 -63.53 -9.71
CA SER B 489 3.97 -63.26 -8.88
C SER B 489 3.37 -64.59 -8.43
N SER B 490 3.46 -65.62 -9.26
CA SER B 490 2.87 -66.95 -8.97
C SER B 490 3.62 -67.58 -7.81
N ASN B 491 4.93 -67.35 -7.71
CA ASN B 491 5.76 -67.98 -6.64
C ASN B 491 5.52 -67.27 -5.32
N LYS B 492 5.14 -66.00 -5.35
CA LYS B 492 4.78 -65.25 -4.11
C LYS B 492 3.33 -65.56 -3.78
N TYR B 493 2.49 -65.73 -4.81
CA TYR B 493 1.06 -66.05 -4.62
C TYR B 493 0.94 -67.44 -4.02
N THR B 494 1.79 -68.37 -4.47
CA THR B 494 1.77 -69.77 -4.02
C THR B 494 2.50 -69.89 -2.68
N LEU B 495 3.65 -69.23 -2.52
CA LEU B 495 4.42 -69.32 -1.25
C LEU B 495 3.55 -68.70 -0.14
N PHE B 496 2.68 -67.76 -0.49
CA PHE B 496 1.72 -67.17 0.47
C PHE B 496 0.59 -68.16 0.71
N ARG B 497 0.12 -68.79 -0.36
CA ARG B 497 -0.98 -69.79 -0.29
C ARG B 497 -0.51 -70.98 0.53
N ALA B 498 0.69 -71.47 0.20
CA ALA B 498 1.31 -72.63 0.84
C ALA B 498 1.56 -72.32 2.33
N GLN B 499 1.68 -71.03 2.68
CA GLN B 499 1.92 -70.62 4.08
C GLN B 499 0.58 -70.66 4.82
N GLN B 500 -0.49 -70.24 4.15
CA GLN B 500 -1.85 -70.29 4.73
C GLN B 500 -2.24 -71.75 4.95
N LEU B 501 -1.96 -72.63 3.99
CA LEU B 501 -2.35 -74.06 4.10
C LEU B 501 -1.54 -74.74 5.20
N ASP B 502 -0.32 -74.25 5.45
CA ASP B 502 0.53 -74.75 6.56
C ASP B 502 -0.10 -74.33 7.89
N ALA B 503 -0.64 -73.11 7.97
CA ALA B 503 -1.24 -72.53 9.19
C ALA B 503 -2.57 -73.22 9.48
N VAL B 504 -3.26 -73.70 8.46
CA VAL B 504 -4.52 -74.47 8.62
C VAL B 504 -4.19 -75.81 9.29
N ALA B 505 -3.07 -76.45 8.90
CA ALA B 505 -2.69 -77.80 9.38
C ALA B 505 -2.09 -77.73 10.81
N GLN B 506 -1.94 -76.53 11.39
CA GLN B 506 -1.67 -76.34 12.85
C GLN B 506 -2.99 -75.99 13.56
N GLU B 507 -3.78 -75.09 12.98
CA GLU B 507 -5.10 -74.68 13.53
C GLU B 507 -6.02 -75.90 13.55
N GLY B 508 -5.93 -76.77 12.54
CA GLY B 508 -6.69 -78.04 12.49
C GLY B 508 -6.30 -78.93 13.64
N TYR B 509 -5.01 -78.95 13.96
CA TYR B 509 -4.43 -79.75 15.08
C TYR B 509 -4.96 -79.20 16.40
N ALA B 510 -4.93 -77.87 16.57
CA ALA B 510 -5.32 -77.17 17.82
C ALA B 510 -6.84 -77.20 18.01
N THR B 511 -7.61 -77.22 16.93
CA THR B 511 -9.11 -77.21 16.93
C THR B 511 -9.63 -75.86 17.47
N SER B 512 -10.87 -75.52 17.10
CA SER B 512 -11.64 -74.36 17.61
C SER B 512 -11.04 -73.02 17.17
N PRO B 513 -10.30 -72.92 16.04
CA PRO B 513 -9.98 -71.63 15.42
C PRO B 513 -9.93 -71.66 13.88
N ASP B 514 -10.05 -70.52 13.20
CA ASP B 514 -10.00 -70.54 11.71
C ASP B 514 -9.02 -69.51 11.11
N ARG B 515 -8.09 -70.02 10.32
CA ARG B 515 -7.27 -69.24 9.36
C ARG B 515 -7.80 -69.57 7.97
N GLN B 516 -8.26 -68.59 7.20
CA GLN B 516 -8.92 -68.91 5.91
C GLN B 516 -8.01 -68.58 4.74
N VAL B 517 -8.08 -69.44 3.75
CA VAL B 517 -7.02 -69.54 2.72
C VAL B 517 -7.58 -69.08 1.37
N LEU B 518 -6.76 -68.20 0.82
CA LEU B 518 -6.57 -67.86 -0.60
C LEU B 518 -6.67 -69.08 -1.52
N PRO B 519 -7.43 -68.97 -2.63
CA PRO B 519 -7.60 -70.12 -3.51
C PRO B 519 -6.30 -70.42 -4.28
N GLU B 520 -6.43 -71.16 -5.38
CA GLU B 520 -5.29 -71.43 -6.27
C GLU B 520 -5.25 -70.36 -7.36
N TYR B 521 -4.08 -70.18 -7.98
CA TYR B 521 -3.85 -69.11 -8.97
C TYR B 521 -4.82 -69.26 -10.15
N GLY B 522 -5.59 -68.21 -10.41
CA GLY B 522 -6.40 -68.04 -11.63
C GLY B 522 -7.76 -68.69 -11.52
N GLN B 523 -8.17 -69.06 -10.30
CA GLN B 523 -9.45 -69.79 -10.06
C GLN B 523 -10.51 -68.82 -9.50
N ASP B 524 -10.09 -67.68 -8.94
CA ASP B 524 -10.94 -66.78 -8.10
C ASP B 524 -11.80 -67.66 -7.18
N GLY C 1 -41.18 22.25 -91.67
CA GLY C 1 -40.17 22.20 -92.78
C GLY C 1 -39.08 23.25 -92.63
N ASP C 2 -39.40 24.51 -92.94
CA ASP C 2 -38.43 25.63 -92.88
C ASP C 2 -38.62 26.39 -91.56
N GLU C 3 -39.43 25.85 -90.65
CA GLU C 3 -39.85 26.55 -89.41
C GLU C 3 -38.64 26.65 -88.47
N MET C 4 -38.15 27.89 -88.26
CA MET C 4 -36.95 28.14 -87.43
C MET C 4 -37.39 28.28 -85.97
N VAL C 5 -37.02 27.30 -85.15
CA VAL C 5 -37.37 27.26 -83.70
C VAL C 5 -36.15 26.76 -82.92
N THR C 6 -36.08 27.13 -81.65
CA THR C 6 -35.04 26.64 -80.71
C THR C 6 -35.67 25.54 -79.85
N ARG C 7 -35.01 24.38 -79.77
CA ARG C 7 -35.43 23.29 -78.85
C ARG C 7 -34.18 22.62 -78.29
N VAL C 8 -34.30 22.13 -77.06
CA VAL C 8 -33.16 21.82 -76.16
C VAL C 8 -33.35 20.42 -75.57
N VAL C 9 -32.40 19.52 -75.84
CA VAL C 9 -32.37 18.17 -75.24
C VAL C 9 -31.01 18.01 -74.55
N PRO C 10 -30.99 17.65 -73.25
CA PRO C 10 -29.76 17.22 -72.59
C PRO C 10 -29.30 15.84 -73.07
N VAL C 11 -27.99 15.60 -72.99
CA VAL C 11 -27.39 14.23 -72.89
C VAL C 11 -27.03 14.04 -71.42
N ARG C 12 -27.86 13.34 -70.65
CA ARG C 12 -27.67 13.17 -69.18
C ARG C 12 -26.54 12.16 -68.96
N ASN C 13 -26.58 11.04 -69.69
CA ASN C 13 -25.64 9.88 -69.58
C ASN C 13 -24.20 10.35 -69.75
N VAL C 14 -23.94 11.16 -70.78
CA VAL C 14 -22.56 11.60 -71.16
C VAL C 14 -22.53 13.13 -71.11
N SER C 15 -21.35 13.73 -70.96
CA SER C 15 -21.16 15.18 -71.16
C SER C 15 -21.40 15.50 -72.64
N VAL C 16 -22.30 16.44 -72.94
CA VAL C 16 -22.82 16.70 -74.32
C VAL C 16 -21.69 17.23 -75.22
N ARG C 17 -20.53 17.53 -74.62
CA ARG C 17 -19.37 18.21 -75.27
C ARG C 17 -18.96 17.47 -76.55
N GLU C 18 -19.31 16.18 -76.66
CA GLU C 18 -18.82 15.26 -77.73
C GLU C 18 -19.60 15.49 -79.04
N LEU C 19 -20.70 16.27 -79.02
CA LEU C 19 -21.53 16.48 -80.23
C LEU C 19 -21.21 17.83 -80.87
N ALA C 20 -20.19 18.53 -80.37
CA ALA C 20 -19.85 19.90 -80.84
C ALA C 20 -19.39 19.88 -82.29
N PRO C 21 -18.42 19.02 -82.68
CA PRO C 21 -18.12 18.81 -84.11
C PRO C 21 -19.34 18.37 -84.94
N LEU C 22 -20.13 17.45 -84.38
CA LEU C 22 -21.29 16.77 -85.04
C LEU C 22 -22.38 17.81 -85.34
N LEU C 23 -22.81 18.56 -84.35
CA LEU C 23 -24.09 19.30 -84.45
C LEU C 23 -23.88 20.67 -85.07
N ARG C 24 -22.78 21.34 -84.74
CA ARG C 24 -22.36 22.58 -85.45
C ARG C 24 -21.88 22.18 -86.86
N GLN C 25 -21.51 20.90 -87.02
CA GLN C 25 -21.29 20.32 -88.37
C GLN C 25 -22.65 20.19 -89.06
N LEU C 26 -23.74 19.99 -88.31
CA LEU C 26 -25.11 19.88 -88.89
C LEU C 26 -25.65 21.28 -89.21
N ASN C 27 -25.20 22.29 -88.46
CA ASN C 27 -25.28 23.70 -88.93
C ASN C 27 -24.55 23.75 -90.29
N ASP C 28 -23.31 23.25 -90.30
CA ASP C 28 -22.40 23.25 -91.48
C ASP C 28 -22.91 22.25 -92.54
N ASN C 29 -23.95 21.48 -92.25
CA ASN C 29 -24.49 20.44 -93.17
C ASN C 29 -25.30 21.11 -94.29
N ALA C 30 -26.13 22.09 -93.96
CA ALA C 30 -27.07 22.73 -94.94
C ALA C 30 -27.24 24.23 -94.64
N GLY C 31 -28.06 24.90 -95.47
CA GLY C 31 -28.34 26.35 -95.38
C GLY C 31 -28.50 26.80 -93.94
N GLY C 32 -27.68 27.78 -93.54
CA GLY C 32 -27.47 28.23 -92.14
C GLY C 32 -28.68 28.93 -91.54
N GLY C 33 -28.47 29.59 -90.40
CA GLY C 33 -29.52 30.05 -89.48
C GLY C 33 -29.60 29.16 -88.25
N ASN C 34 -28.52 28.43 -87.96
CA ASN C 34 -28.49 27.41 -86.88
C ASN C 34 -27.62 27.91 -85.72
N VAL C 35 -27.95 27.45 -84.50
CA VAL C 35 -27.09 27.56 -83.29
C VAL C 35 -27.11 26.22 -82.56
N VAL C 36 -25.94 25.74 -82.15
CA VAL C 36 -25.81 24.60 -81.21
C VAL C 36 -24.88 25.09 -80.08
N HIS C 37 -25.19 24.75 -78.82
CA HIS C 37 -24.30 25.08 -77.68
C HIS C 37 -24.59 24.18 -76.47
N TYR C 38 -23.70 24.25 -75.47
CA TYR C 38 -23.48 23.19 -74.46
C TYR C 38 -23.38 23.77 -73.06
N ASP C 39 -24.18 23.25 -72.14
CA ASP C 39 -24.09 23.62 -70.72
C ASP C 39 -23.16 22.61 -70.06
N PRO C 40 -22.33 23.03 -69.09
CA PRO C 40 -21.59 22.07 -68.26
C PRO C 40 -22.62 21.20 -67.53
N SER C 41 -23.80 21.78 -67.25
CA SER C 41 -25.00 21.11 -66.68
C SER C 41 -25.49 20.06 -67.67
N ASN C 42 -24.92 20.08 -68.88
CA ASN C 42 -24.96 18.97 -69.87
C ASN C 42 -26.36 18.88 -70.48
N VAL C 43 -26.98 20.04 -70.68
CA VAL C 43 -28.12 20.18 -71.63
C VAL C 43 -27.57 20.73 -72.95
N LEU C 44 -28.14 20.26 -74.06
CA LEU C 44 -27.70 20.66 -75.42
C LEU C 44 -28.79 21.52 -76.05
N LEU C 45 -28.52 22.81 -76.23
CA LEU C 45 -29.53 23.79 -76.69
C LEU C 45 -29.35 24.04 -78.19
N ILE C 46 -30.45 24.01 -78.94
CA ILE C 46 -30.44 24.13 -80.43
C ILE C 46 -31.35 25.28 -80.88
N THR C 47 -31.02 25.83 -82.04
CA THR C 47 -31.83 26.78 -82.84
C THR C 47 -31.70 26.40 -84.32
N GLY C 48 -32.80 26.35 -85.05
CA GLY C 48 -32.75 26.06 -86.50
C GLY C 48 -34.09 25.69 -87.08
N ARG C 49 -34.12 25.54 -88.41
CA ARG C 49 -35.33 25.17 -89.18
C ARG C 49 -35.71 23.72 -88.85
N ALA C 50 -36.97 23.37 -89.12
CA ALA C 50 -37.66 22.18 -88.58
C ALA C 50 -36.91 20.90 -88.92
N ALA C 51 -36.37 20.77 -90.13
CA ALA C 51 -35.69 19.55 -90.62
C ALA C 51 -34.32 19.42 -89.97
N VAL C 52 -33.46 20.44 -90.16
CA VAL C 52 -32.07 20.46 -89.61
C VAL C 52 -32.16 20.11 -88.12
N VAL C 53 -33.17 20.62 -87.43
CA VAL C 53 -33.38 20.37 -85.97
C VAL C 53 -33.99 18.98 -85.79
N ASN C 54 -34.78 18.47 -86.73
CA ASN C 54 -35.30 17.08 -86.68
C ASN C 54 -34.10 16.15 -86.48
N ARG C 55 -33.10 16.23 -87.37
CA ARG C 55 -31.93 15.30 -87.40
C ARG C 55 -30.89 15.73 -86.34
N LEU C 56 -30.90 16.99 -85.92
CA LEU C 56 -30.04 17.49 -84.80
C LEU C 56 -30.51 16.82 -83.51
N VAL C 57 -31.77 17.07 -83.13
CA VAL C 57 -32.39 16.54 -81.89
C VAL C 57 -32.39 15.02 -81.98
N GLU C 58 -32.56 14.45 -83.19
CA GLU C 58 -32.32 13.01 -83.47
C GLU C 58 -30.96 12.64 -82.90
N VAL C 59 -29.90 13.34 -83.30
CA VAL C 59 -28.51 13.08 -82.82
C VAL C 59 -28.52 13.12 -81.29
N VAL C 60 -29.24 14.08 -80.69
CA VAL C 60 -29.06 14.42 -79.26
C VAL C 60 -29.74 13.36 -78.40
N ARG C 61 -31.02 13.09 -78.62
CA ARG C 61 -31.77 12.01 -77.90
C ARG C 61 -31.01 10.71 -78.15
N ARG C 62 -30.51 10.52 -79.37
CA ARG C 62 -29.72 9.33 -79.75
C ARG C 62 -28.54 9.19 -78.78
N VAL C 63 -27.57 10.11 -78.83
CA VAL C 63 -26.39 10.13 -77.92
C VAL C 63 -26.89 10.00 -76.48
N ASP C 64 -28.12 10.47 -76.21
CA ASP C 64 -28.73 10.43 -74.85
C ASP C 64 -29.07 8.98 -74.48
N LYS C 65 -29.70 8.25 -75.40
CA LYS C 65 -30.14 6.84 -75.20
C LYS C 65 -28.99 5.88 -75.53
N ALA C 66 -27.91 6.39 -76.11
CA ALA C 66 -26.75 5.60 -76.57
C ALA C 66 -26.03 5.02 -75.35
N GLY C 67 -25.93 5.83 -74.28
CA GLY C 67 -25.18 5.49 -73.06
C GLY C 67 -26.09 5.42 -71.85
N ASP C 68 -27.01 4.44 -71.80
CA ASP C 68 -28.00 4.29 -70.70
C ASP C 68 -27.27 3.81 -69.44
N GLN C 69 -27.79 4.18 -68.26
CA GLN C 69 -27.19 3.79 -66.96
C GLN C 69 -28.27 3.81 -65.88
N GLU C 70 -29.07 2.75 -65.79
CA GLU C 70 -30.20 2.66 -64.85
C GLU C 70 -29.84 1.67 -63.74
N VAL C 71 -30.66 1.63 -62.68
CA VAL C 71 -30.54 0.64 -61.58
C VAL C 71 -31.73 -0.30 -61.60
N ASP C 72 -31.45 -1.56 -61.26
CA ASP C 72 -32.42 -2.67 -61.05
C ASP C 72 -32.19 -3.30 -59.67
N ILE C 73 -33.28 -3.47 -58.92
CA ILE C 73 -33.24 -4.16 -57.61
C ILE C 73 -34.16 -5.37 -57.67
N ILE C 74 -33.59 -6.55 -57.51
CA ILE C 74 -34.39 -7.78 -57.26
C ILE C 74 -33.81 -8.50 -56.04
N LYS C 75 -34.70 -8.99 -55.18
CA LYS C 75 -34.38 -9.65 -53.89
C LYS C 75 -33.48 -10.87 -54.11
N LEU C 76 -32.46 -11.02 -53.27
CA LEU C 76 -31.73 -12.29 -53.08
C LEU C 76 -32.31 -12.98 -51.84
N LYS C 77 -32.68 -14.24 -51.98
CA LYS C 77 -33.32 -14.99 -50.88
C LYS C 77 -32.25 -15.77 -50.11
N TYR C 78 -31.11 -16.11 -50.73
CA TYR C 78 -30.15 -17.13 -50.20
C TYR C 78 -28.78 -16.50 -49.86
N ALA C 79 -27.73 -16.68 -50.68
CA ALA C 79 -26.34 -16.39 -50.27
C ALA C 79 -26.09 -14.88 -50.14
N SER C 80 -25.22 -14.55 -49.19
CA SER C 80 -25.05 -13.21 -48.57
C SER C 80 -24.73 -12.16 -49.64
N ALA C 81 -25.35 -10.99 -49.51
CA ALA C 81 -25.15 -9.84 -50.43
C ALA C 81 -23.69 -9.38 -50.34
N GLY C 82 -23.10 -9.43 -49.14
CA GLY C 82 -21.68 -9.06 -48.86
C GLY C 82 -20.69 -10.02 -49.51
N GLU C 83 -20.98 -11.32 -49.51
CA GLU C 83 -20.18 -12.32 -50.24
C GLU C 83 -20.40 -12.07 -51.73
N MET C 84 -21.66 -11.84 -52.11
CA MET C 84 -22.06 -11.48 -53.49
C MET C 84 -21.15 -10.31 -53.90
N VAL C 85 -21.00 -9.34 -53.00
CA VAL C 85 -20.20 -8.11 -53.22
C VAL C 85 -18.75 -8.51 -53.45
N ARG C 86 -18.17 -9.26 -52.51
CA ARG C 86 -16.73 -9.62 -52.52
C ARG C 86 -16.37 -10.34 -53.81
N LEU C 87 -17.18 -11.35 -54.16
CA LEU C 87 -16.89 -12.29 -55.27
C LEU C 87 -16.96 -11.51 -56.57
N VAL C 88 -17.95 -10.63 -56.67
CA VAL C 88 -18.17 -9.81 -57.89
C VAL C 88 -17.19 -8.63 -57.89
N THR C 89 -16.76 -8.13 -56.73
CA THR C 89 -15.79 -7.01 -56.68
C THR C 89 -14.53 -7.43 -57.43
N ASN C 90 -14.20 -8.72 -57.37
CA ASN C 90 -12.98 -9.26 -58.05
C ASN C 90 -13.23 -9.29 -59.56
N LEU C 91 -14.48 -9.23 -60.01
CA LEU C 91 -14.88 -8.77 -61.37
C LEU C 91 -14.49 -7.29 -61.53
N ASN C 92 -13.20 -6.97 -61.39
CA ASN C 92 -12.64 -5.63 -61.73
C ASN C 92 -12.90 -5.36 -63.21
N LYS C 93 -13.22 -4.11 -63.55
CA LYS C 93 -13.48 -3.59 -64.94
C LYS C 93 -14.97 -3.70 -65.27
N ASP C 94 -15.77 -4.31 -64.39
CA ASP C 94 -17.22 -4.01 -64.29
C ASP C 94 -17.35 -2.63 -63.62
N GLY C 95 -16.99 -1.58 -64.36
CA GLY C 95 -17.14 -0.14 -63.98
C GLY C 95 -16.13 0.31 -62.94
N ASN C 96 -15.30 -0.62 -62.44
CA ASN C 96 -14.33 -0.40 -61.33
C ASN C 96 -12.93 -0.28 -61.95
N SER C 97 -12.57 0.90 -62.48
CA SER C 97 -11.23 1.17 -63.06
C SER C 97 -10.98 2.67 -63.13
N GLN C 98 -9.73 3.05 -63.44
CA GLN C 98 -9.29 4.47 -63.59
C GLN C 98 -8.85 4.66 -65.05
N GLY C 99 -9.45 3.89 -65.96
CA GLY C 99 -9.15 3.91 -67.42
C GLY C 99 -9.46 5.26 -68.06
N GLY C 100 -8.51 5.81 -68.81
CA GLY C 100 -8.56 7.17 -69.39
C GLY C 100 -9.61 7.32 -70.48
N ASN C 101 -9.21 7.12 -71.76
CA ASN C 101 -10.10 7.23 -72.95
C ASN C 101 -11.18 6.14 -72.89
N THR C 102 -10.95 5.11 -72.07
CA THR C 102 -11.93 4.03 -71.73
C THR C 102 -13.11 4.64 -70.97
N SER C 103 -12.81 5.54 -70.03
CA SER C 103 -13.78 6.26 -69.16
C SER C 103 -14.70 5.25 -68.43
N LEU C 104 -14.11 4.18 -67.88
CA LEU C 104 -14.88 3.01 -67.37
C LEU C 104 -15.58 3.42 -66.08
N LEU C 105 -15.27 4.62 -65.58
CA LEU C 105 -15.97 5.26 -64.42
C LEU C 105 -17.43 5.61 -64.81
N LEU C 106 -17.76 5.56 -66.12
CA LEU C 106 -19.13 5.75 -66.67
C LEU C 106 -19.80 4.40 -66.97
N ALA C 107 -19.13 3.29 -66.71
CA ALA C 107 -19.59 1.92 -67.08
C ALA C 107 -20.27 1.26 -65.89
N PRO C 108 -21.07 0.19 -66.11
CA PRO C 108 -21.84 -0.49 -65.06
C PRO C 108 -21.08 -0.97 -63.80
N LYS C 109 -21.64 -0.72 -62.61
CA LYS C 109 -21.05 -1.10 -61.29
C LYS C 109 -22.05 -1.98 -60.51
N VAL C 110 -21.53 -2.70 -59.50
CA VAL C 110 -22.26 -3.76 -58.73
C VAL C 110 -22.25 -3.42 -57.24
N VAL C 111 -23.35 -3.78 -56.56
CA VAL C 111 -23.60 -3.46 -55.12
C VAL C 111 -24.50 -4.54 -54.52
N ALA C 112 -24.73 -4.42 -53.21
CA ALA C 112 -25.79 -5.15 -52.48
C ALA C 112 -26.16 -4.50 -51.14
N ASP C 113 -27.37 -4.80 -50.68
CA ASP C 113 -27.97 -4.48 -49.36
C ASP C 113 -28.09 -5.78 -48.57
N GLU C 114 -27.75 -5.76 -47.29
CA GLU C 114 -27.85 -6.95 -46.42
C GLU C 114 -29.07 -6.81 -45.50
N ARG C 115 -29.82 -5.70 -45.54
CA ARG C 115 -31.09 -5.54 -44.77
C ARG C 115 -32.24 -6.28 -45.47
N THR C 116 -32.36 -6.14 -46.80
CA THR C 116 -33.38 -6.85 -47.63
C THR C 116 -32.73 -8.05 -48.33
N ASN C 117 -31.39 -8.15 -48.24
CA ASN C 117 -30.49 -8.96 -49.11
C ASN C 117 -30.87 -8.73 -50.57
N SER C 118 -30.55 -7.55 -51.08
CA SER C 118 -30.90 -7.14 -52.45
C SER C 118 -29.64 -6.87 -53.27
N VAL C 119 -29.57 -7.40 -54.48
CA VAL C 119 -28.51 -6.95 -55.41
C VAL C 119 -28.91 -5.58 -55.91
N VAL C 120 -27.89 -4.77 -56.07
CA VAL C 120 -28.03 -3.42 -56.66
C VAL C 120 -27.08 -3.38 -57.85
N VAL C 121 -27.61 -3.00 -59.00
CA VAL C 121 -26.81 -2.73 -60.22
C VAL C 121 -26.88 -1.22 -60.48
N SER C 122 -25.84 -0.64 -61.06
CA SER C 122 -25.90 0.73 -61.62
C SER C 122 -25.25 0.73 -63.01
N GLY C 123 -26.05 0.69 -64.10
CA GLY C 123 -25.45 0.74 -65.45
C GLY C 123 -26.38 0.33 -66.58
N GLU C 124 -25.75 -0.08 -67.69
CA GLU C 124 -26.30 -0.58 -68.99
C GLU C 124 -27.48 -1.54 -68.82
N PRO C 125 -28.36 -1.67 -69.83
CA PRO C 125 -29.27 -2.82 -69.89
C PRO C 125 -28.60 -4.17 -70.26
N LYS C 126 -27.43 -4.14 -70.89
CA LYS C 126 -26.59 -5.35 -71.05
C LYS C 126 -26.13 -5.78 -69.64
N ALA C 127 -25.90 -4.83 -68.73
CA ALA C 127 -25.56 -5.11 -67.31
C ALA C 127 -26.80 -5.62 -66.57
N ARG C 128 -27.99 -5.03 -66.80
CA ARG C 128 -29.28 -5.58 -66.28
C ARG C 128 -29.40 -7.03 -66.73
N ALA C 129 -29.20 -7.28 -68.03
CA ALA C 129 -29.33 -8.62 -68.66
C ALA C 129 -28.34 -9.59 -68.00
N ARG C 130 -27.05 -9.25 -67.89
CA ARG C 130 -25.98 -10.18 -67.44
C ARG C 130 -25.89 -10.19 -65.91
N ILE C 131 -26.34 -9.16 -65.19
CA ILE C 131 -26.22 -9.20 -63.70
C ILE C 131 -27.50 -9.76 -63.08
N ILE C 132 -28.62 -9.76 -63.80
CA ILE C 132 -29.79 -10.59 -63.36
C ILE C 132 -29.40 -12.06 -63.51
N GLN C 133 -28.52 -12.42 -64.46
CA GLN C 133 -27.92 -13.77 -64.58
C GLN C 133 -27.03 -14.03 -63.35
N MET C 134 -26.21 -13.06 -62.96
CA MET C 134 -25.25 -13.23 -61.83
C MET C 134 -26.00 -13.26 -60.48
N VAL C 135 -27.12 -12.54 -60.36
CA VAL C 135 -28.10 -12.65 -59.24
C VAL C 135 -28.50 -14.11 -59.11
N ARG C 136 -28.91 -14.74 -60.22
CA ARG C 136 -29.48 -16.10 -60.28
C ARG C 136 -28.36 -17.13 -60.03
N GLN C 137 -27.15 -16.83 -60.52
CA GLN C 137 -25.99 -17.76 -60.42
C GLN C 137 -25.66 -18.05 -58.95
N LEU C 138 -25.77 -17.05 -58.07
CA LEU C 138 -25.26 -17.13 -56.67
C LEU C 138 -26.40 -17.07 -55.66
N ASP C 139 -27.65 -17.00 -56.14
CA ASP C 139 -28.87 -17.03 -55.31
C ASP C 139 -29.20 -18.49 -55.00
N ARG C 140 -28.25 -19.40 -55.27
CA ARG C 140 -28.41 -20.82 -54.92
C ARG C 140 -28.35 -20.96 -53.38
N GLU C 141 -29.21 -21.84 -52.87
CA GLU C 141 -29.33 -22.20 -51.44
C GLU C 141 -28.27 -23.26 -51.10
N LEU C 142 -28.17 -23.66 -49.84
CA LEU C 142 -27.28 -24.78 -49.46
C LEU C 142 -27.98 -26.09 -49.76
N GLN C 143 -27.21 -27.14 -50.05
CA GLN C 143 -27.75 -28.51 -50.28
C GLN C 143 -27.43 -29.34 -49.03
N SER C 144 -28.40 -29.48 -48.12
CA SER C 144 -28.29 -30.28 -46.87
C SER C 144 -27.02 -29.87 -46.10
N GLN C 145 -25.88 -30.50 -46.41
CA GLN C 145 -24.56 -30.22 -45.80
C GLN C 145 -24.33 -28.70 -45.82
N GLY C 146 -24.11 -28.10 -44.66
CA GLY C 146 -23.88 -26.64 -44.52
C GLY C 146 -22.42 -26.30 -44.32
N ASN C 147 -22.15 -25.05 -43.95
CA ASN C 147 -20.82 -24.60 -43.46
C ASN C 147 -20.65 -25.18 -42.04
N THR C 148 -21.66 -25.10 -41.20
CA THR C 148 -21.59 -25.63 -39.82
C THR C 148 -22.37 -26.92 -39.66
N ARG C 149 -21.73 -27.88 -39.00
CA ARG C 149 -22.32 -29.19 -38.64
C ARG C 149 -22.45 -29.28 -37.12
N VAL C 150 -23.36 -30.12 -36.65
CA VAL C 150 -23.36 -30.52 -35.23
C VAL C 150 -23.17 -32.03 -35.16
N PHE C 151 -22.08 -32.45 -34.53
CA PHE C 151 -21.80 -33.87 -34.20
C PHE C 151 -22.42 -34.23 -32.85
N TYR C 152 -23.28 -35.22 -32.89
CA TYR C 152 -23.77 -35.92 -31.69
C TYR C 152 -22.69 -36.92 -31.29
N LEU C 153 -21.95 -36.63 -30.24
CA LEU C 153 -20.96 -37.61 -29.75
C LEU C 153 -21.69 -38.65 -28.91
N LYS C 154 -21.30 -39.92 -29.05
CA LYS C 154 -21.96 -41.01 -28.29
C LYS C 154 -21.18 -41.38 -27.02
N TYR C 155 -19.87 -41.69 -27.09
CA TYR C 155 -19.07 -42.18 -25.94
C TYR C 155 -18.17 -41.07 -25.39
N GLY C 156 -17.99 -39.99 -26.17
CA GLY C 156 -17.19 -38.81 -25.81
C GLY C 156 -18.05 -37.67 -25.27
N LYS C 157 -17.51 -36.86 -24.37
CA LYS C 157 -18.23 -35.74 -23.70
C LYS C 157 -17.91 -34.42 -24.41
N ALA C 158 -18.94 -33.67 -24.80
CA ALA C 158 -18.78 -32.53 -25.73
C ALA C 158 -17.86 -31.47 -25.11
N LYS C 159 -17.99 -31.20 -23.81
CA LYS C 159 -17.27 -30.09 -23.14
C LYS C 159 -15.76 -30.41 -23.14
N ASP C 160 -15.45 -31.68 -22.89
CA ASP C 160 -14.05 -32.17 -22.79
C ASP C 160 -13.46 -32.17 -24.20
N MET C 161 -14.26 -32.60 -25.20
CA MET C 161 -13.83 -32.71 -26.61
C MET C 161 -13.51 -31.33 -27.17
N VAL C 162 -14.25 -30.30 -26.74
CA VAL C 162 -14.06 -28.91 -27.26
C VAL C 162 -12.58 -28.57 -27.07
N GLU C 163 -12.05 -28.81 -25.87
CA GLU C 163 -10.68 -28.41 -25.52
C GLU C 163 -9.71 -29.15 -26.41
N VAL C 164 -9.98 -30.43 -26.61
CA VAL C 164 -9.13 -31.31 -27.47
C VAL C 164 -9.07 -30.71 -28.86
N LEU C 165 -10.23 -30.37 -29.38
CA LEU C 165 -10.36 -29.94 -30.80
C LEU C 165 -9.81 -28.51 -30.92
N LYS C 166 -9.86 -27.74 -29.84
CA LYS C 166 -9.40 -26.33 -29.84
C LYS C 166 -7.95 -26.29 -30.27
N GLY C 167 -7.15 -27.24 -29.78
CA GLY C 167 -5.76 -27.40 -30.23
C GLY C 167 -5.72 -27.54 -31.74
N VAL C 168 -6.56 -28.40 -32.31
CA VAL C 168 -6.49 -28.76 -33.75
C VAL C 168 -6.81 -27.51 -34.56
N SER C 169 -7.82 -26.78 -34.12
CA SER C 169 -8.28 -25.49 -34.68
C SER C 169 -7.17 -24.45 -34.51
N SER C 170 -6.58 -24.41 -33.31
CA SER C 170 -5.58 -23.41 -32.87
C SER C 170 -4.19 -23.79 -33.41
N LEU C 196 -11.09 -21.57 -37.20
CA LEU C 196 -11.97 -22.72 -36.87
C LEU C 196 -12.50 -22.54 -35.45
N ALA C 197 -13.82 -22.66 -35.29
CA ALA C 197 -14.59 -22.06 -34.18
C ALA C 197 -15.55 -23.09 -33.56
N ILE C 198 -15.39 -23.38 -32.27
CA ILE C 198 -16.07 -24.53 -31.64
C ILE C 198 -16.78 -24.05 -30.39
N SER C 199 -17.92 -24.69 -30.07
CA SER C 199 -18.56 -24.71 -28.73
C SER C 199 -19.23 -26.07 -28.53
N ALA C 200 -19.32 -26.49 -27.28
CA ALA C 200 -20.06 -27.71 -26.93
C ALA C 200 -21.27 -27.34 -26.06
N ASP C 201 -22.44 -27.83 -26.45
CA ASP C 201 -23.71 -27.67 -25.71
C ASP C 201 -23.76 -28.72 -24.61
N GLU C 202 -23.76 -28.26 -23.36
CA GLU C 202 -23.66 -29.14 -22.18
C GLU C 202 -24.89 -30.04 -22.16
N THR C 203 -26.03 -29.58 -22.69
CA THR C 203 -27.34 -30.26 -22.53
C THR C 203 -27.39 -31.49 -23.44
N THR C 204 -27.44 -31.28 -24.76
CA THR C 204 -27.54 -32.39 -25.73
C THR C 204 -26.16 -33.05 -25.89
N ASN C 205 -25.13 -32.53 -25.22
CA ASN C 205 -23.76 -33.08 -25.26
C ASN C 205 -23.34 -33.21 -26.73
N ALA C 206 -23.49 -32.14 -27.49
CA ALA C 206 -23.13 -32.09 -28.92
C ALA C 206 -22.06 -31.02 -29.12
N LEU C 207 -21.26 -31.16 -30.17
CA LEU C 207 -20.17 -30.23 -30.52
C LEU C 207 -20.58 -29.46 -31.78
N VAL C 208 -20.60 -28.13 -31.69
CA VAL C 208 -20.93 -27.25 -32.85
C VAL C 208 -19.64 -26.58 -33.34
N ILE C 209 -19.09 -27.08 -34.44
CA ILE C 209 -17.86 -26.53 -35.06
C ILE C 209 -18.24 -25.87 -36.39
N THR C 210 -17.48 -24.85 -36.80
CA THR C 210 -17.68 -24.12 -38.07
C THR C 210 -16.34 -23.88 -38.74
N ALA C 211 -15.95 -24.73 -39.68
CA ALA C 211 -14.71 -24.61 -40.47
C ALA C 211 -15.01 -24.89 -41.94
N GLN C 212 -14.01 -24.72 -42.81
CA GLN C 212 -14.13 -24.99 -44.27
C GLN C 212 -14.55 -26.44 -44.42
N PRO C 213 -15.23 -26.79 -45.52
CA PRO C 213 -15.65 -28.17 -45.75
C PRO C 213 -14.44 -29.11 -45.77
N ASP C 214 -13.25 -28.60 -46.14
CA ASP C 214 -11.98 -29.39 -46.09
C ASP C 214 -11.67 -29.76 -44.64
N VAL C 215 -11.86 -28.82 -43.71
CA VAL C 215 -11.54 -29.01 -42.27
C VAL C 215 -12.70 -29.81 -41.65
N MET C 216 -13.92 -29.61 -42.14
CA MET C 216 -15.12 -30.32 -41.63
C MET C 216 -14.90 -31.83 -41.79
N ALA C 217 -14.41 -32.25 -42.96
CA ALA C 217 -14.13 -33.67 -43.26
C ALA C 217 -12.94 -34.14 -42.43
N GLU C 218 -11.97 -33.26 -42.14
CA GLU C 218 -10.79 -33.58 -41.31
C GLU C 218 -11.22 -33.71 -39.85
N LEU C 219 -12.06 -32.79 -39.36
CA LEU C 219 -12.58 -32.80 -37.98
C LEU C 219 -13.48 -34.02 -37.81
N GLU C 220 -14.14 -34.43 -38.89
CA GLU C 220 -15.10 -35.57 -38.88
C GLU C 220 -14.33 -36.88 -38.65
N GLN C 221 -13.08 -37.00 -39.11
CA GLN C 221 -12.25 -38.20 -38.86
C GLN C 221 -11.69 -38.14 -37.43
N VAL C 222 -11.29 -36.94 -37.01
CA VAL C 222 -10.70 -36.71 -35.67
C VAL C 222 -11.73 -37.14 -34.63
N VAL C 223 -12.95 -36.68 -34.84
CA VAL C 223 -14.09 -36.92 -33.92
C VAL C 223 -14.36 -38.42 -33.89
N ALA C 224 -14.44 -39.05 -35.06
CA ALA C 224 -14.80 -40.48 -35.17
C ALA C 224 -13.74 -41.31 -34.44
N LYS C 225 -12.47 -40.91 -34.51
CA LYS C 225 -11.39 -41.67 -33.84
C LYS C 225 -11.47 -41.41 -32.34
N LEU C 226 -11.89 -40.20 -31.97
CA LEU C 226 -11.76 -39.64 -30.61
C LEU C 226 -12.99 -40.03 -29.79
N ASP C 227 -14.03 -40.50 -30.48
CA ASP C 227 -15.33 -40.89 -29.88
C ASP C 227 -15.42 -42.41 -29.83
N ILE C 228 -14.30 -43.10 -30.00
CA ILE C 228 -14.26 -44.59 -29.95
C ILE C 228 -14.74 -45.06 -28.57
N ARG C 229 -15.59 -46.08 -28.56
CA ARG C 229 -16.12 -46.69 -27.31
C ARG C 229 -14.95 -47.05 -26.39
N ARG C 230 -14.71 -46.25 -25.36
CA ARG C 230 -13.62 -46.47 -24.38
C ARG C 230 -13.91 -47.74 -23.60
N ALA C 231 -12.95 -48.67 -23.58
CA ALA C 231 -13.10 -49.99 -22.96
C ALA C 231 -13.10 -49.85 -21.44
N GLN C 232 -13.76 -50.79 -20.78
CA GLN C 232 -13.93 -50.83 -19.31
C GLN C 232 -13.00 -51.87 -18.71
N VAL C 233 -12.57 -51.62 -17.48
CA VAL C 233 -11.62 -52.52 -16.77
C VAL C 233 -12.20 -52.86 -15.41
N LEU C 234 -12.34 -54.15 -15.13
CA LEU C 234 -12.65 -54.66 -13.77
C LEU C 234 -11.34 -54.92 -13.06
N VAL C 235 -11.09 -54.21 -11.97
CA VAL C 235 -9.81 -54.30 -11.22
C VAL C 235 -10.10 -54.89 -9.85
N GLU C 236 -9.72 -56.15 -9.63
CA GLU C 236 -9.76 -56.76 -8.28
C GLU C 236 -8.38 -56.62 -7.65
N ALA C 237 -8.32 -56.03 -6.46
CA ALA C 237 -7.13 -56.07 -5.61
C ALA C 237 -7.35 -57.14 -4.55
N ILE C 238 -6.28 -57.76 -4.11
CA ILE C 238 -6.35 -58.78 -3.03
C ILE C 238 -5.29 -58.40 -2.00
N ILE C 239 -5.73 -57.97 -0.84
CA ILE C 239 -4.82 -57.63 0.28
C ILE C 239 -4.91 -58.72 1.32
N VAL C 240 -3.86 -59.49 1.46
CA VAL C 240 -3.82 -60.58 2.46
C VAL C 240 -2.73 -60.23 3.46
N GLU C 241 -3.09 -60.20 4.72
CA GLU C 241 -2.10 -60.03 5.80
C GLU C 241 -2.29 -61.13 6.81
N ILE C 242 -1.19 -61.58 7.40
CA ILE C 242 -1.22 -62.60 8.47
C ILE C 242 -0.21 -62.21 9.54
N ALA C 243 -0.64 -62.28 10.80
CA ALA C 243 0.07 -61.74 11.98
C ALA C 243 -0.10 -62.70 13.16
N ASP C 244 0.90 -62.75 14.02
CA ASP C 244 0.93 -63.59 15.24
C ASP C 244 2.24 -63.30 15.95
N GLY C 245 2.51 -63.99 17.03
CA GLY C 245 3.82 -63.94 17.68
C GLY C 245 3.68 -64.48 19.08
N ASP C 246 4.78 -64.83 19.72
CA ASP C 246 4.73 -65.48 21.05
C ASP C 246 5.65 -64.74 22.01
N GLY C 247 5.01 -64.11 23.00
CA GLY C 247 5.62 -63.70 24.27
C GLY C 247 5.70 -64.88 25.22
N LEU C 248 6.66 -64.82 26.13
CA LEU C 248 6.95 -65.83 27.15
C LEU C 248 7.51 -65.02 28.30
N ASN C 249 6.91 -65.03 29.48
CA ASN C 249 7.62 -64.47 30.66
C ASN C 249 7.56 -65.48 31.80
N LEU C 250 8.69 -66.13 32.03
CA LEU C 250 8.86 -67.04 33.17
C LEU C 250 10.12 -66.62 33.93
N GLY C 251 9.98 -66.61 35.26
CA GLY C 251 10.89 -65.97 36.20
C GLY C 251 10.65 -66.48 37.59
N VAL C 252 11.70 -66.71 38.35
CA VAL C 252 11.55 -67.39 39.66
C VAL C 252 12.26 -66.54 40.71
N GLN C 253 11.57 -66.25 41.81
CA GLN C 253 12.09 -65.38 42.88
C GLN C 253 12.10 -66.20 44.18
N TRP C 254 13.21 -66.16 44.90
CA TRP C 254 13.39 -66.86 46.20
C TRP C 254 13.70 -65.82 47.26
N ALA C 255 12.86 -65.68 48.28
CA ALA C 255 13.09 -64.70 49.37
C ALA C 255 13.22 -65.47 50.69
N ASN C 256 14.33 -65.23 51.42
CA ASN C 256 14.60 -65.93 52.69
C ASN C 256 14.88 -64.89 53.78
N THR C 257 14.16 -64.95 54.88
CA THR C 257 14.31 -63.95 55.95
C THR C 257 15.78 -63.94 56.38
N ASN C 258 16.37 -65.12 56.61
CA ASN C 258 17.71 -65.25 57.24
C ASN C 258 18.82 -64.89 56.24
N GLY C 259 18.71 -65.38 55.00
CA GLY C 259 19.79 -65.43 54.01
C GLY C 259 19.77 -64.28 53.02
N GLY C 260 18.60 -63.97 52.44
CA GLY C 260 18.45 -62.91 51.42
C GLY C 260 17.33 -63.22 50.44
N GLY C 261 16.93 -62.21 49.65
CA GLY C 261 15.83 -62.31 48.66
C GLY C 261 16.31 -61.87 47.27
N THR C 262 15.66 -62.35 46.22
CA THR C 262 15.97 -62.05 44.79
C THR C 262 14.69 -61.56 44.10
N GLN C 263 14.55 -60.24 43.92
CA GLN C 263 13.34 -59.63 43.31
C GLN C 263 13.70 -59.12 41.92
N PHE C 264 12.79 -59.33 40.96
CA PHE C 264 12.96 -58.98 39.53
C PHE C 264 11.73 -58.16 39.05
N THR C 265 11.71 -57.80 37.75
CA THR C 265 10.74 -56.85 37.13
C THR C 265 10.08 -57.42 35.87
N ASN C 266 10.81 -58.12 35.01
CA ASN C 266 10.27 -58.77 33.77
C ASN C 266 8.95 -59.47 34.12
N ALA C 267 8.86 -59.93 35.38
CA ALA C 267 7.69 -60.62 35.98
C ALA C 267 6.51 -59.64 36.04
N GLY C 268 5.29 -60.17 35.92
CA GLY C 268 4.03 -59.43 36.13
C GLY C 268 4.10 -58.49 37.34
N PRO C 269 4.12 -59.02 38.60
CA PRO C 269 4.25 -58.20 39.81
C PRO C 269 5.45 -58.49 40.72
N GLY C 270 5.78 -57.53 41.59
CA GLY C 270 6.88 -57.60 42.56
C GLY C 270 6.41 -58.07 43.92
N ILE C 271 7.18 -58.98 44.54
CA ILE C 271 6.84 -59.62 45.84
C ILE C 271 6.47 -58.53 46.86
N GLY C 272 7.06 -57.33 46.72
CA GLY C 272 6.82 -56.19 47.62
C GLY C 272 5.34 -55.86 47.73
N SER C 273 4.72 -55.46 46.61
CA SER C 273 3.31 -55.00 46.56
C SER C 273 2.40 -56.14 47.05
N VAL C 274 2.78 -57.38 46.75
CA VAL C 274 1.97 -58.58 47.08
C VAL C 274 1.95 -58.76 48.61
N ALA C 275 3.12 -58.80 49.23
CA ALA C 275 3.30 -59.03 50.69
C ALA C 275 2.61 -57.89 51.44
N ILE C 276 2.89 -56.65 51.03
CA ILE C 276 2.31 -55.46 51.70
C ILE C 276 0.78 -55.55 51.63
N ALA C 277 0.25 -55.91 50.46
CA ALA C 277 -1.20 -56.00 50.22
C ALA C 277 -1.80 -57.06 51.14
N ALA C 278 -1.16 -58.22 51.24
CA ALA C 278 -1.64 -59.35 52.07
C ALA C 278 -1.66 -58.93 53.54
N LYS C 279 -0.69 -58.10 53.95
CA LYS C 279 -0.57 -57.63 55.35
C LYS C 279 -1.52 -56.44 55.57
N ASP C 280 -1.94 -55.80 54.47
CA ASP C 280 -2.88 -54.64 54.51
C ASP C 280 -4.32 -55.14 54.37
N TYR C 281 -4.50 -56.37 53.87
CA TYR C 281 -5.82 -57.03 53.69
C TYR C 281 -6.25 -57.76 54.98
N LYS C 282 -5.34 -57.83 55.96
CA LYS C 282 -5.57 -58.50 57.25
C LYS C 282 -6.50 -57.64 58.13
N ASP C 283 -7.24 -58.30 59.04
CA ASP C 283 -8.26 -57.68 59.95
C ASP C 283 -9.24 -56.83 59.13
N ASN C 284 -9.75 -57.39 58.02
CA ASN C 284 -10.70 -56.73 57.09
C ASN C 284 -10.16 -55.34 56.68
N GLY C 285 -9.02 -55.30 55.99
CA GLY C 285 -8.36 -54.06 55.51
C GLY C 285 -8.87 -53.64 54.13
N THR C 286 -8.07 -52.88 53.37
CA THR C 286 -8.39 -52.40 51.99
C THR C 286 -8.04 -53.49 50.96
N THR C 287 -8.43 -53.25 49.71
CA THR C 287 -8.19 -54.16 48.56
C THR C 287 -7.79 -53.35 47.32
N THR C 288 -7.95 -52.02 47.38
CA THR C 288 -7.60 -51.07 46.28
C THR C 288 -6.15 -51.34 45.87
N GLY C 289 -5.22 -51.07 46.78
CA GLY C 289 -3.78 -51.31 46.58
C GLY C 289 -3.54 -52.62 45.84
N LEU C 290 -3.98 -53.73 46.42
CA LEU C 290 -3.64 -55.06 45.85
C LEU C 290 -4.44 -55.31 44.59
N ALA C 291 -5.69 -54.87 44.53
CA ALA C 291 -6.56 -55.11 43.37
C ALA C 291 -5.97 -54.38 42.14
N LYS C 292 -5.11 -53.38 42.35
CA LYS C 292 -4.57 -52.55 41.25
C LYS C 292 -3.32 -53.24 40.68
N LEU C 293 -2.54 -53.90 41.53
CA LEU C 293 -1.41 -54.76 41.10
C LEU C 293 -1.95 -55.85 40.17
N ALA C 294 -2.92 -56.61 40.64
CA ALA C 294 -3.39 -57.85 39.99
C ALA C 294 -4.29 -57.52 38.79
N GLU C 295 -4.40 -56.23 38.43
CA GLU C 295 -5.30 -55.77 37.33
C GLU C 295 -4.89 -56.39 35.98
N ASN C 296 -3.63 -56.26 35.56
CA ASN C 296 -3.22 -56.71 34.20
C ASN C 296 -2.46 -58.03 34.26
N PHE C 297 -2.24 -58.60 35.45
CA PHE C 297 -1.37 -59.80 35.59
C PHE C 297 -1.93 -60.94 34.74
N ASN C 298 -1.05 -61.72 34.12
CA ASN C 298 -1.42 -62.90 33.30
C ASN C 298 -0.34 -63.97 33.39
N GLY C 299 -0.67 -65.08 34.07
CA GLY C 299 0.15 -66.32 34.09
C GLY C 299 -0.11 -67.17 35.32
N MET C 300 0.87 -67.97 35.68
CA MET C 300 0.83 -68.91 36.82
C MET C 300 1.86 -68.45 37.85
N ALA C 301 1.40 -67.74 38.90
CA ALA C 301 2.22 -67.36 40.06
C ALA C 301 2.08 -68.46 41.12
N ALA C 302 3.13 -69.28 41.29
CA ALA C 302 3.09 -70.45 42.19
C ALA C 302 4.09 -70.25 43.34
N GLY C 303 3.57 -69.99 44.54
CA GLY C 303 4.34 -69.85 45.80
C GLY C 303 4.54 -71.17 46.49
N PHE C 304 5.64 -71.31 47.25
CA PHE C 304 5.99 -72.54 48.00
C PHE C 304 6.82 -72.14 49.23
N TYR C 305 6.46 -72.66 50.41
CA TYR C 305 7.23 -72.53 51.68
C TYR C 305 7.76 -73.89 52.12
N GLN C 306 9.08 -74.12 52.01
CA GLN C 306 9.74 -75.26 52.66
C GLN C 306 10.63 -74.71 53.77
N GLY C 307 10.21 -74.98 55.00
CA GLY C 307 10.68 -74.27 56.20
C GLY C 307 10.66 -72.77 55.98
N ASN C 308 11.85 -72.16 55.90
CA ASN C 308 12.05 -70.69 56.02
C ASN C 308 12.25 -70.05 54.63
N TRP C 309 12.67 -70.80 53.61
CA TRP C 309 12.85 -70.19 52.26
C TRP C 309 11.51 -70.14 51.52
N ALA C 310 11.04 -68.92 51.24
CA ALA C 310 9.86 -68.66 50.38
C ALA C 310 10.31 -68.60 48.92
N MET C 311 9.47 -69.06 48.01
CA MET C 311 9.77 -69.16 46.54
C MET C 311 8.52 -68.75 45.76
N LEU C 312 8.70 -67.91 44.74
CA LEU C 312 7.61 -67.42 43.86
C LEU C 312 8.03 -67.60 42.40
N VAL C 313 7.27 -68.43 41.70
CA VAL C 313 7.52 -68.80 40.28
C VAL C 313 6.47 -68.06 39.44
N THR C 314 6.92 -67.35 38.40
CA THR C 314 6.06 -66.56 37.48
C THR C 314 6.22 -67.07 36.05
N ALA C 315 5.11 -67.26 35.35
CA ALA C 315 5.10 -67.78 33.97
C ALA C 315 3.81 -67.42 33.26
N LEU C 316 3.95 -66.83 32.07
CA LEU C 316 2.91 -66.79 31.02
C LEU C 316 3.59 -66.74 29.65
N SER C 317 3.02 -67.44 28.71
CA SER C 317 3.38 -67.26 27.28
C SER C 317 2.17 -66.66 26.59
N THR C 318 2.28 -65.43 26.11
CA THR C 318 1.29 -64.87 25.17
C THR C 318 1.71 -65.30 23.75
N ASN C 319 0.73 -65.71 22.97
CA ASN C 319 0.89 -66.26 21.60
C ASN C 319 -0.36 -65.82 20.86
N THR C 320 -0.18 -65.23 19.68
CA THR C 320 -1.22 -64.41 19.05
C THR C 320 -1.33 -64.82 17.58
N LYS C 321 -2.44 -64.50 16.96
CA LYS C 321 -2.72 -64.86 15.55
C LYS C 321 -3.76 -63.88 15.02
N SER C 322 -3.51 -63.35 13.83
CA SER C 322 -4.47 -62.51 13.07
C SER C 322 -4.28 -62.77 11.59
N ASP C 323 -5.38 -62.72 10.84
CA ASP C 323 -5.37 -62.89 9.37
C ASP C 323 -6.35 -61.88 8.78
N ILE C 324 -5.88 -61.09 7.81
CA ILE C 324 -6.71 -60.04 7.17
C ILE C 324 -6.65 -60.26 5.66
N LEU C 325 -7.75 -60.00 4.96
CA LEU C 325 -7.85 -60.18 3.48
C LEU C 325 -8.93 -59.25 2.93
N SER C 326 -8.53 -58.19 2.23
CA SER C 326 -9.45 -57.23 1.59
C SER C 326 -9.25 -57.25 0.08
N THR C 327 -10.34 -57.36 -0.67
CA THR C 327 -10.32 -57.43 -2.16
C THR C 327 -11.31 -56.41 -2.71
N PRO C 328 -10.98 -55.12 -2.65
CA PRO C 328 -11.87 -54.09 -3.19
C PRO C 328 -11.69 -53.95 -4.70
N SER C 329 -12.61 -54.50 -5.48
CA SER C 329 -12.62 -54.39 -6.95
C SER C 329 -13.39 -53.12 -7.36
N ILE C 330 -13.26 -52.71 -8.61
CA ILE C 330 -13.97 -51.51 -9.17
C ILE C 330 -13.90 -51.57 -10.69
N VAL C 331 -14.96 -51.15 -11.36
CA VAL C 331 -14.99 -51.09 -12.86
C VAL C 331 -15.04 -49.63 -13.29
N THR C 332 -14.04 -49.21 -14.06
CA THR C 332 -13.78 -47.81 -14.49
C THR C 332 -13.64 -47.75 -16.01
N MET C 333 -13.92 -46.60 -16.60
CA MET C 333 -13.50 -46.29 -17.99
C MET C 333 -12.00 -46.06 -17.98
N ASP C 334 -11.29 -46.51 -19.02
CA ASP C 334 -9.84 -46.25 -19.22
C ASP C 334 -9.57 -44.76 -18.97
N ASN C 335 -8.51 -44.44 -18.25
CA ASN C 335 -7.95 -43.08 -18.26
C ASN C 335 -8.87 -42.11 -17.52
N LYS C 336 -9.98 -42.59 -16.97
CA LYS C 336 -10.64 -41.86 -15.88
C LYS C 336 -10.16 -42.45 -14.56
N GLU C 337 -9.85 -41.60 -13.59
CA GLU C 337 -9.60 -42.14 -12.25
C GLU C 337 -10.96 -42.40 -11.63
N ALA C 338 -11.11 -43.65 -11.20
CA ALA C 338 -12.10 -44.10 -10.22
C ALA C 338 -11.56 -43.76 -8.85
N SER C 339 -12.47 -43.54 -7.92
CA SER C 339 -12.20 -43.66 -6.48
C SER C 339 -13.03 -44.84 -6.00
N PHE C 340 -12.59 -45.48 -4.92
CA PHE C 340 -13.45 -46.45 -4.22
C PHE C 340 -13.06 -46.35 -2.76
N ASN C 341 -14.01 -46.12 -1.88
CA ASN C 341 -13.69 -46.02 -0.45
C ASN C 341 -14.65 -46.95 0.28
N VAL C 342 -14.17 -47.70 1.26
CA VAL C 342 -15.10 -48.28 2.28
C VAL C 342 -14.44 -48.22 3.65
N GLY C 343 -14.79 -47.18 4.38
CA GLY C 343 -14.02 -46.65 5.50
C GLY C 343 -14.70 -45.42 6.01
N GLN C 344 -13.98 -44.35 6.32
CA GLN C 344 -14.69 -43.31 7.06
C GLN C 344 -13.92 -42.01 7.15
N GLU C 345 -14.70 -40.95 7.38
CA GLU C 345 -14.27 -39.53 7.58
C GLU C 345 -14.20 -39.26 9.08
N VAL C 346 -12.99 -39.02 9.56
CA VAL C 346 -12.68 -38.66 10.96
C VAL C 346 -12.00 -37.31 10.96
N PRO C 347 -12.22 -36.51 11.99
CA PRO C 347 -11.56 -35.22 12.05
C PRO C 347 -10.12 -35.34 12.54
N VAL C 348 -9.22 -34.54 11.95
CA VAL C 348 -7.80 -34.40 12.36
C VAL C 348 -7.52 -32.91 12.60
N GLN C 349 -6.74 -32.56 13.62
CA GLN C 349 -6.41 -31.14 13.91
C GLN C 349 -5.44 -30.62 12.83
N THR C 350 -5.31 -29.31 12.73
CA THR C 350 -4.34 -28.64 11.82
C THR C 350 -4.18 -27.17 12.21
N THR C 364 -9.71 -25.65 15.18
CA THR C 364 -9.56 -25.97 13.73
C THR C 364 -9.33 -27.47 13.55
N ILE C 365 -10.18 -28.14 12.76
CA ILE C 365 -10.11 -29.61 12.50
C ILE C 365 -10.18 -29.83 10.98
N GLU C 366 -10.25 -31.09 10.56
CA GLU C 366 -10.27 -31.50 9.13
C GLU C 366 -10.80 -32.92 8.99
N ARG C 367 -11.39 -33.23 7.85
CA ARG C 367 -12.02 -34.54 7.58
C ARG C 367 -11.04 -35.35 6.73
N LYS C 368 -10.74 -36.59 7.15
CA LYS C 368 -9.85 -37.51 6.39
C LYS C 368 -10.59 -38.82 6.19
N THR C 369 -10.67 -39.31 4.95
CA THR C 369 -11.30 -40.61 4.61
C THR C 369 -10.28 -41.73 4.85
N VAL C 370 -10.42 -42.43 5.97
CA VAL C 370 -9.55 -43.57 6.36
C VAL C 370 -10.43 -44.82 6.46
N GLY C 371 -10.14 -45.81 5.62
CA GLY C 371 -10.82 -47.10 5.55
C GLY C 371 -10.16 -47.92 4.48
N THR C 372 -10.83 -48.90 3.91
CA THR C 372 -10.29 -49.57 2.71
C THR C 372 -10.49 -48.61 1.53
N LYS C 373 -9.40 -48.06 1.00
CA LYS C 373 -9.44 -47.16 -0.17
C LYS C 373 -8.68 -47.81 -1.30
N LEU C 374 -9.28 -47.71 -2.45
CA LEU C 374 -8.59 -47.98 -3.71
C LEU C 374 -8.83 -46.74 -4.54
N VAL C 375 -7.77 -46.07 -4.91
CA VAL C 375 -7.90 -45.01 -5.95
C VAL C 375 -7.15 -45.51 -7.15
N LEU C 376 -7.84 -45.68 -8.26
CA LEU C 376 -7.12 -46.28 -9.37
C LEU C 376 -7.52 -45.57 -10.66
N THR C 377 -6.53 -45.24 -11.48
CA THR C 377 -6.71 -44.75 -12.85
C THR C 377 -6.08 -45.78 -13.78
N PRO C 378 -6.82 -46.80 -14.24
CA PRO C 378 -6.35 -47.68 -15.30
C PRO C 378 -6.13 -47.03 -16.68
N GLN C 379 -5.21 -47.63 -17.44
CA GLN C 379 -4.84 -47.21 -18.81
C GLN C 379 -4.56 -48.48 -19.63
N ILE C 380 -5.16 -48.63 -20.81
CA ILE C 380 -5.17 -49.95 -21.51
C ILE C 380 -4.18 -49.98 -22.66
N ASN C 381 -3.28 -50.96 -22.65
CA ASN C 381 -2.49 -51.39 -23.83
C ASN C 381 -3.49 -51.94 -24.85
N GLU C 382 -3.48 -51.43 -26.09
CA GLU C 382 -4.38 -51.81 -27.20
C GLU C 382 -4.92 -53.24 -27.02
N GLY C 383 -4.06 -54.21 -26.67
CA GLY C 383 -4.30 -55.66 -26.72
C GLY C 383 -4.79 -56.31 -25.42
N ASP C 384 -3.96 -56.36 -24.37
CA ASP C 384 -4.27 -57.12 -23.14
C ASP C 384 -3.94 -56.29 -21.89
N SER C 385 -2.69 -55.91 -21.76
CA SER C 385 -2.07 -55.63 -20.45
C SER C 385 -2.38 -54.22 -19.96
N VAL C 386 -2.90 -54.14 -18.73
CA VAL C 386 -3.37 -52.88 -18.11
C VAL C 386 -2.21 -52.21 -17.37
N LEU C 387 -1.97 -50.92 -17.62
CA LEU C 387 -1.17 -50.04 -16.74
C LEU C 387 -2.12 -49.51 -15.66
N LEU C 388 -1.84 -49.84 -14.40
CA LEU C 388 -2.68 -49.45 -13.24
C LEU C 388 -1.91 -48.47 -12.39
N THR C 389 -2.35 -47.23 -12.28
CA THR C 389 -1.78 -46.28 -11.31
C THR C 389 -2.60 -46.44 -10.03
N ILE C 390 -1.98 -47.05 -9.02
CA ILE C 390 -2.68 -47.40 -7.75
C ILE C 390 -2.16 -46.48 -6.65
N GLU C 391 -3.07 -45.89 -5.91
CA GLU C 391 -2.79 -45.33 -4.57
C GLU C 391 -3.80 -45.97 -3.63
N GLN C 392 -3.36 -46.89 -2.78
CA GLN C 392 -4.30 -47.58 -1.87
C GLN C 392 -3.69 -47.71 -0.49
N GLU C 393 -4.55 -47.98 0.47
CA GLU C 393 -4.10 -48.22 1.85
C GLU C 393 -5.24 -48.83 2.62
N VAL C 394 -4.92 -49.55 3.67
CA VAL C 394 -5.89 -49.99 4.68
C VAL C 394 -5.51 -49.30 5.98
N SER C 395 -6.29 -48.33 6.37
CA SER C 395 -5.93 -47.46 7.51
C SER C 395 -7.07 -47.40 8.50
N SER C 396 -6.77 -47.04 9.73
CA SER C 396 -7.72 -47.14 10.85
C SER C 396 -7.35 -46.13 11.91
N VAL C 397 -8.34 -45.70 12.69
CA VAL C 397 -8.12 -44.74 13.79
C VAL C 397 -7.91 -45.52 15.09
N GLY C 398 -7.11 -46.59 15.06
CA GLY C 398 -6.95 -47.51 16.20
C GLY C 398 -8.32 -47.87 16.78
N LYS C 399 -8.67 -47.31 17.95
CA LYS C 399 -9.97 -47.52 18.68
C LYS C 399 -10.72 -46.18 18.82
N GLN C 400 -11.99 -46.13 18.38
CA GLN C 400 -12.89 -44.94 18.44
C GLN C 400 -13.08 -44.45 19.89
N ALA C 401 -12.54 -45.18 20.88
CA ALA C 401 -12.67 -44.89 22.34
C ALA C 401 -11.30 -44.92 23.02
N THR C 402 -10.22 -44.82 22.23
CA THR C 402 -8.79 -44.79 22.65
C THR C 402 -8.16 -43.45 22.22
N GLY C 403 -7.28 -42.91 23.06
CA GLY C 403 -6.54 -41.67 22.78
C GLY C 403 -5.22 -41.94 22.06
N THR C 404 -4.33 -40.96 22.14
CA THR C 404 -3.00 -40.93 21.48
C THR C 404 -2.01 -40.33 22.49
N ASP C 405 -0.69 -40.54 22.36
CA ASP C 405 0.34 -39.81 23.15
C ASP C 405 0.52 -38.40 22.57
N GLY C 406 0.10 -38.21 21.32
CA GLY C 406 0.01 -36.90 20.64
C GLY C 406 -1.31 -36.17 20.93
N LEU C 407 -1.95 -35.63 19.89
CA LEU C 407 -2.95 -34.55 20.07
C LEU C 407 -4.23 -34.82 19.28
N GLY C 408 -4.13 -35.23 18.01
CA GLY C 408 -5.30 -35.65 17.21
C GLY C 408 -5.47 -37.16 17.20
N PRO C 409 -6.32 -37.70 16.31
CA PRO C 409 -6.39 -39.15 16.08
C PRO C 409 -5.17 -39.68 15.35
N THR C 410 -4.81 -40.95 15.51
CA THR C 410 -3.72 -41.61 14.74
C THR C 410 -4.26 -42.67 13.80
N PHE C 411 -3.47 -43.13 12.84
CA PHE C 411 -3.98 -44.08 11.84
C PHE C 411 -3.00 -45.21 11.60
N ASP C 412 -3.48 -46.45 11.64
CA ASP C 412 -2.71 -47.61 11.13
C ASP C 412 -3.05 -47.77 9.65
N THR C 413 -2.04 -47.58 8.81
CA THR C 413 -2.24 -47.58 7.36
C THR C 413 -1.36 -48.65 6.76
N ARG C 414 -1.87 -49.27 5.71
CA ARG C 414 -1.05 -50.08 4.80
C ARG C 414 -1.31 -49.57 3.40
N THR C 415 -0.28 -49.01 2.83
CA THR C 415 -0.43 -48.16 1.65
C THR C 415 0.46 -48.72 0.58
N VAL C 416 0.11 -48.45 -0.64
CA VAL C 416 1.06 -48.75 -1.71
C VAL C 416 0.54 -47.91 -2.85
N LYS C 417 1.36 -46.98 -3.31
CA LYS C 417 1.05 -46.18 -4.51
C LYS C 417 2.13 -46.45 -5.53
N ASN C 418 1.73 -47.03 -6.64
CA ASN C 418 2.66 -47.36 -7.73
C ASN C 418 1.88 -47.45 -9.03
N ALA C 419 2.60 -47.34 -10.11
CA ALA C 419 2.10 -47.82 -11.40
C ALA C 419 2.70 -49.20 -11.63
N VAL C 420 1.83 -50.10 -12.06
CA VAL C 420 2.18 -51.51 -12.40
C VAL C 420 1.56 -51.76 -13.76
N LEU C 421 2.19 -52.60 -14.58
CA LEU C 421 1.54 -53.00 -15.84
C LEU C 421 1.41 -54.52 -15.88
N VAL C 422 0.16 -54.96 -15.92
CA VAL C 422 -0.20 -56.39 -15.72
C VAL C 422 -1.06 -56.84 -16.88
N LYS C 423 -0.90 -58.11 -17.25
CA LYS C 423 -1.66 -58.81 -18.32
C LYS C 423 -3.12 -58.90 -17.92
N SER C 424 -4.02 -58.93 -18.90
CA SER C 424 -5.46 -58.66 -18.71
C SER C 424 -6.11 -59.75 -17.86
N GLY C 425 -5.48 -60.92 -17.69
CA GLY C 425 -6.08 -62.04 -16.95
C GLY C 425 -5.41 -62.29 -15.61
N GLU C 426 -4.21 -61.75 -15.41
CA GLU C 426 -3.23 -62.30 -14.43
C GLU C 426 -3.32 -61.57 -13.09
N THR C 427 -3.17 -62.33 -12.00
CA THR C 427 -3.17 -61.79 -10.62
C THR C 427 -1.73 -61.64 -10.16
N VAL C 428 -1.34 -60.46 -9.69
CA VAL C 428 0.11 -60.17 -9.49
C VAL C 428 0.37 -59.48 -8.18
N VAL C 429 1.65 -59.36 -7.87
CA VAL C 429 2.13 -58.67 -6.65
C VAL C 429 2.33 -57.20 -6.98
N LEU C 430 1.67 -56.31 -6.25
CA LEU C 430 1.92 -54.85 -6.29
C LEU C 430 3.16 -54.57 -5.45
N GLY C 431 3.16 -55.18 -4.27
CA GLY C 431 4.13 -54.91 -3.20
C GLY C 431 3.88 -55.82 -2.02
N GLY C 432 4.48 -55.51 -0.89
CA GLY C 432 4.37 -56.37 0.29
C GLY C 432 5.45 -56.05 1.30
N LEU C 433 5.19 -56.41 2.55
CA LEU C 433 6.13 -56.25 3.67
C LEU C 433 6.04 -57.51 4.52
N MET C 434 7.18 -58.17 4.66
CA MET C 434 7.36 -59.36 5.52
C MET C 434 8.26 -58.91 6.67
N ASP C 435 7.69 -58.77 7.86
CA ASP C 435 8.34 -58.10 9.01
C ASP C 435 8.41 -59.13 10.13
N GLU C 436 9.57 -59.26 10.75
CA GLU C 436 9.80 -60.27 11.80
C GLU C 436 10.56 -59.60 12.95
N GLN C 437 10.03 -59.77 14.16
CA GLN C 437 10.55 -59.10 15.37
C GLN C 437 10.69 -60.12 16.49
N THR C 438 11.80 -60.06 17.22
CA THR C 438 12.04 -60.96 18.36
C THR C 438 12.84 -60.22 19.43
N LYS C 439 12.21 -59.94 20.55
CA LYS C 439 12.88 -59.29 21.70
C LYS C 439 13.04 -60.35 22.80
N GLU C 440 14.25 -60.47 23.33
CA GLU C 440 14.56 -61.41 24.43
C GLU C 440 15.17 -60.63 25.59
N GLU C 441 14.66 -60.88 26.79
CA GLU C 441 15.13 -60.25 28.05
C GLU C 441 15.27 -61.32 29.13
N VAL C 442 16.32 -61.18 29.95
CA VAL C 442 16.46 -61.95 31.21
C VAL C 442 16.92 -61.01 32.32
N SER C 443 16.38 -61.21 33.51
CA SER C 443 16.87 -60.62 34.77
C SER C 443 17.38 -61.78 35.61
N LYS C 444 18.68 -62.00 35.58
CA LYS C 444 19.27 -63.19 36.23
C LYS C 444 20.26 -62.74 37.29
N VAL C 445 20.66 -63.68 38.14
CA VAL C 445 21.75 -63.48 39.12
C VAL C 445 23.04 -63.88 38.42
N PRO C 446 24.05 -62.99 38.45
CA PRO C 446 25.20 -63.04 37.54
C PRO C 446 25.78 -64.42 37.23
N LEU C 447 26.29 -65.09 38.25
CA LEU C 447 27.03 -66.36 38.09
C LEU C 447 25.99 -67.50 38.02
N LEU C 448 25.00 -67.45 38.91
CA LEU C 448 24.06 -68.58 39.14
C LEU C 448 23.12 -68.68 37.94
N GLY C 449 22.75 -67.54 37.37
CA GLY C 449 21.80 -67.49 36.25
C GLY C 449 22.34 -68.20 35.03
N ASP C 450 23.65 -68.49 35.00
CA ASP C 450 24.35 -69.01 33.80
C ASP C 450 24.58 -70.53 33.92
N ILE C 451 24.24 -71.14 35.06
CA ILE C 451 24.26 -72.63 35.20
C ILE C 451 23.30 -73.18 34.14
N PRO C 452 23.75 -74.02 33.17
CA PRO C 452 22.98 -74.25 31.94
C PRO C 452 21.53 -74.71 32.15
N VAL C 453 21.26 -75.54 33.17
CA VAL C 453 19.88 -76.01 33.49
C VAL C 453 19.38 -75.36 34.80
N LEU C 454 20.02 -75.59 35.94
CA LEU C 454 19.59 -75.00 37.25
C LEU C 454 19.40 -73.49 37.10
N GLY C 455 20.22 -72.85 36.27
CA GLY C 455 20.29 -71.38 36.13
C GLY C 455 18.94 -70.75 35.84
N TYR C 456 18.01 -71.50 35.23
CA TYR C 456 16.66 -71.00 34.87
C TYR C 456 15.88 -70.72 36.15
N LEU C 457 16.37 -71.21 37.29
CA LEU C 457 15.70 -70.95 38.59
C LEU C 457 16.06 -69.55 39.07
N PHE C 458 17.21 -69.02 38.66
CA PHE C 458 17.64 -67.66 39.08
C PHE C 458 17.10 -66.62 38.10
N ARG C 459 16.95 -66.98 36.83
CA ARG C 459 16.60 -66.03 35.74
C ARG C 459 15.07 -65.88 35.66
N SER C 460 14.62 -64.65 35.44
CA SER C 460 13.22 -64.32 35.06
C SER C 460 13.25 -63.90 33.59
N THR C 461 12.95 -64.82 32.70
CA THR C 461 13.11 -64.50 31.27
C THR C 461 11.79 -63.94 30.78
N SER C 462 11.87 -62.95 29.88
CA SER C 462 10.72 -62.44 29.09
C SER C 462 11.08 -62.45 27.62
N ASN C 463 10.44 -63.32 26.84
CA ASN C 463 10.69 -63.45 25.39
C ASN C 463 9.49 -62.90 24.63
N ASN C 464 9.69 -62.42 23.42
CA ASN C 464 8.57 -61.95 22.58
C ASN C 464 8.95 -62.23 21.13
N THR C 465 7.97 -62.54 20.30
CA THR C 465 8.16 -62.74 18.85
C THR C 465 6.90 -62.32 18.11
N SER C 466 7.07 -61.95 16.84
CA SER C 466 5.97 -61.51 15.95
C SER C 466 6.35 -61.77 14.50
N LYS C 467 5.33 -61.78 13.67
CA LYS C 467 5.41 -62.01 12.22
C LYS C 467 4.26 -61.27 11.58
N ARG C 468 4.54 -60.59 10.49
CA ARG C 468 3.48 -60.03 9.63
C ARG C 468 3.93 -60.25 8.20
N ASN C 469 3.13 -60.94 7.41
CA ASN C 469 3.42 -61.10 5.96
C ASN C 469 2.26 -60.47 5.22
N LEU C 470 2.50 -59.31 4.62
CA LEU C 470 1.46 -58.54 3.91
C LEU C 470 1.78 -58.57 2.42
N MET C 471 0.81 -58.97 1.60
CA MET C 471 0.97 -59.06 0.13
C MET C 471 -0.21 -58.35 -0.53
N VAL C 472 0.07 -57.44 -1.45
CA VAL C 472 -0.99 -56.68 -2.17
C VAL C 472 -1.01 -57.15 -3.63
N PHE C 473 -2.05 -57.89 -4.03
CA PHE C 473 -2.20 -58.42 -5.42
C PHE C 473 -3.29 -57.64 -6.15
N ILE C 474 -3.09 -57.41 -7.45
CA ILE C 474 -4.06 -56.68 -8.31
C ILE C 474 -4.31 -57.53 -9.56
N ARG C 475 -5.56 -57.84 -9.88
CA ARG C 475 -5.91 -58.68 -11.05
C ARG C 475 -6.84 -57.92 -11.96
N PRO C 476 -6.31 -57.20 -12.97
CA PRO C 476 -7.15 -56.47 -13.90
C PRO C 476 -7.82 -57.47 -14.85
N THR C 477 -8.88 -56.99 -15.47
CA THR C 477 -9.77 -57.79 -16.32
C THR C 477 -10.44 -56.83 -17.29
N ILE C 478 -10.21 -56.99 -18.57
CA ILE C 478 -10.70 -55.97 -19.52
C ILE C 478 -11.94 -56.48 -20.27
N LEU C 479 -12.90 -55.57 -20.29
CA LEU C 479 -14.22 -55.68 -20.95
C LEU C 479 -14.15 -54.89 -22.26
N ARG C 480 -14.08 -55.57 -23.40
CA ARG C 480 -13.95 -54.92 -24.73
C ARG C 480 -15.34 -54.51 -25.23
N ASP C 481 -16.34 -55.34 -25.00
CA ASP C 481 -17.75 -55.05 -25.40
C ASP C 481 -18.66 -55.34 -24.20
N ALA C 482 -19.97 -55.11 -24.34
CA ALA C 482 -20.97 -55.22 -23.26
C ALA C 482 -21.19 -56.68 -22.86
N ASN C 483 -21.30 -57.59 -23.84
CA ASN C 483 -21.62 -59.02 -23.59
C ASN C 483 -20.62 -59.65 -22.61
N VAL C 484 -19.36 -59.20 -22.59
CA VAL C 484 -18.35 -59.75 -21.64
C VAL C 484 -18.61 -59.14 -20.25
N TYR C 485 -19.29 -58.00 -20.21
CA TYR C 485 -19.46 -57.18 -18.99
C TYR C 485 -20.75 -57.59 -18.30
N SER C 486 -21.64 -58.29 -18.99
CA SER C 486 -22.80 -58.94 -18.32
C SER C 486 -22.26 -60.17 -17.59
N GLY C 487 -21.60 -61.06 -18.32
CA GLY C 487 -21.09 -62.34 -17.79
C GLY C 487 -20.21 -62.11 -16.58
N ILE C 488 -19.41 -61.05 -16.60
CA ILE C 488 -18.48 -60.71 -15.50
C ILE C 488 -19.31 -60.20 -14.32
N SER C 489 -20.35 -59.42 -14.61
CA SER C 489 -21.25 -58.83 -13.58
C SER C 489 -22.24 -59.89 -13.12
N SER C 490 -22.66 -60.78 -14.03
CA SER C 490 -23.66 -61.82 -13.73
C SER C 490 -23.05 -62.83 -12.76
N ASN C 491 -21.76 -63.09 -12.85
CA ASN C 491 -21.10 -64.12 -11.99
C ASN C 491 -20.88 -63.54 -10.59
N LYS C 492 -20.75 -62.22 -10.47
CA LYS C 492 -20.65 -61.54 -9.15
C LYS C 492 -22.06 -61.35 -8.62
N TYR C 493 -23.02 -61.08 -9.49
CA TYR C 493 -24.44 -60.88 -9.11
C TYR C 493 -24.99 -62.19 -8.58
N THR C 494 -24.61 -63.30 -9.22
CA THR C 494 -25.10 -64.66 -8.87
C THR C 494 -24.31 -65.18 -7.67
N LEU C 495 -22.98 -65.02 -7.67
CA LEU C 495 -22.15 -65.53 -6.55
C LEU C 495 -22.57 -64.78 -5.28
N PHE C 496 -23.06 -63.55 -5.41
CA PHE C 496 -23.61 -62.78 -4.27
C PHE C 496 -24.98 -63.32 -3.91
N ARG C 497 -25.79 -63.59 -4.94
CA ARG C 497 -27.16 -64.13 -4.76
C ARG C 497 -27.07 -65.51 -4.11
N ALA C 498 -26.20 -66.35 -4.66
CA ALA C 498 -25.97 -67.73 -4.20
C ALA C 498 -25.44 -67.71 -2.76
N GLN C 499 -24.80 -66.61 -2.35
CA GLN C 499 -24.26 -66.48 -0.98
C GLN C 499 -25.41 -66.13 -0.04
N GLN C 500 -26.32 -65.28 -0.49
CA GLN C 500 -27.51 -64.90 0.30
C GLN C 500 -28.39 -66.14 0.48
N LEU C 501 -28.59 -66.94 -0.58
CA LEU C 501 -29.46 -68.14 -0.50
C LEU C 501 -28.83 -69.19 0.41
N ASP C 502 -27.50 -69.21 0.49
CA ASP C 502 -26.76 -70.11 1.41
C ASP C 502 -27.02 -69.66 2.85
N ALA C 503 -27.05 -68.34 3.09
CA ALA C 503 -27.23 -67.74 4.44
C ALA C 503 -28.67 -67.94 4.90
N VAL C 504 -29.62 -68.01 3.97
CA VAL C 504 -31.05 -68.28 4.27
C VAL C 504 -31.16 -69.73 4.79
N ALA C 505 -30.42 -70.66 4.18
CA ALA C 505 -30.51 -72.11 4.50
C ALA C 505 -29.76 -72.43 5.81
N GLN C 506 -29.09 -71.46 6.45
CA GLN C 506 -28.60 -71.56 7.85
C GLN C 506 -29.59 -70.85 8.78
N GLU C 507 -30.06 -69.66 8.41
CA GLU C 507 -31.05 -68.88 9.19
C GLU C 507 -32.36 -69.67 9.27
N GLY C 508 -32.71 -70.39 8.21
CA GLY C 508 -33.89 -71.27 8.18
C GLY C 508 -33.73 -72.39 9.20
N TYR C 509 -32.50 -72.91 9.31
CA TYR C 509 -32.15 -73.99 10.26
C TYR C 509 -32.26 -73.45 11.68
N ALA C 510 -31.71 -72.25 11.93
CA ALA C 510 -31.64 -71.62 13.28
C ALA C 510 -33.03 -71.13 13.71
N THR C 511 -33.89 -70.73 12.76
CA THR C 511 -35.25 -70.18 13.01
C THR C 511 -35.17 -68.82 13.71
N SER C 512 -36.22 -68.02 13.57
CA SER C 512 -36.44 -66.73 14.27
C SER C 512 -35.44 -65.64 13.85
N PRO C 513 -34.85 -65.67 12.61
CA PRO C 513 -34.16 -64.52 12.05
C PRO C 513 -34.30 -64.37 10.53
N ASP C 514 -34.05 -63.18 9.95
CA ASP C 514 -34.21 -63.03 8.48
C ASP C 514 -33.00 -62.37 7.80
N ARG C 515 -32.43 -63.08 6.84
CA ARG C 515 -31.51 -62.54 5.82
C ARG C 515 -32.29 -62.49 4.51
N GLN C 516 -32.45 -61.32 3.88
CA GLN C 516 -33.35 -61.23 2.71
C GLN C 516 -32.53 -61.11 1.43
N VAL C 517 -33.05 -61.75 0.40
CA VAL C 517 -32.24 -62.10 -0.79
C VAL C 517 -32.75 -61.30 -2.00
N LEU C 518 -31.73 -60.73 -2.62
CA LEU C 518 -31.61 -60.30 -4.02
C LEU C 518 -32.28 -61.27 -4.99
N PRO C 519 -33.08 -60.77 -5.95
CA PRO C 519 -33.77 -61.66 -6.87
C PRO C 519 -32.80 -62.31 -7.86
N GLU C 520 -33.33 -62.80 -8.96
CA GLU C 520 -32.50 -63.37 -10.04
C GLU C 520 -32.19 -62.26 -11.06
N TYR C 521 -31.13 -62.44 -11.84
CA TYR C 521 -30.64 -61.41 -12.79
C TYR C 521 -31.73 -61.06 -13.79
N GLY C 522 -32.06 -59.78 -13.85
CA GLY C 522 -32.90 -59.18 -14.91
C GLY C 522 -34.38 -59.29 -14.62
N GLN C 523 -34.75 -59.63 -13.38
CA GLN C 523 -36.16 -59.86 -12.98
C GLN C 523 -36.69 -58.66 -12.20
N ASP C 524 -35.81 -57.82 -11.63
CA ASP C 524 -36.14 -56.79 -10.61
C ASP C 524 -37.15 -57.39 -9.63
N GLY D 1 -40.93 46.81 -81.74
CA GLY D 1 -40.17 46.54 -83.00
C GLY D 1 -38.76 47.11 -82.95
N ASP D 2 -38.62 48.43 -83.12
CA ASP D 2 -37.30 49.12 -83.13
C ASP D 2 -37.03 49.73 -81.76
N GLU D 3 -37.87 49.41 -80.76
CA GLU D 3 -37.83 50.06 -79.43
C GLU D 3 -36.57 49.60 -78.69
N MET D 4 -35.63 50.53 -78.48
CA MET D 4 -34.33 50.24 -77.84
C MET D 4 -34.51 50.34 -76.32
N VAL D 5 -34.43 49.20 -75.64
CA VAL D 5 -34.59 49.11 -74.16
C VAL D 5 -33.56 48.12 -73.63
N THR D 6 -33.20 48.28 -72.35
CA THR D 6 -32.33 47.34 -71.62
C THR D 6 -33.21 46.44 -70.75
N ARG D 7 -33.03 45.12 -70.88
CA ARG D 7 -33.72 44.14 -70.00
C ARG D 7 -32.76 43.00 -69.70
N VAL D 8 -32.90 42.43 -68.51
CA VAL D 8 -31.85 41.61 -67.84
C VAL D 8 -32.48 40.31 -67.34
N VAL D 9 -31.96 39.18 -67.81
CA VAL D 9 -32.34 37.84 -67.32
C VAL D 9 -31.08 37.12 -66.86
N PRO D 10 -31.04 36.63 -65.59
CA PRO D 10 -29.99 35.69 -65.17
C PRO D 10 -30.14 34.31 -65.81
N VAL D 11 -29.01 33.61 -65.96
CA VAL D 11 -28.96 32.12 -66.05
C VAL D 11 -28.50 31.63 -64.67
N ARG D 12 -29.44 31.17 -63.83
CA ARG D 12 -29.13 30.76 -62.43
C ARG D 12 -28.44 29.40 -62.45
N ASN D 13 -28.99 28.47 -63.24
CA ASN D 13 -28.56 27.05 -63.36
C ASN D 13 -27.06 26.99 -63.74
N VAL D 14 -26.67 27.76 -64.73
CA VAL D 14 -25.29 27.73 -65.30
C VAL D 14 -24.68 29.12 -65.16
N SER D 15 -23.36 29.24 -65.20
CA SER D 15 -22.67 30.55 -65.32
C SER D 15 -22.97 31.10 -66.71
N VAL D 16 -23.48 32.33 -66.78
CA VAL D 16 -24.01 32.95 -68.03
C VAL D 16 -22.87 33.16 -69.04
N ARG D 17 -21.63 32.93 -68.62
CA ARG D 17 -20.38 33.23 -69.38
C ARG D 17 -20.45 32.56 -70.77
N GLU D 18 -21.26 31.50 -70.91
CA GLU D 18 -21.28 30.62 -72.11
C GLU D 18 -22.08 31.28 -73.25
N LEU D 19 -22.78 32.39 -73.00
CA LEU D 19 -23.62 33.03 -74.04
C LEU D 19 -22.90 34.25 -74.62
N ALA D 20 -21.64 34.48 -74.25
CA ALA D 20 -20.86 35.68 -74.65
C ALA D 20 -20.62 35.67 -76.17
N PRO D 21 -20.11 34.57 -76.78
CA PRO D 21 -20.07 34.46 -78.23
C PRO D 21 -21.46 34.60 -78.89
N LEU D 22 -22.46 33.95 -78.30
CA LEU D 22 -23.86 33.82 -78.80
C LEU D 22 -24.52 35.20 -78.85
N LEU D 23 -24.51 35.94 -77.75
CA LEU D 23 -25.44 37.09 -77.58
C LEU D 23 -24.81 38.37 -78.13
N ARG D 24 -23.50 38.55 -77.93
CA ARG D 24 -22.74 39.63 -78.61
C ARG D 24 -22.62 39.27 -80.10
N GLN D 25 -22.79 37.98 -80.41
CA GLN D 25 -22.96 37.54 -81.81
C GLN D 25 -24.34 37.98 -82.29
N LEU D 26 -25.33 38.09 -81.38
CA LEU D 26 -26.70 38.55 -81.74
C LEU D 26 -26.71 40.08 -81.86
N ASN D 27 -25.84 40.76 -81.13
CA ASN D 27 -25.44 42.15 -81.48
C ASN D 27 -24.93 42.11 -82.92
N ASP D 28 -23.97 41.21 -83.17
CA ASP D 28 -23.28 41.03 -84.47
C ASP D 28 -24.23 40.42 -85.51
N ASN D 29 -25.45 40.04 -85.11
CA ASN D 29 -26.45 39.38 -86.00
C ASN D 29 -27.06 40.42 -86.94
N ALA D 30 -27.44 41.60 -86.43
CA ALA D 30 -28.16 42.64 -87.21
C ALA D 30 -27.73 44.05 -86.78
N GLY D 31 -28.33 45.07 -87.42
CA GLY D 31 -28.07 46.50 -87.17
C GLY D 31 -27.87 46.80 -85.70
N GLY D 32 -26.71 47.36 -85.35
CA GLY D 32 -26.20 47.51 -83.97
C GLY D 32 -26.96 48.54 -83.15
N GLY D 33 -26.38 48.92 -82.00
CA GLY D 33 -27.05 49.63 -80.90
C GLY D 33 -27.31 48.68 -79.73
N ASN D 34 -26.56 47.57 -79.69
CA ASN D 34 -26.78 46.49 -78.70
C ASN D 34 -25.65 46.50 -77.65
N VAL D 35 -25.97 46.04 -76.43
CA VAL D 35 -24.99 45.68 -75.37
C VAL D 35 -25.42 44.35 -74.75
N VAL D 36 -24.47 43.44 -74.58
CA VAL D 36 -24.64 42.21 -73.77
C VAL D 36 -23.49 42.18 -72.77
N HIS D 37 -23.73 41.82 -71.50
CA HIS D 37 -22.66 41.65 -70.49
C HIS D 37 -23.12 40.77 -69.31
N TYR D 38 -22.15 40.38 -68.47
CA TYR D 38 -22.21 39.19 -67.59
C TYR D 38 -21.72 39.52 -66.19
N ASP D 39 -22.54 39.20 -65.20
CA ASP D 39 -22.13 39.33 -63.78
C ASP D 39 -21.58 37.97 -63.35
N PRO D 40 -20.53 37.92 -62.51
CA PRO D 40 -20.13 36.66 -61.87
C PRO D 40 -21.32 36.16 -61.04
N SER D 41 -22.14 37.09 -60.53
CA SER D 41 -23.44 36.85 -59.84
C SER D 41 -24.40 36.16 -60.81
N ASN D 42 -24.01 36.11 -62.09
CA ASN D 42 -24.57 35.24 -63.14
C ASN D 42 -25.97 35.73 -63.51
N VAL D 43 -26.13 37.06 -63.55
CA VAL D 43 -27.25 37.72 -64.28
C VAL D 43 -26.71 38.20 -65.63
N LEU D 44 -27.54 38.12 -66.66
CA LEU D 44 -27.16 38.50 -68.04
C LEU D 44 -27.92 39.77 -68.41
N LEU D 45 -27.21 40.88 -68.55
CA LEU D 45 -27.83 42.22 -68.78
C LEU D 45 -27.76 42.56 -70.28
N ILE D 46 -28.87 43.02 -70.83
CA ILE D 46 -29.00 43.32 -72.28
C ILE D 46 -29.48 44.76 -72.49
N THR D 47 -29.10 45.31 -73.64
CA THR D 47 -29.58 46.59 -74.22
C THR D 47 -29.77 46.37 -75.73
N GLY D 48 -30.90 46.83 -76.29
CA GLY D 48 -31.13 46.72 -77.74
C GLY D 48 -32.57 46.91 -78.13
N ARG D 49 -32.82 46.94 -79.44
CA ARG D 49 -34.16 47.13 -80.04
C ARG D 49 -35.00 45.88 -79.77
N ALA D 50 -36.32 46.04 -79.85
CA ALA D 50 -37.33 45.13 -79.27
C ALA D 50 -37.17 43.70 -79.83
N ALA D 51 -36.86 43.54 -81.11
CA ALA D 51 -36.77 42.23 -81.79
C ALA D 51 -35.47 41.54 -81.39
N VAL D 52 -34.33 42.19 -81.63
CA VAL D 52 -32.97 41.64 -81.32
C VAL D 52 -32.99 41.17 -79.87
N VAL D 53 -33.66 41.93 -78.99
CA VAL D 53 -33.77 41.60 -77.53
C VAL D 53 -34.81 40.49 -77.35
N ASN D 54 -35.85 40.43 -78.19
CA ASN D 54 -36.84 39.32 -78.14
C ASN D 54 -36.06 38.00 -78.20
N ARG D 55 -35.22 37.83 -79.22
CA ARG D 55 -34.50 36.56 -79.51
C ARG D 55 -33.26 36.46 -78.61
N LEU D 56 -32.73 37.57 -78.10
CA LEU D 56 -31.62 37.58 -77.11
C LEU D 56 -32.15 36.97 -75.80
N VAL D 57 -33.16 37.61 -75.22
CA VAL D 57 -33.78 37.19 -73.93
C VAL D 57 -34.36 35.79 -74.13
N GLU D 58 -34.88 35.48 -75.33
CA GLU D 58 -35.23 34.09 -75.75
C GLU D 58 -34.04 33.19 -75.43
N VAL D 59 -32.86 33.52 -75.95
CA VAL D 59 -31.62 32.70 -75.72
C VAL D 59 -31.43 32.56 -74.21
N VAL D 60 -31.66 33.63 -73.44
CA VAL D 60 -31.19 33.70 -72.03
C VAL D 60 -32.10 32.84 -71.15
N ARG D 61 -33.42 33.09 -71.18
CA ARG D 61 -34.41 32.26 -70.44
C ARG D 61 -34.22 30.81 -70.90
N ARG D 62 -33.99 30.62 -72.19
CA ARG D 62 -33.76 29.29 -72.78
C ARG D 62 -32.61 28.61 -72.03
N VAL D 63 -31.38 29.12 -72.17
CA VAL D 63 -30.18 28.59 -71.46
C VAL D 63 -30.50 28.47 -69.96
N ASP D 64 -31.41 29.31 -69.47
CA ASP D 64 -31.83 29.32 -68.04
C ASP D 64 -32.64 28.06 -67.73
N LYS D 65 -33.60 27.72 -68.59
CA LYS D 65 -34.51 26.56 -68.41
C LYS D 65 -33.86 25.30 -69.00
N ALA D 66 -32.75 25.47 -69.70
CA ALA D 66 -32.03 24.36 -70.39
C ALA D 66 -31.44 23.43 -69.35
N GLY D 67 -30.92 24.00 -68.25
CA GLY D 67 -30.22 23.27 -67.18
C GLY D 67 -30.94 23.39 -65.85
N ASP D 68 -32.15 22.82 -65.73
CA ASP D 68 -32.97 22.89 -64.48
C ASP D 68 -32.31 22.01 -63.40
N GLN D 69 -32.48 22.38 -62.14
CA GLN D 69 -31.91 21.64 -60.99
C GLN D 69 -32.74 21.90 -59.73
N GLU D 70 -33.88 21.21 -59.60
CA GLU D 70 -34.83 21.43 -58.48
C GLU D 70 -34.74 20.23 -57.54
N VAL D 71 -35.38 20.35 -56.37
CA VAL D 71 -35.51 19.24 -55.38
C VAL D 71 -36.96 18.81 -55.29
N ASP D 72 -37.14 17.50 -55.11
CA ASP D 72 -38.42 16.80 -54.82
C ASP D 72 -38.29 15.96 -53.54
N ILE D 73 -39.26 16.09 -52.65
CA ILE D 73 -39.32 15.27 -51.41
C ILE D 73 -40.62 14.48 -51.42
N ILE D 74 -40.51 13.16 -51.44
CA ILE D 74 -41.68 12.28 -51.16
C ILE D 74 -41.28 11.26 -50.10
N LYS D 75 -42.19 11.01 -49.15
CA LYS D 75 -41.98 10.13 -47.98
C LYS D 75 -41.64 8.71 -48.43
N LEU D 76 -40.64 8.11 -47.77
CA LEU D 76 -40.41 6.64 -47.78
C LEU D 76 -41.06 6.06 -46.53
N LYS D 77 -41.89 5.04 -46.70
CA LYS D 77 -42.61 4.43 -45.57
C LYS D 77 -41.82 3.24 -45.04
N TYR D 78 -40.97 2.60 -45.87
CA TYR D 78 -40.40 1.25 -45.58
C TYR D 78 -38.87 1.30 -45.42
N ALA D 79 -38.07 0.87 -46.41
CA ALA D 79 -36.63 0.58 -46.20
C ALA D 79 -35.81 1.86 -45.99
N SER D 80 -34.77 1.73 -45.16
CA SER D 80 -34.05 2.83 -44.46
C SER D 80 -33.49 3.82 -45.49
N ALA D 81 -33.61 5.10 -45.17
CA ALA D 81 -33.12 6.22 -46.03
C ALA D 81 -31.59 6.10 -46.14
N GLY D 82 -30.91 5.70 -45.06
CA GLY D 82 -29.45 5.49 -44.98
C GLY D 82 -28.97 4.34 -45.85
N GLU D 83 -29.71 3.23 -45.89
CA GLU D 83 -29.44 2.10 -46.82
C GLU D 83 -29.73 2.61 -48.22
N MET D 84 -30.85 3.32 -48.38
CA MET D 84 -31.25 3.97 -49.65
C MET D 84 -30.03 4.78 -50.11
N VAL D 85 -29.42 5.51 -49.18
CA VAL D 85 -28.26 6.40 -49.44
C VAL D 85 -27.11 5.54 -49.93
N ARG D 86 -26.74 4.52 -49.15
CA ARG D 86 -25.54 3.67 -49.40
C ARG D 86 -25.64 3.04 -50.79
N LEU D 87 -26.79 2.43 -51.08
CA LEU D 87 -27.01 1.60 -52.28
C LEU D 87 -26.96 2.51 -53.50
N VAL D 88 -27.54 3.69 -53.38
CA VAL D 88 -27.59 4.68 -54.48
C VAL D 88 -26.25 5.42 -54.55
N THR D 89 -25.53 5.58 -53.45
CA THR D 89 -24.22 6.28 -53.47
C THR D 89 -23.30 5.51 -54.43
N ASN D 90 -23.47 4.20 -54.52
CA ASN D 90 -22.64 3.34 -55.41
C ASN D 90 -23.05 3.60 -56.87
N LEU D 91 -24.24 4.18 -57.10
CA LEU D 91 -24.59 4.91 -58.36
C LEU D 91 -23.71 6.16 -58.46
N ASN D 92 -22.39 5.98 -58.49
CA ASN D 92 -21.41 7.06 -58.82
C ASN D 92 -21.75 7.58 -60.22
N LYS D 93 -21.62 8.91 -60.42
CA LYS D 93 -21.83 9.65 -61.70
C LYS D 93 -23.28 10.13 -61.80
N ASP D 94 -24.13 9.74 -60.85
CA ASP D 94 -25.34 10.52 -60.48
C ASP D 94 -24.86 11.75 -59.70
N GLY D 95 -24.22 12.70 -60.40
CA GLY D 95 -23.79 14.02 -59.89
C GLY D 95 -22.56 13.96 -59.00
N ASN D 96 -22.09 12.75 -58.70
CA ASN D 96 -20.97 12.46 -57.76
C ASN D 96 -19.71 12.15 -58.60
N SER D 97 -19.02 13.18 -59.10
CA SER D 97 -17.76 13.03 -59.86
C SER D 97 -16.97 14.35 -59.87
N GLN D 98 -15.72 14.30 -60.34
CA GLN D 98 -14.81 15.47 -60.47
C GLN D 98 -14.52 15.68 -61.96
N GLY D 99 -15.46 15.28 -62.83
CA GLY D 99 -15.36 15.37 -64.30
C GLY D 99 -15.22 16.80 -64.78
N GLY D 100 -14.23 17.09 -65.65
CA GLY D 100 -13.86 18.44 -66.10
C GLY D 100 -14.91 19.08 -67.00
N ASN D 101 -14.77 18.91 -68.33
CA ASN D 101 -15.69 19.48 -69.37
C ASN D 101 -17.08 18.85 -69.20
N THR D 102 -17.16 17.71 -68.51
CA THR D 102 -18.40 17.01 -68.09
C THR D 102 -19.18 17.90 -67.12
N SER D 103 -18.46 18.51 -66.18
CA SER D 103 -18.97 19.41 -65.11
C SER D 103 -20.08 18.70 -64.31
N LEU D 104 -19.87 17.43 -63.93
CA LEU D 104 -20.93 16.56 -63.40
C LEU D 104 -21.27 17.02 -61.97
N LEU D 105 -20.49 17.96 -61.43
CA LEU D 105 -20.79 18.63 -60.14
C LEU D 105 -22.05 19.50 -60.27
N LEU D 106 -22.51 19.77 -61.51
CA LEU D 106 -23.77 20.51 -61.84
C LEU D 106 -24.91 19.54 -62.17
N ALA D 107 -24.67 18.22 -62.09
CA ALA D 107 -25.64 17.17 -62.46
C ALA D 107 -26.37 16.66 -61.22
N PRO D 108 -27.54 15.98 -61.39
CA PRO D 108 -28.36 15.51 -60.27
C PRO D 108 -27.69 14.65 -59.19
N LYS D 109 -27.98 14.93 -57.90
CA LYS D 109 -27.42 14.21 -56.73
C LYS D 109 -28.56 13.65 -55.86
N VAL D 110 -28.23 12.66 -55.02
CA VAL D 110 -29.20 11.85 -54.22
C VAL D 110 -28.89 11.96 -52.72
N VAL D 111 -29.95 11.92 -51.90
CA VAL D 111 -29.91 12.13 -50.42
C VAL D 111 -31.06 11.39 -49.77
N ALA D 112 -31.08 11.43 -48.43
CA ALA D 112 -32.23 11.03 -47.60
C ALA D 112 -32.16 11.59 -46.18
N ASP D 113 -33.34 11.69 -45.55
CA ASP D 113 -33.58 12.03 -44.13
C ASP D 113 -34.09 10.77 -43.43
N GLU D 114 -33.61 10.50 -42.22
CA GLU D 114 -34.05 9.32 -41.44
C GLU D 114 -35.01 9.76 -40.32
N ARG D 115 -35.29 11.07 -40.15
CA ARG D 115 -36.30 11.57 -39.17
C ARG D 115 -37.71 11.38 -39.74
N THR D 116 -37.94 11.75 -41.01
CA THR D 116 -39.24 11.57 -41.72
C THR D 116 -39.17 10.31 -42.61
N ASN D 117 -37.98 9.73 -42.75
CA ASN D 117 -37.56 8.76 -43.81
C ASN D 117 -38.00 9.30 -45.17
N SER D 118 -37.33 10.34 -45.64
CA SER D 118 -37.67 11.03 -46.91
C SER D 118 -36.50 10.93 -47.88
N VAL D 119 -36.78 10.57 -49.13
CA VAL D 119 -35.75 10.72 -50.18
C VAL D 119 -35.66 12.19 -50.51
N VAL D 120 -34.43 12.60 -50.78
CA VAL D 120 -34.14 13.96 -51.24
C VAL D 120 -33.39 13.81 -52.56
N VAL D 121 -33.87 14.50 -53.58
CA VAL D 121 -33.18 14.61 -54.89
C VAL D 121 -32.73 16.06 -55.02
N SER D 122 -31.61 16.30 -55.71
CA SER D 122 -31.24 17.67 -56.16
C SER D 122 -30.81 17.61 -57.63
N GLY D 123 -31.67 17.99 -58.58
CA GLY D 123 -31.27 18.00 -60.00
C GLY D 123 -32.42 18.10 -61.00
N GLU D 124 -32.13 17.64 -62.22
CA GLU D 124 -32.98 17.53 -63.44
C GLU D 124 -34.40 17.05 -63.16
N PRO D 125 -35.38 17.37 -64.04
CA PRO D 125 -36.65 16.64 -64.04
C PRO D 125 -36.59 15.21 -64.61
N LYS D 126 -35.57 14.89 -65.41
CA LYS D 126 -35.25 13.48 -65.77
C LYS D 126 -34.83 12.74 -64.49
N ALA D 127 -34.16 13.43 -63.56
CA ALA D 127 -33.78 12.87 -62.24
C ALA D 127 -35.03 12.76 -61.35
N ARG D 128 -35.92 13.76 -61.35
CA ARG D 128 -37.26 13.65 -60.69
C ARG D 128 -37.96 12.40 -61.22
N ALA D 129 -38.02 12.27 -62.54
CA ALA D 129 -38.72 11.15 -63.23
C ALA D 129 -38.09 9.81 -62.81
N ARG D 130 -36.76 9.66 -62.88
CA ARG D 130 -36.07 8.35 -62.66
C ARG D 130 -35.81 8.10 -61.17
N ILE D 131 -35.75 9.13 -60.33
CA ILE D 131 -35.47 8.87 -58.88
C ILE D 131 -36.79 8.74 -58.12
N ILE D 132 -37.92 9.22 -58.65
CA ILE D 132 -39.24 8.82 -58.10
C ILE D 132 -39.44 7.33 -58.41
N GLN D 133 -38.88 6.81 -59.51
CA GLN D 133 -38.85 5.34 -59.81
C GLN D 133 -37.97 4.65 -58.77
N MET D 134 -36.80 5.20 -58.43
CA MET D 134 -35.85 4.55 -57.49
C MET D 134 -36.38 4.63 -56.04
N VAL D 135 -37.12 5.69 -55.70
CA VAL D 135 -37.93 5.79 -54.44
C VAL D 135 -38.83 4.57 -54.35
N ARG D 136 -39.56 4.27 -55.43
CA ARG D 136 -40.61 3.22 -55.49
C ARG D 136 -39.94 1.84 -55.51
N GLN D 137 -38.78 1.74 -56.15
CA GLN D 137 -38.04 0.46 -56.31
C GLN D 137 -37.66 -0.12 -54.94
N LEU D 138 -37.28 0.74 -53.98
CA LEU D 138 -36.69 0.31 -52.69
C LEU D 138 -37.61 0.64 -51.51
N ASP D 139 -38.78 1.21 -51.80
CA ASP D 139 -39.83 1.52 -50.79
C ASP D 139 -40.62 0.24 -50.54
N ARG D 140 -40.11 -0.90 -51.00
CA ARG D 140 -40.75 -2.21 -50.72
C ARG D 140 -40.56 -2.54 -49.24
N GLU D 141 -41.61 -3.13 -48.66
CA GLU D 141 -41.67 -3.59 -47.25
C GLU D 141 -41.06 -4.98 -47.16
N LEU D 142 -40.95 -5.53 -45.95
CA LEU D 142 -40.49 -6.93 -45.78
C LEU D 142 -41.68 -7.86 -46.04
N GLN D 143 -41.40 -9.07 -46.52
CA GLN D 143 -42.44 -10.10 -46.75
C GLN D 143 -42.30 -11.14 -45.65
N SER D 144 -43.12 -11.04 -44.59
CA SER D 144 -43.17 -11.99 -43.44
C SER D 144 -41.75 -12.17 -42.88
N GLN D 145 -40.98 -13.13 -43.43
CA GLN D 145 -39.58 -13.41 -43.02
C GLN D 145 -38.80 -12.09 -42.97
N GLY D 146 -38.23 -11.77 -41.81
CA GLY D 146 -37.47 -10.52 -41.61
C GLY D 146 -35.97 -10.74 -41.63
N ASN D 147 -35.20 -9.73 -41.20
CA ASN D 147 -33.76 -9.87 -40.90
C ASN D 147 -33.65 -10.65 -39.59
N THR D 148 -34.46 -10.31 -38.58
CA THR D 148 -34.44 -11.00 -37.28
C THR D 148 -35.62 -11.95 -37.10
N ARG D 149 -35.31 -13.14 -36.62
CA ARG D 149 -36.30 -14.18 -36.26
C ARG D 149 -36.28 -14.40 -34.74
N VAL D 150 -37.37 -14.92 -34.19
CA VAL D 150 -37.34 -15.47 -32.82
C VAL D 150 -37.71 -16.95 -32.90
N PHE D 151 -36.78 -17.80 -32.47
CA PHE D 151 -37.01 -19.25 -32.30
C PHE D 151 -37.54 -19.53 -30.91
N TYR D 152 -38.71 -20.15 -30.88
CA TYR D 152 -39.28 -20.77 -29.68
C TYR D 152 -38.61 -22.12 -29.51
N LEU D 153 -37.69 -22.24 -28.58
CA LEU D 153 -37.09 -23.56 -28.32
C LEU D 153 -38.04 -24.37 -27.44
N LYS D 154 -38.17 -25.66 -27.73
CA LYS D 154 -39.09 -26.53 -26.94
C LYS D 154 -38.35 -27.31 -25.84
N TYR D 155 -37.27 -28.05 -26.14
CA TYR D 155 -36.57 -28.93 -25.19
C TYR D 155 -35.27 -28.29 -24.71
N GLY D 156 -34.79 -27.27 -25.43
CA GLY D 156 -33.57 -26.50 -25.12
C GLY D 156 -33.88 -25.21 -24.38
N LYS D 157 -32.97 -24.76 -23.51
CA LYS D 157 -33.13 -23.56 -22.66
C LYS D 157 -32.44 -22.36 -23.31
N ALA D 158 -33.15 -21.25 -23.48
CA ALA D 158 -32.70 -20.14 -24.34
C ALA D 158 -31.38 -19.55 -23.80
N LYS D 159 -31.25 -19.42 -22.48
CA LYS D 159 -30.08 -18.73 -21.85
C LYS D 159 -28.83 -19.57 -22.11
N ASP D 160 -28.97 -20.89 -22.01
CA ASP D 160 -27.85 -21.85 -22.18
C ASP D 160 -27.49 -21.89 -23.66
N MET D 161 -28.50 -21.87 -24.53
CA MET D 161 -28.32 -21.96 -26.01
C MET D 161 -27.58 -20.72 -26.51
N VAL D 162 -27.82 -19.56 -25.89
CA VAL D 162 -27.19 -18.28 -26.33
C VAL D 162 -25.67 -18.51 -26.34
N GLU D 163 -25.14 -19.07 -25.26
CA GLU D 163 -23.68 -19.25 -25.08
C GLU D 163 -23.18 -20.15 -26.19
N VAL D 164 -23.91 -21.22 -26.46
CA VAL D 164 -23.56 -22.24 -27.48
C VAL D 164 -23.45 -21.53 -28.82
N LEU D 165 -24.47 -20.72 -29.14
CA LEU D 165 -24.59 -20.12 -30.48
C LEU D 165 -23.57 -18.97 -30.58
N LYS D 166 -23.20 -18.38 -29.45
CA LYS D 166 -22.27 -17.23 -29.42
C LYS D 166 -20.96 -17.66 -30.07
N GLY D 167 -20.51 -18.88 -29.78
CA GLY D 167 -19.34 -19.47 -30.45
C GLY D 167 -19.53 -19.43 -31.95
N VAL D 168 -20.69 -19.86 -32.44
CA VAL D 168 -20.93 -20.03 -33.91
C VAL D 168 -20.86 -18.66 -34.57
N SER D 169 -21.48 -17.68 -33.92
CA SER D 169 -21.50 -16.25 -34.31
C SER D 169 -20.07 -15.70 -34.24
N SER D 170 -19.38 -16.02 -33.16
CA SER D 170 -18.03 -15.49 -32.80
C SER D 170 -16.96 -16.29 -33.57
N LEU D 196 -22.96 -11.30 -36.11
CA LEU D 196 -24.15 -12.10 -35.72
C LEU D 196 -24.41 -11.93 -34.22
N ALA D 197 -25.65 -11.59 -33.86
CA ALA D 197 -26.00 -10.91 -32.60
C ALA D 197 -27.19 -11.59 -31.91
N ILE D 198 -26.99 -12.08 -30.70
CA ILE D 198 -27.96 -12.98 -30.04
C ILE D 198 -28.29 -12.44 -28.65
N SER D 199 -29.53 -12.67 -28.22
CA SER D 199 -29.97 -12.61 -26.80
C SER D 199 -31.06 -13.65 -26.58
N ALA D 200 -31.15 -14.17 -25.36
CA ALA D 200 -32.24 -15.07 -24.98
C ALA D 200 -33.10 -14.41 -23.90
N ASP D 201 -34.41 -14.40 -24.13
CA ASP D 201 -35.42 -13.90 -23.18
C ASP D 201 -35.71 -15.00 -22.15
N GLU D 202 -35.38 -14.72 -20.89
CA GLU D 202 -35.48 -15.71 -19.80
C GLU D 202 -36.94 -16.11 -19.66
N THR D 203 -37.87 -15.21 -19.96
CA THR D 203 -39.31 -15.39 -19.63
C THR D 203 -39.94 -16.37 -20.62
N THR D 204 -40.07 -16.00 -21.88
CA THR D 204 -40.69 -16.86 -22.93
C THR D 204 -39.70 -17.95 -23.35
N ASN D 205 -38.47 -17.92 -22.81
CA ASN D 205 -37.42 -18.93 -23.11
C ASN D 205 -37.27 -19.02 -24.63
N ALA D 206 -37.10 -17.88 -25.29
CA ALA D 206 -36.92 -17.80 -26.75
C ALA D 206 -35.58 -17.15 -27.05
N LEU D 207 -35.01 -17.45 -28.22
CA LEU D 207 -33.71 -16.92 -28.68
C LEU D 207 -33.95 -15.92 -29.81
N VAL D 208 -33.48 -14.69 -29.62
CA VAL D 208 -33.61 -13.61 -30.65
C VAL D 208 -32.23 -13.40 -31.29
N ILE D 209 -32.03 -13.93 -32.49
CA ILE D 209 -30.77 -13.78 -33.26
C ILE D 209 -31.04 -12.86 -34.46
N THR D 210 -30.02 -12.14 -34.91
CA THR D 210 -30.08 -11.21 -36.07
C THR D 210 -28.83 -11.40 -36.92
N ALA D 211 -28.91 -12.21 -37.97
CA ALA D 211 -27.80 -12.44 -38.92
C ALA D 211 -28.36 -12.41 -40.35
N GLN D 212 -27.46 -12.48 -41.35
CA GLN D 212 -27.86 -12.52 -42.78
C GLN D 212 -28.80 -13.68 -42.98
N PRO D 213 -29.69 -13.62 -43.98
CA PRO D 213 -30.63 -14.70 -44.24
C PRO D 213 -29.88 -16.02 -44.52
N ASP D 214 -28.65 -15.92 -45.04
CA ASP D 214 -27.75 -17.10 -45.25
C ASP D 214 -27.44 -17.75 -43.90
N VAL D 215 -27.15 -16.93 -42.89
CA VAL D 215 -26.74 -17.41 -41.55
C VAL D 215 -28.02 -17.82 -40.80
N MET D 216 -29.13 -17.14 -41.07
CA MET D 216 -30.44 -17.43 -40.43
C MET D 216 -30.82 -18.88 -40.73
N ALA D 217 -30.67 -19.29 -41.98
CA ALA D 217 -30.98 -20.67 -42.43
C ALA D 217 -29.95 -21.64 -41.83
N GLU D 218 -28.70 -21.19 -41.65
CA GLU D 218 -27.64 -22.04 -41.04
C GLU D 218 -27.89 -22.18 -39.54
N LEU D 219 -28.25 -21.08 -38.87
CA LEU D 219 -28.58 -21.08 -37.42
C LEU D 219 -29.83 -21.91 -37.20
N GLU D 220 -30.74 -21.92 -38.18
CA GLU D 220 -32.02 -22.63 -38.10
C GLU D 220 -31.79 -24.15 -38.09
N GLN D 221 -30.73 -24.65 -38.74
CA GLN D 221 -30.39 -26.10 -38.71
C GLN D 221 -29.68 -26.41 -37.40
N VAL D 222 -28.82 -25.50 -36.97
CA VAL D 222 -28.02 -25.67 -35.72
C VAL D 222 -29.01 -25.82 -34.56
N VAL D 223 -29.98 -24.92 -34.54
CA VAL D 223 -31.01 -24.85 -33.48
C VAL D 223 -31.82 -26.15 -33.51
N ALA D 224 -32.28 -26.56 -34.69
CA ALA D 224 -33.15 -27.75 -34.84
C ALA D 224 -32.40 -28.98 -34.35
N LYS D 225 -31.09 -29.06 -34.58
CA LYS D 225 -30.29 -30.23 -34.15
C LYS D 225 -30.10 -30.15 -32.64
N LEU D 226 -29.98 -28.92 -32.13
CA LEU D 226 -29.48 -28.62 -30.77
C LEU D 226 -30.66 -28.64 -29.80
N ASP D 227 -31.88 -28.62 -30.35
CA ASP D 227 -33.15 -28.59 -29.58
C ASP D 227 -33.79 -29.97 -29.62
N ILE D 228 -33.05 -30.99 -30.02
CA ILE D 228 -33.56 -32.38 -30.07
C ILE D 228 -34.00 -32.82 -28.68
N ARG D 229 -35.16 -33.47 -28.60
CA ARG D 229 -35.73 -33.99 -27.32
C ARG D 229 -34.67 -34.87 -26.64
N ARG D 230 -34.03 -34.33 -25.59
CA ARG D 230 -32.99 -35.06 -24.83
C ARG D 230 -33.64 -36.22 -24.09
N ALA D 231 -33.10 -37.41 -24.31
CA ALA D 231 -33.65 -38.68 -23.76
C ALA D 231 -33.41 -38.72 -22.25
N GLN D 232 -34.30 -39.45 -21.55
CA GLN D 232 -34.29 -39.61 -20.09
C GLN D 232 -33.73 -40.97 -19.71
N VAL D 233 -33.10 -41.06 -18.55
CA VAL D 233 -32.49 -42.31 -18.06
C VAL D 233 -32.97 -42.59 -16.66
N LEU D 234 -33.54 -43.77 -16.45
CA LEU D 234 -33.85 -44.28 -15.11
C LEU D 234 -32.64 -45.09 -14.62
N VAL D 235 -32.02 -44.65 -13.54
CA VAL D 235 -30.79 -45.30 -13.02
C VAL D 235 -31.11 -45.91 -11.66
N GLU D 236 -31.19 -47.24 -11.59
CA GLU D 236 -31.29 -47.95 -10.30
C GLU D 236 -29.89 -48.40 -9.88
N ALA D 237 -29.48 -48.02 -8.68
CA ALA D 237 -28.28 -48.59 -8.03
C ALA D 237 -28.76 -49.63 -7.03
N ILE D 238 -27.95 -50.65 -6.81
CA ILE D 238 -28.26 -51.69 -5.81
C ILE D 238 -27.03 -51.86 -4.95
N ILE D 239 -27.12 -51.45 -3.70
CA ILE D 239 -26.02 -51.59 -2.71
C ILE D 239 -26.39 -52.70 -1.75
N VAL D 240 -25.69 -53.81 -1.83
CA VAL D 240 -25.94 -54.95 -0.93
C VAL D 240 -24.68 -55.14 -0.11
N GLU D 241 -24.85 -55.14 1.21
CA GLU D 241 -23.74 -55.47 2.12
C GLU D 241 -24.20 -56.55 3.07
N ILE D 242 -23.29 -57.43 3.44
CA ILE D 242 -23.55 -58.50 4.43
C ILE D 242 -22.36 -58.62 5.36
N ALA D 243 -22.62 -58.70 6.66
CA ALA D 243 -21.62 -58.60 7.74
C ALA D 243 -21.99 -59.56 8.87
N ASP D 244 -20.97 -60.08 9.55
CA ASP D 244 -21.11 -61.02 10.68
C ASP D 244 -19.70 -61.31 11.19
N GLY D 245 -19.59 -62.19 12.16
CA GLY D 245 -18.29 -62.70 12.60
C GLY D 245 -18.45 -63.32 13.95
N ASP D 246 -17.48 -64.12 14.38
CA ASP D 246 -17.62 -64.86 15.66
C ASP D 246 -16.37 -64.62 16.52
N GLY D 247 -16.60 -63.93 17.63
CA GLY D 247 -15.73 -63.94 18.81
C GLY D 247 -15.98 -65.17 19.65
N LEU D 248 -14.96 -65.57 20.39
CA LEU D 248 -14.95 -66.74 21.29
C LEU D 248 -13.99 -66.33 22.39
N ASN D 249 -14.41 -66.27 23.64
CA ASN D 249 -13.40 -66.15 24.72
C ASN D 249 -13.69 -67.21 25.78
N LEU D 250 -12.86 -68.24 25.79
CA LEU D 250 -12.90 -69.29 26.82
C LEU D 250 -11.51 -69.44 27.40
N GLY D 251 -11.46 -69.55 28.72
CA GLY D 251 -10.26 -69.40 29.56
C GLY D 251 -10.51 -69.96 30.93
N VAL D 252 -9.53 -70.65 31.49
CA VAL D 252 -9.77 -71.39 32.75
C VAL D 252 -8.66 -70.99 33.72
N GLN D 253 -9.06 -70.60 34.94
CA GLN D 253 -8.12 -70.11 35.97
C GLN D 253 -8.26 -71.03 37.19
N TRP D 254 -7.14 -71.49 37.74
CA TRP D 254 -7.08 -72.37 38.93
C TRP D 254 -6.28 -71.65 40.00
N ALA D 255 -6.87 -71.35 41.15
CA ALA D 255 -6.17 -70.68 42.26
C ALA D 255 -6.17 -71.60 43.49
N ASN D 256 -4.98 -71.86 44.05
CA ASN D 256 -4.83 -72.77 45.21
C ASN D 256 -4.05 -72.04 46.31
N THR D 257 -4.62 -71.98 47.50
CA THR D 257 -3.98 -71.24 48.61
C THR D 257 -2.58 -71.83 48.81
N ASN D 258 -2.46 -73.16 48.85
CA ASN D 258 -1.21 -73.86 49.25
C ASN D 258 -0.16 -73.78 48.12
N GLY D 259 -0.60 -74.03 46.88
CA GLY D 259 0.27 -74.34 45.73
C GLY D 259 0.57 -73.14 44.85
N GLY D 260 -0.47 -72.37 44.47
CA GLY D 260 -0.33 -71.21 43.57
C GLY D 260 -1.59 -70.97 42.75
N GLY D 261 -1.68 -69.80 42.10
CA GLY D 261 -2.82 -69.35 41.29
C GLY D 261 -2.39 -68.95 39.89
N THR D 262 -3.30 -69.02 38.92
CA THR D 262 -3.06 -68.67 37.48
C THR D 262 -4.15 -67.67 37.04
N GLN D 263 -3.81 -66.38 36.99
CA GLN D 263 -4.77 -65.31 36.62
C GLN D 263 -4.41 -64.79 35.22
N PHE D 264 -5.43 -64.54 34.40
CA PHE D 264 -5.34 -64.08 32.99
C PHE D 264 -6.21 -62.84 32.78
N THR D 265 -6.27 -62.34 31.53
CA THR D 265 -6.88 -61.04 31.15
C THR D 265 -7.87 -61.17 29.98
N ASN D 266 -7.56 -61.97 28.95
CA ASN D 266 -8.44 -62.22 27.77
C ASN D 266 -9.88 -62.44 28.27
N ALA D 267 -9.99 -62.99 29.49
CA ALA D 267 -11.25 -63.28 30.21
C ALA D 267 -11.96 -61.97 30.53
N GLY D 268 -13.30 -62.00 30.57
CA GLY D 268 -14.15 -60.90 31.04
C GLY D 268 -13.59 -60.19 32.27
N PRO D 269 -13.61 -60.84 33.47
CA PRO D 269 -13.04 -60.28 34.69
C PRO D 269 -11.92 -61.08 35.40
N GLY D 270 -11.17 -60.41 36.27
CA GLY D 270 -10.06 -61.00 37.04
C GLY D 270 -10.52 -61.46 38.42
N ILE D 271 -10.07 -62.64 38.83
CA ILE D 271 -10.47 -63.28 40.13
C ILE D 271 -10.27 -62.28 41.26
N GLY D 272 -9.31 -61.36 41.12
CA GLY D 272 -8.99 -60.33 42.13
C GLY D 272 -10.21 -59.51 42.50
N SER D 273 -10.78 -58.78 41.54
CA SER D 273 -11.91 -57.85 41.74
C SER D 273 -13.11 -58.63 42.28
N VAL D 274 -13.26 -59.88 41.85
CA VAL D 274 -14.42 -60.75 42.21
C VAL D 274 -14.31 -61.10 43.70
N ALA D 275 -13.16 -61.62 44.13
CA ALA D 275 -12.92 -62.09 45.51
C ALA D 275 -13.03 -60.88 46.44
N ILE D 276 -12.37 -59.79 46.09
CA ILE D 276 -12.36 -58.56 46.93
C ILE D 276 -13.81 -58.10 47.09
N ALA D 277 -14.58 -58.08 46.00
CA ALA D 277 -15.99 -57.61 45.99
C ALA D 277 -16.82 -58.50 46.93
N ALA D 278 -16.64 -59.82 46.83
CA ALA D 278 -17.40 -60.79 47.64
C ALA D 278 -17.08 -60.58 49.13
N LYS D 279 -15.83 -60.22 49.44
CA LYS D 279 -15.36 -60.00 50.84
C LYS D 279 -15.78 -58.58 51.28
N ASP D 280 -16.06 -57.70 50.33
CA ASP D 280 -16.48 -56.30 50.59
C ASP D 280 -18.01 -56.23 50.65
N TYR D 281 -18.70 -57.23 50.11
CA TYR D 281 -20.19 -57.35 50.07
C TYR D 281 -20.68 -58.04 51.35
N LYS D 282 -19.77 -58.55 52.17
CA LYS D 282 -20.08 -59.27 53.43
C LYS D 282 -20.51 -58.25 54.50
N ASP D 283 -21.32 -58.70 55.46
CA ASP D 283 -21.91 -57.89 56.57
C ASP D 283 -22.61 -56.66 55.99
N ASN D 284 -23.41 -56.86 54.93
CA ASN D 284 -24.16 -55.78 54.21
C ASN D 284 -23.21 -54.64 53.84
N GLY D 285 -22.22 -54.91 52.97
CA GLY D 285 -21.22 -53.96 52.50
C GLY D 285 -21.67 -53.20 51.25
N THR D 286 -20.75 -52.68 50.44
CA THR D 286 -21.02 -51.94 49.17
C THR D 286 -21.22 -52.92 48.01
N THR D 287 -21.63 -52.41 46.85
CA THR D 287 -21.90 -53.20 45.63
C THR D 287 -21.39 -52.44 44.40
N THR D 288 -21.03 -51.16 44.56
CA THR D 288 -20.53 -50.27 43.47
C THR D 288 -19.34 -50.98 42.81
N GLY D 289 -18.26 -51.18 43.58
CA GLY D 289 -17.05 -51.88 43.12
C GLY D 289 -17.41 -53.08 42.27
N LEU D 290 -18.16 -54.03 42.83
CA LEU D 290 -18.40 -55.32 42.14
C LEU D 290 -19.39 -55.11 41.00
N ALA D 291 -20.38 -54.25 41.17
CA ALA D 291 -21.42 -54.02 40.15
C ALA D 291 -20.77 -53.40 38.91
N LYS D 292 -19.57 -52.81 39.05
CA LYS D 292 -18.90 -52.11 37.93
C LYS D 292 -18.09 -53.11 37.11
N LEU D 293 -17.51 -54.11 37.79
CA LEU D 293 -16.83 -55.25 37.12
C LEU D 293 -17.83 -55.95 36.21
N ALA D 294 -18.96 -56.38 36.78
CA ALA D 294 -19.94 -57.27 36.13
C ALA D 294 -20.79 -56.49 35.13
N GLU D 295 -20.47 -55.22 34.86
CA GLU D 295 -21.26 -54.34 33.96
C GLU D 295 -21.26 -54.90 32.53
N ASN D 296 -20.10 -55.17 31.92
CA ASN D 296 -20.04 -55.55 30.49
C ASN D 296 -19.80 -57.05 30.34
N PHE D 297 -19.69 -57.81 31.43
CA PHE D 297 -19.31 -59.25 31.34
C PHE D 297 -20.34 -60.00 30.51
N ASN D 298 -19.87 -60.97 29.71
CA ASN D 298 -20.74 -61.82 28.86
C ASN D 298 -20.16 -63.23 28.71
N GLY D 299 -20.81 -64.21 29.36
CA GLY D 299 -20.54 -65.65 29.15
C GLY D 299 -20.95 -66.49 30.35
N MET D 300 -20.28 -67.63 30.50
CA MET D 300 -20.53 -68.63 31.56
C MET D 300 -19.29 -68.69 32.45
N ALA D 301 -19.32 -67.99 33.60
CA ALA D 301 -18.28 -68.09 34.64
C ALA D 301 -18.67 -69.18 35.64
N ALA D 302 -18.02 -70.33 35.58
CA ALA D 302 -18.37 -71.52 36.38
C ALA D 302 -17.24 -71.84 37.37
N GLY D 303 -17.47 -71.56 38.66
CA GLY D 303 -16.56 -71.85 39.78
C GLY D 303 -16.78 -73.26 40.33
N PHE D 304 -15.73 -73.86 40.89
CA PHE D 304 -15.78 -75.23 41.48
C PHE D 304 -14.71 -75.31 42.58
N TYR D 305 -15.09 -75.81 43.77
CA TYR D 305 -14.18 -76.13 44.91
C TYR D 305 -14.15 -77.64 45.17
N GLN D 306 -13.05 -78.30 44.82
CA GLN D 306 -12.77 -79.68 45.26
C GLN D 306 -11.61 -79.63 46.25
N GLY D 307 -11.95 -79.90 47.52
CA GLY D 307 -11.09 -79.57 48.67
C GLY D 307 -10.58 -78.14 48.57
N ASN D 308 -9.28 -77.98 48.34
CA ASN D 308 -8.53 -76.71 48.54
C ASN D 308 -8.29 -76.01 47.20
N TRP D 309 -8.29 -76.71 46.06
CA TRP D 309 -8.07 -76.05 44.75
C TRP D 309 -9.38 -75.42 44.25
N ALA D 310 -9.39 -74.09 44.12
CA ALA D 310 -10.49 -73.33 43.48
C ALA D 310 -10.21 -73.24 41.98
N MET D 311 -11.28 -73.25 41.17
CA MET D 311 -11.22 -73.27 39.68
C MET D 311 -12.32 -72.33 39.15
N LEU D 312 -11.96 -71.48 38.18
CA LEU D 312 -12.89 -70.54 37.51
C LEU D 312 -12.74 -70.67 36.00
N VAL D 313 -13.84 -71.08 35.36
CA VAL D 313 -13.92 -71.33 33.90
C VAL D 313 -14.71 -70.18 33.29
N THR D 314 -14.16 -69.54 32.25
CA THR D 314 -14.78 -68.39 31.55
C THR D 314 -14.99 -68.73 30.08
N ALA D 315 -16.17 -68.40 29.55
CA ALA D 315 -16.53 -68.73 28.17
C ALA D 315 -17.67 -67.83 27.69
N LEU D 316 -17.46 -67.21 26.53
CA LEU D 316 -18.54 -66.67 25.66
C LEU D 316 -18.06 -66.71 24.21
N SER D 317 -18.97 -67.02 23.32
CA SER D 317 -18.75 -66.81 21.87
C SER D 317 -19.73 -65.73 21.42
N THR D 318 -19.22 -64.57 21.03
CA THR D 318 -20.04 -63.58 20.30
C THR D 318 -19.98 -63.94 18.81
N ASN D 319 -21.14 -63.89 18.16
CA ASN D 319 -21.36 -64.28 16.75
C ASN D 319 -22.44 -63.33 16.26
N THR D 320 -22.21 -62.71 15.11
CA THR D 320 -22.94 -61.50 14.72
C THR D 320 -23.36 -61.66 13.27
N LYS D 321 -24.34 -60.87 12.85
CA LYS D 321 -24.90 -60.91 11.48
C LYS D 321 -25.55 -59.57 11.21
N SER D 322 -25.29 -59.02 10.02
CA SER D 322 -25.95 -57.81 9.50
C SER D 322 -26.05 -57.94 7.98
N ASP D 323 -27.13 -57.41 7.42
CA ASP D 323 -27.38 -57.38 5.96
C ASP D 323 -27.97 -56.02 5.61
N ILE D 324 -27.37 -55.34 4.63
CA ILE D 324 -27.82 -53.99 4.21
C ILE D 324 -28.02 -54.03 2.69
N LEU D 325 -29.03 -53.33 2.20
CA LEU D 325 -29.37 -53.26 0.75
C LEU D 325 -30.08 -51.95 0.44
N SER D 326 -29.41 -51.03 -0.25
CA SER D 326 -29.97 -49.72 -0.65
C SER D 326 -29.99 -49.63 -2.18
N THR D 327 -31.12 -49.24 -2.75
CA THR D 327 -31.30 -49.13 -4.22
C THR D 327 -31.91 -47.78 -4.54
N PRO D 328 -31.12 -46.69 -4.44
CA PRO D 328 -31.61 -45.36 -4.75
C PRO D 328 -31.58 -45.11 -6.26
N SER D 329 -32.72 -45.19 -6.92
CA SER D 329 -32.87 -44.89 -8.36
C SER D 329 -33.16 -43.40 -8.55
N ILE D 330 -33.04 -42.90 -9.78
CA ILE D 330 -33.33 -41.49 -10.13
C ILE D 330 -33.45 -41.37 -11.65
N VAL D 331 -34.36 -40.52 -12.12
CA VAL D 331 -34.56 -40.27 -13.57
C VAL D 331 -34.11 -38.85 -13.90
N THR D 332 -33.13 -38.73 -14.80
CA THR D 332 -32.42 -37.47 -15.15
C THR D 332 -32.45 -37.28 -16.67
N MET D 333 -32.35 -36.04 -17.12
CA MET D 333 -32.03 -35.73 -18.53
C MET D 333 -30.54 -36.05 -18.75
N ASP D 334 -30.20 -36.60 -19.92
CA ASP D 334 -28.80 -36.84 -20.33
C ASP D 334 -27.96 -35.59 -20.03
N ASN D 335 -26.78 -35.76 -19.46
CA ASN D 335 -25.76 -34.70 -19.46
C ASN D 335 -26.15 -33.57 -18.52
N LYS D 336 -27.27 -33.69 -17.84
CA LYS D 336 -27.48 -32.91 -16.60
C LYS D 336 -27.09 -33.80 -15.42
N GLU D 337 -26.38 -33.24 -14.46
CA GLU D 337 -26.19 -34.00 -13.21
C GLU D 337 -27.46 -33.83 -12.40
N ALA D 338 -28.01 -34.98 -12.05
CA ALA D 338 -28.97 -35.18 -10.95
C ALA D 338 -28.19 -35.22 -9.66
N SER D 339 -28.83 -34.79 -8.58
CA SER D 339 -28.43 -35.18 -7.22
C SER D 339 -29.58 -36.04 -6.70
N PHE D 340 -29.29 -36.92 -5.76
CA PHE D 340 -30.34 -37.60 -4.99
C PHE D 340 -29.77 -37.83 -3.61
N ASN D 341 -30.46 -37.38 -2.58
CA ASN D 341 -29.94 -37.59 -1.22
C ASN D 341 -31.08 -38.18 -0.41
N VAL D 342 -30.81 -39.17 0.44
CA VAL D 342 -31.74 -39.50 1.55
C VAL D 342 -30.94 -39.84 2.79
N GLY D 343 -30.79 -38.84 3.62
CA GLY D 343 -29.73 -38.76 4.65
C GLY D 343 -29.83 -37.44 5.33
N GLN D 344 -28.72 -36.76 5.58
CA GLN D 344 -28.89 -35.63 6.51
C GLN D 344 -27.69 -34.71 6.56
N GLU D 345 -27.98 -33.49 6.98
CA GLU D 345 -27.04 -32.35 7.19
C GLU D 345 -26.68 -32.31 8.68
N VAL D 346 -25.41 -32.58 8.97
CA VAL D 346 -24.83 -32.52 10.33
C VAL D 346 -23.70 -31.51 10.31
N PRO D 347 -23.49 -30.82 11.42
CA PRO D 347 -22.39 -29.87 11.48
C PRO D 347 -21.05 -30.57 11.70
N VAL D 348 -20.00 -30.07 11.05
CA VAL D 348 -18.58 -30.52 11.24
C VAL D 348 -17.74 -29.28 11.52
N GLN D 349 -16.79 -29.35 12.46
CA GLN D 349 -15.91 -28.21 12.80
C GLN D 349 -14.95 -27.95 11.63
N THR D 350 -14.36 -26.76 11.59
CA THR D 350 -13.33 -26.38 10.59
C THR D 350 -12.59 -25.12 11.06
N THR D 364 -16.74 -22.14 15.00
CA THR D 364 -16.88 -22.29 13.52
C THR D 364 -17.25 -23.74 13.18
N ILE D 365 -18.38 -23.95 12.48
CA ILE D 365 -18.88 -25.29 12.09
C ILE D 365 -19.20 -25.27 10.59
N GLU D 366 -19.80 -26.36 10.09
CA GLU D 366 -20.15 -26.54 8.66
C GLU D 366 -21.20 -27.65 8.50
N ARG D 367 -22.00 -27.57 7.45
CA ARG D 367 -23.10 -28.52 7.18
C ARG D 367 -22.60 -29.52 6.13
N LYS D 368 -22.74 -30.81 6.40
CA LYS D 368 -22.37 -31.89 5.45
C LYS D 368 -23.56 -32.82 5.27
N THR D 369 -23.97 -33.10 4.04
CA THR D 369 -25.08 -34.05 3.73
C THR D 369 -24.53 -35.47 3.73
N VAL D 370 -24.77 -36.20 4.81
CA VAL D 370 -24.36 -37.63 4.97
C VAL D 370 -25.62 -38.48 5.12
N GLY D 371 -25.82 -39.38 4.18
CA GLY D 371 -26.95 -40.32 4.14
C GLY D 371 -26.79 -41.20 2.93
N THR D 372 -27.85 -41.80 2.42
CA THR D 372 -27.75 -42.47 1.11
C THR D 372 -27.73 -41.37 0.04
N LYS D 373 -26.58 -41.18 -0.61
CA LYS D 373 -26.43 -40.20 -1.70
C LYS D 373 -26.11 -40.92 -2.98
N LEU D 374 -26.77 -40.47 -4.01
CA LEU D 374 -26.39 -40.81 -5.38
C LEU D 374 -26.25 -39.48 -6.07
N VAL D 375 -25.07 -39.19 -6.56
CA VAL D 375 -24.91 -38.03 -7.47
C VAL D 375 -24.56 -38.60 -8.82
N LEU D 376 -25.38 -38.38 -9.81
CA LEU D 376 -25.10 -39.07 -11.07
C LEU D 376 -25.35 -38.11 -12.21
N THR D 377 -24.42 -38.05 -13.15
CA THR D 377 -24.57 -37.37 -14.45
C THR D 377 -24.49 -38.43 -15.53
N PRO D 378 -25.61 -39.05 -15.94
CA PRO D 378 -25.63 -39.89 -17.12
C PRO D 378 -25.36 -39.21 -18.46
N GLN D 379 -24.84 -40.00 -19.41
CA GLN D 379 -24.50 -39.57 -20.79
C GLN D 379 -24.82 -40.75 -21.72
N ILE D 380 -25.58 -40.53 -22.80
CA ILE D 380 -26.17 -41.65 -23.57
C ILE D 380 -25.41 -41.89 -24.88
N ASN D 381 -24.94 -43.12 -25.08
CA ASN D 381 -24.51 -43.65 -26.40
C ASN D 381 -25.77 -43.67 -27.28
N GLU D 382 -25.70 -43.06 -28.46
CA GLU D 382 -26.82 -42.95 -29.45
C GLU D 382 -27.82 -44.10 -29.28
N GLY D 383 -27.34 -45.34 -29.14
CA GLY D 383 -28.12 -46.61 -29.25
C GLY D 383 -28.65 -47.17 -27.93
N ASP D 384 -27.78 -47.65 -27.04
CA ASP D 384 -28.20 -48.41 -25.83
C ASP D 384 -27.45 -47.91 -24.60
N SER D 385 -26.12 -48.03 -24.64
CA SER D 385 -25.29 -48.15 -23.41
C SER D 385 -24.99 -46.79 -22.79
N VAL D 386 -25.30 -46.69 -21.50
CA VAL D 386 -25.17 -45.43 -20.71
C VAL D 386 -23.77 -45.33 -20.13
N LEU D 387 -23.10 -44.19 -20.33
CA LEU D 387 -21.92 -43.76 -19.52
C LEU D 387 -22.47 -43.07 -18.27
N LEU D 388 -22.19 -43.64 -17.11
CA LEU D 388 -22.66 -43.11 -15.81
C LEU D 388 -21.48 -42.58 -15.02
N THR D 389 -21.42 -41.28 -14.76
CA THR D 389 -20.43 -40.74 -13.82
C THR D 389 -21.07 -40.76 -12.44
N ILE D 390 -20.61 -41.66 -11.59
CA ILE D 390 -21.22 -41.89 -10.25
C ILE D 390 -20.27 -41.36 -9.19
N GLU D 391 -20.81 -40.59 -8.27
CA GLU D 391 -20.18 -40.33 -6.96
C GLU D 391 -21.22 -40.69 -5.92
N GLN D 392 -21.07 -41.79 -5.22
CA GLN D 392 -22.07 -42.21 -4.22
C GLN D 392 -21.38 -42.72 -2.97
N GLU D 393 -22.16 -42.78 -1.90
CA GLU D 393 -21.67 -43.34 -0.64
C GLU D 393 -22.86 -43.59 0.27
N VAL D 394 -22.69 -44.51 1.20
CA VAL D 394 -23.62 -44.69 2.31
C VAL D 394 -22.85 -44.35 3.57
N SER D 395 -23.16 -43.20 4.15
CA SER D 395 -22.36 -42.68 5.28
C SER D 395 -23.26 -42.32 6.44
N SER D 396 -22.68 -42.25 7.63
CA SER D 396 -23.46 -42.15 8.88
C SER D 396 -22.61 -41.48 9.93
N VAL D 397 -23.26 -40.83 10.88
CA VAL D 397 -22.58 -40.15 12.00
C VAL D 397 -22.52 -41.12 13.20
N GLY D 398 -22.17 -42.39 12.97
CA GLY D 398 -22.24 -43.42 14.01
C GLY D 398 -23.56 -43.35 14.77
N LYS D 399 -23.54 -42.85 16.02
CA LYS D 399 -24.72 -42.69 16.92
C LYS D 399 -24.91 -41.22 17.29
N GLN D 400 -26.12 -40.67 17.07
CA GLN D 400 -26.52 -39.26 17.36
C GLN D 400 -26.36 -38.93 18.85
N ALA D 401 -25.97 -39.90 19.68
CA ALA D 401 -25.80 -39.76 21.16
C ALA D 401 -24.45 -40.34 21.62
N THR D 402 -23.52 -40.54 20.66
CA THR D 402 -22.14 -41.07 20.85
C THR D 402 -21.11 -40.02 20.40
N GLY D 403 -19.99 -39.94 21.12
CA GLY D 403 -18.89 -39.02 20.81
C GLY D 403 -17.86 -39.64 19.88
N THR D 404 -16.66 -39.05 19.87
CA THR D 404 -15.51 -39.42 19.00
C THR D 404 -14.25 -39.35 19.88
N ASP D 405 -13.14 -40.01 19.49
CA ASP D 405 -11.81 -39.80 20.15
C ASP D 405 -11.19 -38.49 19.66
N GLY D 406 -11.66 -38.00 18.51
CA GLY D 406 -11.33 -36.68 17.95
C GLY D 406 -12.21 -35.56 18.49
N LEU D 407 -12.72 -34.70 17.61
CA LEU D 407 -13.22 -33.36 18.02
C LEU D 407 -14.58 -33.05 17.41
N GLY D 408 -14.79 -33.30 16.12
CA GLY D 408 -16.12 -33.16 15.48
C GLY D 408 -16.85 -34.50 15.39
N PRO D 409 -17.94 -34.59 14.63
CA PRO D 409 -18.59 -35.87 14.32
C PRO D 409 -17.74 -36.71 13.36
N THR D 410 -17.88 -38.04 13.39
CA THR D 410 -17.21 -38.95 12.42
C THR D 410 -18.24 -39.61 11.51
N PHE D 411 -17.81 -40.20 10.40
CA PHE D 411 -18.75 -40.79 9.44
C PHE D 411 -18.31 -42.16 8.97
N ASP D 412 -19.21 -43.13 9.02
CA ASP D 412 -19.01 -44.42 8.31
C ASP D 412 -19.56 -44.27 6.90
N THR D 413 -18.68 -44.34 5.93
CA THR D 413 -19.02 -44.09 4.53
C THR D 413 -18.69 -45.32 3.71
N ARG D 414 -19.52 -45.59 2.74
CA ARG D 414 -19.20 -46.52 1.65
C ARG D 414 -19.42 -45.79 0.35
N THR D 415 -18.33 -45.56 -0.35
CA THR D 415 -18.30 -44.59 -1.41
C THR D 415 -17.81 -45.28 -2.65
N VAL D 416 -18.18 -44.77 -3.78
CA VAL D 416 -17.56 -45.23 -5.02
C VAL D 416 -17.86 -44.12 -5.98
N LYS D 417 -16.81 -43.50 -6.50
CA LYS D 417 -16.94 -42.49 -7.56
C LYS D 417 -16.18 -43.01 -8.76
N ASN D 418 -16.91 -43.26 -9.84
CA ASN D 418 -16.31 -43.77 -11.08
C ASN D 418 -17.21 -43.42 -12.24
N ALA D 419 -16.64 -43.45 -13.41
CA ALA D 419 -17.45 -43.54 -14.64
C ALA D 419 -17.43 -45.00 -15.05
N VAL D 420 -18.61 -45.48 -15.40
CA VAL D 420 -18.86 -46.85 -15.90
C VAL D 420 -19.69 -46.71 -17.15
N LEU D 421 -19.53 -47.60 -18.11
CA LEU D 421 -20.42 -47.59 -19.29
C LEU D 421 -21.12 -48.93 -19.41
N VAL D 422 -22.43 -48.90 -19.28
CA VAL D 422 -23.27 -50.12 -19.13
C VAL D 422 -24.38 -50.07 -20.16
N LYS D 423 -24.75 -51.26 -20.64
CA LYS D 423 -25.83 -51.51 -21.63
C LYS D 423 -27.17 -51.12 -21.00
N SER D 424 -28.12 -50.71 -21.83
CA SER D 424 -29.33 -49.97 -21.40
C SER D 424 -30.24 -50.85 -20.52
N GLY D 425 -30.06 -52.18 -20.54
CA GLY D 425 -30.94 -53.09 -19.80
C GLY D 425 -30.26 -53.72 -18.60
N GLU D 426 -28.92 -53.68 -18.56
CA GLU D 426 -28.10 -54.66 -17.78
C GLU D 426 -27.75 -54.13 -16.40
N THR D 427 -27.77 -55.01 -15.41
CA THR D 427 -27.39 -54.69 -14.01
C THR D 427 -25.95 -55.12 -13.78
N VAL D 428 -25.09 -54.23 -13.30
CA VAL D 428 -23.64 -54.50 -13.31
C VAL D 428 -22.98 -54.13 -12.00
N VAL D 429 -21.73 -54.51 -11.90
CA VAL D 429 -20.88 -54.19 -10.73
C VAL D 429 -20.18 -52.87 -10.99
N LEU D 430 -20.37 -51.89 -10.10
CA LEU D 430 -19.60 -50.63 -10.08
C LEU D 430 -18.26 -50.93 -9.43
N GLY D 431 -18.33 -51.63 -8.30
CA GLY D 431 -17.21 -51.87 -7.38
C GLY D 431 -17.64 -52.77 -6.26
N GLY D 432 -16.83 -52.85 -5.21
CA GLY D 432 -17.10 -53.76 -4.10
C GLY D 432 -15.86 -53.97 -3.26
N LEU D 433 -16.09 -54.34 -2.01
CA LEU D 433 -15.04 -54.66 -1.03
C LEU D 433 -15.47 -55.91 -0.28
N MET D 434 -14.66 -56.94 -0.36
CA MET D 434 -14.82 -58.21 0.39
C MET D 434 -13.69 -58.27 1.40
N ASP D 435 -14.02 -58.08 2.67
CA ASP D 435 -13.03 -57.83 3.75
C ASP D 435 -13.21 -58.97 4.76
N GLU D 436 -12.11 -59.57 5.18
CA GLU D 436 -12.13 -60.71 6.12
C GLU D 436 -11.06 -60.50 7.16
N GLN D 437 -11.45 -60.63 8.43
CA GLN D 437 -10.58 -60.33 9.60
C GLN D 437 -10.70 -61.48 10.59
N THR D 438 -9.57 -61.90 11.14
CA THR D 438 -9.54 -62.97 12.15
C THR D 438 -8.39 -62.71 13.12
N LYS D 439 -8.73 -62.37 14.36
CA LYS D 439 -7.73 -62.15 15.43
C LYS D 439 -7.84 -63.32 16.41
N GLU D 440 -6.71 -63.93 16.73
CA GLU D 440 -6.63 -65.05 17.69
C GLU D 440 -5.64 -64.70 18.80
N GLU D 441 -6.06 -64.88 20.05
CA GLU D 441 -5.23 -64.62 21.26
C GLU D 441 -5.37 -65.80 22.22
N VAL D 442 -4.26 -66.14 22.87
CA VAL D 442 -4.26 -67.08 24.03
C VAL D 442 -3.35 -66.49 25.12
N SER D 443 -3.77 -66.63 26.37
CA SER D 443 -2.94 -66.42 27.56
C SER D 443 -2.81 -67.78 28.23
N LYS D 444 -1.70 -68.46 27.97
CA LYS D 444 -1.53 -69.85 28.44
C LYS D 444 -0.31 -69.93 29.35
N VAL D 445 -0.20 -71.03 30.07
CA VAL D 445 1.00 -71.36 30.86
C VAL D 445 1.96 -72.11 29.93
N PRO D 446 3.23 -71.65 29.86
CA PRO D 446 4.15 -72.00 28.78
C PRO D 446 4.13 -73.45 28.30
N LEU D 447 4.47 -74.36 29.17
CA LEU D 447 4.65 -75.79 28.81
C LEU D 447 3.27 -76.46 28.83
N LEU D 448 2.48 -76.17 29.87
CA LEU D 448 1.24 -76.91 30.16
C LEU D 448 0.18 -76.51 29.13
N GLY D 449 0.20 -75.26 28.69
CA GLY D 449 -0.80 -74.73 27.76
C GLY D 449 -0.72 -75.44 26.41
N ASP D 450 0.37 -76.16 26.16
CA ASP D 450 0.67 -76.76 24.83
C ASP D 450 0.34 -78.25 24.81
N ILE D 451 -0.06 -78.84 25.95
CA ILE D 451 -0.58 -80.24 25.96
C ILE D 451 -1.79 -80.27 25.04
N PRO D 452 -1.81 -81.08 23.95
CA PRO D 452 -2.76 -80.87 22.83
C PRO D 452 -4.24 -80.80 23.25
N VAL D 453 -4.67 -81.59 24.24
CA VAL D 453 -6.08 -81.57 24.74
C VAL D 453 -6.13 -80.96 26.14
N LEU D 454 -5.49 -81.55 27.16
CA LEU D 454 -5.51 -81.02 28.55
C LEU D 454 -5.15 -79.53 28.55
N GLY D 455 -4.25 -79.13 27.65
CA GLY D 455 -3.65 -77.78 27.60
C GLY D 455 -4.69 -76.68 27.58
N TYR D 456 -5.90 -76.96 27.07
CA TYR D 456 -7.00 -75.97 26.96
C TYR D 456 -7.47 -75.60 28.38
N LEU D 457 -7.06 -76.36 29.38
CA LEU D 457 -7.42 -76.04 30.78
C LEU D 457 -6.50 -74.93 31.29
N PHE D 458 -5.29 -74.80 30.74
CA PHE D 458 -4.34 -73.75 31.19
C PHE D 458 -4.57 -72.47 30.39
N ARG D 459 -5.00 -72.61 29.13
CA ARG D 459 -5.10 -71.45 28.18
C ARG D 459 -6.45 -70.76 28.35
N SER D 460 -6.44 -69.43 28.30
CA SER D 460 -7.64 -68.57 28.17
C SER D 460 -7.65 -68.01 26.76
N THR D 461 -8.37 -68.64 25.87
CA THR D 461 -8.29 -68.23 24.45
C THR D 461 -9.35 -67.17 24.22
N SER D 462 -9.01 -66.17 23.39
CA SER D 462 -9.98 -65.18 22.83
C SER D 462 -9.84 -65.15 21.32
N ASN D 463 -10.84 -65.63 20.60
CA ASN D 463 -10.84 -65.65 19.12
C ASN D 463 -11.83 -64.62 18.60
N ASN D 464 -11.62 -64.11 17.42
CA ASN D 464 -12.57 -63.16 16.79
C ASN D 464 -12.50 -63.38 15.29
N THR D 465 -13.63 -63.21 14.61
CA THR D 465 -13.70 -63.29 13.13
C THR D 465 -14.79 -62.35 12.63
N SER D 466 -14.66 -61.92 11.39
CA SER D 466 -15.61 -61.00 10.72
C SER D 466 -15.54 -61.20 9.22
N LYS D 467 -16.59 -60.73 8.56
CA LYS D 467 -16.78 -60.80 7.10
C LYS D 467 -17.64 -59.62 6.71
N ARG D 468 -17.27 -58.95 5.63
CA ARG D 468 -18.13 -57.94 5.00
C ARG D 468 -17.97 -58.13 3.50
N ASN D 469 -19.07 -58.39 2.81
CA ASN D 469 -19.04 -58.47 1.33
C ASN D 469 -19.97 -57.37 0.83
N LEU D 470 -19.39 -56.30 0.27
CA LEU D 470 -20.15 -55.13 -0.21
C LEU D 470 -20.05 -55.10 -1.73
N MET D 471 -21.19 -55.02 -2.41
CA MET D 471 -21.26 -54.98 -3.89
C MET D 471 -22.15 -53.82 -4.30
N VAL D 472 -21.68 -52.96 -5.19
CA VAL D 472 -22.46 -51.79 -5.68
C VAL D 472 -22.83 -52.03 -7.14
N PHE D 473 -24.10 -52.30 -7.42
CA PHE D 473 -24.61 -52.57 -8.80
C PHE D 473 -25.41 -51.36 -9.30
N ILE D 474 -25.30 -51.05 -10.59
CA ILE D 474 -26.03 -49.93 -11.23
C ILE D 474 -26.72 -50.46 -12.49
N ARG D 475 -28.03 -50.26 -12.62
CA ARG D 475 -28.80 -50.78 -13.77
C ARG D 475 -29.50 -49.62 -14.48
N PRO D 476 -28.85 -49.02 -15.51
CA PRO D 476 -29.48 -47.93 -16.23
C PRO D 476 -30.59 -48.50 -17.12
N THR D 477 -31.46 -47.60 -17.53
CA THR D 477 -32.68 -47.91 -18.29
C THR D 477 -33.05 -46.65 -19.07
N ILE D 478 -33.06 -46.74 -20.38
CA ILE D 478 -33.24 -45.49 -21.17
C ILE D 478 -34.66 -45.42 -21.73
N LEU D 479 -35.22 -44.24 -21.54
CA LEU D 479 -36.55 -43.79 -21.99
C LEU D 479 -36.35 -42.93 -23.23
N ARG D 480 -36.68 -43.43 -24.41
CA ARG D 480 -36.47 -42.70 -25.69
C ARG D 480 -37.65 -41.76 -25.95
N ASP D 481 -38.86 -42.20 -25.61
CA ASP D 481 -40.09 -41.37 -25.76
C ASP D 481 -40.89 -41.47 -24.46
N ALA D 482 -42.03 -40.77 -24.38
CA ALA D 482 -42.87 -40.64 -23.16
C ALA D 482 -43.56 -41.97 -22.83
N ASN D 483 -44.11 -42.67 -23.83
CA ASN D 483 -44.91 -43.90 -23.64
C ASN D 483 -44.10 -44.96 -22.89
N VAL D 484 -42.77 -44.99 -23.03
CA VAL D 484 -41.93 -45.99 -22.29
C VAL D 484 -41.77 -45.49 -20.84
N TYR D 485 -41.98 -44.20 -20.61
CA TYR D 485 -41.68 -43.53 -19.33
C TYR D 485 -42.94 -43.55 -18.47
N SER D 486 -44.11 -43.78 -19.06
CA SER D 486 -45.32 -44.05 -18.26
C SER D 486 -45.19 -45.47 -17.71
N GLY D 487 -45.01 -46.45 -18.59
CA GLY D 487 -44.95 -47.88 -18.24
C GLY D 487 -43.91 -48.13 -17.17
N ILE D 488 -42.78 -47.44 -17.26
CA ILE D 488 -41.67 -47.59 -16.29
C ILE D 488 -42.09 -46.97 -14.96
N SER D 489 -42.80 -45.83 -15.03
CA SER D 489 -43.27 -45.10 -13.83
C SER D 489 -44.53 -45.78 -13.30
N SER D 490 -45.35 -46.34 -14.19
CA SER D 490 -46.63 -46.98 -13.81
C SER D 490 -46.33 -48.25 -13.02
N ASN D 491 -45.24 -48.95 -13.33
CA ASN D 491 -44.92 -50.24 -12.66
C ASN D 491 -44.32 -49.95 -11.27
N LYS D 492 -43.70 -48.79 -11.09
CA LYS D 492 -43.19 -48.37 -9.76
C LYS D 492 -44.36 -47.74 -8.99
N TYR D 493 -45.25 -47.04 -9.68
CA TYR D 493 -46.42 -46.40 -9.06
C TYR D 493 -47.36 -47.49 -8.55
N THR D 494 -47.50 -48.57 -9.31
CA THR D 494 -48.41 -49.69 -8.99
C THR D 494 -47.73 -50.61 -7.97
N LEU D 495 -46.45 -50.93 -8.17
CA LEU D 495 -45.73 -51.84 -7.23
C LEU D 495 -45.68 -51.16 -5.86
N PHE D 496 -45.70 -49.82 -5.84
CA PHE D 496 -45.77 -49.05 -4.57
C PHE D 496 -47.19 -49.11 -4.04
N ARG D 497 -48.16 -48.94 -4.93
CA ARG D 497 -49.60 -48.97 -4.57
C ARG D 497 -49.96 -50.36 -4.04
N ALA D 498 -49.54 -51.39 -4.78
CA ALA D 498 -49.79 -52.81 -4.46
C ALA D 498 -49.10 -53.15 -3.13
N GLN D 499 -48.06 -52.41 -2.76
CA GLN D 499 -47.34 -52.65 -1.48
C GLN D 499 -48.15 -52.04 -0.34
N GLN D 500 -48.73 -50.86 -0.58
CA GLN D 500 -49.59 -50.20 0.42
C GLN D 500 -50.83 -51.05 0.64
N LEU D 501 -51.44 -51.58 -0.42
CA LEU D 501 -52.69 -52.38 -0.30
C LEU D 501 -52.38 -53.70 0.42
N ASP D 502 -51.15 -54.21 0.28
CA ASP D 502 -50.69 -55.42 1.01
C ASP D 502 -50.58 -55.10 2.51
N ALA D 503 -50.09 -53.90 2.84
CA ALA D 503 -49.87 -53.45 4.24
C ALA D 503 -51.22 -53.17 4.91
N VAL D 504 -52.22 -52.78 4.14
CA VAL D 504 -53.61 -52.57 4.65
C VAL D 504 -54.19 -53.91 5.06
N ALA D 505 -53.93 -54.98 4.28
CA ALA D 505 -54.52 -56.33 4.50
C ALA D 505 -53.79 -57.06 5.65
N GLN D 506 -52.73 -56.47 6.23
CA GLN D 506 -52.15 -56.93 7.54
C GLN D 506 -52.69 -56.03 8.66
N GLU D 507 -52.72 -54.71 8.45
CA GLU D 507 -53.24 -53.74 9.44
C GLU D 507 -54.73 -54.02 9.67
N GLY D 508 -55.46 -54.42 8.61
CA GLY D 508 -56.87 -54.81 8.72
C GLY D 508 -57.02 -56.03 9.61
N TYR D 509 -56.08 -56.96 9.48
CA TYR D 509 -56.03 -58.22 10.27
C TYR D 509 -55.76 -57.87 11.74
N ALA D 510 -54.78 -56.99 11.99
CA ALA D 510 -54.33 -56.60 13.35
C ALA D 510 -55.37 -55.69 14.03
N THR D 511 -56.12 -54.89 13.26
CA THR D 511 -57.14 -53.93 13.77
C THR D 511 -56.45 -52.79 14.55
N SER D 512 -57.14 -51.65 14.64
CA SER D 512 -56.77 -50.48 15.47
C SER D 512 -55.51 -49.76 14.95
N PRO D 513 -55.14 -49.83 13.65
CA PRO D 513 -54.15 -48.95 13.06
C PRO D 513 -54.40 -48.54 11.61
N ASP D 514 -53.79 -47.46 11.10
CA ASP D 514 -54.05 -47.04 9.68
C ASP D 514 -52.77 -46.80 8.88
N ARG D 515 -52.63 -47.53 7.78
CA ARG D 515 -51.71 -47.25 6.66
C ARG D 515 -52.57 -46.75 5.51
N GLN D 516 -52.35 -45.55 4.98
CA GLN D 516 -53.29 -45.00 3.98
C GLN D 516 -52.65 -45.02 2.60
N VAL D 517 -53.49 -45.31 1.63
CA VAL D 517 -53.03 -45.77 0.30
C VAL D 517 -53.35 -44.70 -0.75
N LEU D 518 -52.28 -44.44 -1.48
CA LEU D 518 -52.18 -43.93 -2.86
C LEU D 518 -53.28 -44.46 -3.77
N PRO D 519 -53.95 -43.59 -4.55
CA PRO D 519 -55.03 -44.04 -5.40
C PRO D 519 -54.50 -44.87 -6.58
N GLU D 520 -55.32 -45.00 -7.62
CA GLU D 520 -54.90 -45.69 -8.87
C GLU D 520 -54.32 -44.65 -9.82
N TYR D 521 -53.52 -45.11 -10.78
CA TYR D 521 -52.77 -44.22 -11.71
C TYR D 521 -53.78 -43.39 -12.51
N GLY D 522 -53.61 -42.06 -12.43
CA GLY D 522 -54.27 -41.07 -13.30
C GLY D 522 -55.65 -40.68 -12.80
N GLN D 523 -55.96 -41.01 -11.54
CA GLN D 523 -57.30 -40.78 -10.95
C GLN D 523 -57.27 -39.56 -10.01
N ASP D 524 -56.07 -39.16 -9.55
CA ASP D 524 -55.87 -38.20 -8.42
C ASP D 524 -56.89 -38.54 -7.32
N GLY E 1 -30.20 67.79 -70.42
CA GLY E 1 -29.79 67.40 -71.81
C GLY E 1 -28.28 67.39 -71.98
N ASP E 2 -27.67 68.57 -72.09
CA ASP E 2 -26.20 68.71 -72.32
C ASP E 2 -25.51 68.99 -70.99
N GLU E 3 -26.25 68.89 -69.88
CA GLU E 3 -25.76 69.31 -68.54
C GLU E 3 -24.69 68.31 -68.07
N MET E 4 -23.44 68.79 -67.97
CA MET E 4 -22.28 67.95 -67.59
C MET E 4 -22.20 67.93 -66.07
N VAL E 5 -22.48 66.76 -65.48
CA VAL E 5 -22.45 66.55 -64.01
C VAL E 5 -21.81 65.19 -63.73
N THR E 6 -21.24 65.06 -62.54
CA THR E 6 -20.71 63.77 -62.02
C THR E 6 -21.75 63.18 -61.07
N ARG E 7 -22.11 61.91 -61.30
CA ARG E 7 -23.00 61.16 -60.39
C ARG E 7 -22.51 59.71 -60.34
N VAL E 8 -22.69 59.10 -59.18
CA VAL E 8 -21.94 57.88 -58.76
C VAL E 8 -22.94 56.86 -58.24
N VAL E 9 -22.99 55.69 -58.87
CA VAL E 9 -23.80 54.54 -58.40
C VAL E 9 -22.85 53.35 -58.20
N PRO E 10 -22.83 52.74 -56.99
CA PRO E 10 -22.17 51.44 -56.81
C PRO E 10 -22.94 50.29 -57.46
N VAL E 11 -22.21 49.25 -57.86
CA VAL E 11 -22.74 47.87 -58.05
C VAL E 11 -22.33 47.08 -56.81
N ARG E 12 -23.23 46.91 -55.84
CA ARG E 12 -22.91 46.25 -54.55
C ARG E 12 -22.83 44.74 -54.76
N ASN E 13 -23.80 44.19 -55.49
CA ASN E 13 -23.98 42.74 -55.78
C ASN E 13 -22.70 42.18 -56.40
N VAL E 14 -22.16 42.86 -57.41
CA VAL E 14 -21.00 42.38 -58.22
C VAL E 14 -19.88 43.41 -58.10
N SER E 15 -18.63 43.02 -58.34
CA SER E 15 -17.51 43.97 -58.50
C SER E 15 -17.74 44.76 -59.80
N VAL E 16 -17.76 46.10 -59.71
CA VAL E 16 -18.21 47.01 -60.82
C VAL E 16 -17.23 46.90 -62.01
N ARG E 17 -16.12 46.18 -61.83
CA ARG E 17 -14.99 46.08 -62.80
C ARG E 17 -15.52 45.65 -64.18
N GLU E 18 -16.68 44.99 -64.22
CA GLU E 18 -17.23 44.35 -65.45
C GLU E 18 -17.86 45.40 -66.38
N LEU E 19 -18.04 46.65 -65.95
CA LEU E 19 -18.70 47.68 -66.79
C LEU E 19 -17.66 48.59 -67.43
N ALA E 20 -16.36 48.29 -67.28
CA ALA E 20 -15.25 49.14 -67.76
C ALA E 20 -15.25 49.22 -69.29
N PRO E 21 -15.30 48.10 -70.03
CA PRO E 21 -15.53 48.15 -71.48
C PRO E 21 -16.83 48.89 -71.87
N LEU E 22 -17.91 48.60 -71.14
CA LEU E 22 -19.30 49.06 -71.39
C LEU E 22 -19.37 50.59 -71.26
N LEU E 23 -18.91 51.13 -70.13
CA LEU E 23 -19.29 52.51 -69.73
C LEU E 23 -18.28 53.51 -70.31
N ARG E 24 -17.00 53.17 -70.34
CA ARG E 24 -15.98 53.97 -71.07
C ARG E 24 -16.23 53.77 -72.57
N GLN E 25 -16.93 52.68 -72.93
CA GLN E 25 -17.45 52.51 -74.30
C GLN E 25 -18.60 53.50 -74.50
N LEU E 26 -19.34 53.86 -73.43
CA LEU E 26 -20.46 54.84 -73.50
C LEU E 26 -19.89 56.27 -73.52
N ASN E 27 -18.72 56.48 -72.92
CA ASN E 27 -17.87 57.65 -73.25
C ASN E 27 -17.62 57.60 -74.76
N ASP E 28 -17.13 56.44 -75.23
CA ASP E 28 -16.75 56.19 -76.64
C ASP E 28 -18.00 56.13 -77.54
N ASN E 29 -19.20 56.17 -76.94
CA ASN E 29 -20.49 56.05 -77.68
C ASN E 29 -20.78 57.36 -78.42
N ALA E 30 -20.60 58.51 -77.78
CA ALA E 30 -20.97 59.83 -78.36
C ALA E 30 -19.98 60.92 -77.92
N GLY E 31 -20.21 62.15 -78.41
CA GLY E 31 -19.40 63.36 -78.14
C GLY E 31 -18.89 63.40 -76.71
N GLY E 32 -17.55 63.45 -76.54
CA GLY E 32 -16.84 63.21 -75.27
C GLY E 32 -17.03 64.32 -74.25
N GLY E 33 -16.19 64.30 -73.21
CA GLY E 33 -16.36 65.07 -71.95
C GLY E 33 -16.80 64.13 -70.82
N ASN E 34 -16.53 62.83 -70.99
CA ASN E 34 -17.01 61.79 -70.04
C ASN E 34 -15.83 61.25 -69.21
N VAL E 35 -16.13 60.79 -67.99
CA VAL E 35 -15.23 59.97 -67.14
C VAL E 35 -16.03 58.82 -66.53
N VAL E 36 -15.49 57.62 -66.59
CA VAL E 36 -16.01 56.46 -65.83
C VAL E 36 -14.81 55.89 -65.06
N HIS E 37 -14.99 55.50 -63.79
CA HIS E 37 -13.93 54.82 -62.99
C HIS E 37 -14.52 54.04 -61.82
N TYR E 38 -13.68 53.23 -61.18
CA TYR E 38 -14.07 52.05 -60.37
C TYR E 38 -13.31 52.01 -59.06
N ASP E 39 -14.04 51.92 -57.95
CA ASP E 39 -13.43 51.72 -56.63
C ASP E 39 -13.39 50.21 -56.39
N PRO E 40 -12.32 49.70 -55.75
CA PRO E 40 -12.33 48.30 -55.29
C PRO E 40 -13.48 48.16 -54.27
N SER E 41 -13.81 49.26 -53.57
CA SER E 41 -14.98 49.43 -52.67
C SER E 41 -16.27 49.28 -53.49
N ASN E 42 -16.11 49.24 -54.82
CA ASN E 42 -17.12 48.78 -55.80
C ASN E 42 -18.25 49.80 -55.87
N VAL E 43 -17.90 51.08 -55.78
CA VAL E 43 -18.77 52.19 -56.29
C VAL E 43 -18.28 52.58 -57.69
N LEU E 44 -19.22 52.91 -58.57
CA LEU E 44 -18.91 53.30 -59.96
C LEU E 44 -19.17 54.80 -60.13
N LEU E 45 -18.11 55.57 -60.32
CA LEU E 45 -18.19 57.05 -60.36
C LEU E 45 -18.20 57.52 -61.81
N ILE E 46 -19.12 58.43 -62.13
CA ILE E 46 -19.34 58.93 -63.51
C ILE E 46 -19.25 60.45 -63.56
N THR E 47 -18.85 60.95 -64.73
CA THR E 47 -18.88 62.37 -65.13
C THR E 47 -19.36 62.43 -66.59
N GLY E 48 -20.29 63.34 -66.91
CA GLY E 48 -20.74 63.51 -68.30
C GLY E 48 -22.03 64.28 -68.41
N ARG E 49 -22.44 64.56 -69.65
CA ARG E 49 -23.66 65.32 -69.98
C ARG E 49 -24.87 64.44 -69.65
N ALA E 50 -26.03 65.10 -69.47
CA ALA E 50 -27.22 64.56 -68.77
C ALA E 50 -27.71 63.26 -69.44
N ALA E 51 -27.68 63.17 -70.77
CA ALA E 51 -28.21 62.00 -71.52
C ALA E 51 -27.23 60.83 -71.42
N VAL E 52 -25.97 61.03 -71.82
CA VAL E 52 -24.91 59.99 -71.80
C VAL E 52 -24.90 59.38 -70.38
N VAL E 53 -25.08 60.22 -69.36
CA VAL E 53 -25.10 59.78 -67.94
C VAL E 53 -26.46 59.13 -67.64
N ASN E 54 -27.55 59.56 -68.28
CA ASN E 54 -28.87 58.90 -68.12
C ASN E 54 -28.69 57.41 -68.40
N ARG E 55 -28.13 57.06 -69.56
CA ARG E 55 -28.02 55.65 -70.04
C ARG E 55 -26.80 54.98 -69.38
N LEU E 56 -25.81 55.74 -68.91
CA LEU E 56 -24.65 55.22 -68.14
C LEU E 56 -25.19 54.70 -66.80
N VAL E 57 -25.76 55.59 -66.02
CA VAL E 57 -26.31 55.29 -64.66
C VAL E 57 -27.42 54.25 -64.83
N GLU E 58 -28.18 54.30 -65.93
CA GLU E 58 -29.10 53.21 -66.36
C GLU E 58 -28.33 51.89 -66.30
N VAL E 59 -27.20 51.81 -67.00
CA VAL E 59 -26.36 50.57 -67.05
C VAL E 59 -26.02 50.19 -65.60
N VAL E 60 -25.70 51.17 -64.76
CA VAL E 60 -25.03 50.88 -63.45
C VAL E 60 -26.08 50.33 -62.48
N ARG E 61 -27.17 51.05 -62.25
CA ARG E 61 -28.29 50.58 -61.38
C ARG E 61 -28.75 49.24 -61.95
N ARG E 62 -28.80 49.14 -63.28
CA ARG E 62 -29.20 47.88 -63.97
C ARG E 62 -28.31 46.74 -63.48
N VAL E 63 -27.01 46.77 -63.80
CA VAL E 63 -26.03 45.74 -63.35
C VAL E 63 -26.16 45.58 -61.83
N ASP E 64 -26.59 46.63 -61.13
CA ASP E 64 -26.75 46.62 -59.66
C ASP E 64 -27.94 45.73 -59.28
N LYS E 65 -29.07 45.89 -59.96
CA LYS E 65 -30.33 45.15 -59.69
C LYS E 65 -30.33 43.84 -60.49
N ALA E 66 -29.35 43.65 -61.37
CA ALA E 66 -29.25 42.46 -62.24
C ALA E 66 -28.94 41.25 -61.36
N GLY E 67 -28.07 41.43 -60.35
CA GLY E 67 -27.59 40.35 -59.47
C GLY E 67 -27.98 40.59 -58.03
N ASP E 68 -29.28 40.51 -57.71
CA ASP E 68 -29.81 40.71 -56.33
C ASP E 68 -29.38 39.52 -55.45
N GLN E 69 -29.22 39.75 -54.15
CA GLN E 69 -28.82 38.71 -53.18
C GLN E 69 -29.30 39.09 -51.79
N GLU E 70 -30.58 38.87 -51.50
CA GLU E 70 -31.22 39.28 -50.22
C GLU E 70 -31.48 38.02 -49.39
N VAL E 71 -31.86 38.23 -48.14
CA VAL E 71 -32.26 37.14 -47.21
C VAL E 71 -33.74 37.27 -46.91
N ASP E 72 -34.38 36.10 -46.77
CA ASP E 72 -35.78 35.90 -46.31
C ASP E 72 -35.80 34.92 -45.12
N ILE E 73 -36.51 35.29 -44.07
CA ILE E 73 -36.70 34.43 -42.88
C ILE E 73 -38.19 34.18 -42.70
N ILE E 74 -38.61 32.93 -42.81
CA ILE E 74 -39.98 32.52 -42.42
C ILE E 74 -39.89 31.30 -41.50
N LYS E 75 -40.70 31.28 -40.44
CA LYS E 75 -40.68 30.25 -39.38
C LYS E 75 -40.96 28.88 -39.98
N LEU E 76 -40.19 27.88 -39.54
CA LEU E 76 -40.54 26.45 -39.70
C LEU E 76 -41.19 26.00 -38.40
N LYS E 77 -42.38 25.41 -38.47
CA LYS E 77 -43.10 24.97 -37.27
C LYS E 77 -42.74 23.51 -36.99
N TYR E 78 -42.34 22.73 -38.02
CA TYR E 78 -42.29 21.25 -37.94
C TYR E 78 -40.86 20.70 -38.07
N ALA E 79 -40.42 20.17 -39.22
CA ALA E 79 -39.20 19.33 -39.29
C ALA E 79 -37.93 20.17 -39.10
N SER E 80 -36.94 19.54 -38.47
CA SER E 80 -35.78 20.18 -37.80
C SER E 80 -35.00 21.01 -38.83
N ALA E 81 -34.57 22.19 -38.41
CA ALA E 81 -33.79 23.13 -39.26
C ALA E 81 -32.46 22.47 -39.65
N GLY E 82 -31.87 21.69 -38.73
CA GLY E 82 -30.60 20.95 -38.92
C GLY E 82 -30.73 19.81 -39.92
N GLU E 83 -31.84 19.09 -39.90
CA GLU E 83 -32.18 18.07 -40.93
C GLU E 83 -32.42 18.82 -42.23
N MET E 84 -33.18 19.91 -42.14
CA MET E 84 -33.46 20.82 -43.28
C MET E 84 -32.11 21.16 -43.89
N VAL E 85 -31.14 21.48 -43.03
CA VAL E 85 -29.77 21.90 -43.44
C VAL E 85 -29.11 20.73 -44.17
N ARG E 86 -29.07 19.56 -43.54
CA ARG E 86 -28.34 18.37 -44.04
C ARG E 86 -28.87 17.99 -45.43
N LEU E 87 -30.20 17.89 -45.54
CA LEU E 87 -30.89 17.36 -46.74
C LEU E 87 -30.65 18.33 -47.89
N VAL E 88 -30.70 19.62 -47.59
CA VAL E 88 -30.53 20.68 -48.60
C VAL E 88 -29.04 20.89 -48.86
N THR E 89 -28.16 20.63 -47.89
CA THR E 89 -26.71 20.78 -48.11
C THR E 89 -26.30 19.87 -49.27
N ASN E 90 -26.97 18.73 -49.41
CA ASN E 90 -26.65 17.75 -50.47
C ASN E 90 -27.17 18.29 -51.81
N LEU E 91 -28.07 19.28 -51.80
CA LEU E 91 -28.31 20.22 -52.93
C LEU E 91 -27.03 21.06 -53.13
N ASN E 92 -25.91 20.40 -53.41
CA ASN E 92 -24.65 21.08 -53.83
C ASN E 92 -24.94 21.87 -55.10
N LYS E 93 -24.35 23.07 -55.23
CA LYS E 93 -24.43 23.99 -56.40
C LYS E 93 -25.57 24.98 -56.21
N ASP E 94 -26.37 24.81 -55.14
CA ASP E 94 -27.10 25.94 -54.51
C ASP E 94 -26.08 26.79 -53.75
N GLY E 95 -25.24 27.51 -54.50
CA GLY E 95 -24.25 28.49 -54.00
C GLY E 95 -23.04 27.87 -53.34
N ASN E 96 -23.05 26.54 -53.18
CA ASN E 96 -21.99 25.75 -52.50
C ASN E 96 -21.09 25.09 -53.56
N SER E 97 -20.13 25.84 -54.12
CA SER E 97 -19.14 25.31 -55.10
C SER E 97 -17.92 26.23 -55.17
N GLN E 98 -16.87 25.77 -55.87
CA GLN E 98 -15.60 26.52 -56.08
C GLN E 98 -15.46 26.80 -57.58
N GLY E 99 -16.59 26.90 -58.29
CA GLY E 99 -16.67 27.14 -59.75
C GLY E 99 -16.05 28.47 -60.16
N GLY E 100 -15.17 28.46 -61.17
CA GLY E 100 -14.37 29.63 -61.61
C GLY E 100 -15.21 30.72 -62.25
N ASN E 101 -15.34 30.70 -63.59
CA ASN E 101 -16.12 31.69 -64.40
C ASN E 101 -17.61 31.58 -64.02
N THR E 102 -17.99 30.46 -63.40
CA THR E 102 -19.34 30.22 -62.81
C THR E 102 -19.57 31.21 -61.67
N SER E 103 -18.54 31.41 -60.83
CA SER E 103 -18.51 32.31 -59.65
C SER E 103 -19.67 31.96 -58.70
N LEU E 104 -19.90 30.67 -58.44
CA LEU E 104 -21.14 30.20 -57.77
C LEU E 104 -21.08 30.58 -56.29
N LEU E 105 -19.93 31.08 -55.83
CA LEU E 105 -19.77 31.66 -54.47
C LEU E 105 -20.59 32.96 -54.33
N LEU E 106 -21.07 33.51 -55.47
CA LEU E 106 -21.98 34.70 -55.54
C LEU E 106 -23.44 34.27 -55.74
N ALA E 107 -23.73 32.97 -55.75
CA ALA E 107 -25.06 32.40 -56.04
C ALA E 107 -25.76 32.07 -54.72
N PRO E 108 -27.10 31.89 -54.72
CA PRO E 108 -27.89 31.65 -53.51
C PRO E 108 -27.47 30.47 -52.60
N LYS E 109 -27.43 30.68 -51.28
CA LYS E 109 -27.03 29.66 -50.27
C LYS E 109 -28.17 29.46 -49.25
N VAL E 110 -28.13 28.33 -48.53
CA VAL E 110 -29.21 27.85 -47.63
C VAL E 110 -28.68 27.64 -46.21
N VAL E 111 -29.54 27.90 -45.22
CA VAL E 111 -29.19 27.90 -43.76
C VAL E 111 -30.45 27.59 -42.95
N ALA E 112 -30.27 27.47 -41.63
CA ALA E 112 -31.36 27.44 -40.64
C ALA E 112 -30.88 27.77 -39.22
N ASP E 113 -31.83 28.20 -38.39
CA ASP E 113 -31.72 28.41 -36.92
C ASP E 113 -32.58 27.34 -36.24
N GLU E 114 -32.08 26.75 -35.15
CA GLU E 114 -32.82 25.72 -34.39
C GLU E 114 -33.37 26.34 -33.08
N ARG E 115 -33.08 27.61 -32.77
CA ARG E 115 -33.67 28.34 -31.59
C ARG E 115 -35.10 28.77 -31.92
N THR E 116 -35.33 29.35 -33.11
CA THR E 116 -36.67 29.78 -33.60
C THR E 116 -37.24 28.73 -34.57
N ASN E 117 -36.41 27.76 -34.97
CA ASN E 117 -36.56 26.85 -36.16
C ASN E 117 -36.95 27.69 -37.37
N SER E 118 -36.00 28.46 -37.88
CA SER E 118 -36.23 29.38 -39.02
C SER E 118 -35.33 28.98 -40.18
N VAL E 119 -35.90 28.90 -41.38
CA VAL E 119 -35.04 28.77 -42.58
C VAL E 119 -34.43 30.13 -42.83
N VAL E 120 -33.20 30.08 -43.28
CA VAL E 120 -32.45 31.28 -43.71
C VAL E 120 -32.03 31.01 -45.14
N VAL E 121 -32.35 31.95 -46.03
CA VAL E 121 -31.85 31.95 -47.42
C VAL E 121 -30.89 33.14 -47.55
N SER E 122 -29.88 33.03 -48.40
CA SER E 122 -29.07 34.21 -48.82
C SER E 122 -28.91 34.17 -50.34
N GLY E 123 -29.70 34.96 -51.09
CA GLY E 123 -29.54 34.97 -52.56
C GLY E 123 -30.68 35.65 -53.33
N GLU E 124 -30.73 35.31 -54.62
CA GLU E 124 -31.71 35.70 -55.68
C GLU E 124 -33.16 35.73 -55.20
N PRO E 125 -34.06 36.49 -55.87
CA PRO E 125 -35.49 36.28 -55.71
C PRO E 125 -36.06 35.01 -56.38
N LYS E 126 -35.35 34.43 -57.35
CA LYS E 126 -35.67 33.07 -57.85
C LYS E 126 -35.39 32.08 -56.72
N ALA E 127 -34.38 32.34 -55.88
CA ALA E 127 -34.07 31.53 -54.69
C ALA E 127 -35.15 31.78 -53.61
N ARG E 128 -35.58 33.04 -53.40
CA ARG E 128 -36.74 33.34 -52.53
C ARG E 128 -37.93 32.52 -53.02
N ALA E 129 -38.23 32.57 -54.32
CA ALA E 129 -39.38 31.89 -54.94
C ALA E 129 -39.28 30.37 -54.74
N ARG E 130 -38.12 29.74 -55.04
CA ARG E 130 -37.98 28.25 -55.01
C ARG E 130 -37.64 27.75 -53.60
N ILE E 131 -37.07 28.58 -52.72
CA ILE E 131 -36.73 28.06 -51.37
C ILE E 131 -37.88 28.34 -50.41
N ILE E 132 -38.78 29.26 -50.72
CA ILE E 132 -40.09 29.33 -49.99
C ILE E 132 -40.87 28.06 -50.33
N GLN E 133 -40.70 27.49 -51.52
CA GLN E 133 -41.27 26.16 -51.90
C GLN E 133 -40.60 25.07 -51.05
N MET E 134 -39.28 25.10 -50.90
CA MET E 134 -38.52 24.05 -50.18
C MET E 134 -38.77 24.14 -48.66
N VAL E 135 -38.98 25.35 -48.13
CA VAL E 135 -39.51 25.61 -46.76
C VAL E 135 -40.79 24.80 -46.60
N ARG E 136 -41.72 24.92 -47.55
CA ARG E 136 -43.08 24.34 -47.48
C ARG E 136 -43.01 22.83 -47.72
N GLN E 137 -42.07 22.37 -48.54
CA GLN E 137 -41.92 20.94 -48.90
C GLN E 137 -41.61 20.10 -47.66
N LEU E 138 -40.82 20.64 -46.73
CA LEU E 138 -40.28 19.87 -45.58
C LEU E 138 -40.83 20.39 -44.26
N ASP E 139 -41.73 21.37 -44.31
CA ASP E 139 -42.43 21.94 -43.12
C ASP E 139 -43.60 21.02 -42.79
N ARG E 140 -43.63 19.83 -43.38
CA ARG E 140 -44.67 18.82 -43.07
C ARG E 140 -44.43 18.26 -41.67
N GLU E 141 -45.53 18.04 -40.95
CA GLU E 141 -45.59 17.48 -39.59
C GLU E 141 -45.51 15.95 -39.69
N LEU E 142 -45.41 15.25 -38.56
CA LEU E 142 -45.51 13.77 -38.55
C LEU E 142 -46.99 13.39 -38.62
N GLN E 143 -47.28 12.24 -39.21
CA GLN E 143 -48.67 11.72 -39.27
C GLN E 143 -48.79 10.57 -38.28
N SER E 144 -49.35 10.84 -37.09
CA SER E 144 -49.61 9.81 -36.05
C SER E 144 -48.32 9.03 -35.78
N GLN E 145 -48.06 7.96 -36.53
CA GLN E 145 -46.85 7.10 -36.40
C GLN E 145 -45.61 8.01 -36.40
N GLY E 146 -44.80 7.96 -35.34
CA GLY E 146 -43.61 8.81 -35.18
C GLY E 146 -42.33 8.06 -35.47
N ASN E 147 -41.20 8.65 -35.06
CA ASN E 147 -39.89 7.94 -35.03
C ASN E 147 -39.92 7.01 -33.81
N THR E 148 -40.41 7.50 -32.68
CA THR E 148 -40.49 6.69 -31.45
C THR E 148 -41.92 6.23 -31.16
N ARG E 149 -42.04 4.96 -30.80
CA ARG E 149 -43.29 4.33 -30.34
C ARG E 149 -43.14 3.94 -28.88
N VAL E 150 -44.25 3.79 -28.17
CA VAL E 150 -44.22 3.10 -26.87
C VAL E 150 -45.15 1.89 -26.96
N PHE E 151 -44.57 0.70 -26.80
CA PHE E 151 -45.30 -0.58 -26.70
C PHE E 151 -45.72 -0.83 -25.26
N TYR E 152 -47.02 -0.99 -25.08
CA TYR E 152 -47.63 -1.44 -23.83
C TYR E 152 -47.52 -2.97 -23.84
N LEU E 153 -46.58 -3.52 -23.09
CA LEU E 153 -46.46 -4.98 -23.04
C LEU E 153 -47.51 -5.50 -22.08
N LYS E 154 -48.14 -6.63 -22.42
CA LYS E 154 -49.21 -7.18 -21.57
C LYS E 154 -48.69 -8.32 -20.67
N TYR E 155 -48.03 -9.35 -21.21
CA TYR E 155 -47.58 -10.55 -20.43
C TYR E 155 -46.07 -10.48 -20.17
N GLY E 156 -45.36 -9.62 -20.90
CA GLY E 156 -43.90 -9.39 -20.77
C GLY E 156 -43.59 -8.19 -19.90
N LYS E 157 -42.50 -8.22 -19.13
CA LYS E 157 -42.06 -7.15 -18.19
C LYS E 157 -41.06 -6.23 -18.88
N ALA E 158 -41.31 -4.92 -18.85
CA ALA E 158 -40.59 -3.96 -19.70
C ALA E 158 -39.09 -3.96 -19.35
N LYS E 159 -38.74 -4.03 -18.05
CA LYS E 159 -37.34 -3.93 -17.58
C LYS E 159 -36.55 -5.13 -18.13
N ASP E 160 -37.17 -6.30 -18.09
CA ASP E 160 -36.54 -7.59 -18.49
C ASP E 160 -36.45 -7.59 -20.02
N MET E 161 -37.47 -7.06 -20.71
CA MET E 161 -37.52 -7.04 -22.19
C MET E 161 -36.44 -6.11 -22.72
N VAL E 162 -36.13 -5.04 -21.99
CA VAL E 162 -35.10 -4.06 -22.47
C VAL E 162 -33.80 -4.84 -22.72
N GLU E 163 -33.38 -5.66 -21.75
CA GLU E 163 -32.11 -6.42 -21.83
C GLU E 163 -32.15 -7.26 -23.11
N VAL E 164 -33.28 -7.94 -23.32
CA VAL E 164 -33.49 -8.88 -24.44
C VAL E 164 -33.30 -8.11 -25.73
N LEU E 165 -33.95 -6.96 -25.82
CA LEU E 165 -34.03 -6.18 -27.08
C LEU E 165 -32.67 -5.50 -27.29
N LYS E 166 -31.95 -5.22 -26.20
CA LYS E 166 -30.65 -4.51 -26.28
C LYS E 166 -29.71 -5.32 -27.17
N GLY E 167 -29.73 -6.64 -27.04
CA GLY E 167 -28.99 -7.54 -27.94
C GLY E 167 -29.37 -7.26 -29.38
N VAL E 168 -30.66 -7.16 -29.68
CA VAL E 168 -31.16 -7.06 -31.08
C VAL E 168 -30.66 -5.74 -31.66
N SER E 169 -30.76 -4.69 -30.86
CA SER E 169 -30.27 -3.32 -31.17
C SER E 169 -28.76 -3.36 -31.34
N SER E 170 -28.09 -4.04 -30.41
CA SER E 170 -26.61 -4.11 -30.28
C SER E 170 -26.06 -5.15 -31.26
N LEU E 196 -29.97 2.03 -32.43
CA LEU E 196 -31.31 1.69 -31.88
C LEU E 196 -31.25 1.76 -30.35
N ALA E 197 -32.21 2.47 -29.76
CA ALA E 197 -32.09 3.07 -28.41
C ALA E 197 -33.34 2.80 -27.57
N ILE E 198 -33.17 2.13 -26.43
CA ILE E 198 -34.33 1.58 -25.67
C ILE E 198 -34.24 2.04 -24.23
N SER E 199 -35.39 2.23 -23.59
CA SER E 199 -35.58 2.26 -22.12
C SER E 199 -36.95 1.68 -21.78
N ALA E 200 -37.05 1.10 -20.61
CA ALA E 200 -38.34 0.60 -20.08
C ALA E 200 -38.71 1.39 -18.83
N ASP E 201 -39.93 1.91 -18.82
CA ASP E 201 -40.53 2.64 -17.68
C ASP E 201 -41.08 1.61 -16.69
N GLU E 202 -40.49 1.59 -15.49
CA GLU E 202 -40.79 0.57 -14.48
C GLU E 202 -42.26 0.74 -14.09
N THR E 203 -42.80 1.96 -14.17
CA THR E 203 -44.13 2.30 -13.60
C THR E 203 -45.23 1.76 -14.52
N THR E 204 -45.34 2.28 -15.74
CA THR E 204 -46.38 1.87 -16.71
C THR E 204 -45.98 0.54 -17.36
N ASN E 205 -44.79 0.02 -17.03
CA ASN E 205 -44.27 -1.26 -17.60
C ASN E 205 -44.39 -1.21 -19.12
N ALA E 206 -43.89 -0.14 -19.72
CA ALA E 206 -43.91 0.05 -21.18
C ALA E 206 -42.47 0.18 -21.67
N LEU E 207 -42.23 -0.17 -22.94
CA LEU E 207 -40.90 -0.11 -23.58
C LEU E 207 -40.89 1.04 -24.59
N VAL E 208 -39.97 1.99 -24.41
CA VAL E 208 -39.81 3.16 -25.32
C VAL E 208 -38.56 2.93 -26.18
N ILE E 209 -38.76 2.52 -27.43
CA ILE E 209 -37.65 2.28 -28.39
C ILE E 209 -37.71 3.38 -29.45
N THR E 210 -36.56 3.72 -30.02
CA THR E 210 -36.43 4.74 -31.09
C THR E 210 -35.47 4.22 -32.15
N ALA E 211 -36.00 3.63 -33.23
CA ALA E 211 -35.21 3.14 -34.37
C ALA E 211 -35.89 3.54 -35.67
N GLN E 212 -35.24 3.26 -36.81
CA GLN E 212 -35.81 3.55 -38.15
C GLN E 212 -37.15 2.86 -38.25
N PRO E 213 -38.07 3.39 -39.09
CA PRO E 213 -39.38 2.77 -39.25
C PRO E 213 -39.24 1.32 -39.73
N ASP E 214 -38.17 1.00 -40.47
CA ASP E 214 -37.84 -0.38 -40.91
C ASP E 214 -37.59 -1.26 -39.68
N VAL E 215 -36.88 -0.74 -38.69
CA VAL E 215 -36.51 -1.50 -37.47
C VAL E 215 -37.72 -1.50 -36.54
N MET E 216 -38.52 -0.43 -36.56
CA MET E 216 -39.73 -0.30 -35.71
C MET E 216 -40.67 -1.46 -36.04
N ALA E 217 -40.86 -1.75 -37.32
CA ALA E 217 -41.73 -2.85 -37.81
C ALA E 217 -41.07 -4.20 -37.47
N GLU E 218 -39.74 -4.28 -37.48
CA GLU E 218 -38.99 -5.51 -37.13
C GLU E 218 -39.07 -5.74 -35.61
N LEU E 219 -38.89 -4.68 -34.82
CA LEU E 219 -38.98 -4.75 -33.35
C LEU E 219 -40.41 -5.08 -32.97
N GLU E 220 -41.37 -4.64 -33.78
CA GLU E 220 -42.82 -4.83 -33.53
C GLU E 220 -43.18 -6.32 -33.64
N GLN E 221 -42.48 -7.09 -34.48
CA GLN E 221 -42.73 -8.56 -34.60
C GLN E 221 -42.02 -9.26 -33.45
N VAL E 222 -40.82 -8.80 -33.12
CA VAL E 222 -39.99 -9.39 -32.04
C VAL E 222 -40.81 -9.31 -30.75
N VAL E 223 -41.35 -8.12 -30.51
CA VAL E 223 -42.12 -7.80 -29.29
C VAL E 223 -43.35 -8.69 -29.26
N ALA E 224 -44.08 -8.77 -30.37
CA ALA E 224 -45.36 -9.51 -30.46
C ALA E 224 -45.09 -10.99 -30.17
N LYS E 225 -43.95 -11.52 -30.61
CA LYS E 225 -43.62 -12.94 -30.38
C LYS E 225 -43.21 -13.12 -28.92
N LEU E 226 -42.55 -12.10 -28.37
CA LEU E 226 -41.80 -12.17 -27.10
C LEU E 226 -42.76 -11.87 -25.95
N ASP E 227 -43.94 -11.35 -26.29
CA ASP E 227 -44.98 -10.94 -25.32
C ASP E 227 -46.12 -11.96 -25.34
N ILE E 228 -45.89 -13.13 -25.91
CA ILE E 228 -46.91 -14.22 -25.96
C ILE E 228 -47.30 -14.64 -24.54
N ARG E 229 -48.60 -14.84 -24.31
CA ARG E 229 -49.13 -15.30 -23.00
C ARG E 229 -48.38 -16.57 -22.59
N ARG E 230 -47.45 -16.44 -21.64
CA ARG E 230 -46.67 -17.58 -21.10
C ARG E 230 -47.61 -18.51 -20.35
N ALA E 231 -47.61 -19.78 -20.71
CA ALA E 231 -48.50 -20.81 -20.14
C ALA E 231 -48.10 -21.13 -18.70
N GLN E 232 -49.09 -21.56 -17.92
CA GLN E 232 -48.95 -21.87 -16.48
C GLN E 232 -48.93 -23.38 -16.29
N VAL E 233 -48.23 -23.84 -15.25
CA VAL E 233 -48.10 -25.29 -14.97
C VAL E 233 -48.45 -25.54 -13.51
N LEU E 234 -49.40 -26.44 -13.28
CA LEU E 234 -49.68 -26.97 -11.92
C LEU E 234 -48.82 -28.22 -11.72
N VAL E 235 -47.93 -28.18 -10.75
CA VAL E 235 -46.98 -29.30 -10.49
C VAL E 235 -47.30 -29.91 -9.14
N GLU E 236 -47.88 -31.10 -9.13
CA GLU E 236 -48.05 -31.88 -7.87
C GLU E 236 -46.88 -32.86 -7.74
N ALA E 237 -46.20 -32.81 -6.62
CA ALA E 237 -45.23 -33.85 -6.22
C ALA E 237 -45.91 -34.76 -5.21
N ILE E 238 -45.52 -36.01 -5.19
CA ILE E 238 -46.07 -36.98 -4.22
C ILE E 238 -44.89 -37.69 -3.59
N ILE E 239 -44.65 -37.43 -2.32
CA ILE E 239 -43.56 -38.09 -1.56
C ILE E 239 -44.21 -39.10 -0.61
N VAL E 240 -43.99 -40.36 -0.88
CA VAL E 240 -44.55 -41.44 -0.03
C VAL E 240 -43.36 -42.18 0.55
N GLU E 241 -43.33 -42.28 1.88
CA GLU E 241 -42.32 -43.09 2.57
C GLU E 241 -43.04 -44.05 3.52
N ILE E 242 -42.48 -45.24 3.67
CA ILE E 242 -43.01 -46.23 4.61
C ILE E 242 -41.83 -46.92 5.31
N ALA E 243 -41.93 -47.06 6.64
CA ALA E 243 -40.84 -47.47 7.53
C ALA E 243 -41.40 -48.37 8.64
N ASP E 244 -40.57 -49.30 9.11
CA ASP E 244 -40.89 -50.26 10.20
C ASP E 244 -39.64 -51.10 10.44
N GLY E 245 -39.74 -52.07 11.33
CA GLY E 245 -38.70 -53.08 11.52
C GLY E 245 -38.91 -53.75 12.84
N ASP E 246 -38.27 -54.91 13.04
CA ASP E 246 -38.51 -55.69 14.28
C ASP E 246 -37.16 -56.04 14.93
N GLY E 247 -36.95 -55.44 16.09
CA GLY E 247 -35.99 -55.90 17.11
C GLY E 247 -36.58 -57.03 17.92
N LEU E 248 -35.70 -57.87 18.44
CA LEU E 248 -36.02 -59.07 19.23
C LEU E 248 -34.84 -59.20 20.17
N ASN E 249 -35.01 -59.15 21.48
CA ASN E 249 -33.90 -59.55 22.37
C ASN E 249 -34.43 -60.55 23.39
N LEU E 250 -34.07 -61.81 23.18
CA LEU E 250 -34.37 -62.89 24.13
C LEU E 250 -33.07 -63.63 24.45
N GLY E 251 -32.90 -63.90 25.73
CA GLY E 251 -31.62 -64.32 26.35
C GLY E 251 -31.88 -64.92 27.71
N VAL E 252 -31.18 -65.98 28.04
CA VAL E 252 -31.50 -66.73 29.28
C VAL E 252 -30.20 -66.89 30.06
N GLN E 253 -30.23 -66.54 31.34
CA GLN E 253 -29.04 -66.57 32.22
C GLN E 253 -29.36 -67.51 33.40
N TRP E 254 -28.43 -68.41 33.71
CA TRP E 254 -28.56 -69.38 34.82
C TRP E 254 -27.41 -69.15 35.78
N ALA E 255 -27.67 -68.82 37.04
CA ALA E 255 -26.60 -68.63 38.04
C ALA E 255 -26.78 -69.64 39.17
N ASN E 256 -25.73 -70.40 39.48
CA ASN E 256 -25.77 -71.45 40.54
C ASN E 256 -24.63 -71.21 41.52
N THR E 257 -24.94 -71.09 42.80
CA THR E 257 -23.92 -70.80 43.82
C THR E 257 -22.85 -71.90 43.73
N ASN E 258 -23.27 -73.17 43.67
CA ASN E 258 -22.35 -74.34 43.79
C ASN E 258 -21.53 -74.51 42.51
N GLY E 259 -22.19 -74.41 41.35
CA GLY E 259 -21.68 -74.89 40.05
C GLY E 259 -21.07 -73.78 39.20
N GLY E 260 -21.78 -72.65 39.04
CA GLY E 260 -21.33 -71.52 38.20
C GLY E 260 -22.50 -70.71 37.65
N GLY E 261 -22.20 -69.52 37.11
CA GLY E 261 -23.19 -68.57 36.56
C GLY E 261 -22.84 -68.14 35.14
N THR E 262 -23.83 -67.74 34.34
CA THR E 262 -23.69 -67.33 32.92
C THR E 262 -24.34 -65.95 32.74
N GLN E 263 -23.54 -64.89 32.71
CA GLN E 263 -24.07 -63.50 32.57
C GLN E 263 -23.73 -62.99 31.16
N PHE E 264 -24.69 -62.28 30.56
CA PHE E 264 -24.61 -61.72 29.17
C PHE E 264 -24.95 -60.23 29.19
N THR E 265 -24.96 -59.58 28.02
CA THR E 265 -25.08 -58.10 27.85
C THR E 265 -26.18 -57.71 26.86
N ASN E 266 -26.33 -58.43 25.73
CA ASN E 266 -27.40 -58.18 24.72
C ASN E 266 -28.72 -57.92 25.46
N ALA E 267 -28.86 -58.54 26.64
CA ALA E 267 -30.03 -58.43 27.55
C ALA E 267 -30.12 -56.99 28.08
N GLY E 268 -31.34 -56.52 28.34
CA GLY E 268 -31.61 -55.23 29.00
C GLY E 268 -30.66 -54.95 30.17
N PRO E 269 -30.77 -55.68 31.31
CA PRO E 269 -29.85 -55.54 32.44
C PRO E 269 -29.09 -56.80 32.89
N GLY E 270 -28.02 -56.59 33.66
CA GLY E 270 -27.15 -57.65 34.18
C GLY E 270 -27.55 -58.08 35.59
N ILE E 271 -27.55 -59.39 35.84
CA ILE E 271 -27.94 -60.00 37.14
C ILE E 271 -27.22 -59.27 38.29
N GLY E 272 -26.01 -58.78 38.02
CA GLY E 272 -25.17 -58.08 39.03
C GLY E 272 -25.91 -56.90 39.65
N SER E 273 -26.26 -55.91 38.84
CA SER E 273 -26.91 -54.64 39.30
C SER E 273 -28.22 -54.97 40.00
N VAL E 274 -28.91 -56.00 39.52
CA VAL E 274 -30.25 -56.40 40.03
C VAL E 274 -30.10 -56.95 41.46
N ALA E 275 -29.20 -57.92 41.64
CA ALA E 275 -28.97 -58.63 42.92
C ALA E 275 -28.46 -57.61 43.93
N ILE E 276 -27.48 -56.80 43.53
CA ILE E 276 -26.87 -55.79 44.43
C ILE E 276 -27.97 -54.83 44.89
N ALA E 277 -28.82 -54.39 43.96
CA ALA E 277 -29.90 -53.43 44.24
C ALA E 277 -30.90 -54.04 45.24
N ALA E 278 -31.26 -55.30 45.04
CA ALA E 278 -32.23 -56.01 45.92
C ALA E 278 -31.63 -56.13 47.33
N LYS E 279 -30.31 -56.30 47.43
CA LYS E 279 -29.60 -56.46 48.73
C LYS E 279 -29.34 -55.07 49.32
N ASP E 280 -29.39 -54.03 48.49
CA ASP E 280 -29.18 -52.62 48.91
C ASP E 280 -30.53 -51.97 49.26
N TYR E 281 -31.63 -52.58 48.78
CA TYR E 281 -33.03 -52.12 49.03
C TYR E 281 -33.56 -52.73 50.35
N LYS E 282 -32.78 -53.64 50.94
CA LYS E 282 -33.16 -54.33 52.19
C LYS E 282 -32.99 -53.38 53.38
N ASP E 283 -33.76 -53.62 54.46
CA ASP E 283 -33.83 -52.78 55.70
C ASP E 283 -34.03 -51.31 55.33
N ASN E 284 -35.00 -51.04 54.44
CA ASN E 284 -35.37 -49.69 53.96
C ASN E 284 -34.11 -48.96 53.44
N GLY E 285 -33.48 -49.49 52.38
CA GLY E 285 -32.28 -48.92 51.75
C GLY E 285 -32.62 -47.91 50.67
N THR E 286 -31.69 -47.68 49.71
CA THR E 286 -31.84 -46.73 48.57
C THR E 286 -32.59 -47.41 47.41
N THR E 287 -32.92 -46.64 46.38
CA THR E 287 -33.64 -47.11 45.17
C THR E 287 -33.04 -46.44 43.92
N THR E 288 -32.20 -45.42 44.11
CA THR E 288 -31.54 -44.65 43.01
C THR E 288 -30.82 -45.65 42.08
N GLY E 289 -29.80 -46.33 42.61
CA GLY E 289 -29.04 -47.37 41.90
C GLY E 289 -29.96 -48.24 41.06
N LEU E 290 -30.93 -48.91 41.70
CA LEU E 290 -31.75 -49.92 41.00
C LEU E 290 -32.75 -49.22 40.09
N ALA E 291 -33.29 -48.06 40.49
CA ALA E 291 -34.31 -47.33 39.69
C ALA E 291 -33.66 -46.87 38.38
N LYS E 292 -32.33 -46.78 38.33
CA LYS E 292 -31.62 -46.25 37.14
C LYS E 292 -31.37 -47.38 36.15
N LEU E 293 -31.13 -48.59 36.64
CA LEU E 293 -31.04 -49.81 35.80
C LEU E 293 -32.37 -49.97 35.05
N ALA E 294 -33.48 -50.00 35.79
CA ALA E 294 -34.82 -50.37 35.28
C ALA E 294 -35.42 -49.21 34.49
N GLU E 295 -34.66 -48.13 34.25
CA GLU E 295 -35.14 -46.91 33.57
C GLU E 295 -35.59 -47.22 32.13
N ASN E 296 -34.75 -47.84 31.30
CA ASN E 296 -35.08 -48.03 29.86
C ASN E 296 -35.51 -49.46 29.60
N PHE E 297 -35.49 -50.35 30.59
CA PHE E 297 -35.71 -51.81 30.34
C PHE E 297 -37.09 -52.01 29.70
N ASN E 298 -37.17 -52.95 28.76
CA ASN E 298 -38.43 -53.29 28.05
C ASN E 298 -38.43 -54.78 27.68
N GLY E 299 -39.27 -55.55 28.38
CA GLY E 299 -39.55 -56.97 28.05
C GLY E 299 -40.11 -57.75 29.22
N MET E 300 -39.91 -59.07 29.17
CA MET E 300 -40.42 -60.05 30.15
C MET E 300 -39.21 -60.71 30.81
N ALA E 301 -38.83 -60.20 32.00
CA ALA E 301 -37.76 -60.79 32.85
C ALA E 301 -38.40 -61.77 33.82
N ALA E 302 -38.22 -63.07 33.60
CA ALA E 302 -38.88 -64.14 34.37
C ALA E 302 -37.82 -64.95 35.13
N GLY E 303 -37.74 -64.76 36.45
CA GLY E 303 -36.87 -65.51 37.38
C GLY E 303 -37.53 -66.78 37.88
N PHE E 304 -36.73 -67.80 38.21
CA PHE E 304 -37.20 -69.12 38.71
C PHE E 304 -36.12 -69.74 39.59
N TYR E 305 -36.48 -70.20 40.80
CA TYR E 305 -35.62 -70.98 41.73
C TYR E 305 -36.15 -72.42 41.89
N GLN E 306 -35.44 -73.38 41.31
CA GLN E 306 -35.69 -74.82 41.60
C GLN E 306 -34.47 -75.34 42.37
N GLY E 307 -34.70 -75.64 43.64
CA GLY E 307 -33.63 -75.84 44.63
C GLY E 307 -32.62 -74.72 44.56
N ASN E 308 -31.40 -75.02 44.10
CA ASN E 308 -30.20 -74.16 44.26
C ASN E 308 -29.91 -73.41 42.95
N TRP E 309 -30.35 -73.89 41.78
CA TRP E 309 -30.06 -73.18 40.49
C TRP E 309 -31.07 -72.05 40.28
N ALA E 310 -30.58 -70.81 40.25
CA ALA E 310 -31.37 -69.62 39.86
C ALA E 310 -31.32 -69.46 38.33
N MET E 311 -32.39 -68.95 37.74
CA MET E 311 -32.54 -68.77 36.27
C MET E 311 -33.25 -67.44 35.99
N LEU E 312 -32.75 -66.67 35.01
CA LEU E 312 -33.32 -65.38 34.58
C LEU E 312 -33.46 -65.37 33.05
N VAL E 313 -34.71 -65.26 32.61
CA VAL E 313 -35.09 -65.27 31.16
C VAL E 313 -35.46 -63.85 30.77
N THR E 314 -34.86 -63.34 29.70
CA THR E 314 -35.06 -61.96 29.18
C THR E 314 -35.59 -62.01 27.75
N ALA E 315 -36.61 -61.21 27.46
CA ALA E 315 -37.26 -61.17 26.14
C ALA E 315 -38.00 -59.86 25.94
N LEU E 316 -37.75 -59.21 24.80
CA LEU E 316 -38.66 -58.22 24.17
C LEU E 316 -38.44 -58.23 22.67
N SER E 317 -39.52 -58.09 21.93
CA SER E 317 -39.43 -57.79 20.49
C SER E 317 -39.98 -56.40 20.29
N THR E 318 -39.13 -55.46 19.87
CA THR E 318 -39.62 -54.16 19.35
C THR E 318 -39.89 -54.35 17.85
N ASN E 319 -41.02 -53.80 17.41
CA ASN E 319 -41.54 -53.89 16.02
C ASN E 319 -42.22 -52.54 15.79
N THR E 320 -41.92 -51.93 14.66
CA THR E 320 -42.17 -50.49 14.46
C THR E 320 -42.81 -50.31 13.10
N LYS E 321 -43.47 -49.16 12.90
CA LYS E 321 -44.18 -48.86 11.65
C LYS E 321 -44.31 -47.34 11.56
N SER E 322 -44.04 -46.80 10.38
CA SER E 322 -44.24 -45.37 10.05
C SER E 322 -44.59 -45.26 8.57
N ASP E 323 -45.44 -44.29 8.24
CA ASP E 323 -45.85 -43.99 6.85
C ASP E 323 -45.91 -42.48 6.69
N ILE E 324 -45.24 -41.95 5.68
CA ILE E 324 -45.21 -40.49 5.41
C ILE E 324 -45.61 -40.27 3.96
N LEU E 325 -46.32 -39.18 3.68
CA LEU E 325 -46.79 -38.82 2.33
C LEU E 325 -46.98 -37.30 2.23
N SER E 326 -46.11 -36.62 1.49
CA SER E 326 -46.17 -35.16 1.27
C SER E 326 -46.36 -34.88 -0.22
N THR E 327 -47.32 -34.03 -0.58
CA THR E 327 -47.64 -33.69 -1.98
C THR E 327 -47.71 -32.17 -2.12
N PRO E 328 -46.56 -31.48 -2.10
CA PRO E 328 -46.53 -30.04 -2.26
C PRO E 328 -46.64 -29.65 -3.74
N SER E 329 -47.81 -29.23 -4.18
CA SER E 329 -48.05 -28.72 -5.55
C SER E 329 -47.76 -27.21 -5.59
N ILE E 330 -47.63 -26.65 -6.79
CA ILE E 330 -47.39 -25.19 -7.00
C ILE E 330 -47.68 -24.85 -8.45
N VAL E 331 -48.25 -23.68 -8.69
CA VAL E 331 -48.54 -23.20 -10.08
C VAL E 331 -47.65 -22.01 -10.38
N THR E 332 -46.85 -22.13 -11.44
CA THR E 332 -45.77 -21.19 -11.84
C THR E 332 -45.95 -20.81 -13.30
N MET E 333 -45.45 -19.64 -13.69
CA MET E 333 -45.23 -19.29 -15.11
C MET E 333 -44.02 -20.07 -15.59
N ASP E 334 -44.06 -20.55 -16.83
CA ASP E 334 -42.91 -21.24 -17.47
C ASP E 334 -41.63 -20.42 -17.26
N ASN E 335 -40.54 -21.09 -16.93
CA ASN E 335 -39.20 -20.47 -17.04
C ASN E 335 -38.99 -19.42 -15.95
N LYS E 336 -39.96 -19.21 -15.08
CA LYS E 336 -39.68 -18.59 -13.77
C LYS E 336 -39.52 -19.70 -12.75
N GLU E 337 -38.53 -19.57 -11.88
CA GLU E 337 -38.48 -20.48 -10.73
C GLU E 337 -39.48 -19.96 -9.71
N ALA E 338 -40.39 -20.86 -9.35
CA ALA E 338 -41.20 -20.81 -8.13
C ALA E 338 -40.33 -21.29 -6.98
N SER E 339 -40.60 -20.78 -5.80
CA SER E 339 -40.20 -21.43 -4.54
C SER E 339 -41.49 -21.88 -3.87
N PHE E 340 -41.41 -22.90 -3.05
CA PHE E 340 -42.54 -23.25 -2.16
C PHE E 340 -41.90 -23.83 -0.91
N ASN E 341 -42.24 -23.28 0.24
CA ASN E 341 -41.66 -23.80 1.49
C ASN E 341 -42.82 -24.07 2.44
N VAL E 342 -42.81 -25.18 3.15
CA VAL E 342 -43.63 -25.29 4.39
C VAL E 342 -42.83 -26.05 5.45
N GLY E 343 -42.19 -25.27 6.29
CA GLY E 343 -41.03 -25.68 7.08
C GLY E 343 -40.50 -24.48 7.79
N GLN E 344 -39.20 -24.33 7.95
CA GLN E 344 -38.82 -23.35 8.97
C GLN E 344 -37.35 -22.96 8.87
N GLU E 345 -37.09 -21.77 9.41
CA GLU E 345 -35.78 -21.09 9.52
C GLU E 345 -35.23 -21.37 10.92
N VAL E 346 -34.15 -22.13 10.96
CA VAL E 346 -33.41 -22.46 12.20
C VAL E 346 -32.01 -21.92 12.05
N PRO E 347 -31.40 -21.49 13.14
CA PRO E 347 -30.02 -21.04 13.07
C PRO E 347 -29.04 -22.22 13.00
N VAL E 348 -27.98 -22.05 12.21
CA VAL E 348 -26.83 -22.99 12.14
C VAL E 348 -25.56 -22.17 12.36
N GLN E 349 -24.62 -22.68 13.16
CA GLN E 349 -23.33 -21.99 13.42
C GLN E 349 -22.52 -21.94 12.13
N THR E 350 -21.53 -21.05 12.04
CA THR E 350 -20.61 -20.96 10.87
C THR E 350 -19.39 -20.12 11.22
N THR E 364 -21.44 -16.32 16.03
CA THR E 364 -21.83 -16.23 14.60
C THR E 364 -22.77 -17.40 14.25
N ILE E 365 -23.97 -17.11 13.74
CA ILE E 365 -25.01 -18.12 13.36
C ILE E 365 -25.53 -17.79 11.97
N GLU E 366 -26.54 -18.53 11.50
CA GLU E 366 -27.12 -18.39 10.14
C GLU E 366 -28.52 -19.03 10.09
N ARG E 367 -29.36 -18.54 9.18
CA ARG E 367 -30.76 -19.00 9.03
C ARG E 367 -30.82 -19.97 7.86
N LYS E 368 -31.41 -21.14 8.06
CA LYS E 368 -31.60 -22.16 6.99
C LYS E 368 -33.06 -22.57 6.98
N THR E 369 -33.71 -22.54 5.82
CA THR E 369 -35.12 -22.99 5.67
C THR E 369 -35.15 -24.51 5.50
N VAL E 370 -35.50 -25.23 6.56
CA VAL E 370 -35.64 -26.71 6.56
C VAL E 370 -37.10 -27.02 6.85
N GLY E 371 -37.76 -27.67 5.90
CA GLY E 371 -39.17 -28.10 6.01
C GLY E 371 -39.53 -28.83 4.75
N THR E 372 -40.81 -28.94 4.42
CA THR E 372 -41.18 -29.42 3.08
C THR E 372 -40.89 -28.29 2.09
N LYS E 373 -39.86 -28.46 1.25
CA LYS E 373 -39.50 -27.47 0.23
C LYS E 373 -39.67 -28.10 -1.14
N LEU E 374 -40.23 -27.31 -2.01
CA LEU E 374 -40.19 -27.58 -3.44
C LEU E 374 -39.63 -26.31 -4.05
N VAL E 375 -38.51 -26.44 -4.72
CA VAL E 375 -38.05 -25.33 -5.60
C VAL E 375 -38.13 -25.83 -7.01
N LEU E 376 -38.94 -25.22 -7.83
CA LEU E 376 -39.13 -25.81 -9.15
C LEU E 376 -39.17 -24.69 -10.16
N THR E 377 -38.43 -24.87 -11.24
CA THR E 377 -38.46 -24.01 -12.45
C THR E 377 -38.93 -24.88 -13.60
N PRO E 378 -40.25 -25.00 -13.84
CA PRO E 378 -40.76 -25.63 -15.05
C PRO E 378 -40.44 -24.92 -16.37
N GLN E 379 -40.39 -25.71 -17.44
CA GLN E 379 -40.11 -25.28 -18.83
C GLN E 379 -40.98 -26.13 -19.76
N ILE E 380 -41.73 -25.52 -20.68
CA ILE E 380 -42.81 -26.26 -21.40
C ILE E 380 -42.38 -26.57 -22.84
N ASN E 381 -42.41 -27.87 -23.19
CA ASN E 381 -42.42 -28.37 -24.59
C ASN E 381 -43.71 -27.84 -25.22
N GLU E 382 -43.61 -27.13 -26.35
CA GLU E 382 -44.75 -26.51 -27.07
C GLU E 382 -46.07 -27.23 -26.77
N GLY E 383 -46.08 -28.58 -26.81
CA GLY E 383 -47.28 -29.44 -26.89
C GLY E 383 -47.83 -29.94 -25.56
N ASP E 384 -47.10 -30.84 -24.88
CA ASP E 384 -47.61 -31.52 -23.65
C ASP E 384 -46.55 -31.50 -22.57
N SER E 385 -45.39 -32.05 -22.86
CA SER E 385 -44.49 -32.61 -21.83
C SER E 385 -43.62 -31.54 -21.18
N VAL E 386 -43.68 -31.49 -19.85
CA VAL E 386 -42.98 -30.47 -19.03
C VAL E 386 -41.58 -30.96 -18.70
N LEU E 387 -40.56 -30.11 -18.94
CA LEU E 387 -39.22 -30.25 -18.32
C LEU E 387 -39.28 -29.58 -16.95
N LEU E 388 -39.06 -30.35 -15.89
CA LEU E 388 -39.12 -29.86 -14.49
C LEU E 388 -37.72 -29.90 -13.90
N THR E 389 -37.14 -28.76 -13.58
CA THR E 389 -35.90 -28.74 -12.77
C THR E 389 -36.32 -28.71 -11.31
N ILE E 390 -36.12 -29.81 -10.61
CA ILE E 390 -36.58 -29.96 -9.21
C ILE E 390 -35.36 -29.95 -8.30
N GLU E 391 -35.44 -29.15 -7.24
CA GLU E 391 -34.59 -29.30 -6.05
C GLU E 391 -35.53 -29.36 -4.86
N GLN E 392 -35.72 -30.53 -4.26
CA GLN E 392 -36.65 -30.65 -3.12
C GLN E 392 -36.05 -31.53 -2.04
N GLU E 393 -36.64 -31.42 -0.86
CA GLU E 393 -36.23 -32.27 0.27
C GLU E 393 -37.30 -32.18 1.34
N VAL E 394 -37.36 -33.21 2.17
CA VAL E 394 -38.14 -33.17 3.43
C VAL E 394 -37.11 -33.29 4.54
N SER E 395 -36.87 -32.20 5.24
CA SER E 395 -35.78 -32.15 6.23
C SER E 395 -36.31 -31.62 7.56
N SER E 396 -35.59 -31.91 8.63
CA SER E 396 -36.09 -31.67 9.98
C SER E 396 -34.90 -31.52 10.92
N VAL E 397 -35.11 -30.80 12.01
CA VAL E 397 -34.06 -30.59 13.05
C VAL E 397 -34.23 -31.66 14.13
N GLY E 398 -34.43 -32.92 13.76
CA GLY E 398 -34.67 -34.00 14.73
C GLY E 398 -35.73 -33.59 15.76
N LYS E 399 -35.31 -33.31 17.01
CA LYS E 399 -36.19 -32.85 18.12
C LYS E 399 -35.76 -31.44 18.59
N GLN E 400 -36.68 -30.48 18.59
CA GLN E 400 -36.48 -29.06 19.04
C GLN E 400 -36.05 -28.99 20.52
N ALA E 401 -35.94 -30.14 21.22
CA ALA E 401 -35.55 -30.24 22.65
C ALA E 401 -34.46 -31.32 22.84
N THR E 402 -33.81 -31.72 21.75
CA THR E 402 -32.71 -32.72 21.70
C THR E 402 -31.43 -32.05 21.15
N GLY E 403 -30.26 -32.48 21.65
CA GLY E 403 -28.96 -31.99 21.19
C GLY E 403 -28.42 -32.80 20.01
N THR E 404 -27.11 -32.71 19.82
CA THR E 404 -26.36 -33.37 18.72
C THR E 404 -25.04 -33.91 19.34
N ASP E 405 -24.36 -34.87 18.69
CA ASP E 405 -22.98 -35.29 19.10
C ASP E 405 -21.99 -34.24 18.60
N GLY E 406 -22.39 -33.46 17.60
CA GLY E 406 -21.67 -32.28 17.10
C GLY E 406 -21.97 -31.00 17.87
N LEU E 407 -22.23 -29.89 17.17
CA LEU E 407 -22.09 -28.53 17.74
C LEU E 407 -23.31 -27.65 17.43
N GLY E 408 -23.77 -27.63 16.18
CA GLY E 408 -25.02 -26.93 15.82
C GLY E 408 -26.22 -27.87 15.74
N PRO E 409 -27.34 -27.45 15.14
CA PRO E 409 -28.46 -28.35 14.86
C PRO E 409 -28.16 -29.34 13.73
N THR E 410 -28.79 -30.52 13.71
CA THR E 410 -28.67 -31.50 12.60
C THR E 410 -29.99 -31.62 11.84
N PHE E 411 -29.97 -32.20 10.64
CA PHE E 411 -31.20 -32.27 9.82
C PHE E 411 -31.38 -33.64 9.20
N ASP E 412 -32.57 -34.21 9.33
CA ASP E 412 -32.99 -35.38 8.52
C ASP E 412 -33.62 -34.86 7.24
N THR E 413 -32.98 -35.13 6.12
CA THR E 413 -33.39 -34.59 4.81
C THR E 413 -33.67 -35.74 3.88
N ARG E 414 -34.67 -35.55 3.05
CA ARG E 414 -34.88 -36.41 1.88
C ARG E 414 -35.01 -35.49 0.68
N THR E 415 -34.02 -35.59 -0.19
CA THR E 415 -33.76 -34.57 -1.18
C THR E 415 -33.76 -35.24 -2.53
N VAL E 416 -34.03 -34.48 -3.54
CA VAL E 416 -33.79 -34.98 -4.90
C VAL E 416 -33.77 -33.73 -5.73
N LYS E 417 -32.66 -33.48 -6.39
CA LYS E 417 -32.53 -32.39 -7.35
C LYS E 417 -32.19 -32.99 -8.69
N ASN E 418 -33.08 -32.84 -9.64
CA ASN E 418 -32.90 -33.38 -10.99
C ASN E 418 -33.76 -32.58 -11.96
N ALA E 419 -33.40 -32.67 -13.21
CA ALA E 419 -34.33 -32.31 -14.29
C ALA E 419 -34.93 -33.61 -14.82
N VAL E 420 -36.24 -33.57 -14.99
CA VAL E 420 -37.07 -34.69 -15.50
C VAL E 420 -37.96 -34.09 -16.57
N LEU E 421 -38.29 -34.86 -17.60
CA LEU E 421 -39.27 -34.38 -18.59
C LEU E 421 -40.43 -35.35 -18.69
N VAL E 422 -41.61 -34.85 -18.32
CA VAL E 422 -42.81 -35.69 -18.09
C VAL E 422 -43.95 -35.12 -18.91
N LYS E 423 -44.82 -36.03 -19.39
CA LYS E 423 -46.05 -35.73 -20.17
C LYS E 423 -47.04 -34.97 -19.29
N SER E 424 -47.87 -34.14 -19.91
CA SER E 424 -48.64 -33.07 -19.21
C SER E 424 -49.69 -33.67 -18.26
N GLY E 425 -50.03 -34.95 -18.41
CA GLY E 425 -51.07 -35.58 -17.57
C GLY E 425 -50.51 -36.54 -16.53
N GLU E 426 -49.26 -36.99 -16.71
CA GLU E 426 -48.78 -38.28 -16.17
C GLU E 426 -48.06 -38.09 -14.83
N THR E 427 -48.27 -39.02 -13.90
CA THR E 427 -47.61 -39.04 -12.58
C THR E 427 -46.42 -39.99 -12.67
N VAL E 428 -45.23 -39.55 -12.31
CA VAL E 428 -44.01 -40.33 -12.60
C VAL E 428 -43.07 -40.39 -11.42
N VAL E 429 -42.04 -41.20 -11.58
CA VAL E 429 -40.98 -41.38 -10.58
C VAL E 429 -39.88 -40.36 -10.87
N LEU E 430 -39.56 -39.50 -9.91
CA LEU E 430 -38.36 -38.64 -9.92
C LEU E 430 -37.17 -39.50 -9.54
N GLY E 431 -37.34 -40.26 -8.45
CA GLY E 431 -36.29 -41.02 -7.75
C GLY E 431 -36.86 -41.82 -6.61
N GLY E 432 -36.00 -42.32 -5.74
CA GLY E 432 -36.44 -43.16 -4.62
C GLY E 432 -35.29 -43.91 -4.02
N LEU E 433 -35.47 -44.34 -2.77
CA LEU E 433 -34.49 -45.14 -2.01
C LEU E 433 -35.26 -46.22 -1.27
N MET E 434 -34.91 -47.47 -1.55
CA MET E 434 -35.45 -48.65 -0.85
C MET E 434 -34.30 -49.26 -0.05
N ASP E 435 -34.37 -49.12 1.27
CA ASP E 435 -33.23 -49.40 2.19
C ASP E 435 -33.69 -50.50 3.13
N GLU E 436 -32.85 -51.51 3.32
CA GLU E 436 -33.20 -52.68 4.17
C GLU E 436 -32.00 -53.01 5.04
N GLN E 437 -32.24 -53.16 6.34
CA GLN E 437 -31.19 -53.40 7.35
C GLN E 437 -31.61 -54.57 8.25
N THR E 438 -30.68 -55.46 8.56
CA THR E 438 -30.92 -56.57 9.51
C THR E 438 -29.64 -56.87 10.28
N LYS E 439 -29.65 -56.57 11.57
CA LYS E 439 -28.50 -56.87 12.45
C LYS E 439 -28.91 -58.02 13.38
N GLU E 440 -28.07 -59.05 13.45
CA GLU E 440 -28.29 -60.22 14.33
C GLU E 440 -27.09 -60.37 15.26
N GLU E 441 -27.37 -60.55 16.55
CA GLU E 441 -26.34 -60.77 17.61
C GLU E 441 -26.79 -61.91 18.52
N VAL E 442 -25.83 -62.73 18.93
CA VAL E 442 -26.02 -63.75 20.00
C VAL E 442 -24.82 -63.69 20.94
N SER E 443 -25.09 -63.82 22.23
CA SER E 443 -24.09 -64.08 23.29
C SER E 443 -24.40 -65.47 23.81
N LYS E 444 -23.67 -66.47 23.34
CA LYS E 444 -23.99 -67.87 23.68
C LYS E 444 -22.77 -68.51 24.35
N VAL E 445 -23.00 -69.67 24.95
CA VAL E 445 -21.91 -70.53 25.49
C VAL E 445 -21.47 -71.44 24.35
N PRO E 446 -20.14 -71.48 24.08
CA PRO E 446 -19.59 -72.02 22.83
C PRO E 446 -20.25 -73.29 22.28
N LEU E 447 -20.17 -74.39 23.03
CA LEU E 447 -20.63 -75.71 22.55
C LEU E 447 -22.15 -75.78 22.78
N LEU E 448 -22.61 -75.36 23.95
CA LEU E 448 -23.98 -75.60 24.44
C LEU E 448 -24.94 -74.71 23.64
N GLY E 449 -24.49 -73.51 23.28
CA GLY E 449 -25.34 -72.53 22.58
C GLY E 449 -25.72 -73.04 21.20
N ASP E 450 -25.06 -74.09 20.71
CA ASP E 450 -25.21 -74.58 19.31
C ASP E 450 -26.10 -75.83 19.26
N ILE E 451 -26.52 -76.36 20.41
CA ILE E 451 -27.53 -77.46 20.45
C ILE E 451 -28.78 -76.92 19.76
N PRO E 452 -29.28 -77.52 18.64
CA PRO E 452 -30.21 -76.83 17.73
C PRO E 452 -31.47 -76.26 18.42
N VAL E 453 -32.03 -76.95 19.41
CA VAL E 453 -33.24 -76.47 20.16
C VAL E 453 -32.85 -76.07 21.59
N LEU E 454 -32.35 -76.99 22.43
CA LEU E 454 -31.95 -76.68 23.83
C LEU E 454 -31.04 -75.44 23.85
N GLY E 455 -30.20 -75.29 22.82
CA GLY E 455 -29.14 -74.27 22.75
C GLY E 455 -29.67 -72.85 22.96
N TYR E 456 -30.95 -72.60 22.67
CA TYR E 456 -31.57 -71.26 22.82
C TYR E 456 -31.65 -70.91 24.31
N LEU E 457 -31.45 -71.90 25.18
CA LEU E 457 -31.44 -71.64 26.64
C LEU E 457 -30.10 -71.02 27.04
N PHE E 458 -29.03 -71.29 26.29
CA PHE E 458 -27.69 -70.75 26.62
C PHE E 458 -27.52 -69.37 25.95
N ARG E 459 -28.14 -69.18 24.78
CA ARG E 459 -27.91 -67.98 23.94
C ARG E 459 -28.85 -66.85 24.39
N SER E 460 -28.33 -65.61 24.42
CA SER E 460 -29.10 -64.37 24.58
C SER E 460 -29.10 -63.66 23.23
N THR E 461 -30.13 -63.86 22.44
CA THR E 461 -30.08 -63.33 21.07
C THR E 461 -30.66 -61.93 21.09
N SER E 462 -30.09 -61.04 20.29
CA SER E 462 -30.67 -59.71 19.97
C SER E 462 -30.74 -59.54 18.45
N ASN E 463 -31.94 -59.51 17.90
CA ASN E 463 -32.16 -59.35 16.44
C ASN E 463 -32.73 -57.96 16.18
N ASN E 464 -32.50 -57.44 14.99
CA ASN E 464 -33.09 -56.13 14.60
C ASN E 464 -33.33 -56.19 13.10
N THR E 465 -34.39 -55.52 12.63
CA THR E 465 -34.68 -55.39 11.20
C THR E 465 -35.38 -54.06 10.95
N SER E 466 -35.27 -53.56 9.72
CA SER E 466 -35.86 -52.28 9.29
C SER E 466 -36.08 -52.29 7.78
N LYS E 467 -36.93 -51.37 7.34
CA LYS E 467 -37.33 -51.17 5.94
C LYS E 467 -37.71 -49.71 5.78
N ARG E 468 -37.26 -49.10 4.71
CA ARG E 468 -37.75 -47.77 4.29
C ARG E 468 -37.87 -47.80 2.78
N ASN E 469 -39.06 -47.57 2.26
CA ASN E 469 -39.26 -47.47 0.79
C ASN E 469 -39.77 -46.06 0.52
N LEU E 470 -38.91 -45.22 -0.06
CA LEU E 470 -39.22 -43.80 -0.35
C LEU E 470 -39.33 -43.63 -1.86
N MET E 471 -40.43 -43.06 -2.31
CA MET E 471 -40.69 -42.81 -3.76
C MET E 471 -41.11 -41.36 -3.94
N VAL E 472 -40.48 -40.64 -4.86
CA VAL E 472 -40.80 -39.22 -5.14
C VAL E 472 -41.44 -39.14 -6.53
N PHE E 473 -42.74 -38.87 -6.59
CA PHE E 473 -43.51 -38.75 -7.86
C PHE E 473 -43.86 -37.28 -8.14
N ILE E 474 -43.83 -36.89 -9.41
CA ILE E 474 -44.15 -35.50 -9.87
C ILE E 474 -45.15 -35.59 -11.01
N ARG E 475 -46.28 -34.90 -10.89
CA ARG E 475 -47.37 -34.95 -11.90
C ARG E 475 -47.67 -33.55 -12.41
N PRO E 476 -47.00 -33.09 -13.49
CA PRO E 476 -47.26 -31.78 -14.04
C PRO E 476 -48.61 -31.79 -14.76
N THR E 477 -49.12 -30.59 -14.95
CA THR E 477 -50.47 -30.33 -15.49
C THR E 477 -50.44 -28.95 -16.10
N ILE E 478 -50.68 -28.85 -17.40
CA ILE E 478 -50.47 -27.54 -18.08
C ILE E 478 -51.81 -26.87 -18.37
N LEU E 479 -51.82 -25.60 -18.01
CA LEU E 479 -52.92 -24.63 -18.18
C LEU E 479 -52.57 -23.74 -19.37
N ARG E 480 -53.25 -23.91 -20.51
CA ARG E 480 -52.96 -23.14 -21.74
C ARG E 480 -53.70 -21.80 -21.71
N ASP E 481 -54.92 -21.80 -21.18
CA ASP E 481 -55.77 -20.59 -21.08
C ASP E 481 -56.37 -20.55 -19.66
N ALA E 482 -57.13 -19.49 -19.34
CA ALA E 482 -57.67 -19.21 -18.00
C ALA E 482 -58.75 -20.23 -17.62
N ASN E 483 -59.66 -20.54 -18.55
CA ASN E 483 -60.83 -21.42 -18.29
C ASN E 483 -60.40 -22.78 -17.73
N VAL E 484 -59.23 -23.29 -18.10
CA VAL E 484 -58.74 -24.59 -17.57
C VAL E 484 -58.19 -24.37 -16.15
N TYR E 485 -57.85 -23.13 -15.84
CA TYR E 485 -57.11 -22.77 -14.61
C TYR E 485 -58.13 -22.41 -13.52
N SER E 486 -59.36 -22.14 -13.90
CA SER E 486 -60.46 -22.02 -12.93
C SER E 486 -60.83 -23.44 -12.48
N GLY E 487 -61.17 -24.30 -13.43
CA GLY E 487 -61.62 -25.69 -13.18
C GLY E 487 -60.62 -26.43 -12.32
N ILE E 488 -59.34 -26.20 -12.56
CA ILE E 488 -58.25 -26.87 -11.80
C ILE E 488 -58.20 -26.30 -10.40
N SER E 489 -58.42 -24.99 -10.28
CA SER E 489 -58.41 -24.28 -8.97
C SER E 489 -59.75 -24.50 -8.28
N SER E 490 -60.84 -24.61 -9.03
CA SER E 490 -62.20 -24.79 -8.47
C SER E 490 -62.29 -26.16 -7.81
N ASN E 491 -61.62 -27.17 -8.35
CA ASN E 491 -61.71 -28.56 -7.82
C ASN E 491 -60.89 -28.66 -6.54
N LYS E 492 -59.84 -27.84 -6.41
CA LYS E 492 -59.03 -27.81 -5.17
C LYS E 492 -59.74 -26.90 -4.18
N TYR E 493 -60.39 -25.84 -4.67
CA TYR E 493 -61.13 -24.89 -3.81
C TYR E 493 -62.34 -25.61 -3.20
N THR E 494 -62.98 -26.45 -3.99
CA THR E 494 -64.19 -27.20 -3.57
C THR E 494 -63.79 -28.42 -2.74
N LEU E 495 -62.77 -29.17 -3.17
CA LEU E 495 -62.34 -30.38 -2.44
C LEU E 495 -61.85 -29.93 -1.07
N PHE E 496 -61.33 -28.71 -0.96
CA PHE E 496 -60.90 -28.12 0.33
C PHE E 496 -62.15 -27.72 1.11
N ARG E 497 -63.11 -27.10 0.43
CA ARG E 497 -64.38 -26.63 1.03
C ARG E 497 -65.16 -27.84 1.54
N ALA E 498 -65.28 -28.85 0.66
CA ALA E 498 -66.03 -30.09 0.94
C ALA E 498 -65.36 -30.83 2.10
N GLN E 499 -64.07 -30.60 2.32
CA GLN E 499 -63.33 -31.26 3.43
C GLN E 499 -63.67 -30.53 4.73
N GLN E 500 -63.77 -29.20 4.67
CA GLN E 500 -64.14 -28.38 5.84
C GLN E 500 -65.58 -28.72 6.23
N LEU E 501 -66.49 -28.86 5.28
CA LEU E 501 -67.93 -29.14 5.58
C LEU E 501 -68.06 -30.54 6.17
N ASP E 502 -67.16 -31.46 5.79
CA ASP E 502 -67.13 -32.84 6.34
C ASP E 502 -66.66 -32.77 7.79
N ALA E 503 -65.71 -31.88 8.10
CA ALA E 503 -65.12 -31.72 9.44
C ALA E 503 -66.14 -31.05 10.37
N VAL E 504 -67.02 -30.22 9.83
CA VAL E 504 -68.12 -29.58 10.60
C VAL E 504 -69.12 -30.67 11.03
N ALA E 505 -69.40 -31.64 10.16
CA ALA E 505 -70.41 -32.71 10.41
C ALA E 505 -69.85 -33.79 11.34
N GLN E 506 -68.58 -33.71 11.76
CA GLN E 506 -68.03 -34.50 12.91
C GLN E 506 -68.02 -33.62 14.17
N GLU E 507 -67.57 -32.37 14.04
CA GLU E 507 -67.53 -31.39 15.17
C GLU E 507 -68.95 -31.12 15.63
N GLY E 508 -69.91 -31.08 14.71
CA GLY E 508 -71.35 -30.94 15.04
C GLY E 508 -71.82 -32.12 15.86
N TYR E 509 -71.33 -33.31 15.52
CA TYR E 509 -71.66 -34.57 16.23
C TYR E 509 -71.07 -34.52 17.64
N ALA E 510 -69.81 -34.11 17.77
CA ALA E 510 -69.06 -34.06 19.04
C ALA E 510 -69.57 -32.93 19.94
N THR E 511 -70.07 -31.83 19.35
CA THR E 511 -70.54 -30.61 20.05
C THR E 511 -69.39 -29.92 20.79
N SER E 512 -69.55 -28.62 21.06
CA SER E 512 -68.62 -27.79 21.88
C SER E 512 -67.24 -27.60 21.22
N PRO E 513 -67.11 -27.70 19.88
CA PRO E 513 -65.96 -27.19 19.14
C PRO E 513 -66.34 -26.55 17.78
N ASP E 514 -65.51 -25.69 17.20
CA ASP E 514 -65.84 -25.09 15.88
C ASP E 514 -64.68 -25.20 14.87
N ARG E 515 -64.97 -25.79 13.71
CA ARG E 515 -64.12 -25.69 12.50
C ARG E 515 -64.88 -24.76 11.55
N GLN E 516 -64.27 -23.66 11.11
CA GLN E 516 -65.03 -22.66 10.32
C GLN E 516 -64.65 -22.74 8.84
N VAL E 517 -65.66 -22.58 8.01
CA VAL E 517 -65.58 -23.01 6.60
C VAL E 517 -65.60 -21.80 5.68
N LEU E 518 -64.63 -21.89 4.79
CA LEU E 518 -64.52 -21.29 3.44
C LEU E 518 -65.86 -21.26 2.69
N PRO E 519 -66.23 -20.11 2.10
CA PRO E 519 -67.52 -20.01 1.44
C PRO E 519 -67.52 -20.82 0.14
N GLU E 520 -68.45 -20.49 -0.75
CA GLU E 520 -68.52 -21.11 -2.10
C GLU E 520 -67.72 -20.24 -3.07
N TYR E 521 -67.29 -20.85 -4.18
CA TYR E 521 -66.41 -20.22 -5.19
C TYR E 521 -67.06 -18.95 -5.74
N GLY E 522 -66.35 -17.83 -5.60
CA GLY E 522 -66.66 -16.55 -6.25
C GLY E 522 -67.67 -15.73 -5.49
N GLN E 523 -67.94 -16.06 -4.23
CA GLN E 523 -69.00 -15.39 -3.43
C GLN E 523 -68.40 -14.40 -2.42
N ASP E 524 -67.09 -14.50 -2.14
CA ASP E 524 -66.41 -13.82 -0.99
C ASP E 524 -67.30 -13.96 0.26
N GLY F 1 -10.68 82.76 -59.42
CA GLY F 1 -10.55 82.38 -60.87
C GLY F 1 -9.16 81.89 -61.21
N ASP F 2 -8.18 82.80 -61.28
CA ASP F 2 -6.78 82.47 -61.68
C ASP F 2 -5.92 82.34 -60.42
N GLU F 3 -6.55 82.37 -59.24
CA GLU F 3 -5.84 82.44 -57.94
C GLU F 3 -5.15 81.10 -57.68
N MET F 4 -3.80 81.10 -57.71
CA MET F 4 -2.98 79.88 -57.54
C MET F 4 -2.77 79.64 -56.05
N VAL F 5 -3.39 78.60 -55.52
CA VAL F 5 -3.30 78.23 -54.08
C VAL F 5 -3.18 76.71 -53.98
N THR F 6 -2.59 76.24 -52.89
CA THR F 6 -2.50 74.80 -52.54
C THR F 6 -3.57 74.49 -51.51
N ARG F 7 -4.39 73.48 -51.78
CA ARG F 7 -5.41 72.99 -50.83
C ARG F 7 -5.51 71.47 -50.98
N VAL F 8 -5.80 70.82 -49.86
CA VAL F 8 -5.51 69.38 -49.65
C VAL F 8 -6.75 68.71 -49.07
N VAL F 9 -7.27 67.71 -49.78
CA VAL F 9 -8.38 66.86 -49.28
C VAL F 9 -7.91 65.40 -49.31
N PRO F 10 -8.00 64.67 -48.18
CA PRO F 10 -7.83 63.22 -48.19
C PRO F 10 -9.01 62.47 -48.81
N VAL F 11 -8.75 61.30 -49.38
CA VAL F 11 -9.74 60.21 -49.62
C VAL F 11 -9.53 59.18 -48.51
N ARG F 12 -10.33 59.21 -47.45
CA ARG F 12 -10.13 58.33 -46.26
C ARG F 12 -10.60 56.91 -46.62
N ASN F 13 -11.77 56.82 -47.24
CA ASN F 13 -12.48 55.56 -47.60
C ASN F 13 -11.56 54.67 -48.44
N VAL F 14 -10.92 55.24 -49.46
CA VAL F 14 -10.10 54.51 -50.46
C VAL F 14 -8.68 55.07 -50.41
N SER F 15 -7.68 54.31 -50.86
CA SER F 15 -6.31 54.84 -51.12
C SER F 15 -6.40 55.81 -52.29
N VAL F 16 -5.93 57.05 -52.10
CA VAL F 16 -6.12 58.18 -53.05
C VAL F 16 -5.36 57.88 -54.36
N ARG F 17 -4.59 56.79 -54.40
CA ARG F 17 -3.68 56.42 -55.52
C ARG F 17 -4.45 56.38 -56.85
N GLU F 18 -5.77 56.18 -56.78
CA GLU F 18 -6.62 55.93 -57.98
C GLU F 18 -6.93 57.24 -58.72
N LEU F 19 -6.59 58.40 -58.15
CA LEU F 19 -6.90 59.71 -58.80
C LEU F 19 -5.64 60.26 -59.50
N ALA F 20 -4.53 59.51 -59.53
CA ALA F 20 -3.25 59.97 -60.09
C ALA F 20 -3.36 60.24 -61.60
N PRO F 21 -3.87 59.29 -62.42
CA PRO F 21 -4.17 59.61 -63.83
C PRO F 21 -5.16 60.78 -63.98
N LEU F 22 -6.20 60.79 -63.14
CA LEU F 22 -7.36 61.74 -63.16
C LEU F 22 -6.87 63.16 -62.90
N LEU F 23 -6.16 63.38 -61.79
CA LEU F 23 -5.97 64.74 -61.24
C LEU F 23 -4.73 65.39 -61.86
N ARG F 24 -3.65 64.63 -62.07
CA ARG F 24 -2.49 65.11 -62.86
C ARG F 24 -2.94 65.19 -64.33
N GLN F 25 -4.00 64.46 -64.68
CA GLN F 25 -4.67 64.65 -65.98
C GLN F 25 -5.41 66.00 -65.94
N LEU F 26 -5.87 66.45 -64.77
CA LEU F 26 -6.57 67.77 -64.62
C LEU F 26 -5.54 68.90 -64.61
N ASN F 27 -4.32 68.62 -64.14
CA ASN F 27 -3.14 69.47 -64.48
C ASN F 27 -3.06 69.50 -66.01
N ASP F 28 -3.06 68.31 -66.62
CA ASP F 28 -2.93 68.10 -68.08
C ASP F 28 -4.20 68.56 -68.80
N ASN F 29 -5.25 68.95 -68.07
CA ASN F 29 -6.55 69.35 -68.66
C ASN F 29 -6.44 70.76 -69.27
N ALA F 30 -5.82 71.70 -68.56
CA ALA F 30 -5.75 73.12 -68.98
C ALA F 30 -4.42 73.76 -68.57
N GLY F 31 -4.24 75.04 -68.90
CA GLY F 31 -3.03 75.85 -68.61
C GLY F 31 -2.42 75.51 -67.26
N GLY F 32 -1.16 75.08 -67.28
CA GLY F 32 -0.43 74.47 -66.14
C GLY F 32 -0.08 75.47 -65.05
N GLY F 33 0.80 75.06 -64.13
CA GLY F 33 1.03 75.68 -62.82
C GLY F 33 0.40 74.86 -61.71
N ASN F 34 0.15 73.58 -61.99
CA ASN F 34 -0.56 72.66 -61.05
C ASN F 34 0.44 71.66 -60.45
N VAL F 35 0.12 71.17 -59.26
CA VAL F 35 0.74 69.96 -58.64
C VAL F 35 -0.37 69.11 -58.03
N VAL F 36 -0.33 67.81 -58.26
CA VAL F 36 -1.15 66.82 -57.52
C VAL F 36 -0.19 65.78 -56.97
N HIS F 37 -0.37 65.32 -55.71
CA HIS F 37 0.43 64.22 -55.13
C HIS F 37 -0.28 63.57 -53.94
N TYR F 38 0.28 62.44 -53.46
CA TYR F 38 -0.43 61.39 -52.69
C TYR F 38 0.41 60.94 -51.50
N ASP F 39 -0.22 60.93 -50.33
CA ASP F 39 0.42 60.35 -49.12
C ASP F 39 -0.05 58.90 -49.00
N PRO F 40 0.80 57.99 -48.50
CA PRO F 40 0.34 56.66 -48.11
C PRO F 40 -0.71 56.81 -46.99
N SER F 41 -0.57 57.88 -46.20
CA SER F 41 -1.54 58.36 -45.17
C SER F 41 -2.86 58.72 -45.87
N ASN F 42 -2.82 58.77 -47.21
CA ASN F 42 -4.01 58.81 -48.10
C ASN F 42 -4.70 60.16 -47.97
N VAL F 43 -3.91 61.22 -47.83
CA VAL F 43 -4.35 62.62 -48.09
C VAL F 43 -3.89 63.00 -49.49
N LEU F 44 -4.71 63.78 -50.19
CA LEU F 44 -4.44 64.20 -51.58
C LEU F 44 -4.16 65.70 -51.60
N LEU F 45 -2.91 66.07 -51.85
CA LEU F 45 -2.45 67.48 -51.77
C LEU F 45 -2.43 68.09 -53.17
N ILE F 46 -2.99 69.29 -53.30
CA ILE F 46 -3.13 70.00 -54.59
C ILE F 46 -2.49 71.39 -54.52
N THR F 47 -2.05 71.85 -55.68
CA THR F 47 -1.60 73.24 -55.94
C THR F 47 -2.15 73.65 -57.32
N GLY F 48 -2.72 74.85 -57.45
CA GLY F 48 -3.20 75.32 -58.75
C GLY F 48 -4.14 76.50 -58.65
N ARG F 49 -4.51 77.03 -59.82
CA ARG F 49 -5.43 78.19 -59.95
C ARG F 49 -6.83 77.75 -59.53
N ALA F 50 -7.65 78.73 -59.16
CA ALA F 50 -8.90 78.56 -58.36
C ALA F 50 -9.88 77.61 -59.04
N ALA F 51 -10.01 77.67 -60.38
CA ALA F 51 -10.99 76.86 -61.14
C ALA F 51 -10.49 75.42 -61.25
N VAL F 52 -9.28 75.22 -61.78
CA VAL F 52 -8.69 73.87 -61.97
C VAL F 52 -8.75 73.14 -60.62
N VAL F 53 -8.52 73.87 -59.52
CA VAL F 53 -8.57 73.30 -58.15
C VAL F 53 -10.04 73.13 -57.74
N ASN F 54 -10.95 73.99 -58.20
CA ASN F 54 -12.41 73.81 -57.93
C ASN F 54 -12.80 72.39 -58.33
N ARG F 55 -12.52 72.00 -59.57
CA ARG F 55 -12.97 70.71 -60.15
C ARG F 55 -12.02 69.59 -59.72
N LEU F 56 -10.78 69.91 -59.34
CA LEU F 56 -9.83 68.92 -58.76
C LEU F 56 -10.38 68.47 -57.41
N VAL F 57 -10.52 69.41 -56.47
CA VAL F 57 -11.00 69.16 -55.09
C VAL F 57 -12.41 68.58 -55.19
N GLU F 58 -13.21 69.03 -56.18
CA GLU F 58 -14.50 68.38 -56.55
C GLU F 58 -14.25 66.88 -56.69
N VAL F 59 -13.29 66.49 -57.55
CA VAL F 59 -12.96 65.07 -57.81
C VAL F 59 -12.65 64.40 -56.47
N VAL F 60 -11.92 65.09 -55.58
CA VAL F 60 -11.30 64.45 -54.40
C VAL F 60 -12.36 64.17 -53.34
N ARG F 61 -13.10 65.20 -52.92
CA ARG F 61 -14.24 65.04 -51.97
C ARG F 61 -15.20 64.01 -52.57
N ARG F 62 -15.41 64.10 -53.89
CA ARG F 62 -16.30 63.16 -54.63
C ARG F 62 -15.84 61.73 -54.34
N VAL F 63 -14.65 61.35 -54.84
CA VAL F 63 -14.07 59.99 -54.62
C VAL F 63 -14.09 59.69 -53.11
N ASP F 64 -14.06 60.74 -52.27
CA ASP F 64 -14.06 60.59 -50.80
C ASP F 64 -15.44 60.12 -50.34
N LYS F 65 -16.50 60.74 -50.86
CA LYS F 65 -17.91 60.45 -50.48
C LYS F 65 -18.45 59.33 -51.36
N ALA F 66 -17.70 58.91 -52.38
CA ALA F 66 -18.10 57.86 -53.34
C ALA F 66 -18.13 56.51 -52.62
N GLY F 67 -17.17 56.29 -51.71
CA GLY F 67 -17.03 55.02 -50.97
C GLY F 67 -17.19 55.23 -49.46
N ASP F 68 -18.39 55.60 -48.99
CA ASP F 68 -18.70 55.79 -47.54
C ASP F 68 -18.67 54.43 -46.84
N GLN F 69 -18.30 54.43 -45.56
CA GLN F 69 -18.22 53.19 -44.74
C GLN F 69 -18.38 53.55 -43.26
N GLU F 70 -19.62 53.74 -42.82
CA GLU F 70 -19.94 54.20 -41.44
C GLU F 70 -20.55 53.01 -40.68
N VAL F 71 -20.69 53.18 -39.37
CA VAL F 71 -21.37 52.20 -38.48
C VAL F 71 -22.65 52.81 -37.96
N ASP F 72 -23.66 51.93 -37.83
CA ASP F 72 -24.99 52.18 -37.20
C ASP F 72 -25.24 51.13 -36.11
N ILE F 73 -25.68 51.59 -34.95
CA ILE F 73 -26.05 50.70 -33.82
C ILE F 73 -27.51 50.96 -33.48
N ILE F 74 -28.35 49.95 -33.65
CA ILE F 74 -29.74 50.00 -33.11
C ILE F 74 -29.98 48.73 -32.28
N LYS F 75 -30.63 48.89 -31.13
CA LYS F 75 -30.88 47.81 -30.15
C LYS F 75 -31.71 46.70 -30.80
N LEU F 76 -31.32 45.46 -30.54
CA LEU F 76 -32.18 44.27 -30.75
C LEU F 76 -32.81 43.93 -29.40
N LYS F 77 -34.13 43.80 -29.38
CA LYS F 77 -34.84 43.51 -28.11
C LYS F 77 -35.01 42.00 -27.97
N TYR F 78 -35.01 41.25 -29.09
CA TYR F 78 -35.51 39.84 -29.12
C TYR F 78 -34.39 38.83 -29.47
N ALA F 79 -34.31 38.30 -30.71
CA ALA F 79 -33.48 37.10 -31.01
C ALA F 79 -31.98 37.41 -30.92
N SER F 80 -31.22 36.41 -30.47
CA SER F 80 -29.84 36.52 -29.95
C SER F 80 -28.94 37.14 -31.00
N ALA F 81 -28.08 38.05 -30.57
CA ALA F 81 -27.12 38.77 -31.45
C ALA F 81 -26.16 37.73 -32.06
N GLY F 82 -25.78 36.69 -31.30
CA GLY F 82 -24.88 35.60 -31.72
C GLY F 82 -25.51 34.70 -32.78
N GLU F 83 -26.80 34.41 -32.66
CA GLU F 83 -27.56 33.68 -33.72
C GLU F 83 -27.66 34.63 -34.91
N MET F 84 -27.98 35.89 -34.62
CA MET F 84 -28.04 36.97 -35.64
C MET F 84 -26.72 36.90 -36.41
N VAL F 85 -25.62 36.78 -35.66
CA VAL F 85 -24.23 36.76 -36.22
C VAL F 85 -24.11 35.54 -37.13
N ARG F 86 -24.43 34.35 -36.60
CA ARG F 86 -24.23 33.05 -37.29
C ARG F 86 -25.00 33.06 -38.61
N LEU F 87 -26.27 33.44 -38.55
CA LEU F 87 -27.23 33.33 -39.68
C LEU F 87 -26.77 34.28 -40.78
N VAL F 88 -26.33 35.46 -40.37
CA VAL F 88 -25.88 36.51 -41.33
C VAL F 88 -24.45 36.20 -41.77
N THR F 89 -23.63 35.55 -40.95
CA THR F 89 -22.24 35.21 -41.35
C THR F 89 -22.31 34.34 -42.60
N ASN F 90 -23.36 33.54 -42.74
CA ASN F 90 -23.53 32.64 -43.90
C ASN F 90 -23.91 33.49 -45.13
N LEU F 91 -24.39 34.72 -44.93
CA LEU F 91 -24.36 35.82 -45.94
C LEU F 91 -22.89 36.18 -46.23
N ASN F 92 -22.10 35.21 -46.71
CA ASN F 92 -20.73 35.47 -47.23
C ASN F 92 -20.84 36.46 -48.40
N LYS F 93 -19.88 37.37 -48.52
CA LYS F 93 -19.73 38.40 -49.60
C LYS F 93 -20.42 39.70 -49.16
N ASP F 94 -21.11 39.68 -48.02
CA ASP F 94 -21.31 40.90 -47.19
C ASP F 94 -19.98 41.22 -46.50
N GLY F 95 -19.00 41.70 -47.30
CA GLY F 95 -17.70 42.22 -46.84
C GLY F 95 -16.73 41.13 -46.40
N ASN F 96 -17.20 39.88 -46.39
CA ASN F 96 -16.44 38.69 -45.92
C ASN F 96 -15.94 37.92 -47.15
N SER F 97 -14.84 38.35 -47.76
CA SER F 97 -14.18 37.65 -48.89
C SER F 97 -12.72 38.12 -49.04
N GLN F 98 -11.95 37.43 -49.89
CA GLN F 98 -10.53 37.75 -50.20
C GLN F 98 -10.44 38.11 -51.68
N GLY F 99 -11.53 38.67 -52.23
CA GLY F 99 -11.65 39.07 -53.64
C GLY F 99 -10.62 40.14 -54.04
N GLY F 100 -9.94 39.96 -55.18
CA GLY F 100 -8.82 40.79 -55.63
C GLY F 100 -9.24 42.21 -56.04
N ASN F 101 -9.50 42.43 -57.33
CA ASN F 101 -9.93 43.73 -57.92
C ASN F 101 -11.26 44.15 -57.29
N THR F 102 -12.01 43.16 -56.79
CA THR F 102 -13.29 43.30 -56.05
C THR F 102 -13.04 44.10 -54.77
N SER F 103 -11.94 43.79 -54.08
CA SER F 103 -11.48 44.40 -52.80
C SER F 103 -12.61 44.37 -51.75
N LEU F 104 -13.27 43.23 -51.59
CA LEU F 104 -14.55 43.16 -50.83
C LEU F 104 -14.24 43.32 -49.33
N LEU F 105 -12.97 43.34 -48.95
CA LEU F 105 -12.53 43.66 -47.55
C LEU F 105 -12.82 45.15 -47.25
N LEU F 106 -13.13 45.96 -48.28
CA LEU F 106 -13.55 47.39 -48.17
C LEU F 106 -15.08 47.52 -48.27
N ALA F 107 -15.81 46.40 -48.36
CA ALA F 107 -17.29 46.36 -48.50
C ALA F 107 -17.92 46.13 -47.13
N PRO F 108 -19.24 46.43 -46.97
CA PRO F 108 -19.93 46.33 -45.68
C PRO F 108 -19.85 45.00 -44.92
N LYS F 109 -19.61 45.03 -43.61
CA LYS F 109 -19.51 43.83 -42.73
C LYS F 109 -20.55 43.90 -41.60
N VAL F 110 -20.84 42.74 -40.98
CA VAL F 110 -21.93 42.54 -39.99
C VAL F 110 -21.38 42.00 -38.68
N VAL F 111 -21.98 42.41 -37.55
CA VAL F 111 -21.52 42.13 -36.17
C VAL F 111 -22.74 42.16 -35.24
N ALA F 112 -22.51 41.81 -33.98
CA ALA F 112 -23.44 42.06 -32.85
C ALA F 112 -22.74 41.98 -31.49
N ASP F 113 -23.36 42.65 -30.50
CA ASP F 113 -23.04 42.65 -29.06
C ASP F 113 -24.15 41.89 -28.33
N GLU F 114 -23.78 41.04 -27.38
CA GLU F 114 -24.76 40.25 -26.58
C GLU F 114 -24.90 40.87 -25.17
N ARG F 115 -24.14 41.92 -24.82
CA ARG F 115 -24.31 42.66 -23.52
C ARG F 115 -25.53 43.60 -23.62
N THR F 116 -25.66 44.35 -24.72
CA THR F 116 -26.79 45.28 -24.99
C THR F 116 -27.79 44.62 -25.95
N ASN F 117 -27.42 43.46 -26.52
CA ASN F 117 -28.00 42.83 -27.73
C ASN F 117 -28.19 43.88 -28.83
N SER F 118 -27.07 44.31 -29.41
CA SER F 118 -27.06 45.38 -30.43
C SER F 118 -26.49 44.84 -31.74
N VAL F 119 -27.15 45.09 -32.85
CA VAL F 119 -26.52 44.83 -34.17
C VAL F 119 -25.49 45.92 -34.38
N VAL F 120 -24.40 45.50 -35.00
CA VAL F 120 -23.32 46.40 -35.44
C VAL F 120 -23.17 46.18 -36.93
N VAL F 121 -23.21 47.27 -37.69
CA VAL F 121 -22.89 47.28 -39.13
C VAL F 121 -21.59 48.06 -39.30
N SER F 122 -20.78 47.72 -40.29
CA SER F 122 -19.65 48.57 -40.71
C SER F 122 -19.63 48.66 -42.24
N GLY F 123 -20.13 49.76 -42.82
CA GLY F 123 -20.12 49.90 -44.29
C GLY F 123 -21.02 50.99 -44.85
N GLU F 124 -21.36 50.83 -46.14
CA GLU F 124 -22.24 51.64 -47.03
C GLU F 124 -23.51 52.15 -46.33
N PRO F 125 -24.11 53.26 -46.81
CA PRO F 125 -25.51 53.56 -46.47
C PRO F 125 -26.56 52.67 -47.14
N LYS F 126 -26.22 52.00 -48.25
CA LYS F 126 -27.06 50.91 -48.80
C LYS F 126 -27.05 49.75 -47.80
N ALA F 127 -25.95 49.54 -47.08
CA ALA F 127 -25.84 48.52 -46.00
C ALA F 127 -26.64 49.01 -44.78
N ARG F 128 -26.56 50.30 -44.42
CA ARG F 128 -27.44 50.89 -43.38
C ARG F 128 -28.88 50.60 -43.77
N ALA F 129 -29.26 50.92 -45.01
CA ALA F 129 -30.65 50.76 -45.52
C ALA F 129 -31.08 49.29 -45.45
N ARG F 130 -30.27 48.34 -45.94
CA ARG F 130 -30.67 46.90 -46.04
C ARG F 130 -30.40 46.14 -44.74
N ILE F 131 -29.48 46.60 -43.89
CA ILE F 131 -29.21 45.84 -42.64
C ILE F 131 -30.08 46.39 -41.51
N ILE F 132 -30.62 47.61 -41.62
CA ILE F 132 -31.72 48.05 -40.72
C ILE F 132 -32.95 47.17 -41.04
N GLN F 133 -33.12 46.73 -42.29
CA GLN F 133 -34.16 45.74 -42.68
C GLN F 133 -33.85 44.40 -42.03
N MET F 134 -32.60 43.94 -42.05
CA MET F 134 -32.21 42.61 -41.52
C MET F 134 -32.25 42.60 -39.97
N VAL F 135 -31.96 43.73 -39.33
CA VAL F 135 -32.23 44.00 -37.89
C VAL F 135 -33.68 43.67 -37.61
N ARG F 136 -34.60 44.23 -38.41
CA ARG F 136 -36.06 44.16 -38.20
C ARG F 136 -36.57 42.76 -38.56
N GLN F 137 -35.93 42.10 -39.54
CA GLN F 137 -36.36 40.77 -40.03
C GLN F 137 -36.25 39.72 -38.92
N LEU F 138 -35.24 39.83 -38.07
CA LEU F 138 -34.91 38.79 -37.06
C LEU F 138 -35.10 39.30 -35.64
N ASP F 139 -35.58 40.54 -35.49
CA ASP F 139 -35.92 41.15 -34.18
C ASP F 139 -37.31 40.66 -33.78
N ARG F 140 -37.82 39.64 -34.45
CA ARG F 140 -39.10 39.01 -34.08
C ARG F 140 -38.93 38.25 -32.76
N GLU F 141 -39.95 38.34 -31.92
CA GLU F 141 -40.08 37.67 -30.60
C GLU F 141 -40.57 36.25 -30.82
N LEU F 142 -40.64 35.44 -29.76
CA LEU F 142 -41.27 34.10 -29.85
C LEU F 142 -42.79 34.27 -29.75
N GLN F 143 -43.53 33.37 -30.37
CA GLN F 143 -45.01 33.38 -30.31
C GLN F 143 -45.45 32.23 -29.39
N SER F 144 -45.73 32.53 -28.12
CA SER F 144 -46.24 31.56 -27.12
C SER F 144 -45.30 30.34 -27.08
N GLN F 145 -45.54 29.33 -27.93
CA GLN F 145 -44.70 28.10 -28.04
C GLN F 145 -43.23 28.52 -28.15
N GLY F 146 -42.40 28.05 -27.22
CA GLY F 146 -40.97 28.41 -27.19
C GLY F 146 -40.09 27.28 -27.71
N ASN F 147 -38.79 27.37 -27.44
CA ASN F 147 -37.83 26.25 -27.64
C ASN F 147 -38.07 25.26 -26.50
N THR F 148 -38.22 25.75 -25.28
CA THR F 148 -38.44 24.87 -24.10
C THR F 148 -39.90 24.91 -23.65
N ARG F 149 -40.43 23.73 -23.37
CA ARG F 149 -41.77 23.53 -22.78
C ARG F 149 -41.63 22.93 -21.39
N VAL F 150 -42.64 23.10 -20.56
CA VAL F 150 -42.75 22.30 -19.31
C VAL F 150 -44.05 21.52 -19.38
N PHE F 151 -43.94 20.20 -19.37
CA PHE F 151 -45.08 19.27 -19.23
C PHE F 151 -45.39 19.01 -17.77
N TYR F 152 -46.62 19.33 -17.42
CA TYR F 152 -47.22 18.93 -16.13
C TYR F 152 -47.67 17.49 -16.28
N LEU F 153 -46.94 16.56 -15.72
CA LEU F 153 -47.37 15.15 -15.77
C LEU F 153 -48.43 14.93 -14.70
N LYS F 154 -49.46 14.17 -15.03
CA LYS F 154 -50.56 13.92 -14.06
C LYS F 154 -50.39 12.58 -13.32
N TYR F 155 -50.21 11.44 -14.03
CA TYR F 155 -50.17 10.09 -13.42
C TYR F 155 -48.72 9.58 -13.36
N GLY F 156 -47.82 10.19 -14.13
CA GLY F 156 -46.38 9.87 -14.18
C GLY F 156 -45.55 10.78 -13.28
N LYS F 157 -44.46 10.27 -12.71
CA LYS F 157 -43.58 10.99 -11.76
C LYS F 157 -42.40 11.59 -12.50
N ALA F 158 -42.15 12.88 -12.36
CA ALA F 158 -41.21 13.62 -13.23
C ALA F 158 -39.80 13.05 -13.08
N LYS F 159 -39.37 12.71 -11.86
CA LYS F 159 -37.98 12.26 -11.58
C LYS F 159 -37.73 10.94 -12.31
N ASP F 160 -38.73 10.06 -12.28
CA ASP F 160 -38.65 8.70 -12.86
C ASP F 160 -38.71 8.85 -14.39
N MET F 161 -39.54 9.76 -14.88
CA MET F 161 -39.73 9.98 -16.34
C MET F 161 -38.44 10.53 -16.95
N VAL F 162 -37.69 11.34 -16.19
CA VAL F 162 -36.44 11.96 -16.73
C VAL F 162 -35.55 10.82 -17.22
N GLU F 163 -35.35 9.79 -16.39
CA GLU F 163 -34.44 8.65 -16.69
C GLU F 163 -34.92 8.03 -18.00
N VAL F 164 -36.22 7.81 -18.11
CA VAL F 164 -36.87 7.14 -19.26
C VAL F 164 -36.56 7.94 -20.51
N LEU F 165 -36.75 9.25 -20.42
CA LEU F 165 -36.68 10.13 -21.61
C LEU F 165 -35.19 10.33 -21.95
N LYS F 166 -34.32 10.22 -20.95
CA LYS F 166 -32.86 10.43 -21.14
C LYS F 166 -32.38 9.46 -22.21
N GLY F 167 -32.85 8.22 -22.17
CA GLY F 167 -32.57 7.23 -23.22
C GLY F 167 -32.96 7.78 -24.58
N VAL F 168 -34.15 8.35 -24.70
CA VAL F 168 -34.72 8.77 -26.02
C VAL F 168 -33.85 9.90 -26.56
N SER F 169 -33.48 10.83 -25.67
CA SER F 169 -32.57 11.98 -25.95
C SER F 169 -31.20 11.44 -26.32
N SER F 170 -30.72 10.47 -25.53
CA SER F 170 -29.37 9.87 -25.61
C SER F 170 -29.32 8.84 -26.74
N LEU F 196 -30.48 17.00 -26.80
CA LEU F 196 -31.79 17.07 -26.10
C LEU F 196 -31.56 16.94 -24.60
N ALA F 197 -32.13 17.86 -23.84
CA ALA F 197 -31.67 18.22 -22.48
C ALA F 197 -32.85 18.28 -21.50
N ILE F 198 -32.84 17.46 -20.46
CA ILE F 198 -34.02 17.26 -19.59
C ILE F 198 -33.62 17.47 -18.14
N SER F 199 -34.55 17.98 -17.34
CA SER F 199 -34.55 17.92 -15.85
C SER F 199 -36.00 17.83 -15.37
N ALA F 200 -36.19 17.18 -14.23
CA ALA F 200 -37.51 17.12 -13.57
C ALA F 200 -37.44 17.84 -12.24
N ASP F 201 -38.37 18.75 -12.02
CA ASP F 201 -38.55 19.50 -10.75
C ASP F 201 -39.32 18.62 -9.77
N GLU F 202 -38.67 18.25 -8.68
CA GLU F 202 -39.23 17.29 -7.72
C GLU F 202 -40.48 17.90 -7.12
N THR F 203 -40.54 19.24 -7.02
CA THR F 203 -41.60 19.94 -6.25
C THR F 203 -42.91 19.92 -7.06
N THR F 204 -42.96 20.62 -8.19
CA THR F 204 -44.18 20.71 -9.03
C THR F 204 -44.34 19.42 -9.83
N ASN F 205 -43.39 18.49 -9.72
CA ASN F 205 -43.42 17.18 -10.43
C ASN F 205 -43.66 17.44 -11.91
N ALA F 206 -42.88 18.34 -12.50
CA ALA F 206 -42.97 18.68 -13.94
C ALA F 206 -41.64 18.35 -14.61
N LEU F 207 -41.69 18.10 -15.92
CA LEU F 207 -40.50 17.78 -16.74
C LEU F 207 -40.17 18.97 -17.64
N VAL F 208 -38.96 19.49 -17.52
CA VAL F 208 -38.48 20.62 -18.36
C VAL F 208 -37.50 20.07 -19.41
N ILE F 209 -37.96 19.90 -20.64
CA ILE F 209 -37.11 19.42 -21.76
C ILE F 209 -36.88 20.59 -22.72
N THR F 210 -35.74 20.58 -23.41
CA THR F 210 -35.35 21.60 -24.41
C THR F 210 -34.76 20.90 -25.62
N ALA F 211 -35.58 20.65 -26.65
CA ALA F 211 -35.15 20.06 -27.92
C ALA F 211 -35.78 20.84 -29.08
N GLN F 212 -35.40 20.50 -30.32
CA GLN F 212 -35.95 21.15 -31.54
C GLN F 212 -37.45 21.00 -31.50
N PRO F 213 -38.21 21.90 -32.15
CA PRO F 213 -39.66 21.80 -32.17
C PRO F 213 -40.10 20.47 -32.80
N ASP F 214 -39.28 19.91 -33.69
CA ASP F 214 -39.48 18.55 -34.29
C ASP F 214 -39.49 17.50 -33.17
N VAL F 215 -38.55 17.60 -32.24
CA VAL F 215 -38.36 16.60 -31.16
C VAL F 215 -39.39 16.91 -30.08
N MET F 216 -39.73 18.19 -29.90
CA MET F 216 -40.72 18.64 -28.88
C MET F 216 -42.05 17.94 -29.16
N ALA F 217 -42.46 17.90 -30.43
CA ALA F 217 -43.71 17.25 -30.85
C ALA F 217 -43.58 15.72 -30.71
N GLU F 218 -42.37 15.19 -30.91
CA GLU F 218 -42.11 13.72 -30.77
C GLU F 218 -42.10 13.36 -29.27
N LEU F 219 -41.47 14.18 -28.44
CA LEU F 219 -41.41 13.97 -26.97
C LEU F 219 -42.82 14.14 -26.41
N GLU F 220 -43.62 14.98 -27.05
CA GLU F 220 -45.00 15.28 -26.60
C GLU F 220 -45.90 14.05 -26.77
N GLN F 221 -45.64 13.20 -27.77
CA GLN F 221 -46.42 11.95 -27.95
C GLN F 221 -45.90 10.89 -26.98
N VAL F 222 -44.58 10.86 -26.79
CA VAL F 222 -43.92 9.87 -25.89
C VAL F 222 -44.50 10.07 -24.49
N VAL F 223 -44.53 11.33 -24.08
CA VAL F 223 -45.00 11.77 -22.74
C VAL F 223 -46.47 11.36 -22.59
N ALA F 224 -47.29 11.69 -23.59
CA ALA F 224 -48.75 11.46 -23.53
C ALA F 224 -49.01 9.96 -23.41
N LYS F 225 -48.20 9.13 -24.06
CA LYS F 225 -48.39 7.66 -23.99
C LYS F 225 -47.91 7.17 -22.64
N LEU F 226 -46.88 7.81 -22.10
CA LEU F 226 -46.07 7.32 -20.95
C LEU F 226 -46.73 7.81 -19.66
N ASP F 227 -47.65 8.76 -19.78
CA ASP F 227 -48.37 9.38 -18.64
C ASP F 227 -49.80 8.83 -18.58
N ILE F 228 -50.05 7.72 -19.27
CA ILE F 228 -51.39 7.07 -19.25
C ILE F 228 -51.75 6.66 -17.82
N ARG F 229 -53.00 6.90 -17.42
CA ARG F 229 -53.52 6.54 -16.09
C ARG F 229 -53.27 5.05 -15.84
N ARG F 230 -52.26 4.73 -15.03
CA ARG F 230 -51.91 3.33 -14.69
C ARG F 230 -53.04 2.71 -13.88
N ALA F 231 -53.54 1.57 -14.34
CA ALA F 231 -54.69 0.88 -13.73
C ALA F 231 -54.30 0.27 -12.39
N GLN F 232 -55.28 0.13 -11.51
CA GLN F 232 -55.12 -0.39 -10.14
C GLN F 232 -55.62 -1.83 -10.06
N VAL F 233 -55.03 -2.61 -9.18
CA VAL F 233 -55.39 -4.05 -9.01
C VAL F 233 -55.66 -4.33 -7.56
N LEU F 234 -56.84 -4.85 -7.25
CA LEU F 234 -57.16 -5.40 -5.92
C LEU F 234 -56.79 -6.88 -5.93
N VAL F 235 -55.86 -7.28 -5.07
CA VAL F 235 -55.36 -8.68 -5.03
C VAL F 235 -55.77 -9.28 -3.69
N GLU F 236 -56.73 -10.18 -3.69
CA GLU F 236 -57.07 -10.99 -2.49
C GLU F 236 -56.34 -12.32 -2.59
N ALA F 237 -55.56 -12.65 -1.56
CA ALA F 237 -55.02 -14.01 -1.38
C ALA F 237 -55.89 -14.72 -0.36
N ILE F 238 -55.99 -16.03 -0.48
CA ILE F 238 -56.75 -16.85 0.48
C ILE F 238 -55.86 -18.00 0.88
N ILE F 239 -55.40 -18.00 2.12
CA ILE F 239 -54.56 -19.09 2.67
C ILE F 239 -55.41 -19.90 3.62
N VAL F 240 -55.71 -21.13 3.23
CA VAL F 240 -56.50 -22.03 4.09
C VAL F 240 -55.62 -23.21 4.44
N GLU F 241 -55.49 -23.48 5.72
CA GLU F 241 -54.79 -24.68 6.21
C GLU F 241 -55.70 -25.41 7.16
N ILE F 242 -55.60 -26.73 7.15
CA ILE F 242 -56.34 -27.59 8.11
C ILE F 242 -55.42 -28.71 8.57
N ALA F 243 -55.41 -28.96 9.87
CA ALA F 243 -54.46 -29.84 10.57
C ALA F 243 -55.19 -30.61 11.68
N ASP F 244 -54.73 -31.82 11.94
CA ASP F 244 -55.26 -32.73 12.99
C ASP F 244 -54.39 -33.98 12.98
N GLY F 245 -54.76 -34.96 13.78
CA GLY F 245 -54.12 -36.28 13.73
C GLY F 245 -54.43 -37.00 15.01
N ASP F 246 -54.24 -38.30 15.04
CA ASP F 246 -54.61 -39.11 16.22
C ASP F 246 -53.43 -39.99 16.64
N GLY F 247 -52.90 -39.66 17.80
CA GLY F 247 -52.08 -40.56 18.63
C GLY F 247 -52.96 -41.51 19.42
N LEU F 248 -52.41 -42.66 19.74
CA LEU F 248 -53.06 -43.75 20.50
C LEU F 248 -51.90 -44.39 21.24
N ASN F 249 -51.90 -44.42 22.58
CA ASN F 249 -50.92 -45.29 23.27
C ASN F 249 -51.65 -46.15 24.28
N LEU F 250 -51.80 -47.43 23.94
CA LEU F 250 -52.38 -48.42 24.85
C LEU F 250 -51.41 -49.60 24.92
N GLY F 251 -51.20 -50.07 26.15
CA GLY F 251 -50.12 -50.98 26.54
C GLY F 251 -50.44 -51.62 27.87
N VAL F 252 -50.15 -52.89 28.02
CA VAL F 252 -50.60 -53.63 29.22
C VAL F 252 -49.37 -54.32 29.81
N GLN F 253 -49.16 -54.14 31.10
CA GLN F 253 -47.99 -54.69 31.81
C GLN F 253 -48.50 -55.59 32.93
N TRP F 254 -47.93 -56.79 33.05
CA TRP F 254 -48.29 -57.79 34.08
C TRP F 254 -47.03 -58.07 34.88
N ALA F 255 -47.03 -57.83 36.19
CA ALA F 255 -45.88 -58.12 37.06
C ALA F 255 -46.29 -59.12 38.14
N ASN F 256 -45.55 -60.22 38.25
CA ASN F 256 -45.87 -61.30 39.23
C ASN F 256 -44.62 -61.60 40.05
N THR F 257 -44.75 -61.54 41.37
CA THR F 257 -43.59 -61.76 42.27
C THR F 257 -43.02 -63.14 41.94
N ASN F 258 -43.88 -64.17 41.83
CA ASN F 258 -43.42 -65.59 41.74
C ASN F 258 -42.86 -65.88 40.35
N GLY F 259 -43.55 -65.42 39.30
CA GLY F 259 -43.39 -65.88 37.91
C GLY F 259 -42.49 -64.97 37.08
N GLY F 260 -42.75 -63.65 37.10
CA GLY F 260 -42.00 -62.66 36.30
C GLY F 260 -42.84 -61.43 35.97
N GLY F 261 -42.19 -60.36 35.51
CA GLY F 261 -42.82 -59.07 35.18
C GLY F 261 -42.46 -58.63 33.76
N THR F 262 -43.32 -57.83 33.12
CA THR F 262 -43.16 -57.33 31.72
C THR F 262 -43.31 -55.82 31.73
N GLN F 263 -42.19 -55.09 31.68
CA GLN F 263 -42.18 -53.60 31.71
C GLN F 263 -41.82 -53.08 30.31
N PHE F 264 -42.50 -52.01 29.89
CA PHE F 264 -42.38 -51.36 28.56
C PHE F 264 -42.15 -49.85 28.73
N THR F 265 -42.08 -49.11 27.62
CA THR F 265 -41.66 -47.68 27.55
C THR F 265 -42.64 -46.81 26.76
N ASN F 266 -43.17 -47.28 25.63
CA ASN F 266 -44.17 -46.54 24.79
C ASN F 266 -45.22 -45.91 25.70
N ALA F 267 -45.46 -46.57 26.85
CA ALA F 267 -46.40 -46.17 27.92
C ALA F 267 -45.92 -44.87 28.55
N GLY F 268 -46.86 -44.04 29.01
CA GLY F 268 -46.58 -42.83 29.82
C GLY F 268 -45.48 -43.04 30.86
N PRO F 269 -45.73 -43.84 31.94
CA PRO F 269 -44.72 -44.15 32.94
C PRO F 269 -44.40 -45.64 33.18
N GLY F 270 -43.26 -45.90 33.82
CA GLY F 270 -42.77 -47.25 34.15
C GLY F 270 -43.15 -47.67 35.55
N ILE F 271 -43.60 -48.93 35.70
CA ILE F 271 -44.08 -49.49 37.00
C ILE F 271 -43.04 -49.22 38.09
N GLY F 272 -41.76 -49.16 37.72
CA GLY F 272 -40.64 -48.90 38.64
C GLY F 272 -40.85 -47.64 39.46
N SER F 273 -40.90 -46.48 38.78
CA SER F 273 -41.01 -45.14 39.43
C SER F 273 -42.28 -45.09 40.26
N VAL F 274 -43.33 -45.76 39.79
CA VAL F 274 -44.68 -45.73 40.44
C VAL F 274 -44.58 -46.46 41.79
N ALA F 275 -44.08 -47.70 41.78
CA ALA F 275 -43.97 -48.58 42.96
C ALA F 275 -43.04 -47.91 43.98
N ILE F 276 -41.89 -47.45 43.51
CA ILE F 276 -40.88 -46.82 44.40
C ILE F 276 -41.52 -45.60 45.06
N ALA F 277 -42.24 -44.79 44.28
CA ALA F 277 -42.89 -43.55 44.77
C ALA F 277 -43.92 -43.91 45.85
N ALA F 278 -44.73 -44.94 45.60
CA ALA F 278 -45.80 -45.37 46.53
C ALA F 278 -45.15 -45.85 47.84
N LYS F 279 -43.97 -46.48 47.76
CA LYS F 279 -43.24 -47.02 48.94
C LYS F 279 -42.46 -45.86 49.60
N ASP F 280 -42.23 -44.78 48.85
CA ASP F 280 -41.49 -43.58 49.35
C ASP F 280 -42.49 -42.56 49.90
N TYR F 281 -43.77 -42.68 49.54
CA TYR F 281 -44.89 -41.79 49.99
C TYR F 281 -45.49 -42.32 51.29
N LYS F 282 -45.05 -43.51 51.73
CA LYS F 282 -45.53 -44.18 52.96
C LYS F 282 -44.92 -43.48 54.19
N ASP F 283 -45.60 -43.56 55.34
CA ASP F 283 -45.19 -42.92 56.63
C ASP F 283 -44.95 -41.43 56.42
N ASN F 284 -45.85 -40.76 55.68
CA ASN F 284 -45.76 -39.31 55.34
C ASN F 284 -44.37 -39.00 54.74
N GLY F 285 -44.05 -39.58 53.58
CA GLY F 285 -42.77 -39.41 52.87
C GLY F 285 -42.80 -38.23 51.91
N THR F 286 -41.93 -38.22 50.88
CA THR F 286 -41.83 -37.17 49.84
C THR F 286 -42.87 -37.39 48.74
N THR F 287 -43.00 -36.43 47.82
CA THR F 287 -43.98 -36.45 46.69
C THR F 287 -43.31 -35.92 45.43
N THR F 288 -42.13 -35.28 45.55
CA THR F 288 -41.37 -34.68 44.43
C THR F 288 -41.15 -35.75 43.36
N GLY F 289 -40.39 -36.79 43.71
CA GLY F 289 -40.13 -37.94 42.83
C GLY F 289 -41.37 -38.33 42.06
N LEU F 290 -42.44 -38.70 42.76
CA LEU F 290 -43.63 -39.27 42.09
C LEU F 290 -44.38 -38.17 41.35
N ALA F 291 -44.43 -36.96 41.91
CA ALA F 291 -45.18 -35.83 41.30
C ALA F 291 -44.53 -35.47 39.96
N LYS F 292 -43.27 -35.85 39.75
CA LYS F 292 -42.51 -35.47 38.51
C LYS F 292 -42.81 -36.49 37.42
N LEU F 293 -42.97 -37.76 37.79
CA LEU F 293 -43.41 -38.83 36.85
C LEU F 293 -44.77 -38.42 36.27
N ALA F 294 -45.73 -38.16 37.14
CA ALA F 294 -47.16 -38.00 36.78
C ALA F 294 -47.40 -36.62 36.15
N GLU F 295 -46.32 -35.84 35.91
CA GLU F 295 -46.43 -34.44 35.40
C GLU F 295 -47.07 -34.43 33.99
N ASN F 296 -46.55 -35.20 33.04
CA ASN F 296 -47.03 -35.11 31.63
C ASN F 296 -47.95 -36.28 31.29
N PHE F 297 -48.18 -37.22 32.21
CA PHE F 297 -48.96 -38.45 31.92
C PHE F 297 -50.36 -38.06 31.44
N ASN F 298 -50.89 -38.80 30.45
CA ASN F 298 -52.25 -38.60 29.91
C ASN F 298 -52.85 -39.93 29.46
N GLY F 299 -53.87 -40.40 30.20
CA GLY F 299 -54.72 -41.54 29.83
C GLY F 299 -55.35 -42.24 31.02
N MET F 300 -55.66 -43.52 30.85
CA MET F 300 -56.32 -44.38 31.86
C MET F 300 -55.33 -45.47 32.28
N ALA F 301 -54.66 -45.28 33.42
CA ALA F 301 -53.82 -46.32 34.04
C ALA F 301 -54.68 -47.13 35.02
N ALA F 302 -55.03 -48.35 34.65
CA ALA F 302 -55.96 -49.21 35.42
C ALA F 302 -55.23 -50.45 35.96
N GLY F 303 -54.96 -50.46 37.27
CA GLY F 303 -54.33 -51.57 38.00
C GLY F 303 -55.36 -52.57 38.51
N PHE F 304 -54.98 -53.84 38.64
CA PHE F 304 -55.85 -54.93 39.12
C PHE F 304 -54.98 -56.01 39.79
N TYR F 305 -55.38 -56.45 40.99
CA TYR F 305 -54.76 -57.60 41.73
C TYR F 305 -55.76 -58.75 41.85
N GLN F 306 -55.51 -59.85 41.12
CA GLN F 306 -56.21 -61.13 41.37
C GLN F 306 -55.17 -62.11 41.94
N GLY F 307 -55.35 -62.43 43.21
CA GLY F 307 -54.31 -63.08 44.04
C GLY F 307 -52.98 -62.35 43.89
N ASN F 308 -52.01 -63.02 43.25
CA ASN F 308 -50.57 -62.65 43.30
C ASN F 308 -50.17 -61.93 42.01
N TRP F 309 -50.87 -62.10 40.88
CA TRP F 309 -50.49 -61.42 39.61
C TRP F 309 -51.05 -60.00 39.61
N ALA F 310 -50.15 -59.00 39.60
CA ALA F 310 -50.49 -57.57 39.42
C ALA F 310 -50.52 -57.26 37.91
N MET F 311 -51.41 -56.35 37.50
CA MET F 311 -51.65 -55.98 36.08
C MET F 311 -51.86 -54.47 36.00
N LEU F 312 -51.19 -53.82 35.03
CA LEU F 312 -51.29 -52.36 34.79
C LEU F 312 -51.56 -52.12 33.30
N VAL F 313 -52.72 -51.53 33.03
CA VAL F 313 -53.21 -51.23 31.66
C VAL F 313 -53.07 -49.72 31.44
N THR F 314 -52.42 -49.32 30.34
CA THR F 314 -52.15 -47.91 29.99
C THR F 314 -52.80 -47.59 28.65
N ALA F 315 -53.48 -46.45 28.57
CA ALA F 315 -54.22 -46.05 27.35
C ALA F 315 -54.48 -44.54 27.34
N LEU F 316 -54.12 -43.91 26.22
CA LEU F 316 -54.65 -42.59 25.79
C LEU F 316 -54.62 -42.52 24.27
N SER F 317 -55.64 -41.91 23.71
CA SER F 317 -55.60 -41.50 22.29
C SER F 317 -55.60 -39.98 22.27
N THR F 318 -54.51 -39.38 21.83
CA THR F 318 -54.52 -37.93 21.48
C THR F 318 -55.01 -37.82 20.04
N ASN F 319 -55.88 -36.84 19.82
CA ASN F 319 -56.58 -36.58 18.53
C ASN F 319 -56.75 -35.06 18.50
N THR F 320 -56.35 -34.46 17.39
CA THR F 320 -56.08 -33.01 17.35
C THR F 320 -56.75 -32.45 16.12
N LYS F 321 -56.96 -31.14 16.11
CA LYS F 321 -57.66 -30.44 15.00
C LYS F 321 -57.23 -28.97 15.05
N SER F 322 -56.90 -28.42 13.89
CA SER F 322 -56.60 -26.99 13.70
C SER F 322 -57.03 -26.58 12.30
N ASP F 323 -57.51 -25.35 12.16
CA ASP F 323 -57.94 -24.77 10.86
C ASP F 323 -57.47 -23.32 10.82
N ILE F 324 -56.76 -22.96 9.76
CA ILE F 324 -56.21 -21.59 9.59
C ILE F 324 -56.65 -21.07 8.24
N LEU F 325 -56.94 -19.77 8.15
CA LEU F 325 -57.40 -19.10 6.91
C LEU F 325 -57.03 -17.61 6.95
N SER F 326 -56.05 -17.20 6.15
CA SER F 326 -55.60 -15.80 6.04
C SER F 326 -55.83 -15.29 4.62
N THR F 327 -56.45 -14.13 4.47
CA THR F 327 -56.76 -13.51 3.17
C THR F 327 -56.30 -12.07 3.16
N PRO F 328 -54.97 -11.84 3.08
CA PRO F 328 -54.45 -10.49 3.03
C PRO F 328 -54.52 -9.91 1.62
N SER F 329 -55.49 -9.05 1.36
CA SER F 329 -55.66 -8.34 0.08
C SER F 329 -54.86 -7.04 0.10
N ILE F 330 -54.65 -6.42 -1.06
CA ILE F 330 -53.92 -5.13 -1.20
C ILE F 330 -54.21 -4.54 -2.58
N VAL F 331 -54.33 -3.22 -2.66
CA VAL F 331 -54.56 -2.51 -3.95
C VAL F 331 -53.32 -1.69 -4.30
N THR F 332 -52.72 -1.99 -5.45
CA THR F 332 -51.43 -1.46 -5.94
C THR F 332 -51.59 -0.87 -7.34
N MET F 333 -50.75 0.07 -7.70
CA MET F 333 -50.58 0.47 -9.12
C MET F 333 -49.81 -0.64 -9.83
N ASP F 334 -50.17 -0.93 -11.08
CA ASP F 334 -49.44 -1.90 -11.93
C ASP F 334 -47.94 -1.64 -11.82
N ASN F 335 -47.14 -2.68 -11.66
CA ASN F 335 -45.69 -2.58 -11.92
C ASN F 335 -44.99 -1.78 -10.83
N LYS F 336 -45.72 -1.32 -9.84
CA LYS F 336 -45.09 -0.98 -8.54
C LYS F 336 -45.23 -2.21 -7.64
N GLU F 337 -44.17 -2.53 -6.93
CA GLU F 337 -44.33 -3.55 -5.88
C GLU F 337 -44.95 -2.85 -4.68
N ALA F 338 -46.07 -3.41 -4.26
CA ALA F 338 -46.67 -3.23 -2.93
C ALA F 338 -45.91 -4.13 -1.97
N SER F 339 -45.85 -3.71 -0.72
CA SER F 339 -45.58 -4.61 0.41
C SER F 339 -46.87 -4.63 1.22
N PHE F 340 -47.11 -5.70 1.93
CA PHE F 340 -48.18 -5.73 2.95
C PHE F 340 -47.68 -6.64 4.06
N ASN F 341 -47.65 -6.16 5.27
CA ASN F 341 -47.19 -7.01 6.39
C ASN F 341 -48.25 -6.93 7.46
N VAL F 342 -48.59 -8.05 8.10
CA VAL F 342 -49.25 -7.99 9.43
C VAL F 342 -48.71 -9.10 10.30
N GLY F 343 -47.74 -8.71 11.12
CA GLY F 343 -46.76 -9.61 11.72
C GLY F 343 -45.76 -8.79 12.46
N GLN F 344 -44.48 -9.10 12.41
CA GLN F 344 -43.64 -8.44 13.41
C GLN F 344 -42.16 -8.58 13.12
N GLU F 345 -41.42 -7.62 13.69
CA GLU F 345 -39.94 -7.48 13.67
C GLU F 345 -39.38 -8.10 14.95
N VAL F 346 -38.65 -9.19 14.79
CA VAL F 346 -37.96 -9.91 15.87
C VAL F 346 -36.48 -9.91 15.56
N PRO F 347 -35.64 -9.86 16.59
CA PRO F 347 -34.21 -9.90 16.35
C PRO F 347 -33.74 -11.34 16.09
N VAL F 348 -32.79 -11.48 15.17
CA VAL F 348 -32.10 -12.77 14.87
C VAL F 348 -30.58 -12.51 14.97
N GLN F 349 -29.84 -13.44 15.56
CA GLN F 349 -28.37 -13.34 15.70
C GLN F 349 -27.73 -13.47 14.31
N THR F 350 -26.49 -13.01 14.17
CA THR F 350 -25.72 -13.12 12.92
C THR F 350 -24.24 -12.82 13.18
N THR F 364 -24.29 -9.07 18.45
CA THR F 364 -24.76 -8.66 17.09
C THR F 364 -26.09 -9.34 16.78
N ILE F 365 -27.14 -8.56 16.48
CA ILE F 365 -28.51 -9.07 16.18
C ILE F 365 -28.98 -8.44 14.88
N GLU F 366 -30.24 -8.69 14.50
CA GLU F 366 -30.86 -8.20 13.24
C GLU F 366 -32.39 -8.27 13.34
N ARG F 367 -33.07 -7.41 12.60
CA ARG F 367 -34.55 -7.29 12.65
C ARG F 367 -35.10 -8.01 11.41
N LYS F 368 -36.05 -8.92 11.61
CA LYS F 368 -36.73 -9.66 10.51
C LYS F 368 -38.23 -9.52 10.69
N THR F 369 -38.95 -9.12 9.63
CA THR F 369 -40.43 -9.00 9.66
C THR F 369 -41.03 -10.38 9.38
N VAL F 370 -41.52 -11.05 10.43
CA VAL F 370 -42.20 -12.37 10.34
C VAL F 370 -43.63 -12.20 10.83
N GLY F 371 -44.59 -12.45 9.95
CA GLY F 371 -46.04 -12.38 10.22
C GLY F 371 -46.77 -12.78 8.97
N THR F 372 -48.01 -12.38 8.81
CA THR F 372 -48.67 -12.55 7.48
C THR F 372 -48.07 -11.50 6.56
N LYS F 373 -47.28 -11.92 5.58
CA LYS F 373 -46.69 -11.01 4.57
C LYS F 373 -47.22 -11.38 3.21
N LEU F 374 -47.54 -10.34 2.49
CA LEU F 374 -47.77 -10.44 1.06
C LEU F 374 -46.85 -9.40 0.46
N VAL F 375 -45.93 -9.82 -0.37
CA VAL F 375 -45.19 -8.84 -1.20
C VAL F 375 -45.59 -9.11 -2.63
N LEU F 376 -46.18 -8.14 -3.27
CA LEU F 376 -46.70 -8.47 -4.60
C LEU F 376 -46.43 -7.30 -5.52
N THR F 377 -45.92 -7.59 -6.71
CA THR F 377 -45.79 -6.64 -7.83
C THR F 377 -46.67 -7.15 -8.96
N PRO F 378 -47.96 -6.76 -9.01
CA PRO F 378 -48.79 -7.03 -10.18
C PRO F 378 -48.38 -6.32 -11.49
N GLN F 379 -48.75 -6.96 -12.60
CA GLN F 379 -48.47 -6.49 -13.97
C GLN F 379 -49.70 -6.85 -14.83
N ILE F 380 -50.26 -5.91 -15.58
CA ILE F 380 -51.60 -6.10 -16.19
C ILE F 380 -51.49 -6.39 -17.69
N ASN F 381 -52.08 -7.51 -18.12
CA ASN F 381 -52.41 -7.78 -19.54
C ASN F 381 -53.43 -6.73 -19.96
N GLU F 382 -53.17 -6.00 -21.06
CA GLU F 382 -54.04 -4.93 -21.63
C GLU F 382 -55.50 -5.14 -21.25
N GLY F 383 -56.01 -6.38 -21.35
CA GLY F 383 -57.45 -6.73 -21.28
C GLY F 383 -57.95 -7.19 -19.90
N ASP F 384 -57.51 -8.34 -19.39
CA ASP F 384 -58.11 -8.98 -18.18
C ASP F 384 -57.03 -9.46 -17.23
N SER F 385 -56.21 -10.40 -17.70
CA SER F 385 -55.49 -11.35 -16.83
C SER F 385 -54.22 -10.74 -16.23
N VAL F 386 -54.13 -10.84 -14.90
CA VAL F 386 -53.01 -10.24 -14.12
C VAL F 386 -51.85 -11.24 -14.02
N LEU F 387 -50.63 -10.80 -14.35
CA LEU F 387 -49.37 -11.48 -13.95
C LEU F 387 -49.04 -10.99 -12.54
N LEU F 388 -49.01 -11.90 -11.57
CA LEU F 388 -48.74 -11.59 -10.16
C LEU F 388 -47.40 -12.20 -9.76
N THR F 389 -46.41 -11.38 -9.45
CA THR F 389 -45.16 -11.89 -8.84
C THR F 389 -45.36 -11.88 -7.34
N ILE F 390 -45.52 -13.06 -6.75
CA ILE F 390 -45.85 -13.20 -5.31
C ILE F 390 -44.63 -13.73 -4.58
N GLU F 391 -44.29 -13.09 -3.47
CA GLU F 391 -43.43 -13.68 -2.43
C GLU F 391 -44.20 -13.54 -1.13
N GLN F 392 -44.75 -14.63 -0.61
CA GLN F 392 -45.54 -14.55 0.64
C GLN F 392 -45.19 -15.71 1.56
N GLU F 393 -45.57 -15.55 2.80
CA GLU F 393 -45.39 -16.62 3.79
C GLU F 393 -46.23 -16.28 5.02
N VAL F 394 -46.57 -17.30 5.77
CA VAL F 394 -47.14 -17.14 7.12
C VAL F 394 -46.13 -17.75 8.07
N SER F 395 -45.43 -16.91 8.80
CA SER F 395 -44.30 -17.36 9.62
C SER F 395 -44.45 -16.85 11.05
N SER F 396 -43.77 -17.50 11.98
CA SER F 396 -44.00 -17.26 13.42
C SER F 396 -42.75 -17.65 14.18
N VAL F 397 -42.56 -17.04 15.33
CA VAL F 397 -41.40 -17.32 16.22
C VAL F 397 -41.83 -18.37 17.26
N GLY F 398 -42.49 -19.44 16.83
CA GLY F 398 -43.08 -20.43 17.75
C GLY F 398 -43.83 -19.76 18.89
N LYS F 399 -43.26 -19.77 20.11
CA LYS F 399 -43.83 -19.15 21.35
C LYS F 399 -42.89 -18.06 21.88
N GLN F 400 -43.41 -16.85 22.12
CA GLN F 400 -42.67 -15.67 22.65
C GLN F 400 -42.11 -15.94 24.06
N ALA F 401 -42.31 -17.15 24.61
CA ALA F 401 -41.82 -17.57 25.95
C ALA F 401 -41.15 -18.95 25.88
N THR F 402 -40.82 -19.40 24.65
CA THR F 402 -40.19 -20.72 24.34
C THR F 402 -38.83 -20.50 23.65
N GLY F 403 -37.86 -21.36 23.95
CA GLY F 403 -36.51 -21.34 23.36
C GLY F 403 -36.41 -22.16 22.08
N THR F 404 -35.17 -22.53 21.74
CA THR F 404 -34.78 -23.28 20.52
C THR F 404 -33.69 -24.29 20.92
N ASP F 405 -33.45 -25.36 20.15
CA ASP F 405 -32.25 -26.25 20.36
C ASP F 405 -30.99 -25.57 19.80
N GLY F 406 -31.18 -24.59 18.92
CA GLY F 406 -30.10 -23.74 18.38
C GLY F 406 -29.82 -22.52 19.25
N LEU F 407 -29.74 -21.33 18.64
CA LEU F 407 -29.08 -20.17 19.27
C LEU F 407 -29.93 -18.90 19.16
N GLY F 408 -30.47 -18.58 17.98
CA GLY F 408 -31.41 -17.46 17.80
C GLY F 408 -32.87 -17.92 17.86
N PRO F 409 -33.83 -17.05 17.49
CA PRO F 409 -35.21 -17.46 17.33
C PRO F 409 -35.41 -18.34 16.09
N THR F 410 -36.42 -19.21 16.07
CA THR F 410 -36.78 -20.01 14.87
C THR F 410 -38.13 -19.57 14.32
N PHE F 411 -38.45 -19.96 13.09
CA PHE F 411 -39.71 -19.49 12.47
C PHE F 411 -40.44 -20.63 11.80
N ASP F 412 -41.73 -20.76 12.08
CA ASP F 412 -42.65 -21.60 11.27
C ASP F 412 -43.19 -20.75 10.13
N THR F 413 -42.80 -21.10 8.92
CA THR F 413 -43.14 -20.30 7.72
C THR F 413 -43.92 -21.17 6.77
N ARG F 414 -44.87 -20.55 6.10
CA ARG F 414 -45.50 -21.11 4.90
C ARG F 414 -45.38 -20.09 3.80
N THR F 415 -44.60 -20.43 2.82
CA THR F 415 -44.08 -19.46 1.87
C THR F 415 -44.46 -19.93 0.49
N VAL F 416 -44.58 -19.00 -0.40
CA VAL F 416 -44.70 -19.38 -1.81
C VAL F 416 -44.31 -18.14 -2.55
N LYS F 417 -43.24 -18.22 -3.32
CA LYS F 417 -42.82 -17.12 -4.21
C LYS F 417 -42.87 -17.66 -5.62
N ASN F 418 -43.75 -17.08 -6.41
CA ASN F 418 -43.93 -17.48 -7.82
C ASN F 418 -44.51 -16.32 -8.58
N ALA F 419 -44.36 -16.37 -9.88
CA ALA F 419 -45.22 -15.59 -10.78
C ALA F 419 -46.30 -16.53 -11.27
N VAL F 420 -47.52 -16.00 -11.26
CA VAL F 420 -48.74 -16.68 -11.74
C VAL F 420 -49.45 -15.69 -12.65
N LEU F 421 -50.15 -16.17 -13.66
CA LEU F 421 -50.97 -15.24 -14.48
C LEU F 421 -52.41 -15.72 -14.48
N VAL F 422 -53.26 -14.89 -13.92
CA VAL F 422 -54.66 -15.25 -13.60
C VAL F 422 -55.59 -14.22 -14.21
N LYS F 423 -56.77 -14.69 -14.63
CA LYS F 423 -57.88 -13.89 -15.22
C LYS F 423 -58.41 -12.92 -14.16
N SER F 424 -58.94 -11.78 -14.61
CA SER F 424 -59.18 -10.58 -13.77
C SER F 424 -60.26 -10.88 -12.71
N GLY F 425 -61.06 -11.93 -12.87
CA GLY F 425 -62.16 -12.22 -11.94
C GLY F 425 -61.90 -13.44 -11.08
N GLU F 426 -60.94 -14.28 -11.47
CA GLU F 426 -60.92 -15.72 -11.09
C GLU F 426 -60.06 -15.96 -9.85
N THR F 427 -60.50 -16.86 -8.98
CA THR F 427 -59.77 -17.26 -7.75
C THR F 427 -59.04 -18.56 -8.02
N VAL F 428 -57.75 -18.62 -7.76
CA VAL F 428 -56.92 -19.74 -8.29
C VAL F 428 -55.96 -20.27 -7.25
N VAL F 429 -55.34 -21.38 -7.59
CA VAL F 429 -54.32 -22.03 -6.73
C VAL F 429 -52.95 -21.47 -7.11
N LEU F 430 -52.24 -20.90 -6.14
CA LEU F 430 -50.82 -20.50 -6.29
C LEU F 430 -49.98 -21.76 -6.14
N GLY F 431 -50.31 -22.52 -5.11
CA GLY F 431 -49.54 -23.69 -4.64
C GLY F 431 -50.25 -24.36 -3.48
N GLY F 432 -49.55 -25.21 -2.76
CA GLY F 432 -50.16 -25.99 -1.69
C GLY F 432 -49.30 -27.17 -1.32
N LEU F 433 -49.49 -27.65 -0.10
CA LEU F 433 -48.81 -28.84 0.45
C LEU F 433 -49.84 -29.65 1.22
N MET F 434 -50.03 -30.89 0.79
CA MET F 434 -50.88 -31.88 1.46
C MET F 434 -49.96 -32.94 2.04
N ASP F 435 -49.80 -32.94 3.35
CA ASP F 435 -48.74 -33.71 4.05
C ASP F 435 -49.46 -34.68 4.98
N GLU F 436 -49.05 -35.93 4.98
CA GLU F 436 -49.70 -36.99 5.79
C GLU F 436 -48.61 -37.83 6.43
N GLN F 437 -48.73 -38.02 7.74
CA GLN F 437 -47.71 -38.72 8.56
C GLN F 437 -48.41 -39.74 9.44
N THR F 438 -47.83 -40.92 9.56
CA THR F 438 -48.37 -42.00 10.42
C THR F 438 -47.21 -42.81 10.98
N LYS F 439 -46.98 -42.70 12.28
CA LYS F 439 -45.94 -43.49 12.97
C LYS F 439 -46.65 -44.52 13.85
N GLU F 440 -46.25 -45.78 13.72
CA GLU F 440 -46.80 -46.90 14.52
C GLU F 440 -45.67 -47.61 15.26
N GLU F 441 -45.85 -47.84 16.55
CA GLU F 441 -44.87 -48.52 17.43
C GLU F 441 -45.60 -49.54 18.30
N VAL F 442 -44.95 -50.68 18.53
CA VAL F 442 -45.37 -51.66 19.56
C VAL F 442 -44.13 -52.14 20.32
N SER F 443 -44.30 -52.31 21.62
CA SER F 443 -43.35 -53.04 22.51
C SER F 443 -44.09 -54.28 22.97
N LYS F 444 -43.84 -55.40 22.32
CA LYS F 444 -44.61 -56.62 22.60
C LYS F 444 -43.65 -57.73 23.06
N VAL F 445 -44.23 -58.80 23.59
CA VAL F 445 -43.48 -60.03 23.93
C VAL F 445 -43.50 -60.91 22.69
N PRO F 446 -42.32 -61.40 22.25
CA PRO F 446 -42.11 -61.95 20.91
C PRO F 446 -43.23 -62.82 20.36
N LEU F 447 -43.49 -63.95 21.01
CA LEU F 447 -44.43 -64.97 20.49
C LEU F 447 -45.85 -64.55 20.90
N LEU F 448 -46.00 -64.13 22.15
CA LEU F 448 -47.33 -63.93 22.78
C LEU F 448 -47.96 -62.68 22.17
N GLY F 449 -47.15 -61.67 21.86
CA GLY F 449 -47.65 -60.39 21.35
C GLY F 449 -48.31 -60.55 20.00
N ASP F 450 -48.11 -61.70 19.34
CA ASP F 450 -48.55 -61.93 17.93
C ASP F 450 -49.84 -62.76 17.90
N ILE F 451 -50.32 -63.26 19.04
CA ILE F 451 -51.66 -63.93 19.12
C ILE F 451 -52.69 -62.91 18.63
N PRO F 452 -53.45 -63.16 17.55
CA PRO F 452 -54.16 -62.08 16.84
C PRO F 452 -55.07 -61.20 17.72
N VAL F 453 -55.75 -61.77 18.72
CA VAL F 453 -56.62 -60.98 19.66
C VAL F 453 -55.98 -60.90 21.05
N LEU F 454 -55.76 -62.03 21.75
CA LEU F 454 -55.16 -62.04 23.11
C LEU F 454 -53.87 -61.23 23.11
N GLY F 455 -53.12 -61.26 22.00
CA GLY F 455 -51.78 -60.67 21.86
C GLY F 455 -51.73 -59.20 22.27
N TYR F 456 -52.86 -58.48 22.19
CA TYR F 456 -52.95 -57.04 22.51
C TYR F 456 -52.74 -56.88 24.03
N LEU F 457 -52.82 -57.96 24.78
CA LEU F 457 -52.58 -57.90 26.24
C LEU F 457 -51.08 -57.85 26.51
N PHE F 458 -50.25 -58.38 25.61
CA PHE F 458 -48.78 -58.37 25.80
C PHE F 458 -48.20 -57.08 25.22
N ARG F 459 -48.81 -56.55 24.16
CA ARG F 459 -48.25 -55.40 23.39
C ARG F 459 -48.68 -54.07 24.05
N SER F 460 -47.74 -53.12 24.09
CA SER F 460 -48.00 -51.70 24.44
C SER F 460 -47.86 -50.89 23.16
N THR F 461 -48.97 -50.63 22.50
CA THR F 461 -48.89 -49.99 21.17
C THR F 461 -48.92 -48.49 21.38
N SER F 462 -48.17 -47.77 20.57
CA SER F 462 -48.25 -46.28 20.43
C SER F 462 -48.41 -45.93 18.95
N ASN F 463 -49.57 -45.42 18.58
CA ASN F 463 -49.86 -45.02 17.18
C ASN F 463 -49.91 -43.50 17.11
N ASN F 464 -49.62 -42.93 15.95
CA ASN F 464 -49.73 -41.47 15.76
C ASN F 464 -50.12 -41.24 14.31
N THR F 465 -50.91 -40.20 14.05
CA THR F 465 -51.28 -39.81 12.68
C THR F 465 -51.46 -38.29 12.64
N SER F 466 -51.30 -37.71 11.45
CA SER F 466 -51.44 -36.26 11.22
C SER F 466 -51.81 -36.02 9.76
N LYS F 467 -52.34 -34.83 9.52
CA LYS F 467 -52.79 -34.35 8.21
C LYS F 467 -52.63 -32.84 8.21
N ARG F 468 -52.11 -32.31 7.13
CA ARG F 468 -52.12 -30.85 6.89
C ARG F 468 -52.43 -30.67 5.41
N ASN F 469 -53.49 -29.96 5.10
CA ASN F 469 -53.80 -29.61 3.69
C ASN F 469 -53.76 -28.09 3.60
N LEU F 470 -52.72 -27.56 2.96
CA LEU F 470 -52.52 -26.09 2.85
C LEU F 470 -52.71 -25.71 1.39
N MET F 471 -53.56 -24.73 1.13
CA MET F 471 -53.86 -24.24 -0.24
C MET F 471 -53.74 -22.71 -0.25
N VAL F 472 -52.98 -22.17 -1.18
CA VAL F 472 -52.79 -20.70 -1.30
C VAL F 472 -53.49 -20.23 -2.57
N PHE F 473 -54.60 -19.51 -2.44
CA PHE F 473 -55.39 -18.99 -3.59
C PHE F 473 -55.20 -17.48 -3.71
N ILE F 474 -55.15 -16.97 -4.94
CA ILE F 474 -54.98 -15.52 -5.23
C ILE F 474 -56.07 -15.11 -6.22
N ARG F 475 -56.85 -14.09 -5.91
CA ARG F 475 -57.96 -13.63 -6.78
C ARG F 475 -57.77 -12.17 -7.15
N PRO F 476 -57.09 -11.87 -8.27
CA PRO F 476 -56.89 -10.49 -8.69
C PRO F 476 -58.22 -9.93 -9.20
N THR F 477 -58.27 -8.62 -9.24
CA THR F 477 -59.48 -7.84 -9.57
C THR F 477 -59.01 -6.49 -10.09
N ILE F 478 -59.32 -6.18 -11.33
CA ILE F 478 -58.72 -4.95 -11.92
C ILE F 478 -59.76 -3.84 -11.99
N LEU F 479 -59.28 -2.68 -11.54
CA LEU F 479 -59.96 -1.38 -11.49
C LEU F 479 -59.44 -0.55 -12.66
N ARG F 480 -60.24 -0.37 -13.70
CA ARG F 480 -59.83 0.37 -14.93
C ARG F 480 -60.04 1.88 -14.71
N ASP F 481 -61.11 2.26 -14.03
CA ASP F 481 -61.40 3.68 -13.70
C ASP F 481 -61.78 3.76 -12.21
N ALA F 482 -62.06 4.97 -11.71
CA ALA F 482 -62.31 5.26 -10.28
C ALA F 482 -63.66 4.67 -9.84
N ASN F 483 -64.70 4.82 -10.66
CA ASN F 483 -66.09 4.40 -10.31
C ASN F 483 -66.14 2.92 -9.95
N VAL F 484 -65.28 2.09 -10.52
CA VAL F 484 -65.25 0.62 -10.18
C VAL F 484 -64.54 0.46 -8.82
N TYR F 485 -63.73 1.45 -8.45
CA TYR F 485 -62.83 1.37 -7.28
C TYR F 485 -63.53 1.94 -6.06
N SER F 486 -64.62 2.68 -6.25
CA SER F 486 -65.49 3.05 -5.12
C SER F 486 -66.31 1.81 -4.75
N GLY F 487 -67.02 1.24 -5.72
CA GLY F 487 -67.91 0.09 -5.51
C GLY F 487 -67.17 -1.07 -4.86
N ILE F 488 -65.93 -1.28 -5.27
CA ILE F 488 -65.08 -2.38 -4.73
C ILE F 488 -64.68 -2.03 -3.29
N SER F 489 -64.40 -0.76 -3.04
CA SER F 489 -64.00 -0.26 -1.70
C SER F 489 -65.25 -0.08 -0.84
N SER F 490 -66.36 0.30 -1.44
CA SER F 490 -67.63 0.56 -0.72
C SER F 490 -68.17 -0.76 -0.17
N ASN F 491 -67.96 -1.87 -0.88
CA ASN F 491 -68.51 -3.18 -0.45
C ASN F 491 -67.64 -3.75 0.68
N LYS F 492 -66.37 -3.38 0.74
CA LYS F 492 -65.48 -3.79 1.85
C LYS F 492 -65.70 -2.82 3.01
N TYR F 493 -65.94 -1.55 2.70
CA TYR F 493 -66.19 -0.51 3.73
C TYR F 493 -67.51 -0.82 4.44
N THR F 494 -68.50 -1.28 3.68
CA THR F 494 -69.85 -1.58 4.21
C THR F 494 -69.84 -2.96 4.86
N LEU F 495 -69.22 -3.96 4.23
CA LEU F 495 -69.18 -5.33 4.81
C LEU F 495 -68.42 -5.26 6.13
N PHE F 496 -67.49 -4.31 6.27
CA PHE F 496 -66.76 -4.07 7.53
C PHE F 496 -67.69 -3.35 8.50
N ARG F 497 -68.42 -2.36 8.00
CA ARG F 497 -69.36 -1.55 8.81
C ARG F 497 -70.48 -2.47 9.31
N ALA F 498 -71.03 -3.25 8.39
CA ALA F 498 -72.15 -4.19 8.67
C ALA F 498 -71.67 -5.25 9.67
N GLN F 499 -70.36 -5.50 9.74
CA GLN F 499 -69.79 -6.50 10.69
C GLN F 499 -69.73 -5.85 12.07
N GLN F 500 -69.35 -4.58 12.13
CA GLN F 500 -69.29 -3.83 13.39
C GLN F 500 -70.72 -3.71 13.95
N LEU F 501 -71.69 -3.39 13.11
CA LEU F 501 -73.09 -3.20 13.57
C LEU F 501 -73.67 -4.54 14.05
N ASP F 502 -73.20 -5.65 13.47
CA ASP F 502 -73.60 -7.01 13.91
C ASP F 502 -73.03 -7.27 15.31
N ALA F 503 -71.80 -6.83 15.56
CA ALA F 503 -71.07 -7.04 16.83
C ALA F 503 -71.68 -6.17 17.93
N VAL F 504 -72.25 -5.03 17.56
CA VAL F 504 -72.95 -4.13 18.51
C VAL F 504 -74.23 -4.83 18.98
N ALA F 505 -74.94 -5.53 18.08
CA ALA F 505 -76.24 -6.17 18.39
C ALA F 505 -76.04 -7.49 19.16
N GLN F 506 -74.79 -7.91 19.41
CA GLN F 506 -74.47 -8.98 20.41
C GLN F 506 -74.02 -8.32 21.72
N GLU F 507 -73.15 -7.30 21.63
CA GLU F 507 -72.65 -6.55 22.81
C GLU F 507 -73.84 -5.85 23.48
N GLY F 508 -74.81 -5.37 22.70
CA GLY F 508 -76.05 -4.76 23.23
C GLY F 508 -76.84 -5.79 24.02
N TYR F 509 -76.87 -7.02 23.52
CA TYR F 509 -77.58 -8.17 24.14
C TYR F 509 -76.88 -8.51 25.46
N ALA F 510 -75.54 -8.58 25.45
CA ALA F 510 -74.71 -8.99 26.61
C ALA F 510 -74.67 -7.88 27.67
N THR F 511 -74.76 -6.60 27.25
CA THR F 511 -74.69 -5.40 28.13
C THR F 511 -73.28 -5.25 28.73
N SER F 512 -72.95 -4.02 29.14
CA SER F 512 -71.72 -3.65 29.89
C SER F 512 -70.45 -3.78 29.05
N PRO F 513 -70.49 -3.72 27.70
CA PRO F 513 -69.28 -3.55 26.89
C PRO F 513 -69.41 -2.68 25.62
N ASP F 514 -68.32 -2.17 25.04
CA ASP F 514 -68.45 -1.32 23.83
C ASP F 514 -67.53 -1.74 22.67
N ARG F 515 -68.16 -2.05 21.54
CA ARG F 515 -67.53 -2.13 20.20
C ARG F 515 -68.01 -0.90 19.43
N GLN F 516 -67.11 -0.04 18.96
CA GLN F 516 -67.56 1.24 18.36
C GLN F 516 -67.39 1.21 16.85
N VAL F 517 -68.36 1.82 16.19
CA VAL F 517 -68.60 1.58 14.75
C VAL F 517 -68.28 2.84 13.96
N LEU F 518 -67.50 2.55 12.93
CA LEU F 518 -67.32 3.25 11.65
C LEU F 518 -68.63 3.83 11.11
N PRO F 519 -68.63 5.09 10.65
CA PRO F 519 -69.86 5.69 10.15
C PRO F 519 -70.28 5.10 8.80
N GLU F 520 -71.12 5.81 8.06
CA GLU F 520 -71.53 5.39 6.71
C GLU F 520 -70.58 6.04 5.70
N TYR F 521 -70.51 5.47 4.50
CA TYR F 521 -69.55 5.92 3.46
C TYR F 521 -69.82 7.38 3.10
N GLY F 522 -68.78 8.20 3.23
CA GLY F 522 -68.72 9.58 2.69
C GLY F 522 -69.34 10.59 3.64
N GLN F 523 -69.56 10.19 4.90
CA GLN F 523 -70.21 11.05 5.93
C GLN F 523 -69.16 11.62 6.88
N ASP F 524 -67.97 11.00 6.96
CA ASP F 524 -66.95 11.23 8.02
C ASP F 524 -67.69 11.34 9.37
N GLY G 1 13.73 87.64 -51.12
CA GLY G 1 13.51 87.42 -52.59
C GLY G 1 14.56 86.51 -53.18
N ASP G 2 15.79 87.00 -53.36
CA ASP G 2 16.89 86.25 -54.00
C ASP G 2 17.80 85.66 -52.91
N GLU G 3 17.40 85.78 -51.65
CA GLU G 3 18.24 85.42 -50.48
C GLU G 3 18.40 83.90 -50.43
N MET G 4 19.62 83.42 -50.68
CA MET G 4 19.95 81.97 -50.73
C MET G 4 20.25 81.50 -49.30
N VAL G 5 19.34 80.70 -48.74
CA VAL G 5 19.46 80.15 -47.37
C VAL G 5 19.02 78.69 -47.39
N THR G 6 19.52 77.91 -46.44
CA THR G 6 19.11 76.50 -46.23
C THR G 6 18.15 76.47 -45.05
N ARG G 7 16.99 75.85 -45.25
CA ARG G 7 15.98 75.66 -44.18
C ARG G 7 15.30 74.30 -44.40
N VAL G 8 14.91 73.68 -43.30
CA VAL G 8 14.64 72.22 -43.23
C VAL G 8 13.31 72.00 -42.51
N VAL G 9 12.37 71.33 -43.19
CA VAL G 9 11.10 70.88 -42.56
C VAL G 9 10.99 69.36 -42.77
N PRO G 10 10.79 68.58 -41.68
CA PRO G 10 10.39 67.17 -41.82
C PRO G 10 8.94 67.00 -42.29
N VAL G 11 8.68 65.87 -42.97
CA VAL G 11 7.32 65.27 -43.12
C VAL G 11 7.27 64.09 -42.13
N ARG G 12 6.69 64.28 -40.95
CA ARG G 12 6.68 63.25 -39.88
C ARG G 12 5.69 62.14 -40.27
N ASN G 13 4.49 62.56 -40.70
CA ASN G 13 3.32 61.68 -41.02
C ASN G 13 3.74 60.63 -42.04
N VAL G 14 4.40 61.06 -43.11
CA VAL G 14 4.76 60.21 -44.27
C VAL G 14 6.28 60.22 -44.43
N SER G 15 6.86 59.23 -45.11
CA SER G 15 8.27 59.27 -45.56
C SER G 15 8.39 60.37 -46.61
N VAL G 16 9.32 61.31 -46.41
CA VAL G 16 9.47 62.53 -47.26
C VAL G 16 9.89 62.13 -48.68
N ARG G 17 10.20 60.85 -48.91
CA ARG G 17 10.76 60.33 -50.18
C ARG G 17 9.86 60.71 -51.38
N GLU G 18 8.58 60.99 -51.11
CA GLU G 18 7.56 61.20 -52.16
C GLU G 18 7.67 62.61 -52.75
N LEU G 19 8.49 63.50 -52.17
CA LEU G 19 8.62 64.90 -52.68
C LEU G 19 9.89 65.04 -53.54
N ALA G 20 10.61 63.94 -53.80
CA ALA G 20 11.91 63.97 -54.53
C ALA G 20 11.71 64.45 -55.97
N PRO G 21 10.78 63.86 -56.77
CA PRO G 21 10.44 64.43 -58.08
C PRO G 21 9.95 65.89 -57.98
N LEU G 22 9.10 66.17 -56.99
CA LEU G 22 8.40 67.47 -56.76
C LEU G 22 9.42 68.58 -56.48
N LEU G 23 10.29 68.38 -55.50
CA LEU G 23 11.05 69.51 -54.88
C LEU G 23 12.34 69.74 -55.65
N ARG G 24 13.02 68.68 -56.08
CA ARG G 24 14.17 68.80 -57.02
C ARG G 24 13.62 69.21 -58.38
N GLN G 25 12.32 68.96 -58.61
CA GLN G 25 11.61 69.54 -59.76
C GLN G 25 11.45 71.04 -59.53
N LEU G 26 11.34 71.48 -58.26
CA LEU G 26 11.21 72.94 -57.93
C LEU G 26 12.59 73.60 -58.00
N ASN G 27 13.66 72.85 -57.76
CA ASN G 27 15.02 73.25 -58.22
C ASN G 27 14.92 73.44 -59.74
N ASP G 28 14.39 72.41 -60.41
CA ASP G 28 14.25 72.34 -61.89
C ASP G 28 13.17 73.32 -62.37
N ASN G 29 12.44 73.96 -61.46
CA ASN G 29 11.32 74.87 -61.81
C ASN G 29 11.87 76.21 -62.32
N ALA G 30 12.90 76.76 -61.66
CA ALA G 30 13.43 78.11 -61.97
C ALA G 30 14.95 78.16 -61.75
N GLY G 31 15.55 79.34 -62.02
CA GLY G 31 17.00 79.61 -61.88
C GLY G 31 17.60 78.92 -60.68
N GLY G 32 18.61 78.06 -60.92
CA GLY G 32 19.17 77.10 -59.96
C GLY G 32 20.01 77.76 -58.86
N GLY G 33 20.78 76.95 -58.14
CA GLY G 33 21.38 77.29 -56.84
C GLY G 33 20.64 76.60 -55.69
N ASN G 34 19.88 75.56 -56.01
CA ASN G 34 19.01 74.85 -55.04
C ASN G 34 19.62 73.49 -54.69
N VAL G 35 19.29 73.01 -53.48
CA VAL G 35 19.49 71.60 -53.07
C VAL G 35 18.23 71.15 -52.35
N VAL G 36 17.75 69.95 -52.67
CA VAL G 36 16.71 69.26 -51.86
C VAL G 36 17.26 67.88 -51.55
N HIS G 37 17.07 67.37 -50.32
CA HIS G 37 17.46 65.99 -49.96
C HIS G 37 16.72 65.49 -48.70
N TYR G 38 16.87 64.20 -48.42
CA TYR G 38 15.93 63.36 -47.62
C TYR G 38 16.67 62.49 -46.62
N ASP G 39 16.23 62.56 -45.37
CA ASP G 39 16.74 61.65 -44.32
C ASP G 39 15.77 60.48 -44.25
N PRO G 40 16.25 59.24 -43.98
CA PRO G 40 15.36 58.15 -43.63
C PRO G 40 14.64 58.51 -42.33
N SER G 41 15.29 59.34 -41.50
CA SER G 41 14.72 60.00 -40.28
C SER G 41 13.57 60.91 -40.71
N ASN G 42 13.43 61.12 -42.02
CA ASN G 42 12.23 61.69 -42.68
C ASN G 42 12.11 63.17 -42.33
N VAL G 43 13.25 63.86 -42.30
CA VAL G 43 13.32 65.34 -42.38
C VAL G 43 13.73 65.71 -43.81
N LEU G 44 13.19 66.82 -44.29
CA LEU G 44 13.42 67.29 -45.67
C LEU G 44 14.24 68.58 -45.62
N LEU G 45 15.49 68.51 -46.05
CA LEU G 45 16.45 69.62 -45.96
C LEU G 45 16.54 70.35 -47.30
N ILE G 46 16.48 71.68 -47.24
CA ILE G 46 16.46 72.55 -48.45
C ILE G 46 17.59 73.57 -48.38
N THR G 47 18.02 73.99 -49.57
CA THR G 47 18.92 75.14 -49.82
C THR G 47 18.40 75.88 -51.04
N GLY G 48 18.31 77.21 -51.00
CA GLY G 48 17.89 77.98 -52.17
C GLY G 48 17.47 79.40 -51.85
N ARG G 49 17.18 80.17 -52.90
CA ARG G 49 16.76 81.58 -52.80
C ARG G 49 15.35 81.64 -52.19
N ALA G 50 15.01 82.79 -51.62
CA ALA G 50 13.92 82.99 -50.65
C ALA G 50 12.57 82.55 -51.22
N ALA G 51 12.31 82.81 -52.51
CA ALA G 51 11.01 82.52 -53.16
C ALA G 51 10.91 81.01 -53.44
N VAL G 52 11.87 80.46 -54.18
CA VAL G 52 11.88 79.02 -54.56
C VAL G 52 11.72 78.21 -53.26
N VAL G 53 12.35 78.66 -52.17
CA VAL G 53 12.26 77.98 -50.85
C VAL G 53 10.90 78.31 -50.22
N ASN G 54 10.32 79.49 -50.47
CA ASN G 54 8.96 79.82 -49.98
C ASN G 54 8.02 78.69 -50.39
N ARG G 55 7.96 78.38 -51.70
CA ARG G 55 6.98 77.43 -52.26
C ARG G 55 7.49 75.99 -52.08
N LEU G 56 8.80 75.80 -51.89
CA LEU G 56 9.37 74.46 -51.55
C LEU G 56 8.88 74.07 -50.15
N VAL G 57 9.22 74.89 -49.15
CA VAL G 57 8.86 74.66 -47.72
C VAL G 57 7.34 74.65 -47.62
N GLU G 58 6.64 75.47 -48.43
CA GLU G 58 5.18 75.38 -48.63
C GLU G 58 4.82 73.92 -48.91
N VAL G 59 5.45 73.32 -49.93
CA VAL G 59 5.18 71.92 -50.35
C VAL G 59 5.40 71.02 -49.12
N VAL G 60 6.43 71.29 -48.32
CA VAL G 60 6.91 70.32 -47.30
C VAL G 60 5.96 70.33 -46.10
N ARG G 61 5.72 71.49 -45.49
CA ARG G 61 4.75 71.65 -44.38
C ARG G 61 3.40 71.12 -44.88
N ARG G 62 3.07 71.43 -46.14
CA ARG G 62 1.82 70.98 -46.80
C ARG G 62 1.74 69.46 -46.68
N VAL G 63 2.60 68.73 -47.39
CA VAL G 63 2.67 67.23 -47.35
C VAL G 63 2.71 66.79 -45.89
N ASP G 64 3.25 67.64 -45.00
CA ASP G 64 3.39 67.32 -43.55
C ASP G 64 2.00 67.33 -42.90
N LYS G 65 1.20 68.36 -43.19
CA LYS G 65 -0.14 68.57 -42.59
C LYS G 65 -1.18 67.86 -43.45
N ALA G 66 -0.79 67.34 -44.62
CA ALA G 66 -1.69 66.64 -45.56
C ALA G 66 -2.14 65.34 -44.91
N GLY G 67 -1.22 64.64 -44.22
CA GLY G 67 -1.48 63.33 -43.60
C GLY G 67 -1.34 63.38 -42.09
N ASP G 68 -2.25 64.08 -41.38
CA ASP G 68 -2.26 64.17 -39.90
C ASP G 68 -2.66 62.80 -39.32
N GLN G 69 -2.15 62.49 -38.12
CA GLN G 69 -2.44 61.22 -37.43
C GLN G 69 -2.25 61.41 -35.92
N GLU G 70 -3.27 61.99 -35.27
CA GLU G 70 -3.22 62.33 -33.83
C GLU G 70 -4.13 61.38 -33.07
N VAL G 71 -4.05 61.43 -31.75
CA VAL G 71 -4.94 60.65 -30.84
C VAL G 71 -5.85 61.61 -30.09
N ASP G 72 -7.08 61.15 -29.85
CA ASP G 72 -8.13 61.79 -29.01
C ASP G 72 -8.64 60.78 -27.98
N ILE G 73 -8.71 61.23 -26.73
CA ILE G 73 -9.24 60.39 -25.62
C ILE G 73 -10.44 61.12 -25.03
N ILE G 74 -11.61 60.51 -25.11
CA ILE G 74 -12.79 60.99 -24.34
C ILE G 74 -13.38 59.81 -23.57
N LYS G 75 -13.76 60.05 -22.32
CA LYS G 75 -14.26 59.02 -21.39
C LYS G 75 -15.52 58.37 -21.96
N LEU G 76 -15.60 57.04 -21.86
CA LEU G 76 -16.86 56.29 -22.00
C LEU G 76 -17.40 56.05 -20.59
N LYS G 77 -18.66 56.40 -20.36
CA LYS G 77 -19.25 56.23 -19.02
C LYS G 77 -19.96 54.87 -18.96
N TYR G 78 -20.39 54.33 -20.12
CA TYR G 78 -21.37 53.21 -20.17
C TYR G 78 -20.77 51.92 -20.78
N ALA G 79 -21.02 51.58 -22.04
CA ALA G 79 -20.76 50.21 -22.56
C ALA G 79 -19.26 49.93 -22.69
N SER G 80 -18.90 48.67 -22.43
CA SER G 80 -17.53 48.19 -22.13
C SER G 80 -16.59 48.57 -23.27
N ALA G 81 -15.40 49.04 -22.91
CA ALA G 81 -14.37 49.46 -23.87
C ALA G 81 -13.94 48.24 -24.71
N GLY G 82 -13.90 47.05 -24.09
CA GLY G 82 -13.54 45.76 -24.72
C GLY G 82 -14.57 45.28 -25.72
N GLU G 83 -15.86 45.46 -25.42
CA GLU G 83 -16.96 45.21 -26.38
C GLU G 83 -16.84 46.26 -27.47
N MET G 84 -16.64 47.51 -27.06
CA MET G 84 -16.40 48.66 -27.97
C MET G 84 -15.31 48.20 -28.94
N VAL G 85 -14.25 47.59 -28.40
CA VAL G 85 -13.06 47.14 -29.17
C VAL G 85 -13.52 46.08 -30.16
N ARG G 86 -14.19 45.05 -29.68
CA ARG G 86 -14.58 43.85 -30.47
C ARG G 86 -15.45 44.29 -31.66
N LEU G 87 -16.47 45.09 -31.37
CA LEU G 87 -17.54 45.48 -32.33
C LEU G 87 -16.90 46.33 -33.42
N VAL G 88 -16.01 47.22 -33.02
CA VAL G 88 -15.32 48.14 -33.95
C VAL G 88 -14.17 47.40 -34.65
N THR G 89 -13.55 46.39 -34.01
CA THR G 89 -12.46 45.63 -34.66
C THR G 89 -13.00 45.01 -35.94
N ASN G 90 -14.28 44.66 -35.95
CA ASN G 90 -14.92 44.03 -37.12
C ASN G 90 -15.11 45.09 -38.22
N LEU G 91 -15.08 46.39 -37.86
CA LEU G 91 -14.79 47.51 -38.78
C LEU G 91 -13.34 47.36 -39.29
N ASN G 92 -13.03 46.25 -39.95
CA ASN G 92 -11.73 46.05 -40.66
C ASN G 92 -11.61 47.15 -41.72
N LYS G 93 -10.40 47.67 -41.93
CA LYS G 93 -10.02 48.70 -42.96
C LYS G 93 -10.12 50.09 -42.33
N ASP G 94 -10.63 50.17 -41.09
CA ASP G 94 -10.26 51.28 -40.16
C ASP G 94 -8.83 51.02 -39.68
N GLY G 95 -7.86 51.20 -40.59
CA GLY G 95 -6.40 51.15 -40.34
C GLY G 95 -5.87 49.74 -40.13
N ASN G 96 -6.77 48.75 -40.11
CA ASN G 96 -6.45 47.32 -39.84
C ASN G 96 -6.43 46.56 -41.18
N SER G 97 -5.34 46.64 -41.93
CA SER G 97 -5.13 45.90 -43.20
C SER G 97 -3.63 45.81 -43.53
N GLN G 98 -3.27 45.02 -44.55
CA GLN G 98 -1.89 44.83 -45.04
C GLN G 98 -1.82 45.36 -46.49
N GLY G 99 -2.68 46.32 -46.81
CA GLY G 99 -2.81 46.92 -48.16
C GLY G 99 -1.52 47.58 -48.64
N GLY G 100 -1.10 47.30 -49.89
CA GLY G 100 0.19 47.74 -50.46
C GLY G 100 0.26 49.24 -50.71
N ASN G 101 -0.06 49.68 -51.94
CA ASN G 101 -0.05 51.10 -52.38
C ASN G 101 -1.05 51.89 -51.54
N THR G 102 -2.04 51.17 -50.97
CA THR G 102 -3.08 51.67 -50.04
C THR G 102 -2.40 52.20 -48.77
N SER G 103 -1.41 51.45 -48.27
CA SER G 103 -0.60 51.74 -47.05
C SER G 103 -1.53 51.97 -45.85
N LEU G 104 -2.53 51.11 -45.67
CA LEU G 104 -3.64 51.39 -44.71
C LEU G 104 -3.12 51.24 -43.28
N LEU G 105 -1.90 50.75 -43.10
CA LEU G 105 -1.20 50.71 -41.78
C LEU G 105 -0.88 52.15 -41.32
N LEU G 106 -0.97 53.14 -42.22
CA LEU G 106 -0.80 54.61 -41.94
C LEU G 106 -2.17 55.29 -41.79
N ALA G 107 -3.28 54.53 -41.85
CA ALA G 107 -4.66 55.03 -41.75
C ALA G 107 -5.15 54.89 -40.31
N PRO G 108 -6.22 55.62 -39.92
CA PRO G 108 -6.73 55.62 -38.54
C PRO G 108 -7.08 54.26 -37.90
N LYS G 109 -6.67 54.04 -36.64
CA LYS G 109 -6.91 52.78 -35.89
C LYS G 109 -7.68 53.06 -34.59
N VAL G 110 -8.30 52.02 -34.02
CA VAL G 110 -9.26 52.11 -32.88
C VAL G 110 -8.80 51.24 -31.71
N VAL G 111 -9.07 51.71 -30.49
CA VAL G 111 -8.58 51.12 -29.20
C VAL G 111 -9.56 51.48 -28.10
N ALA G 112 -9.30 50.92 -26.91
CA ALA G 112 -9.92 51.34 -25.63
C ALA G 112 -9.13 50.86 -24.41
N ASP G 113 -9.33 51.57 -23.29
CA ASP G 113 -8.86 51.26 -21.91
C ASP G 113 -10.08 50.88 -21.08
N GLU G 114 -9.96 49.84 -20.25
CA GLU G 114 -11.06 49.38 -19.39
C GLU G 114 -10.82 49.83 -17.92
N ARG G 115 -9.69 50.48 -17.61
CA ARG G 115 -9.42 51.05 -16.26
C ARG G 115 -10.16 52.40 -16.10
N THR G 116 -10.09 53.27 -17.11
CA THR G 116 -10.81 54.59 -17.15
C THR G 116 -12.10 54.45 -17.98
N ASN G 117 -12.26 53.32 -18.67
CA ASN G 117 -13.19 53.09 -19.81
C ASN G 117 -13.09 54.26 -20.78
N SER G 118 -11.99 54.31 -21.51
CA SER G 118 -11.70 55.42 -22.45
C SER G 118 -11.54 54.86 -23.86
N VAL G 119 -12.21 55.48 -24.84
CA VAL G 119 -11.89 55.16 -26.26
C VAL G 119 -10.57 55.84 -26.56
N VAL G 120 -9.81 55.13 -27.37
CA VAL G 120 -8.54 55.63 -27.92
C VAL G 120 -8.67 55.55 -29.44
N VAL G 121 -8.40 56.66 -30.10
CA VAL G 121 -8.29 56.73 -31.58
C VAL G 121 -6.82 57.01 -31.89
N SER G 122 -6.32 56.53 -33.02
CA SER G 122 -5.01 56.95 -33.55
C SER G 122 -5.14 57.23 -35.06
N GLY G 123 -5.25 58.49 -35.46
CA GLY G 123 -5.38 58.80 -36.91
C GLY G 123 -5.85 60.22 -37.23
N GLU G 124 -6.38 60.35 -38.45
CA GLU G 124 -6.98 61.55 -39.12
C GLU G 124 -7.87 62.38 -38.20
N PRO G 125 -8.08 63.69 -38.50
CA PRO G 125 -9.22 64.42 -37.94
C PRO G 125 -10.60 64.06 -38.50
N LYS G 126 -10.67 63.45 -39.69
CA LYS G 126 -11.91 62.80 -40.17
C LYS G 126 -12.23 61.61 -39.27
N ALA G 127 -11.20 60.92 -38.74
CA ALA G 127 -11.34 59.82 -37.76
C ALA G 127 -11.74 60.41 -36.40
N ARG G 128 -11.14 61.53 -35.98
CA ARG G 128 -11.61 62.27 -34.78
C ARG G 128 -13.09 62.57 -34.96
N ALA G 129 -13.48 63.15 -36.10
CA ALA G 129 -14.87 63.56 -36.39
C ALA G 129 -15.81 62.35 -36.35
N ARG G 130 -15.49 61.23 -37.02
CA ARG G 130 -16.40 60.07 -37.15
C ARG G 130 -16.28 59.11 -35.96
N ILE G 131 -15.16 59.10 -35.24
CA ILE G 131 -15.04 58.15 -34.10
C ILE G 131 -15.50 58.84 -32.82
N ILE G 132 -15.54 60.18 -32.77
CA ILE G 132 -16.29 60.87 -31.69
C ILE G 132 -17.79 60.54 -31.84
N GLN G 133 -18.26 60.34 -33.07
CA GLN G 133 -19.64 59.84 -33.35
C GLN G 133 -19.77 58.41 -32.84
N MET G 134 -18.79 57.54 -33.11
CA MET G 134 -18.86 56.10 -32.73
C MET G 134 -18.71 55.92 -31.20
N VAL G 135 -17.94 56.80 -30.55
CA VAL G 135 -17.90 56.96 -29.07
C VAL G 135 -19.33 57.15 -28.58
N ARG G 136 -20.06 58.07 -29.19
CA ARG G 136 -21.41 58.51 -28.75
C ARG G 136 -22.44 57.44 -29.12
N GLN G 137 -22.22 56.73 -30.22
CA GLN G 137 -23.16 55.70 -30.73
C GLN G 137 -23.32 54.56 -29.71
N LEU G 138 -22.24 54.20 -29.03
CA LEU G 138 -22.19 53.00 -28.16
C LEU G 138 -22.01 53.38 -26.69
N ASP G 139 -21.98 54.67 -26.39
CA ASP G 139 -21.89 55.21 -25.00
C ASP G 139 -23.30 55.20 -24.41
N ARG G 140 -24.23 54.49 -25.05
CA ARG G 140 -25.60 54.33 -24.53
C ARG G 140 -25.57 53.40 -23.30
N GLU G 141 -26.36 53.77 -22.30
CA GLU G 141 -26.57 53.04 -21.03
C GLU G 141 -27.58 51.93 -21.26
N LEU G 142 -27.81 51.06 -20.27
CA LEU G 142 -28.89 50.06 -20.35
C LEU G 142 -30.20 50.74 -19.97
N GLN G 143 -31.31 50.25 -20.53
CA GLN G 143 -32.65 50.79 -20.22
C GLN G 143 -33.36 49.78 -19.34
N SER G 144 -33.38 50.01 -18.02
CA SER G 144 -34.08 49.16 -17.03
C SER G 144 -33.66 47.70 -17.22
N GLN G 145 -34.35 46.95 -18.10
CA GLN G 145 -34.05 45.53 -18.42
C GLN G 145 -32.56 45.40 -18.72
N GLY G 146 -31.85 44.55 -17.97
CA GLY G 146 -30.39 44.35 -18.13
C GLY G 146 -30.07 43.06 -18.86
N ASN G 147 -28.81 42.63 -18.79
CA ASN G 147 -28.40 41.28 -19.23
C ASN G 147 -28.85 40.31 -18.13
N THR G 148 -28.64 40.66 -16.87
CA THR G 148 -29.04 39.80 -15.73
C THR G 148 -30.30 40.30 -15.05
N ARG G 149 -31.20 39.36 -14.77
CA ARG G 149 -32.44 39.59 -13.99
C ARG G 149 -32.34 38.82 -12.68
N VAL G 150 -33.11 39.24 -11.69
CA VAL G 150 -33.34 38.39 -10.50
C VAL G 150 -34.84 38.13 -10.41
N PHE G 151 -35.24 36.87 -10.51
CA PHE G 151 -36.62 36.40 -10.27
C PHE G 151 -36.82 36.11 -8.80
N TYR G 152 -37.79 36.80 -8.23
CA TYR G 152 -38.32 36.52 -6.89
C TYR G 152 -39.31 35.36 -7.06
N LEU G 153 -38.91 34.16 -6.68
CA LEU G 153 -39.84 33.02 -6.78
C LEU G 153 -40.76 33.07 -5.56
N LYS G 154 -42.04 32.78 -5.78
CA LYS G 154 -43.02 32.82 -4.66
C LYS G 154 -43.28 31.43 -4.07
N TYR G 155 -43.63 30.40 -4.86
CA TYR G 155 -44.01 29.07 -4.36
C TYR G 155 -42.87 28.06 -4.57
N GLY G 156 -41.91 28.41 -5.44
CA GLY G 156 -40.71 27.59 -5.75
C GLY G 156 -39.49 28.02 -4.94
N LYS G 157 -38.62 27.08 -4.58
CA LYS G 157 -37.41 27.32 -3.73
C LYS G 157 -36.20 27.53 -4.62
N ALA G 158 -35.47 28.62 -4.43
CA ALA G 158 -34.44 29.07 -5.38
C ALA G 158 -33.33 28.02 -5.50
N LYS G 159 -32.91 27.40 -4.39
CA LYS G 159 -31.77 26.46 -4.36
C LYS G 159 -32.14 25.23 -5.21
N ASP G 160 -33.38 24.76 -5.07
CA ASP G 160 -33.88 23.56 -5.75
C ASP G 160 -34.08 23.90 -7.22
N MET G 161 -34.56 25.10 -7.53
CA MET G 161 -34.83 25.55 -8.91
C MET G 161 -33.51 25.66 -9.68
N VAL G 162 -32.43 26.05 -9.00
CA VAL G 162 -31.12 26.22 -9.68
C VAL G 162 -30.78 24.90 -10.38
N GLU G 163 -30.88 23.78 -9.65
CA GLU G 163 -30.53 22.42 -10.16
C GLU G 163 -31.35 22.20 -11.44
N VAL G 164 -32.65 22.48 -11.35
CA VAL G 164 -33.64 22.24 -12.43
C VAL G 164 -33.21 23.01 -13.65
N LEU G 165 -32.89 24.29 -13.44
CA LEU G 165 -32.63 25.22 -14.57
C LEU G 165 -31.24 24.90 -15.13
N LYS G 166 -30.35 24.37 -14.30
CA LYS G 166 -28.95 24.06 -14.70
C LYS G 166 -29.00 23.13 -15.90
N GLY G 167 -29.90 22.15 -15.86
CA GLY G 167 -30.15 21.25 -17.01
C GLY G 167 -30.46 22.06 -18.25
N VAL G 168 -31.37 23.03 -18.14
CA VAL G 168 -31.89 23.77 -19.32
C VAL G 168 -30.74 24.57 -19.92
N SER G 169 -29.95 25.20 -19.05
CA SER G 169 -28.73 25.97 -19.38
C SER G 169 -27.70 25.02 -20.01
N SER G 170 -27.53 23.86 -19.37
CA SER G 170 -26.50 22.84 -19.71
C SER G 170 -27.00 22.00 -20.89
N LEU G 196 -25.02 29.97 -20.25
CA LEU G 196 -26.11 30.43 -19.35
C LEU G 196 -25.76 30.03 -17.91
N ALA G 197 -25.85 31.00 -17.00
CA ALA G 197 -25.11 31.00 -15.71
C ALA G 197 -26.05 31.36 -14.54
N ILE G 198 -26.21 30.47 -13.58
CA ILE G 198 -27.26 30.61 -12.54
C ILE G 198 -26.63 30.48 -11.16
N SER G 199 -27.20 31.19 -10.19
CA SER G 199 -27.04 30.95 -8.72
C SER G 199 -28.33 31.33 -8.03
N ALA G 200 -28.62 30.67 -6.92
CA ALA G 200 -29.77 31.00 -6.06
C ALA G 200 -29.25 31.49 -4.71
N ASP G 201 -29.74 32.66 -4.30
CA ASP G 201 -29.47 33.26 -2.97
C ASP G 201 -30.39 32.60 -1.94
N GLU G 202 -29.79 31.90 -0.99
CA GLU G 202 -30.54 31.08 -0.02
C GLU G 202 -31.38 32.04 0.82
N THR G 203 -30.92 33.28 1.00
CA THR G 203 -31.53 34.24 1.97
C THR G 203 -32.83 34.78 1.40
N THR G 204 -32.77 35.57 0.32
CA THR G 204 -33.96 36.20 -0.31
C THR G 204 -34.70 35.14 -1.15
N ASN G 205 -34.16 33.93 -1.24
CA ASN G 205 -34.76 32.81 -2.03
C ASN G 205 -35.08 33.33 -3.43
N ALA G 206 -34.10 33.94 -4.08
CA ALA G 206 -34.23 34.47 -5.44
C ALA G 206 -33.22 33.78 -6.34
N LEU G 207 -33.52 33.71 -7.64
CA LEU G 207 -32.66 33.07 -8.66
C LEU G 207 -32.03 34.16 -9.52
N VAL G 208 -30.69 34.20 -9.56
CA VAL G 208 -29.93 35.18 -10.39
C VAL G 208 -29.37 34.44 -11.60
N ILE G 209 -30.01 34.60 -12.76
CA ILE G 209 -29.56 33.98 -14.03
C ILE G 209 -29.03 35.09 -14.93
N THR G 210 -28.08 34.76 -15.80
CA THR G 210 -27.45 35.70 -16.77
C THR G 210 -27.33 34.98 -18.12
N ALA G 211 -28.31 35.18 -18.99
CA ALA G 211 -28.31 34.63 -20.36
C ALA G 211 -28.73 35.71 -21.35
N GLN G 212 -28.67 35.42 -22.65
CA GLN G 212 -29.06 36.37 -23.72
C GLN G 212 -30.51 36.76 -23.45
N PRO G 213 -30.93 37.96 -23.91
CA PRO G 213 -32.31 38.41 -23.71
C PRO G 213 -33.29 37.40 -24.34
N ASP G 214 -32.86 36.70 -25.40
CA ASP G 214 -33.64 35.60 -26.04
C ASP G 214 -33.90 34.48 -25.02
N VAL G 215 -32.88 34.13 -24.24
CA VAL G 215 -32.95 33.00 -23.28
C VAL G 215 -33.64 33.53 -22.03
N MET G 216 -33.45 34.81 -21.71
CA MET G 216 -34.07 35.45 -20.52
C MET G 216 -35.59 35.32 -20.63
N ALA G 217 -36.14 35.59 -21.81
CA ALA G 217 -37.59 35.49 -22.08
C ALA G 217 -38.01 34.01 -22.07
N GLU G 218 -37.13 33.11 -22.49
CA GLU G 218 -37.42 31.65 -22.49
C GLU G 218 -37.37 31.12 -21.04
N LEU G 219 -36.37 31.54 -20.28
CA LEU G 219 -36.21 31.15 -18.85
C LEU G 219 -37.38 31.73 -18.06
N GLU G 220 -37.89 32.89 -18.51
CA GLU G 220 -38.98 33.62 -17.82
C GLU G 220 -40.28 32.81 -17.93
N GLN G 221 -40.49 32.05 -19.01
CA GLN G 221 -41.70 31.19 -19.15
C GLN G 221 -41.50 29.91 -18.34
N VAL G 222 -40.27 29.38 -18.37
CA VAL G 222 -39.92 28.12 -17.65
C VAL G 222 -40.20 28.36 -16.17
N VAL G 223 -39.71 29.49 -15.68
CA VAL G 223 -39.81 29.88 -14.25
C VAL G 223 -41.28 30.04 -13.90
N ALA G 224 -42.04 30.75 -14.73
CA ALA G 224 -43.46 31.06 -14.46
C ALA G 224 -44.25 29.75 -14.39
N LYS G 225 -43.90 28.77 -15.21
CA LYS G 225 -44.62 27.48 -15.21
C LYS G 225 -44.20 26.68 -13.97
N LEU G 226 -42.94 26.84 -13.59
CA LEU G 226 -42.24 25.97 -12.62
C LEU G 226 -42.49 26.49 -11.21
N ASP G 227 -43.01 27.72 -11.12
CA ASP G 227 -43.30 28.41 -9.84
C ASP G 227 -44.80 28.41 -9.58
N ILE G 228 -45.55 27.56 -10.28
CA ILE G 228 -47.02 27.45 -10.10
C ILE G 228 -47.33 27.02 -8.66
N ARG G 229 -48.33 27.64 -8.05
CA ARG G 229 -48.78 27.32 -6.67
C ARG G 229 -49.08 25.83 -6.57
N ARG G 230 -48.17 25.07 -5.96
CA ARG G 230 -48.32 23.61 -5.78
C ARG G 230 -49.49 23.35 -4.83
N ALA G 231 -50.43 22.52 -5.28
CA ALA G 231 -51.67 22.23 -4.54
C ALA G 231 -51.36 21.35 -3.33
N GLN G 232 -52.20 21.47 -2.30
CA GLN G 232 -52.08 20.75 -1.02
C GLN G 232 -53.07 19.60 -0.95
N VAL G 233 -52.70 18.55 -0.23
CA VAL G 233 -53.56 17.34 -0.11
C VAL G 233 -53.73 17.00 1.35
N LEU G 234 -54.97 16.91 1.80
CA LEU G 234 -55.31 16.34 3.13
C LEU G 234 -55.53 14.85 2.97
N VAL G 235 -54.71 14.04 3.63
CA VAL G 235 -54.77 12.56 3.50
C VAL G 235 -55.19 11.98 4.84
N GLU G 236 -56.42 11.50 4.93
CA GLU G 236 -56.88 10.71 6.11
C GLU G 236 -56.72 9.23 5.81
N ALA G 237 -56.00 8.52 6.67
CA ALA G 237 -55.99 7.05 6.67
C ALA G 237 -56.93 6.57 7.76
N ILE G 238 -57.53 5.42 7.57
CA ILE G 238 -58.42 4.82 8.59
C ILE G 238 -57.97 3.38 8.76
N ILE G 239 -57.40 3.06 9.91
CA ILE G 239 -56.97 1.68 10.24
C ILE G 239 -57.94 1.13 11.26
N VAL G 240 -58.74 0.16 10.84
CA VAL G 240 -59.70 -0.49 11.75
C VAL G 240 -59.27 -1.95 11.88
N GLU G 241 -59.09 -2.39 13.11
CA GLU G 241 -58.84 -3.82 13.37
C GLU G 241 -59.83 -4.29 14.43
N ILE G 242 -60.24 -5.54 14.31
CA ILE G 242 -61.13 -6.19 15.30
C ILE G 242 -60.66 -7.60 15.53
N ALA G 243 -60.57 -8.00 16.80
CA ALA G 243 -59.93 -9.25 17.28
C ALA G 243 -60.74 -9.84 18.43
N ASP G 244 -60.73 -11.16 18.54
CA ASP G 244 -61.43 -11.93 19.60
C ASP G 244 -61.11 -13.39 19.36
N GLY G 245 -61.70 -14.27 20.15
CA GLY G 245 -61.62 -15.72 19.92
C GLY G 245 -62.01 -16.43 21.17
N ASP G 246 -62.33 -17.71 21.08
CA ASP G 246 -62.82 -18.47 22.26
C ASP G 246 -62.01 -19.75 22.42
N GLY G 247 -61.26 -19.78 23.51
CA GLY G 247 -60.73 -21.00 24.13
C GLY G 247 -61.80 -21.66 24.98
N LEU G 248 -61.68 -22.96 25.13
CA LEU G 248 -62.59 -23.84 25.91
C LEU G 248 -61.67 -24.93 26.42
N ASN G 249 -61.52 -25.12 27.72
CA ASN G 249 -60.87 -26.37 28.19
C ASN G 249 -61.74 -27.02 29.25
N LEU G 250 -62.40 -28.10 28.85
CA LEU G 250 -63.19 -28.93 29.77
C LEU G 250 -62.73 -30.38 29.61
N GLY G 251 -62.58 -31.04 30.75
CA GLY G 251 -61.87 -32.32 30.90
C GLY G 251 -62.23 -32.95 32.23
N VAL G 252 -62.42 -34.26 32.23
CA VAL G 252 -62.96 -34.92 33.44
C VAL G 252 -62.02 -36.08 33.78
N GLN G 253 -61.59 -36.14 35.03
CA GLN G 253 -60.62 -37.17 35.49
C GLN G 253 -61.30 -37.95 36.62
N TRP G 254 -61.22 -39.27 36.56
CA TRP G 254 -61.78 -40.19 37.58
C TRP G 254 -60.64 -41.02 38.14
N ALA G 255 -60.39 -40.94 39.45
CA ALA G 255 -59.32 -41.75 40.09
C ALA G 255 -59.95 -42.66 41.14
N ASN G 256 -59.67 -43.97 41.07
CA ASN G 256 -60.24 -44.96 42.02
C ASN G 256 -59.10 -45.79 42.61
N THR G 257 -59.03 -45.84 43.93
CA THR G 257 -57.93 -46.58 44.61
C THR G 257 -57.96 -48.02 44.10
N ASN G 258 -59.14 -48.65 44.07
CA ASN G 258 -59.28 -50.11 43.81
C ASN G 258 -59.04 -50.42 42.33
N GLY G 259 -59.64 -49.62 41.44
CA GLY G 259 -59.84 -49.91 40.01
C GLY G 259 -58.79 -49.30 39.10
N GLY G 260 -58.51 -47.99 39.26
CA GLY G 260 -57.55 -47.25 38.41
C GLY G 260 -57.92 -45.77 38.31
N GLY G 261 -56.98 -44.96 37.79
CA GLY G 261 -57.12 -43.50 37.65
C GLY G 261 -56.83 -43.05 36.23
N THR G 262 -57.38 -41.92 35.80
CA THR G 262 -57.24 -41.34 34.44
C THR G 262 -56.79 -39.88 34.57
N GLN G 263 -55.49 -39.62 34.38
CA GLN G 263 -54.92 -38.25 34.50
C GLN G 263 -54.58 -37.73 33.12
N PHE G 264 -54.86 -36.44 32.89
CA PHE G 264 -54.66 -35.72 31.61
C PHE G 264 -53.87 -34.42 31.85
N THR G 265 -53.65 -33.63 30.79
CA THR G 265 -52.73 -32.45 30.76
C THR G 265 -53.39 -31.19 30.19
N ASN G 266 -54.20 -31.31 29.13
CA ASN G 266 -54.94 -30.17 28.51
C ASN G 266 -55.57 -29.32 29.62
N ALA G 267 -55.89 -29.97 30.75
CA ALA G 267 -56.47 -29.39 31.97
C ALA G 267 -55.45 -28.43 32.61
N GLY G 268 -55.93 -27.39 33.28
CA GLY G 268 -55.13 -26.46 34.09
C GLY G 268 -54.07 -27.18 34.92
N PRO G 269 -54.45 -27.96 35.98
CA PRO G 269 -53.51 -28.74 36.78
C PRO G 269 -53.75 -30.25 36.86
N GLY G 270 -52.72 -31.00 37.30
CA GLY G 270 -52.74 -32.47 37.44
C GLY G 270 -53.09 -32.89 38.86
N ILE G 271 -53.95 -33.90 39.00
CA ILE G 271 -54.44 -34.41 40.31
C ILE G 271 -53.24 -34.67 41.23
N GLY G 272 -52.09 -35.02 40.67
CA GLY G 272 -50.85 -35.32 41.40
C GLY G 272 -50.47 -34.16 42.33
N SER G 273 -50.17 -33.00 41.75
CA SER G 273 -49.67 -31.81 42.49
C SER G 273 -50.71 -31.38 43.53
N VAL G 274 -51.99 -31.57 43.19
CA VAL G 274 -53.13 -31.13 44.05
C VAL G 274 -53.16 -32.01 45.32
N ALA G 275 -53.15 -33.34 45.14
CA ALA G 275 -53.26 -34.34 46.22
C ALA G 275 -52.02 -34.18 47.12
N ILE G 276 -50.85 -34.12 46.50
CA ILE G 276 -49.57 -34.01 47.25
C ILE G 276 -49.62 -32.74 48.10
N ALA G 277 -50.07 -31.63 47.50
CA ALA G 277 -50.13 -30.31 48.17
C ALA G 277 -51.08 -30.41 49.37
N ALA G 278 -52.24 -31.03 49.20
CA ALA G 278 -53.27 -31.16 50.27
C ALA G 278 -52.69 -32.00 51.41
N LYS G 279 -51.86 -33.00 51.09
CA LYS G 279 -51.23 -33.90 52.11
C LYS G 279 -50.00 -33.20 52.70
N ASP G 280 -49.46 -32.20 52.00
CA ASP G 280 -48.28 -31.42 52.45
C ASP G 280 -48.74 -30.19 53.23
N TYR G 281 -50.00 -29.79 53.07
CA TYR G 281 -50.64 -28.62 53.76
C TYR G 281 -51.22 -29.05 55.11
N LYS G 282 -51.21 -30.37 55.38
CA LYS G 282 -51.74 -30.96 56.64
C LYS G 282 -50.76 -30.68 57.78
N ASP G 283 -51.28 -30.64 59.02
CA ASP G 283 -50.51 -30.35 60.27
C ASP G 283 -49.75 -29.03 60.13
N ASN G 284 -50.41 -28.00 59.59
CA ASN G 284 -49.84 -26.65 59.33
C ASN G 284 -48.52 -26.80 58.53
N GLY G 285 -48.59 -27.32 57.30
CA GLY G 285 -47.44 -27.54 56.40
C GLY G 285 -47.14 -26.32 55.54
N THR G 286 -46.48 -26.50 54.39
CA THR G 286 -46.12 -25.43 53.41
C THR G 286 -47.30 -25.14 52.48
N THR G 287 -47.16 -24.09 51.66
CA THR G 287 -48.20 -23.61 50.72
C THR G 287 -47.55 -23.19 49.40
N THR G 288 -46.22 -23.05 49.37
CA THR G 288 -45.44 -22.61 48.18
C THR G 288 -45.77 -23.54 47.01
N GLY G 289 -45.42 -24.82 47.16
CA GLY G 289 -45.72 -25.88 46.17
C GLY G 289 -47.10 -25.69 45.60
N LEU G 290 -48.14 -25.74 46.44
CA LEU G 290 -49.54 -25.76 45.94
C LEU G 290 -49.91 -24.37 45.41
N ALA G 291 -49.43 -23.30 46.05
CA ALA G 291 -49.77 -21.92 45.66
C ALA G 291 -49.21 -21.64 44.26
N LYS G 292 -48.23 -22.43 43.81
CA LYS G 292 -47.55 -22.19 42.50
C LYS G 292 -48.33 -22.89 41.39
N LEU G 293 -48.90 -24.06 41.70
CA LEU G 293 -49.82 -24.76 40.78
C LEU G 293 -50.99 -23.84 40.45
N ALA G 294 -51.68 -23.35 41.48
CA ALA G 294 -52.97 -22.64 41.37
C ALA G 294 -52.74 -21.20 40.90
N GLU G 295 -51.51 -20.84 40.54
CA GLU G 295 -51.15 -19.45 40.14
C GLU G 295 -51.91 -19.03 38.87
N ASN G 296 -51.84 -19.80 37.78
CA ASN G 296 -52.42 -19.37 36.49
C ASN G 296 -53.74 -20.08 36.22
N PHE G 297 -54.19 -20.98 37.10
CA PHE G 297 -55.40 -21.81 36.85
C PHE G 297 -56.60 -20.89 36.63
N ASN G 298 -57.48 -21.26 35.70
CA ASN G 298 -58.72 -20.51 35.39
C ASN G 298 -59.83 -21.48 34.96
N GLY G 299 -60.84 -21.64 35.82
CA GLY G 299 -62.10 -22.35 35.51
C GLY G 299 -62.78 -22.91 36.75
N MET G 300 -63.58 -23.96 36.54
CA MET G 300 -64.40 -24.62 37.58
C MET G 300 -63.86 -26.04 37.77
N ALA G 301 -63.04 -26.26 38.80
CA ALA G 301 -62.57 -27.60 39.21
C ALA G 301 -63.53 -28.16 40.26
N ALA G 302 -64.36 -29.12 39.87
CA ALA G 302 -65.44 -29.67 40.72
C ALA G 302 -65.16 -31.14 41.05
N GLY G 303 -64.76 -31.41 42.29
CA GLY G 303 -64.51 -32.76 42.85
C GLY G 303 -65.78 -33.37 43.43
N PHE G 304 -65.88 -34.70 43.41
CA PHE G 304 -67.03 -35.46 43.95
C PHE G 304 -66.56 -36.85 44.39
N TYR G 305 -66.94 -37.27 45.60
CA TYR G 305 -66.69 -38.63 46.17
C TYR G 305 -68.02 -39.37 46.38
N GLN G 306 -68.31 -40.37 45.54
CA GLN G 306 -69.40 -41.33 45.82
C GLN G 306 -68.76 -42.68 46.13
N GLY G 307 -68.90 -43.08 47.39
CA GLY G 307 -68.10 -44.16 47.98
C GLY G 307 -66.62 -43.96 47.67
N ASN G 308 -66.05 -44.85 46.85
CA ASN G 308 -64.58 -45.02 46.69
C ASN G 308 -64.10 -44.34 45.40
N TRP G 309 -64.94 -44.11 44.40
CA TRP G 309 -64.49 -43.45 43.14
C TRP G 309 -64.46 -41.93 43.32
N ALA G 310 -63.27 -41.34 43.23
CA ALA G 310 -63.07 -39.88 43.20
C ALA G 310 -63.18 -39.40 41.74
N MET G 311 -63.68 -38.17 41.54
CA MET G 311 -63.93 -37.57 40.21
C MET G 311 -63.57 -36.08 40.27
N LEU G 312 -62.84 -35.60 39.25
CA LEU G 312 -62.42 -34.18 39.13
C LEU G 312 -62.76 -33.68 37.72
N VAL G 313 -63.64 -32.68 37.68
CA VAL G 313 -64.14 -32.06 36.43
C VAL G 313 -63.48 -30.70 36.29
N THR G 314 -62.88 -30.43 35.14
CA THR G 314 -62.14 -29.16 34.83
C THR G 314 -62.79 -28.48 33.64
N ALA G 315 -62.99 -27.17 33.74
CA ALA G 315 -63.67 -26.38 32.69
C ALA G 315 -63.33 -24.89 32.82
N LEU G 316 -62.90 -24.30 31.71
CA LEU G 316 -62.95 -22.84 31.46
C LEU G 316 -63.08 -22.59 29.97
N SER G 317 -63.86 -21.59 29.61
CA SER G 317 -63.86 -21.05 28.25
C SER G 317 -63.30 -19.65 28.33
N THR G 318 -62.13 -19.40 27.75
CA THR G 318 -61.65 -18.03 27.50
C THR G 318 -62.24 -17.58 26.16
N ASN G 319 -62.72 -16.34 26.14
CA ASN G 319 -63.41 -15.69 25.01
C ASN G 319 -62.99 -14.22 25.10
N THR G 320 -62.54 -13.66 23.99
CA THR G 320 -61.76 -12.42 24.00
C THR G 320 -62.32 -11.50 22.93
N LYS G 321 -62.04 -10.21 23.05
CA LYS G 321 -62.53 -9.17 22.11
C LYS G 321 -61.57 -8.00 22.19
N SER G 322 -61.19 -7.47 21.03
CA SER G 322 -60.41 -6.23 20.89
C SER G 322 -60.83 -5.52 19.60
N ASP G 323 -60.83 -4.19 19.64
CA ASP G 323 -61.17 -3.34 18.47
C ASP G 323 -60.19 -2.16 18.45
N ILE G 324 -59.53 -1.95 17.32
CA ILE G 324 -58.53 -0.87 17.16
C ILE G 324 -58.91 -0.05 15.93
N LEU G 325 -58.71 1.27 15.98
CA LEU G 325 -59.04 2.20 14.87
C LEU G 325 -58.14 3.43 14.96
N SER G 326 -57.18 3.55 14.03
CA SER G 326 -56.25 4.69 13.94
C SER G 326 -56.45 5.42 12.62
N THR G 327 -56.59 6.74 12.65
CA THR G 327 -56.82 7.58 11.46
C THR G 327 -55.84 8.75 11.47
N PRO G 328 -54.56 8.49 11.18
CA PRO G 328 -53.57 9.56 11.13
C PRO G 328 -53.61 10.29 9.80
N SER G 329 -54.20 11.47 9.77
CA SER G 329 -54.26 12.34 8.58
C SER G 329 -53.02 13.25 8.56
N ILE G 330 -52.76 13.90 7.42
CA ILE G 330 -51.63 14.84 7.25
C ILE G 330 -51.84 15.66 5.99
N VAL G 331 -51.47 16.94 6.02
CA VAL G 331 -51.59 17.84 4.83
C VAL G 331 -50.18 18.20 4.35
N THR G 332 -49.89 17.85 3.09
CA THR G 332 -48.56 17.94 2.45
C THR G 332 -48.67 18.71 1.13
N MET G 333 -47.59 19.33 0.70
CA MET G 333 -47.46 19.81 -0.70
C MET G 333 -47.25 18.60 -1.59
N ASP G 334 -47.84 18.60 -2.79
CA ASP G 334 -47.64 17.56 -3.80
C ASP G 334 -46.14 17.25 -3.94
N ASN G 335 -45.79 15.97 -3.99
CA ASN G 335 -44.45 15.58 -4.47
C ASN G 335 -43.37 15.91 -3.45
N LYS G 336 -43.75 16.48 -2.31
CA LYS G 336 -42.88 16.40 -1.12
C LYS G 336 -43.35 15.21 -0.29
N GLU G 337 -42.41 14.44 0.22
CA GLU G 337 -42.81 13.42 1.22
C GLU G 337 -42.96 14.16 2.54
N ALA G 338 -44.15 13.99 3.10
CA ALA G 338 -44.47 14.21 4.52
C ALA G 338 -43.98 13.00 5.28
N SER G 339 -43.60 13.22 6.53
CA SER G 339 -43.57 12.15 7.53
C SER G 339 -44.66 12.49 8.54
N PHE G 340 -45.20 11.49 9.21
CA PHE G 340 -46.05 11.74 10.38
C PHE G 340 -45.79 10.58 11.34
N ASN G 341 -45.44 10.87 12.56
CA ASN G 341 -45.18 9.79 13.52
C ASN G 341 -45.99 10.11 14.76
N VAL G 342 -46.65 9.12 15.37
CA VAL G 342 -47.06 9.25 16.79
C VAL G 342 -46.86 7.91 17.48
N GLY G 343 -45.72 7.82 18.15
CA GLY G 343 -45.07 6.56 18.51
C GLY G 343 -43.75 6.88 19.11
N GLN G 344 -42.71 6.13 18.84
CA GLN G 344 -41.56 6.30 19.74
C GLN G 344 -40.29 5.67 19.19
N GLU G 345 -39.18 6.22 19.69
CA GLU G 345 -37.78 5.82 19.44
C GLU G 345 -37.33 4.88 20.57
N VAL G 346 -37.09 3.63 20.21
CA VAL G 346 -36.59 2.58 21.12
C VAL G 346 -35.27 2.10 20.58
N PRO G 347 -34.35 1.73 21.45
CA PRO G 347 -33.08 1.20 20.99
C PRO G 347 -33.22 -0.27 20.57
N VAL G 348 -32.52 -0.62 19.50
CA VAL G 348 -32.41 -2.03 19.01
C VAL G 348 -30.91 -2.36 18.88
N GLN G 349 -30.50 -3.55 19.31
CA GLN G 349 -29.09 -4.01 19.22
C GLN G 349 -28.74 -4.19 17.75
N THR G 350 -27.44 -4.21 17.43
CA THR G 350 -26.93 -4.41 16.06
C THR G 350 -25.42 -4.69 16.10
N THR G 364 -23.42 -1.85 21.54
CA THR G 364 -23.85 -1.15 20.31
C THR G 364 -25.38 -1.28 20.16
N ILE G 365 -26.08 -0.13 20.06
CA ILE G 365 -27.56 -0.06 19.96
C ILE G 365 -27.92 0.82 18.78
N GLU G 366 -29.22 1.11 18.60
CA GLU G 366 -29.76 1.94 17.50
C GLU G 366 -31.18 2.41 17.84
N ARG G 367 -31.58 3.55 17.28
CA ARG G 367 -32.88 4.18 17.56
C ARG G 367 -33.82 3.87 16.40
N LYS G 368 -35.01 3.36 16.68
CA LYS G 368 -36.04 3.05 15.66
C LYS G 368 -37.35 3.70 16.09
N THR G 369 -38.00 4.45 15.20
CA THR G 369 -39.32 5.07 15.47
C THR G 369 -40.42 4.05 15.21
N VAL G 370 -40.98 3.48 16.28
CA VAL G 370 -42.12 2.52 16.21
C VAL G 370 -43.31 3.15 16.94
N GLY G 371 -44.38 3.37 16.21
CA GLY G 371 -45.64 3.93 16.73
C GLY G 371 -46.63 3.97 15.60
N THR G 372 -47.65 4.80 15.66
CA THR G 372 -48.49 5.04 14.48
C THR G 372 -47.67 5.93 13.53
N LYS G 373 -47.22 5.37 12.41
CA LYS G 373 -46.46 6.12 11.38
C LYS G 373 -47.25 6.13 10.11
N LEU G 374 -47.25 7.30 9.51
CA LEU G 374 -47.67 7.46 8.13
C LEU G 374 -46.51 8.17 7.47
N VAL G 375 -45.92 7.54 6.47
CA VAL G 375 -44.99 8.27 5.60
C VAL G 375 -45.63 8.35 4.24
N LEU G 376 -45.91 9.54 3.77
CA LEU G 376 -46.68 9.58 2.53
C LEU G 376 -46.10 10.69 1.66
N THR G 377 -45.89 10.38 0.39
CA THR G 377 -45.56 11.34 -0.68
C THR G 377 -46.70 11.32 -1.68
N PRO G 378 -47.74 12.16 -1.48
CA PRO G 378 -48.75 12.37 -2.52
C PRO G 378 -48.27 13.02 -3.82
N GLN G 379 -48.98 12.70 -4.90
CA GLN G 379 -48.72 13.21 -6.27
C GLN G 379 -50.08 13.41 -6.95
N ILE G 380 -50.35 14.58 -7.53
CA ILE G 380 -51.73 14.95 -7.94
C ILE G 380 -51.91 14.83 -9.45
N ASN G 381 -52.91 14.04 -9.87
CA ASN G 381 -53.50 14.07 -11.24
C ASN G 381 -54.11 15.46 -11.40
N GLU G 382 -53.73 16.19 -12.47
CA GLU G 382 -54.21 17.56 -12.79
C GLU G 382 -55.59 17.83 -12.18
N GLY G 383 -56.54 16.89 -12.29
CA GLY G 383 -57.99 17.07 -12.02
C GLY G 383 -58.46 16.67 -10.62
N ASP G 384 -58.43 15.39 -10.27
CA ASP G 384 -59.05 14.88 -9.02
C ASP G 384 -58.11 13.93 -8.29
N SER G 385 -57.76 12.84 -8.96
CA SER G 385 -57.35 11.58 -8.29
C SER G 385 -55.88 11.62 -7.85
N VAL G 386 -55.66 11.33 -6.58
CA VAL G 386 -54.32 11.39 -5.94
C VAL G 386 -53.62 10.05 -6.10
N LEU G 387 -52.37 10.05 -6.59
CA LEU G 387 -51.42 8.91 -6.44
C LEU G 387 -50.76 9.07 -5.08
N LEU G 388 -50.95 8.09 -4.20
CA LEU G 388 -50.40 8.12 -2.83
C LEU G 388 -49.36 7.02 -2.69
N THR G 389 -48.10 7.39 -2.48
CA THR G 389 -47.08 6.39 -2.13
C THR G 389 -47.07 6.29 -0.61
N ILE G 390 -47.58 5.18 -0.08
CA ILE G 390 -47.76 4.99 1.38
C ILE G 390 -46.74 3.97 1.86
N GLU G 391 -46.07 4.31 2.94
CA GLU G 391 -45.36 3.32 3.79
C GLU G 391 -45.86 3.57 5.20
N GLN G 392 -46.70 2.69 5.74
CA GLN G 392 -47.24 2.90 7.09
C GLN G 392 -47.24 1.59 7.86
N GLU G 393 -47.37 1.73 9.17
CA GLU G 393 -47.48 0.56 10.05
C GLU G 393 -47.97 1.02 11.40
N VAL G 394 -48.57 0.11 12.13
CA VAL G 394 -48.86 0.30 13.56
C VAL G 394 -48.03 -0.75 14.29
N SER G 395 -46.99 -0.31 14.96
CA SER G 395 -46.02 -1.24 15.55
C SER G 395 -45.78 -0.88 17.01
N SER G 396 -45.28 -1.84 17.77
CA SER G 396 -45.23 -1.72 19.24
C SER G 396 -44.13 -2.63 19.76
N VAL G 397 -43.59 -2.28 20.91
CA VAL G 397 -42.52 -3.07 21.58
C VAL G 397 -43.17 -4.01 22.60
N GLY G 398 -44.25 -4.70 22.21
CA GLY G 398 -45.03 -5.53 23.15
C GLY G 398 -45.32 -4.78 24.44
N LYS G 399 -44.64 -5.16 25.55
CA LYS G 399 -44.78 -4.55 26.91
C LYS G 399 -43.44 -3.93 27.36
N GLN G 400 -43.44 -2.65 27.74
CA GLN G 400 -42.26 -1.89 28.24
C GLN G 400 -41.70 -2.50 29.54
N ALA G 401 -42.25 -3.62 30.01
CA ALA G 401 -41.79 -4.35 31.24
C ALA G 401 -41.67 -5.86 30.95
N THR G 402 -41.69 -6.25 29.67
CA THR G 402 -41.64 -7.66 29.17
C THR G 402 -40.39 -7.86 28.29
N GLY G 403 -39.79 -9.05 28.36
CA GLY G 403 -38.62 -9.42 27.56
C GLY G 403 -38.99 -10.06 26.22
N THR G 404 -38.05 -10.80 25.64
CA THR G 404 -38.14 -11.47 24.33
C THR G 404 -37.47 -12.85 24.46
N ASP G 405 -37.76 -13.83 23.58
CA ASP G 405 -37.00 -15.11 23.50
C ASP G 405 -35.66 -14.88 22.79
N GLY G 406 -35.57 -13.79 22.03
CA GLY G 406 -34.33 -13.32 21.40
C GLY G 406 -33.49 -12.41 22.29
N LEU G 407 -33.02 -11.28 21.76
CA LEU G 407 -31.90 -10.53 22.36
C LEU G 407 -32.22 -9.03 22.47
N GLY G 408 -32.72 -8.40 21.42
CA GLY G 408 -33.18 -7.00 21.46
C GLY G 408 -34.68 -6.91 21.71
N PRO G 409 -35.28 -5.70 21.57
CA PRO G 409 -36.73 -5.55 21.61
C PRO G 409 -37.40 -6.13 20.37
N THR G 410 -38.65 -6.58 20.46
CA THR G 410 -39.45 -7.04 19.29
C THR G 410 -40.59 -6.09 19.00
N PHE G 411 -41.19 -6.17 17.82
CA PHE G 411 -42.26 -5.22 17.46
C PHE G 411 -43.44 -5.93 16.84
N ASP G 412 -44.65 -5.61 17.31
CA ASP G 412 -45.89 -5.96 16.61
C ASP G 412 -46.21 -4.84 15.63
N THR G 413 -46.15 -5.15 14.35
CA THR G 413 -46.29 -4.15 13.29
C THR G 413 -47.45 -4.55 12.40
N ARG G 414 -48.17 -3.54 11.95
CA ARG G 414 -49.13 -3.71 10.84
C ARG G 414 -48.77 -2.65 9.81
N THR G 415 -48.30 -3.14 8.69
CA THR G 415 -47.59 -2.30 7.73
C THR G 415 -48.29 -2.43 6.41
N VAL G 416 -48.16 -1.42 5.60
CA VAL G 416 -48.58 -1.57 4.21
C VAL G 416 -47.84 -0.46 3.52
N LYS G 417 -46.99 -0.83 2.58
CA LYS G 417 -46.31 0.14 1.70
C LYS G 417 -46.73 -0.16 0.28
N ASN G 418 -47.41 0.79 -0.32
CA ASN G 418 -47.91 0.65 -1.70
C ASN G 418 -48.11 2.03 -2.28
N ALA G 419 -48.14 2.08 -3.60
CA ALA G 419 -48.74 3.22 -4.28
C ALA G 419 -50.15 2.82 -4.67
N VAL G 420 -51.07 3.74 -4.42
CA VAL G 420 -52.51 3.60 -4.74
C VAL G 420 -52.90 4.89 -5.45
N LEU G 421 -53.84 4.83 -6.37
CA LEU G 421 -54.37 6.07 -6.97
C LEU G 421 -55.88 6.15 -6.77
N VAL G 422 -56.27 7.17 -6.02
CA VAL G 422 -57.65 7.30 -5.50
C VAL G 422 -58.19 8.66 -5.88
N LYS G 423 -59.51 8.69 -6.13
CA LYS G 423 -60.29 9.90 -6.48
C LYS G 423 -60.29 10.85 -5.29
N SER G 424 -60.42 12.15 -5.55
CA SER G 424 -60.08 13.23 -4.60
C SER G 424 -61.05 13.23 -3.41
N GLY G 425 -62.21 12.57 -3.52
CA GLY G 425 -63.22 12.59 -2.45
C GLY G 425 -63.33 11.26 -1.72
N GLU G 426 -62.82 10.18 -2.32
CA GLU G 426 -63.28 8.79 -2.04
C GLU G 426 -62.43 8.11 -0.97
N THR G 427 -63.05 7.33 -0.11
CA THR G 427 -62.37 6.55 0.94
C THR G 427 -62.21 5.12 0.45
N VAL G 428 -61.01 4.57 0.48
CA VAL G 428 -60.75 3.29 -0.23
C VAL G 428 -59.94 2.33 0.60
N VAL G 429 -59.83 1.12 0.09
CA VAL G 429 -59.03 0.05 0.72
C VAL G 429 -57.62 0.13 0.16
N LEU G 430 -56.62 0.28 1.03
CA LEU G 430 -55.19 0.15 0.69
C LEU G 430 -54.87 -1.33 0.62
N GLY G 431 -55.32 -2.05 1.65
CA GLY G 431 -54.99 -3.45 1.92
C GLY G 431 -55.76 -3.96 3.12
N GLY G 432 -55.37 -5.11 3.63
CA GLY G 432 -56.09 -5.74 4.73
C GLY G 432 -55.70 -7.19 4.89
N LEU G 433 -55.87 -7.70 6.10
CA LEU G 433 -55.63 -9.11 6.46
C LEU G 433 -56.78 -9.57 7.32
N MET G 434 -57.47 -10.61 6.85
CA MET G 434 -58.54 -11.30 7.59
C MET G 434 -58.01 -12.69 7.93
N ASP G 435 -57.71 -12.91 9.20
CA ASP G 435 -56.94 -14.08 9.68
C ASP G 435 -57.84 -14.83 10.63
N GLU G 436 -57.93 -16.15 10.49
CA GLU G 436 -58.81 -16.98 11.32
C GLU G 436 -58.05 -18.23 11.72
N GLN G 437 -58.06 -18.53 13.02
CA GLN G 437 -57.29 -19.64 13.63
C GLN G 437 -58.21 -20.44 14.54
N THR G 438 -58.10 -21.76 14.47
CA THR G 438 -58.88 -22.67 15.34
C THR G 438 -58.06 -23.90 15.65
N LYS G 439 -57.64 -24.04 16.90
CA LYS G 439 -56.89 -25.23 17.36
C LYS G 439 -57.82 -26.05 18.26
N GLU G 440 -57.93 -27.34 18.00
CA GLU G 440 -58.75 -28.28 18.79
C GLU G 440 -57.87 -29.42 19.29
N GLU G 441 -57.98 -29.72 20.59
CA GLU G 441 -57.23 -30.81 21.26
C GLU G 441 -58.19 -31.59 22.16
N VAL G 442 -58.00 -32.91 22.20
CA VAL G 442 -58.64 -33.80 23.20
C VAL G 442 -57.58 -34.78 23.73
N SER G 443 -57.64 -35.05 25.02
CA SER G 443 -56.94 -36.16 25.68
C SER G 443 -58.03 -37.10 26.18
N LYS G 444 -58.31 -38.14 25.41
CA LYS G 444 -59.44 -39.05 25.74
C LYS G 444 -58.91 -40.47 25.94
N VAL G 445 -59.76 -41.32 26.50
CA VAL G 445 -59.48 -42.77 26.63
C VAL G 445 -60.00 -43.42 25.35
N PRO G 446 -59.15 -44.23 24.69
CA PRO G 446 -59.34 -44.64 23.30
C PRO G 446 -60.76 -44.98 22.87
N LEU G 447 -61.34 -46.01 23.47
CA LEU G 447 -62.66 -46.55 23.06
C LEU G 447 -63.74 -45.71 23.73
N LEU G 448 -63.56 -45.42 25.01
CA LEU G 448 -64.63 -44.83 25.88
C LEU G 448 -64.82 -43.38 25.47
N GLY G 449 -63.73 -42.70 25.09
CA GLY G 449 -63.78 -41.26 24.76
C GLY G 449 -64.62 -41.02 23.53
N ASP G 450 -64.95 -42.07 22.77
CA ASP G 450 -65.62 -41.95 21.45
C ASP G 450 -67.12 -42.27 21.57
N ILE G 451 -67.60 -42.68 22.75
CA ILE G 451 -69.07 -42.84 23.01
C ILE G 451 -69.70 -41.46 22.78
N PRO G 452 -70.64 -41.29 21.82
CA PRO G 452 -70.99 -39.96 21.31
C PRO G 452 -71.36 -38.91 22.37
N VAL G 453 -72.06 -39.31 23.44
CA VAL G 453 -72.45 -38.37 24.55
C VAL G 453 -71.66 -38.71 25.81
N LEU G 454 -71.79 -39.91 26.38
CA LEU G 454 -71.07 -40.31 27.63
C LEU G 454 -69.57 -40.02 27.47
N GLY G 455 -69.05 -40.18 26.24
CA GLY G 455 -67.61 -40.10 25.93
C GLY G 455 -66.97 -38.81 26.41
N TYR G 456 -67.74 -37.73 26.56
CA TYR G 456 -67.23 -36.40 27.00
C TYR G 456 -66.80 -36.51 28.46
N LEU G 457 -67.18 -37.58 29.14
CA LEU G 457 -66.76 -37.79 30.54
C LEU G 457 -65.32 -38.31 30.56
N PHE G 458 -64.87 -38.99 29.51
CA PHE G 458 -63.50 -39.54 29.45
C PHE G 458 -62.55 -38.49 28.88
N ARG G 459 -63.05 -37.64 27.97
CA ARG G 459 -62.20 -36.68 27.20
C ARG G 459 -62.01 -35.39 28.00
N SER G 460 -60.79 -34.85 27.96
CA SER G 460 -60.44 -33.49 28.44
C SER G 460 -60.18 -32.63 27.21
N THR G 461 -61.18 -31.91 26.77
CA THR G 461 -61.03 -31.19 25.50
C THR G 461 -60.47 -29.81 25.80
N SER G 462 -59.60 -29.31 24.93
CA SER G 462 -59.13 -27.91 24.91
C SER G 462 -59.33 -27.33 23.49
N ASN G 463 -60.25 -26.40 23.35
CA ASN G 463 -60.54 -25.76 22.04
C ASN G 463 -60.03 -24.33 22.09
N ASN G 464 -59.70 -23.76 20.94
CA ASN G 464 -59.29 -22.35 20.85
C ASN G 464 -59.74 -21.82 19.50
N THR G 465 -60.10 -20.55 19.45
CA THR G 465 -60.46 -19.87 18.19
C THR G 465 -60.08 -18.39 18.28
N SER G 466 -59.86 -17.78 17.13
CA SER G 466 -59.47 -16.35 17.01
C SER G 466 -59.91 -15.82 15.65
N LYS G 467 -59.96 -14.50 15.58
CA LYS G 467 -60.36 -13.73 14.38
C LYS G 467 -59.65 -12.39 14.47
N ARG G 468 -59.11 -11.95 13.35
CA ARG G 468 -58.60 -10.57 13.21
C ARG G 468 -58.99 -10.11 11.83
N ASN G 469 -59.74 -9.03 11.73
CA ASN G 469 -60.08 -8.43 10.42
C ASN G 469 -59.50 -7.02 10.42
N LEU G 470 -58.42 -6.83 9.66
CA LEU G 470 -57.69 -5.54 9.60
C LEU G 470 -57.91 -4.94 8.23
N MET G 471 -58.37 -3.69 8.17
CA MET G 471 -58.63 -2.97 6.91
C MET G 471 -57.95 -1.60 6.99
N VAL G 472 -57.16 -1.25 5.97
CA VAL G 472 -56.44 0.06 5.92
C VAL G 472 -57.06 0.90 4.82
N PHE G 473 -57.82 1.95 5.18
CA PHE G 473 -58.48 2.85 4.22
C PHE G 473 -57.76 4.20 4.16
N ILE G 474 -57.67 4.80 2.98
CA ILE G 474 -57.01 6.11 2.76
C ILE G 474 -57.97 7.01 1.99
N ARG G 475 -58.27 8.20 2.50
CA ARG G 475 -59.23 9.13 1.85
C ARG G 475 -58.55 10.46 1.57
N PRO G 476 -57.96 10.64 0.36
CA PRO G 476 -57.31 11.89 0.02
C PRO G 476 -58.39 12.94 -0.24
N THR G 477 -57.95 14.19 -0.17
CA THR G 477 -58.81 15.38 -0.24
C THR G 477 -57.93 16.52 -0.74
N ILE G 478 -58.26 17.07 -1.90
CA ILE G 478 -57.33 18.06 -2.49
C ILE G 478 -57.86 19.48 -2.31
N LEU G 479 -56.93 20.31 -1.88
CA LEU G 479 -57.07 21.76 -1.63
C LEU G 479 -56.42 22.48 -2.80
N ARG G 480 -57.22 23.08 -3.69
CA ARG G 480 -56.72 23.76 -4.91
C ARG G 480 -56.31 25.20 -4.56
N ASP G 481 -57.07 25.85 -3.68
CA ASP G 481 -56.78 27.24 -3.22
C ASP G 481 -56.91 27.27 -1.70
N ALA G 482 -56.65 28.43 -1.08
CA ALA G 482 -56.61 28.62 0.39
C ALA G 482 -58.01 28.49 1.01
N ASN G 483 -59.02 29.11 0.38
CA ASN G 483 -60.40 29.17 0.93
C ASN G 483 -60.95 27.77 1.19
N VAL G 484 -60.55 26.76 0.44
CA VAL G 484 -61.02 25.36 0.68
C VAL G 484 -60.25 24.79 1.88
N TYR G 485 -59.09 25.37 2.19
CA TYR G 485 -58.13 24.83 3.18
C TYR G 485 -58.41 25.46 4.53
N SER G 486 -59.16 26.56 4.57
CA SER G 486 -59.68 27.06 5.85
C SER G 486 -60.84 26.16 6.26
N GLY G 487 -61.83 26.02 5.39
CA GLY G 487 -63.07 25.25 5.66
C GLY G 487 -62.73 23.83 6.10
N ILE G 488 -61.71 23.25 5.50
CA ILE G 488 -61.28 21.86 5.81
C ILE G 488 -60.61 21.86 7.19
N SER G 489 -59.82 22.91 7.47
CA SER G 489 -59.10 23.06 8.76
C SER G 489 -60.08 23.57 9.82
N SER G 490 -61.04 24.40 9.43
CA SER G 490 -62.02 25.00 10.37
C SER G 490 -62.93 23.89 10.92
N ASN G 491 -63.25 22.88 10.11
CA ASN G 491 -64.19 21.81 10.54
C ASN G 491 -63.45 20.85 11.47
N LYS G 492 -62.14 20.73 11.34
CA LYS G 492 -61.33 19.90 12.27
C LYS G 492 -61.02 20.73 13.51
N TYR G 493 -60.82 22.04 13.33
CA TYR G 493 -60.54 22.97 14.45
C TYR G 493 -61.77 23.06 15.34
N THR G 494 -62.95 23.09 14.72
CA THR G 494 -64.24 23.22 15.44
C THR G 494 -64.66 21.85 15.99
N LEU G 495 -64.55 20.78 15.21
CA LEU G 495 -64.95 19.43 15.68
C LEU G 495 -64.04 19.06 16.86
N PHE G 496 -62.82 19.60 16.90
CA PHE G 496 -61.91 19.40 18.05
C PHE G 496 -62.37 20.29 19.20
N ARG G 497 -62.73 21.53 18.89
CA ARG G 497 -63.19 22.51 19.89
C ARG G 497 -64.50 22.01 20.51
N ALA G 498 -65.42 21.60 19.64
CA ALA G 498 -66.76 21.09 20.02
C ALA G 498 -66.60 19.82 20.86
N GLN G 499 -65.48 19.10 20.71
CA GLN G 499 -65.22 17.86 21.48
C GLN G 499 -64.75 18.26 22.87
N GLN G 500 -63.91 19.29 22.95
CA GLN G 500 -63.42 19.82 24.24
C GLN G 500 -64.60 20.37 25.03
N LEU G 501 -65.49 21.12 24.38
CA LEU G 501 -66.65 21.74 25.08
C LEU G 501 -67.62 20.66 25.55
N ASP G 502 -67.69 19.53 24.84
CA ASP G 502 -68.51 18.37 25.24
C ASP G 502 -67.90 17.74 26.50
N ALA G 503 -66.57 17.67 26.58
CA ALA G 503 -65.83 17.06 27.70
C ALA G 503 -65.92 17.95 28.94
N VAL G 504 -66.05 19.26 28.75
CA VAL G 504 -66.25 20.23 29.86
C VAL G 504 -67.63 19.99 30.49
N ALA G 505 -68.65 19.71 29.67
CA ALA G 505 -70.05 19.54 30.13
C ALA G 505 -70.27 18.17 30.78
N GLN G 506 -69.25 17.28 30.79
CA GLN G 506 -69.22 16.06 31.64
C GLN G 506 -68.39 16.35 32.90
N GLU G 507 -67.23 16.99 32.75
CA GLU G 507 -66.35 17.36 33.88
C GLU G 507 -67.09 18.36 34.78
N GLY G 508 -67.89 19.25 34.19
CA GLY G 508 -68.74 20.19 34.95
C GLY G 508 -69.75 19.44 35.79
N TYR G 509 -70.30 18.36 35.22
CA TYR G 509 -71.30 17.48 35.87
C TYR G 509 -70.63 16.75 37.04
N ALA G 510 -69.43 16.22 36.81
CA ALA G 510 -68.66 15.40 37.79
C ALA G 510 -68.09 16.29 38.90
N THR G 511 -67.74 17.56 38.58
CA THR G 511 -67.12 18.54 39.51
C THR G 511 -65.70 18.11 39.89
N SER G 512 -64.88 19.07 40.32
CA SER G 512 -63.52 18.87 40.89
C SER G 512 -62.51 18.38 39.85
N PRO G 513 -62.68 18.61 38.53
CA PRO G 513 -61.61 18.41 37.56
C PRO G 513 -61.57 19.41 36.38
N ASP G 514 -60.44 19.55 35.67
CA ASP G 514 -60.38 20.53 34.55
C ASP G 514 -59.85 19.95 33.23
N ARG G 515 -60.69 20.04 32.20
CA ARG G 515 -60.31 19.90 30.77
C ARG G 515 -60.37 21.32 30.18
N GLN G 516 -59.28 21.84 29.63
CA GLN G 516 -59.29 23.26 29.19
C GLN G 516 -59.34 23.36 27.68
N VAL G 517 -60.09 24.36 27.22
CA VAL G 517 -60.59 24.39 25.83
C VAL G 517 -59.91 25.53 25.08
N LEU G 518 -59.43 25.12 23.93
CA LEU G 518 -59.16 25.86 22.69
C LEU G 518 -60.20 26.94 22.40
N PRO G 519 -59.79 28.16 22.03
CA PRO G 519 -60.74 29.22 21.78
C PRO G 519 -61.53 28.99 20.49
N GLU G 520 -62.13 30.04 19.95
CA GLU G 520 -62.84 29.98 18.66
C GLU G 520 -61.85 30.36 17.56
N TYR G 521 -62.15 29.95 16.32
CA TYR G 521 -61.24 30.13 15.16
C TYR G 521 -60.97 31.62 14.95
N GLY G 522 -59.69 31.97 14.96
CA GLY G 522 -59.18 33.28 14.50
C GLY G 522 -59.23 34.33 15.60
N GLN G 523 -59.42 33.91 16.85
CA GLN G 523 -59.55 34.83 18.00
C GLN G 523 -58.25 34.88 18.80
N ASP G 524 -57.37 33.88 18.64
CA ASP G 524 -56.22 33.58 19.54
C ASP G 524 -56.68 33.75 20.99
N GLY H 1 38.57 82.50 -47.55
CA GLY H 1 38.11 82.59 -48.98
C GLY H 1 38.62 81.43 -49.83
N ASP H 2 39.91 81.47 -50.20
CA ASP H 2 40.53 80.44 -51.07
C ASP H 2 41.30 79.44 -50.19
N GLU H 3 41.14 79.53 -48.87
CA GLU H 3 41.93 78.75 -47.90
C GLU H 3 41.52 77.27 -47.98
N MET H 4 42.43 76.42 -48.48
CA MET H 4 42.15 74.97 -48.68
C MET H 4 42.45 74.24 -47.37
N VAL H 5 41.38 73.76 -46.72
CA VAL H 5 41.47 73.02 -45.43
C VAL H 5 40.51 71.85 -45.48
N THR H 6 40.81 70.83 -44.69
CA THR H 6 39.94 69.64 -44.51
C THR H 6 39.18 69.81 -43.18
N ARG H 7 37.86 69.67 -43.21
CA ARG H 7 37.02 69.68 -41.98
C ARG H 7 35.87 68.69 -42.15
N VAL H 8 35.44 68.11 -41.03
CA VAL H 8 34.61 66.87 -40.99
C VAL H 8 33.41 67.08 -40.07
N VAL H 9 32.21 66.90 -40.61
CA VAL H 9 30.95 66.88 -39.81
C VAL H 9 30.25 65.56 -40.08
N PRO H 10 29.90 64.78 -39.03
CA PRO H 10 28.98 63.65 -39.17
C PRO H 10 27.53 64.07 -39.46
N VAL H 11 26.79 63.20 -40.15
CA VAL H 11 25.30 63.17 -40.10
C VAL H 11 24.94 61.99 -39.20
N ARG H 12 24.61 62.26 -37.93
CA ARG H 12 24.35 61.16 -36.96
C ARG H 12 22.98 60.53 -37.25
N ASN H 13 21.99 61.40 -37.46
CA ASN H 13 20.55 61.07 -37.60
C ASN H 13 20.39 60.07 -38.74
N VAL H 14 21.05 60.35 -39.87
CA VAL H 14 20.91 59.57 -41.13
C VAL H 14 22.28 59.03 -41.52
N SER H 15 22.32 57.98 -42.33
CA SER H 15 23.57 57.50 -43.00
C SER H 15 23.97 58.56 -44.01
N VAL H 16 25.21 59.09 -43.90
CA VAL H 16 25.68 60.28 -44.67
C VAL H 16 25.73 59.96 -46.17
N ARG H 17 25.54 58.68 -46.52
CA ARG H 17 25.69 58.13 -47.90
C ARG H 17 24.88 58.97 -48.90
N GLU H 18 23.84 59.66 -48.42
CA GLU H 18 22.83 60.34 -49.27
C GLU H 18 23.37 61.69 -49.78
N LEU H 19 24.52 62.16 -49.31
CA LEU H 19 25.07 63.48 -49.75
C LEU H 19 26.16 63.28 -50.80
N ALA H 20 26.38 62.04 -51.27
CA ALA H 20 27.48 61.70 -52.20
C ALA H 20 27.29 62.38 -53.56
N PRO H 21 26.11 62.28 -54.21
CA PRO H 21 25.81 63.10 -55.39
C PRO H 21 25.94 64.62 -55.11
N LEU H 22 25.41 65.07 -53.96
CA LEU H 22 25.28 66.49 -53.53
C LEU H 22 26.68 67.10 -53.37
N LEU H 23 27.54 66.47 -52.57
CA LEU H 23 28.75 67.16 -52.03
C LEU H 23 29.92 67.01 -53.00
N ARG H 24 30.06 65.83 -53.62
CA ARG H 24 31.03 65.65 -54.74
C ARG H 24 30.49 66.41 -55.96
N GLN H 25 29.19 66.69 -55.96
CA GLN H 25 28.59 67.63 -56.94
C GLN H 25 29.03 69.05 -56.56
N LEU H 26 29.29 69.33 -55.27
CA LEU H 26 29.77 70.66 -54.81
C LEU H 26 31.27 70.80 -55.09
N ASN H 27 31.99 69.67 -55.10
CA ASN H 27 33.32 69.60 -55.78
C ASN H 27 33.09 70.02 -57.23
N ASP H 28 32.12 69.36 -57.87
CA ASP H 28 31.76 69.56 -59.31
C ASP H 28 31.08 70.91 -59.52
N ASN H 29 30.80 71.65 -58.43
CA ASN H 29 30.07 72.95 -58.48
C ASN H 29 31.02 74.04 -59.02
N ALA H 30 32.26 74.10 -58.53
CA ALA H 30 33.23 75.17 -58.87
C ALA H 30 34.66 74.63 -58.94
N GLY H 31 35.62 75.52 -59.22
CA GLY H 31 37.06 75.22 -59.34
C GLY H 31 37.51 74.20 -58.30
N GLY H 32 38.08 73.08 -58.77
CA GLY H 32 38.36 71.87 -57.98
C GLY H 32 39.50 72.04 -56.99
N GLY H 33 40.00 70.91 -56.47
CA GLY H 33 40.86 70.82 -55.27
C GLY H 33 40.07 70.34 -54.07
N ASN H 34 38.94 69.66 -54.32
CA ASN H 34 38.00 69.22 -53.27
C ASN H 34 38.10 67.69 -53.08
N VAL H 35 37.79 67.22 -51.87
CA VAL H 35 37.52 65.79 -51.56
C VAL H 35 36.29 65.73 -50.64
N VAL H 36 35.36 64.83 -50.96
CA VAL H 36 34.24 64.47 -50.06
C VAL H 36 34.26 62.94 -49.94
N HIS H 37 34.02 62.40 -48.74
CA HIS H 37 33.88 60.94 -48.52
C HIS H 37 33.17 60.62 -47.19
N TYR H 38 32.85 59.34 -46.99
CA TYR H 38 31.76 58.85 -46.11
C TYR H 38 32.21 57.65 -45.31
N ASP H 39 32.00 57.70 -44.00
CA ASP H 39 32.22 56.52 -43.15
C ASP H 39 30.87 55.82 -43.00
N PRO H 40 30.79 54.48 -43.00
CA PRO H 40 29.58 53.79 -42.58
C PRO H 40 29.30 54.15 -41.12
N SER H 41 30.35 54.48 -40.36
CA SER H 41 30.27 55.04 -38.98
C SER H 41 29.66 56.45 -39.04
N ASN H 42 29.43 56.94 -40.26
CA ASN H 42 28.47 58.02 -40.59
C ASN H 42 28.99 59.38 -40.13
N VAL H 43 30.30 59.59 -40.27
CA VAL H 43 30.89 60.96 -40.28
C VAL H 43 31.20 61.31 -41.75
N LEU H 44 31.06 62.58 -42.10
CA LEU H 44 31.27 63.07 -43.49
C LEU H 44 32.51 63.97 -43.50
N LEU H 45 33.56 63.51 -44.19
CA LEU H 45 34.87 64.19 -44.19
C LEU H 45 35.04 65.00 -45.47
N ILE H 46 35.54 66.23 -45.32
CA ILE H 46 35.70 67.18 -46.45
C ILE H 46 37.13 67.72 -46.52
N THR H 47 37.53 68.10 -47.73
CA THR H 47 38.74 68.89 -48.07
C THR H 47 38.37 69.91 -49.14
N GLY H 48 38.81 71.17 -49.00
CA GLY H 48 38.53 72.20 -50.02
C GLY H 48 38.74 73.61 -49.52
N ARG H 49 38.63 74.57 -50.44
CA ARG H 49 38.80 76.02 -50.17
C ARG H 49 37.63 76.50 -49.31
N ALA H 50 37.83 77.62 -48.62
CA ALA H 50 37.05 78.08 -47.45
C ALA H 50 35.56 78.22 -47.82
N ALA H 51 35.24 78.72 -49.01
CA ALA H 51 33.84 78.99 -49.43
C ALA H 51 33.15 77.68 -49.80
N VAL H 52 33.72 76.92 -50.73
CA VAL H 52 33.15 75.62 -51.20
C VAL H 52 32.86 74.77 -49.96
N VAL H 53 33.75 74.82 -48.97
CA VAL H 53 33.59 74.05 -47.71
C VAL H 53 32.58 74.76 -46.81
N ASN H 54 32.46 76.08 -46.86
CA ASN H 54 31.40 76.83 -46.13
C ASN H 54 30.05 76.18 -46.46
N ARG H 55 29.71 76.09 -47.75
CA ARG H 55 28.39 75.63 -48.23
C ARG H 55 28.34 74.10 -48.23
N LEU H 56 29.49 73.41 -48.26
CA LEU H 56 29.56 71.93 -48.11
C LEU H 56 29.13 71.58 -46.69
N VAL H 57 29.89 72.08 -45.71
CA VAL H 57 29.65 71.82 -44.25
C VAL H 57 28.26 72.37 -43.90
N GLU H 58 27.83 73.47 -44.54
CA GLU H 58 26.42 73.96 -44.49
C GLU H 58 25.51 72.78 -44.81
N VAL H 59 25.72 72.13 -45.96
CA VAL H 59 24.89 70.96 -46.40
C VAL H 59 24.92 69.92 -45.28
N VAL H 60 26.08 69.69 -44.66
CA VAL H 60 26.29 68.49 -43.80
C VAL H 60 25.59 68.70 -42.47
N ARG H 61 25.89 69.79 -41.75
CA ARG H 61 25.22 70.14 -40.48
C ARG H 61 23.72 70.20 -40.77
N ARG H 62 23.37 70.76 -41.93
CA ARG H 62 21.96 70.87 -42.38
C ARG H 62 21.33 69.47 -42.36
N VAL H 63 21.77 68.57 -43.25
CA VAL H 63 21.27 67.16 -43.31
C VAL H 63 21.34 66.56 -41.90
N ASP H 64 22.26 67.05 -41.06
CA ASP H 64 22.44 66.55 -39.68
C ASP H 64 21.26 66.99 -38.81
N LYS H 65 20.89 68.27 -38.89
CA LYS H 65 19.83 68.90 -38.07
C LYS H 65 18.48 68.70 -38.76
N ALA H 66 18.51 68.20 -40.00
CA ALA H 66 17.30 67.99 -40.81
C ALA H 66 16.47 66.89 -40.15
N GLY H 67 17.14 65.85 -39.66
CA GLY H 67 16.51 64.61 -39.14
C GLY H 67 16.82 64.41 -37.67
N ASP H 68 16.34 65.30 -36.79
CA ASP H 68 16.57 65.21 -35.32
C ASP H 68 15.80 64.01 -34.77
N GLN H 69 16.32 63.40 -33.70
CA GLN H 69 15.68 62.23 -33.05
C GLN H 69 16.13 62.17 -31.59
N GLU H 70 15.49 62.98 -30.74
CA GLU H 70 15.84 63.13 -29.32
C GLU H 70 14.75 62.46 -28.49
N VAL H 71 15.00 62.29 -27.20
CA VAL H 71 13.99 61.80 -26.23
C VAL H 71 13.63 62.91 -25.26
N ASP H 72 12.35 62.92 -24.86
CA ASP H 72 11.75 63.78 -23.81
C ASP H 72 11.03 62.92 -22.77
N ILE H 73 11.31 63.20 -21.51
CA ILE H 73 10.66 62.48 -20.37
C ILE H 73 9.95 63.51 -19.51
N ILE H 74 8.64 63.38 -19.40
CA ILE H 74 7.88 64.13 -18.37
C ILE H 74 7.02 63.13 -17.59
N LYS H 75 6.96 63.31 -16.27
CA LYS H 75 6.23 62.42 -15.34
C LYS H 75 4.74 62.35 -15.71
N LEU H 76 4.19 61.14 -15.69
CA LEU H 76 2.72 60.91 -15.65
C LEU H 76 2.33 60.69 -14.19
N LYS H 77 1.34 61.43 -13.72
CA LYS H 77 0.90 61.35 -12.32
C LYS H 77 -0.25 60.36 -12.21
N TYR H 78 -1.02 60.14 -13.30
CA TYR H 78 -2.35 59.46 -13.23
C TYR H 78 -2.36 58.12 -14.01
N ALA H 79 -2.93 58.04 -15.22
CA ALA H 79 -3.26 56.74 -15.87
C ALA H 79 -2.00 55.99 -16.30
N SER H 80 -2.08 54.65 -16.22
CA SER H 80 -0.94 53.70 -16.23
C SER H 80 -0.11 53.87 -17.50
N ALA H 81 1.21 53.83 -17.33
CA ALA H 81 2.19 53.95 -18.44
C ALA H 81 2.00 52.77 -19.40
N GLY H 82 1.69 51.58 -18.88
CA GLY H 82 1.45 50.34 -19.65
C GLY H 82 0.18 50.40 -20.48
N GLU H 83 -0.89 51.00 -19.94
CA GLU H 83 -2.12 51.27 -20.70
C GLU H 83 -1.79 52.35 -21.73
N MET H 84 -1.06 53.38 -21.28
CA MET H 84 -0.55 54.47 -22.16
C MET H 84 0.14 53.77 -23.33
N VAL H 85 0.96 52.76 -23.02
CA VAL H 85 1.76 52.01 -24.03
C VAL H 85 0.79 51.31 -24.98
N ARG H 86 -0.13 50.53 -24.45
CA ARG H 86 -1.05 49.67 -25.25
C ARG H 86 -1.85 50.54 -26.23
N LEU H 87 -2.43 51.62 -25.71
CA LEU H 87 -3.40 52.48 -26.44
C LEU H 87 -2.66 53.17 -27.57
N VAL H 88 -1.44 53.61 -27.28
CA VAL H 88 -0.59 54.34 -28.26
C VAL H 88 0.08 53.32 -29.18
N THR H 89 0.35 52.10 -28.72
CA THR H 89 1.00 51.08 -29.60
C THR H 89 0.09 50.87 -30.80
N ASN H 90 -1.22 51.00 -30.63
CA ASN H 90 -2.20 50.80 -31.73
C ASN H 90 -2.12 51.99 -32.70
N LEU H 91 -1.55 53.12 -32.26
CA LEU H 91 -0.97 54.18 -33.14
C LEU H 91 0.25 53.58 -33.89
N ASN H 92 0.03 52.51 -34.66
CA ASN H 92 1.04 51.96 -35.60
C ASN H 92 1.38 53.07 -36.62
N LYS H 93 2.66 53.15 -37.01
CA LYS H 93 3.23 54.09 -38.02
C LYS H 93 3.72 55.37 -37.33
N ASP H 94 3.45 55.52 -36.03
CA ASP H 94 4.32 56.30 -35.11
C ASP H 94 5.62 55.49 -34.91
N GLY H 95 6.44 55.44 -35.97
CA GLY H 95 7.78 54.82 -35.99
C GLY H 95 7.75 53.29 -35.99
N ASN H 96 6.58 52.68 -35.83
CA ASN H 96 6.42 51.21 -35.68
C ASN H 96 5.95 50.62 -37.02
N SER H 97 6.88 50.36 -37.95
CA SER H 97 6.59 49.80 -39.30
C SER H 97 7.85 49.15 -39.88
N GLN H 98 7.71 48.44 -41.00
CA GLN H 98 8.83 47.82 -41.76
C GLN H 98 8.90 48.45 -43.15
N GLY H 99 8.44 49.71 -43.26
CA GLY H 99 8.36 50.48 -44.52
C GLY H 99 9.74 50.69 -45.16
N GLY H 100 9.88 50.40 -46.46
CA GLY H 100 11.17 50.39 -47.18
C GLY H 100 11.75 51.78 -47.39
N ASN H 101 11.44 52.41 -48.53
CA ASN H 101 11.89 53.78 -48.93
C ASN H 101 11.35 54.80 -47.91
N THR H 102 10.29 54.42 -47.18
CA THR H 102 9.68 55.18 -46.06
C THR H 102 10.69 55.31 -44.92
N SER H 103 11.39 54.20 -44.63
CA SER H 103 12.42 54.06 -43.56
C SER H 103 11.82 54.47 -42.21
N LEU H 104 10.59 54.06 -41.91
CA LEU H 104 9.81 54.61 -40.78
C LEU H 104 10.40 54.07 -39.47
N LEU H 105 11.33 53.12 -39.56
CA LEU H 105 12.11 52.64 -38.38
C LEU H 105 13.01 53.77 -37.85
N LEU H 106 13.23 54.84 -38.63
CA LEU H 106 14.00 56.06 -38.25
C LEU H 106 13.05 57.19 -37.80
N ALA H 107 11.75 56.92 -37.75
CA ALA H 107 10.70 57.90 -37.37
C ALA H 107 10.38 57.75 -35.88
N PRO H 108 9.76 58.78 -35.26
CA PRO H 108 9.46 58.79 -33.82
C PRO H 108 8.68 57.60 -33.22
N LYS H 109 9.11 57.09 -32.06
CA LYS H 109 8.50 55.92 -31.37
C LYS H 109 8.09 56.29 -29.94
N VAL H 110 7.22 55.47 -29.34
CA VAL H 110 6.54 55.76 -28.04
C VAL H 110 6.79 54.64 -27.03
N VAL H 111 6.88 55.01 -25.76
CA VAL H 111 7.24 54.12 -24.62
C VAL H 111 6.66 54.66 -23.31
N ALA H 112 6.89 53.90 -22.24
CA ALA H 112 6.68 54.34 -20.83
C ALA H 112 7.37 53.43 -19.81
N ASP H 113 7.65 54.03 -18.64
CA ASP H 113 8.17 53.41 -17.39
C ASP H 113 7.04 53.39 -16.37
N GLU H 114 6.90 52.28 -15.63
CA GLU H 114 5.85 52.14 -14.61
C GLU H 114 6.47 52.30 -13.20
N ARG H 115 7.79 52.45 -13.06
CA ARG H 115 8.45 52.72 -11.74
C ARG H 115 8.27 54.20 -11.36
N THR H 116 8.49 55.13 -12.29
CA THR H 116 8.28 56.60 -12.10
C THR H 116 6.95 57.03 -12.70
N ASN H 117 6.29 56.11 -13.43
CA ASN H 117 5.18 56.36 -14.40
C ASN H 117 5.57 57.53 -15.30
N SER H 118 6.52 57.29 -16.20
CA SER H 118 7.06 58.33 -17.11
C SER H 118 6.79 57.95 -18.56
N VAL H 119 6.26 58.88 -19.35
CA VAL H 119 6.22 58.65 -20.81
C VAL H 119 7.64 58.83 -21.33
N VAL H 120 7.94 58.00 -22.32
CA VAL H 120 9.22 58.08 -23.05
C VAL H 120 8.85 58.24 -24.52
N VAL H 121 9.42 59.26 -25.13
CA VAL H 121 9.36 59.48 -26.60
C VAL H 121 10.75 59.24 -27.16
N SER H 122 10.87 58.77 -28.39
CA SER H 122 12.16 58.74 -29.10
C SER H 122 11.96 59.23 -30.54
N GLY H 123 12.30 60.49 -30.84
CA GLY H 123 12.15 61.00 -32.21
C GLY H 123 12.19 62.52 -32.34
N GLU H 124 11.58 62.99 -33.44
CA GLU H 124 11.39 64.40 -33.89
C GLU H 124 10.99 65.38 -32.79
N PRO H 125 11.23 66.70 -32.98
CA PRO H 125 10.56 67.71 -32.17
C PRO H 125 9.07 67.92 -32.48
N LYS H 126 8.61 67.54 -33.68
CA LYS H 126 7.15 67.46 -33.98
C LYS H 126 6.56 66.35 -33.11
N ALA H 127 7.32 65.27 -32.83
CA ALA H 127 6.92 64.19 -31.91
C ALA H 127 6.96 64.69 -30.46
N ARG H 128 7.99 65.45 -30.07
CA ARG H 128 8.02 66.15 -28.76
C ARG H 128 6.74 66.98 -28.61
N ALA H 129 6.45 67.80 -29.63
CA ALA H 129 5.31 68.73 -29.64
C ALA H 129 3.99 67.95 -29.50
N ARG H 130 3.77 66.89 -30.30
CA ARG H 130 2.46 66.18 -30.36
C ARG H 130 2.39 65.09 -29.28
N ILE H 131 3.50 64.57 -28.77
CA ILE H 131 3.39 63.50 -27.74
C ILE H 131 3.42 64.12 -26.34
N ILE H 132 3.90 65.35 -26.17
CA ILE H 132 3.63 66.10 -24.91
C ILE H 132 2.13 66.39 -24.85
N GLN H 133 1.44 66.56 -25.98
CA GLN H 133 -0.04 66.66 -26.07
C GLN H 133 -0.66 65.31 -25.64
N MET H 134 -0.12 64.19 -26.13
CA MET H 134 -0.69 62.85 -25.85
C MET H 134 -0.40 62.42 -24.40
N VAL H 135 0.72 62.86 -23.82
CA VAL H 135 1.00 62.79 -22.35
C VAL H 135 -0.16 63.42 -21.61
N ARG H 136 -0.55 64.63 -22.01
CA ARG H 136 -1.56 65.47 -21.32
C ARG H 136 -2.96 64.89 -21.56
N GLN H 137 -3.19 64.30 -22.73
CA GLN H 137 -4.50 63.74 -23.13
C GLN H 137 -4.91 62.60 -22.19
N LEU H 138 -3.96 61.79 -21.73
CA LEU H 138 -4.22 60.54 -20.97
C LEU H 138 -3.73 60.63 -19.53
N ASP H 139 -3.18 61.78 -19.16
CA ASP H 139 -2.71 62.06 -17.77
C ASP H 139 -3.92 62.50 -16.96
N ARG H 140 -5.13 62.30 -17.49
CA ARG H 140 -6.38 62.60 -16.76
C ARG H 140 -6.54 61.57 -15.62
N GLU H 141 -7.00 62.07 -14.48
CA GLU H 141 -7.28 61.30 -13.25
C GLU H 141 -8.68 60.69 -13.37
N LEU H 142 -9.09 59.87 -12.39
CA LEU H 142 -10.49 59.36 -12.36
C LEU H 142 -11.38 60.44 -11.75
N GLN H 143 -12.64 60.46 -12.16
CA GLN H 143 -13.64 61.40 -11.61
C GLN H 143 -14.56 60.61 -10.67
N SER H 144 -14.31 60.67 -9.36
CA SER H 144 -15.10 60.00 -8.30
C SER H 144 -15.27 58.52 -8.65
N GLN H 145 -16.32 58.17 -9.41
CA GLN H 145 -16.62 56.79 -9.87
C GLN H 145 -15.33 56.17 -10.44
N GLY H 146 -14.89 55.05 -9.88
CA GLY H 146 -13.67 54.34 -10.33
C GLY H 146 -13.99 53.13 -11.19
N ASN H 147 -12.99 52.29 -11.42
CA ASN H 147 -13.18 50.93 -12.00
C ASN H 147 -13.81 50.06 -10.90
N THR H 148 -13.30 50.15 -9.67
CA THR H 148 -13.81 49.32 -8.55
C THR H 148 -14.67 50.14 -7.60
N ARG H 149 -15.81 49.57 -7.23
CA ARG H 149 -16.75 50.12 -6.24
C ARG H 149 -16.78 49.21 -5.02
N VAL H 150 -17.18 49.75 -3.88
CA VAL H 150 -17.57 48.91 -2.73
C VAL H 150 -19.02 49.21 -2.40
N PHE H 151 -19.88 48.19 -2.49
CA PHE H 151 -21.28 48.24 -2.04
C PHE H 151 -21.37 47.85 -0.58
N TYR H 152 -21.91 48.76 0.20
CA TYR H 152 -22.35 48.49 1.58
C TYR H 152 -23.72 47.82 1.48
N LEU H 153 -23.77 46.52 1.70
CA LEU H 153 -25.07 45.84 1.72
C LEU H 153 -25.73 46.07 3.08
N LYS H 154 -27.03 46.30 3.08
CA LYS H 154 -27.77 46.57 4.34
C LYS H 154 -28.45 45.31 4.89
N TYR H 155 -29.26 44.59 4.12
CA TYR H 155 -30.05 43.42 4.59
C TYR H 155 -29.41 42.10 4.14
N GLY H 156 -28.52 42.18 3.15
CA GLY H 156 -27.78 41.02 2.59
C GLY H 156 -26.39 40.88 3.19
N LYS H 157 -25.89 39.66 3.32
CA LYS H 157 -24.58 39.33 3.95
C LYS H 157 -23.51 39.18 2.89
N ALA H 158 -22.40 39.90 3.02
CA ALA H 158 -21.41 40.08 1.94
C ALA H 158 -20.82 38.71 1.54
N LYS H 159 -20.53 37.83 2.51
CA LYS H 159 -19.82 36.56 2.26
C LYS H 159 -20.74 35.66 1.41
N ASP H 160 -22.03 35.66 1.74
CA ASP H 160 -23.05 34.82 1.08
C ASP H 160 -23.28 35.39 -0.32
N MET H 161 -23.33 36.71 -0.44
CA MET H 161 -23.60 37.42 -1.72
C MET H 161 -22.46 37.15 -2.70
N VAL H 162 -21.23 37.02 -2.20
CA VAL H 162 -20.04 36.82 -3.09
C VAL H 162 -20.34 35.58 -3.95
N GLU H 163 -20.77 34.49 -3.31
CA GLU H 163 -21.01 33.20 -4.01
C GLU H 163 -22.05 33.42 -5.08
N VAL H 164 -23.11 34.13 -4.73
CA VAL H 164 -24.26 34.41 -5.64
C VAL H 164 -23.72 35.13 -6.86
N LEU H 165 -22.92 36.15 -6.63
CA LEU H 165 -22.47 37.06 -7.70
C LEU H 165 -21.40 36.34 -8.52
N LYS H 166 -20.68 35.40 -7.90
CA LYS H 166 -19.58 34.67 -8.56
C LYS H 166 -20.14 33.96 -9.79
N GLY H 167 -21.33 33.39 -9.67
CA GLY H 167 -22.04 32.81 -10.81
C GLY H 167 -22.17 33.83 -11.92
N VAL H 168 -22.61 35.04 -11.60
CA VAL H 168 -22.96 36.07 -12.61
C VAL H 168 -21.68 36.46 -13.35
N SER H 169 -20.60 36.62 -12.58
CA SER H 169 -19.23 36.93 -13.05
C SER H 169 -18.74 35.76 -13.90
N SER H 170 -18.94 34.55 -13.38
CA SER H 170 -18.42 33.27 -13.95
C SER H 170 -19.34 32.81 -15.09
N LEU H 196 -14.46 39.33 -14.26
CA LEU H 196 -15.16 40.03 -13.15
C LEU H 196 -14.79 39.36 -11.83
N ALA H 197 -14.36 40.17 -10.86
CA ALA H 197 -13.53 39.74 -9.72
C ALA H 197 -14.07 40.27 -8.40
N ILE H 198 -14.43 39.38 -7.48
CA ILE H 198 -15.21 39.76 -6.27
C ILE H 198 -14.50 39.23 -5.04
N SER H 199 -14.62 39.96 -3.94
CA SER H 199 -14.39 39.49 -2.54
C SER H 199 -15.32 40.23 -1.61
N ALA H 200 -15.67 39.60 -0.51
CA ALA H 200 -16.48 40.23 0.54
C ALA H 200 -15.65 40.33 1.82
N ASP H 201 -15.61 41.53 2.38
CA ASP H 201 -14.94 41.82 3.67
C ASP H 201 -15.89 41.42 4.80
N GLU H 202 -15.48 40.44 5.58
CA GLU H 202 -16.32 39.83 6.62
C GLU H 202 -16.63 40.93 7.65
N THR H 203 -15.73 41.89 7.83
CA THR H 203 -15.80 42.88 8.94
C THR H 203 -16.88 43.91 8.64
N THR H 204 -16.66 44.76 7.64
CA THR H 204 -17.61 45.84 7.27
C THR H 204 -18.80 45.24 6.51
N ASN H 205 -18.77 43.94 6.23
CA ASN H 205 -19.84 43.23 5.50
C ASN H 205 -20.12 43.99 4.21
N ALA H 206 -19.08 44.27 3.45
CA ALA H 206 -19.17 44.98 2.16
C ALA H 206 -18.63 44.09 1.06
N LEU H 207 -19.10 44.30 -0.17
CA LEU H 207 -18.69 43.52 -1.36
C LEU H 207 -17.81 44.40 -2.24
N VAL H 208 -16.59 43.94 -2.52
CA VAL H 208 -15.64 44.67 -3.40
C VAL H 208 -15.57 43.94 -4.74
N ILE H 209 -16.24 44.46 -5.75
CA ILE H 209 -16.23 43.90 -7.13
C ILE H 209 -15.45 44.84 -8.03
N THR H 210 -14.83 44.30 -9.07
CA THR H 210 -14.06 45.06 -10.08
C THR H 210 -14.40 44.54 -11.48
N ALA H 211 -15.33 45.19 -12.15
CA ALA H 211 -15.73 44.86 -13.54
C ALA H 211 -15.85 46.15 -14.35
N GLN H 212 -16.06 46.03 -15.66
CA GLN H 212 -16.22 47.19 -16.57
C GLN H 212 -17.36 48.02 -16.05
N PRO H 213 -17.38 49.34 -16.34
CA PRO H 213 -18.46 50.20 -15.87
C PRO H 213 -19.82 49.71 -16.39
N ASP H 214 -19.83 49.02 -17.54
CA ASP H 214 -21.06 48.38 -18.09
C ASP H 214 -21.57 47.31 -17.12
N VAL H 215 -20.66 46.52 -16.57
CA VAL H 215 -20.99 45.38 -15.67
C VAL H 215 -21.26 45.97 -14.28
N MET H 216 -20.56 47.06 -13.93
CA MET H 216 -20.71 47.72 -12.62
C MET H 216 -22.17 48.17 -12.46
N ALA H 217 -22.74 48.77 -13.51
CA ALA H 217 -24.14 49.24 -13.51
C ALA H 217 -25.08 48.03 -13.52
N GLU H 218 -24.68 46.93 -14.15
CA GLU H 218 -25.49 45.68 -14.19
C GLU H 218 -25.44 44.99 -12.82
N LEU H 219 -24.27 44.93 -12.20
CA LEU H 219 -24.07 44.33 -10.85
C LEU H 219 -24.80 45.20 -9.84
N GLU H 220 -24.90 46.50 -10.11
CA GLU H 220 -25.53 47.48 -9.19
C GLU H 220 -27.04 47.22 -9.13
N GLN H 221 -27.67 46.74 -10.21
CA GLN H 221 -29.11 46.40 -10.21
C GLN H 221 -29.30 45.03 -9.53
N VAL H 222 -28.38 44.11 -9.80
CA VAL H 222 -28.44 42.73 -9.25
C VAL H 222 -28.41 42.86 -7.73
N VAL H 223 -27.48 43.65 -7.25
CA VAL H 223 -27.22 43.87 -5.80
C VAL H 223 -28.48 44.50 -5.20
N ALA H 224 -29.02 45.54 -5.83
CA ALA H 224 -30.16 46.30 -5.30
C ALA H 224 -31.37 45.36 -5.18
N LYS H 225 -31.53 44.44 -6.13
CA LYS H 225 -32.68 43.50 -6.10
C LYS H 225 -32.42 42.46 -5.01
N LEU H 226 -31.15 42.11 -4.83
CA LEU H 226 -30.71 40.92 -4.06
C LEU H 226 -30.57 41.32 -2.59
N ASP H 227 -30.55 42.62 -2.32
CA ASP H 227 -30.38 43.20 -0.97
C ASP H 227 -31.73 43.71 -0.46
N ILE H 228 -32.82 43.29 -1.09
CA ILE H 228 -34.19 43.69 -0.66
C ILE H 228 -34.43 43.23 0.78
N ARG H 229 -35.04 44.10 1.58
CA ARG H 229 -35.38 43.81 2.99
C ARG H 229 -36.19 42.52 3.05
N ARG H 230 -35.58 41.42 3.46
CA ARG H 230 -36.25 40.10 3.56
C ARG H 230 -37.29 40.16 4.68
N ALA H 231 -38.52 39.80 4.34
CA ALA H 231 -39.67 39.88 5.26
C ALA H 231 -39.55 38.81 6.33
N GLN H 232 -40.15 39.10 7.49
CA GLN H 232 -40.13 38.23 8.69
C GLN H 232 -41.46 37.52 8.84
N VAL H 233 -41.43 36.33 9.42
CA VAL H 233 -42.64 35.50 9.60
C VAL H 233 -42.73 35.06 11.05
N LEU H 234 -43.85 35.38 11.70
CA LEU H 234 -44.20 34.82 13.02
C LEU H 234 -44.99 33.54 12.81
N VAL H 235 -44.45 32.42 13.26
CA VAL H 235 -45.08 31.09 13.05
C VAL H 235 -45.51 30.55 14.39
N GLU H 236 -46.81 30.53 14.66
CA GLU H 236 -47.37 29.84 15.85
C GLU H 236 -47.82 28.44 15.42
N ALA H 237 -47.32 27.42 16.10
CA ALA H 237 -47.86 26.05 16.00
C ALA H 237 -48.76 25.82 17.21
N ILE H 238 -49.77 25.00 17.04
CA ILE H 238 -50.67 24.64 18.17
C ILE H 238 -50.80 23.13 18.15
N ILE H 239 -50.23 22.49 19.17
CA ILE H 239 -50.32 21.02 19.33
C ILE H 239 -51.28 20.73 20.46
N VAL H 240 -52.43 20.17 20.12
CA VAL H 240 -53.43 19.80 21.14
C VAL H 240 -53.57 18.29 21.09
N GLU H 241 -53.41 17.66 22.23
CA GLU H 241 -53.67 16.21 22.37
C GLU H 241 -54.62 16.01 23.55
N ILE H 242 -55.48 15.01 23.41
CA ILE H 242 -56.41 14.62 24.50
C ILE H 242 -56.48 13.11 24.56
N ALA H 243 -56.39 12.56 25.77
CA ALA H 243 -56.20 11.12 26.05
C ALA H 243 -57.01 10.73 27.28
N ASP H 244 -57.49 9.49 27.31
CA ASP H 244 -58.28 8.92 28.42
C ASP H 244 -58.57 7.47 28.04
N GLY H 245 -59.35 6.79 28.85
CA GLY H 245 -59.85 5.46 28.51
C GLY H 245 -60.29 4.77 29.77
N ASP H 246 -61.08 3.71 29.64
CA ASP H 246 -61.65 3.05 30.83
C ASP H 246 -61.38 1.55 30.77
N GLY H 247 -60.55 1.10 31.72
CA GLY H 247 -60.46 -0.30 32.16
C GLY H 247 -61.56 -0.61 33.13
N LEU H 248 -61.92 -1.89 33.19
CA LEU H 248 -62.97 -2.46 34.05
C LEU H 248 -62.48 -3.86 34.33
N ASN H 249 -62.24 -4.27 35.57
CA ASN H 249 -62.04 -5.71 35.83
C ASN H 249 -62.95 -6.12 36.98
N LEU H 250 -64.01 -6.83 36.63
CA LEU H 250 -64.92 -7.43 37.61
C LEU H 250 -65.08 -8.91 37.28
N GLY H 251 -65.03 -9.73 38.34
CA GLY H 251 -64.84 -11.17 38.27
C GLY H 251 -65.23 -11.80 39.60
N VAL H 252 -65.89 -12.94 39.56
CA VAL H 252 -66.46 -13.51 40.80
C VAL H 252 -66.00 -14.95 40.90
N GLN H 253 -65.46 -15.33 42.05
CA GLN H 253 -64.91 -16.68 42.28
C GLN H 253 -65.67 -17.31 43.45
N TRP H 254 -66.11 -18.55 43.30
CA TRP H 254 -66.83 -19.32 44.33
C TRP H 254 -66.02 -20.57 44.63
N ALA H 255 -65.56 -20.75 45.87
CA ALA H 255 -64.80 -21.94 46.26
C ALA H 255 -65.55 -22.69 47.35
N ASN H 256 -65.81 -23.99 47.15
CA ASN H 256 -66.58 -24.82 48.11
C ASN H 256 -65.77 -26.06 48.43
N THR H 257 -65.53 -26.31 49.71
CA THR H 257 -64.70 -27.45 50.14
C THR H 257 -65.33 -28.72 49.55
N ASN H 258 -66.65 -28.88 49.67
CA ASN H 258 -67.35 -30.16 49.34
C ASN H 258 -67.46 -30.33 47.83
N GLY H 259 -67.83 -29.27 47.12
CA GLY H 259 -68.34 -29.30 45.73
C GLY H 259 -67.28 -28.99 44.69
N GLY H 260 -66.51 -27.90 44.89
CA GLY H 260 -65.46 -27.45 43.94
C GLY H 260 -65.25 -25.95 44.01
N GLY H 261 -64.15 -25.48 43.41
CA GLY H 261 -63.75 -24.06 43.38
C GLY H 261 -63.53 -23.57 41.95
N THR H 262 -63.69 -22.26 41.71
CA THR H 262 -63.53 -21.61 40.37
C THR H 262 -62.54 -20.44 40.52
N GLN H 263 -61.28 -20.65 40.13
CA GLN H 263 -60.22 -19.61 40.26
C GLN H 263 -59.89 -19.07 38.87
N PHE H 264 -59.68 -17.75 38.79
CA PHE H 264 -59.41 -16.99 37.54
C PHE H 264 -58.16 -16.13 37.71
N THR H 265 -57.81 -15.34 36.68
CA THR H 265 -56.53 -14.59 36.55
C THR H 265 -56.74 -13.11 36.20
N ASN H 266 -57.68 -12.79 35.29
CA ASN H 266 -58.01 -11.39 34.89
C ASN H 266 -58.11 -10.53 36.16
N ALA H 267 -58.49 -11.17 37.27
CA ALA H 267 -58.65 -10.58 38.62
C ALA H 267 -57.27 -10.13 39.13
N GLY H 268 -57.25 -9.07 39.93
CA GLY H 268 -56.05 -8.61 40.67
C GLY H 268 -55.24 -9.75 41.27
N PRO H 269 -55.74 -10.45 42.32
CA PRO H 269 -55.08 -11.61 42.91
C PRO H 269 -55.85 -12.94 42.94
N GLY H 270 -55.12 -14.04 43.11
CA GLY H 270 -55.66 -15.41 43.15
C GLY H 270 -55.93 -15.87 44.58
N ILE H 271 -57.06 -16.52 44.80
CA ILE H 271 -57.53 -16.98 46.15
C ILE H 271 -56.40 -17.76 46.82
N GLY H 272 -55.56 -18.44 46.03
CA GLY H 272 -54.42 -19.25 46.53
C GLY H 272 -53.51 -18.44 47.43
N SER H 273 -52.87 -17.39 46.89
CA SER H 273 -51.87 -16.56 47.61
C SER H 273 -52.54 -15.93 48.84
N VAL H 274 -53.82 -15.60 48.72
CA VAL H 274 -54.58 -14.89 49.79
C VAL H 274 -54.76 -15.85 50.98
N ALA H 275 -55.28 -17.05 50.72
CA ALA H 275 -55.59 -18.08 51.74
C ALA H 275 -54.29 -18.48 52.41
N ILE H 276 -53.26 -18.78 51.61
CA ILE H 276 -51.96 -19.24 52.13
C ILE H 276 -51.40 -18.14 53.05
N ALA H 277 -51.48 -16.88 52.61
CA ALA H 277 -50.96 -15.72 53.37
C ALA H 277 -51.69 -15.61 54.70
N ALA H 278 -53.02 -15.75 54.70
CA ALA H 278 -53.85 -15.63 55.91
C ALA H 278 -53.48 -16.76 56.88
N LYS H 279 -53.14 -17.93 56.37
CA LYS H 279 -52.78 -19.13 57.19
C LYS H 279 -51.30 -19.00 57.62
N ASP H 280 -50.53 -18.18 56.90
CA ASP H 280 -49.09 -17.94 57.19
C ASP H 280 -48.94 -16.73 58.11
N TYR H 281 -49.97 -15.88 58.20
CA TYR H 281 -50.02 -14.67 59.06
C TYR H 281 -50.54 -15.03 60.47
N LYS H 282 -50.99 -16.26 60.65
CA LYS H 282 -51.52 -16.78 61.93
C LYS H 282 -50.38 -17.01 62.91
N ASP H 283 -50.67 -16.94 64.22
CA ASP H 283 -49.70 -17.08 65.35
C ASP H 283 -48.52 -16.13 65.14
N ASN H 284 -48.79 -14.87 64.78
CA ASN H 284 -47.79 -13.81 64.51
C ASN H 284 -46.74 -14.34 63.50
N GLY H 285 -47.16 -14.64 62.28
CA GLY H 285 -46.31 -15.16 61.19
C GLY H 285 -45.69 -14.04 60.36
N THR H 286 -45.30 -14.32 59.10
CA THR H 286 -44.70 -13.34 58.14
C THR H 286 -45.81 -12.53 57.45
N THR H 287 -45.42 -11.52 56.69
CA THR H 287 -46.32 -10.58 55.97
C THR H 287 -45.74 -10.25 54.60
N THR H 288 -44.47 -10.60 54.35
CA THR H 288 -43.76 -10.34 53.08
C THR H 288 -44.59 -10.94 51.94
N GLY H 289 -44.74 -12.27 51.95
CA GLY H 289 -45.55 -13.01 50.97
C GLY H 289 -46.83 -12.25 50.65
N LEU H 290 -47.67 -12.01 51.65
CA LEU H 290 -49.02 -11.45 51.39
C LEU H 290 -48.91 -9.97 51.03
N ALA H 291 -47.97 -9.24 51.65
CA ALA H 291 -47.82 -7.79 51.40
C ALA H 291 -47.39 -7.58 49.94
N LYS H 292 -46.85 -8.60 49.28
CA LYS H 292 -46.31 -8.48 47.90
C LYS H 292 -47.45 -8.70 46.91
N LEU H 293 -48.38 -9.59 47.23
CA LEU H 293 -49.62 -9.80 46.44
C LEU H 293 -50.37 -8.47 46.38
N ALA H 294 -50.67 -7.91 47.55
CA ALA H 294 -51.60 -6.76 47.70
C ALA H 294 -50.92 -5.46 47.28
N GLU H 295 -49.70 -5.53 46.74
CA GLU H 295 -48.89 -4.34 46.37
C GLU H 295 -49.61 -3.50 45.28
N ASN H 296 -50.00 -4.10 44.15
CA ASN H 296 -50.55 -3.31 43.02
C ASN H 296 -52.08 -3.42 42.96
N PHE H 297 -52.70 -4.23 43.81
CA PHE H 297 -54.16 -4.52 43.72
C PHE H 297 -54.94 -3.20 43.80
N ASN H 298 -56.00 -3.10 43.01
CA ASN H 298 -56.92 -1.93 42.99
C ASN H 298 -58.35 -2.38 42.67
N GLY H 299 -59.23 -2.28 43.67
CA GLY H 299 -60.69 -2.45 43.52
C GLY H 299 -61.37 -2.85 44.81
N MET H 300 -62.53 -3.50 44.67
CA MET H 300 -63.36 -3.99 45.79
C MET H 300 -63.35 -5.52 45.77
N ALA H 301 -62.53 -6.14 46.62
CA ALA H 301 -62.56 -7.60 46.87
C ALA H 301 -63.52 -7.87 48.03
N ALA H 302 -64.70 -8.43 47.72
CA ALA H 302 -65.79 -8.65 48.69
C ALA H 302 -66.03 -10.14 48.89
N GLY H 303 -65.60 -10.68 50.03
CA GLY H 303 -65.79 -12.09 50.44
C GLY H 303 -67.10 -12.28 51.20
N PHE H 304 -67.68 -13.47 51.12
CA PHE H 304 -68.96 -13.84 51.79
C PHE H 304 -68.96 -15.35 52.07
N TYR H 305 -69.30 -15.75 53.30
CA TYR H 305 -69.53 -17.16 53.71
C TYR H 305 -70.99 -17.39 54.09
N GLN H 306 -71.74 -18.11 53.26
CA GLN H 306 -73.07 -18.63 53.64
C GLN H 306 -72.93 -20.16 53.76
N GLY H 307 -73.03 -20.63 54.99
CA GLY H 307 -72.62 -22.00 55.36
C GLY H 307 -71.24 -22.31 54.82
N ASN H 308 -71.17 -23.22 53.85
CA ASN H 308 -69.91 -23.90 53.42
C ASN H 308 -69.39 -23.28 52.12
N TRP H 309 -70.22 -22.63 51.29
CA TRP H 309 -69.74 -22.02 50.02
C TRP H 309 -69.12 -20.66 50.31
N ALA H 310 -67.81 -20.52 50.06
CA ALA H 310 -67.08 -19.24 50.08
C ALA H 310 -67.19 -18.58 48.70
N MET H 311 -67.24 -17.25 48.68
CA MET H 311 -67.44 -16.42 47.45
C MET H 311 -66.54 -15.20 47.53
N LEU H 312 -65.82 -14.90 46.44
CA LEU H 312 -64.92 -13.72 46.34
C LEU H 312 -65.23 -12.96 45.05
N VAL H 313 -65.66 -11.72 45.22
CA VAL H 313 -66.07 -10.81 44.12
C VAL H 313 -64.95 -9.77 43.96
N THR H 314 -64.46 -9.59 42.73
CA THR H 314 -63.37 -8.66 42.38
C THR H 314 -63.87 -7.64 41.37
N ALA H 315 -63.54 -6.36 41.60
CA ALA H 315 -64.02 -5.26 40.75
C ALA H 315 -63.15 -4.02 40.92
N LEU H 316 -62.68 -3.49 39.79
CA LEU H 316 -62.19 -2.09 39.65
C LEU H 316 -62.41 -1.63 38.22
N SER H 317 -62.80 -0.39 38.07
CA SER H 317 -62.78 0.27 36.75
C SER H 317 -61.73 1.36 36.82
N THR H 318 -60.65 1.23 36.05
CA THR H 318 -59.72 2.35 35.82
C THR H 318 -60.27 3.15 34.64
N ASN H 319 -60.24 4.48 34.79
CA ASN H 319 -60.78 5.47 33.82
C ASN H 319 -59.84 6.67 33.94
N THR H 320 -59.37 7.16 32.81
CA THR H 320 -58.17 8.02 32.76
C THR H 320 -58.47 9.20 31.87
N LYS H 321 -57.71 10.27 32.02
CA LYS H 321 -57.90 11.53 31.27
C LYS H 321 -56.57 12.27 31.27
N SER H 322 -56.18 12.77 30.09
CA SER H 322 -55.01 13.65 29.89
C SER H 322 -55.31 14.60 28.74
N ASP H 323 -54.81 15.83 28.85
CA ASP H 323 -54.96 16.88 27.82
C ASP H 323 -53.62 17.61 27.71
N ILE H 324 -53.08 17.71 26.49
CA ILE H 324 -51.78 18.36 26.24
C ILE H 324 -52.00 19.41 25.14
N LEU H 325 -51.30 20.54 25.24
CA LEU H 325 -51.40 21.66 24.27
C LEU H 325 -50.10 22.46 24.28
N SER H 326 -49.31 22.35 23.22
CA SER H 326 -48.03 23.08 23.06
C SER H 326 -48.12 23.99 21.82
N THR H 327 -47.75 25.25 21.98
CA THR H 327 -47.80 26.26 20.90
C THR H 327 -46.47 26.99 20.82
N PRO H 328 -45.42 26.31 20.31
CA PRO H 328 -44.12 26.94 20.18
C PRO H 328 -44.05 27.80 18.91
N SER H 329 -44.15 29.12 19.06
CA SER H 329 -44.03 30.09 17.95
C SER H 329 -42.56 30.47 17.78
N ILE H 330 -42.22 31.11 16.66
CA ILE H 330 -40.84 31.59 16.36
C ILE H 330 -40.91 32.59 15.21
N VAL H 331 -40.08 33.63 15.25
CA VAL H 331 -39.99 34.64 14.17
C VAL H 331 -38.65 34.51 13.48
N THR H 332 -38.68 34.24 12.17
CA THR H 332 -37.50 33.92 11.32
C THR H 332 -37.49 34.83 10.10
N MET H 333 -36.32 35.05 9.52
CA MET H 333 -36.21 35.63 8.16
C MET H 333 -36.61 34.55 7.17
N ASP H 334 -37.31 34.93 6.10
CA ASP H 334 -37.66 34.01 4.98
C ASP H 334 -36.42 33.21 4.60
N ASN H 335 -36.59 31.90 4.40
CA ASN H 335 -35.57 31.11 3.66
C ASN H 335 -34.31 30.92 4.50
N LYS H 336 -34.29 31.44 5.72
CA LYS H 336 -33.36 30.90 6.74
C LYS H 336 -34.12 29.87 7.55
N GLU H 337 -33.49 28.75 7.84
CA GLU H 337 -34.10 27.83 8.82
C GLU H 337 -33.79 28.40 10.20
N ALA H 338 -34.86 28.60 10.94
CA ALA H 338 -34.87 28.74 12.40
C ALA H 338 -34.80 27.34 12.99
N SER H 339 -34.22 27.25 14.16
CA SER H 339 -34.46 26.12 15.08
C SER H 339 -35.20 26.72 16.27
N PHE H 340 -35.98 25.92 16.97
CA PHE H 340 -36.51 26.31 18.28
C PHE H 340 -36.59 25.03 19.09
N ASN H 341 -35.99 25.01 20.26
CA ASN H 341 -36.05 23.79 21.09
C ASN H 341 -36.50 24.22 22.47
N VAL H 342 -37.39 23.48 23.11
CA VAL H 342 -37.54 23.58 24.59
C VAL H 342 -37.77 22.20 25.18
N GLY H 343 -36.68 21.62 25.63
CA GLY H 343 -36.53 20.17 25.83
C GLY H 343 -35.11 19.91 26.26
N GLN H 344 -34.46 18.87 25.74
CA GLN H 344 -33.22 18.52 26.45
C GLN H 344 -32.37 17.54 25.67
N GLU H 345 -31.08 17.57 26.02
CA GLU H 345 -29.98 16.71 25.51
C GLU H 345 -29.77 15.55 26.49
N VAL H 346 -30.06 14.35 26.03
CA VAL H 346 -29.88 13.08 26.77
C VAL H 346 -28.93 12.21 25.98
N PRO H 347 -28.12 11.42 26.66
CA PRO H 347 -27.22 10.53 25.95
C PRO H 347 -27.94 9.28 25.44
N VAL H 348 -27.57 8.82 24.25
CA VAL H 348 -28.06 7.55 23.64
C VAL H 348 -26.83 6.73 23.22
N GLN H 349 -26.84 5.42 23.45
CA GLN H 349 -25.72 4.53 23.07
C GLN H 349 -25.66 4.43 21.53
N THR H 350 -24.51 4.00 21.01
CA THR H 350 -24.30 3.77 19.55
C THR H 350 -23.03 2.95 19.32
N THR H 364 -19.38 4.15 24.52
CA THR H 364 -19.70 5.12 23.44
C THR H 364 -21.16 5.57 23.57
N ILE H 365 -21.39 6.89 23.69
CA ILE H 365 -22.75 7.49 23.84
C ILE H 365 -22.90 8.61 22.82
N GLU H 366 -24.02 9.36 22.90
CA GLU H 366 -24.36 10.46 21.97
C GLU H 366 -25.43 11.36 22.59
N ARG H 367 -25.45 12.62 22.19
CA ARG H 367 -26.38 13.64 22.74
C ARG H 367 -27.51 13.82 21.73
N LYS H 368 -28.76 13.73 22.18
CA LYS H 368 -29.96 13.95 21.34
C LYS H 368 -30.85 14.98 22.02
N THR H 369 -31.26 16.02 21.29
CA THR H 369 -32.17 17.08 21.80
C THR H 369 -33.61 16.58 21.66
N VAL H 370 -34.20 16.13 22.76
CA VAL H 370 -35.62 15.65 22.83
C VAL H 370 -36.37 16.56 23.79
N GLY H 371 -37.38 17.25 23.26
CA GLY H 371 -38.27 18.15 24.01
C GLY H 371 -39.29 18.70 23.04
N THR H 372 -39.90 19.83 23.32
CA THR H 372 -40.72 20.50 22.29
C THR H 372 -39.76 21.12 21.28
N LYS H 373 -39.70 20.59 20.06
CA LYS H 373 -38.86 21.13 18.98
C LYS H 373 -39.76 21.59 17.86
N LEU H 374 -39.40 22.74 17.35
CA LEU H 374 -39.91 23.21 16.08
C LEU H 374 -38.68 23.54 15.27
N VAL H 375 -38.51 22.88 14.15
CA VAL H 375 -37.48 23.33 13.19
C VAL H 375 -38.23 23.81 11.96
N LEU H 376 -38.08 25.06 11.61
CA LEU H 376 -38.93 25.53 10.53
C LEU H 376 -38.10 26.44 9.64
N THR H 377 -38.21 26.24 8.34
CA THR H 377 -37.66 27.14 7.29
C THR H 377 -38.85 27.66 6.51
N PRO H 378 -39.46 28.78 6.91
CA PRO H 378 -40.45 29.47 6.08
C PRO H 378 -39.95 30.06 4.76
N GLN H 379 -40.86 30.16 3.80
CA GLN H 379 -40.63 30.70 2.44
C GLN H 379 -41.88 31.48 2.02
N ILE H 380 -41.75 32.72 1.57
CA ILE H 380 -42.93 33.62 1.44
C ILE H 380 -43.35 33.76 -0.03
N ASN H 381 -44.62 33.45 -0.32
CA ASN H 381 -45.33 33.87 -1.56
C ASN H 381 -45.39 35.40 -1.54
N GLU H 382 -44.92 36.05 -2.60
CA GLU H 382 -44.89 37.54 -2.76
C GLU H 382 -45.96 38.22 -1.90
N GLY H 383 -47.20 37.70 -1.91
CA GLY H 383 -48.42 38.36 -1.39
C GLY H 383 -48.81 38.00 0.05
N ASP H 384 -49.21 36.75 0.31
CA ASP H 384 -49.81 36.35 1.62
C ASP H 384 -49.21 35.04 2.11
N SER H 385 -49.39 33.99 1.32
CA SER H 385 -49.40 32.60 1.83
C SER H 385 -47.98 32.04 2.00
N VAL H 386 -47.72 31.53 3.20
CA VAL H 386 -46.38 31.02 3.61
C VAL H 386 -46.28 29.54 3.25
N LEU H 387 -45.19 29.15 2.56
CA LEU H 387 -44.73 27.74 2.47
C LEU H 387 -43.88 27.48 3.70
N LEU H 388 -44.31 26.54 4.54
CA LEU H 388 -43.62 26.19 5.80
C LEU H 388 -43.05 24.79 5.69
N THR H 389 -41.73 24.64 5.70
CA THR H 389 -41.13 23.30 5.81
C THR H 389 -40.96 23.01 7.29
N ILE H 390 -41.77 22.11 7.83
CA ILE H 390 -41.81 21.82 9.28
C ILE H 390 -41.20 20.45 9.51
N GLU H 391 -40.30 20.37 10.48
CA GLU H 391 -39.92 19.10 11.12
C GLU H 391 -40.09 19.34 12.61
N GLN H 392 -41.12 18.77 13.22
CA GLN H 392 -41.36 18.98 14.66
C GLN H 392 -41.75 17.68 15.33
N GLU H 393 -41.65 17.69 16.64
CA GLU H 393 -42.06 16.53 17.45
C GLU H 393 -42.15 16.97 18.89
N VAL H 394 -42.96 16.26 19.66
CA VAL H 394 -42.97 16.37 21.13
C VAL H 394 -42.51 15.02 21.65
N SER H 395 -41.30 14.96 22.15
CA SER H 395 -40.68 13.68 22.52
C SER H 395 -40.15 13.75 23.95
N SER H 396 -39.95 12.59 24.55
CA SER H 396 -39.67 12.51 26.00
C SER H 396 -38.93 11.22 26.27
N VAL H 397 -38.14 11.21 27.33
CA VAL H 397 -37.36 10.03 27.76
C VAL H 397 -38.18 9.25 28.79
N GLY H 398 -39.48 9.06 28.56
CA GLY H 398 -40.39 8.47 29.56
C GLY H 398 -40.17 9.10 30.93
N LYS H 399 -39.52 8.37 31.87
CA LYS H 399 -39.21 8.81 33.26
C LYS H 399 -37.69 8.81 33.49
N GLN H 400 -37.12 9.94 33.95
CA GLN H 400 -35.67 10.13 34.22
C GLN H 400 -35.17 9.16 35.31
N ALA H 401 -36.06 8.32 35.87
CA ALA H 401 -35.75 7.33 36.93
C ALA H 401 -36.33 5.95 36.59
N THR H 402 -36.68 5.74 35.30
CA THR H 402 -37.24 4.50 34.72
C THR H 402 -36.29 3.96 33.64
N GLY H 403 -36.17 2.63 33.56
CA GLY H 403 -35.35 1.94 32.56
C GLY H 403 -36.12 1.63 31.28
N THR H 404 -35.59 0.68 30.51
CA THR H 404 -36.12 0.24 29.20
C THR H 404 -36.00 -1.29 29.15
N ASP H 405 -36.76 -2.00 28.29
CA ASP H 405 -36.54 -3.45 28.02
C ASP H 405 -35.33 -3.63 27.09
N GLY H 406 -34.97 -2.55 26.38
CA GLY H 406 -33.73 -2.46 25.58
C GLY H 406 -32.52 -2.02 26.39
N LEU H 407 -31.73 -1.06 25.88
CA LEU H 407 -30.35 -0.86 26.35
C LEU H 407 -30.05 0.62 26.61
N GLY H 408 -30.43 1.52 25.72
CA GLY H 408 -30.30 2.98 25.96
C GLY H 408 -31.62 3.58 26.46
N PRO H 409 -31.73 4.92 26.48
CA PRO H 409 -33.01 5.57 26.78
C PRO H 409 -34.01 5.43 25.63
N THR H 410 -35.31 5.47 25.89
CA THR H 410 -36.36 5.47 24.84
C THR H 410 -37.09 6.81 24.77
N PHE H 411 -37.81 7.08 23.70
CA PHE H 411 -38.47 8.40 23.56
C PHE H 411 -39.90 8.26 23.09
N ASP H 412 -40.82 8.93 23.77
CA ASP H 412 -42.20 9.13 23.24
C ASP H 412 -42.19 10.41 22.41
N THR H 413 -42.41 10.25 21.11
CA THR H 413 -42.32 11.37 20.17
C THR H 413 -43.66 11.52 19.47
N ARG H 414 -43.99 12.76 19.20
CA ARG H 414 -45.06 13.09 18.24
C ARG H 414 -44.48 14.05 17.24
N THR H 415 -44.38 13.58 16.02
CA THR H 415 -43.54 14.21 15.01
C THR H 415 -44.40 14.50 13.83
N VAL H 416 -44.01 15.48 13.07
CA VAL H 416 -44.66 15.68 11.77
C VAL H 416 -43.66 16.52 11.03
N LYS H 417 -43.15 16.01 9.93
CA LYS H 417 -42.28 16.76 9.03
C LYS H 417 -42.97 16.82 7.67
N ASN H 418 -43.32 18.02 7.27
CA ASN H 418 -44.00 18.24 5.99
C ASN H 418 -43.74 19.67 5.54
N ALA H 419 -43.94 19.89 4.27
CA ALA H 419 -44.14 21.25 3.76
C ALA H 419 -45.65 21.44 3.61
N VAL H 420 -46.10 22.58 4.07
CA VAL H 420 -47.52 23.03 3.99
C VAL H 420 -47.49 24.45 3.44
N LEU H 421 -48.49 24.84 2.69
CA LEU H 421 -48.58 26.26 2.26
C LEU H 421 -49.90 26.85 2.73
N VAL H 422 -49.78 27.84 3.59
CA VAL H 422 -50.93 28.40 4.35
C VAL H 422 -50.96 29.90 4.15
N LYS H 423 -52.18 30.44 4.13
CA LYS H 423 -52.49 31.89 4.01
C LYS H 423 -51.97 32.61 5.24
N SER H 424 -51.61 33.89 5.07
CA SER H 424 -50.77 34.64 6.03
C SER H 424 -51.51 34.84 7.37
N GLY H 425 -52.83 34.66 7.42
CA GLY H 425 -53.60 34.92 8.64
C GLY H 425 -54.12 33.64 9.28
N GLU H 426 -54.14 32.53 8.54
CA GLU H 426 -55.05 31.39 8.80
C GLU H 426 -54.38 30.31 9.64
N THR H 427 -55.14 29.72 10.55
CA THR H 427 -54.67 28.61 11.43
C THR H 427 -55.13 27.29 10.83
N VAL H 428 -54.24 26.34 10.62
CA VAL H 428 -54.58 25.16 9.79
C VAL H 428 -54.07 23.88 10.42
N VAL H 429 -54.50 22.78 9.82
CA VAL H 429 -54.08 21.43 10.22
C VAL H 429 -52.82 21.05 9.45
N LEU H 430 -51.74 20.72 10.15
CA LEU H 430 -50.52 20.12 9.57
C LEU H 430 -50.80 18.64 9.34
N GLY H 431 -51.36 18.03 10.38
CA GLY H 431 -51.54 16.57 10.50
C GLY H 431 -52.29 16.23 11.76
N GLY H 432 -52.29 14.96 12.13
CA GLY H 432 -53.06 14.51 13.28
C GLY H 432 -53.22 13.01 13.28
N LEU H 433 -53.40 12.45 14.47
CA LEU H 433 -53.66 11.01 14.67
C LEU H 433 -54.79 10.89 15.70
N MET H 434 -55.87 10.25 15.28
CA MET H 434 -57.02 9.91 16.14
C MET H 434 -57.01 8.39 16.30
N ASP H 435 -56.64 7.92 17.48
CA ASP H 435 -56.31 6.50 17.74
C ASP H 435 -57.30 6.01 18.79
N GLU H 436 -57.90 4.85 18.57
CA GLU H 436 -58.92 4.30 19.48
C GLU H 436 -58.64 2.82 19.66
N GLN H 437 -58.59 2.39 20.92
CA GLN H 437 -58.19 1.03 21.32
C GLN H 437 -59.20 0.49 22.33
N THR H 438 -59.60 -0.75 22.17
CA THR H 438 -60.56 -1.41 23.09
C THR H 438 -60.23 -2.90 23.17
N LYS H 439 -59.74 -3.33 24.31
CA LYS H 439 -59.45 -4.75 24.57
C LYS H 439 -60.48 -5.27 25.57
N GLU H 440 -61.11 -6.40 25.23
CA GLU H 440 -62.11 -7.06 26.09
C GLU H 440 -61.68 -8.50 26.36
N GLU H 441 -61.71 -8.89 27.63
CA GLU H 441 -61.34 -10.26 28.10
C GLU H 441 -62.38 -10.75 29.10
N VAL H 442 -62.70 -12.04 29.01
CA VAL H 442 -63.48 -12.75 30.07
C VAL H 442 -62.80 -14.10 30.33
N SER H 443 -62.77 -14.49 31.60
CA SER H 443 -62.47 -15.86 32.06
C SER H 443 -63.75 -16.40 32.67
N LYS H 444 -64.50 -17.16 31.90
CA LYS H 444 -65.83 -17.62 32.34
C LYS H 444 -65.86 -19.15 32.36
N VAL H 445 -66.88 -19.69 33.01
CA VAL H 445 -67.16 -21.14 33.01
C VAL H 445 -68.05 -21.41 31.81
N PRO H 446 -67.67 -22.40 30.96
CA PRO H 446 -68.17 -22.54 29.60
C PRO H 446 -69.67 -22.28 29.39
N LEU H 447 -70.51 -23.10 30.01
CA LEU H 447 -71.97 -23.07 29.79
C LEU H 447 -72.56 -21.99 30.68
N LEU H 448 -72.12 -21.94 31.94
CA LEU H 448 -72.75 -21.12 33.00
C LEU H 448 -72.44 -19.65 32.73
N GLY H 449 -71.23 -19.37 32.22
CA GLY H 449 -70.78 -17.99 31.98
C GLY H 449 -71.63 -17.30 30.92
N ASP H 450 -72.43 -18.07 30.17
CA ASP H 450 -73.18 -17.56 29.00
C ASP H 450 -74.65 -17.31 29.35
N ILE H 451 -75.09 -17.67 30.57
CA ILE H 451 -76.46 -17.30 31.05
C ILE H 451 -76.54 -15.77 31.01
N PRO H 452 -77.46 -15.15 30.24
CA PRO H 452 -77.35 -13.74 29.88
C PRO H 452 -77.17 -12.76 31.07
N VAL H 453 -77.82 -13.02 32.21
CA VAL H 453 -77.68 -12.16 33.43
C VAL H 453 -76.90 -12.92 34.52
N LEU H 454 -77.39 -14.04 35.03
CA LEU H 454 -76.72 -14.83 36.10
C LEU H 454 -75.25 -15.07 35.71
N GLY H 455 -74.99 -15.27 34.41
CA GLY H 455 -73.69 -15.68 33.87
C GLY H 455 -72.55 -14.77 34.32
N TYR H 456 -72.84 -13.52 34.66
CA TYR H 456 -71.81 -12.53 35.09
C TYR H 456 -71.25 -12.96 36.45
N LEU H 457 -71.92 -13.91 37.12
CA LEU H 457 -71.42 -14.42 38.41
C LEU H 457 -70.30 -15.43 38.15
N PHE H 458 -70.29 -16.08 36.99
CA PHE H 458 -69.23 -17.08 36.67
C PHE H 458 -68.05 -16.39 36.01
N ARG H 459 -68.31 -15.30 35.26
CA ARG H 459 -67.29 -14.63 34.42
C ARG H 459 -66.52 -13.61 35.26
N SER H 460 -65.20 -13.53 35.05
CA SER H 460 -64.30 -12.46 35.54
C SER H 460 -63.91 -11.61 34.34
N THR H 461 -64.61 -10.52 34.12
CA THR H 461 -64.38 -9.76 32.89
C THR H 461 -63.31 -8.72 33.18
N SER H 462 -62.44 -8.48 32.20
CA SER H 462 -61.47 -7.34 32.19
C SER H 462 -61.64 -6.57 30.89
N ASN H 463 -62.15 -5.35 30.96
CA ASN H 463 -62.35 -4.49 29.77
C ASN H 463 -61.33 -3.36 29.82
N ASN H 464 -60.97 -2.82 28.66
CA ASN H 464 -60.06 -1.66 28.60
C ASN H 464 -60.46 -0.84 27.38
N THR H 465 -60.33 0.48 27.48
CA THR H 465 -60.57 1.40 26.34
C THR H 465 -59.64 2.61 26.46
N SER H 466 -59.36 3.23 25.33
CA SER H 466 -58.50 4.42 25.24
C SER H 466 -58.87 5.24 24.01
N LYS H 467 -58.45 6.49 24.04
CA LYS H 467 -58.68 7.49 22.99
C LYS H 467 -57.51 8.46 23.03
N ARG H 468 -57.00 8.80 21.86
CA ARG H 468 -56.03 9.91 21.73
C ARG H 468 -56.41 10.65 20.46
N ASN H 469 -56.70 11.94 20.57
CA ASN H 469 -56.95 12.77 19.38
C ASN H 469 -55.89 13.85 19.37
N LEU H 470 -54.92 13.74 18.47
CA LEU H 470 -53.78 14.67 18.37
C LEU H 470 -53.94 15.48 17.08
N MET H 471 -53.89 16.80 17.19
CA MET H 471 -54.02 17.72 16.04
C MET H 471 -52.88 18.74 16.08
N VAL H 472 -52.16 18.89 14.98
CA VAL H 472 -51.01 19.84 14.90
C VAL H 472 -51.41 20.99 13.98
N PHE H 473 -51.65 22.18 14.53
CA PHE H 473 -52.06 23.38 13.74
C PHE H 473 -50.89 24.36 13.66
N ILE H 474 -50.75 25.04 12.51
CA ILE H 474 -49.67 26.04 12.28
C ILE H 474 -50.32 27.31 11.74
N ARG H 475 -50.08 28.46 12.38
CA ARG H 475 -50.69 29.75 11.97
C ARG H 475 -49.60 30.76 11.65
N PRO H 476 -49.15 30.85 10.38
CA PRO H 476 -48.14 31.82 10.02
C PRO H 476 -48.75 33.22 10.01
N THR H 477 -47.87 34.19 10.08
CA THR H 477 -48.21 35.62 10.23
C THR H 477 -47.05 36.41 9.67
N ILE H 478 -47.28 37.18 8.62
CA ILE H 478 -46.14 37.83 7.95
C ILE H 478 -46.08 39.31 8.31
N LEU H 479 -44.85 39.69 8.63
CA LEU H 479 -44.40 41.05 8.99
C LEU H 479 -43.70 41.64 7.77
N ARG H 480 -44.33 42.58 7.08
CA ARG H 480 -43.76 43.18 5.83
C ARG H 480 -42.81 44.32 6.21
N ASP H 481 -43.15 45.10 7.23
CA ASP H 481 -42.29 46.21 7.73
C ASP H 481 -42.20 46.09 9.25
N ALA H 482 -41.44 46.99 9.90
CA ALA H 482 -41.12 46.96 11.34
C ALA H 482 -42.38 47.29 12.18
N ASN H 483 -43.15 48.30 11.78
CA ASN H 483 -44.32 48.80 12.55
C ASN H 483 -45.32 47.67 12.82
N VAL H 484 -45.43 46.68 11.93
CA VAL H 484 -46.36 45.54 12.16
C VAL H 484 -45.71 44.58 13.17
N TYR H 485 -44.40 44.65 13.31
CA TYR H 485 -43.59 43.68 14.09
C TYR H 485 -43.44 44.20 15.51
N SER H 486 -43.70 45.48 15.75
CA SER H 486 -43.81 45.99 17.13
C SER H 486 -45.16 45.52 17.68
N GLY H 487 -46.24 45.87 16.97
CA GLY H 487 -47.62 45.57 17.40
C GLY H 487 -47.79 44.09 17.69
N ILE H 488 -47.17 43.24 16.88
CA ILE H 488 -47.26 41.76 17.03
C ILE H 488 -46.45 41.36 18.26
N SER H 489 -45.32 42.00 18.48
CA SER H 489 -44.42 41.72 19.63
C SER H 489 -44.97 42.40 20.88
N SER H 490 -45.59 43.57 20.71
CA SER H 490 -46.13 44.37 21.83
C SER H 490 -47.30 43.62 22.46
N ASN H 491 -48.09 42.90 21.66
CA ASN H 491 -49.30 42.21 22.16
C ASN H 491 -48.87 40.92 22.90
N LYS H 492 -47.72 40.35 22.53
CA LYS H 492 -47.17 39.18 23.26
C LYS H 492 -46.41 39.69 24.48
N TYR H 493 -45.75 40.83 24.35
CA TYR H 493 -45.00 41.45 25.46
C TYR H 493 -45.97 41.88 26.56
N THR H 494 -47.12 42.40 26.15
CA THR H 494 -48.15 42.91 27.08
C THR H 494 -48.98 41.74 27.61
N LEU H 495 -49.39 40.80 26.75
CA LEU H 495 -50.20 39.64 27.20
C LEU H 495 -49.36 38.83 28.19
N PHE H 496 -48.03 38.87 28.06
CA PHE H 496 -47.12 38.21 29.01
C PHE H 496 -47.05 39.07 30.28
N ARG H 497 -46.96 40.38 30.11
CA ARG H 497 -46.86 41.33 31.23
C ARG H 497 -48.17 41.26 32.03
N ALA H 498 -49.29 41.32 31.32
CA ALA H 498 -50.64 41.29 31.89
C ALA H 498 -50.87 39.95 32.61
N GLN H 499 -50.14 38.90 32.22
CA GLN H 499 -50.25 37.57 32.85
C GLN H 499 -49.47 37.60 34.16
N GLN H 500 -48.30 38.24 34.17
CA GLN H 500 -47.48 38.37 35.39
C GLN H 500 -48.25 39.23 36.39
N LEU H 501 -48.88 40.32 35.96
CA LEU H 501 -49.60 41.23 36.89
C LEU H 501 -50.84 40.52 37.44
N ASP H 502 -51.42 39.59 36.68
CA ASP H 502 -52.56 38.75 37.15
C ASP H 502 -52.06 37.80 38.24
N ALA H 503 -50.86 37.25 38.08
CA ALA H 503 -50.26 36.27 39.03
C ALA H 503 -49.84 36.98 40.31
N VAL H 504 -49.50 38.26 40.23
CA VAL H 504 -49.16 39.09 41.42
C VAL H 504 -50.44 39.29 42.26
N ALA H 505 -51.59 39.49 41.60
CA ALA H 505 -52.87 39.79 42.29
C ALA H 505 -53.50 38.51 42.88
N GLN H 506 -52.89 37.32 42.66
CA GLN H 506 -53.21 36.08 43.42
C GLN H 506 -52.17 35.89 44.53
N GLU H 507 -50.88 36.08 44.22
CA GLU H 507 -49.78 35.96 45.20
C GLU H 507 -49.96 37.03 46.29
N GLY H 508 -50.45 38.22 45.91
CA GLY H 508 -50.76 39.30 46.87
C GLY H 508 -51.86 38.86 47.82
N TYR H 509 -52.84 38.14 47.27
CA TYR H 509 -53.99 37.60 48.04
C TYR H 509 -53.49 36.54 49.01
N ALA H 510 -52.63 35.63 48.55
CA ALA H 510 -52.09 34.48 49.32
C ALA H 510 -51.09 34.95 50.36
N THR H 511 -50.34 36.03 50.08
CA THR H 511 -49.27 36.60 50.97
C THR H 511 -48.08 35.63 51.05
N SER H 512 -46.91 36.18 51.40
CA SER H 512 -45.67 35.43 51.70
C SER H 512 -45.08 34.73 50.46
N PRO H 513 -45.32 35.19 49.21
CA PRO H 513 -44.55 34.74 48.05
C PRO H 513 -44.31 35.82 46.98
N ASP H 514 -43.32 35.66 46.09
CA ASP H 514 -43.07 36.70 45.04
C ASP H 514 -42.97 36.13 43.63
N ARG H 515 -43.83 36.65 42.76
CA ARG H 515 -43.73 36.56 41.28
C ARG H 515 -43.33 37.95 40.80
N GLN H 516 -42.21 38.10 40.10
CA GLN H 516 -41.74 39.47 39.76
C GLN H 516 -41.96 39.76 38.28
N VAL H 517 -42.33 41.01 38.03
CA VAL H 517 -42.96 41.39 36.75
C VAL H 517 -42.02 42.29 35.96
N LEU H 518 -41.89 41.87 34.73
CA LEU H 518 -41.53 42.60 33.50
C LEU H 518 -42.13 44.01 33.47
N PRO H 519 -41.33 45.03 33.11
CA PRO H 519 -41.85 46.39 33.12
C PRO H 519 -42.82 46.63 31.96
N GLU H 520 -43.04 47.89 31.61
CA GLU H 520 -43.89 48.24 30.45
C GLU H 520 -42.99 48.37 29.22
N TYR H 521 -43.59 48.25 28.03
CA TYR H 521 -42.85 48.23 26.75
C TYR H 521 -42.07 49.54 26.59
N GLY H 522 -40.75 49.40 26.40
CA GLY H 522 -39.84 50.47 25.96
C GLY H 522 -39.36 51.32 27.12
N GLN H 523 -39.51 50.83 28.35
CA GLN H 523 -39.15 51.60 29.58
C GLN H 523 -37.84 51.06 30.17
N ASP H 524 -37.42 49.84 29.80
CA ASP H 524 -36.35 49.05 30.48
C ASP H 524 -36.53 49.22 32.00
N GLY I 1 58.36 67.77 -50.57
CA GLY I 1 57.72 68.13 -51.87
C GLY I 1 57.64 66.94 -52.82
N ASP I 2 58.77 66.55 -53.40
CA ASP I 2 58.84 65.44 -54.39
C ASP I 2 59.29 64.16 -53.68
N GLU I 3 59.36 64.16 -52.34
CA GLU I 3 59.95 63.04 -51.55
C GLU I 3 59.01 61.83 -51.60
N MET I 4 59.44 60.76 -52.30
CA MET I 4 58.63 59.54 -52.52
C MET I 4 58.81 58.58 -51.34
N VAL I 5 57.78 58.44 -50.51
CA VAL I 5 57.81 57.59 -49.28
C VAL I 5 56.47 56.87 -49.15
N THR I 6 56.47 55.74 -48.44
CA THR I 6 55.25 54.97 -48.11
C THR I 6 54.84 55.27 -46.67
N ARG I 7 53.58 55.62 -46.45
CA ARG I 7 53.01 55.76 -45.08
C ARG I 7 51.58 55.24 -45.07
N VAL I 8 51.16 54.70 -43.93
CA VAL I 8 49.98 53.79 -43.79
C VAL I 8 49.09 54.25 -42.64
N VAL I 9 47.85 54.61 -42.96
CA VAL I 9 46.81 54.98 -41.97
C VAL I 9 45.62 54.07 -42.21
N PRO I 10 45.15 53.33 -41.18
CA PRO I 10 43.86 52.64 -41.28
C PRO I 10 42.67 53.60 -41.24
N VAL I 11 41.57 53.17 -41.83
CA VAL I 11 40.20 53.66 -41.50
C VAL I 11 39.57 52.60 -40.62
N ARG I 12 39.57 52.79 -39.30
CA ARG I 12 39.07 51.78 -38.33
C ARG I 12 37.52 51.75 -38.39
N ASN I 13 36.92 52.95 -38.41
CA ASN I 13 35.46 53.18 -38.35
C ASN I 13 34.76 52.45 -39.50
N VAL I 14 35.35 52.51 -40.70
CA VAL I 14 34.75 52.03 -41.98
C VAL I 14 35.71 51.02 -42.62
N SER I 15 35.21 50.17 -43.52
CA SER I 15 36.07 49.42 -44.47
C SER I 15 36.67 50.42 -45.46
N VAL I 16 38.00 50.46 -45.57
CA VAL I 16 38.74 51.50 -46.31
C VAL I 16 38.43 51.41 -47.81
N ARG I 17 37.70 50.37 -48.23
CA ARG I 17 37.46 50.01 -49.65
C ARG I 17 36.80 51.17 -50.42
N GLU I 18 36.14 52.10 -49.74
CA GLU I 18 35.38 53.20 -50.40
C GLU I 18 36.32 54.32 -50.86
N LEU I 19 37.61 54.25 -50.54
CA LEU I 19 38.57 55.29 -51.01
C LEU I 19 39.33 54.79 -52.24
N ALA I 20 38.99 53.62 -52.78
CA ALA I 20 39.75 53.00 -53.90
C ALA I 20 39.60 53.86 -55.16
N PRO I 21 38.38 54.23 -55.60
CA PRO I 21 38.25 55.22 -56.68
C PRO I 21 38.92 56.58 -56.35
N LEU I 22 38.77 57.04 -55.10
CA LEU I 22 39.25 58.36 -54.60
C LEU I 22 40.78 58.41 -54.63
N LEU I 23 41.46 57.43 -54.04
CA LEU I 23 42.90 57.59 -53.69
C LEU I 23 43.77 57.12 -54.85
N ARG I 24 43.39 56.05 -55.54
CA ARG I 24 44.04 55.65 -56.82
C ARG I 24 43.60 56.66 -57.89
N GLN I 25 42.50 57.39 -57.65
CA GLN I 25 42.16 58.58 -58.46
C GLN I 25 43.15 59.69 -58.12
N LEU I 26 43.68 59.74 -56.89
CA LEU I 26 44.68 60.76 -56.48
C LEU I 26 46.06 60.36 -57.00
N ASN I 27 46.32 59.06 -57.17
CA ASN I 27 47.40 58.58 -58.06
C ASN I 27 47.12 59.19 -59.45
N ASP I 28 45.89 59.01 -59.94
CA ASP I 28 45.43 59.45 -61.29
C ASP I 28 45.27 60.98 -61.32
N ASN I 29 45.44 61.67 -60.18
CA ASN I 29 45.25 63.14 -60.10
C ASN I 29 46.49 63.85 -60.63
N ALA I 30 47.69 63.35 -60.30
CA ALA I 30 48.96 64.03 -60.62
C ALA I 30 50.05 63.03 -61.04
N GLY I 31 51.21 63.54 -61.48
CA GLY I 31 52.36 62.75 -61.95
C GLY I 31 52.57 61.51 -61.12
N GLY I 32 52.56 60.32 -61.76
CA GLY I 32 52.49 59.00 -61.11
C GLY I 32 53.77 58.62 -60.37
N GLY I 33 53.85 57.35 -59.94
CA GLY I 33 54.81 56.86 -58.93
C GLY I 33 54.12 56.62 -57.59
N ASN I 34 52.80 56.43 -57.63
CA ASN I 34 51.95 56.26 -56.42
C ASN I 34 51.49 54.81 -56.33
N VAL I 35 51.24 54.35 -55.11
CA VAL I 35 50.48 53.10 -54.82
C VAL I 35 49.49 53.40 -53.68
N VAL I 36 48.26 52.96 -53.85
CA VAL I 36 47.25 52.91 -52.75
C VAL I 36 46.75 51.47 -52.73
N HIS I 37 46.57 50.88 -51.55
CA HIS I 37 45.94 49.53 -51.43
C HIS I 37 45.37 49.30 -50.02
N TYR I 38 44.61 48.22 -49.88
CA TYR I 38 43.58 48.04 -48.83
C TYR I 38 43.72 46.65 -48.20
N ASP I 39 43.82 46.63 -46.88
CA ASP I 39 43.81 45.37 -46.11
C ASP I 39 42.36 45.11 -45.72
N PRO I 40 41.91 43.83 -45.69
CA PRO I 40 40.63 43.49 -45.11
C PRO I 40 40.65 43.97 -43.65
N SER I 41 41.83 43.91 -43.03
CA SER I 41 42.15 44.40 -41.65
C SER I 41 41.91 45.90 -41.60
N ASN I 42 41.72 46.49 -42.78
CA ASN I 42 41.17 47.85 -42.98
C ASN I 42 42.23 48.87 -42.57
N VAL I 43 43.50 48.57 -42.82
CA VAL I 43 44.56 49.60 -42.90
C VAL I 43 44.71 50.01 -44.37
N LEU I 44 44.96 51.30 -44.60
CA LEU I 44 45.12 51.87 -45.96
C LEU I 44 46.57 52.26 -46.15
N LEU I 45 47.28 51.50 -47.00
CA LEU I 45 48.74 51.64 -47.18
C LEU I 45 49.01 52.49 -48.42
N ILE I 46 49.90 53.48 -48.29
CA ILE I 46 50.20 54.47 -49.37
C ILE I 46 51.69 54.48 -49.69
N THR I 47 51.98 54.81 -50.94
CA THR I 47 53.33 55.10 -51.47
C THR I 47 53.22 56.30 -52.41
N GLY I 48 54.11 57.28 -52.30
CA GLY I 48 54.09 58.42 -53.22
C GLY I 48 54.88 59.60 -52.72
N ARG I 49 54.98 60.62 -53.58
CA ARG I 49 55.73 61.87 -53.28
C ARG I 49 54.97 62.65 -52.21
N ALA I 50 55.69 63.55 -51.52
CA ALA I 50 55.31 64.18 -50.24
C ALA I 50 53.97 64.90 -50.36
N ALA I 51 53.69 65.56 -51.49
CA ALA I 51 52.45 66.36 -51.71
C ALA I 51 51.27 65.42 -51.95
N VAL I 52 51.37 64.58 -52.98
CA VAL I 52 50.27 63.63 -53.34
C VAL I 52 49.86 62.87 -52.08
N VAL I 53 50.84 62.48 -51.27
CA VAL I 53 50.61 61.73 -50.01
C VAL I 53 50.06 62.69 -48.95
N ASN I 54 50.45 63.98 -48.98
CA ASN I 54 49.88 65.01 -48.07
C ASN I 54 48.35 64.89 -48.14
N ARG I 55 47.78 65.08 -49.34
CA ARG I 55 46.30 65.18 -49.50
C ARG I 55 45.68 63.78 -49.60
N LEU I 56 46.48 62.74 -49.89
CA LEU I 56 46.02 61.31 -49.79
C LEU I 56 45.76 60.96 -48.31
N VAL I 57 46.80 61.06 -47.47
CA VAL I 57 46.71 60.72 -46.02
C VAL I 57 45.70 61.67 -45.39
N GLU I 58 45.63 62.91 -45.90
CA GLU I 58 44.53 63.84 -45.53
C GLU I 58 43.20 63.11 -45.75
N VAL I 59 42.97 62.56 -46.94
CA VAL I 59 41.72 61.82 -47.26
C VAL I 59 41.55 60.70 -46.22
N VAL I 60 42.62 60.00 -45.83
CA VAL I 60 42.53 58.73 -45.06
C VAL I 60 42.18 59.00 -43.60
N ARG I 61 42.96 59.84 -42.90
CA ARG I 61 42.65 60.22 -41.51
C ARG I 61 41.25 60.87 -41.50
N ARG I 62 40.98 61.64 -42.55
CA ARG I 62 39.67 62.29 -42.75
C ARG I 62 38.60 61.20 -42.67
N VAL I 63 38.55 60.30 -43.65
CA VAL I 63 37.58 59.17 -43.72
C VAL I 63 37.63 58.42 -42.39
N ASP I 64 38.77 58.47 -41.69
CA ASP I 64 38.95 57.77 -40.40
C ASP I 64 38.13 58.48 -39.31
N LYS I 65 38.19 59.81 -39.24
CA LYS I 65 37.46 60.60 -38.20
C LYS I 65 36.07 60.96 -38.72
N ALA I 66 35.80 60.69 -40.00
CA ALA I 66 34.51 60.99 -40.67
C ALA I 66 33.41 60.10 -40.07
N GLY I 67 33.74 58.87 -39.63
CA GLY I 67 32.78 57.95 -38.99
C GLY I 67 33.23 57.57 -37.59
N ASP I 68 33.12 58.50 -36.63
CA ASP I 68 33.55 58.26 -35.24
C ASP I 68 32.54 57.34 -34.55
N GLN I 69 33.00 56.55 -33.57
CA GLN I 69 32.16 55.58 -32.81
C GLN I 69 32.82 55.26 -31.46
N GLU I 70 32.60 56.10 -30.45
CA GLU I 70 33.21 55.94 -29.11
C GLU I 70 32.11 55.55 -28.10
N VAL I 71 32.52 55.19 -26.87
CA VAL I 71 31.58 54.94 -25.74
C VAL I 71 31.80 55.95 -24.62
N ASP I 72 30.71 56.32 -23.95
CA ASP I 72 30.63 57.21 -22.77
C ASP I 72 29.85 56.54 -21.64
N ILE I 73 30.43 56.52 -20.43
CA ILE I 73 29.79 55.93 -19.22
C ILE I 73 29.67 57.01 -18.15
N ILE I 74 28.44 57.37 -17.81
CA ILE I 74 28.16 58.27 -16.66
C ILE I 74 27.03 57.65 -15.84
N LYS I 75 27.16 57.72 -14.51
CA LYS I 75 26.26 57.08 -13.51
C LYS I 75 24.82 57.58 -13.64
N LEU I 76 23.85 56.66 -13.60
CA LEU I 76 22.42 56.95 -13.28
C LEU I 76 22.21 56.68 -11.78
N LYS I 77 21.65 57.63 -11.05
CA LYS I 77 21.45 57.51 -9.58
C LYS I 77 20.05 56.99 -9.26
N TYR I 78 19.06 57.19 -10.15
CA TYR I 78 17.61 57.00 -9.85
C TYR I 78 17.03 55.86 -10.70
N ALA I 79 16.30 56.16 -11.77
CA ALA I 79 15.43 55.18 -12.44
C ALA I 79 16.25 54.14 -13.21
N SER I 80 15.73 52.91 -13.21
CA SER I 80 16.45 51.66 -13.52
C SER I 80 17.05 51.68 -14.93
N ALA I 81 18.26 51.16 -15.05
CA ALA I 81 19.01 51.05 -16.31
C ALA I 81 18.26 50.13 -17.28
N GLY I 82 17.61 49.07 -16.75
CA GLY I 82 16.81 48.09 -17.51
C GLY I 82 15.55 48.71 -18.09
N GLU I 83 14.91 49.60 -17.34
CA GLU I 83 13.77 50.41 -17.84
C GLU I 83 14.33 51.36 -18.89
N MET I 84 15.46 51.99 -18.55
CA MET I 84 16.18 52.91 -19.46
C MET I 84 16.40 52.16 -20.78
N VAL I 85 16.78 50.90 -20.67
CA VAL I 85 17.05 50.00 -21.82
C VAL I 85 15.76 49.85 -22.63
N ARG I 86 14.68 49.41 -21.97
CA ARG I 86 13.40 49.04 -22.62
C ARG I 86 12.87 50.25 -23.40
N LEU I 87 12.86 51.41 -22.73
CA LEU I 87 12.20 52.65 -23.23
C LEU I 87 12.97 53.12 -24.46
N VAL I 88 14.29 53.03 -24.41
CA VAL I 88 15.16 53.48 -25.52
C VAL I 88 15.21 52.40 -26.59
N THR I 89 15.07 51.12 -26.23
CA THR I 89 15.09 50.02 -27.22
C THR I 89 14.02 50.30 -28.28
N ASN I 90 12.89 50.89 -27.89
CA ASN I 90 11.76 51.20 -28.79
C ASN I 90 12.18 52.33 -29.76
N LEU I 91 13.18 53.12 -29.39
CA LEU I 91 13.98 53.96 -30.33
C LEU I 91 14.75 53.03 -31.29
N ASN I 92 14.03 52.19 -32.05
CA ASN I 92 14.63 51.46 -33.20
C ASN I 92 15.12 52.49 -34.23
N LYS I 93 16.26 52.19 -34.86
CA LYS I 93 16.96 52.99 -35.89
C LYS I 93 17.97 53.95 -35.24
N ASP I 94 18.01 54.00 -33.90
CA ASP I 94 19.26 54.32 -33.16
C ASP I 94 20.17 53.09 -33.27
N GLY I 95 20.73 52.85 -34.46
CA GLY I 95 21.72 51.78 -34.75
C GLY I 95 21.12 50.39 -34.83
N ASN I 96 19.81 50.24 -34.56
CA ASN I 96 19.10 48.95 -34.45
C ASN I 96 18.28 48.73 -35.73
N SER I 97 18.91 48.27 -36.80
CA SER I 97 18.24 48.02 -38.11
C SER I 97 19.04 47.02 -38.93
N GLN I 98 18.45 46.54 -40.04
CA GLN I 98 19.09 45.61 -41.00
C GLN I 98 19.23 46.33 -42.35
N GLY I 99 19.25 47.67 -42.32
CA GLY I 99 19.28 48.56 -43.50
C GLY I 99 20.53 48.37 -44.35
N GLY I 100 20.34 48.20 -45.66
CA GLY I 100 21.40 47.87 -46.65
C GLY I 100 22.40 49.00 -46.85
N ASN I 101 22.18 49.84 -47.87
CA ASN I 101 23.06 51.00 -48.23
C ASN I 101 23.07 52.02 -47.09
N THR I 102 22.06 51.97 -46.20
CA THR I 102 21.95 52.72 -44.92
C THR I 102 23.11 52.33 -43.99
N SER I 103 23.39 51.03 -43.89
CA SER I 103 24.45 50.41 -43.06
C SER I 103 24.28 50.84 -41.60
N LEU I 104 23.03 50.87 -41.09
CA LEU I 104 22.73 51.47 -39.78
C LEU I 104 23.25 50.57 -38.66
N LEU I 105 23.67 49.36 -39.02
CA LEU I 105 24.42 48.42 -38.13
C LEU I 105 25.74 49.05 -37.68
N LEU I 106 26.22 50.10 -38.37
CA LEU I 106 27.45 50.86 -38.02
C LEU I 106 27.13 52.20 -37.35
N ALA I 107 25.85 52.45 -37.05
CA ALA I 107 25.36 53.71 -36.43
C ALA I 107 25.26 53.52 -34.91
N PRO I 108 25.21 54.63 -34.12
CA PRO I 108 25.12 54.57 -32.65
C PRO I 108 24.02 53.68 -32.03
N LYS I 109 24.39 52.92 -30.99
CA LYS I 109 23.47 52.01 -30.22
C LYS I 109 23.50 52.38 -28.72
N VAL I 110 22.51 51.90 -27.96
CA VAL I 110 22.25 52.28 -26.54
C VAL I 110 22.23 51.05 -25.64
N VAL I 111 22.70 51.22 -24.40
CA VAL I 111 22.87 50.12 -23.41
C VAL I 111 22.72 50.68 -22.00
N ALA I 112 22.77 49.79 -21.01
CA ALA I 112 22.93 50.16 -19.59
C ALA I 112 23.41 48.96 -18.75
N ASP I 113 23.98 49.29 -17.60
CA ASP I 113 24.43 48.38 -16.53
C ASP I 113 23.51 48.62 -15.32
N GLU I 114 23.08 47.56 -14.63
CA GLU I 114 22.25 47.68 -13.40
C GLU I 114 23.12 47.42 -12.16
N ARG I 115 24.41 47.07 -12.32
CA ARG I 115 25.36 46.87 -11.18
C ARG I 115 25.83 48.24 -10.65
N THR I 116 26.15 49.19 -11.53
CA THR I 116 26.53 50.59 -11.16
C THR I 116 25.36 51.54 -11.43
N ASN I 117 24.31 51.01 -12.08
CA ASN I 117 23.23 51.74 -12.79
C ASN I 117 23.86 52.80 -13.69
N SER I 118 24.52 52.37 -14.78
CA SER I 118 25.25 53.27 -15.70
C SER I 118 24.64 53.20 -17.10
N VAL I 119 24.43 54.33 -17.74
CA VAL I 119 24.10 54.27 -19.18
C VAL I 119 25.39 53.98 -19.94
N VAL I 120 25.23 53.23 -21.00
CA VAL I 120 26.31 52.90 -21.96
C VAL I 120 25.83 53.35 -23.34
N VAL I 121 26.65 54.14 -24.02
CA VAL I 121 26.41 54.49 -25.45
C VAL I 121 27.50 53.81 -26.26
N SER I 122 27.22 53.45 -27.52
CA SER I 122 28.27 53.04 -28.48
C SER I 122 28.04 53.76 -29.82
N GLY I 123 28.77 54.84 -30.10
CA GLY I 123 28.61 55.54 -31.39
C GLY I 123 29.17 56.95 -31.41
N GLU I 124 28.61 57.76 -32.32
CA GLU I 124 28.91 59.18 -32.62
C GLU I 124 29.01 60.09 -31.39
N PRO I 125 29.72 61.23 -31.50
CA PRO I 125 29.58 62.30 -30.53
C PRO I 125 28.27 63.08 -30.58
N LYS I 126 27.56 63.05 -31.71
CA LYS I 126 26.17 63.57 -31.79
C LYS I 126 25.30 62.66 -30.91
N ALA I 127 25.63 61.36 -30.84
CA ALA I 127 24.96 60.37 -29.95
C ALA I 127 25.37 60.65 -28.50
N ARG I 128 26.66 60.92 -28.21
CA ARG I 128 27.11 61.38 -26.87
C ARG I 128 26.30 62.63 -26.48
N ALA I 129 26.21 63.60 -27.39
CA ALA I 129 25.50 64.89 -27.16
C ALA I 129 24.03 64.62 -26.82
N ARG I 130 23.31 63.84 -27.63
CA ARG I 130 21.83 63.66 -27.45
C ARG I 130 21.53 62.55 -26.44
N ILE I 131 22.44 61.61 -26.18
CA ILE I 131 22.12 60.51 -25.21
C ILE I 131 22.58 60.89 -23.79
N ILE I 132 23.51 61.85 -23.64
CA ILE I 132 23.73 62.43 -22.29
C ILE I 132 22.50 63.26 -21.91
N GLN I 133 21.79 63.84 -22.88
CA GLN I 133 20.48 64.50 -22.66
C GLN I 133 19.48 63.43 -22.17
N MET I 134 19.45 62.27 -22.83
CA MET I 134 18.46 61.20 -22.54
C MET I 134 18.78 60.53 -21.18
N VAL I 135 20.06 60.44 -20.80
CA VAL I 135 20.52 60.05 -19.43
C VAL I 135 19.82 60.94 -18.40
N ARG I 136 19.85 62.26 -18.63
CA ARG I 136 19.38 63.30 -17.68
C ARG I 136 17.84 63.31 -17.71
N GLN I 137 17.23 63.05 -18.86
CA GLN I 137 15.76 63.07 -19.05
C GLN I 137 15.08 62.02 -18.15
N LEU I 138 15.72 60.86 -17.93
CA LEU I 138 15.12 59.69 -17.24
C LEU I 138 15.80 59.40 -15.90
N ASP I 139 16.80 60.20 -15.54
CA ASP I 139 17.55 60.08 -14.26
C ASP I 139 16.78 60.84 -13.18
N ARG I 140 15.56 61.29 -13.50
CA ARG I 140 14.74 62.00 -12.50
C ARG I 140 14.30 60.97 -11.44
N GLU I 141 14.22 61.43 -10.19
CA GLU I 141 13.76 60.64 -9.03
C GLU I 141 12.23 60.67 -8.96
N LEU I 142 11.63 59.95 -8.02
CA LEU I 142 10.18 59.99 -7.80
C LEU I 142 9.82 61.24 -6.97
N GLN I 143 8.61 61.75 -7.14
CA GLN I 143 8.11 62.93 -6.40
C GLN I 143 7.13 62.44 -5.32
N SER I 144 7.59 62.28 -4.08
CA SER I 144 6.83 61.78 -2.91
C SER I 144 6.10 60.49 -3.27
N GLN I 145 4.89 60.59 -3.83
CA GLN I 145 4.07 59.43 -4.28
C GLN I 145 4.94 58.49 -5.11
N GLY I 146 5.07 57.23 -4.68
CA GLY I 146 5.88 56.21 -5.36
C GLY I 146 5.01 55.28 -6.19
N ASN I 147 5.62 54.18 -6.68
CA ASN I 147 4.90 53.03 -7.28
C ASN I 147 4.18 52.33 -6.13
N THR I 148 4.86 52.12 -5.00
CA THR I 148 4.26 51.47 -3.82
C THR I 148 3.95 52.46 -2.70
N ARG I 149 2.73 52.36 -2.19
CA ARG I 149 2.21 53.11 -1.02
C ARG I 149 2.01 52.14 0.15
N VAL I 150 2.02 52.66 1.38
CA VAL I 150 1.52 51.89 2.54
C VAL I 150 0.35 52.64 3.17
N PHE I 151 -0.82 52.02 3.16
CA PHE I 151 -2.03 52.50 3.87
C PHE I 151 -2.05 51.94 5.29
N TYR I 152 -2.13 52.85 6.24
CA TYR I 152 -2.52 52.52 7.63
C TYR I 152 -4.03 52.39 7.69
N LEU I 153 -4.54 51.18 7.83
CA LEU I 153 -5.98 51.04 8.11
C LEU I 153 -6.24 51.35 9.58
N LYS I 154 -7.34 52.05 9.88
CA LYS I 154 -7.68 52.40 11.28
C LYS I 154 -8.69 51.43 11.90
N TYR I 155 -9.84 51.13 11.27
CA TYR I 155 -10.93 50.30 11.82
C TYR I 155 -10.89 48.89 11.22
N GLY I 156 -10.19 48.75 10.10
CA GLY I 156 -10.03 47.47 9.37
C GLY I 156 -8.72 46.78 9.71
N LYS I 157 -8.68 45.44 9.61
CA LYS I 157 -7.49 44.62 9.94
C LYS I 157 -6.77 44.21 8.67
N ALA I 158 -5.46 44.43 8.64
CA ALA I 158 -4.66 44.37 7.39
C ALA I 158 -4.73 42.96 6.78
N LYS I 159 -4.65 41.91 7.62
CA LYS I 159 -4.56 40.50 7.14
C LYS I 159 -5.88 40.14 6.44
N ASP I 160 -6.99 40.60 7.02
CA ASP I 160 -8.35 40.30 6.53
C ASP I 160 -8.55 41.06 5.22
N MET I 161 -8.09 42.32 5.18
CA MET I 161 -8.25 43.23 4.01
C MET I 161 -7.48 42.69 2.82
N VAL I 162 -6.32 42.06 3.08
CA VAL I 162 -5.45 41.54 1.98
C VAL I 162 -6.32 40.61 1.12
N GLU I 163 -7.06 39.71 1.76
CA GLU I 163 -7.81 38.68 1.02
C GLU I 163 -8.89 39.37 0.20
N VAL I 164 -9.53 40.38 0.78
CA VAL I 164 -10.58 41.18 0.11
C VAL I 164 -9.99 41.78 -1.16
N LEU I 165 -8.83 42.39 -1.01
CA LEU I 165 -8.22 43.18 -2.10
C LEU I 165 -7.64 42.22 -3.14
N LYS I 166 -7.28 41.01 -2.71
CA LYS I 166 -6.66 40.01 -3.62
C LYS I 166 -7.64 39.73 -4.76
N GLY I 167 -8.93 39.64 -4.46
CA GLY I 167 -9.97 39.55 -5.48
C GLY I 167 -9.83 40.68 -6.48
N VAL I 168 -9.69 41.92 -6.00
CA VAL I 168 -9.71 43.15 -6.85
C VAL I 168 -8.51 43.08 -7.80
N SER I 169 -7.37 42.69 -7.24
CA SER I 169 -6.10 42.48 -7.97
C SER I 169 -6.27 41.31 -8.95
N SER I 170 -6.88 40.23 -8.47
CA SER I 170 -7.02 38.93 -9.18
C SER I 170 -8.19 39.01 -10.17
N LEU I 196 -1.07 43.21 -9.91
CA LEU I 196 -1.28 43.99 -8.66
C LEU I 196 -0.99 43.09 -7.44
N ALA I 197 -0.14 43.57 -6.53
CA ALA I 197 0.64 42.73 -5.60
C ALA I 197 0.55 43.27 -4.17
N ILE I 198 0.04 42.47 -3.25
CA ILE I 198 -0.35 42.95 -1.89
C ILE I 198 0.34 42.07 -0.86
N SER I 199 0.69 42.68 0.27
CA SER I 199 0.93 41.98 1.56
C SER I 199 0.43 42.86 2.70
N ALA I 200 0.03 42.24 3.79
CA ALA I 200 -0.32 42.95 5.03
C ALA I 200 0.69 42.60 6.12
N ASP I 201 1.21 43.63 6.78
CA ASP I 201 2.11 43.50 7.95
C ASP I 201 1.25 43.32 9.21
N GLU I 202 1.40 42.17 9.84
CA GLU I 202 0.58 41.78 11.02
C GLU I 202 0.82 42.79 12.14
N THR I 203 2.03 43.35 12.25
CA THR I 203 2.47 44.13 13.42
C THR I 203 1.81 45.51 13.41
N THR I 204 2.19 46.37 12.47
CA THR I 204 1.67 47.75 12.39
C THR I 204 0.29 47.72 11.71
N ASN I 205 -0.18 46.53 11.33
CA ASN I 205 -1.53 46.35 10.75
C ASN I 205 -1.68 47.31 9.56
N ALA I 206 -0.72 47.27 8.64
CA ALA I 206 -0.73 48.12 7.42
C ALA I 206 -0.77 47.24 6.17
N LEU I 207 -1.31 47.77 5.08
CA LEU I 207 -1.43 47.07 3.78
C LEU I 207 -0.43 47.68 2.80
N VAL I 208 0.47 46.88 2.27
CA VAL I 208 1.50 47.32 1.29
C VAL I 208 1.12 46.78 -0.10
N ILE I 209 0.55 47.64 -0.93
CA ILE I 209 0.14 47.27 -2.32
C ILE I 209 1.07 47.98 -3.29
N THR I 210 1.29 47.37 -4.47
CA THR I 210 2.15 47.90 -5.54
C THR I 210 1.44 47.69 -6.88
N ALA I 211 0.72 48.71 -7.35
CA ALA I 211 0.00 48.68 -8.64
C ALA I 211 0.25 49.98 -9.38
N GLN I 212 -0.22 50.05 -10.63
CA GLN I 212 -0.12 51.26 -11.47
C GLN I 212 -0.83 52.39 -10.73
N PRO I 213 -0.41 53.64 -10.98
CA PRO I 213 -0.99 54.78 -10.30
C PRO I 213 -2.51 54.86 -10.51
N ASP I 214 -2.99 54.33 -11.64
CA ASP I 214 -4.45 54.34 -11.94
C ASP I 214 -5.17 53.37 -11.00
N VAL I 215 -4.52 52.24 -10.70
CA VAL I 215 -5.05 51.20 -9.77
C VAL I 215 -4.84 51.67 -8.34
N MET I 216 -3.75 52.39 -8.08
CA MET I 216 -3.43 52.92 -6.73
C MET I 216 -4.57 53.83 -6.26
N ALA I 217 -5.06 54.70 -7.15
CA ALA I 217 -6.16 55.64 -6.86
C ALA I 217 -7.46 54.84 -6.71
N GLU I 218 -7.62 53.75 -7.46
CA GLU I 218 -8.81 52.88 -7.42
C GLU I 218 -8.79 52.09 -6.11
N LEU I 219 -7.64 51.55 -5.71
CA LEU I 219 -7.46 50.78 -4.45
C LEU I 219 -7.64 51.72 -3.26
N GLU I 220 -7.27 52.99 -3.44
CA GLU I 220 -7.34 54.02 -2.37
C GLU I 220 -8.82 54.31 -2.04
N GLN I 221 -9.72 54.24 -3.02
CA GLN I 221 -11.18 54.47 -2.78
C GLN I 221 -11.77 53.21 -2.15
N VAL I 222 -11.32 52.05 -2.63
CA VAL I 222 -11.81 50.71 -2.16
C VAL I 222 -11.50 50.64 -0.67
N VAL I 223 -10.27 50.99 -0.31
CA VAL I 223 -9.76 50.95 1.09
C VAL I 223 -10.58 51.91 1.95
N ALA I 224 -10.77 53.13 1.49
CA ALA I 224 -11.46 54.18 2.26
C ALA I 224 -12.90 53.73 2.53
N LYS I 225 -13.53 53.06 1.56
CA LYS I 225 -14.93 52.59 1.72
C LYS I 225 -14.93 51.41 2.69
N LEU I 226 -13.87 50.60 2.63
CA LEU I 226 -13.79 49.25 3.24
C LEU I 226 -13.29 49.38 4.68
N ASP I 227 -12.76 50.55 5.03
CA ASP I 227 -12.20 50.85 6.36
C ASP I 227 -13.16 51.74 7.12
N ILE I 228 -14.40 51.84 6.66
CA ILE I 228 -15.45 52.67 7.33
C ILE I 228 -15.62 52.17 8.76
N ARG I 229 -15.66 53.09 9.72
CA ARG I 229 -15.85 52.78 11.15
C ARG I 229 -17.08 51.89 11.33
N ARG I 230 -16.88 50.60 11.56
CA ARG I 230 -17.99 49.63 11.72
C ARG I 230 -18.76 49.96 12.98
N ALA I 231 -20.07 50.12 12.84
CA ALA I 231 -20.99 50.49 13.93
C ALA I 231 -21.13 49.32 14.89
N GLN I 232 -21.39 49.66 16.16
CA GLN I 232 -21.53 48.70 17.27
C GLN I 232 -23.00 48.50 17.61
N VAL I 233 -23.33 47.31 18.11
CA VAL I 233 -24.72 46.96 18.45
C VAL I 233 -24.77 46.43 19.87
N LEU I 234 -25.58 47.04 20.72
CA LEU I 234 -25.92 46.50 22.04
C LEU I 234 -27.15 45.61 21.90
N VAL I 235 -27.02 44.34 22.20
CA VAL I 235 -28.12 43.35 22.04
C VAL I 235 -28.53 42.86 23.41
N GLU I 236 -29.70 43.28 23.89
CA GLU I 236 -30.30 42.70 25.11
C GLU I 236 -31.31 41.62 24.70
N ALA I 237 -31.15 40.41 25.22
CA ALA I 237 -32.18 39.36 25.14
C ALA I 237 -32.91 39.33 26.47
N ILE I 238 -34.17 38.95 26.43
CA ILE I 238 -34.98 38.82 27.68
C ILE I 238 -35.65 37.45 27.60
N ILE I 239 -35.24 36.54 28.46
CA ILE I 239 -35.84 35.20 28.54
C ILE I 239 -36.68 35.14 29.81
N VAL I 240 -37.98 35.07 29.64
CA VAL I 240 -38.91 34.97 30.80
C VAL I 240 -39.61 33.65 30.69
N GLU I 241 -39.53 32.86 31.75
CA GLU I 241 -40.30 31.61 31.84
C GLU I 241 -41.08 31.61 33.15
N ILE I 242 -42.26 31.02 33.11
CA ILE I 242 -43.10 30.87 34.32
C ILE I 242 -43.73 29.49 34.29
N ALA I 243 -43.68 28.81 35.44
CA ALA I 243 -44.02 27.39 35.61
C ALA I 243 -44.73 27.18 36.95
N ASP I 244 -45.63 26.20 36.99
CA ASP I 244 -46.40 25.81 38.18
C ASP I 244 -47.26 24.62 37.79
N GLY I 245 -48.09 24.16 38.71
CA GLY I 245 -49.09 23.14 38.39
C GLY I 245 -49.56 22.52 39.68
N ASP I 246 -50.69 21.83 39.65
CA ASP I 246 -51.28 21.28 40.89
C ASP I 246 -51.60 19.79 40.69
N GLY I 247 -50.86 18.98 41.44
CA GLY I 247 -51.22 17.61 41.77
C GLY I 247 -52.21 17.58 42.91
N LEU I 248 -52.99 16.51 42.97
CA LEU I 248 -54.06 16.28 43.95
C LEU I 248 -54.11 14.76 44.08
N ASN I 249 -53.87 14.17 45.23
CA ASN I 249 -54.20 12.74 45.40
C ASN I 249 -55.00 12.55 46.66
N LEU I 250 -56.29 12.32 46.47
CA LEU I 250 -57.22 12.00 47.57
C LEU I 250 -57.95 10.72 47.21
N GLY I 251 -58.05 9.84 48.21
CA GLY I 251 -58.40 8.42 48.06
C GLY I 251 -58.78 7.83 49.40
N VAL I 252 -59.81 7.01 49.42
CA VAL I 252 -60.33 6.54 50.73
C VAL I 252 -60.42 5.02 50.64
N GLN I 253 -59.90 4.34 51.66
CA GLN I 253 -59.85 2.87 51.73
C GLN I 253 -60.60 2.43 52.99
N TRP I 254 -61.48 1.43 52.85
CA TRP I 254 -62.29 0.87 53.95
C TRP I 254 -61.98 -0.62 54.05
N ALA I 255 -61.47 -1.08 55.19
CA ALA I 255 -61.15 -2.51 55.42
C ALA I 255 -61.95 -3.04 56.61
N ASN I 256 -62.68 -4.13 56.43
CA ASN I 256 -63.54 -4.71 57.50
C ASN I 256 -63.21 -6.19 57.66
N THR I 257 -62.90 -6.63 58.87
CA THR I 257 -62.53 -8.03 59.10
C THR I 257 -63.68 -8.92 58.61
N ASN I 258 -64.92 -8.57 58.98
CA ASN I 258 -66.12 -9.43 58.75
C ASN I 258 -66.51 -9.45 57.27
N GLY I 259 -66.54 -8.27 56.64
CA GLY I 259 -67.16 -8.04 55.32
C GLY I 259 -66.16 -8.10 54.18
N GLY I 260 -65.07 -7.32 54.27
CA GLY I 260 -64.04 -7.20 53.21
C GLY I 260 -63.36 -5.84 53.21
N GLY I 261 -62.34 -5.68 52.35
CA GLY I 261 -61.47 -4.49 52.28
C GLY I 261 -61.29 -4.01 50.85
N THR I 262 -60.95 -2.73 50.67
CA THR I 262 -60.74 -2.04 49.36
C THR I 262 -59.38 -1.33 49.39
N GLN I 263 -58.35 -1.93 48.78
CA GLN I 263 -56.98 -1.35 48.74
C GLN I 263 -56.71 -0.80 47.34
N PHE I 264 -56.05 0.37 47.28
CA PHE I 264 -55.70 1.10 46.04
C PHE I 264 -54.20 1.46 46.05
N THR I 265 -53.74 2.18 45.02
CA THR I 265 -52.31 2.44 44.73
C THR I 265 -52.01 3.93 44.50
N ASN I 266 -52.87 4.66 43.78
CA ASN I 266 -52.71 6.12 43.52
C ASN I 266 -52.30 6.82 44.82
N ALA I 267 -52.73 6.25 45.96
CA ALA I 267 -52.44 6.71 47.33
C ALA I 267 -50.94 6.54 47.62
N GLY I 268 -50.40 7.42 48.47
CA GLY I 268 -49.02 7.33 48.98
C GLY I 268 -48.62 5.91 49.37
N PRO I 269 -49.19 5.32 50.46
CA PRO I 269 -48.93 3.94 50.85
C PRO I 269 -50.12 2.98 50.90
N GLY I 270 -49.83 1.68 50.91
CA GLY I 270 -50.81 0.58 51.01
C GLY I 270 -51.00 0.14 52.46
N ILE I 271 -52.26 -0.06 52.85
CA ILE I 271 -52.63 -0.44 54.25
C ILE I 271 -51.81 -1.68 54.65
N GLY I 272 -51.41 -2.51 53.68
CA GLY I 272 -50.61 -3.73 53.92
C GLY I 272 -49.33 -3.42 54.69
N SER I 273 -48.44 -2.62 54.10
CA SER I 273 -47.11 -2.30 54.67
C SER I 273 -47.29 -1.63 56.03
N VAL I 274 -48.35 -0.85 56.19
CA VAL I 274 -48.63 -0.06 57.42
C VAL I 274 -48.98 -1.02 58.55
N ALA I 275 -49.95 -1.91 58.32
CA ALA I 275 -50.45 -2.88 59.32
C ALA I 275 -49.31 -3.81 59.73
N ILE I 276 -48.61 -4.34 58.74
CA ILE I 276 -47.48 -5.30 58.98
C ILE I 276 -46.43 -4.59 59.84
N ALA I 277 -46.11 -3.35 59.49
CA ALA I 277 -45.08 -2.54 60.20
C ALA I 277 -45.52 -2.35 61.66
N ALA I 278 -46.78 -2.00 61.87
CA ALA I 278 -47.33 -1.73 63.23
C ALA I 278 -47.25 -3.03 64.04
N LYS I 279 -47.45 -4.19 63.41
CA LYS I 279 -47.42 -5.52 64.08
C LYS I 279 -45.96 -5.97 64.25
N ASP I 280 -45.06 -5.40 63.44
CA ASP I 280 -43.61 -5.74 63.47
C ASP I 280 -42.90 -4.78 64.44
N TYR I 281 -43.51 -3.63 64.75
CA TYR I 281 -42.97 -2.58 65.66
C TYR I 281 -43.36 -2.89 67.12
N LYS I 282 -44.22 -3.90 67.30
CA LYS I 282 -44.73 -4.32 68.64
C LYS I 282 -43.61 -5.07 69.38
N ASP I 283 -43.64 -5.06 70.73
CA ASP I 283 -42.64 -5.70 71.62
C ASP I 283 -41.23 -5.23 71.25
N ASN I 284 -41.06 -3.92 71.05
CA ASN I 284 -39.76 -3.28 70.66
C ASN I 284 -39.17 -4.00 69.45
N GLY I 285 -39.86 -3.96 68.30
CA GLY I 285 -39.44 -4.60 67.03
C GLY I 285 -38.56 -3.68 66.19
N THR I 286 -38.48 -3.90 64.87
CA THR I 286 -37.72 -3.07 63.89
C THR I 286 -38.55 -1.85 63.47
N THR I 287 -37.94 -0.95 62.71
CA THR I 287 -38.57 0.29 62.18
C THR I 287 -38.11 0.52 60.73
N THR I 288 -37.10 -0.22 60.27
CA THR I 288 -36.54 -0.14 58.89
C THR I 288 -37.70 -0.27 57.89
N GLY I 289 -38.34 -1.44 57.87
CA GLY I 289 -39.51 -1.72 57.01
C GLY I 289 -40.43 -0.53 56.95
N LEU I 290 -40.97 -0.11 58.10
CA LEU I 290 -42.03 0.92 58.12
C LEU I 290 -41.43 2.28 57.79
N ALA I 291 -40.21 2.56 58.25
CA ALA I 291 -39.56 3.88 58.06
C ALA I 291 -39.30 4.08 56.56
N LYS I 292 -39.30 3.00 55.77
CA LYS I 292 -38.97 3.06 54.32
C LYS I 292 -40.23 3.39 53.53
N LEU I 293 -41.38 2.87 53.97
CA LEU I 293 -42.70 3.25 53.42
C LEU I 293 -42.90 4.75 53.56
N ALA I 294 -42.79 5.25 54.79
CA ALA I 294 -43.18 6.62 55.17
C ALA I 294 -42.11 7.62 54.72
N GLU I 295 -41.12 7.18 53.94
CA GLU I 295 -39.98 8.04 53.49
C GLU I 295 -40.51 9.19 52.61
N ASN I 296 -41.25 8.89 51.53
CA ASN I 296 -41.64 9.94 50.55
C ASN I 296 -43.10 10.35 50.74
N PHE I 297 -43.83 9.76 51.69
CA PHE I 297 -45.29 10.01 51.81
C PHE I 297 -45.53 11.52 52.03
N ASN I 298 -46.61 12.05 51.44
CA ASN I 298 -47.02 13.46 51.59
C ASN I 298 -48.54 13.60 51.53
N GLY I 299 -49.15 13.92 52.68
CA GLY I 299 -50.57 14.30 52.79
C GLY I 299 -51.14 14.07 54.16
N MET I 300 -52.47 13.89 54.21
CA MET I 300 -53.25 13.69 55.44
C MET I 300 -53.84 12.28 55.40
N ALA I 301 -53.19 11.31 56.05
CA ALA I 301 -53.68 9.93 56.24
C ALA I 301 -54.46 9.86 57.56
N ALA I 302 -55.79 9.83 57.49
CA ALA I 302 -56.67 9.87 58.67
C ALA I 302 -57.44 8.56 58.79
N GLY I 303 -57.07 7.75 59.80
CA GLY I 303 -57.74 6.49 60.17
C GLY I 303 -58.92 6.73 61.10
N PHE I 304 -59.92 5.85 61.05
CA PHE I 304 -61.12 5.91 61.90
C PHE I 304 -61.64 4.49 62.12
N TYR I 305 -61.88 4.11 63.39
CA TYR I 305 -62.51 2.83 63.81
C TYR I 305 -63.89 3.10 64.42
N GLN I 306 -64.96 2.78 63.67
CA GLN I 306 -66.34 2.76 64.21
C GLN I 306 -66.79 1.32 64.25
N GLY I 307 -66.89 0.80 65.48
CA GLY I 307 -66.91 -0.64 65.77
C GLY I 307 -65.85 -1.36 64.98
N ASN I 308 -66.27 -2.16 63.99
CA ASN I 308 -65.43 -3.20 63.33
C ASN I 308 -64.92 -2.70 61.98
N TRP I 309 -65.58 -1.73 61.32
CA TRP I 309 -65.09 -1.23 60.01
C TRP I 309 -63.98 -0.19 60.22
N ALA I 310 -62.77 -0.52 59.75
CA ALA I 310 -61.62 0.41 59.67
C ALA I 310 -61.70 1.21 58.38
N MET I 311 -61.25 2.47 58.44
CA MET I 311 -61.30 3.43 57.30
C MET I 311 -59.98 4.22 57.29
N LEU I 312 -59.39 4.37 56.10
CA LEU I 312 -58.15 5.15 55.86
C LEU I 312 -58.38 6.12 54.71
N VAL I 313 -58.29 7.40 55.03
CA VAL I 313 -58.50 8.53 54.08
C VAL I 313 -57.14 9.12 53.76
N THR I 314 -56.83 9.26 52.46
CA THR I 314 -55.54 9.80 51.95
C THR I 314 -55.81 11.04 51.10
N ALA I 315 -55.02 12.09 51.32
CA ALA I 315 -55.16 13.37 50.59
C ALA I 315 -53.85 14.15 50.65
N LEU I 316 -53.37 14.57 49.49
CA LEU I 316 -52.41 15.70 49.34
C LEU I 316 -52.67 16.36 48.00
N SER I 317 -52.58 17.67 47.98
CA SER I 317 -52.49 18.41 46.71
C SER I 317 -51.10 19.03 46.66
N THR I 318 -50.28 18.61 45.72
CA THR I 318 -49.03 19.34 45.39
C THR I 318 -49.40 20.43 44.37
N ASN I 319 -48.87 21.63 44.58
CA ASN I 319 -49.14 22.85 43.78
C ASN I 319 -47.83 23.63 43.80
N THR I 320 -47.39 24.06 42.62
CA THR I 320 -45.99 24.45 42.41
C THR I 320 -45.99 25.77 41.65
N LYS I 321 -44.87 26.47 41.70
CA LYS I 321 -44.68 27.77 41.03
C LYS I 321 -43.19 27.98 40.82
N SER I 322 -42.81 28.42 39.63
CA SER I 322 -41.43 28.84 39.30
C SER I 322 -41.51 29.97 38.27
N ASP I 323 -40.58 30.90 38.37
CA ASP I 323 -40.45 32.05 37.44
C ASP I 323 -38.96 32.25 37.15
N ILE I 324 -38.61 32.29 35.87
CA ILE I 324 -37.20 32.46 35.44
C ILE I 324 -37.17 33.63 34.46
N LEU I 325 -36.09 34.42 34.50
CA LEU I 325 -35.90 35.60 33.62
C LEU I 325 -34.40 35.88 33.45
N SER I 326 -33.86 35.60 32.27
CA SER I 326 -32.44 35.85 31.93
C SER I 326 -32.35 36.86 30.79
N THR I 327 -31.52 37.89 30.95
CA THR I 327 -31.34 38.97 29.95
C THR I 327 -29.86 39.18 29.69
N PRO I 328 -29.21 38.25 28.97
CA PRO I 328 -27.80 38.37 28.65
C PRO I 328 -27.58 39.29 27.45
N SER I 329 -27.16 40.54 27.69
CA SER I 329 -26.83 41.51 26.63
C SER I 329 -25.36 41.38 26.24
N ILE I 330 -24.96 41.99 25.13
CA ILE I 330 -23.56 41.95 24.61
C ILE I 330 -23.41 43.01 23.53
N VAL I 331 -22.25 43.66 23.46
CA VAL I 331 -21.94 44.69 22.43
C VAL I 331 -20.84 44.17 21.50
N THR I 332 -21.16 44.07 20.21
CA THR I 332 -20.34 43.45 19.14
C THR I 332 -20.16 44.46 17.99
N MET I 333 -19.10 44.30 17.20
CA MET I 333 -18.98 44.94 15.87
C MET I 333 -19.90 44.21 14.91
N ASP I 334 -20.55 44.93 14.01
CA ASP I 334 -21.38 44.35 12.92
C ASP I 334 -20.60 43.21 12.26
N ASN I 335 -21.27 42.08 12.01
CA ASN I 335 -20.76 41.07 11.07
C ASN I 335 -19.55 40.35 11.66
N LYS I 336 -19.18 40.67 12.90
CA LYS I 336 -18.39 39.73 13.71
C LYS I 336 -19.36 38.96 14.60
N GLU I 337 -19.15 37.65 14.70
CA GLU I 337 -19.89 36.92 15.73
C GLU I 337 -19.17 37.15 17.05
N ALA I 338 -19.95 37.66 18.00
CA ALA I 338 -19.69 37.62 19.44
C ALA I 338 -20.06 36.25 19.94
N SER I 339 -19.40 35.82 21.00
CA SER I 339 -19.91 34.75 21.89
C SER I 339 -20.20 35.42 23.22
N PHE I 340 -21.10 34.85 23.99
CA PHE I 340 -21.28 35.25 25.40
C PHE I 340 -21.72 34.00 26.14
N ASN I 341 -21.03 33.62 27.19
CA ASN I 341 -21.45 32.42 27.94
C ASN I 341 -21.52 32.82 29.40
N VAL I 342 -22.52 32.37 30.14
CA VAL I 342 -22.42 32.35 31.63
C VAL I 342 -23.08 31.08 32.17
N GLY I 343 -22.23 30.09 32.40
CA GLY I 343 -22.64 28.68 32.51
C GLY I 343 -21.40 27.86 32.72
N GLN I 344 -21.25 26.75 32.03
CA GLN I 344 -20.14 25.88 32.47
C GLN I 344 -19.84 24.76 31.50
N GLU I 345 -18.59 24.27 31.63
CA GLU I 345 -17.98 23.14 30.89
C GLU I 345 -18.09 21.89 31.75
N VAL I 346 -18.87 20.93 31.29
CA VAL I 346 -19.07 19.61 31.92
C VAL I 346 -18.64 18.55 30.92
N PRO I 347 -18.12 17.42 31.39
CA PRO I 347 -17.74 16.37 30.47
C PRO I 347 -18.94 15.54 30.02
N VAL I 348 -18.93 15.13 28.75
CA VAL I 348 -19.93 14.19 28.14
C VAL I 348 -19.16 13.05 27.47
N GLN I 349 -19.63 11.82 27.57
CA GLN I 349 -18.96 10.65 26.92
C GLN I 349 -19.13 10.74 25.41
N THR I 350 -18.31 10.01 24.66
CA THR I 350 -18.42 9.89 23.18
C THR I 350 -17.61 8.69 22.69
N THR I 364 -13.08 7.81 27.21
CA THR I 364 -13.17 8.97 26.28
C THR I 364 -14.33 9.90 26.70
N ILE I 365 -14.05 11.18 26.96
CA ILE I 365 -15.05 12.19 27.39
C ILE I 365 -14.90 13.43 26.50
N GLU I 366 -15.64 14.49 26.81
CA GLU I 366 -15.68 15.77 26.04
C GLU I 366 -16.23 16.90 26.91
N ARG I 367 -15.83 18.13 26.61
CA ARG I 367 -16.24 19.33 27.37
C ARG I 367 -17.36 20.01 26.59
N LYS I 368 -18.47 20.32 27.26
CA LYS I 368 -19.61 21.05 26.65
C LYS I 368 -19.93 22.26 27.52
N THR I 369 -20.00 23.45 26.93
CA THR I 369 -20.36 24.70 27.63
C THR I 369 -21.88 24.80 27.72
N VAL I 370 -22.44 24.47 28.88
CA VAL I 370 -23.91 24.53 29.16
C VAL I 370 -24.13 25.53 30.28
N GLY I 371 -24.87 26.58 29.99
CA GLY I 371 -25.25 27.66 30.92
C GLY I 371 -26.09 28.65 30.15
N THR I 372 -26.17 29.90 30.59
CA THR I 372 -26.81 30.92 29.74
C THR I 372 -25.83 31.27 28.63
N LYS I 373 -26.15 30.90 27.39
CA LYS I 373 -25.31 31.23 26.22
C LYS I 373 -26.10 32.12 25.29
N LEU I 374 -25.42 33.12 24.82
CA LEU I 374 -25.89 33.90 23.68
C LEU I 374 -24.74 33.86 22.68
N VAL I 375 -25.00 33.33 21.51
CA VAL I 375 -24.03 33.49 20.41
C VAL I 375 -24.71 34.35 19.38
N LEU I 376 -24.15 35.50 19.09
CA LEU I 376 -24.90 36.36 18.16
C LEU I 376 -23.92 37.01 17.19
N THR I 377 -24.29 36.99 15.91
CA THR I 377 -23.63 37.74 14.83
C THR I 377 -24.63 38.75 14.30
N PRO I 378 -24.70 39.97 14.85
CA PRO I 378 -25.46 41.06 14.25
C PRO I 378 -24.98 41.58 12.88
N GLN I 379 -25.93 42.11 12.11
CA GLN I 379 -25.72 42.67 10.75
C GLN I 379 -26.64 43.88 10.61
N ILE I 380 -26.14 45.04 10.20
CA ILE I 380 -26.91 46.32 10.33
C ILE I 380 -27.47 46.76 8.98
N ASN I 381 -28.80 46.97 8.93
CA ASN I 381 -29.49 47.75 7.87
C ASN I 381 -28.96 49.18 7.97
N GLU I 382 -28.44 49.74 6.87
CA GLU I 382 -27.91 51.13 6.75
C GLU I 382 -28.50 52.05 7.83
N GLY I 383 -29.82 52.01 8.05
CA GLY I 383 -30.61 53.00 8.83
C GLY I 383 -30.87 52.63 10.30
N ASP I 384 -31.66 51.58 10.57
CA ASP I 384 -32.16 51.29 11.94
C ASP I 384 -32.03 49.80 12.25
N SER I 385 -32.71 48.98 11.45
CA SER I 385 -33.17 47.64 11.87
C SER I 385 -32.05 46.60 11.75
N VAL I 386 -31.80 45.90 12.86
CA VAL I 386 -30.72 44.90 12.96
C VAL I 386 -31.22 43.54 12.52
N LEU I 387 -30.48 42.87 11.61
CA LEU I 387 -30.58 41.40 11.38
C LEU I 387 -29.71 40.71 12.42
N LEU I 388 -30.33 39.91 13.28
CA LEU I 388 -29.63 39.19 14.37
C LEU I 388 -29.66 37.70 14.08
N THR I 389 -28.51 37.08 13.86
CA THR I 389 -28.44 35.61 13.80
C THR I 389 -28.18 35.13 15.21
N ILE I 390 -29.18 34.53 15.83
CA ILE I 390 -29.12 34.11 17.25
C ILE I 390 -29.05 32.58 17.29
N GLU I 391 -28.11 32.07 18.06
CA GLU I 391 -28.15 30.68 18.57
C GLU I 391 -28.01 30.79 20.08
N GLN I 392 -29.07 30.57 20.83
CA GLN I 392 -29.02 30.68 22.30
C GLN I 392 -29.78 29.53 22.95
N GLU I 393 -29.50 29.34 24.22
CA GLU I 393 -30.20 28.32 25.01
C GLU I 393 -29.92 28.58 26.48
N VAL I 394 -30.82 28.12 27.32
CA VAL I 394 -30.58 28.05 28.77
C VAL I 394 -30.61 26.58 29.13
N SER I 395 -29.45 26.02 29.42
CA SER I 395 -29.32 24.57 29.59
C SER I 395 -28.61 24.27 30.91
N SER I 396 -28.79 23.07 31.40
CA SER I 396 -28.35 22.71 32.77
C SER I 396 -28.11 21.21 32.82
N VAL I 397 -27.23 20.80 33.73
CA VAL I 397 -26.90 19.37 33.93
C VAL I 397 -27.80 18.81 35.05
N GLY I 398 -29.08 19.17 35.06
CA GLY I 398 -29.98 18.84 36.18
C GLY I 398 -29.30 19.16 37.52
N LYS I 399 -28.85 18.13 38.26
CA LYS I 399 -28.16 18.24 39.58
C LYS I 399 -26.76 17.64 39.50
N GLN I 400 -25.72 18.41 39.88
CA GLN I 400 -24.27 18.01 39.87
C GLN I 400 -24.04 16.77 40.74
N ALA I 401 -25.05 16.30 41.47
CA ALA I 401 -24.99 15.16 42.42
C ALA I 401 -26.13 14.15 42.16
N THR I 402 -26.73 14.23 40.95
CA THR I 402 -27.81 13.35 40.43
C THR I 402 -27.32 12.63 39.16
N GLY I 403 -27.72 11.37 39.01
CA GLY I 403 -27.39 10.54 37.83
C GLY I 403 -28.40 10.69 36.71
N THR I 404 -28.40 9.72 35.79
CA THR I 404 -29.24 9.68 34.57
C THR I 404 -29.71 8.21 34.40
N ASP I 405 -30.78 7.94 33.64
CA ASP I 405 -31.17 6.55 33.25
C ASP I 405 -30.25 6.07 32.12
N GLY I 406 -29.62 7.01 31.42
CA GLY I 406 -28.57 6.77 30.42
C GLY I 406 -27.18 6.61 31.03
N LEU I 407 -26.17 7.28 30.46
CA LEU I 407 -24.76 6.92 30.69
C LEU I 407 -23.90 8.15 31.00
N GLY I 408 -24.06 9.24 30.26
CA GLY I 408 -23.37 10.50 30.56
C GLY I 408 -24.25 11.46 31.34
N PRO I 409 -23.87 12.76 31.46
CA PRO I 409 -24.75 13.78 32.00
C PRO I 409 -25.88 14.13 31.02
N THR I 410 -27.02 14.63 31.51
CA THR I 410 -28.13 15.13 30.65
C THR I 410 -28.29 16.64 30.80
N PHE I 411 -29.01 17.28 29.89
CA PHE I 411 -29.13 18.75 29.92
C PHE I 411 -30.56 19.19 29.70
N ASP I 412 -31.07 20.07 30.57
CA ASP I 412 -32.31 20.82 30.30
C ASP I 412 -31.95 22.10 29.54
N THR I 413 -32.39 22.18 28.31
CA THR I 413 -32.02 23.29 27.42
C THR I 413 -33.28 24.02 26.97
N ARG I 414 -33.16 25.32 26.84
CA ARG I 414 -34.15 26.13 26.11
C ARG I 414 -33.39 26.94 25.08
N THR I 415 -33.65 26.61 23.84
CA THR I 415 -32.78 27.01 22.75
C THR I 415 -33.62 27.75 21.76
N VAL I 416 -33.00 28.61 21.02
CA VAL I 416 -33.69 29.18 19.85
C VAL I 416 -32.56 29.69 19.00
N LYS I 417 -32.43 29.13 17.80
CA LYS I 417 -31.48 29.62 16.80
C LYS I 417 -32.29 30.09 15.61
N ASN I 418 -32.22 31.38 15.34
CA ASN I 418 -32.95 31.97 14.21
C ASN I 418 -32.24 33.25 13.81
N ALA I 419 -32.51 33.66 12.58
CA ALA I 419 -32.26 35.05 12.21
C ALA I 419 -33.59 35.79 12.32
N VAL I 420 -33.50 36.95 12.92
CA VAL I 420 -34.64 37.88 13.12
C VAL I 420 -34.17 39.24 12.66
N LEU I 421 -35.05 40.05 12.10
CA LEU I 421 -34.67 41.44 11.78
C LEU I 421 -35.60 42.41 12.50
N VAL I 422 -35.00 43.17 13.39
CA VAL I 422 -35.75 43.99 14.38
C VAL I 422 -35.25 45.42 14.28
N LYS I 423 -36.18 46.36 14.51
CA LYS I 423 -35.95 47.83 14.51
C LYS I 423 -35.02 48.17 15.67
N SER I 424 -34.25 49.25 15.51
CA SER I 424 -33.06 49.54 16.35
C SER I 424 -33.45 49.82 17.80
N GLY I 425 -34.72 50.12 18.08
CA GLY I 425 -35.16 50.48 19.43
C GLY I 425 -36.03 49.42 20.08
N GLU I 426 -36.58 48.49 19.28
CA GLU I 426 -37.80 47.72 19.64
C GLU I 426 -37.46 46.39 20.29
N THR I 427 -38.24 46.00 21.29
CA THR I 427 -38.10 44.70 21.99
C THR I 427 -39.10 43.72 21.40
N VAL I 428 -38.67 42.55 20.97
CA VAL I 428 -39.54 41.68 20.15
C VAL I 428 -39.49 40.23 20.60
N VAL I 429 -40.36 39.44 20.02
CA VAL I 429 -40.44 38.00 20.27
C VAL I 429 -39.53 37.30 19.27
N LEU I 430 -38.57 36.53 19.75
CA LEU I 430 -37.76 35.60 18.93
C LEU I 430 -38.60 34.35 18.68
N GLY I 431 -39.19 33.85 19.77
CA GLY I 431 -39.89 32.56 19.83
C GLY I 431 -40.53 32.36 21.17
N GLY I 432 -40.98 31.15 21.46
CA GLY I 432 -41.69 30.87 22.70
C GLY I 432 -42.39 29.53 22.65
N LEU I 433 -42.60 28.95 23.81
CA LEU I 433 -43.35 27.68 23.98
C LEU I 433 -44.27 27.84 25.16
N MET I 434 -45.56 27.67 24.91
CA MET I 434 -46.63 27.66 25.94
C MET I 434 -47.16 26.24 26.01
N ASP I 435 -46.84 25.54 27.10
CA ASP I 435 -47.03 24.08 27.22
C ASP I 435 -47.97 23.86 28.40
N GLU I 436 -48.98 23.02 28.22
CA GLU I 436 -50.01 22.77 29.26
C GLU I 436 -50.26 21.27 29.33
N GLN I 437 -50.22 20.72 30.54
CA GLN I 437 -50.37 19.27 30.79
C GLN I 437 -51.36 19.05 31.92
N THR I 438 -52.24 18.07 31.77
CA THR I 438 -53.19 17.69 32.83
C THR I 438 -53.45 16.18 32.76
N LYS I 439 -52.97 15.47 33.77
CA LYS I 439 -53.17 14.01 33.89
C LYS I 439 -54.16 13.77 35.03
N GLU I 440 -55.19 12.96 34.76
CA GLU I 440 -56.21 12.57 35.75
C GLU I 440 -56.24 11.04 35.88
N GLU I 441 -56.20 10.55 37.12
CA GLU I 441 -56.29 9.11 37.45
C GLU I 441 -57.28 8.90 38.60
N VAL I 442 -58.05 7.83 38.51
CA VAL I 442 -58.93 7.36 39.62
C VAL I 442 -58.80 5.84 39.71
N SER I 443 -58.73 5.33 40.93
CA SER I 443 -58.88 3.90 41.26
C SER I 443 -60.15 3.80 42.09
N LYS I 444 -61.25 3.44 41.44
CA LYS I 444 -62.56 3.45 42.12
C LYS I 444 -63.14 2.03 42.11
N VAL I 445 -64.17 1.82 42.91
CA VAL I 445 -65.01 0.60 42.82
C VAL I 445 -66.07 0.89 41.76
N PRO I 446 -66.22 0.00 40.75
CA PRO I 446 -66.88 0.33 39.49
C PRO I 446 -68.21 1.08 39.60
N LEU I 447 -69.18 0.49 40.28
CA LEU I 447 -70.56 1.02 40.40
C LEU I 447 -70.57 2.13 41.45
N LEU I 448 -69.97 1.85 42.61
CA LEU I 448 -70.09 2.69 43.84
C LEU I 448 -69.29 3.97 43.61
N GLY I 449 -68.18 3.89 42.89
CA GLY I 449 -67.30 5.04 42.64
C GLY I 449 -67.99 6.11 41.83
N ASP I 450 -69.14 5.79 41.22
CA ASP I 450 -69.84 6.68 40.27
C ASP I 450 -71.04 7.35 40.94
N ILE I 451 -71.36 7.02 42.20
CA ILE I 451 -72.40 7.76 42.97
C ILE I 451 -71.93 9.22 43.04
N PRO I 452 -72.70 10.22 42.52
CA PRO I 452 -72.14 11.54 42.22
C PRO I 452 -71.41 12.22 43.38
N VAL I 453 -71.90 12.08 44.62
CA VAL I 453 -71.25 12.65 45.82
C VAL I 453 -70.64 11.54 46.68
N LEU I 454 -71.43 10.61 47.22
CA LEU I 454 -70.92 9.50 48.06
C LEU I 454 -69.73 8.82 47.37
N GLY I 455 -69.76 8.72 46.05
CA GLY I 455 -68.82 7.93 45.24
C GLY I 455 -67.37 8.31 45.50
N TYR I 456 -67.11 9.54 45.94
CA TYR I 456 -65.74 10.04 46.20
C TYR I 456 -65.17 9.27 47.40
N LEU I 457 -66.01 8.57 48.14
CA LEU I 457 -65.54 7.75 49.29
C LEU I 457 -64.95 6.44 48.76
N PHE I 458 -65.37 5.97 47.60
CA PHE I 458 -64.85 4.71 47.02
C PHE I 458 -63.60 4.98 46.18
N ARG I 459 -63.55 6.15 45.53
CA ARG I 459 -62.49 6.49 44.54
C ARG I 459 -61.27 7.08 45.28
N SER I 460 -60.07 6.69 44.83
CA SER I 460 -58.78 7.31 45.20
C SER I 460 -58.31 8.10 43.99
N THR I 461 -58.59 9.38 43.94
CA THR I 461 -58.27 10.13 42.73
C THR I 461 -56.86 10.69 42.88
N SER I 462 -56.10 10.70 41.77
CA SER I 462 -54.80 11.41 41.66
C SER I 462 -54.82 12.33 40.43
N ASN I 463 -54.83 13.64 40.65
CA ASN I 463 -54.88 14.63 39.54
C ASN I 463 -53.53 15.34 39.47
N ASN I 464 -53.20 15.85 38.29
CA ASN I 464 -51.94 16.61 38.13
C ASN I 464 -52.19 17.66 37.06
N THR I 465 -51.55 18.82 37.20
CA THR I 465 -51.61 19.89 36.18
C THR I 465 -50.29 20.66 36.19
N SER I 466 -49.98 21.29 35.06
CA SER I 466 -48.75 22.09 34.87
C SER I 466 -48.97 23.13 33.77
N LYS I 467 -48.11 24.12 33.78
CA LYS I 467 -48.08 25.24 32.83
C LYS I 467 -46.64 25.71 32.73
N ARG I 468 -46.20 25.98 31.51
CA ARG I 468 -44.92 26.68 31.28
C ARG I 468 -45.18 27.65 30.13
N ASN I 469 -44.95 28.93 30.35
CA ASN I 469 -45.04 29.92 29.27
C ASN I 469 -43.65 30.55 29.14
N LEU I 470 -42.94 30.21 28.07
CA LEU I 470 -41.56 30.68 27.83
C LEU I 470 -41.58 31.63 26.65
N MET I 471 -41.02 32.82 26.83
CA MET I 471 -40.95 33.87 25.77
C MET I 471 -39.52 34.38 25.67
N VAL I 472 -38.95 34.40 24.48
CA VAL I 472 -37.56 34.89 24.25
C VAL I 472 -37.64 36.20 23.48
N PHE I 473 -37.33 37.32 24.13
CA PHE I 473 -37.35 38.67 23.50
C PHE I 473 -35.92 39.16 23.27
N ILE I 474 -35.69 39.87 22.16
CA ILE I 474 -34.36 40.44 21.81
C ILE I 474 -34.57 41.91 21.46
N ARG I 475 -33.82 42.81 22.10
CA ARG I 475 -33.95 44.27 21.87
C ARG I 475 -32.61 44.84 21.44
N PRO I 476 -32.35 44.91 20.11
CA PRO I 476 -31.11 45.48 19.63
C PRO I 476 -31.15 47.00 19.82
N THR I 477 -29.97 47.58 19.78
CA THR I 477 -29.71 49.00 20.06
C THR I 477 -28.43 49.38 19.34
N ILE I 478 -28.52 50.29 18.39
CA ILE I 478 -27.31 50.55 17.56
C ILE I 478 -26.66 51.86 18.00
N LEU I 479 -25.35 51.75 18.12
CA LEU I 479 -24.38 52.81 18.46
C LEU I 479 -23.70 53.22 17.16
N ARG I 480 -24.05 54.40 16.61
CA ARG I 480 -23.50 54.90 15.32
C ARG I 480 -22.14 55.56 15.58
N ASP I 481 -22.00 56.27 16.69
CA ASP I 481 -20.73 56.94 17.09
C ASP I 481 -20.44 56.60 18.56
N ALA I 482 -19.33 57.10 19.11
CA ALA I 482 -18.84 56.80 20.48
C ALA I 482 -19.74 57.45 21.53
N ASN I 483 -20.13 58.71 21.32
CA ASN I 483 -20.91 59.52 22.29
C ASN I 483 -22.21 58.80 22.69
N VAL I 484 -22.81 58.02 21.79
CA VAL I 484 -24.06 57.27 22.12
C VAL I 484 -23.68 56.03 22.95
N TYR I 485 -22.41 55.61 22.86
CA TYR I 485 -21.93 54.35 23.45
C TYR I 485 -21.39 54.62 24.85
N SER I 486 -21.12 55.87 25.18
CA SER I 486 -20.84 56.23 26.59
C SER I 486 -22.17 56.21 27.34
N GLY I 487 -23.13 57.00 26.86
CA GLY I 487 -24.45 57.16 27.50
C GLY I 487 -25.11 55.82 27.74
N ILE I 488 -24.98 54.91 26.78
CA ILE I 488 -25.60 53.56 26.87
C ILE I 488 -24.84 52.75 27.92
N SER I 489 -23.52 52.91 27.96
CA SER I 489 -22.63 52.19 28.92
C SER I 489 -22.70 52.88 30.27
N SER I 490 -22.86 54.20 30.28
CA SER I 490 -22.88 55.00 31.53
C SER I 490 -24.15 54.67 32.31
N ASN I 491 -25.26 54.38 31.63
CA ASN I 491 -26.55 54.12 32.31
C ASN I 491 -26.54 52.70 32.88
N LYS I 492 -25.76 51.78 32.29
CA LYS I 492 -25.61 50.42 32.85
C LYS I 492 -24.54 50.46 33.93
N TYR I 493 -23.52 51.29 33.74
CA TYR I 493 -22.43 51.46 34.72
C TYR I 493 -22.99 52.07 35.99
N THR I 494 -23.90 53.03 35.84
CA THR I 494 -24.51 53.76 36.97
C THR I 494 -25.64 52.93 37.57
N LEU I 495 -26.48 52.31 36.76
CA LEU I 495 -27.60 51.48 37.28
C LEU I 495 -27.01 50.31 38.06
N PHE I 496 -25.80 49.88 37.69
CA PHE I 496 -25.08 48.81 38.44
C PHE I 496 -24.49 49.43 39.71
N ARG I 497 -23.92 50.62 39.58
CA ARG I 497 -23.30 51.34 40.72
C ARG I 497 -24.41 51.66 41.73
N ALA I 498 -25.51 52.21 41.25
CA ALA I 498 -26.68 52.61 42.07
C ALA I 498 -27.27 51.36 42.73
N GLN I 499 -27.05 50.17 42.16
CA GLN I 499 -27.57 48.91 42.74
C GLN I 499 -26.65 48.50 43.88
N GLN I 500 -25.34 48.67 43.71
CA GLN I 500 -24.36 48.35 44.76
C GLN I 500 -24.57 49.30 45.93
N LEU I 501 -24.81 50.59 45.68
CA LEU I 501 -25.00 51.58 46.76
C LEU I 501 -26.30 51.30 47.51
N ASP I 502 -27.30 50.73 46.82
CA ASP I 502 -28.58 50.32 47.43
C ASP I 502 -28.31 49.13 48.37
N ALA I 503 -27.45 48.21 47.97
CA ALA I 503 -27.13 46.97 48.72
C ALA I 503 -26.29 47.32 49.96
N VAL I 504 -25.51 48.40 49.88
CA VAL I 504 -24.70 48.91 51.03
C VAL I 504 -25.67 49.44 52.09
N ALA I 505 -26.74 50.12 51.68
CA ALA I 505 -27.70 50.78 52.60
C ALA I 505 -28.66 49.75 53.23
N GLN I 506 -28.59 48.47 52.85
CA GLN I 506 -29.23 47.35 53.60
C GLN I 506 -28.18 46.65 54.48
N GLU I 507 -26.99 46.40 53.94
CA GLU I 507 -25.86 45.76 54.68
C GLU I 507 -25.46 46.68 55.84
N GLY I 508 -25.50 47.99 55.63
CA GLY I 508 -25.24 48.99 56.68
C GLY I 508 -26.26 48.87 57.80
N TYR I 509 -27.51 48.64 57.41
CA TYR I 509 -28.65 48.47 58.35
C TYR I 509 -28.45 47.19 59.16
N ALA I 510 -28.09 46.08 58.50
CA ALA I 510 -27.96 44.74 59.11
C ALA I 510 -26.69 44.67 59.97
N THR I 511 -25.65 45.43 59.61
CA THR I 511 -24.33 45.46 60.32
C THR I 511 -23.59 44.12 60.11
N SER I 512 -22.26 44.16 60.24
CA SER I 512 -21.36 42.98 60.25
C SER I 512 -21.28 42.29 58.89
N PRO I 513 -21.51 42.95 57.73
CA PRO I 513 -21.16 42.42 56.43
C PRO I 513 -20.72 43.48 55.39
N ASP I 514 -20.00 43.11 54.33
CA ASP I 514 -19.56 44.14 53.34
C ASP I 514 -19.87 43.75 51.89
N ARG I 515 -20.61 44.62 51.23
CA ARG I 515 -20.75 44.67 49.76
C ARG I 515 -19.95 45.88 49.29
N GLN I 516 -18.95 45.70 48.41
CA GLN I 516 -18.06 46.82 48.08
C GLN I 516 -18.36 47.33 46.68
N VAL I 517 -18.24 48.64 46.55
CA VAL I 517 -18.87 49.36 45.43
C VAL I 517 -17.80 49.94 44.52
N LEU I 518 -18.05 49.66 43.26
CA LEU I 518 -17.63 50.36 42.03
C LEU I 518 -17.63 51.88 42.20
N PRO I 519 -16.57 52.58 41.77
CA PRO I 519 -16.53 54.03 41.93
C PRO I 519 -17.52 54.72 40.97
N GLU I 520 -17.31 56.01 40.73
CA GLU I 520 -18.14 56.77 39.77
C GLU I 520 -17.46 56.71 38.40
N TYR I 521 -18.22 56.99 37.34
CA TYR I 521 -17.71 56.86 35.95
C TYR I 521 -16.53 57.80 35.73
N GLY I 522 -15.39 57.24 35.32
CA GLY I 522 -14.22 57.98 34.83
C GLY I 522 -13.29 58.40 35.96
N GLN I 523 -13.48 57.84 37.16
CA GLN I 523 -12.72 58.22 38.38
C GLN I 523 -11.67 57.14 38.71
N ASP I 524 -11.85 55.91 38.20
CA ASP I 524 -11.02 54.73 38.56
C ASP I 524 -10.77 54.75 40.08
N GLY J 1 74.82 47.47 -52.46
CA GLY J 1 74.30 48.24 -53.62
C GLY J 1 73.66 47.33 -54.68
N ASP J 2 74.49 46.64 -55.47
CA ASP J 2 74.02 45.75 -56.56
C ASP J 2 74.00 44.30 -56.06
N GLU J 3 74.20 44.09 -54.75
CA GLU J 3 74.40 42.74 -54.17
C GLU J 3 73.07 41.99 -54.20
N MET J 4 72.98 40.94 -55.03
CA MET J 4 71.74 40.15 -55.23
C MET J 4 71.68 39.06 -54.15
N VAL J 5 70.73 39.21 -53.23
CA VAL J 5 70.53 38.26 -52.09
C VAL J 5 69.03 38.06 -51.89
N THR J 6 68.67 36.91 -51.32
CA THR J 6 67.27 36.60 -50.93
C THR J 6 67.13 36.83 -49.42
N ARG J 7 66.13 37.60 -49.02
CA ARG J 7 65.80 37.79 -47.58
C ARG J 7 64.28 37.86 -47.42
N VAL J 8 63.80 37.38 -46.28
CA VAL J 8 62.40 36.97 -46.07
C VAL J 8 61.89 37.60 -44.77
N VAL J 9 60.84 38.41 -44.88
CA VAL J 9 60.13 39.01 -43.71
C VAL J 9 58.65 38.62 -43.83
N PRO J 10 58.07 37.99 -42.78
CA PRO J 10 56.62 37.82 -42.71
C PRO J 10 55.89 39.15 -42.42
N VAL J 11 54.64 39.23 -42.89
CA VAL J 11 53.60 40.14 -42.31
C VAL J 11 52.72 39.26 -41.42
N ARG J 12 52.94 39.27 -40.10
CA ARG J 12 52.21 38.40 -39.16
C ARG J 12 50.79 38.94 -38.96
N ASN J 13 50.69 40.26 -38.76
CA ASN J 13 49.44 41.00 -38.46
C ASN J 13 48.39 40.74 -39.56
N VAL J 14 48.79 40.86 -40.82
CA VAL J 14 47.87 40.74 -41.98
C VAL J 14 48.37 39.59 -42.87
N SER J 15 47.50 39.02 -43.69
CA SER J 15 47.91 38.09 -44.77
C SER J 15 48.72 38.87 -45.80
N VAL J 16 49.94 38.42 -46.11
CA VAL J 16 50.95 39.18 -46.90
C VAL J 16 50.45 39.38 -48.35
N ARG J 17 49.34 38.74 -48.70
CA ARG J 17 48.78 38.66 -50.08
C ARG J 17 48.60 40.07 -50.67
N GLU J 18 48.47 41.09 -49.80
CA GLU J 18 48.11 42.49 -50.20
C GLU J 18 49.32 43.21 -50.81
N LEU J 19 50.54 42.66 -50.72
CA LEU J 19 51.75 43.36 -51.22
C LEU J 19 52.17 42.79 -52.59
N ALA J 20 51.36 41.92 -53.18
CA ALA J 20 51.69 41.22 -54.44
C ALA J 20 51.77 42.22 -55.60
N PRO J 21 50.75 43.09 -55.80
CA PRO J 21 50.89 44.21 -56.75
C PRO J 21 52.10 45.12 -56.45
N LEU J 22 52.28 45.44 -55.17
CA LEU J 22 53.28 46.41 -54.63
C LEU J 22 54.70 45.90 -54.91
N LEU J 23 55.01 44.67 -54.50
CA LEU J 23 56.42 44.23 -54.36
C LEU J 23 56.92 43.65 -55.68
N ARG J 24 56.09 42.90 -56.40
CA ARG J 24 56.39 42.48 -57.79
C ARG J 24 56.30 43.72 -58.69
N GLN J 25 55.60 44.74 -58.22
CA GLN J 25 55.65 46.09 -58.87
C GLN J 25 57.04 46.69 -58.58
N LEU J 26 57.65 46.36 -57.44
CA LEU J 26 59.02 46.86 -57.09
C LEU J 26 60.08 46.07 -57.85
N ASN J 27 59.79 44.81 -58.19
CA ASN J 27 60.51 44.10 -59.27
C ASN J 27 60.36 44.96 -60.53
N ASP J 28 59.10 45.31 -60.85
CA ASP J 28 58.71 46.09 -62.06
C ASP J 28 59.17 47.56 -61.94
N ASN J 29 59.71 47.95 -60.77
CA ASN J 29 60.12 49.35 -60.49
C ASN J 29 61.44 49.64 -61.23
N ALA J 30 62.41 48.73 -61.18
CA ALA J 30 63.78 48.95 -61.72
C ALA J 30 64.36 47.66 -62.31
N GLY J 31 65.58 47.76 -62.85
CA GLY J 31 66.32 46.66 -63.50
C GLY J 31 66.12 45.34 -62.77
N GLY J 32 65.62 44.33 -63.48
CA GLY J 32 65.11 43.05 -62.93
C GLY J 32 66.20 42.16 -62.37
N GLY J 33 65.86 40.89 -62.11
CA GLY J 33 66.63 39.94 -61.28
C GLY J 33 65.96 39.77 -59.92
N ASN J 34 64.67 40.08 -59.83
CA ASN J 34 63.92 40.09 -58.56
C ASN J 34 62.94 38.90 -58.53
N VAL J 35 62.65 38.42 -57.31
CA VAL J 35 61.52 37.49 -57.00
C VAL J 35 60.83 37.97 -55.73
N VAL J 36 59.50 38.00 -55.75
CA VAL J 36 58.66 38.20 -54.55
C VAL J 36 57.64 37.06 -54.55
N HIS J 37 57.36 36.44 -53.40
CA HIS J 37 56.31 35.40 -53.27
C HIS J 37 55.84 35.23 -51.82
N TYR J 38 54.76 34.48 -51.64
CA TYR J 38 53.85 34.56 -50.48
C TYR J 38 53.50 33.18 -49.97
N ASP J 39 53.71 32.96 -48.67
CA ASP J 39 53.28 31.71 -48.01
C ASP J 39 51.89 31.97 -47.44
N PRO J 40 50.99 30.97 -47.46
CA PRO J 40 49.72 31.09 -46.73
C PRO J 40 50.07 31.25 -45.23
N SER J 41 51.20 30.68 -44.83
CA SER J 41 51.82 30.81 -43.47
C SER J 41 52.22 32.28 -43.26
N ASN J 42 52.13 33.06 -44.33
CA ASN J 42 52.11 34.54 -44.31
C ASN J 42 53.51 35.06 -43.96
N VAL J 43 54.53 34.37 -44.47
CA VAL J 43 55.90 34.95 -44.61
C VAL J 43 56.05 35.45 -46.06
N LEU J 44 56.76 36.56 -46.23
CA LEU J 44 56.98 37.18 -47.55
C LEU J 44 58.45 37.00 -47.93
N LEU J 45 58.72 36.18 -48.95
CA LEU J 45 60.10 35.80 -49.34
C LEU J 45 60.53 36.64 -50.55
N ILE J 46 61.75 37.20 -50.47
CA ILE J 46 62.27 38.12 -51.51
C ILE J 46 63.63 37.62 -52.03
N THR J 47 63.92 38.00 -53.27
CA THR J 47 65.24 37.88 -53.95
C THR J 47 65.48 39.17 -54.75
N GLY J 48 66.69 39.73 -54.66
CA GLY J 48 67.03 40.93 -55.45
C GLY J 48 68.28 41.63 -54.95
N ARG J 49 68.69 42.65 -55.70
CA ARG J 49 69.89 43.48 -55.40
C ARG J 49 69.60 44.31 -54.15
N ALA J 50 70.67 44.78 -53.50
CA ALA J 50 70.69 45.30 -52.12
C ALA J 50 69.68 46.46 -51.94
N ALA J 51 69.57 47.36 -52.93
CA ALA J 51 68.73 48.57 -52.85
C ALA J 51 67.26 48.18 -53.03
N VAL J 52 66.94 47.54 -54.16
CA VAL J 52 65.54 47.12 -54.50
C VAL J 52 64.99 46.36 -53.29
N VAL J 53 65.83 45.54 -52.65
CA VAL J 53 65.43 44.74 -51.46
C VAL J 53 65.39 45.64 -50.23
N ASN J 54 66.24 46.68 -50.15
CA ASN J 54 66.18 47.69 -49.06
C ASN J 54 64.74 48.19 -48.96
N ARG J 55 64.20 48.71 -50.07
CA ARG J 55 62.86 49.37 -50.11
C ARG J 55 61.75 48.32 -50.18
N LEU J 56 62.05 47.10 -50.65
CA LEU J 56 61.10 45.96 -50.64
C LEU J 56 60.83 45.57 -49.18
N VAL J 57 61.90 45.16 -48.48
CA VAL J 57 61.82 44.72 -47.06
C VAL J 57 61.32 45.90 -46.22
N GLU J 58 61.69 47.14 -46.59
CA GLU J 58 61.08 48.38 -46.04
C GLU J 58 59.56 48.22 -46.11
N VAL J 59 59.02 47.96 -47.30
CA VAL J 59 57.55 47.79 -47.51
C VAL J 59 57.05 46.70 -46.55
N VAL J 60 57.81 45.62 -46.37
CA VAL J 60 57.28 44.38 -45.73
C VAL J 60 57.21 44.60 -44.21
N ARG J 61 58.32 44.98 -43.57
CA ARG J 61 58.33 45.31 -42.12
C ARG J 61 57.30 46.40 -41.89
N ARG J 62 57.21 47.36 -42.82
CA ARG J 62 56.24 48.47 -42.75
C ARG J 62 54.83 47.87 -42.62
N VAL J 63 54.34 47.20 -43.65
CA VAL J 63 53.00 46.54 -43.66
C VAL J 63 52.90 45.64 -42.41
N ASP J 64 54.04 45.16 -41.91
CA ASP J 64 54.10 44.30 -40.70
C ASP J 64 53.76 45.11 -39.45
N LYS J 65 54.35 46.31 -39.31
CA LYS J 65 54.15 47.21 -38.14
C LYS J 65 52.92 48.09 -38.37
N ALA J 66 52.35 48.06 -39.57
CA ALA J 66 51.20 48.92 -39.98
C ALA J 66 49.95 48.46 -39.24
N GLY J 67 49.81 47.16 -39.03
CA GLY J 67 48.63 46.55 -38.37
C GLY J 67 49.00 45.82 -37.10
N ASP J 68 49.45 46.55 -36.06
CA ASP J 68 49.90 45.93 -34.78
C ASP J 68 48.68 45.41 -34.02
N GLN J 69 48.86 44.35 -33.22
CA GLN J 69 47.77 43.71 -32.44
C GLN J 69 48.36 43.00 -31.22
N GLU J 70 48.65 43.75 -30.15
CA GLU J 70 49.28 43.19 -28.95
C GLU J 70 48.24 43.13 -27.82
N VAL J 71 48.60 42.47 -26.72
CA VAL J 71 47.76 42.43 -25.49
C VAL J 71 48.49 43.17 -24.36
N ASP J 72 47.67 43.84 -23.54
CA ASP J 72 48.06 44.54 -22.28
C ASP J 72 47.18 44.04 -21.13
N ILE J 73 47.81 43.69 -20.02
CA ILE J 73 47.09 43.30 -18.79
C ILE J 73 47.48 44.25 -17.67
N ILE J 74 46.52 45.00 -17.16
CA ILE J 74 46.71 45.74 -15.88
C ILE J 74 45.53 45.41 -14.95
N LYS J 75 45.85 45.20 -13.67
CA LYS J 75 44.89 44.78 -12.62
C LYS J 75 43.75 45.80 -12.47
N LEU J 76 42.52 45.31 -12.35
CA LEU J 76 41.37 46.09 -11.82
C LEU J 76 41.23 45.78 -10.33
N LYS J 77 41.16 46.80 -9.50
CA LYS J 77 41.07 46.63 -8.05
C LYS J 77 39.61 46.64 -7.61
N TYR J 78 38.71 47.29 -8.37
CA TYR J 78 37.33 47.64 -7.91
C TYR J 78 36.24 46.92 -8.73
N ALA J 79 35.54 47.59 -9.65
CA ALA J 79 34.28 47.05 -10.23
C ALA J 79 34.53 45.84 -11.14
N SER J 80 33.56 44.93 -11.16
CA SER J 80 33.68 43.52 -11.62
C SER J 80 34.14 43.48 -13.07
N ALA J 81 35.04 42.55 -13.37
CA ALA J 81 35.59 42.32 -14.73
C ALA J 81 34.45 41.89 -15.67
N GLY J 82 33.50 41.09 -15.15
CA GLY J 82 32.31 40.60 -15.87
C GLY J 82 31.33 41.71 -16.23
N GLU J 83 31.13 42.67 -15.33
CA GLU J 83 30.33 43.90 -15.61
C GLU J 83 31.13 44.72 -16.61
N MET J 84 32.44 44.84 -16.37
CA MET J 84 33.39 45.52 -17.28
C MET J 84 33.14 44.92 -18.67
N VAL J 85 33.04 43.59 -18.72
CA VAL J 85 32.86 42.81 -19.98
C VAL J 85 31.53 43.23 -20.60
N ARG J 86 30.44 43.13 -19.85
CA ARG J 86 29.05 43.34 -20.35
C ARG J 86 28.94 44.75 -20.93
N LEU J 87 29.40 45.75 -20.18
CA LEU J 87 29.21 47.19 -20.49
C LEU J 87 29.98 47.50 -21.76
N VAL J 88 31.18 46.94 -21.86
CA VAL J 88 32.08 47.19 -23.02
C VAL J 88 31.65 46.29 -24.18
N THR J 89 31.06 45.12 -23.92
CA THR J 89 30.59 44.24 -25.02
C THR J 89 29.60 45.02 -25.87
N ASN J 90 28.84 45.91 -25.25
CA ASN J 90 27.81 46.71 -25.95
C ASN J 90 28.50 47.81 -26.77
N LEU J 91 29.77 48.10 -26.50
CA LEU J 91 30.73 48.72 -27.45
C LEU J 91 30.95 47.73 -28.62
N ASN J 92 29.88 47.37 -29.34
CA ASN J 92 29.97 46.62 -30.61
C ASN J 92 30.80 47.45 -31.60
N LYS J 93 31.64 46.78 -32.41
CA LYS J 93 32.52 47.35 -33.48
C LYS J 93 33.90 47.69 -32.90
N ASP J 94 34.08 47.56 -31.58
CA ASP J 94 35.42 47.31 -31.00
C ASP J 94 35.79 45.84 -31.30
N GLY J 95 36.10 45.57 -32.58
CA GLY J 95 36.59 44.26 -33.07
C GLY J 95 35.51 43.19 -33.15
N ASN J 96 34.29 43.51 -32.68
CA ASN J 96 33.15 42.58 -32.56
C ASN J 96 32.16 42.87 -33.71
N SER J 97 32.45 42.37 -34.91
CA SER J 97 31.56 42.53 -36.10
C SER J 97 31.87 41.46 -37.14
N GLN J 98 30.99 41.35 -38.15
CA GLN J 98 31.12 40.42 -39.29
C GLN J 98 31.25 41.25 -40.56
N GLY J 99 31.81 42.46 -40.44
CA GLY J 99 32.08 43.39 -41.55
C GLY J 99 33.02 42.79 -42.58
N GLY J 100 32.65 42.82 -43.87
CA GLY J 100 33.37 42.17 -44.98
C GLY J 100 34.70 42.83 -45.27
N ASN J 101 34.71 43.81 -46.19
CA ASN J 101 35.91 44.57 -46.61
C ASN J 101 36.46 45.38 -45.44
N THR J 102 35.64 45.58 -44.38
CA THR J 102 36.02 46.19 -43.08
C THR J 102 37.01 45.26 -42.38
N SER J 103 36.75 43.95 -42.43
CA SER J 103 37.51 42.86 -41.75
C SER J 103 37.75 43.20 -40.27
N LEU J 104 36.69 43.63 -39.55
CA LEU J 104 36.82 44.18 -38.19
C LEU J 104 37.15 43.03 -37.23
N LEU J 105 37.12 41.80 -37.74
CA LEU J 105 37.58 40.57 -37.05
C LEU J 105 39.10 40.64 -36.80
N LEU J 106 39.81 41.56 -37.47
CA LEU J 106 41.27 41.83 -37.30
C LEU J 106 41.51 43.07 -36.42
N ALA J 107 40.44 43.68 -35.90
CA ALA J 107 40.48 44.94 -35.12
C ALA J 107 40.47 44.63 -33.62
N PRO J 108 40.87 45.59 -32.75
CA PRO J 108 40.95 45.38 -31.31
C PRO J 108 39.69 44.85 -30.58
N LYS J 109 39.87 43.88 -29.68
CA LYS J 109 38.77 43.24 -28.88
C LYS J 109 39.06 43.37 -27.38
N VAL J 110 38.01 43.19 -26.56
CA VAL J 110 38.02 43.45 -25.09
C VAL J 110 37.63 42.19 -24.32
N VAL J 111 38.22 42.02 -23.14
CA VAL J 111 38.07 40.82 -22.27
C VAL J 111 38.28 41.21 -20.81
N ALA J 112 38.08 40.23 -19.92
CA ALA J 112 38.49 40.30 -18.51
C ALA J 112 38.58 38.92 -17.85
N ASP J 113 39.39 38.87 -16.78
CA ASP J 113 39.57 37.74 -15.83
C ASP J 113 38.94 38.17 -14.50
N GLU J 114 38.22 37.27 -13.84
CA GLU J 114 37.59 37.55 -12.53
C GLU J 114 38.40 36.86 -11.42
N ARG J 115 39.46 36.09 -11.74
CA ARG J 115 40.36 35.48 -10.71
C ARG J 115 41.34 36.54 -10.17
N THR J 116 41.95 37.33 -11.05
CA THR J 116 42.87 38.46 -10.68
C THR J 116 42.12 39.79 -10.75
N ASN J 117 40.89 39.76 -11.28
CA ASN J 117 40.11 40.92 -11.80
C ASN J 117 41.01 41.77 -12.70
N SER J 118 41.32 41.24 -13.88
CA SER J 118 42.24 41.88 -14.84
C SER J 118 41.51 42.20 -16.14
N VAL J 119 41.68 43.43 -16.64
CA VAL J 119 41.23 43.70 -18.03
C VAL J 119 42.23 43.05 -18.97
N VAL J 120 41.68 42.54 -20.03
CA VAL J 120 42.47 41.97 -21.14
C VAL J 120 42.07 42.72 -22.40
N VAL J 121 43.06 43.24 -23.10
CA VAL J 121 42.86 43.85 -24.45
C VAL J 121 43.54 42.94 -25.46
N SER J 122 43.03 42.88 -26.68
CA SER J 122 43.77 42.27 -27.82
C SER J 122 43.66 43.20 -29.03
N GLY J 123 44.71 43.99 -29.33
CA GLY J 123 44.66 44.86 -30.52
C GLY J 123 45.71 45.96 -30.56
N GLU J 124 45.39 47.00 -31.35
CA GLU J 124 46.14 48.27 -31.63
C GLU J 124 46.77 48.89 -30.39
N PRO J 125 47.85 49.70 -30.54
CA PRO J 125 48.26 50.60 -29.46
C PRO J 125 47.35 51.82 -29.24
N LYS J 126 46.54 52.20 -30.23
CA LYS J 126 45.43 53.16 -30.02
C LYS J 126 44.41 52.51 -29.08
N ALA J 127 44.22 51.18 -29.17
CA ALA J 127 43.34 50.41 -28.25
C ALA J 127 44.01 50.31 -26.86
N ARG J 128 45.32 50.06 -26.79
CA ARG J 128 46.08 50.15 -25.51
C ARG J 128 45.84 51.52 -24.88
N ALA J 129 46.03 52.58 -25.67
CA ALA J 129 45.89 53.99 -25.22
C ALA J 129 44.46 54.22 -24.71
N ARG J 130 43.41 53.87 -25.48
CA ARG J 130 42.00 54.20 -25.14
C ARG J 130 41.39 53.18 -24.18
N ILE J 131 41.89 51.94 -24.11
CA ILE J 131 41.29 50.95 -23.18
C ILE J 131 42.01 50.97 -21.83
N ILE J 132 43.22 51.50 -21.75
CA ILE J 132 43.80 51.83 -20.41
C ILE J 132 42.99 53.00 -19.83
N GLN J 133 42.44 53.88 -20.68
CA GLN J 133 41.47 54.94 -20.25
C GLN J 133 40.18 54.27 -19.74
N MET J 134 39.67 53.27 -20.45
CA MET J 134 38.40 52.60 -20.08
C MET J 134 38.58 51.71 -18.83
N VAL J 135 39.77 51.13 -18.63
CA VAL J 135 40.20 50.48 -17.37
C VAL J 135 40.00 51.47 -16.23
N ARG J 136 40.50 52.69 -16.38
CA ARG J 136 40.54 53.75 -15.34
C ARG J 136 39.14 54.31 -15.13
N GLN J 137 38.35 54.38 -16.20
CA GLN J 137 36.98 54.96 -16.16
C GLN J 137 36.08 54.16 -15.20
N LEU J 138 36.22 52.83 -15.17
CA LEU J 138 35.28 51.92 -14.47
C LEU J 138 35.95 51.22 -13.29
N ASP J 139 37.23 51.53 -13.04
CA ASP J 139 38.01 51.01 -11.88
C ASP J 139 37.66 51.87 -10.67
N ARG J 140 36.62 52.69 -10.78
CA ARG J 140 36.13 53.50 -9.64
C ARG J 140 35.52 52.57 -8.59
N GLU J 141 35.78 52.88 -7.32
CA GLU J 141 35.28 52.18 -6.12
C GLU J 141 33.88 52.70 -5.80
N LEU J 142 33.22 52.14 -4.79
CA LEU J 142 31.91 52.67 -4.33
C LEU J 142 32.17 53.87 -3.42
N GLN J 143 31.24 54.80 -3.37
CA GLN J 143 31.30 55.95 -2.44
C GLN J 143 30.30 55.70 -1.31
N SER J 144 30.80 55.20 -0.16
CA SER J 144 30.01 54.93 1.06
C SER J 144 28.78 54.07 0.70
N GLN J 145 27.66 54.73 0.32
CA GLN J 145 26.40 54.04 -0.08
C GLN J 145 26.72 52.95 -1.10
N GLY J 146 26.36 51.71 -0.80
CA GLY J 146 26.62 50.54 -1.67
C GLY J 146 25.40 50.12 -2.47
N ASN J 147 25.47 48.95 -3.09
CA ASN J 147 24.30 48.23 -3.69
C ASN J 147 23.47 47.69 -2.52
N THR J 148 24.09 47.07 -1.52
CA THR J 148 23.36 46.52 -0.36
C THR J 148 23.54 47.38 0.88
N ARG J 149 22.42 47.61 1.56
CA ARG J 149 22.35 48.33 2.85
C ARG J 149 21.92 47.37 3.95
N VAL J 150 22.25 47.68 5.19
CA VAL J 150 21.63 47.00 6.35
C VAL J 150 20.91 48.05 7.18
N PHE J 151 19.60 47.89 7.31
CA PHE J 151 18.75 48.71 8.22
C PHE J 151 18.71 48.07 9.59
N TYR J 152 19.14 48.84 10.57
CA TYR J 152 18.92 48.57 12.00
C TYR J 152 17.50 48.99 12.34
N LEU J 153 16.60 48.04 12.48
CA LEU J 153 15.23 48.40 12.89
C LEU J 153 15.21 48.61 14.40
N LYS J 154 14.48 49.62 14.86
CA LYS J 154 14.40 49.92 16.31
C LYS J 154 13.15 49.30 16.97
N TYR J 155 11.94 49.54 16.47
CA TYR J 155 10.66 49.10 17.10
C TYR J 155 10.08 47.89 16.35
N GLY J 156 10.58 47.64 15.14
CA GLY J 156 10.16 46.50 14.29
C GLY J 156 11.13 45.33 14.39
N LYS J 157 10.64 44.10 14.25
CA LYS J 157 11.43 42.84 14.37
C LYS J 157 11.86 42.35 13.00
N ALA J 158 13.14 42.10 12.79
CA ALA J 158 13.73 41.89 11.45
C ALA J 158 13.08 40.67 10.78
N LYS J 159 12.86 39.59 11.53
CA LYS J 159 12.38 38.29 10.97
C LYS J 159 10.96 38.49 10.43
N ASP J 160 10.14 39.25 11.18
CA ASP J 160 8.73 39.50 10.84
C ASP J 160 8.70 40.45 9.65
N MET J 161 9.58 41.46 9.64
CA MET J 161 9.65 42.50 8.58
C MET J 161 10.04 41.85 7.25
N VAL J 162 10.89 40.82 7.29
CA VAL J 162 11.38 40.16 6.05
C VAL J 162 10.14 39.73 5.25
N GLU J 163 9.20 39.08 5.92
CA GLU J 163 8.01 38.50 5.24
C GLU J 163 7.21 39.64 4.63
N VAL J 164 7.07 40.71 5.37
CA VAL J 164 6.31 41.92 4.93
C VAL J 164 6.95 42.42 3.64
N LEU J 165 8.27 42.57 3.66
CA LEU J 165 9.01 43.22 2.55
C LEU J 165 9.06 42.24 1.38
N LYS J 166 9.00 40.94 1.65
CA LYS J 166 9.10 39.90 0.60
C LYS J 166 7.98 40.13 -0.41
N GLY J 167 6.79 40.47 0.07
CA GLY J 167 5.67 40.85 -0.80
C GLY J 167 6.10 41.98 -1.72
N VAL J 168 6.72 43.03 -1.18
CA VAL J 168 7.02 44.27 -1.93
C VAL J 168 8.02 43.93 -3.03
N SER J 169 9.01 43.11 -2.67
CA SER J 169 10.05 42.56 -3.58
C SER J 169 9.38 41.68 -4.62
N SER J 170 8.48 40.81 -4.15
CA SER J 170 7.80 39.76 -4.94
C SER J 170 6.64 40.37 -5.72
N LEU J 196 14.71 41.49 -6.15
CA LEU J 196 14.98 42.11 -4.83
C LEU J 196 15.02 41.03 -3.75
N ALA J 197 16.07 41.04 -2.94
CA ALA J 197 16.58 39.86 -2.20
C ALA J 197 16.86 40.22 -0.73
N ILE J 198 16.17 39.54 0.19
CA ILE J 198 16.15 39.97 1.62
C ILE J 198 16.51 38.79 2.50
N SER J 199 17.17 39.07 3.62
CA SER J 199 17.27 38.19 4.82
C SER J 199 17.32 39.06 6.06
N ALA J 200 16.84 38.53 7.18
CA ALA J 200 16.94 39.20 8.48
C ALA J 200 17.83 38.38 9.40
N ASP J 201 18.82 39.03 10.00
CA ASP J 201 19.73 38.44 11.01
C ASP J 201 19.04 38.47 12.37
N GLU J 202 18.79 37.28 12.90
CA GLU J 202 17.99 37.12 14.14
C GLU J 202 18.74 37.80 15.28
N THR J 203 20.07 37.85 15.21
CA THR J 203 20.92 38.29 16.35
C THR J 203 20.85 39.81 16.50
N THR J 204 21.40 40.56 15.56
CA THR J 204 21.43 42.03 15.62
C THR J 204 20.05 42.58 15.23
N ASN J 205 19.10 41.71 14.87
CA ASN J 205 17.72 42.10 14.50
C ASN J 205 17.81 43.18 13.42
N ALA J 206 18.58 42.91 12.37
CA ALA J 206 18.76 43.84 11.24
C ALA J 206 18.28 43.16 9.96
N LEU J 207 17.88 43.97 8.98
CA LEU J 207 17.37 43.50 7.67
C LEU J 207 18.41 43.79 6.60
N VAL J 208 18.87 42.77 5.89
CA VAL J 208 19.86 42.92 4.79
C VAL J 208 19.13 42.73 3.45
N ILE J 209 18.85 43.84 2.76
CA ILE J 209 18.18 43.82 1.44
C ILE J 209 19.19 44.25 0.37
N THR J 210 19.01 43.79 -0.86
CA THR J 210 19.88 44.11 -2.01
C THR J 210 19.00 44.36 -3.25
N ALA J 211 18.72 45.62 -3.55
CA ALA J 211 17.95 46.03 -4.74
C ALA J 211 18.60 47.25 -5.38
N GLN J 212 18.09 47.69 -6.53
CA GLN J 212 18.58 48.90 -7.25
C GLN J 212 18.49 50.07 -6.30
N PRO J 213 19.34 51.09 -6.48
CA PRO J 213 19.31 52.27 -5.62
C PRO J 213 17.92 52.94 -5.65
N ASP J 214 17.19 52.80 -6.77
CA ASP J 214 15.79 53.30 -6.88
C ASP J 214 14.90 52.56 -5.87
N VAL J 215 15.08 51.26 -5.74
CA VAL J 215 14.26 50.41 -4.84
C VAL J 215 14.77 50.60 -3.42
N MET J 216 16.08 50.81 -3.26
CA MET J 216 16.70 51.02 -1.93
C MET J 216 16.04 52.22 -1.25
N ALA J 217 15.86 53.32 -2.00
CA ALA J 217 15.22 54.55 -1.50
C ALA J 217 13.72 54.29 -1.27
N GLU J 218 13.10 53.42 -2.07
CA GLU J 218 11.66 53.07 -1.92
C GLU J 218 11.50 52.17 -0.69
N LEU J 219 12.40 51.19 -0.50
CA LEU J 219 12.38 50.27 0.67
C LEU J 219 12.69 51.08 1.92
N GLU J 220 13.48 52.13 1.78
CA GLU J 220 13.91 52.99 2.92
C GLU J 220 12.70 53.77 3.46
N GLN J 221 11.73 54.13 2.63
CA GLN J 221 10.49 54.81 3.09
C GLN J 221 9.55 53.78 3.70
N VAL J 222 9.47 52.61 3.08
CA VAL J 222 8.58 51.50 3.52
C VAL J 222 8.98 51.14 4.95
N VAL J 223 10.28 50.98 5.15
CA VAL J 223 10.90 50.57 6.44
C VAL J 223 10.59 51.65 7.46
N ALA J 224 10.83 52.91 7.12
CA ALA J 224 10.67 54.04 8.06
C ALA J 224 9.21 54.12 8.50
N LYS J 225 8.27 53.83 7.60
CA LYS J 225 6.83 53.90 7.96
C LYS J 225 6.48 52.69 8.82
N LEU J 226 7.15 51.57 8.54
CA LEU J 226 6.78 50.22 9.04
C LEU J 226 7.44 49.99 10.40
N ASP J 227 8.41 50.83 10.74
CA ASP J 227 9.21 50.74 11.98
C ASP J 227 8.74 51.82 12.95
N ILE J 228 7.57 52.41 12.70
CA ILE J 228 6.99 53.44 13.59
C ILE J 228 6.80 52.87 14.99
N ARG J 229 7.16 53.63 16.02
CA ARG J 229 6.99 53.23 17.44
C ARG J 229 5.53 52.84 17.67
N ARG J 230 5.25 51.54 17.76
CA ARG J 230 3.89 51.01 17.98
C ARG J 230 3.43 51.40 19.37
N ALA J 231 2.27 52.04 19.46
CA ALA J 231 1.72 52.60 20.70
C ALA J 231 1.25 51.45 21.62
N GLN J 232 1.29 51.72 22.92
CA GLN J 232 0.93 50.75 23.97
C GLN J 232 -0.46 51.07 24.52
N VAL J 233 -1.16 50.04 24.96
CA VAL J 233 -2.53 50.19 25.49
C VAL J 233 -2.63 49.52 26.85
N LEU J 234 -3.05 50.29 27.86
CA LEU J 234 -3.41 49.74 29.18
C LEU J 234 -4.90 49.41 29.16
N VAL J 235 -5.23 48.14 29.33
CA VAL J 235 -6.63 47.67 29.25
C VAL J 235 -7.05 47.17 30.63
N GLU J 236 -7.90 47.93 31.32
CA GLU J 236 -8.54 47.46 32.56
C GLU J 236 -9.91 46.88 32.23
N ALA J 237 -10.16 45.64 32.63
CA ALA J 237 -11.51 45.06 32.61
C ALA J 237 -12.04 45.12 34.04
N ILE J 238 -13.35 45.24 34.17
CA ILE J 238 -14.00 45.25 35.50
C ILE J 238 -15.15 44.26 35.42
N ILE J 239 -15.01 43.15 36.14
CA ILE J 239 -16.07 42.11 36.22
C ILE J 239 -16.71 42.21 37.59
N VAL J 240 -17.95 42.64 37.62
CA VAL J 240 -18.70 42.76 38.88
C VAL J 240 -19.86 41.80 38.79
N GLU J 241 -19.98 40.93 39.78
CA GLU J 241 -21.15 40.04 39.90
C GLU J 241 -21.71 40.17 41.29
N ILE J 242 -23.03 40.06 41.40
CA ILE J 242 -23.72 40.08 42.70
C ILE J 242 -24.82 39.03 42.68
N ALA J 243 -24.91 38.24 43.75
CA ALA J 243 -25.74 37.02 43.84
C ALA J 243 -26.33 36.92 45.25
N ASP J 244 -27.52 36.35 45.35
CA ASP J 244 -28.24 36.12 46.62
C ASP J 244 -29.53 35.40 46.26
N GLY J 245 -30.38 35.17 47.25
CA GLY J 245 -31.73 34.64 47.01
C GLY J 245 -32.26 34.09 48.31
N ASP J 246 -33.57 33.88 48.39
CA ASP J 246 -34.19 33.44 49.66
C ASP J 246 -35.06 32.22 49.41
N GLY J 247 -34.62 31.10 49.99
CA GLY J 247 -35.44 29.92 50.27
C GLY J 247 -36.24 30.13 51.54
N LEU J 248 -37.36 29.45 51.63
CA LEU J 248 -38.32 29.47 52.75
C LEU J 248 -38.92 28.08 52.74
N ASN J 249 -38.79 27.29 53.80
CA ASN J 249 -39.62 26.08 53.89
C ASN J 249 -40.31 26.05 55.25
N LEU J 250 -41.61 26.32 55.23
CA LEU J 250 -42.46 26.21 56.42
C LEU J 250 -43.67 25.35 56.06
N GLY J 251 -44.00 24.44 56.98
CA GLY J 251 -44.91 23.30 56.77
C GLY J 251 -45.34 22.73 58.09
N VAL J 252 -46.60 22.36 58.21
CA VAL J 252 -47.14 21.98 59.53
C VAL J 252 -47.82 20.62 59.36
N GLN J 253 -47.48 19.67 60.24
CA GLN J 253 -48.00 18.29 60.18
C GLN J 253 -48.73 18.01 61.49
N TRP J 254 -49.94 17.44 61.42
CA TRP J 254 -50.76 17.08 62.59
C TRP J 254 -51.02 15.59 62.53
N ALA J 255 -50.57 14.81 63.52
CA ALA J 255 -50.81 13.35 63.53
C ALA J 255 -51.63 12.99 64.77
N ASN J 256 -52.77 12.31 64.57
CA ASN J 256 -53.68 11.94 65.67
C ASN J 256 -53.95 10.43 65.62
N THR J 257 -53.71 9.73 66.72
CA THR J 257 -53.87 8.26 66.72
C THR J 257 -55.30 7.94 66.29
N ASN J 258 -56.30 8.64 66.85
CA ASN J 258 -57.74 8.28 66.69
C ASN J 258 -58.23 8.67 65.29
N GLY J 259 -57.87 9.87 64.84
CA GLY J 259 -58.50 10.58 63.71
C GLY J 259 -57.73 10.43 62.41
N GLY J 260 -56.40 10.63 62.44
CA GLY J 260 -55.52 10.52 61.25
C GLY J 260 -54.34 11.47 61.32
N GLY J 261 -53.36 11.27 60.43
CA GLY J 261 -52.11 12.03 60.36
C GLY J 261 -51.90 12.65 58.98
N THR J 262 -51.13 13.74 58.89
CA THR J 262 -50.82 14.48 57.63
C THR J 262 -49.30 14.62 57.51
N GLN J 263 -48.66 13.78 56.69
CA GLN J 263 -47.17 13.79 56.53
C GLN J 263 -46.83 14.35 55.15
N PHE J 264 -45.79 15.19 55.09
CA PHE J 264 -45.31 15.91 53.88
C PHE J 264 -43.81 15.67 53.67
N THR J 265 -43.23 16.26 52.61
CA THR J 265 -41.84 16.02 52.12
C THR J 265 -41.04 17.32 51.95
N ASN J 266 -41.65 18.39 51.43
CA ASN J 266 -40.99 19.72 51.27
C ASN J 266 -40.21 20.04 52.56
N ALA J 267 -40.71 19.51 53.69
CA ALA J 267 -40.14 19.64 55.05
C ALA J 267 -38.79 18.91 55.09
N GLY J 268 -37.87 19.41 55.92
CA GLY J 268 -36.59 18.74 56.23
C GLY J 268 -36.74 17.23 56.42
N PRO J 269 -37.38 16.76 57.53
CA PRO J 269 -37.62 15.34 57.77
C PRO J 269 -39.08 14.89 57.96
N GLY J 270 -39.33 13.59 57.79
CA GLY J 270 -40.64 12.95 57.93
C GLY J 270 -40.86 12.38 59.31
N ILE J 271 -42.05 12.61 59.87
CA ILE J 271 -42.42 12.18 61.25
C ILE J 271 -42.07 10.71 61.44
N GLY J 272 -42.10 9.91 60.37
CA GLY J 272 -41.80 8.47 60.40
C GLY J 272 -40.43 8.19 60.99
N SER J 273 -39.37 8.68 60.33
CA SER J 273 -37.96 8.42 60.72
C SER J 273 -37.72 8.94 62.14
N VAL J 274 -38.40 10.04 62.50
CA VAL J 274 -38.23 10.72 63.80
C VAL J 274 -38.78 9.83 64.91
N ALA J 275 -40.02 9.39 64.76
CA ALA J 275 -40.76 8.56 65.76
C ALA J 275 -40.00 7.25 65.92
N ILE J 276 -39.69 6.60 64.80
CA ILE J 276 -39.00 5.28 64.82
C ILE J 276 -37.68 5.45 65.56
N ALA J 277 -36.93 6.51 65.27
CA ALA J 277 -35.60 6.77 65.86
C ALA J 277 -35.76 6.95 67.38
N ALA J 278 -36.76 7.72 67.81
CA ALA J 278 -37.00 8.01 69.24
C ALA J 278 -37.34 6.69 69.96
N LYS J 279 -38.04 5.78 69.28
CA LYS J 279 -38.46 4.48 69.87
C LYS J 279 -37.31 3.48 69.76
N ASP J 280 -36.34 3.76 68.88
CA ASP J 280 -35.14 2.90 68.67
C ASP J 280 -34.01 3.40 69.57
N TYR J 281 -34.10 4.64 70.05
CA TYR J 281 -33.11 5.29 70.96
C TYR J 281 -33.43 4.95 72.43
N LYS J 282 -34.58 4.30 72.67
CA LYS J 282 -35.06 3.93 74.02
C LYS J 282 -34.25 2.73 74.53
N ASP J 283 -34.13 2.59 75.86
CA ASP J 283 -33.35 1.55 76.57
C ASP J 283 -31.91 1.51 76.02
N ASN J 284 -31.29 2.68 75.88
CA ASN J 284 -29.91 2.86 75.36
C ASN J 284 -29.76 2.11 74.03
N GLY J 285 -30.51 2.53 73.00
CA GLY J 285 -30.48 1.94 71.64
C GLY J 285 -29.42 2.58 70.74
N THR J 286 -29.60 2.53 69.41
CA THR J 286 -28.69 3.13 68.40
C THR J 286 -29.01 4.62 68.21
N THR J 287 -28.17 5.32 67.44
CA THR J 287 -28.31 6.76 67.11
C THR J 287 -27.96 6.98 65.64
N THR J 288 -27.37 5.98 64.98
CA THR J 288 -26.97 6.03 63.55
C THR J 288 -28.19 6.47 62.72
N GLY J 289 -29.23 5.63 62.71
CA GLY J 289 -30.49 5.90 62.01
C GLY J 289 -30.90 7.35 62.18
N LEU J 290 -31.11 7.79 63.42
CA LEU J 290 -31.69 9.14 63.68
C LEU J 290 -30.64 10.21 63.40
N ALA J 291 -29.37 9.95 63.70
CA ALA J 291 -28.29 10.95 63.52
C ALA J 291 -28.14 11.23 62.02
N LYS J 292 -28.61 10.33 61.15
CA LYS J 292 -28.43 10.48 59.68
C LYS J 292 -29.56 11.33 59.12
N LEU J 293 -30.76 11.22 59.67
CA LEU J 293 -31.90 12.10 59.34
C LEU J 293 -31.50 13.55 59.64
N ALA J 294 -31.08 13.81 60.88
CA ALA J 294 -30.87 15.17 61.41
C ALA J 294 -29.56 15.75 60.87
N GLU J 295 -28.90 15.08 59.93
CA GLU J 295 -27.58 15.50 59.39
C GLU J 295 -27.69 16.87 58.68
N ASN J 296 -28.60 17.04 57.72
CA ASN J 296 -28.65 18.28 56.90
C ASN J 296 -29.80 19.17 57.34
N PHE J 297 -30.60 18.78 58.34
CA PHE J 297 -31.83 19.53 58.72
C PHE J 297 -31.44 20.96 59.10
N ASN J 298 -32.28 21.93 58.72
CA ASN J 298 -32.09 23.36 59.05
C ASN J 298 -33.44 24.06 59.22
N GLY J 299 -33.78 24.41 60.48
CA GLY J 299 -34.93 25.26 60.82
C GLY J 299 -35.40 25.07 62.24
N MET J 300 -36.68 25.40 62.46
CA MET J 300 -37.35 25.32 63.78
C MET J 300 -38.43 24.24 63.69
N ALA J 301 -38.14 23.03 64.17
CA ALA J 301 -39.12 21.93 64.31
C ALA J 301 -39.75 22.01 65.71
N ALA J 302 -41.00 22.46 65.78
CA ALA J 302 -41.70 22.72 67.05
C ALA J 302 -42.88 21.76 67.21
N GLY J 303 -42.73 20.77 68.10
CA GLY J 303 -43.78 19.77 68.45
C GLY J 303 -44.66 20.26 69.58
N PHE J 304 -45.91 19.80 69.63
CA PHE J 304 -46.90 20.18 70.67
C PHE J 304 -47.90 19.04 70.82
N TYR J 305 -48.18 18.61 72.06
CA TYR J 305 -49.24 17.64 72.43
C TYR J 305 -50.34 18.31 73.26
N GLN J 306 -51.52 18.52 72.67
CA GLN J 306 -52.73 18.89 73.43
C GLN J 306 -53.69 17.70 73.39
N GLY J 307 -53.84 17.07 74.56
CA GLY J 307 -54.43 15.73 74.69
C GLY J 307 -53.81 14.77 73.67
N ASN J 308 -54.60 14.35 72.68
CA ASN J 308 -54.30 13.19 71.80
C ASN J 308 -53.75 13.66 70.45
N TRP J 309 -54.03 14.90 70.01
CA TRP J 309 -53.52 15.38 68.69
C TRP J 309 -52.08 15.88 68.86
N ALA J 310 -51.14 15.20 68.20
CA ALA J 310 -49.73 15.64 68.07
C ALA J 310 -49.61 16.58 66.85
N MET J 311 -48.73 17.57 66.94
CA MET J 311 -48.54 18.61 65.90
C MET J 311 -47.03 18.89 65.76
N LEU J 312 -46.56 18.95 64.52
CA LEU J 312 -45.13 19.23 64.18
C LEU J 312 -45.07 20.35 63.14
N VAL J 313 -44.46 21.45 63.53
CA VAL J 313 -44.32 22.68 62.71
C VAL J 313 -42.87 22.75 62.24
N THR J 314 -42.66 22.93 60.93
CA THR J 314 -41.31 23.00 60.29
C THR J 314 -41.15 24.34 59.59
N ALA J 315 -40.01 24.98 59.78
CA ALA J 315 -39.72 26.31 59.20
C ALA J 315 -38.22 26.56 59.15
N LEU J 316 -37.73 26.95 57.97
CA LEU J 316 -36.46 27.66 57.77
C LEU J 316 -36.57 28.54 56.54
N SER J 317 -35.98 29.72 56.60
CA SER J 317 -35.75 30.54 55.41
C SER J 317 -34.25 30.61 55.19
N THR J 318 -33.75 30.03 54.10
CA THR J 318 -32.37 30.30 53.65
C THR J 318 -32.41 31.55 52.77
N ASN J 319 -31.43 32.43 52.99
CA ASN J 319 -31.30 33.75 52.33
C ASN J 319 -29.79 33.97 52.19
N THR J 320 -29.35 34.33 51.01
CA THR J 320 -27.94 34.20 50.62
C THR J 320 -27.51 35.49 49.97
N LYS J 321 -26.20 35.72 49.91
CA LYS J 321 -25.61 36.94 49.34
C LYS J 321 -24.18 36.62 48.93
N SER J 322 -23.81 37.04 47.73
CA SER J 322 -22.42 36.96 47.22
C SER J 322 -22.17 38.16 46.30
N ASP J 323 -20.94 38.67 46.33
CA ASP J 323 -20.50 39.80 45.48
C ASP J 323 -19.08 39.48 44.97
N ILE J 324 -18.89 39.55 43.66
CA ILE J 324 -17.59 39.24 43.03
C ILE J 324 -17.21 40.42 42.14
N LEU J 325 -15.93 40.75 42.08
CA LEU J 325 -15.39 41.88 41.28
C LEU J 325 -13.94 41.62 40.90
N SER J 326 -13.68 41.31 39.62
CA SER J 326 -12.32 41.06 39.10
C SER J 326 -11.99 42.11 38.03
N THR J 327 -10.81 42.73 38.13
CA THR J 327 -10.36 43.78 37.20
C THR J 327 -8.95 43.45 36.73
N PRO J 328 -8.81 42.45 35.85
CA PRO J 328 -7.50 42.09 35.33
C PRO J 328 -7.09 43.01 34.17
N SER J 329 -6.21 43.97 34.44
CA SER J 329 -5.66 44.90 33.42
C SER J 329 -4.42 44.26 32.79
N ILE J 330 -3.96 44.81 31.67
CA ILE J 330 -2.74 44.34 30.96
C ILE J 330 -2.30 45.41 29.96
N VAL J 331 -0.99 45.60 29.80
CA VAL J 331 -0.44 46.57 28.83
C VAL J 331 0.27 45.81 27.70
N THR J 332 -0.20 45.99 26.47
CA THR J 332 0.21 45.25 25.26
C THR J 332 0.62 46.24 24.16
N MET J 333 1.45 45.80 23.23
CA MET J 333 1.67 46.51 21.95
C MET J 333 0.44 46.29 21.08
N ASP J 334 0.02 47.32 20.34
CA ASP J 334 -1.08 47.22 19.35
C ASP J 334 -0.88 45.98 18.49
N ASN J 335 -1.94 45.22 18.24
CA ASN J 335 -1.95 44.21 17.17
C ASN J 335 -1.07 43.01 17.54
N LYS J 336 -0.46 43.02 18.71
CA LYS J 336 0.01 41.76 19.32
C LYS J 336 -1.06 41.29 20.29
N GLU J 337 -1.35 40.00 20.27
CA GLU J 337 -2.22 39.47 21.34
C GLU J 337 -1.33 39.27 22.57
N ALA J 338 -1.78 39.91 23.65
CA ALA J 338 -1.40 39.59 25.03
C ALA J 338 -2.21 38.38 25.47
N SER J 339 -1.66 37.61 26.37
CA SER J 339 -2.44 36.71 27.24
C SER J 339 -2.29 37.26 28.65
N PHE J 340 -3.25 37.00 29.51
CA PHE J 340 -3.09 37.25 30.95
C PHE J 340 -3.88 36.16 31.66
N ASN J 341 -3.26 35.44 32.55
CA ASN J 341 -4.00 34.39 33.27
C ASN J 341 -3.73 34.59 34.74
N VAL J 342 -4.74 34.45 35.59
CA VAL J 342 -4.49 34.21 37.04
C VAL J 342 -5.50 33.21 37.57
N GLY J 343 -5.08 31.96 37.60
CA GLY J 343 -5.96 30.78 37.65
C GLY J 343 -5.09 29.56 37.58
N GLN J 344 -5.47 28.55 36.82
CA GLN J 344 -4.73 27.31 37.03
C GLN J 344 -4.98 26.27 35.95
N GLU J 345 -4.01 25.36 35.85
CA GLU J 345 -3.96 24.18 34.95
C GLU J 345 -4.43 22.95 35.72
N VAL J 346 -5.57 22.42 35.32
CA VAL J 346 -6.19 21.19 35.86
C VAL J 346 -6.31 20.19 34.74
N PRO J 347 -6.19 18.90 35.04
CA PRO J 347 -6.33 17.90 34.01
C PRO J 347 -7.80 17.63 33.68
N VAL J 348 -8.10 17.40 32.41
CA VAL J 348 -9.44 16.97 31.90
C VAL J 348 -9.24 15.73 31.04
N GLN J 349 -10.14 14.75 31.11
CA GLN J 349 -10.04 13.51 30.30
C GLN J 349 -10.32 13.83 28.84
N THR J 350 -9.93 12.94 27.93
CA THR J 350 -10.25 13.05 26.49
C THR J 350 -10.02 11.70 25.80
N THR J 364 -5.67 8.71 29.52
CA THR J 364 -5.42 9.93 28.69
C THR J 364 -6.08 11.14 29.35
N ILE J 365 -5.30 12.19 29.64
CA ILE J 365 -5.79 13.44 30.30
C ILE J 365 -5.28 14.64 29.48
N GLU J 366 -5.52 15.86 29.98
CA GLU J 366 -5.16 17.14 29.30
C GLU J 366 -5.15 18.29 30.31
N ARG J 367 -4.36 19.30 30.03
CA ARG J 367 -4.18 20.47 30.93
C ARG J 367 -5.03 21.61 30.39
N LYS J 368 -5.87 22.22 31.23
CA LYS J 368 -6.71 23.38 30.85
C LYS J 368 -6.45 24.50 31.85
N THR J 369 -6.13 25.70 31.37
CA THR J 369 -5.92 26.90 32.22
C THR J 369 -7.28 27.53 32.53
N VAL J 370 -7.79 27.28 33.73
CA VAL J 370 -9.08 27.84 34.23
C VAL J 370 -8.78 28.70 35.45
N GLY J 371 -9.08 29.99 35.34
CA GLY J 371 -8.92 31.00 36.39
C GLY J 371 -9.41 32.31 35.85
N THR J 372 -8.98 33.43 36.40
CA THR J 372 -9.28 34.73 35.74
C THR J 372 -8.37 34.83 34.51
N LYS J 373 -8.96 34.76 33.31
CA LYS J 373 -8.20 34.90 32.05
C LYS J 373 -8.71 36.13 31.33
N LEU J 374 -7.76 36.85 30.81
CA LEU J 374 -8.03 37.88 29.82
C LEU J 374 -7.11 37.55 28.67
N VAL J 375 -7.67 37.29 27.52
CA VAL J 375 -6.85 37.22 26.29
C VAL J 375 -7.26 38.39 25.43
N LEU J 376 -6.35 39.29 25.15
CA LEU J 376 -6.81 40.47 24.43
C LEU J 376 -5.77 40.84 23.40
N THR J 377 -6.24 41.13 22.18
CA THR J 377 -5.44 41.71 21.08
C THR J 377 -6.04 43.07 20.78
N PRO J 378 -5.59 44.14 21.44
CA PRO J 378 -5.95 45.50 21.03
C PRO J 378 -5.46 45.96 19.66
N GLN J 379 -6.20 46.90 19.06
CA GLN J 379 -5.92 47.51 17.74
C GLN J 379 -6.33 48.98 17.82
N ILE J 380 -5.46 49.92 17.44
CA ILE J 380 -5.68 51.36 17.76
C ILE J 380 -6.16 52.14 16.54
N ASN J 381 -7.30 52.82 16.68
CA ASN J 381 -7.75 53.92 15.78
C ASN J 381 -6.72 55.04 15.93
N GLU J 382 -6.13 55.51 14.83
CA GLU J 382 -5.10 56.58 14.79
C GLU J 382 -5.20 57.50 16.02
N GLY J 383 -6.41 57.94 16.38
CA GLY J 383 -6.70 59.06 17.30
C GLY J 383 -6.93 58.67 18.77
N ASP J 384 -8.02 57.98 19.08
CA ASP J 384 -8.43 57.70 20.49
C ASP J 384 -8.84 56.24 20.64
N SER J 385 -9.84 55.82 19.88
CA SER J 385 -10.73 54.72 20.27
C SER J 385 -10.13 53.35 19.91
N VAL J 386 -10.07 52.49 20.92
CA VAL J 386 -9.43 51.14 20.81
C VAL J 386 -10.46 50.12 20.34
N LEU J 387 -10.13 49.35 19.31
CA LEU J 387 -10.81 48.07 18.97
C LEU J 387 -10.18 46.98 19.83
N LEU J 388 -10.96 46.36 20.70
CA LEU J 388 -10.48 45.30 21.62
C LEU J 388 -11.10 43.98 21.23
N THR J 389 -10.31 43.02 20.79
CA THR J 389 -10.81 41.64 20.59
C THR J 389 -10.59 40.92 21.91
N ILE J 390 -11.68 40.64 22.62
CA ILE J 390 -11.64 40.06 23.98
C ILE J 390 -12.14 38.62 23.90
N GLU J 391 -11.39 37.71 24.50
CA GLU J 391 -11.89 36.38 24.89
C GLU J 391 -11.55 36.23 26.36
N GLN J 392 -12.53 36.33 27.24
CA GLN J 392 -12.27 36.23 28.69
C GLN J 392 -13.31 35.37 29.37
N GLU J 393 -12.98 34.94 30.57
CA GLU J 393 -13.93 34.16 31.38
C GLU J 393 -13.40 34.10 32.80
N VAL J 394 -14.29 33.90 33.73
CA VAL J 394 -13.94 33.58 35.13
C VAL J 394 -14.48 32.18 35.38
N SER J 395 -13.58 31.21 35.45
CA SER J 395 -13.99 29.80 35.49
C SER J 395 -13.30 29.11 36.65
N SER J 396 -13.86 27.98 37.09
CA SER J 396 -13.44 27.34 38.34
C SER J 396 -13.78 25.86 38.26
N VAL J 397 -13.03 25.05 38.99
CA VAL J 397 -13.25 23.58 39.05
C VAL J 397 -14.17 23.26 40.24
N GLY J 398 -15.22 24.05 40.45
CA GLY J 398 -16.06 23.93 41.65
C GLY J 398 -15.20 23.83 42.91
N LYS J 399 -15.10 22.63 43.50
CA LYS J 399 -14.29 22.33 44.72
C LYS J 399 -13.22 21.27 44.40
N GLN J 400 -11.94 21.57 44.69
CA GLN J 400 -10.76 20.68 44.47
C GLN J 400 -10.90 19.34 45.22
N ALA J 401 -11.97 19.19 46.03
CA ALA J 401 -12.25 17.99 46.86
C ALA J 401 -13.69 17.51 46.67
N THR J 402 -14.33 17.94 45.58
CA THR J 402 -15.70 17.58 45.14
C THR J 402 -15.64 16.89 43.77
N GLY J 403 -16.50 15.90 43.57
CA GLY J 403 -16.62 15.16 42.30
C GLY J 403 -17.61 15.81 41.35
N THR J 404 -18.08 15.01 40.38
CA THR J 404 -19.01 15.41 39.30
C THR J 404 -20.00 14.24 39.12
N ASP J 405 -21.18 14.46 38.52
CA ASP J 405 -22.09 13.35 38.11
C ASP J 405 -21.56 12.70 36.83
N GLY J 406 -20.71 13.43 36.11
CA GLY J 406 -19.94 12.95 34.95
C GLY J 406 -18.64 12.25 35.33
N LEU J 407 -17.53 12.59 34.66
CA LEU J 407 -16.34 11.71 34.63
C LEU J 407 -15.05 12.48 34.91
N GLY J 408 -14.85 13.64 34.28
CA GLY J 408 -13.70 14.51 34.57
C GLY J 408 -14.08 15.64 35.53
N PRO J 409 -13.22 16.67 35.69
CA PRO J 409 -13.59 17.87 36.41
C PRO J 409 -14.60 18.74 35.64
N THR J 410 -15.41 19.54 36.34
CA THR J 410 -16.33 20.52 35.69
C THR J 410 -15.91 21.95 35.96
N PHE J 411 -16.43 22.91 35.23
CA PHE J 411 -15.99 24.32 35.38
C PHE J 411 -17.15 25.28 35.40
N ASP J 412 -17.18 26.16 36.40
CA ASP J 412 -18.07 27.35 36.37
C ASP J 412 -17.33 28.48 35.67
N THR J 413 -17.86 28.87 34.52
CA THR J 413 -17.20 29.88 33.67
C THR J 413 -18.13 31.05 33.49
N ARG J 414 -17.55 32.23 33.42
CA ARG J 414 -18.24 33.42 32.90
C ARG J 414 -17.36 34.01 31.82
N THR J 415 -17.86 33.96 30.63
CA THR J 415 -17.05 34.15 29.44
C THR J 415 -17.66 35.25 28.63
N VAL J 416 -16.85 35.92 27.86
CA VAL J 416 -17.40 36.83 26.87
C VAL J 416 -16.28 37.00 25.89
N LYS J 417 -16.51 36.61 24.65
CA LYS J 417 -15.56 36.85 23.55
C LYS J 417 -16.25 37.73 22.53
N ASN J 418 -15.73 38.91 22.34
CA ASN J 418 -16.28 39.87 21.37
C ASN J 418 -15.20 40.84 20.97
N ALA J 419 -15.42 41.48 19.85
CA ALA J 419 -14.71 42.72 19.54
C ALA J 419 -15.63 43.87 19.90
N VAL J 420 -15.05 44.85 20.58
CA VAL J 420 -15.72 46.10 21.00
C VAL J 420 -14.82 47.23 20.58
N LEU J 421 -15.38 48.38 20.24
CA LEU J 421 -14.53 49.55 19.96
C LEU J 421 -14.93 50.70 20.89
N VAL J 422 -13.99 51.08 21.73
CA VAL J 422 -14.23 52.00 22.87
C VAL J 422 -13.24 53.14 22.80
N LYS J 423 -13.70 54.32 23.23
CA LYS J 423 -12.92 55.57 23.31
C LYS J 423 -11.81 55.41 24.34
N SER J 424 -10.70 56.12 24.16
CA SER J 424 -9.41 55.83 24.83
C SER J 424 -9.51 56.07 26.34
N GLY J 425 -10.54 56.79 26.82
CA GLY J 425 -10.65 57.12 28.25
C GLY J 425 -11.77 56.37 28.94
N GLU J 426 -12.71 55.81 28.16
CA GLU J 426 -14.09 55.51 28.64
C GLU J 426 -14.21 54.07 29.14
N THR J 427 -14.97 53.87 30.20
CA THR J 427 -15.26 52.53 30.78
C THR J 427 -16.62 52.07 30.26
N VAL J 428 -16.70 50.88 29.69
CA VAL J 428 -17.94 50.49 28.94
C VAL J 428 -18.37 49.08 29.28
N VAL J 429 -19.55 48.75 28.80
CA VAL J 429 -20.14 47.41 28.95
C VAL J 429 -19.69 46.55 27.78
N LEU J 430 -19.05 45.42 28.05
CA LEU J 430 -18.75 44.37 27.05
C LEU J 430 -20.02 43.56 26.84
N GLY J 431 -20.63 43.19 27.95
CA GLY J 431 -21.76 42.26 28.01
C GLY J 431 -22.25 42.12 29.43
N GLY J 432 -23.03 41.09 29.70
CA GLY J 432 -23.63 40.91 31.02
C GLY J 432 -24.81 39.97 30.96
N LEU J 433 -25.13 39.40 32.12
CA LEU J 433 -26.28 38.48 32.29
C LEU J 433 -26.94 38.84 33.62
N MET J 434 -28.20 39.19 33.55
CA MET J 434 -29.07 39.46 34.71
C MET J 434 -30.09 38.34 34.76
N ASP J 435 -29.96 37.44 35.72
CA ASP J 435 -30.69 36.16 35.77
C ASP J 435 -31.49 36.15 37.06
N GLU J 436 -32.76 35.78 36.98
CA GLU J 436 -33.65 35.78 38.14
C GLU J 436 -34.47 34.50 38.13
N GLN J 437 -34.47 33.81 39.26
CA GLN J 437 -35.12 32.48 39.41
C GLN J 437 -35.98 32.48 40.67
N THR J 438 -37.17 31.90 40.57
CA THR J 438 -38.09 31.78 41.73
C THR J 438 -38.89 30.49 41.60
N LYS J 439 -38.61 29.54 42.48
CA LYS J 439 -39.36 28.27 42.52
C LYS J 439 -40.24 28.28 43.77
N GLU J 440 -41.52 27.99 43.61
CA GLU J 440 -42.49 27.92 44.72
C GLU J 440 -43.15 26.54 44.70
N GLU J 441 -43.22 25.91 45.87
CA GLU J 441 -43.83 24.57 46.08
C GLU J 441 -44.70 24.61 47.33
N VAL J 442 -45.84 23.92 47.28
CA VAL J 442 -46.66 23.62 48.48
C VAL J 442 -47.10 22.15 48.43
N SER J 443 -47.10 21.51 49.58
CA SER J 443 -47.75 20.21 49.82
C SER J 443 -48.89 20.47 50.79
N LYS J 444 -50.09 20.61 50.26
CA LYS J 444 -51.24 21.02 51.09
C LYS J 444 -52.32 19.94 51.03
N VAL J 445 -53.27 20.04 51.94
CA VAL J 445 -54.48 19.19 51.93
C VAL J 445 -55.52 19.92 51.08
N PRO J 446 -56.11 19.21 50.08
CA PRO J 446 -56.82 19.83 48.97
C PRO J 446 -57.70 21.03 49.30
N LEU J 447 -58.73 20.82 50.10
CA LEU J 447 -59.77 21.84 50.38
C LEU J 447 -59.24 22.75 51.49
N LEU J 448 -58.65 22.14 52.53
CA LEU J 448 -58.31 22.83 53.80
C LEU J 448 -57.12 23.75 53.53
N GLY J 449 -56.21 23.32 52.67
CA GLY J 449 -54.97 24.07 52.38
C GLY J 449 -55.27 25.41 51.73
N ASP J 450 -56.51 25.59 51.25
CA ASP J 450 -56.90 26.78 50.43
C ASP J 450 -57.66 27.80 51.29
N ILE J 451 -57.97 27.48 52.55
CA ILE J 451 -58.56 28.48 53.49
C ILE J 451 -57.56 29.63 53.60
N PRO J 452 -57.91 30.89 53.23
CA PRO J 452 -56.90 31.92 52.95
C PRO J 452 -55.87 32.16 54.07
N VAL J 453 -56.27 32.07 55.35
CA VAL J 453 -55.34 32.24 56.50
C VAL J 453 -55.12 30.88 57.21
N LEU J 454 -56.16 30.26 57.77
CA LEU J 454 -56.02 28.95 58.49
C LEU J 454 -55.27 27.95 57.61
N GLY J 455 -55.48 28.02 56.29
CA GLY J 455 -54.98 27.04 55.31
C GLY J 455 -53.48 26.82 55.40
N TYR J 456 -52.73 27.80 55.91
CA TYR J 456 -51.25 27.72 56.03
C TYR J 456 -50.91 26.67 57.09
N LEU J 457 -51.88 26.24 57.87
CA LEU J 457 -51.65 25.19 58.88
C LEU J 457 -51.64 23.83 58.20
N PHE J 458 -52.31 23.68 57.07
CA PHE J 458 -52.36 22.39 56.33
C PHE J 458 -51.18 22.31 55.36
N ARG J 459 -50.75 23.46 54.82
CA ARG J 459 -49.74 23.51 53.73
C ARG J 459 -48.33 23.51 54.33
N SER J 460 -47.42 22.77 53.69
CA SER J 460 -45.96 22.82 53.92
C SER J 460 -45.33 23.51 52.72
N THR J 461 -45.11 24.80 52.82
CA THR J 461 -44.65 25.53 51.64
C THR J 461 -43.13 25.50 51.62
N SER J 462 -42.54 25.38 50.44
CA SER J 462 -41.09 25.57 50.18
C SER J 462 -40.91 26.59 49.06
N ASN J 463 -40.39 27.76 49.38
CA ASN J 463 -40.15 28.84 48.40
C ASN J 463 -38.65 28.98 48.17
N ASN J 464 -38.26 29.45 47.00
CA ASN J 464 -36.82 29.72 46.71
C ASN J 464 -36.77 30.89 45.76
N THR J 465 -35.73 31.72 45.88
CA THR J 465 -35.49 32.84 44.96
C THR J 465 -33.99 33.07 44.83
N SER J 466 -33.58 33.66 43.72
CA SER J 466 -32.16 33.98 43.42
C SER J 466 -32.09 35.15 42.45
N LYS J 467 -30.92 35.75 42.40
CA LYS J 467 -30.59 36.91 41.56
C LYS J 467 -29.09 36.83 41.27
N ARG J 468 -28.73 37.07 40.03
CA ARG J 468 -27.31 37.26 39.66
C ARG J 468 -27.30 38.39 38.64
N ASN J 469 -26.58 39.46 38.92
CA ASN J 469 -26.40 40.56 37.94
C ASN J 469 -24.91 40.63 37.65
N LEU J 470 -24.51 40.19 36.47
CA LEU J 470 -23.09 40.14 36.06
C LEU J 470 -22.88 41.17 34.96
N MET J 471 -21.89 42.05 35.13
CA MET J 471 -21.57 43.11 34.16
C MET J 471 -20.07 43.07 33.88
N VAL J 472 -19.67 43.03 32.61
CA VAL J 472 -18.24 43.00 32.22
C VAL J 472 -17.90 44.33 31.56
N PHE J 473 -17.11 45.17 32.23
CA PHE J 473 -16.70 46.50 31.72
C PHE J 473 -15.22 46.47 31.32
N ILE J 474 -14.86 47.18 30.24
CA ILE J 474 -13.47 47.26 29.73
C ILE J 474 -13.13 48.73 29.53
N ARG J 475 -12.04 49.21 30.12
CA ARG J 475 -11.64 50.64 30.02
C ARG J 475 -10.24 50.73 29.44
N PRO J 476 -10.11 50.88 28.11
CA PRO J 476 -8.80 51.01 27.48
C PRO J 476 -8.25 52.39 27.79
N THR J 477 -6.95 52.50 27.62
CA THR J 477 -6.15 53.69 27.97
C THR J 477 -4.90 53.66 27.10
N ILE J 478 -4.73 54.66 26.25
CA ILE J 478 -3.62 54.57 25.27
C ILE J 478 -2.47 55.47 25.70
N LEU J 479 -1.29 54.86 25.61
CA LEU J 479 0.04 55.43 25.89
C LEU J 479 0.70 55.74 24.56
N ARG J 480 0.79 57.01 24.17
CA ARG J 480 1.36 57.43 22.87
C ARG J 480 2.88 57.52 22.98
N ASP J 481 3.39 57.99 24.11
CA ASP J 481 4.85 58.10 24.37
C ASP J 481 5.13 57.53 25.76
N ALA J 482 6.40 57.49 26.17
CA ALA J 482 6.88 56.86 27.42
C ALA J 482 6.41 57.66 28.65
N ASN J 483 6.52 58.99 28.60
CA ASN J 483 6.22 59.87 29.76
C ASN J 483 4.80 59.65 30.27
N VAL J 484 3.85 59.27 29.41
CA VAL J 484 2.45 58.99 29.86
C VAL J 484 2.42 57.60 30.51
N TYR J 485 3.41 56.76 30.21
CA TYR J 485 3.43 55.34 30.60
C TYR J 485 4.18 55.20 31.92
N SER J 486 4.94 56.21 32.31
CA SER J 486 5.49 56.26 33.68
C SER J 486 4.35 56.64 34.62
N GLY J 487 3.70 57.77 34.35
CA GLY J 487 2.63 58.33 35.20
C GLY J 487 1.53 57.30 35.42
N ILE J 488 1.21 56.53 34.39
CA ILE J 488 0.15 55.50 34.46
C ILE J 488 0.65 54.35 35.32
N SER J 489 1.93 54.00 35.19
CA SER J 489 2.57 52.90 35.95
C SER J 489 2.91 53.39 37.35
N SER J 490 3.27 54.68 37.48
CA SER J 490 3.68 55.26 38.77
C SER J 490 2.47 55.32 39.70
N ASN J 491 1.27 55.53 39.16
CA ASN J 491 0.05 55.67 40.00
C ASN J 491 -0.41 54.29 40.46
N LYS J 492 -0.10 53.24 39.70
CA LYS J 492 -0.40 51.85 40.11
C LYS J 492 0.72 51.37 41.03
N TYR J 493 1.94 51.80 40.76
CA TYR J 493 3.12 51.44 41.59
C TYR J 493 2.96 52.06 42.98
N THR J 494 2.47 53.28 43.02
CA THR J 494 2.30 54.05 44.28
C THR J 494 1.01 53.60 44.98
N LEU J 495 -0.09 53.44 44.25
CA LEU J 495 -1.38 53.02 44.87
C LEU J 495 -1.17 51.61 45.46
N PHE J 496 -0.26 50.83 44.88
CA PHE J 496 0.10 49.50 45.43
C PHE J 496 0.98 49.69 46.64
N ARG J 497 1.94 50.61 46.55
CA ARG J 497 2.89 50.91 47.64
C ARG J 497 2.10 51.48 48.82
N ALA J 498 1.24 52.45 48.54
CA ALA J 498 0.40 53.15 49.54
C ALA J 498 -0.54 52.13 50.19
N GLN J 499 -0.85 51.03 49.51
CA GLN J 499 -1.75 49.98 50.06
C GLN J 499 -0.94 49.12 51.02
N GLN J 500 0.31 48.82 50.67
CA GLN J 500 1.21 48.05 51.54
C GLN J 500 1.49 48.86 52.81
N LEU J 501 1.73 50.15 52.69
CA LEU J 501 2.06 51.01 53.86
C LEU J 501 0.83 51.14 54.77
N ASP J 502 -0.37 51.06 54.19
CA ASP J 502 -1.64 51.08 54.95
C ASP J 502 -1.76 49.76 55.74
N ALA J 503 -1.35 48.64 55.15
CA ALA J 503 -1.43 47.29 55.75
C ALA J 503 -0.40 47.16 56.86
N VAL J 504 0.72 47.87 56.76
CA VAL J 504 1.76 47.90 57.83
C VAL J 504 1.19 48.60 59.06
N ALA J 505 0.42 49.68 58.85
CA ALA J 505 -0.13 50.52 59.96
C ALA J 505 -1.33 49.84 60.62
N GLN J 506 -1.79 48.68 60.13
CA GLN J 506 -2.74 47.78 60.87
C GLN J 506 -1.94 46.66 61.54
N GLU J 507 -0.99 46.06 60.82
CA GLU J 507 -0.11 44.98 61.36
C GLU J 507 0.72 45.54 62.50
N GLY J 508 1.15 46.80 62.40
CA GLY J 508 1.88 47.50 63.49
C GLY J 508 1.00 47.61 64.72
N TYR J 509 -0.29 47.88 64.50
CA TYR J 509 -1.31 48.01 65.57
C TYR J 509 -1.51 46.65 66.24
N ALA J 510 -1.65 45.59 65.43
CA ALA J 510 -1.94 44.21 65.90
C ALA J 510 -0.70 43.60 66.56
N THR J 511 0.51 43.98 66.13
CA THR J 511 1.81 43.45 66.63
C THR J 511 1.97 41.97 66.26
N SER J 512 3.22 41.50 66.20
CA SER J 512 3.61 40.08 66.00
C SER J 512 3.27 39.56 64.60
N PRO J 513 3.16 40.41 63.55
CA PRO J 513 3.15 39.94 62.16
C PRO J 513 3.85 40.86 61.17
N ASP J 514 4.25 40.40 59.98
CA ASP J 514 4.93 41.30 59.01
C ASP J 514 4.34 41.24 57.59
N ARG J 515 3.92 42.40 57.11
CA ARG J 515 3.65 42.66 55.67
C ARG J 515 4.80 43.54 55.18
N GLN J 516 5.56 43.12 54.18
CA GLN J 516 6.77 43.88 53.79
C GLN J 516 6.53 44.63 52.49
N VAL J 517 7.11 45.82 52.46
CA VAL J 517 6.69 46.87 51.50
C VAL J 517 7.81 47.12 50.49
N LEU J 518 7.34 47.09 49.26
CA LEU J 518 7.86 47.74 48.03
C LEU J 518 8.44 49.13 48.30
N PRO J 519 9.63 49.44 47.77
CA PRO J 519 10.24 50.73 48.03
C PRO J 519 9.50 51.86 47.30
N GLU J 520 10.17 52.99 47.13
CA GLU J 520 9.62 54.12 46.36
C GLU J 520 10.08 53.99 44.91
N TYR J 521 9.36 54.62 43.99
CA TYR J 521 9.61 54.49 42.53
C TYR J 521 11.02 54.97 42.22
N GLY J 522 11.79 54.07 41.58
CA GLY J 522 13.08 54.38 40.93
C GLY J 522 14.23 54.32 41.91
N GLN J 523 14.03 53.74 43.09
CA GLN J 523 15.05 53.68 44.17
C GLN J 523 15.67 52.27 44.23
N ASP J 524 14.99 51.25 43.67
CA ASP J 524 15.29 49.81 43.90
C ASP J 524 15.63 49.61 45.38
N GLY K 1 79.97 22.69 -60.51
CA GLY K 1 79.62 23.72 -61.53
C GLY K 1 78.57 23.24 -62.52
N ASP K 2 78.97 22.39 -63.47
CA ASP K 2 78.07 21.87 -64.53
C ASP K 2 77.58 20.48 -64.13
N GLU K 3 77.85 20.06 -62.89
CA GLU K 3 77.60 18.67 -62.42
C GLU K 3 76.09 18.46 -62.29
N MET K 4 75.52 17.61 -63.16
CA MET K 4 74.06 17.35 -63.21
C MET K 4 73.73 16.25 -62.21
N VAL K 5 73.04 16.61 -61.13
CA VAL K 5 72.65 15.68 -60.04
C VAL K 5 71.21 16.00 -59.62
N THR K 6 70.52 15.02 -59.06
CA THR K 6 69.18 15.19 -58.48
C THR K 6 69.33 15.26 -56.96
N ARG K 7 68.75 16.29 -56.35
CA ARG K 7 68.70 16.43 -54.88
C ARG K 7 67.36 17.05 -54.47
N VAL K 8 66.90 16.66 -53.29
CA VAL K 8 65.47 16.78 -52.88
C VAL K 8 65.40 17.40 -51.49
N VAL K 9 64.72 18.55 -51.38
CA VAL K 9 64.42 19.20 -50.08
C VAL K 9 62.90 19.38 -49.98
N PRO K 10 62.27 18.88 -48.90
CA PRO K 10 60.88 19.24 -48.59
C PRO K 10 60.74 20.69 -48.11
N VAL K 11 59.56 21.28 -48.35
CA VAL K 11 59.02 22.42 -47.57
C VAL K 11 57.99 21.83 -46.60
N ARG K 12 58.36 21.61 -45.35
CA ARG K 12 57.47 20.95 -44.34
C ARG K 12 56.39 21.95 -43.91
N ASN K 13 56.81 23.19 -43.61
CA ASN K 13 55.98 24.29 -43.07
C ASN K 13 54.79 24.55 -44.00
N VAL K 14 55.05 24.67 -45.29
CA VAL K 14 54.03 25.04 -46.30
C VAL K 14 53.94 23.90 -47.33
N SER K 15 52.84 23.81 -48.06
CA SER K 15 52.75 22.93 -49.25
C SER K 15 53.69 23.47 -50.33
N VAL K 16 54.59 22.64 -50.84
CA VAL K 16 55.70 23.04 -51.76
C VAL K 16 55.11 23.55 -53.09
N ARG K 17 53.80 23.39 -53.28
CA ARG K 17 53.09 23.67 -54.57
C ARG K 17 53.38 25.11 -55.04
N GLU K 18 53.75 26.00 -54.11
CA GLU K 18 53.87 27.46 -54.36
C GLU K 18 55.18 27.78 -55.10
N LEU K 19 56.11 26.82 -55.24
CA LEU K 19 57.42 27.08 -55.88
C LEU K 19 57.41 26.57 -57.33
N ALA K 20 56.26 26.11 -57.83
CA ALA K 20 56.15 25.50 -59.18
C ALA K 20 56.45 26.53 -60.27
N PRO K 21 55.82 27.73 -60.27
CA PRO K 21 56.24 28.82 -61.15
C PRO K 21 57.73 29.18 -60.98
N LEU K 22 58.18 29.27 -59.73
CA LEU K 22 59.52 29.75 -59.30
C LEU K 22 60.60 28.79 -59.83
N LEU K 23 60.48 27.49 -59.55
CA LEU K 23 61.63 26.56 -59.66
C LEU K 23 61.71 25.99 -61.08
N ARG K 24 60.56 25.68 -61.70
CA ARG K 24 60.51 25.34 -63.14
C ARG K 24 60.78 26.62 -63.94
N GLN K 25 60.59 27.78 -63.31
CA GLN K 25 61.06 29.07 -63.87
C GLN K 25 62.59 29.10 -63.77
N LEU K 26 63.17 28.43 -62.77
CA LEU K 26 64.66 28.36 -62.59
C LEU K 26 65.25 27.33 -63.56
N ASN K 27 64.46 26.31 -63.93
CA ASN K 27 64.72 25.52 -65.16
C ASN K 27 64.75 26.52 -66.32
N ASP K 28 63.68 27.34 -66.41
CA ASP K 28 63.47 28.34 -67.49
C ASP K 28 64.45 29.52 -67.34
N ASN K 29 65.24 29.54 -66.26
CA ASN K 29 66.19 30.66 -65.96
C ASN K 29 67.41 30.55 -66.88
N ALA K 30 67.97 29.35 -67.06
CA ALA K 30 69.23 29.14 -67.82
C ALA K 30 69.20 27.80 -68.57
N GLY K 31 70.30 27.52 -69.29
CA GLY K 31 70.48 26.29 -70.09
C GLY K 31 69.91 25.06 -69.41
N GLY K 32 68.98 24.38 -70.09
CA GLY K 32 68.11 23.32 -69.53
C GLY K 32 68.85 22.03 -69.22
N GLY K 33 68.08 20.96 -68.99
CA GLY K 33 68.54 19.70 -68.36
C GLY K 33 68.04 19.62 -66.93
N ASN K 34 66.98 20.36 -66.61
CA ASN K 34 66.45 20.49 -65.23
C ASN K 34 65.12 19.74 -65.12
N VAL K 35 64.81 19.26 -63.91
CA VAL K 35 63.47 18.77 -63.49
C VAL K 35 63.17 19.33 -62.09
N VAL K 36 61.96 19.85 -61.92
CA VAL K 36 61.42 20.20 -60.58
C VAL K 36 60.06 19.52 -60.48
N HIS K 37 59.72 18.92 -59.33
CA HIS K 37 58.38 18.34 -59.11
C HIS K 37 58.06 18.19 -57.60
N TYR K 38 56.80 17.87 -57.30
CA TYR K 38 56.13 18.15 -56.01
C TYR K 38 55.34 16.94 -55.55
N ASP K 39 55.59 16.53 -54.31
CA ASP K 39 54.81 15.45 -53.67
C ASP K 39 53.72 16.13 -52.86
N PRO K 40 52.50 15.55 -52.80
CA PRO K 40 51.49 16.04 -51.86
C PRO K 40 52.06 15.87 -50.43
N SER K 41 52.94 14.86 -50.26
CA SER K 41 53.74 14.60 -49.03
C SER K 41 54.67 15.79 -48.79
N ASN K 42 54.75 16.68 -49.78
CA ASN K 42 55.29 18.06 -49.66
C ASN K 42 56.81 17.98 -49.50
N VAL K 43 57.43 17.05 -50.21
CA VAL K 43 58.89 17.10 -50.53
C VAL K 43 59.04 17.65 -51.95
N LEU K 44 60.10 18.43 -52.16
CA LEU K 44 60.37 19.08 -53.47
C LEU K 44 61.60 18.43 -54.08
N LEU K 45 61.42 17.68 -55.16
CA LEU K 45 62.49 16.88 -55.80
C LEU K 45 63.05 17.63 -57.01
N ILE K 46 64.38 17.69 -57.10
CA ILE K 46 65.09 18.47 -58.16
C ILE K 46 66.07 17.57 -58.91
N THR K 47 66.33 17.96 -60.16
CA THR K 47 67.40 17.44 -61.04
C THR K 47 68.02 18.63 -61.79
N GLY K 48 69.35 18.71 -61.87
CA GLY K 48 70.00 19.78 -62.64
C GLY K 48 71.47 19.94 -62.30
N ARG K 49 72.13 20.82 -63.04
CA ARG K 49 73.59 21.12 -62.89
C ARG K 49 73.79 21.86 -61.56
N ALA K 50 75.02 21.83 -61.07
CA ALA K 50 75.40 22.14 -59.66
C ALA K 50 74.94 23.55 -59.26
N ALA K 51 75.06 24.54 -60.15
CA ALA K 51 74.75 25.96 -59.86
C ALA K 51 73.23 26.16 -59.82
N VAL K 52 72.55 25.82 -60.93
CA VAL K 52 71.07 25.97 -61.07
C VAL K 52 70.43 25.33 -59.83
N VAL K 53 70.97 24.19 -59.40
CA VAL K 53 70.46 23.44 -58.21
C VAL K 53 70.91 24.15 -56.93
N ASN K 54 72.09 24.79 -56.93
CA ASN K 54 72.55 25.60 -55.77
C ASN K 54 71.42 26.59 -55.42
N ARG K 55 70.98 27.39 -56.39
CA ARG K 55 70.00 28.50 -56.18
C ARG K 55 68.57 27.93 -56.14
N LEU K 56 68.34 26.75 -56.72
CA LEU K 56 67.03 26.04 -56.62
C LEU K 56 66.83 25.61 -55.17
N VAL K 57 67.74 24.76 -54.67
CA VAL K 57 67.69 24.21 -53.29
C VAL K 57 67.78 25.39 -52.31
N GLU K 58 68.53 26.45 -52.66
CA GLU K 58 68.50 27.76 -51.94
C GLU K 58 67.03 28.16 -51.78
N VAL K 59 66.29 28.25 -52.89
CA VAL K 59 64.86 28.66 -52.87
C VAL K 59 64.11 27.73 -51.90
N VAL K 60 64.43 26.43 -51.92
CA VAL K 60 63.56 25.41 -51.28
C VAL K 60 63.76 25.46 -49.76
N ARG K 61 65.00 25.33 -49.28
CA ARG K 61 65.33 25.46 -47.83
C ARG K 61 64.82 26.81 -47.37
N ARG K 62 64.98 27.83 -48.22
CA ARG K 62 64.51 29.22 -47.93
C ARG K 62 63.01 29.15 -47.60
N VAL K 63 62.17 28.83 -48.59
CA VAL K 63 60.70 28.71 -48.41
C VAL K 63 60.43 27.79 -47.22
N ASP K 64 61.36 26.86 -46.94
CA ASP K 64 61.23 25.90 -45.81
C ASP K 64 61.39 26.63 -44.48
N LYS K 65 62.41 27.49 -44.37
CA LYS K 65 62.74 28.26 -43.14
C LYS K 65 61.93 29.55 -43.09
N ALA K 66 61.23 29.88 -44.20
CA ALA K 66 60.47 31.13 -44.35
C ALA K 66 59.27 31.08 -43.40
N GLY K 67 58.64 29.91 -43.29
CA GLY K 67 57.41 29.71 -42.49
C GLY K 67 57.62 28.73 -41.35
N ASP K 68 58.45 29.09 -40.35
CA ASP K 68 58.76 28.20 -39.19
C ASP K 68 57.52 28.10 -38.30
N GLN K 69 57.37 26.96 -37.61
CA GLN K 69 56.22 26.70 -36.72
C GLN K 69 56.62 25.67 -35.66
N GLU K 70 57.30 26.11 -34.61
CA GLU K 70 57.82 25.22 -33.55
C GLU K 70 57.00 25.45 -32.28
N VAL K 71 57.21 24.59 -31.28
CA VAL K 71 56.59 24.73 -29.94
C VAL K 71 57.68 25.01 -28.91
N ASP K 72 57.30 25.85 -27.93
CA ASP K 72 58.08 26.21 -26.72
C ASP K 72 57.23 25.94 -25.47
N ILE K 73 57.82 25.28 -24.50
CA ILE K 73 57.17 25.03 -23.18
C ILE K 73 58.03 25.65 -22.10
N ILE K 74 57.48 26.62 -21.38
CA ILE K 74 58.09 27.10 -20.12
C ILE K 74 57.02 27.09 -19.02
N LYS K 75 57.39 26.64 -17.83
CA LYS K 75 56.49 26.48 -16.65
C LYS K 75 55.86 27.81 -16.28
N LEU K 76 54.56 27.78 -15.98
CA LEU K 76 53.85 28.86 -15.25
C LEU K 76 53.79 28.45 -13.77
N LYS K 77 54.22 29.33 -12.89
CA LYS K 77 54.26 29.03 -11.44
C LYS K 77 52.98 29.52 -10.79
N TYR K 78 52.29 30.53 -11.36
CA TYR K 78 51.22 31.31 -10.66
C TYR K 78 49.84 31.12 -11.35
N ALA K 79 49.34 32.10 -12.11
CA ALA K 79 47.90 32.13 -12.51
C ALA K 79 47.57 31.02 -13.52
N SER K 80 46.33 30.53 -13.41
CA SER K 80 45.85 29.23 -13.96
C SER K 80 46.06 29.19 -15.48
N ALA K 81 46.50 28.04 -15.97
CA ALA K 81 46.74 27.79 -17.41
C ALA K 81 45.41 27.91 -18.17
N GLY K 82 44.31 27.45 -17.57
CA GLY K 82 42.94 27.52 -18.11
C GLY K 82 42.41 28.95 -18.23
N GLU K 83 42.70 29.79 -17.25
CA GLU K 83 42.38 31.24 -17.31
C GLU K 83 43.29 31.84 -18.38
N MET K 84 44.57 31.45 -18.34
CA MET K 84 45.58 31.85 -19.35
C MET K 84 44.96 31.55 -20.72
N VAL K 85 44.36 30.35 -20.84
CA VAL K 85 43.74 29.86 -22.10
C VAL K 85 42.60 30.80 -22.48
N ARG K 86 41.66 31.00 -21.56
CA ARG K 86 40.41 31.76 -21.81
C ARG K 86 40.75 33.17 -22.28
N LEU K 87 41.64 33.84 -21.55
CA LEU K 87 41.95 35.29 -21.72
C LEU K 87 42.64 35.45 -23.07
N VAL K 88 43.52 34.51 -23.41
CA VAL K 88 44.28 34.54 -24.68
C VAL K 88 43.40 34.02 -25.81
N THR K 89 42.45 33.12 -25.54
CA THR K 89 41.54 32.61 -26.60
C THR K 89 40.82 33.79 -27.22
N ASN K 90 40.54 34.83 -26.43
CA ASN K 90 39.82 36.03 -26.91
C ASN K 90 40.76 36.85 -27.80
N LEU K 91 42.08 36.63 -27.70
CA LEU K 91 43.07 36.96 -28.76
C LEU K 91 42.78 36.09 -30.00
N ASN K 92 41.57 36.22 -30.56
CA ASN K 92 41.21 35.61 -31.88
C ASN K 92 42.17 36.19 -32.93
N LYS K 93 42.58 35.35 -33.89
CA LYS K 93 43.46 35.69 -35.06
C LYS K 93 44.94 35.44 -34.69
N ASP K 94 45.21 35.11 -33.42
CA ASP K 94 46.41 34.31 -33.06
C ASP K 94 46.16 32.87 -33.51
N GLY K 95 46.19 32.64 -34.84
CA GLY K 95 46.09 31.32 -35.50
C GLY K 95 44.70 30.73 -35.48
N ASN K 96 43.76 31.38 -34.79
CA ASN K 96 42.36 30.91 -34.57
C ASN K 96 41.43 31.68 -35.53
N SER K 97 41.36 31.26 -36.80
CA SER K 97 40.47 31.86 -37.82
C SER K 97 40.24 30.88 -38.98
N GLN K 98 39.30 31.23 -39.87
CA GLN K 98 38.96 30.44 -41.09
C GLN K 98 39.28 31.30 -42.31
N GLY K 99 40.25 32.21 -42.18
CA GLY K 99 40.71 33.14 -43.22
C GLY K 99 41.25 32.43 -44.45
N GLY K 100 40.78 32.79 -45.65
CA GLY K 100 41.07 32.10 -46.93
C GLY K 100 42.52 32.26 -47.37
N ASN K 101 42.80 33.28 -48.20
CA ASN K 101 44.15 33.58 -48.76
C ASN K 101 45.09 33.97 -47.61
N THR K 102 44.52 34.34 -46.46
CA THR K 102 45.24 34.60 -45.18
C THR K 102 45.88 33.29 -44.68
N SER K 103 45.14 32.19 -44.78
CA SER K 103 45.54 30.82 -44.37
C SER K 103 45.99 30.82 -42.90
N LEU K 104 45.23 31.49 -42.01
CA LEU K 104 45.69 31.78 -40.64
C LEU K 104 45.67 30.48 -39.82
N LEU K 105 45.12 29.41 -40.41
CA LEU K 105 45.17 28.03 -39.83
C LEU K 105 46.63 27.51 -39.83
N LEU K 106 47.54 28.19 -40.55
CA LEU K 106 49.01 27.90 -40.58
C LEU K 106 49.78 28.86 -39.65
N ALA K 107 49.08 29.75 -38.94
CA ALA K 107 49.68 30.81 -38.10
C ALA K 107 49.72 30.35 -36.65
N PRO K 108 50.55 30.99 -35.79
CA PRO K 108 50.73 30.59 -34.38
C PRO K 108 49.47 30.47 -33.50
N LYS K 109 49.38 29.39 -32.71
CA LYS K 109 48.23 29.12 -31.79
C LYS K 109 48.73 28.95 -30.35
N VAL K 110 47.81 29.09 -29.39
CA VAL K 110 48.09 29.16 -27.92
C VAL K 110 47.35 28.05 -27.17
N VAL K 111 47.98 27.55 -26.10
CA VAL K 111 47.51 26.38 -25.30
C VAL K 111 48.03 26.51 -23.87
N ALA K 112 47.59 25.57 -23.02
CA ALA K 112 48.19 25.31 -21.70
C ALA K 112 47.83 23.92 -21.15
N ASP K 113 48.69 23.46 -20.23
CA ASP K 113 48.54 22.24 -19.38
C ASP K 113 48.30 22.71 -17.95
N GLU K 114 47.37 22.06 -17.25
CA GLU K 114 47.07 22.40 -15.84
C GLU K 114 47.69 21.33 -14.90
N ARG K 115 48.33 20.27 -15.43
CA ARG K 115 49.06 19.27 -14.60
C ARG K 115 50.42 19.84 -14.15
N THR K 116 51.18 20.45 -15.08
CA THR K 116 52.49 21.11 -14.80
C THR K 116 52.29 22.62 -14.67
N ASN K 117 51.09 23.11 -15.00
CA ASN K 117 50.75 24.53 -15.32
C ASN K 117 51.79 25.08 -16.30
N SER K 118 51.72 24.62 -17.54
CA SER K 118 52.68 24.99 -18.60
C SER K 118 51.97 25.70 -19.74
N VAL K 119 52.51 26.83 -20.19
CA VAL K 119 52.02 27.42 -21.46
C VAL K 119 52.58 26.56 -22.58
N VAL K 120 51.75 26.41 -23.59
CA VAL K 120 52.13 25.72 -24.84
C VAL K 120 51.87 26.72 -25.96
N VAL K 121 52.88 26.92 -26.79
CA VAL K 121 52.77 27.71 -28.04
C VAL K 121 52.93 26.73 -29.19
N SER K 122 52.28 27.00 -30.33
CA SER K 122 52.58 26.30 -31.60
C SER K 122 52.68 27.32 -32.72
N GLY K 123 53.90 27.70 -33.14
CA GLY K 123 54.04 28.66 -34.26
C GLY K 123 55.42 29.30 -34.40
N GLU K 124 55.42 30.47 -35.07
CA GLU K 124 56.54 31.39 -35.38
C GLU K 124 57.52 31.60 -34.23
N PRO K 125 58.79 31.98 -34.50
CA PRO K 125 59.64 32.55 -33.45
C PRO K 125 59.28 33.98 -33.01
N LYS K 126 58.55 34.73 -33.83
CA LYS K 126 57.92 36.01 -33.40
C LYS K 126 56.84 35.66 -32.35
N ALA K 127 56.18 34.51 -32.48
CA ALA K 127 55.21 34.00 -31.48
C ALA K 127 55.96 33.51 -30.23
N ARG K 128 57.08 32.81 -30.38
CA ARG K 128 57.97 32.47 -29.24
C ARG K 128 58.33 33.76 -28.51
N ALA K 129 58.80 34.77 -29.25
CA ALA K 129 59.25 36.07 -28.71
C ALA K 129 58.09 36.75 -27.95
N ARG K 130 56.90 36.87 -28.56
CA ARG K 130 55.77 37.66 -27.99
C ARG K 130 54.96 36.82 -27.00
N ILE K 131 54.97 35.49 -27.08
CA ILE K 131 54.14 34.69 -26.14
C ILE K 131 54.99 34.29 -24.92
N ILE K 132 56.32 34.33 -25.00
CA ILE K 132 57.14 34.29 -23.77
C ILE K 132 56.91 35.59 -22.99
N GLN K 133 56.61 36.70 -23.67
CA GLN K 133 56.17 37.98 -23.02
C GLN K 133 54.81 37.76 -22.36
N MET K 134 53.86 37.09 -23.04
CA MET K 134 52.49 36.89 -22.52
C MET K 134 52.48 35.87 -21.37
N VAL K 135 53.38 34.88 -21.41
CA VAL K 135 53.70 33.98 -20.26
C VAL K 135 54.02 34.84 -19.05
N ARG K 136 54.93 35.81 -19.22
CA ARG K 136 55.50 36.65 -18.13
C ARG K 136 54.43 37.64 -17.66
N GLN K 137 53.59 38.12 -18.58
CA GLN K 137 52.56 39.14 -18.29
C GLN K 137 51.55 38.62 -17.26
N LEU K 138 51.21 37.33 -17.32
CA LEU K 138 50.09 36.74 -16.52
C LEU K 138 50.61 35.72 -15.51
N ASP K 139 51.92 35.53 -15.44
CA ASP K 139 52.60 34.65 -14.47
C ASP K 139 52.75 35.42 -13.17
N ARG K 140 52.06 36.56 -13.05
CA ARG K 140 52.06 37.35 -11.81
C ARG K 140 51.28 36.58 -10.73
N GLU K 141 51.80 36.64 -9.50
CA GLU K 141 51.23 36.01 -8.28
C GLU K 141 50.17 36.94 -7.71
N LEU K 142 49.47 36.54 -6.65
CA LEU K 142 48.53 37.45 -5.95
C LEU K 142 49.33 38.33 -5.01
N GLN K 143 48.83 39.54 -4.75
CA GLN K 143 49.45 40.48 -3.78
C GLN K 143 48.59 40.47 -2.52
N SER K 144 48.98 39.71 -1.49
CA SER K 144 48.29 39.61 -0.18
C SER K 144 46.80 39.33 -0.41
N GLN K 145 45.98 40.37 -0.57
CA GLN K 145 44.52 40.26 -0.82
C GLN K 145 44.28 39.25 -1.94
N GLY K 146 43.50 38.19 -1.66
CA GLY K 146 43.21 37.12 -2.63
C GLY K 146 41.83 37.26 -3.24
N ASN K 147 41.36 36.21 -3.92
CA ASN K 147 39.96 36.06 -4.36
C ASN K 147 39.13 35.73 -3.11
N THR K 148 39.62 34.82 -2.26
CA THR K 148 38.89 34.43 -1.03
C THR K 148 39.53 35.04 0.22
N ARG K 149 38.67 35.57 1.08
CA ARG K 149 39.05 36.11 2.41
C ARG K 149 38.44 35.23 3.50
N VAL K 150 39.01 35.26 4.68
CA VAL K 150 38.33 34.73 5.88
C VAL K 150 38.16 35.87 6.88
N PHE K 151 36.91 36.19 7.20
CA PHE K 151 36.55 37.14 8.27
C PHE K 151 36.44 36.41 9.60
N TYR K 152 37.25 36.86 10.55
CA TYR K 152 37.14 36.51 11.97
C TYR K 152 36.02 37.38 12.55
N LEU K 153 34.85 36.81 12.77
CA LEU K 153 33.78 37.59 13.42
C LEU K 153 34.04 37.61 14.92
N LYS K 154 33.79 38.75 15.55
CA LYS K 154 34.02 38.88 17.02
C LYS K 154 32.73 38.69 17.83
N TYR K 155 31.64 39.41 17.54
CA TYR K 155 30.38 39.37 18.34
C TYR K 155 29.31 38.55 17.63
N GLY K 156 29.50 38.29 16.33
CA GLY K 156 28.58 37.49 15.49
C GLY K 156 29.06 36.05 15.35
N LYS K 157 28.12 35.10 15.21
CA LYS K 157 28.39 33.64 15.14
C LYS K 157 28.42 33.19 13.69
N ALA K 158 29.49 32.52 13.27
CA ALA K 158 29.78 32.27 11.84
C ALA K 158 28.65 31.44 11.21
N LYS K 159 28.14 30.43 11.93
CA LYS K 159 27.14 29.47 11.37
C LYS K 159 25.84 30.24 11.07
N ASP K 160 25.47 31.13 11.98
CA ASP K 160 24.21 31.91 11.89
C ASP K 160 24.39 32.94 10.78
N MET K 161 25.57 33.56 10.69
CA MET K 161 25.89 34.62 9.70
C MET K 161 25.85 34.04 8.30
N VAL K 162 26.25 32.77 8.14
CA VAL K 162 26.29 32.12 6.79
C VAL K 162 24.90 32.26 6.18
N GLU K 163 23.86 31.92 6.95
CA GLU K 163 22.47 31.89 6.45
C GLU K 163 22.09 33.30 6.02
N VAL K 164 22.46 34.28 6.84
CA VAL K 164 22.15 35.71 6.60
C VAL K 164 22.76 36.10 5.26
N LEU K 165 24.03 35.75 5.08
CA LEU K 165 24.81 36.22 3.92
C LEU K 165 24.36 35.44 2.69
N LYS K 166 23.86 34.21 2.89
CA LYS K 166 23.42 33.33 1.77
C LYS K 166 22.35 34.05 0.97
N GLY K 167 21.44 34.74 1.66
CA GLY K 167 20.44 35.60 1.00
C GLY K 167 21.14 36.60 0.09
N VAL K 168 22.17 37.28 0.59
CA VAL K 168 22.81 38.42 -0.13
C VAL K 168 23.45 37.86 -1.40
N SER K 169 24.12 36.71 -1.24
CA SER K 169 24.77 35.94 -2.34
C SER K 169 23.69 35.47 -3.31
N SER K 170 22.60 34.93 -2.76
CA SER K 170 21.48 34.29 -3.49
C SER K 170 20.54 35.36 -4.04
N LEU K 196 28.36 33.57 -5.68
CA LEU K 196 29.00 33.91 -4.38
C LEU K 196 28.76 32.76 -3.40
N ALA K 197 29.84 32.31 -2.75
CA ALA K 197 29.95 30.95 -2.17
C ALA K 197 30.51 31.00 -0.75
N ILE K 198 29.75 30.53 0.22
CA ILE K 198 30.06 30.77 1.65
C ILE K 198 30.07 29.44 2.40
N SER K 199 30.92 29.33 3.42
CA SER K 199 30.84 28.34 4.52
C SER K 199 31.37 28.98 5.80
N ALA K 200 30.86 28.54 6.94
CA ALA K 200 31.36 28.97 8.25
C ALA K 200 31.98 27.78 8.97
N ASP K 201 33.20 27.96 9.45
CA ASP K 201 33.96 26.97 10.26
C ASP K 201 33.48 27.08 11.70
N GLU K 202 32.88 26.01 12.20
CA GLU K 202 32.24 26.00 13.53
C GLU K 202 33.33 26.23 14.57
N THR K 203 34.57 25.81 14.29
CA THR K 203 35.65 25.76 15.31
C THR K 203 36.17 27.17 15.56
N THR K 204 36.85 27.78 14.58
CA THR K 204 37.44 29.13 14.72
C THR K 204 36.32 30.18 14.60
N ASN K 205 35.08 29.76 14.35
CA ASN K 205 33.91 30.66 14.22
C ASN K 205 34.26 31.76 13.22
N ALA K 206 34.73 31.36 12.05
CA ALA K 206 35.11 32.29 10.96
C ALA K 206 34.26 31.99 9.74
N LEU K 207 34.06 32.99 8.88
CA LEU K 207 33.26 32.89 7.64
C LEU K 207 34.20 32.91 6.44
N VAL K 208 34.15 31.88 5.61
CA VAL K 208 34.98 31.79 4.37
C VAL K 208 34.08 32.03 3.16
N ILE K 209 34.13 33.23 2.60
CA ILE K 209 33.34 33.61 1.40
C ILE K 209 34.30 33.76 0.22
N THR K 210 33.81 33.52 -0.99
CA THR K 210 34.60 33.64 -2.25
C THR K 210 33.72 34.32 -3.30
N ALA K 211 33.89 35.64 -3.46
CA ALA K 211 33.18 36.44 -4.49
C ALA K 211 34.16 37.40 -5.15
N GLN K 212 33.71 38.12 -6.17
CA GLN K 212 34.53 39.13 -6.90
C GLN K 212 35.02 40.14 -5.87
N PRO K 213 36.16 40.80 -6.12
CA PRO K 213 36.68 41.80 -5.19
C PRO K 213 35.66 42.93 -4.99
N ASP K 214 34.80 43.19 -5.98
CA ASP K 214 33.68 44.16 -5.88
C ASP K 214 32.71 43.71 -4.77
N VAL K 215 32.40 42.41 -4.74
CA VAL K 215 31.43 41.83 -3.78
C VAL K 215 32.14 41.66 -2.44
N MET K 216 33.44 41.37 -2.48
CA MET K 216 34.26 41.18 -1.24
C MET K 216 34.19 42.47 -0.41
N ALA K 217 34.33 43.61 -1.05
CA ALA K 217 34.27 44.94 -0.39
C ALA K 217 32.83 45.21 0.06
N GLU K 218 31.83 44.73 -0.68
CA GLU K 218 30.40 44.90 -0.32
C GLU K 218 30.07 43.99 0.86
N LEU K 219 30.54 42.74 0.84
CA LEU K 219 30.31 41.76 1.93
C LEU K 219 31.06 42.24 3.17
N GLU K 220 32.17 42.95 2.98
CA GLU K 220 33.02 43.46 4.08
C GLU K 220 32.27 44.55 4.86
N GLN K 221 31.41 45.33 4.21
CA GLN K 221 30.59 46.36 4.91
C GLN K 221 29.42 45.68 5.60
N VAL K 222 28.83 44.68 4.92
CA VAL K 222 27.65 43.94 5.44
C VAL K 222 28.06 43.29 6.76
N VAL K 223 29.22 42.65 6.73
CA VAL K 223 29.78 41.89 7.88
C VAL K 223 30.04 42.89 9.00
N ALA K 224 30.70 44.01 8.70
CA ALA K 224 31.10 45.00 9.73
C ALA K 224 29.85 45.54 10.40
N LYS K 225 28.76 45.73 9.66
CA LYS K 225 27.50 46.27 10.24
C LYS K 225 26.84 45.17 11.08
N LEU K 226 27.00 43.93 10.63
CA LEU K 226 26.21 42.76 11.09
C LEU K 226 26.91 42.14 12.31
N ASP K 227 28.15 42.54 12.54
CA ASP K 227 29.02 42.02 13.63
C ASP K 227 29.11 43.08 14.73
N ILE K 228 28.23 44.07 14.71
CA ILE K 228 28.21 45.15 15.73
C ILE K 228 27.98 44.52 17.12
N ARG K 229 28.72 44.98 18.11
CA ARG K 229 28.60 44.51 19.52
C ARG K 229 27.15 44.65 19.96
N ARG K 230 26.42 43.54 20.01
CA ARG K 230 24.99 43.51 20.41
C ARG K 230 24.90 43.88 21.89
N ALA K 231 24.08 44.87 22.20
CA ALA K 231 23.94 45.43 23.55
C ALA K 231 23.20 44.43 24.45
N GLN K 232 23.48 44.52 25.75
CA GLN K 232 22.92 43.62 26.79
C GLN K 232 21.84 44.36 27.56
N VAL K 233 20.86 43.61 28.05
CA VAL K 233 19.72 44.19 28.80
C VAL K 233 19.55 43.44 30.11
N LEU K 234 19.59 44.17 31.22
CA LEU K 234 19.21 43.64 32.55
C LEU K 234 17.71 43.88 32.75
N VAL K 235 16.95 42.80 32.88
CA VAL K 235 15.47 42.89 32.99
C VAL K 235 15.08 42.42 34.39
N GLU K 236 14.67 43.35 35.25
CA GLU K 236 14.06 42.99 36.56
C GLU K 236 12.54 42.99 36.41
N ALA K 237 11.90 41.89 36.76
CA ALA K 237 10.44 41.84 36.93
C ALA K 237 10.16 41.93 38.42
N ILE K 238 9.01 42.50 38.77
CA ILE K 238 8.58 42.58 40.18
C ILE K 238 7.15 42.08 40.23
N ILE K 239 6.95 40.93 40.85
CA ILE K 239 5.60 40.35 41.03
C ILE K 239 5.23 40.51 42.49
N VAL K 240 4.25 41.36 42.74
CA VAL K 240 3.75 41.58 44.12
C VAL K 240 2.32 41.12 44.15
N GLU K 241 2.01 40.24 45.08
CA GLU K 241 0.62 39.82 45.33
C GLU K 241 0.32 39.98 46.80
N ILE K 242 -0.91 40.35 47.11
CA ILE K 242 -1.39 40.46 48.51
C ILE K 242 -2.79 39.89 48.59
N ALA K 243 -3.04 39.07 49.61
CA ALA K 243 -4.24 38.23 49.77
C ALA K 243 -4.64 38.19 51.25
N ASP K 244 -5.93 38.07 51.50
CA ASP K 244 -6.53 37.99 52.85
C ASP K 244 -8.03 37.81 52.66
N GLY K 245 -8.77 37.79 53.75
CA GLY K 245 -10.24 37.82 53.70
C GLY K 245 -10.77 37.36 55.03
N ASP K 246 -12.04 37.63 55.30
CA ASP K 246 -12.62 37.30 56.62
C ASP K 246 -13.92 36.51 56.44
N GLY K 247 -13.85 35.26 56.86
CA GLY K 247 -15.02 34.43 57.20
C GLY K 247 -15.51 34.77 58.60
N LEU K 248 -16.79 34.53 58.81
CA LEU K 248 -17.51 34.78 60.08
C LEU K 248 -18.59 33.70 60.08
N ASN K 249 -18.63 32.80 61.05
CA ASN K 249 -19.84 31.96 61.19
C ASN K 249 -20.32 32.02 62.64
N LEU K 250 -21.41 32.75 62.85
CA LEU K 250 -22.08 32.81 64.15
C LEU K 250 -23.56 32.49 63.93
N GLY K 251 -24.08 31.67 64.84
CA GLY K 251 -25.36 30.97 64.69
C GLY K 251 -25.82 30.45 66.04
N VAL K 252 -27.10 30.53 66.32
CA VAL K 252 -27.59 30.22 67.69
C VAL K 252 -28.74 29.24 67.54
N GLN K 253 -28.68 28.14 68.30
CA GLN K 253 -29.68 27.06 68.23
C GLN K 253 -30.29 26.90 69.62
N TRP K 254 -31.61 26.83 69.69
CA TRP K 254 -32.38 26.66 70.95
C TRP K 254 -33.19 25.38 70.83
N ALA K 255 -32.97 24.40 71.70
CA ALA K 255 -33.73 23.13 71.67
C ALA K 255 -34.47 22.98 72.99
N ASN K 256 -35.79 22.76 72.93
CA ASN K 256 -36.64 22.63 74.14
C ASN K 256 -37.44 21.33 74.04
N THR K 257 -37.33 20.47 75.05
CA THR K 257 -38.01 19.16 75.00
C THR K 257 -39.51 19.42 74.79
N ASN K 258 -40.10 20.36 75.55
CA ASN K 258 -41.57 20.56 75.59
C ASN K 258 -42.06 21.25 74.32
N GLY K 259 -41.35 22.29 73.87
CA GLY K 259 -41.83 23.28 72.89
C GLY K 259 -41.35 22.99 71.47
N GLY K 260 -40.06 22.72 71.27
CA GLY K 260 -39.45 22.49 69.95
C GLY K 260 -37.99 22.90 69.90
N GLY K 261 -37.28 22.48 68.85
CA GLY K 261 -35.84 22.73 68.64
C GLY K 261 -35.59 23.38 67.28
N THR K 262 -34.49 24.13 67.14
CA THR K 262 -34.09 24.85 65.89
C THR K 262 -32.65 24.44 65.55
N GLN K 263 -32.48 23.52 64.59
CA GLN K 263 -31.14 23.02 64.19
C GLN K 263 -30.79 23.58 62.82
N PHE K 264 -29.53 23.98 62.63
CA PHE K 264 -28.97 24.62 61.41
C PHE K 264 -27.72 23.87 60.96
N THR K 265 -27.07 24.35 59.88
CA THR K 265 -25.94 23.68 59.17
C THR K 265 -24.73 24.60 58.97
N ASN K 266 -24.93 25.88 58.62
CA ASN K 266 -23.84 26.88 58.44
C ASN K 266 -22.84 26.74 59.60
N ALA K 267 -23.35 26.30 60.75
CA ALA K 267 -22.61 26.06 62.01
C ALA K 267 -21.63 24.90 61.80
N GLY K 268 -20.50 24.93 62.48
CA GLY K 268 -19.52 23.82 62.55
C GLY K 268 -20.18 22.45 62.67
N PRO K 269 -20.80 22.11 63.84
CA PRO K 269 -21.52 20.86 64.03
C PRO K 269 -23.00 20.95 64.43
N GLY K 270 -23.74 19.85 64.22
CA GLY K 270 -25.18 19.72 64.52
C GLY K 270 -25.42 19.12 65.89
N ILE K 271 -26.36 19.69 66.65
CA ILE K 271 -26.69 19.28 68.04
C ILE K 271 -26.89 17.77 68.09
N GLY K 272 -27.36 17.17 66.99
CA GLY K 272 -27.62 15.72 66.88
C GLY K 272 -26.40 14.90 67.24
N SER K 273 -25.32 15.04 66.45
CA SER K 273 -24.07 14.25 66.60
C SER K 273 -23.48 14.48 67.98
N VAL K 274 -23.64 15.69 68.51
CA VAL K 274 -23.06 16.11 69.81
C VAL K 274 -23.78 15.35 70.94
N ALA K 275 -25.12 15.41 70.96
CA ALA K 275 -25.96 14.81 72.00
C ALA K 275 -25.76 13.29 71.96
N ILE K 276 -25.84 12.72 70.76
CA ILE K 276 -25.70 11.24 70.59
C ILE K 276 -24.32 10.82 71.13
N ALA K 277 -23.28 11.58 70.78
CA ALA K 277 -21.88 11.28 71.19
C ALA K 277 -21.79 11.32 72.72
N ALA K 278 -22.36 12.34 73.34
CA ALA K 278 -22.31 12.51 74.81
C ALA K 278 -23.04 11.34 75.49
N LYS K 279 -24.11 10.83 74.87
CA LYS K 279 -24.91 9.70 75.42
C LYS K 279 -24.22 8.39 75.09
N ASP K 280 -23.33 8.39 74.08
CA ASP K 280 -22.57 7.20 73.63
C ASP K 280 -21.22 7.15 74.37
N TYR K 281 -20.79 8.28 74.94
CA TYR K 281 -19.52 8.41 75.73
C TYR K 281 -19.76 8.06 77.20
N LYS K 282 -21.03 7.84 77.58
CA LYS K 282 -21.43 7.50 78.96
C LYS K 282 -21.06 6.05 79.26
N ASP K 283 -20.84 5.74 80.56
CA ASP K 283 -20.41 4.41 81.08
C ASP K 283 -19.18 3.92 80.31
N ASN K 284 -18.19 4.79 80.13
CA ASN K 284 -16.91 4.52 79.40
C ASN K 284 -17.22 3.92 78.02
N GLY K 285 -17.89 4.70 77.15
CA GLY K 285 -18.27 4.30 75.78
C GLY K 285 -17.18 4.61 74.76
N THR K 286 -17.54 4.78 73.48
CA THR K 286 -16.60 5.11 72.36
C THR K 286 -16.36 6.62 72.30
N THR K 287 -15.43 7.04 71.44
CA THR K 287 -15.04 8.46 71.24
C THR K 287 -14.81 8.73 69.75
N THR K 288 -14.73 7.66 68.94
CA THR K 288 -14.50 7.74 67.46
C THR K 288 -15.56 8.68 66.88
N GLY K 289 -16.83 8.28 66.96
CA GLY K 289 -17.97 9.08 66.50
C GLY K 289 -17.79 10.54 66.83
N LEU K 290 -17.66 10.87 68.11
CA LEU K 290 -17.66 12.29 68.53
C LEU K 290 -16.34 12.94 68.16
N ALA K 291 -15.22 12.21 68.25
CA ALA K 291 -13.88 12.76 67.96
C ALA K 291 -13.81 13.15 66.48
N LYS K 292 -14.70 12.59 65.64
CA LYS K 292 -14.66 12.83 64.16
C LYS K 292 -15.45 14.10 63.84
N LEU K 293 -16.53 14.35 64.58
CA LEU K 293 -17.29 15.62 64.48
C LEU K 293 -16.34 16.77 64.80
N ALA K 294 -15.71 16.72 65.96
CA ALA K 294 -14.94 17.84 66.55
C ALA K 294 -13.58 17.98 65.84
N GLU K 295 -13.35 17.23 64.77
CA GLU K 295 -12.03 17.21 64.06
C GLU K 295 -11.73 18.60 63.46
N ASN K 296 -12.62 19.17 62.66
CA ASN K 296 -12.30 20.43 61.94
C ASN K 296 -12.98 21.63 62.61
N PHE K 297 -13.73 21.44 63.69
CA PHE K 297 -14.52 22.54 64.30
C PHE K 297 -13.59 23.68 64.72
N ASN K 298 -14.05 24.92 64.53
CA ASN K 298 -13.28 26.14 64.91
C ASN K 298 -14.24 27.25 65.34
N GLY K 299 -14.26 27.54 66.65
CA GLY K 299 -14.96 28.71 67.22
C GLY K 299 -15.30 28.53 68.69
N MET K 300 -16.32 29.27 69.14
CA MET K 300 -16.80 29.28 70.53
C MET K 300 -18.21 28.69 70.55
N ALA K 301 -18.34 27.41 70.91
CA ALA K 301 -19.64 26.73 71.13
C ALA K 301 -20.02 26.87 72.61
N ALA K 302 -20.98 27.73 72.91
CA ALA K 302 -21.37 28.09 74.29
C ALA K 302 -22.79 27.60 74.57
N GLY K 303 -22.93 26.52 75.36
CA GLY K 303 -24.21 25.95 75.81
C GLY K 303 -24.70 26.59 77.10
N PHE K 304 -26.01 26.63 77.31
CA PHE K 304 -26.65 27.21 78.51
C PHE K 304 -27.98 26.50 78.76
N TYR K 305 -28.24 26.06 80.00
CA TYR K 305 -29.53 25.50 80.47
C TYR K 305 -30.18 26.43 81.52
N GLN K 306 -31.26 27.12 81.14
CA GLN K 306 -32.13 27.82 82.11
C GLN K 306 -33.46 27.07 82.16
N GLY K 307 -33.69 26.41 83.29
CA GLY K 307 -34.73 25.37 83.42
C GLY K 307 -34.64 24.37 82.27
N ASN K 308 -35.64 24.39 81.39
CA ASN K 308 -35.91 23.31 80.41
C ASN K 308 -35.42 23.70 79.01
N TRP K 309 -35.27 24.99 78.70
CA TRP K 309 -34.78 25.40 77.35
C TRP K 309 -33.26 25.32 77.30
N ALA K 310 -32.74 24.43 76.44
CA ALA K 310 -31.29 24.33 76.12
C ALA K 310 -30.99 25.30 74.96
N MET K 311 -29.78 25.87 74.96
CA MET K 311 -29.33 26.89 73.98
C MET K 311 -27.87 26.62 73.62
N LEU K 312 -27.56 26.65 72.32
CA LEU K 312 -26.19 26.43 71.79
C LEU K 312 -25.84 27.56 70.82
N VAL K 313 -24.82 28.31 71.17
CA VAL K 313 -24.33 29.49 70.41
C VAL K 313 -23.03 29.09 69.73
N THR K 314 -22.93 29.32 68.42
CA THR K 314 -21.74 28.97 67.59
C THR K 314 -21.18 30.23 66.95
N ALA K 315 -19.86 30.39 66.99
CA ALA K 315 -19.18 31.59 66.46
C ALA K 315 -17.70 31.28 66.18
N LEU K 316 -17.27 31.61 64.97
CA LEU K 316 -15.84 31.83 64.61
C LEU K 316 -15.77 32.82 63.46
N SER K 317 -14.79 33.69 63.51
CA SER K 317 -14.42 34.50 62.34
C SER K 317 -13.04 34.06 61.90
N THR K 318 -12.94 33.47 60.71
CA THR K 318 -11.63 33.26 60.06
C THR K 318 -11.31 34.54 59.28
N ASN K 319 -10.05 34.98 59.39
CA ASN K 319 -9.52 36.23 58.81
C ASN K 319 -8.07 35.90 58.45
N THR K 320 -7.67 36.22 57.23
CA THR K 320 -6.48 35.62 56.62
C THR K 320 -5.67 36.74 55.98
N LYS K 321 -4.39 36.47 55.73
CA LYS K 321 -3.46 37.47 55.16
C LYS K 321 -2.32 36.70 54.50
N SER K 322 -1.97 37.10 53.29
CA SER K 322 -0.79 36.58 52.55
C SER K 322 -0.22 37.70 51.70
N ASP K 323 1.10 37.72 51.55
CA ASP K 323 1.82 38.71 50.71
C ASP K 323 2.94 37.97 49.97
N ILE K 324 2.97 38.11 48.65
CA ILE K 324 3.99 37.43 47.80
C ILE K 324 4.66 38.49 46.95
N LEU K 325 5.96 38.35 46.69
CA LEU K 325 6.77 39.29 45.89
C LEU K 325 7.96 38.56 45.26
N SER K 326 7.92 38.34 43.95
CA SER K 326 9.01 37.67 43.19
C SER K 326 9.58 38.65 42.16
N THR K 327 10.90 38.78 42.11
CA THR K 327 11.60 39.70 41.18
C THR K 327 12.70 38.94 40.47
N PRO K 328 12.35 38.07 39.53
CA PRO K 328 13.35 37.32 38.77
C PRO K 328 13.93 38.16 37.63
N SER K 329 15.12 38.70 37.82
CA SER K 329 15.85 39.48 36.78
C SER K 329 16.69 38.52 35.93
N ILE K 330 17.16 38.99 34.78
CA ILE K 330 18.03 38.20 33.85
C ILE K 330 18.71 39.15 32.88
N VAL K 331 19.95 38.88 32.52
CA VAL K 331 20.71 39.69 31.52
C VAL K 331 20.93 38.86 30.26
N THR K 332 20.42 39.34 29.13
CA THR K 332 20.37 38.65 27.83
C THR K 332 20.98 39.54 26.74
N MET K 333 21.47 38.95 25.67
CA MET K 333 21.78 39.67 24.41
C MET K 333 20.45 40.02 23.74
N ASP K 334 20.35 41.20 23.15
CA ASP K 334 19.18 41.62 22.34
C ASP K 334 18.79 40.48 21.39
N ASN K 335 17.50 40.20 21.29
CA ASN K 335 16.99 39.39 20.17
C ASN K 335 17.39 37.93 20.30
N LYS K 336 18.10 37.58 21.36
CA LYS K 336 18.13 36.17 21.81
C LYS K 336 17.08 36.01 22.90
N GLU K 337 16.33 34.93 22.84
CA GLU K 337 15.47 34.62 24.00
C GLU K 337 16.36 33.98 25.05
N ALA K 338 16.32 34.61 26.22
CA ALA K 338 16.72 34.03 27.51
C ALA K 338 15.57 33.15 27.99
N SER K 339 15.92 32.12 28.75
CA SER K 339 14.98 31.47 29.67
C SER K 339 15.50 31.76 31.07
N PHE K 340 14.62 31.77 32.05
CA PHE K 340 15.04 31.77 33.46
C PHE K 340 14.00 30.98 34.21
N ASN K 341 14.41 29.97 34.95
CA ASN K 341 13.43 29.17 35.70
C ASN K 341 13.93 29.09 37.13
N VAL K 342 13.07 29.23 38.12
CA VAL K 342 13.38 28.75 39.49
C VAL K 342 12.14 28.12 40.10
N GLY K 343 12.07 26.81 39.99
CA GLY K 343 10.82 26.03 40.08
C GLY K 343 11.15 24.60 39.79
N GLN K 344 10.33 23.90 39.03
CA GLN K 344 10.56 22.45 39.06
C GLN K 344 9.80 21.71 37.96
N GLU K 345 10.34 20.54 37.65
CA GLU K 345 9.84 19.53 36.67
C GLU K 345 9.03 18.48 37.44
N VAL K 346 7.73 18.45 37.18
CA VAL K 346 6.78 17.47 37.74
C VAL K 346 6.15 16.72 36.58
N PRO K 347 5.84 15.45 36.78
CA PRO K 347 5.20 14.69 35.73
C PRO K 347 3.70 14.99 35.64
N VAL K 348 3.17 15.05 34.41
CA VAL K 348 1.72 15.22 34.12
C VAL K 348 1.33 14.09 33.15
N GLN K 349 0.15 13.49 33.34
CA GLN K 349 -0.33 12.40 32.46
C GLN K 349 -0.68 12.98 31.08
N THR K 350 -0.77 12.12 30.07
CA THR K 350 -1.20 12.50 28.70
C THR K 350 -1.56 11.25 27.89
N THR K 364 1.78 6.49 30.69
CA THR K 364 2.36 7.61 29.90
C THR K 364 2.29 8.91 30.72
N ILE K 365 3.44 9.56 30.93
CA ILE K 365 3.55 10.82 31.73
C ILE K 365 4.35 11.84 30.91
N GLU K 366 4.65 12.99 31.51
CA GLU K 366 5.37 14.12 30.87
C GLU K 366 5.95 15.06 31.93
N ARG K 367 7.02 15.75 31.59
CA ARG K 367 7.74 16.65 32.52
C ARG K 367 7.31 18.08 32.18
N LYS K 368 6.89 18.85 33.18
CA LYS K 368 6.51 20.27 33.02
C LYS K 368 7.28 21.11 34.03
N THR K 369 7.97 22.16 33.59
CA THR K 369 8.71 23.09 34.47
C THR K 369 7.74 24.12 35.04
N VAL K 370 7.33 23.93 36.30
CA VAL K 370 6.41 24.85 37.03
C VAL K 370 7.18 25.40 38.23
N GLY K 371 7.36 26.71 38.26
CA GLY K 371 8.03 27.45 39.33
C GLY K 371 8.00 28.92 38.98
N THR K 372 8.88 29.73 39.52
CA THR K 372 9.02 31.11 39.01
C THR K 372 9.73 31.03 37.66
N LYS K 373 9.02 31.31 36.56
CA LYS K 373 9.61 31.32 35.21
C LYS K 373 9.51 32.72 34.66
N LEU K 374 10.58 33.12 34.05
CA LEU K 374 10.61 34.28 33.17
C LEU K 374 11.18 33.77 31.87
N VAL K 375 10.42 33.86 30.81
CA VAL K 375 11.00 33.65 29.46
C VAL K 375 10.94 34.97 28.75
N LEU K 376 12.07 35.51 28.39
CA LEU K 376 12.01 36.85 27.83
C LEU K 376 12.97 36.94 26.65
N THR K 377 12.49 37.52 25.56
CA THR K 377 13.30 37.90 24.39
C THR K 377 13.23 39.41 24.26
N PRO K 378 14.13 40.17 24.92
CA PRO K 378 14.26 41.60 24.67
C PRO K 378 14.72 42.01 23.26
N GLN K 379 14.31 43.21 22.86
CA GLN K 379 14.64 43.83 21.54
C GLN K 379 14.83 45.34 21.79
N ILE K 380 15.92 45.93 21.33
CA ILE K 380 16.31 47.30 21.77
C ILE K 380 16.02 48.33 20.69
N ASN K 381 15.24 49.36 21.06
CA ASN K 381 15.13 50.65 20.32
C ASN K 381 16.52 51.29 20.37
N GLU K 382 17.09 51.64 19.20
CA GLU K 382 18.43 52.27 19.06
C GLU K 382 18.85 53.01 20.34
N GLY K 383 17.95 53.82 20.91
CA GLY K 383 18.23 54.83 21.97
C GLY K 383 18.05 54.37 23.40
N ASP K 384 16.81 54.09 23.84
CA ASP K 384 16.49 53.83 25.27
C ASP K 384 15.59 52.61 25.41
N SER K 385 14.41 52.69 24.81
CA SER K 385 13.23 51.93 25.26
C SER K 385 13.22 50.49 24.72
N VAL K 386 13.09 49.55 25.64
CA VAL K 386 13.16 48.09 25.35
C VAL K 386 11.77 47.57 24.98
N LEU K 387 11.65 46.86 23.86
CA LEU K 387 10.50 45.96 23.56
C LEU K 387 10.79 44.63 24.23
N LEU K 388 9.94 44.23 25.19
CA LEU K 388 10.10 42.98 25.95
C LEU K 388 8.98 42.03 25.57
N THR K 389 9.30 40.90 24.95
CA THR K 389 8.30 39.83 24.76
C THR K 389 8.38 38.93 25.98
N ILE K 390 7.38 38.99 26.83
CA ILE K 390 7.37 38.27 28.12
C ILE K 390 6.36 37.13 28.04
N GLU K 391 6.78 35.95 28.45
CA GLU K 391 5.88 34.85 28.83
C GLU K 391 6.31 34.43 30.23
N GLN K 392 5.56 34.76 31.25
CA GLN K 392 5.95 34.41 32.64
C GLN K 392 4.74 33.90 33.41
N GLU K 393 5.04 33.24 34.51
CA GLU K 393 3.99 32.78 35.42
C GLU K 393 4.63 32.37 36.74
N VAL K 394 3.84 32.41 37.79
CA VAL K 394 4.22 31.80 39.08
C VAL K 394 3.24 30.68 39.32
N SER K 395 3.69 29.45 39.18
CA SER K 395 2.80 28.29 39.21
C SER K 395 3.32 27.26 40.19
N SER K 396 2.44 26.37 40.63
CA SER K 396 2.74 25.47 41.76
C SER K 396 1.86 24.24 41.64
N VAL K 397 2.34 23.14 42.19
CA VAL K 397 1.59 21.85 42.19
C VAL K 397 0.79 21.75 43.50
N GLY K 398 0.13 22.83 43.93
CA GLY K 398 -0.54 22.89 45.24
C GLY K 398 0.37 22.34 46.33
N LYS K 399 0.10 21.12 46.84
CA LYS K 399 0.88 20.41 47.89
C LYS K 399 1.43 19.09 47.35
N GLN K 400 2.75 18.88 47.47
CA GLN K 400 3.49 17.66 47.01
C GLN K 400 2.96 16.38 47.70
N ALA K 401 2.00 16.52 48.64
CA ALA K 401 1.41 15.41 49.44
C ALA K 401 -0.13 15.50 49.42
N THR K 402 -0.69 16.27 48.47
CA THR K 402 -2.14 16.48 48.24
C THR K 402 -2.52 15.98 46.83
N GLY K 403 -3.70 15.41 46.70
CA GLY K 403 -4.24 14.92 45.42
C GLY K 403 -5.04 15.99 44.68
N THR K 404 -5.88 15.53 43.76
CA THR K 404 -6.72 16.37 42.86
C THR K 404 -8.09 15.68 42.77
N ASP K 405 -9.17 16.38 42.37
CA ASP K 405 -10.49 15.74 42.04
C ASP K 405 -10.39 15.10 40.64
N GLY K 406 -9.42 15.54 39.84
CA GLY K 406 -9.04 14.95 38.54
C GLY K 406 -8.07 13.79 38.67
N LEU K 407 -7.02 13.77 37.85
CA LEU K 407 -6.26 12.53 37.58
C LEU K 407 -4.75 12.75 37.67
N GLY K 408 -4.22 13.82 37.09
CA GLY K 408 -2.80 14.18 37.24
C GLY K 408 -2.60 15.24 38.33
N PRO K 409 -1.40 15.86 38.40
CA PRO K 409 -1.18 17.02 39.26
C PRO K 409 -1.89 18.27 38.72
N THR K 410 -2.25 19.23 39.58
CA THR K 410 -2.81 20.54 39.15
C THR K 410 -1.85 21.67 39.46
N PHE K 411 -2.06 22.85 38.87
CA PHE K 411 -1.10 23.96 39.05
C PHE K 411 -1.80 25.27 39.33
N ASP K 412 -1.37 25.98 40.37
CA ASP K 412 -1.76 27.39 40.57
C ASP K 412 -0.75 28.26 39.83
N THR K 413 -1.21 28.95 38.80
CA THR K 413 -0.34 29.73 37.92
C THR K 413 -0.78 31.18 37.96
N ARG K 414 0.18 32.07 37.88
CA ARG K 414 -0.06 33.48 37.57
C ARG K 414 0.84 33.84 36.40
N THR K 415 0.20 34.12 35.29
CA THR K 415 0.87 34.13 34.01
C THR K 415 0.62 35.47 33.38
N VAL K 416 1.52 35.86 32.52
CA VAL K 416 1.23 37.04 31.69
C VAL K 416 2.20 36.90 30.56
N LYS K 417 1.69 36.76 29.35
CA LYS K 417 2.51 36.76 28.14
C LYS K 417 2.07 37.94 27.30
N ASN K 418 2.98 38.88 27.10
CA ASN K 418 2.70 40.07 26.30
C ASN K 418 4.01 40.63 25.79
N ALA K 419 3.91 41.43 24.75
CA ALA K 419 4.99 42.35 24.42
C ALA K 419 4.61 43.71 25.00
N VAL K 420 5.60 44.33 25.62
CA VAL K 420 5.51 45.67 26.23
C VAL K 420 6.71 46.45 25.74
N LEU K 421 6.59 47.76 25.56
CA LEU K 421 7.77 48.56 25.23
C LEU K 421 7.95 49.66 26.27
N VAL K 422 9.06 49.57 26.98
CA VAL K 422 9.32 50.38 28.20
C VAL K 422 10.65 51.09 28.05
N LYS K 423 10.73 52.29 28.61
CA LYS K 423 11.92 53.17 28.65
C LYS K 423 13.00 52.49 29.49
N SER K 424 14.27 52.77 29.17
CA SER K 424 15.43 51.97 29.60
C SER K 424 15.62 52.05 31.13
N GLY K 425 15.00 53.03 31.80
CA GLY K 425 15.20 53.20 33.25
C GLY K 425 13.97 52.84 34.06
N GLU K 426 12.81 52.75 33.42
CA GLU K 426 11.49 52.91 34.09
C GLU K 426 10.90 51.56 34.50
N THR K 427 10.26 51.53 35.67
CA THR K 427 9.58 50.33 36.20
C THR K 427 8.09 50.47 35.90
N VAL K 428 7.49 49.46 35.28
CA VAL K 428 6.13 49.63 34.72
C VAL K 428 5.23 48.44 35.02
N VAL K 429 3.97 48.62 34.69
CA VAL K 429 2.94 47.57 34.85
C VAL K 429 2.88 46.76 33.57
N LEU K 430 3.09 45.45 33.67
CA LEU K 430 2.85 44.49 32.57
C LEU K 430 1.35 44.23 32.51
N GLY K 431 0.78 43.97 33.69
CA GLY K 431 -0.59 43.50 33.87
C GLY K 431 -0.91 43.39 35.35
N GLY K 432 -2.01 42.71 35.67
CA GLY K 432 -2.46 42.62 37.05
C GLY K 432 -3.89 42.17 37.12
N LEU K 433 -4.26 41.61 38.26
CA LEU K 433 -5.63 41.15 38.58
C LEU K 433 -5.93 41.56 40.00
N MET K 434 -6.98 42.36 40.16
CA MET K 434 -7.52 42.78 41.47
C MET K 434 -8.89 42.10 41.62
N ASP K 435 -8.96 41.10 42.48
CA ASP K 435 -10.11 40.16 42.55
C ASP K 435 -10.69 40.29 43.95
N GLU K 436 -12.01 40.43 44.05
CA GLU K 436 -12.69 40.62 45.34
C GLU K 436 -13.92 39.74 45.38
N GLN K 437 -14.05 38.97 46.46
CA GLN K 437 -15.11 37.95 46.62
C GLN K 437 -15.76 38.11 47.98
N THR K 438 -17.08 38.02 48.04
CA THR K 438 -17.82 38.11 49.31
C THR K 438 -19.06 37.23 49.23
N LYS K 439 -19.06 36.14 50.00
CA LYS K 439 -20.22 35.23 50.08
C LYS K 439 -20.87 35.41 51.45
N GLU K 440 -22.18 35.62 51.46
CA GLU K 440 -22.97 35.79 52.71
C GLU K 440 -24.08 34.74 52.72
N GLU K 441 -24.22 34.04 53.85
CA GLU K 441 -25.25 33.00 54.08
C GLU K 441 -25.87 33.21 55.46
N VAL K 442 -27.19 32.99 55.55
CA VAL K 442 -27.91 32.87 56.84
C VAL K 442 -28.86 31.68 56.75
N SER K 443 -28.98 30.95 57.85
CA SER K 443 -30.04 29.95 58.10
C SER K 443 -30.86 30.50 59.26
N LYS K 444 -31.97 31.13 58.95
CA LYS K 444 -32.77 31.83 59.98
C LYS K 444 -34.17 31.23 60.02
N VAL K 445 -34.90 31.56 61.08
CA VAL K 445 -36.33 31.22 61.21
C VAL K 445 -37.11 32.36 60.57
N PRO K 446 -38.04 32.05 59.64
CA PRO K 446 -38.61 33.00 58.69
C PRO K 446 -38.93 34.40 59.24
N LEU K 447 -39.86 34.46 60.19
CA LEU K 447 -40.37 35.75 60.69
C LEU K 447 -39.41 36.26 61.76
N LEU K 448 -38.98 35.37 62.65
CA LEU K 448 -38.25 35.75 63.88
C LEU K 448 -36.84 36.19 63.50
N GLY K 449 -36.26 35.56 62.47
CA GLY K 449 -34.88 35.84 62.04
C GLY K 449 -34.75 37.26 61.53
N ASP K 450 -35.87 37.95 61.26
CA ASP K 450 -35.88 39.27 60.59
C ASP K 450 -36.10 40.39 61.62
N ILE K 451 -36.35 40.06 62.89
CA ILE K 451 -36.39 41.09 63.98
C ILE K 451 -35.01 41.77 63.99
N PRO K 452 -34.92 43.11 63.76
CA PRO K 452 -33.64 43.73 63.39
C PRO K 452 -32.46 43.45 64.34
N VAL K 453 -32.70 43.37 65.66
CA VAL K 453 -31.64 43.04 66.66
C VAL K 453 -31.86 41.64 67.24
N LEU K 454 -32.96 41.37 67.92
CA LEU K 454 -33.25 40.03 68.52
C LEU K 454 -33.04 38.93 67.47
N GLY K 455 -33.38 39.22 66.21
CA GLY K 455 -33.41 38.26 65.10
C GLY K 455 -32.10 37.49 64.95
N TYR K 456 -30.97 38.07 65.38
CA TYR K 456 -29.63 37.45 65.27
C TYR K 456 -29.57 36.23 66.19
N LEU K 457 -30.54 36.09 67.09
CA LEU K 457 -30.60 34.91 67.98
C LEU K 457 -31.18 33.72 67.22
N PHE K 458 -32.01 33.97 66.21
CA PHE K 458 -32.62 32.88 65.41
C PHE K 458 -31.69 32.50 64.26
N ARG K 459 -30.93 33.46 63.73
CA ARG K 459 -30.12 33.27 62.50
C ARG K 459 -28.75 32.68 62.86
N SER K 460 -28.28 31.75 62.04
CA SER K 460 -26.89 31.23 62.05
C SER K 460 -26.20 31.78 60.80
N THR K 461 -25.49 32.88 60.94
CA THR K 461 -24.93 33.54 59.75
C THR K 461 -23.56 32.95 59.49
N SER K 462 -23.22 32.77 58.21
CA SER K 462 -21.84 32.46 57.74
C SER K 462 -21.44 33.47 56.67
N ASN K 463 -20.48 34.33 56.97
CA ASN K 463 -19.99 35.36 56.03
C ASN K 463 -18.59 34.96 55.58
N ASN K 464 -18.19 35.40 54.39
CA ASN K 464 -16.82 35.16 53.91
C ASN K 464 -16.44 36.34 53.03
N THR K 465 -15.16 36.71 53.04
CA THR K 465 -14.62 37.77 52.16
C THR K 465 -13.18 37.46 51.82
N SER K 466 -12.71 37.98 50.69
CA SER K 466 -11.34 37.79 50.18
C SER K 466 -10.95 38.97 49.29
N LYS K 467 -9.65 39.10 49.10
CA LYS K 467 -9.01 40.15 48.29
C LYS K 467 -7.72 39.57 47.76
N ARG K 468 -7.44 39.81 46.49
CA ARG K 468 -6.12 39.52 45.91
C ARG K 468 -5.81 40.68 44.97
N ASN K 469 -4.71 41.37 45.21
CA ASN K 469 -4.26 42.42 44.28
C ASN K 469 -2.90 42.00 43.76
N LEU K 470 -2.84 41.59 42.50
CA LEU K 470 -1.60 41.07 41.87
C LEU K 470 -1.16 42.09 40.82
N MET K 471 0.09 42.51 40.89
CA MET K 471 0.67 43.50 39.94
C MET K 471 1.99 42.95 39.43
N VAL K 472 2.19 42.92 38.11
CA VAL K 472 3.44 42.42 37.50
C VAL K 472 4.18 43.60 36.87
N PHE K 473 5.29 44.02 37.46
CA PHE K 473 6.11 45.16 36.98
C PHE K 473 7.40 44.65 36.33
N ILE K 474 7.85 45.30 35.27
CA ILE K 474 9.10 44.94 34.54
C ILE K 474 9.94 46.20 34.38
N ARG K 475 11.20 46.17 34.82
CA ARG K 475 12.09 47.36 34.75
C ARG K 475 13.34 47.01 33.96
N PRO K 476 13.35 47.25 32.63
CA PRO K 476 14.52 46.97 31.81
C PRO K 476 15.58 48.02 32.11
N THR K 477 16.80 47.66 31.75
CA THR K 477 18.02 48.44 32.04
C THR K 477 19.04 48.06 30.98
N ILE K 478 19.47 49.02 30.18
CA ILE K 478 20.33 48.65 29.04
C ILE K 478 21.78 49.02 29.31
N LEU K 479 22.62 48.03 29.01
CA LEU K 479 24.09 48.05 29.11
C LEU K 479 24.65 48.25 27.70
N ARG K 480 25.16 49.44 27.39
CA ARG K 480 25.67 49.78 26.04
C ARG K 480 27.12 49.29 25.90
N ASP K 481 27.91 49.41 26.96
CA ASP K 481 29.32 48.96 26.98
C ASP K 481 29.55 48.16 28.29
N ALA K 482 30.75 47.62 28.48
CA ALA K 482 31.11 46.72 29.60
C ALA K 482 31.14 47.48 30.93
N ASN K 483 31.72 48.69 30.95
CA ASN K 483 31.91 49.48 32.20
C ASN K 483 30.59 49.72 32.90
N VAL K 484 29.47 49.80 32.19
CA VAL K 484 28.14 50.00 32.84
C VAL K 484 27.67 48.66 33.41
N TYR K 485 28.23 47.55 32.89
CA TYR K 485 27.76 46.18 33.18
C TYR K 485 28.57 45.63 34.37
N SER K 486 29.69 46.24 34.69
CA SER K 486 30.38 45.93 35.95
C SER K 486 29.59 46.59 37.08
N GLY K 487 29.40 47.90 36.99
CA GLY K 487 28.73 48.70 38.04
C GLY K 487 27.36 48.13 38.37
N ILE K 488 26.65 47.65 37.35
CA ILE K 488 25.29 47.08 37.54
C ILE K 488 25.43 45.71 38.22
N SER K 489 26.46 44.95 37.87
CA SER K 489 26.73 43.62 38.44
C SER K 489 27.41 43.78 39.79
N SER K 490 28.23 44.82 39.95
CA SER K 490 28.99 45.07 41.20
C SER K 490 28.02 45.45 42.31
N ASN K 491 26.93 46.14 41.99
CA ASN K 491 25.97 46.62 43.02
C ASN K 491 25.09 45.44 43.45
N LYS K 492 24.88 44.45 42.59
CA LYS K 492 24.12 43.23 42.95
C LYS K 492 25.09 42.28 43.65
N TYR K 493 26.35 42.26 43.22
CA TYR K 493 27.40 41.40 43.82
C TYR K 493 27.66 41.87 45.25
N THR K 494 27.67 43.18 45.45
CA THR K 494 27.96 43.80 46.77
C THR K 494 26.70 43.76 47.63
N LEU K 495 25.53 44.10 47.08
CA LEU K 495 24.27 44.11 47.86
C LEU K 495 24.00 42.67 48.33
N PHE K 496 24.47 41.68 47.57
CA PHE K 496 24.37 40.25 47.97
C PHE K 496 25.41 39.97 49.04
N ARG K 497 26.62 40.49 48.85
CA ARG K 497 27.75 40.30 49.79
C ARG K 497 27.38 40.97 51.12
N ALA K 498 26.92 42.21 51.04
CA ALA K 498 26.53 43.04 52.20
C ALA K 498 25.37 42.37 52.92
N GLN K 499 24.58 41.54 52.24
CA GLN K 499 23.43 40.83 52.85
C GLN K 499 23.97 39.63 53.62
N GLN K 500 24.96 38.95 53.06
CA GLN K 500 25.61 37.80 53.72
C GLN K 500 26.32 38.30 54.98
N LEU K 501 27.03 39.43 54.90
CA LEU K 501 27.79 39.96 56.06
C LEU K 501 26.81 40.42 57.15
N ASP K 502 25.61 40.86 56.76
CA ASP K 502 24.55 41.24 57.72
C ASP K 502 24.05 39.99 58.44
N ALA K 503 23.93 38.86 57.72
CA ALA K 503 23.42 37.58 58.25
C ALA K 503 24.46 36.95 59.17
N VAL K 504 25.74 37.22 58.94
CA VAL K 504 26.84 36.74 59.82
C VAL K 504 26.74 37.47 61.17
N ALA K 505 26.41 38.77 61.16
CA ALA K 505 26.37 39.61 62.38
C ALA K 505 25.09 39.35 63.19
N GLN K 506 24.17 38.50 62.71
CA GLN K 506 23.06 37.92 63.53
C GLN K 506 23.46 36.51 64.00
N GLU K 507 24.00 35.70 63.10
CA GLU K 507 24.47 34.32 63.42
C GLU K 507 25.60 34.41 64.46
N GLY K 508 26.45 35.43 64.37
CA GLY K 508 27.51 35.69 65.35
C GLY K 508 26.91 35.97 66.72
N TYR K 509 25.80 36.71 66.73
CA TYR K 509 25.05 37.08 67.95
C TYR K 509 24.45 35.82 68.55
N ALA K 510 23.82 34.98 67.73
CA ALA K 510 23.10 33.75 68.14
C ALA K 510 24.08 32.66 68.57
N THR K 511 25.29 32.63 67.97
CA THR K 511 26.34 31.61 68.22
C THR K 511 25.89 30.22 67.73
N SER K 512 26.87 29.35 67.46
CA SER K 512 26.66 27.91 67.12
C SER K 512 25.98 27.71 65.77
N PRO K 513 26.06 28.65 64.78
CA PRO K 513 25.70 28.38 63.40
C PRO K 513 26.56 29.08 62.35
N ASP K 514 26.59 28.64 61.09
CA ASP K 514 27.42 29.31 60.06
C ASP K 514 26.68 29.64 58.77
N ARG K 515 26.67 30.92 58.43
CA ARG K 515 26.35 31.45 57.07
C ARG K 515 27.68 31.90 56.46
N GLN K 516 28.09 31.35 55.32
CA GLN K 516 29.43 31.67 54.80
C GLN K 516 29.34 32.61 53.60
N VAL K 517 30.31 33.51 53.55
CA VAL K 517 30.19 34.73 52.73
C VAL K 517 31.19 34.67 51.58
N LEU K 518 30.60 34.96 50.44
CA LEU K 518 31.17 35.51 49.19
C LEU K 518 32.26 36.55 49.45
N PRO K 519 33.40 36.47 48.76
CA PRO K 519 34.48 37.41 49.00
C PRO K 519 34.13 38.80 48.46
N GLU K 520 35.15 39.64 48.26
CA GLU K 520 34.97 40.97 47.65
C GLU K 520 35.16 40.85 46.15
N TYR K 521 34.61 41.80 45.40
CA TYR K 521 34.61 41.78 43.92
C TYR K 521 36.05 41.73 43.39
N GLY K 522 36.33 40.70 42.59
CA GLY K 522 37.55 40.59 41.77
C GLY K 522 38.72 40.00 42.54
N GLN K 523 38.45 39.39 43.70
CA GLN K 523 39.51 38.85 44.58
C GLN K 523 39.57 37.31 44.45
N ASP K 524 38.51 36.68 43.94
CA ASP K 524 38.27 35.21 44.02
C ASP K 524 38.67 34.73 45.43
N GLY L 1 74.45 -0.19 -71.09
CA GLY L 1 74.41 1.03 -71.96
C GLY L 1 73.14 1.08 -72.80
N ASP L 2 73.06 0.28 -73.86
CA ASP L 2 71.90 0.26 -74.80
C ASP L 2 70.98 -0.90 -74.42
N GLU L 3 71.23 -1.54 -73.27
CA GLU L 3 70.52 -2.79 -72.87
C GLU L 3 69.07 -2.45 -72.51
N MET L 4 68.12 -2.91 -73.33
CA MET L 4 66.68 -2.62 -73.15
C MET L 4 66.08 -3.64 -72.19
N VAL L 5 65.72 -3.19 -70.99
CA VAL L 5 65.14 -4.05 -69.92
C VAL L 5 64.00 -3.27 -69.26
N THR L 6 63.05 -4.01 -68.67
CA THR L 6 61.95 -3.44 -67.86
C THR L 6 62.31 -3.60 -66.38
N ARG L 7 62.24 -2.51 -65.61
CA ARG L 7 62.41 -2.57 -64.15
C ARG L 7 61.46 -1.57 -63.48
N VAL L 8 61.02 -1.93 -62.28
CA VAL L 8 59.81 -1.36 -61.63
C VAL L 8 60.14 -0.95 -60.20
N VAL L 9 59.98 0.34 -59.91
CA VAL L 9 60.13 0.89 -58.53
C VAL L 9 58.82 1.61 -58.19
N PRO L 10 58.18 1.24 -57.05
CA PRO L 10 57.09 2.04 -56.51
C PRO L 10 57.57 3.37 -55.91
N VAL L 11 56.69 4.37 -55.91
CA VAL L 11 56.72 5.52 -54.96
C VAL L 11 55.67 5.22 -53.90
N ARG L 12 56.09 4.72 -52.73
CA ARG L 12 55.16 4.30 -51.65
C ARG L 12 54.60 5.55 -50.96
N ASN L 13 55.50 6.50 -50.65
CA ASN L 13 55.21 7.76 -49.91
C ASN L 13 54.10 8.54 -50.60
N VAL L 14 54.20 8.71 -51.92
CA VAL L 14 53.28 9.55 -52.72
C VAL L 14 52.64 8.67 -53.80
N SER L 15 51.50 9.07 -54.35
CA SER L 15 50.92 8.45 -55.56
C SER L 15 51.85 8.76 -56.73
N VAL L 16 52.30 7.73 -57.46
CA VAL L 16 53.36 7.83 -58.51
C VAL L 16 52.87 8.68 -59.68
N ARG L 17 51.58 9.03 -59.68
CA ARG L 17 50.86 9.71 -60.80
C ARG L 17 51.61 10.99 -61.21
N GLU L 18 52.41 11.55 -60.30
CA GLU L 18 53.04 12.89 -60.45
C GLU L 18 54.28 12.81 -61.35
N LEU L 19 54.74 11.62 -61.72
CA LEU L 19 55.98 11.48 -62.55
C LEU L 19 55.60 11.20 -64.00
N ALA L 20 54.31 11.26 -64.35
CA ALA L 20 53.81 10.90 -65.70
C ALA L 20 54.34 11.88 -66.75
N PRO L 21 54.22 13.21 -66.55
CA PRO L 21 54.91 14.18 -67.41
C PRO L 21 56.44 13.96 -67.46
N LEU L 22 57.04 13.72 -66.29
CA LEU L 22 58.51 13.61 -66.05
C LEU L 22 59.06 12.41 -66.82
N LEU L 23 58.50 11.22 -66.61
CA LEU L 23 59.19 9.96 -66.98
C LEU L 23 58.87 9.59 -68.43
N ARG L 24 57.63 9.79 -68.89
CA ARG L 24 57.28 9.68 -70.32
C ARG L 24 57.91 10.86 -71.06
N GLN L 25 58.24 11.93 -70.32
CA GLN L 25 59.09 13.02 -70.86
C GLN L 25 60.51 12.49 -71.00
N LEU L 26 60.92 11.52 -70.16
CA LEU L 26 62.29 10.91 -70.24
C LEU L 26 62.31 9.86 -71.37
N ASN L 27 61.17 9.25 -71.66
CA ASN L 27 60.96 8.59 -72.98
C ASN L 27 61.21 9.65 -74.05
N ASP L 28 60.53 10.80 -73.91
CA ASP L 28 60.57 11.94 -74.87
C ASP L 28 61.93 12.65 -74.80
N ASN L 29 62.81 12.26 -73.87
CA ASN L 29 64.13 12.90 -73.65
C ASN L 29 65.10 12.47 -74.77
N ALA L 30 65.12 11.16 -75.10
CA ALA L 30 66.12 10.58 -76.04
C ALA L 30 65.50 9.46 -76.88
N GLY L 31 66.30 8.88 -77.78
CA GLY L 31 65.91 7.81 -78.72
C GLY L 31 65.00 6.79 -78.05
N GLY L 32 63.80 6.61 -78.62
CA GLY L 32 62.66 5.88 -78.02
C GLY L 32 62.90 4.37 -77.91
N GLY L 33 61.82 3.62 -77.63
CA GLY L 33 61.85 2.23 -77.16
C GLY L 33 61.53 2.15 -75.68
N ASN L 34 60.87 3.19 -75.15
CA ASN L 34 60.61 3.33 -73.70
C ASN L 34 59.12 3.12 -73.41
N VAL L 35 58.81 2.62 -72.20
CA VAL L 35 57.45 2.60 -71.60
C VAL L 35 57.56 3.05 -70.15
N VAL L 36 56.68 3.94 -69.73
CA VAL L 36 56.46 4.27 -68.30
C VAL L 36 54.96 4.12 -68.04
N HIS L 37 54.57 3.54 -66.90
CA HIS L 37 53.13 3.46 -66.50
C HIS L 37 52.98 3.24 -64.98
N TYR L 38 51.74 3.36 -64.51
CA TYR L 38 51.40 3.69 -63.10
C TYR L 38 50.28 2.79 -62.60
N ASP L 39 50.52 2.14 -61.47
CA ASP L 39 49.48 1.35 -60.78
C ASP L 39 48.82 2.27 -59.76
N PRO L 40 47.50 2.16 -59.55
CA PRO L 40 46.86 2.85 -58.42
C PRO L 40 47.51 2.33 -57.13
N SER L 41 47.96 1.07 -57.16
CA SER L 41 48.74 0.39 -56.09
C SER L 41 50.08 1.12 -55.92
N ASN L 42 50.36 2.04 -56.85
CA ASN L 42 51.39 3.10 -56.73
C ASN L 42 52.78 2.46 -56.84
N VAL L 43 52.90 1.45 -57.70
CA VAL L 43 54.21 1.00 -58.24
C VAL L 43 54.38 1.65 -59.62
N LEU L 44 55.61 2.02 -59.95
CA LEU L 44 55.95 2.70 -61.23
C LEU L 44 56.76 1.73 -62.09
N LEU L 45 56.17 1.25 -63.18
CA LEU L 45 56.78 0.21 -64.02
C LEU L 45 57.42 0.85 -65.25
N ILE L 46 58.66 0.44 -65.56
CA ILE L 46 59.48 1.05 -66.65
C ILE L 46 59.95 -0.04 -67.61
N THR L 47 60.19 0.38 -68.85
CA THR L 47 60.86 -0.37 -69.94
C THR L 47 61.79 0.60 -70.69
N GLY L 48 63.02 0.19 -70.97
CA GLY L 48 63.95 1.04 -71.75
C GLY L 48 65.39 0.60 -71.64
N ARG L 49 66.25 1.26 -72.42
CA ARG L 49 67.70 0.98 -72.48
C ARG L 49 68.33 1.43 -71.16
N ALA L 50 69.52 0.89 -70.87
CA ALA L 50 70.16 0.87 -69.54
C ALA L 50 70.33 2.28 -68.97
N ALA L 51 70.70 3.27 -69.80
CA ALA L 51 70.97 4.66 -69.37
C ALA L 51 69.66 5.38 -69.08
N VAL L 52 68.76 5.45 -70.07
CA VAL L 52 67.45 6.14 -69.96
C VAL L 52 66.78 5.63 -68.69
N VAL L 53 66.89 4.33 -68.41
CA VAL L 53 66.29 3.68 -67.21
C VAL L 53 67.14 4.01 -65.98
N ASN L 54 68.46 4.18 -66.12
CA ASN L 54 69.34 4.63 -65.01
C ASN L 54 68.72 5.89 -64.41
N ARG L 55 68.49 6.92 -65.24
CA ARG L 55 68.04 8.26 -64.80
C ARG L 55 66.52 8.26 -64.57
N LEU L 56 65.78 7.32 -65.18
CA LEU L 56 64.33 7.13 -64.92
C LEU L 56 64.16 6.62 -63.50
N VAL L 57 64.74 5.45 -63.21
CA VAL L 57 64.66 4.79 -61.88
C VAL L 57 65.31 5.71 -60.84
N GLU L 58 66.35 6.46 -61.24
CA GLU L 58 66.91 7.60 -60.44
C GLU L 58 65.73 8.48 -60.01
N VAL L 59 64.95 8.97 -60.97
CA VAL L 59 63.79 9.85 -60.68
C VAL L 59 62.87 9.13 -59.68
N VAL L 60 62.66 7.83 -59.85
CA VAL L 60 61.56 7.10 -59.14
C VAL L 60 61.96 6.88 -57.68
N ARG L 61 63.11 6.25 -57.42
CA ARG L 61 63.63 6.05 -56.05
C ARG L 61 63.73 7.44 -55.41
N ARG L 62 64.16 8.43 -56.19
CA ARG L 62 64.29 9.82 -55.72
C ARG L 62 62.94 10.27 -55.17
N VAL L 63 61.92 10.41 -56.02
CA VAL L 63 60.54 10.81 -55.61
C VAL L 63 60.10 9.89 -54.46
N ASP L 64 60.64 8.67 -54.40
CA ASP L 64 60.29 7.67 -53.35
C ASP L 64 60.88 8.12 -52.00
N LYS L 65 62.15 8.53 -52.00
CA LYS L 65 62.90 8.94 -50.78
C LYS L 65 62.65 10.43 -50.51
N ALA L 66 62.02 11.13 -51.46
CA ALA L 66 61.77 12.59 -51.39
C ALA L 66 60.79 12.85 -50.27
N GLY L 67 59.77 12.00 -50.14
CA GLY L 67 58.64 12.16 -49.20
C GLY L 67 58.60 11.05 -48.17
N ASP L 68 59.61 10.98 -47.29
CA ASP L 68 59.71 9.90 -46.26
C ASP L 68 58.65 10.13 -45.19
N GLN L 69 58.17 9.05 -44.57
CA GLN L 69 57.13 9.10 -43.51
C GLN L 69 57.25 7.87 -42.62
N GLU L 70 58.18 7.89 -41.67
CA GLU L 70 58.45 6.75 -40.77
C GLU L 70 57.93 7.09 -39.37
N VAL L 71 57.92 6.08 -38.49
CA VAL L 71 57.57 6.27 -37.06
C VAL L 71 58.79 6.01 -36.19
N ASP L 72 58.88 6.79 -35.11
CA ASP L 72 59.86 6.70 -34.01
C ASP L 72 59.15 6.60 -32.66
N ILE L 73 59.55 5.63 -31.85
CA ILE L 73 59.01 5.47 -30.47
C ILE L 73 60.17 5.59 -29.49
N ILE L 74 60.14 6.59 -28.63
CA ILE L 74 61.03 6.65 -27.45
C ILE L 74 60.17 6.92 -26.21
N LYS L 75 60.49 6.20 -25.12
CA LYS L 75 59.75 6.24 -23.83
C LYS L 75 59.72 7.66 -23.26
N LEU L 76 58.55 8.07 -22.75
CA LEU L 76 58.41 9.22 -21.84
C LEU L 76 58.37 8.68 -20.41
N LYS L 77 59.21 9.22 -19.54
CA LYS L 77 59.31 8.74 -18.14
C LYS L 77 58.40 9.58 -17.25
N TYR L 78 58.09 10.84 -17.63
CA TYR L 78 57.48 11.84 -16.71
C TYR L 78 56.06 12.26 -17.17
N ALA L 79 55.87 13.44 -17.76
CA ALA L 79 54.52 14.04 -17.94
C ALA L 79 53.67 13.27 -18.96
N SER L 80 52.37 13.25 -18.70
CA SER L 80 51.37 12.31 -19.27
C SER L 80 51.36 12.39 -20.79
N ALA L 81 51.27 11.23 -21.44
CA ALA L 81 51.22 11.09 -22.92
C ALA L 81 49.95 11.79 -23.44
N GLY L 82 48.84 11.69 -22.69
CA GLY L 82 47.54 12.30 -23.01
C GLY L 82 47.58 13.83 -22.94
N GLU L 83 48.29 14.39 -21.96
CA GLU L 83 48.54 15.85 -21.87
C GLU L 83 49.46 16.20 -23.02
N MET L 84 50.50 15.38 -23.22
CA MET L 84 51.45 15.51 -24.35
C MET L 84 50.58 15.62 -25.61
N VAL L 85 49.59 14.76 -25.73
CA VAL L 85 48.67 14.68 -26.90
C VAL L 85 47.93 16.02 -27.01
N ARG L 86 47.26 16.43 -25.94
CA ARG L 86 46.35 17.62 -25.93
C ARG L 86 47.14 18.85 -26.35
N LEU L 87 48.30 19.06 -25.73
CA LEU L 87 49.11 20.30 -25.85
C LEU L 87 49.63 20.37 -27.29
N VAL L 88 50.05 19.23 -27.81
CA VAL L 88 50.61 19.15 -29.19
C VAL L 88 49.46 19.12 -30.19
N THR L 89 48.29 18.61 -29.84
CA THR L 89 47.14 18.59 -30.78
C THR L 89 46.83 20.02 -31.20
N ASN L 90 47.06 20.98 -30.30
CA ASN L 90 46.79 22.41 -30.57
C ASN L 90 47.86 22.95 -31.54
N LEU L 91 49.00 22.25 -31.66
CA LEU L 91 49.92 22.33 -32.84
C LEU L 91 49.17 21.79 -34.08
N ASN L 92 48.04 22.41 -34.43
CA ASN L 92 47.32 22.17 -35.71
C ASN L 92 48.28 22.49 -36.87
N LYS L 93 48.24 21.69 -37.94
CA LYS L 93 49.02 21.82 -39.20
C LYS L 93 50.33 21.03 -39.10
N ASP L 94 50.62 20.46 -37.92
CA ASP L 94 51.48 19.25 -37.81
C ASP L 94 50.65 18.07 -38.33
N GLY L 95 50.43 18.02 -39.66
CA GLY L 95 49.75 16.93 -40.39
C GLY L 95 48.25 16.88 -40.18
N ASN L 96 47.72 17.75 -39.30
CA ASN L 96 46.29 17.78 -38.88
C ASN L 96 45.60 18.94 -39.62
N SER L 97 45.20 18.73 -40.87
CA SER L 97 44.49 19.75 -41.70
C SER L 97 43.76 19.07 -42.87
N GLN L 98 42.91 19.84 -43.55
CA GLN L 98 42.14 19.39 -44.74
C GLN L 98 42.61 20.21 -45.95
N GLY L 99 43.86 20.67 -45.91
CA GLY L 99 44.50 21.50 -46.97
C GLY L 99 44.56 20.77 -48.31
N GLY L 100 44.11 21.43 -49.39
CA GLY L 100 43.95 20.84 -50.74
C GLY L 100 45.29 20.54 -51.40
N ASN L 101 45.82 21.48 -52.20
CA ASN L 101 47.11 21.35 -52.94
C ASN L 101 48.26 21.25 -51.93
N THR L 102 48.01 21.65 -50.68
CA THR L 102 48.91 21.48 -49.51
C THR L 102 49.12 19.99 -49.23
N SER L 103 48.01 19.23 -49.29
CA SER L 103 47.94 17.76 -49.05
C SER L 103 48.55 17.41 -47.68
N LEU L 104 48.21 18.19 -46.64
CA LEU L 104 48.91 18.12 -45.33
C LEU L 104 48.48 16.84 -44.62
N LEU L 105 47.50 16.14 -45.20
CA LEU L 105 47.07 14.78 -44.77
C LEU L 105 48.19 13.76 -45.01
N LEU L 106 49.22 14.12 -45.80
CA LEU L 106 50.43 13.30 -46.08
C LEU L 106 51.61 13.76 -45.21
N ALA L 107 51.42 14.76 -44.34
CA ALA L 107 52.48 15.41 -43.56
C ALA L 107 52.54 14.81 -42.16
N PRO L 108 53.67 14.99 -41.41
CA PRO L 108 53.85 14.39 -40.08
C PRO L 108 52.76 14.63 -39.02
N LYS L 109 52.37 13.58 -38.29
CA LYS L 109 51.33 13.63 -37.22
C LYS L 109 51.90 13.12 -35.89
N VAL L 110 51.21 13.43 -34.78
CA VAL L 110 51.69 13.20 -33.38
C VAL L 110 50.69 12.35 -32.61
N VAL L 111 51.20 11.51 -31.71
CA VAL L 111 50.42 10.51 -30.93
C VAL L 111 51.12 10.25 -29.60
N ALA L 112 50.47 9.44 -28.75
CA ALA L 112 51.07 8.82 -27.56
C ALA L 112 50.30 7.60 -27.05
N ASP L 113 51.01 6.76 -26.32
CA ASP L 113 50.54 5.57 -25.55
C ASP L 113 50.66 5.91 -24.07
N GLU L 114 49.66 5.56 -23.27
CA GLU L 114 49.69 5.80 -21.81
C GLU L 114 49.98 4.47 -21.07
N ARG L 115 50.11 3.33 -21.77
CA ARG L 115 50.49 2.02 -21.14
C ARG L 115 52.00 1.99 -20.90
N THR L 116 52.82 2.41 -21.88
CA THR L 116 54.30 2.51 -21.77
C THR L 116 54.71 3.96 -21.49
N ASN L 117 53.74 4.89 -21.59
CA ASN L 117 53.91 6.36 -21.74
C ASN L 117 54.95 6.62 -22.83
N SER L 118 54.57 6.39 -24.07
CA SER L 118 55.47 6.51 -25.24
C SER L 118 54.94 7.57 -26.20
N VAL L 119 55.81 8.47 -26.65
CA VAL L 119 55.43 9.35 -27.79
C VAL L 119 55.48 8.49 -29.04
N VAL L 120 54.54 8.78 -29.90
CA VAL L 120 54.46 8.17 -31.24
C VAL L 120 54.47 9.31 -32.24
N VAL L 121 55.37 9.24 -33.20
CA VAL L 121 55.41 10.17 -34.36
C VAL L 121 55.04 9.36 -35.59
N SER L 122 54.41 9.98 -36.57
CA SER L 122 54.26 9.39 -37.93
C SER L 122 54.61 10.45 -38.97
N GLY L 123 55.83 10.41 -39.55
CA GLY L 123 56.18 11.38 -40.61
C GLY L 123 57.66 11.48 -40.92
N GLU L 124 58.02 12.65 -41.49
CA GLU L 124 59.37 13.12 -41.92
C GLU L 124 60.48 12.84 -40.91
N PRO L 125 61.76 12.77 -41.36
CA PRO L 125 62.88 12.86 -40.43
C PRO L 125 63.13 14.26 -39.83
N LYS L 126 62.65 15.32 -40.48
CA LYS L 126 62.60 16.67 -39.86
C LYS L 126 61.63 16.60 -38.69
N ALA L 127 60.55 15.81 -38.79
CA ALA L 127 59.60 15.57 -37.68
C ALA L 127 60.24 14.69 -36.61
N ARG L 128 61.00 13.64 -36.98
CA ARG L 128 61.82 12.85 -36.02
C ARG L 128 62.74 13.82 -35.25
N ALA L 129 63.45 14.67 -36.00
CA ALA L 129 64.43 15.64 -35.44
C ALA L 129 63.72 16.59 -34.46
N ARG L 130 62.60 17.22 -34.86
CA ARG L 130 61.93 18.28 -34.06
C ARG L 130 60.97 17.68 -33.02
N ILE L 131 60.48 16.46 -33.20
CA ILE L 131 59.54 15.88 -32.19
C ILE L 131 60.32 15.07 -31.15
N ILE L 132 61.54 14.63 -31.44
CA ILE L 132 62.43 14.13 -30.35
C ILE L 132 62.81 15.34 -29.47
N GLN L 133 62.87 16.55 -30.01
CA GLN L 133 63.03 17.81 -29.22
C GLN L 133 61.78 18.02 -28.36
N MET L 134 60.58 17.83 -28.93
CA MET L 134 59.30 18.07 -28.20
C MET L 134 59.06 16.98 -27.14
N VAL L 135 59.50 15.74 -27.39
CA VAL L 135 59.60 14.65 -26.38
C VAL L 135 60.37 15.17 -25.18
N ARG L 136 61.54 15.76 -25.41
CA ARG L 136 62.51 16.21 -24.38
C ARG L 136 61.96 17.44 -23.67
N GLN L 137 61.26 18.31 -24.40
CA GLN L 137 60.72 19.59 -23.88
C GLN L 137 59.72 19.32 -22.74
N LEU L 138 58.92 18.26 -22.84
CA LEU L 138 57.77 18.01 -21.93
C LEU L 138 57.98 16.75 -21.09
N ASP L 139 59.12 16.10 -21.25
CA ASP L 139 59.53 14.91 -20.45
C ASP L 139 60.12 15.41 -19.15
N ARG L 140 59.95 16.70 -18.85
CA ARG L 140 60.41 17.27 -17.56
C ARG L 140 59.54 16.72 -16.43
N GLU L 141 60.18 16.41 -15.31
CA GLU L 141 59.57 15.91 -14.06
C GLU L 141 59.04 17.09 -13.26
N LEU L 142 58.39 16.84 -12.12
CA LEU L 142 57.96 17.94 -11.22
C LEU L 142 59.14 18.37 -10.37
N GLN L 143 59.17 19.62 -9.96
CA GLN L 143 60.20 20.15 -9.03
C GLN L 143 59.56 20.31 -7.66
N SER L 144 59.77 19.32 -6.76
CA SER L 144 59.26 19.30 -5.38
C SER L 144 57.76 19.59 -5.37
N GLN L 145 57.36 20.88 -5.31
CA GLN L 145 55.95 21.33 -5.33
C GLN L 145 55.21 20.61 -6.47
N GLY L 146 54.14 19.88 -6.14
CA GLY L 146 53.35 19.12 -7.13
C GLY L 146 52.05 19.82 -7.50
N ASN L 147 51.15 19.11 -8.18
CA ASN L 147 49.75 19.53 -8.38
C ASN L 147 49.02 19.37 -7.03
N THR L 148 49.22 18.25 -6.34
CA THR L 148 48.56 17.99 -5.05
C THR L 148 49.52 18.15 -3.88
N ARG L 149 49.05 18.85 -2.86
CA ARG L 149 49.76 19.05 -1.57
C ARG L 149 49.00 18.33 -0.46
N VAL L 150 49.69 18.00 0.62
CA VAL L 150 49.01 17.60 1.87
C VAL L 150 49.41 18.58 2.96
N PHE L 151 48.43 19.29 3.50
CA PHE L 151 48.59 20.16 4.69
C PHE L 151 48.37 19.36 5.96
N TYR L 152 49.39 19.36 6.79
CA TYR L 152 49.32 18.91 8.19
C TYR L 152 48.71 20.05 9.00
N LEU L 153 47.45 19.91 9.37
CA LEU L 153 46.84 20.95 10.23
C LEU L 153 47.27 20.69 11.67
N LYS L 154 47.56 21.75 12.41
CA LYS L 154 48.02 21.60 13.82
C LYS L 154 46.87 21.80 14.82
N TYR L 155 46.09 22.89 14.76
CA TYR L 155 45.03 23.21 15.75
C TYR L 155 43.64 22.92 15.18
N GLY L 156 43.56 22.77 13.85
CA GLY L 156 42.31 22.47 13.12
C GLY L 156 42.18 20.98 12.81
N LYS L 157 40.95 20.47 12.75
CA LYS L 157 40.64 19.03 12.53
C LYS L 157 40.32 18.79 11.06
N ALA L 158 40.98 17.83 10.42
CA ALA L 158 40.98 17.68 8.95
C ALA L 158 39.55 17.41 8.47
N LYS L 159 38.78 16.58 9.17
CA LYS L 159 37.43 16.13 8.71
C LYS L 159 36.49 17.35 8.68
N ASP L 160 36.61 18.19 9.70
CA ASP L 160 35.75 19.39 9.88
C ASP L 160 36.16 20.41 8.83
N MET L 161 37.47 20.55 8.60
CA MET L 161 38.04 21.55 7.65
C MET L 161 37.61 21.21 6.23
N VAL L 162 37.47 19.91 5.91
CA VAL L 162 37.11 19.47 4.54
C VAL L 162 35.80 20.19 4.18
N GLU L 163 34.81 20.15 5.07
CA GLU L 163 33.48 20.70 4.79
C GLU L 163 33.61 22.20 4.54
N VAL L 164 34.41 22.85 5.36
CA VAL L 164 34.64 24.32 5.28
C VAL L 164 35.19 24.63 3.88
N LEU L 165 36.19 23.87 3.48
CA LEU L 165 36.95 24.15 2.24
C LEU L 165 36.08 23.75 1.05
N LYS L 166 35.18 22.79 1.24
CA LYS L 166 34.31 22.27 0.15
C LYS L 166 33.50 23.43 -0.41
N GLY L 167 33.01 24.32 0.46
CA GLY L 167 32.35 25.55 0.02
C GLY L 167 33.25 26.33 -0.91
N VAL L 168 34.52 26.52 -0.53
CA VAL L 168 35.46 27.42 -1.27
C VAL L 168 35.68 26.83 -2.65
N SER L 169 35.87 25.51 -2.70
CA SER L 169 36.03 24.70 -3.92
C SER L 169 34.74 24.77 -4.75
N SER L 170 33.61 24.61 -4.06
CA SER L 170 32.25 24.50 -4.66
C SER L 170 31.72 25.90 -4.98
N LEU L 196 37.98 21.64 -7.97
CA LEU L 196 38.87 21.55 -6.77
C LEU L 196 38.34 20.44 -5.84
N ALA L 197 39.23 19.55 -5.42
CA ALA L 197 38.88 18.18 -4.97
C ALA L 197 39.60 17.84 -3.66
N ILE L 198 38.84 17.55 -2.60
CA ILE L 198 39.40 17.48 -1.23
C ILE L 198 38.99 16.16 -0.60
N SER L 199 39.85 15.61 0.26
CA SER L 199 39.54 14.59 1.29
C SER L 199 40.43 14.84 2.51
N ALA L 200 39.93 14.47 3.68
CA ALA L 200 40.72 14.51 4.92
C ALA L 200 40.93 13.09 5.44
N ASP L 201 42.18 12.76 5.72
CA ASP L 201 42.60 11.47 6.32
C ASP L 201 42.39 11.56 7.83
N GLU L 202 41.49 10.72 8.35
CA GLU L 202 41.07 10.78 9.76
C GLU L 202 42.29 10.46 10.62
N THR L 203 43.23 9.66 10.12
CA THR L 203 44.33 9.10 10.94
C THR L 203 45.38 10.18 11.21
N THR L 204 46.10 10.63 10.17
CA THR L 204 47.17 11.64 10.32
C THR L 204 46.53 13.03 10.46
N ASN L 205 45.20 13.12 10.38
CA ASN L 205 44.45 14.40 10.51
C ASN L 205 45.06 15.41 9.53
N ALA L 206 45.19 15.01 8.28
CA ALA L 206 45.76 15.87 7.22
C ALA L 206 44.70 16.06 6.12
N LEU L 207 44.80 17.16 5.38
CA LEU L 207 43.86 17.52 4.30
C LEU L 207 44.59 17.36 2.96
N VAL L 208 44.06 16.52 2.07
CA VAL L 208 44.62 16.29 0.71
C VAL L 208 43.74 17.00 -0.31
N ILE L 209 44.18 18.16 -0.79
CA ILE L 209 43.46 18.95 -1.82
C ILE L 209 44.25 18.88 -3.12
N THR L 210 43.56 19.00 -4.25
CA THR L 210 44.16 18.99 -5.62
C THR L 210 43.50 20.07 -6.46
N ALA L 211 44.12 21.25 -6.55
CA ALA L 211 43.65 22.37 -7.40
C ALA L 211 44.84 22.99 -8.13
N GLN L 212 44.58 23.95 -9.02
CA GLN L 212 45.63 24.68 -9.78
C GLN L 212 46.56 25.31 -8.78
N PRO L 213 47.83 25.53 -9.17
CA PRO L 213 48.79 26.16 -8.26
C PRO L 213 48.32 27.54 -7.81
N ASP L 214 47.49 28.22 -8.63
CA ASP L 214 46.86 29.51 -8.24
C ASP L 214 45.93 29.31 -7.05
N VAL L 215 45.16 28.22 -7.07
CA VAL L 215 44.18 27.91 -6.01
C VAL L 215 44.93 27.31 -4.82
N MET L 216 46.01 26.58 -5.08
CA MET L 216 46.84 25.95 -4.02
C MET L 216 47.37 27.05 -3.08
N ALA L 217 47.86 28.15 -3.66
CA ALA L 217 48.39 29.30 -2.90
C ALA L 217 47.22 30.02 -2.20
N GLU L 218 46.03 30.03 -2.81
CA GLU L 218 44.82 30.66 -2.22
C GLU L 218 44.31 29.79 -1.06
N LEU L 219 44.28 28.47 -1.25
CA LEU L 219 43.84 27.50 -0.21
C LEU L 219 44.85 27.52 0.93
N GLU L 220 46.11 27.80 0.61
CA GLU L 220 47.23 27.81 1.59
C GLU L 220 47.06 29.00 2.55
N GLN L 221 46.47 30.11 2.11
CA GLN L 221 46.20 31.28 3.00
C GLN L 221 44.94 30.99 3.82
N VAL L 222 43.94 30.36 3.18
CA VAL L 222 42.64 30.04 3.82
C VAL L 222 42.94 29.13 5.02
N VAL L 223 43.75 28.11 4.76
CA VAL L 223 44.13 27.07 5.74
C VAL L 223 44.88 27.75 6.88
N ALA L 224 45.86 28.59 6.56
CA ALA L 224 46.73 29.23 7.57
C ALA L 224 45.87 30.11 8.47
N LYS L 225 44.84 30.76 7.93
CA LYS L 225 43.97 31.64 8.73
C LYS L 225 43.06 30.76 9.58
N LEU L 226 42.67 29.62 9.04
CA LEU L 226 41.56 28.76 9.54
C LEU L 226 42.12 27.79 10.58
N ASP L 227 43.45 27.68 10.63
CA ASP L 227 44.17 26.74 11.53
C ASP L 227 44.81 27.55 12.67
N ILE L 228 44.37 28.79 12.86
CA ILE L 228 44.88 29.67 13.96
C ILE L 228 44.60 29.00 15.30
N ARG L 229 45.59 29.01 16.20
CA ARG L 229 45.48 28.45 17.56
C ARG L 229 44.25 29.05 18.24
N ARG L 230 43.16 28.29 18.33
CA ARG L 230 41.89 28.73 18.97
C ARG L 230 42.13 28.92 20.46
N ALA L 231 41.79 30.10 20.95
CA ALA L 231 42.04 30.49 22.36
C ALA L 231 41.10 29.72 23.29
N GLN L 232 41.54 29.54 24.52
CA GLN L 232 40.82 28.79 25.57
C GLN L 232 40.20 29.76 26.57
N VAL L 233 39.08 29.36 27.14
CA VAL L 233 38.34 30.21 28.11
C VAL L 233 38.08 29.42 29.37
N LEU L 234 38.52 29.95 30.51
CA LEU L 234 38.15 29.44 31.84
C LEU L 234 36.89 30.17 32.29
N VAL L 235 35.80 29.44 32.48
CA VAL L 235 34.50 30.04 32.84
C VAL L 235 34.13 29.58 34.24
N GLU L 236 34.20 30.46 35.22
CA GLU L 236 33.67 30.20 36.58
C GLU L 236 32.26 30.77 36.67
N ALA L 237 31.30 29.94 37.05
CA ALA L 237 29.96 30.40 37.45
C ALA L 237 29.91 30.41 38.97
N ILE L 238 29.12 31.31 39.53
CA ILE L 238 28.94 31.37 41.00
C ILE L 238 27.45 31.42 41.25
N ILE L 239 26.90 30.36 41.81
CA ILE L 239 25.46 30.27 42.16
C ILE L 239 25.36 30.39 43.67
N VAL L 240 24.81 31.49 44.13
CA VAL L 240 24.62 31.70 45.59
C VAL L 240 23.13 31.79 45.82
N GLU L 241 22.63 30.97 46.72
CA GLU L 241 21.23 31.06 47.16
C GLU L 241 21.19 31.13 48.68
N ILE L 242 20.24 31.88 49.20
CA ILE L 242 20.02 31.98 50.66
C ILE L 242 18.52 31.95 50.93
N ALA L 243 18.12 31.15 51.92
CA ALA L 243 16.71 30.80 52.21
C ALA L 243 16.52 30.72 53.73
N ASP L 244 15.32 31.05 54.17
CA ASP L 244 14.91 31.02 55.60
C ASP L 244 13.44 31.43 55.64
N GLY L 245 12.90 31.55 56.84
CA GLY L 245 11.56 32.12 57.03
C GLY L 245 11.05 31.71 58.38
N ASP L 246 10.02 32.37 58.88
CA ASP L 246 9.53 32.11 60.25
C ASP L 246 8.02 31.88 60.22
N GLY L 247 7.66 30.64 60.54
CA GLY L 247 6.32 30.25 61.01
C GLY L 247 6.17 30.57 62.48
N LEU L 248 4.93 30.78 62.89
CA LEU L 248 4.51 31.11 64.27
C LEU L 248 3.12 30.52 64.37
N ASN L 249 2.87 29.58 65.28
CA ASN L 249 1.45 29.23 65.56
C ASN L 249 1.23 29.27 67.06
N LEU L 250 0.53 30.32 67.48
CA LEU L 250 0.09 30.46 68.88
C LEU L 250 -1.42 30.73 68.89
N GLY L 251 -2.09 30.05 69.80
CA GLY L 251 -3.55 29.87 69.83
C GLY L 251 -4.00 29.38 71.18
N VAL L 252 -5.11 29.90 71.68
CA VAL L 252 -5.50 29.61 73.08
C VAL L 252 -6.95 29.13 73.06
N GLN L 253 -7.21 28.00 73.70
CA GLN L 253 -8.55 27.38 73.72
C GLN L 253 -8.99 27.28 75.18
N TRP L 254 -10.23 27.69 75.47
CA TRP L 254 -10.84 27.64 76.81
C TRP L 254 -12.08 26.77 76.73
N ALA L 255 -12.14 25.67 77.47
CA ALA L 255 -13.32 24.78 77.48
C ALA L 255 -13.90 24.73 78.90
N ASN L 256 -15.20 25.03 79.03
CA ASN L 256 -15.88 25.06 80.35
C ASN L 256 -17.11 24.17 80.30
N THR L 257 -17.22 23.22 81.21
CA THR L 257 -18.33 22.26 81.20
C THR L 257 -19.63 23.07 81.25
N ASN L 258 -19.72 24.05 82.15
CA ASN L 258 -20.99 24.78 82.45
C ASN L 258 -21.34 25.74 81.31
N GLY L 259 -20.35 26.50 80.83
CA GLY L 259 -20.54 27.71 80.02
C GLY L 259 -20.38 27.47 78.52
N GLY L 260 -19.32 26.77 78.10
CA GLY L 260 -19.02 26.50 76.68
C GLY L 260 -17.54 26.35 76.43
N GLY L 261 -17.18 25.83 75.24
CA GLY L 261 -15.79 25.57 74.81
C GLY L 261 -15.49 26.26 73.49
N THR L 262 -14.21 26.57 73.22
CA THR L 262 -13.73 27.24 71.98
C THR L 262 -12.60 26.39 71.39
N GLN L 263 -12.90 25.60 70.35
CA GLN L 263 -11.92 24.69 69.71
C GLN L 263 -11.56 25.26 68.34
N PHE L 264 -10.27 25.19 67.99
CA PHE L 264 -9.67 25.73 66.74
C PHE L 264 -8.86 24.63 66.03
N THR L 265 -8.22 24.98 64.90
CA THR L 265 -7.54 24.05 63.96
C THR L 265 -6.11 24.48 63.63
N ASN L 266 -5.85 25.78 63.42
CA ASN L 266 -4.49 26.33 63.14
C ASN L 266 -3.49 25.69 64.11
N ALA L 267 -3.98 25.33 65.30
CA ALA L 267 -3.23 24.67 66.40
C ALA L 267 -2.80 23.27 65.94
N GLY L 268 -1.65 22.81 66.45
CA GLY L 268 -1.16 21.42 66.27
C GLY L 268 -2.28 20.38 66.41
N PRO L 269 -2.82 20.15 67.62
CA PRO L 269 -3.93 19.22 67.84
C PRO L 269 -5.20 19.80 68.48
N GLY L 270 -6.32 19.08 68.32
CA GLY L 270 -7.65 19.45 68.84
C GLY L 270 -7.92 18.79 70.18
N ILE L 271 -8.48 19.57 71.11
CA ILE L 271 -8.77 19.13 72.51
C ILE L 271 -9.52 17.80 72.48
N GLY L 272 -10.32 17.56 71.43
CA GLY L 272 -11.12 16.33 71.26
C GLY L 272 -10.26 15.08 71.34
N SER L 273 -9.31 14.92 70.41
CA SER L 273 -8.45 13.72 70.29
C SER L 273 -7.65 13.55 71.58
N VAL L 274 -7.27 14.66 72.21
CA VAL L 274 -6.42 14.66 73.43
C VAL L 274 -7.22 14.08 74.60
N ALA L 275 -8.43 14.61 74.84
CA ALA L 275 -9.31 14.23 75.97
C ALA L 275 -9.70 12.76 75.78
N ILE L 276 -10.14 12.41 74.57
CA ILE L 276 -10.59 11.03 74.27
C ILE L 276 -9.42 10.07 74.55
N ALA L 277 -8.22 10.44 74.09
CA ALA L 277 -7.00 9.60 74.25
C ALA L 277 -6.70 9.40 75.74
N ALA L 278 -6.77 10.47 76.52
CA ALA L 278 -6.47 10.44 77.97
C ALA L 278 -7.50 9.52 78.67
N LYS L 279 -8.75 9.51 78.19
CA LYS L 279 -9.85 8.70 78.79
C LYS L 279 -9.75 7.27 78.24
N ASP L 280 -9.05 7.09 77.12
CA ASP L 280 -8.86 5.77 76.47
C ASP L 280 -7.56 5.14 76.98
N TYR L 281 -6.65 5.94 77.55
CA TYR L 281 -5.35 5.52 78.12
C TYR L 281 -5.53 5.08 79.58
N LYS L 282 -6.72 5.30 80.15
CA LYS L 282 -7.05 4.96 81.55
C LYS L 282 -7.22 3.45 81.69
N ASP L 283 -6.98 2.92 82.89
CA ASP L 283 -7.02 1.47 83.26
C ASP L 283 -6.17 0.67 82.26
N ASN L 284 -4.95 1.13 81.98
CA ASN L 284 -3.98 0.51 81.04
C ASN L 284 -4.67 0.25 79.69
N GLY L 285 -5.09 1.31 79.00
CA GLY L 285 -5.75 1.26 77.67
C GLY L 285 -4.75 1.27 76.52
N THR L 286 -5.17 1.71 75.33
CA THR L 286 -4.33 1.83 74.10
C THR L 286 -3.54 3.14 74.11
N THR L 287 -2.63 3.30 73.16
CA THR L 287 -1.78 4.51 73.00
C THR L 287 -1.65 4.85 71.51
N THR L 288 -2.07 3.94 70.62
CA THR L 288 -2.04 4.12 69.14
C THR L 288 -2.73 5.45 68.80
N GLY L 289 -4.03 5.52 69.07
CA GLY L 289 -4.84 6.73 68.87
C GLY L 289 -4.06 7.98 69.25
N LEU L 290 -3.67 8.07 70.52
CA LEU L 290 -3.08 9.33 71.04
C LEU L 290 -1.66 9.50 70.50
N ALA L 291 -0.90 8.41 70.35
CA ALA L 291 0.50 8.47 69.89
C ALA L 291 0.52 8.98 68.44
N LYS L 292 -0.61 8.90 67.73
CA LYS L 292 -0.67 9.29 66.29
C LYS L 292 -0.95 10.79 66.18
N LEU L 293 -1.75 11.33 67.10
CA LEU L 293 -1.97 12.78 67.22
C LEU L 293 -0.63 13.47 67.46
N ALA L 294 0.09 13.04 68.50
CA ALA L 294 1.29 13.71 69.03
C ALA L 294 2.49 13.43 68.12
N GLU L 295 2.28 12.79 66.97
CA GLU L 295 3.39 12.40 66.05
C GLU L 295 4.12 13.63 65.51
N ASN L 296 3.42 14.61 64.91
CA ASN L 296 4.10 15.74 64.25
C ASN L 296 4.03 17.00 65.10
N PHE L 297 3.40 16.96 66.28
CA PHE L 297 3.16 18.19 67.08
C PHE L 297 4.50 18.85 67.42
N ASN L 298 4.53 20.18 67.40
CA ASN L 298 5.72 20.99 67.74
C ASN L 298 5.32 22.32 68.40
N GLY L 299 5.57 22.43 69.71
CA GLY L 299 5.43 23.69 70.46
C GLY L 299 5.25 23.47 71.95
N MET L 300 4.66 24.47 72.60
CA MET L 300 4.40 24.47 74.06
C MET L 300 2.88 24.44 74.27
N ALA L 301 2.33 23.26 74.54
CA ALA L 301 0.91 23.07 74.94
C ALA L 301 0.81 23.15 76.47
N ALA L 302 0.28 24.26 76.97
CA ALA L 302 0.22 24.54 78.42
C ALA L 302 -1.24 24.58 78.89
N GLY L 303 -1.66 23.53 79.61
CA GLY L 303 -3.01 23.40 80.23
C GLY L 303 -3.06 24.01 81.62
N PHE L 304 -4.23 24.48 82.04
CA PHE L 304 -4.45 25.11 83.36
C PHE L 304 -5.91 24.90 83.77
N TYR L 305 -6.16 24.44 85.00
CA TYR L 305 -7.50 24.32 85.63
C TYR L 305 -7.60 25.29 86.83
N GLN L 306 -8.38 26.37 86.68
CA GLN L 306 -8.79 27.20 87.82
C GLN L 306 -10.30 27.00 88.02
N GLY L 307 -10.63 26.33 89.12
CA GLY L 307 -11.94 25.72 89.36
C GLY L 307 -12.38 24.92 88.14
N ASN L 308 -13.41 25.41 87.45
CA ASN L 308 -14.20 24.64 86.44
C ASN L 308 -13.76 25.00 85.02
N TRP L 309 -13.17 26.17 84.77
CA TRP L 309 -12.74 26.54 83.39
C TRP L 309 -11.37 25.92 83.10
N ALA L 310 -11.33 25.01 82.12
CA ALA L 310 -10.09 24.44 81.55
C ALA L 310 -9.59 25.37 80.43
N MET L 311 -8.26 25.46 80.28
CA MET L 311 -7.59 26.37 79.32
C MET L 311 -6.39 25.62 78.70
N LEU L 312 -6.25 25.71 77.38
CA LEU L 312 -5.14 25.08 76.61
C LEU L 312 -4.53 26.12 75.68
N VAL L 313 -3.26 26.39 75.93
CA VAL L 313 -2.45 27.41 75.18
C VAL L 313 -1.49 26.65 74.27
N THR L 314 -1.47 27.00 72.98
CA THR L 314 -0.62 26.36 71.94
C THR L 314 0.30 27.41 71.32
N ALA L 315 1.58 27.07 71.16
CA ALA L 315 2.59 27.98 70.60
C ALA L 315 3.78 27.21 70.07
N LEU L 316 4.15 27.49 68.82
CA LEU L 316 5.50 27.22 68.26
C LEU L 316 5.79 28.26 67.19
N SER L 317 7.03 28.70 67.13
CA SER L 317 7.53 29.47 65.98
C SER L 317 8.57 28.61 65.29
N THR L 318 8.29 28.17 64.06
CA THR L 318 9.34 27.59 63.20
C THR L 318 10.03 28.76 62.47
N ASN L 319 11.35 28.69 62.40
CA ASN L 319 12.24 29.72 61.83
C ASN L 319 13.40 28.94 61.22
N THR L 320 13.74 29.25 59.97
CA THR L 320 14.53 28.34 59.14
C THR L 320 15.62 29.15 58.46
N LYS L 321 16.66 28.49 57.99
CA LYS L 321 17.81 29.13 57.33
C LYS L 321 18.49 28.09 56.46
N SER L 322 18.82 28.48 55.23
CA SER L 322 19.61 27.67 54.28
C SER L 322 20.45 28.61 53.42
N ASP L 323 21.65 28.18 53.07
CA ASP L 323 22.58 28.93 52.18
C ASP L 323 23.22 27.92 51.22
N ILE L 324 23.15 28.22 49.94
CA ILE L 324 23.72 27.32 48.89
C ILE L 324 24.64 28.17 48.01
N LEU L 325 25.74 27.59 47.54
CA LEU L 325 26.74 28.28 46.68
C LEU L 325 27.48 27.25 45.83
N SER L 326 27.19 27.21 44.52
CA SER L 326 27.85 26.30 43.56
C SER L 326 28.61 27.12 42.52
N THR L 327 29.86 26.78 42.26
CA THR L 327 30.74 27.49 41.30
C THR L 327 31.39 26.47 40.38
N PRO L 328 30.61 25.91 39.43
CA PRO L 328 31.15 24.95 38.48
C PRO L 328 31.86 25.67 37.32
N SER L 329 33.19 25.70 37.35
CA SER L 329 34.01 26.28 36.27
C SER L 329 34.31 25.20 35.22
N ILE L 330 34.79 25.60 34.04
CA ILE L 330 35.17 24.67 32.94
C ILE L 330 36.03 25.43 31.94
N VAL L 331 37.02 24.77 31.36
CA VAL L 331 37.90 25.37 30.32
C VAL L 331 37.63 24.67 28.99
N THR L 332 37.21 25.45 27.99
CA THR L 332 36.73 24.99 26.66
C THR L 332 37.49 25.72 25.56
N MET L 333 37.59 25.12 24.38
CA MET L 333 37.99 25.84 23.15
C MET L 333 36.83 26.73 22.72
N ASP L 334 37.11 27.93 22.23
CA ASP L 334 36.09 28.85 21.66
C ASP L 334 35.18 28.06 20.71
N ASN L 335 33.88 28.28 20.80
CA ASN L 335 32.97 27.87 19.71
C ASN L 335 32.81 26.35 19.68
N LYS L 336 33.46 25.63 20.58
CA LYS L 336 33.00 24.27 20.91
C LYS L 336 32.11 24.36 22.15
N GLU L 337 31.00 23.65 22.14
CA GLU L 337 30.24 23.53 23.40
C GLU L 337 30.95 22.49 24.24
N ALA L 338 31.29 22.92 25.45
CA ALA L 338 31.60 22.07 26.61
C ALA L 338 30.29 21.63 27.20
N SER L 339 30.30 20.46 27.82
CA SER L 339 29.32 20.08 28.84
C SER L 339 30.07 19.99 30.15
N PHE L 340 29.39 20.19 31.26
CA PHE L 340 29.96 19.86 32.59
C PHE L 340 28.79 19.41 33.44
N ASN L 341 28.87 18.25 34.03
CA ASN L 341 27.77 17.78 34.88
C ASN L 341 28.38 17.34 36.19
N VAL L 342 27.75 17.66 37.32
CA VAL L 342 28.04 16.92 38.58
C VAL L 342 26.74 16.72 39.35
N GLY L 343 26.16 15.55 39.16
CA GLY L 343 24.75 15.27 39.40
C GLY L 343 24.47 13.87 38.96
N GLN L 344 23.35 13.61 38.30
CA GLN L 344 23.02 12.18 38.18
C GLN L 344 21.91 11.91 37.18
N GLU L 345 21.93 10.66 36.71
CA GLU L 345 20.96 10.03 35.76
C GLU L 345 19.92 9.26 36.58
N VAL L 346 18.69 9.73 36.53
CA VAL L 346 17.51 9.11 37.17
C VAL L 346 16.51 8.77 36.10
N PRO L 347 15.75 7.70 36.26
CA PRO L 347 14.75 7.37 35.27
C PRO L 347 13.48 8.22 35.43
N VAL L 348 12.88 8.61 34.31
CA VAL L 348 11.55 9.31 34.26
C VAL L 348 10.65 8.54 33.30
N GLN L 349 9.37 8.39 33.61
CA GLN L 349 8.41 7.67 32.74
C GLN L 349 8.15 8.50 31.47
N THR L 350 7.62 7.87 30.43
CA THR L 350 7.20 8.55 29.18
C THR L 350 6.29 7.62 28.36
N THR L 364 7.89 1.66 30.23
CA THR L 364 8.75 2.59 29.45
C THR L 364 9.28 3.71 30.36
N ILE L 365 10.60 3.86 30.44
CA ILE L 365 11.28 4.89 31.29
C ILE L 365 12.29 5.64 30.44
N GLU L 366 13.08 6.52 31.07
CA GLU L 366 14.09 7.38 30.40
C GLU L 366 15.11 7.90 31.42
N ARG L 367 16.32 8.19 30.96
CA ARG L 367 17.43 8.66 31.82
C ARG L 367 17.53 10.18 31.66
N LYS L 368 17.54 10.92 32.77
CA LYS L 368 17.72 12.38 32.77
C LYS L 368 18.87 12.74 33.69
N THR L 369 19.84 13.52 33.22
CA THR L 369 20.99 14.01 34.02
C THR L 369 20.55 15.24 34.81
N VAL L 370 20.26 15.06 36.10
CA VAL L 370 19.87 16.15 37.03
C VAL L 370 20.92 16.22 38.13
N GLY L 371 21.58 17.37 38.22
CA GLY L 371 22.61 17.69 39.22
C GLY L 371 23.10 19.10 38.96
N THR L 372 24.28 19.47 39.41
CA THR L 372 24.86 20.75 38.98
C THR L 372 25.32 20.58 37.52
N LYS L 373 24.63 21.24 36.59
CA LYS L 373 25.01 21.20 35.16
C LYS L 373 25.38 22.60 34.73
N LEU L 374 26.44 22.64 33.97
CA LEU L 374 26.79 23.83 33.19
C LEU L 374 26.96 23.31 31.78
N VAL L 375 26.17 23.81 30.87
CA VAL L 375 26.45 23.57 29.44
C VAL L 375 26.82 24.90 28.84
N LEU L 376 28.02 25.03 28.33
CA LEU L 376 28.40 26.37 27.89
C LEU L 376 29.16 26.25 26.59
N THR L 377 28.81 27.09 25.62
CA THR L 377 29.55 27.29 24.37
C THR L 377 30.04 28.73 24.37
N PRO L 378 31.23 29.02 24.91
CA PRO L 378 31.85 30.33 24.73
C PRO L 378 32.26 30.72 23.31
N GLN L 379 32.29 32.03 23.06
CA GLN L 379 32.65 32.64 21.75
C GLN L 379 33.43 33.94 22.07
N ILE L 380 34.61 34.14 21.47
CA ILE L 380 35.53 35.20 21.96
C ILE L 380 35.52 36.41 21.01
N ASN L 381 35.23 37.60 21.56
CA ASN L 381 35.52 38.91 20.95
C ASN L 381 37.05 39.00 20.83
N GLU L 382 37.57 39.27 19.62
CA GLU L 382 39.02 39.37 19.30
C GLU L 382 39.84 39.75 20.55
N GLY L 383 39.38 40.75 21.33
CA GLY L 383 40.16 41.46 22.37
C GLY L 383 40.00 40.92 23.80
N ASP L 384 38.82 41.06 24.41
CA ASP L 384 38.61 40.74 25.85
C ASP L 384 37.33 39.92 26.03
N SER L 385 36.21 40.49 25.63
CA SER L 385 34.89 40.17 26.21
C SER L 385 34.29 38.91 25.58
N VAL L 386 33.91 37.97 26.45
CA VAL L 386 33.39 36.64 26.05
C VAL L 386 31.88 36.72 25.88
N LEU L 387 31.35 36.24 24.74
CA LEU L 387 29.93 35.87 24.57
C LEU L 387 29.76 34.44 25.10
N LEU L 388 28.96 34.26 26.13
CA LEU L 388 28.73 32.95 26.78
C LEU L 388 27.29 32.53 26.53
N THR L 389 27.08 31.45 25.78
CA THR L 389 25.74 30.85 25.68
C THR L 389 25.62 29.84 26.80
N ILE L 390 24.82 30.15 27.81
CA ILE L 390 24.71 29.32 29.04
C ILE L 390 23.35 28.65 29.04
N GLU L 391 23.34 27.36 29.29
CA GLU L 391 22.14 26.63 29.73
C GLU L 391 22.55 25.89 31.00
N GLN L 392 22.11 26.35 32.16
CA GLN L 392 22.50 25.71 33.43
C GLN L 392 21.30 25.59 34.36
N GLU L 393 21.46 24.73 35.35
CA GLU L 393 20.43 24.56 36.37
C GLU L 393 21.03 23.80 37.53
N VAL L 394 20.45 23.98 38.70
CA VAL L 394 20.73 23.12 39.87
C VAL L 394 19.43 22.41 40.18
N SER L 395 19.38 21.13 39.89
CA SER L 395 18.12 20.37 39.98
C SER L 395 18.33 19.11 40.80
N SER L 396 17.25 18.57 41.32
CA SER L 396 17.32 17.48 42.32
C SER L 396 16.04 16.68 42.27
N VAL L 397 16.12 15.42 42.65
CA VAL L 397 14.96 14.51 42.68
C VAL L 397 14.35 14.53 44.08
N GLY L 398 14.20 15.72 44.68
CA GLY L 398 13.78 15.85 46.09
C GLY L 398 14.54 14.87 46.98
N LYS L 399 13.88 13.78 47.43
CA LYS L 399 14.46 12.71 48.29
C LYS L 399 14.40 11.35 47.56
N GLN L 400 15.54 10.66 47.44
CA GLN L 400 15.68 9.32 46.78
C GLN L 400 14.79 8.26 47.44
N ALA L 401 14.10 8.61 48.54
CA ALA L 401 13.24 7.70 49.33
C ALA L 401 11.87 8.34 49.61
N THR L 402 11.52 9.37 48.81
CA THR L 402 10.24 10.14 48.84
C THR L 402 9.54 9.98 47.49
N GLY L 403 8.21 9.89 47.52
CA GLY L 403 7.36 9.79 46.31
C GLY L 403 6.95 11.16 45.79
N THR L 404 5.89 11.16 44.98
CA THR L 404 5.32 12.35 44.30
C THR L 404 3.79 12.22 44.38
N ASP L 405 3.02 13.31 44.22
CA ASP L 405 1.53 13.23 44.06
C ASP L 405 1.20 12.79 42.64
N GLY L 406 2.16 12.96 41.72
CA GLY L 406 2.13 12.43 40.35
C GLY L 406 2.60 10.99 40.24
N LEU L 407 3.47 10.68 39.27
CA LEU L 407 3.66 9.28 38.80
C LEU L 407 5.14 8.93 38.67
N GLY L 408 5.96 9.79 38.08
CA GLY L 408 7.43 9.59 38.03
C GLY L 408 8.14 10.37 39.13
N PRO L 409 9.48 10.51 39.05
CA PRO L 409 10.22 11.40 39.93
C PRO L 409 9.97 12.88 39.61
N THR L 410 10.12 13.78 40.58
CA THR L 410 10.04 15.25 40.34
C THR L 410 11.40 15.92 40.55
N PHE L 411 11.57 17.14 40.09
CA PHE L 411 12.88 17.80 40.18
C PHE L 411 12.77 19.23 40.66
N ASP L 412 13.56 19.61 41.65
CA ASP L 412 13.76 21.03 42.00
C ASP L 412 14.93 21.56 41.17
N THR L 413 14.63 22.49 40.28
CA THR L 413 15.62 23.01 39.33
C THR L 413 15.77 24.51 39.54
N ARG L 414 16.98 24.98 39.37
CA ARG L 414 17.24 26.41 39.19
C ARG L 414 18.06 26.56 37.92
N THR L 415 17.44 27.19 36.95
CA THR L 415 17.91 27.12 35.57
C THR L 415 18.10 28.52 35.09
N VAL L 416 18.96 28.67 34.13
CA VAL L 416 19.03 29.96 33.45
C VAL L 416 19.74 29.63 32.16
N LYS L 417 19.07 29.85 31.05
CA LYS L 417 19.69 29.70 29.72
C LYS L 417 19.63 31.05 29.04
N ASN L 418 20.78 31.61 28.77
CA ASN L 418 20.89 32.92 28.11
C ASN L 418 22.24 33.02 27.43
N ALA L 419 22.32 33.93 26.50
CA ALA L 419 23.61 34.43 26.05
C ALA L 419 23.85 35.75 26.77
N VAL L 420 25.06 35.88 27.27
CA VAL L 420 25.57 37.08 27.98
C VAL L 420 26.91 37.42 27.36
N LEU L 421 27.26 38.69 27.29
CA LEU L 421 28.62 39.06 26.83
C LEU L 421 29.31 39.86 27.90
N VAL L 422 30.39 39.30 28.42
CA VAL L 422 31.09 39.79 29.63
C VAL L 422 32.55 39.98 29.32
N LYS L 423 33.14 41.00 29.95
CA LYS L 423 34.58 41.36 29.86
C LYS L 423 35.42 40.24 30.45
N SER L 424 36.64 40.08 29.96
CA SER L 424 37.46 38.85 30.15
C SER L 424 37.85 38.67 31.62
N GLY L 425 37.74 39.71 32.45
CA GLY L 425 38.17 39.63 33.85
C GLY L 425 37.00 39.63 34.83
N GLU L 426 35.81 40.05 34.37
CA GLU L 426 34.76 40.59 35.26
C GLU L 426 33.76 39.52 35.67
N THR L 427 33.30 39.57 36.92
CA THR L 427 32.28 38.65 37.47
C THR L 427 30.92 39.35 37.42
N VAL L 428 29.92 38.72 36.83
CA VAL L 428 28.66 39.45 36.51
C VAL L 428 27.44 38.64 36.86
N VAL L 429 26.30 39.30 36.75
CA VAL L 429 24.98 38.69 37.01
C VAL L 429 24.46 38.11 35.70
N LEU L 430 24.17 36.82 35.67
CA LEU L 430 23.45 36.15 34.57
C LEU L 430 21.98 36.46 34.73
N GLY L 431 21.50 36.28 35.96
CA GLY L 431 20.08 36.32 36.34
C GLY L 431 19.93 36.16 37.83
N GLY L 432 18.70 35.88 38.28
CA GLY L 432 18.42 35.80 39.70
C GLY L 432 16.94 35.89 39.97
N LEU L 433 16.53 35.36 41.12
CA LEU L 433 15.15 35.40 41.61
C LEU L 433 15.20 35.70 43.10
N MET L 434 14.56 36.80 43.48
CA MET L 434 14.38 37.22 44.88
C MET L 434 12.89 37.07 45.20
N ASP L 435 12.55 36.08 46.00
CA ASP L 435 11.17 35.62 46.20
C ASP L 435 10.85 35.79 47.67
N GLU L 436 9.70 36.36 47.99
CA GLU L 436 9.31 36.64 49.38
C GLU L 436 7.85 36.26 49.55
N GLN L 437 7.58 35.48 50.60
CA GLN L 437 6.26 34.87 50.85
C GLN L 437 5.88 35.08 52.32
N THR L 438 4.64 35.46 52.58
CA THR L 438 4.15 35.66 53.95
C THR L 438 2.67 35.31 54.01
N LYS L 439 2.35 34.22 54.69
CA LYS L 439 0.96 33.78 54.90
C LYS L 439 0.61 34.02 56.36
N GLU L 440 -0.52 34.69 56.60
CA GLU L 440 -1.03 34.96 57.97
C GLU L 440 -2.45 34.39 58.09
N GLU L 441 -2.69 33.66 59.17
CA GLU L 441 -4.00 33.04 59.49
C GLU L 441 -4.33 33.29 60.97
N VAL L 442 -5.59 33.55 61.25
CA VAL L 442 -6.15 33.55 62.63
C VAL L 442 -7.48 32.81 62.62
N SER L 443 -7.72 32.03 63.67
CA SER L 443 -9.03 31.46 64.02
C SER L 443 -9.44 32.12 65.33
N LYS L 444 -10.26 33.15 65.25
CA LYS L 444 -10.60 33.95 66.44
C LYS L 444 -12.10 33.91 66.66
N VAL L 445 -12.52 34.34 67.85
CA VAL L 445 -13.95 34.53 68.19
C VAL L 445 -14.31 35.94 67.77
N PRO L 446 -15.40 36.11 66.97
CA PRO L 446 -15.67 37.32 66.19
C PRO L 446 -15.37 38.65 66.89
N LEU L 447 -16.08 38.93 67.97
CA LEU L 447 -16.01 40.25 68.65
C LEU L 447 -14.80 40.23 69.58
N LEU L 448 -14.63 39.14 70.33
CA LEU L 448 -13.66 39.05 71.45
C LEU L 448 -12.26 39.00 70.86
N GLY L 449 -12.08 38.35 69.72
CA GLY L 449 -10.77 38.16 69.09
C GLY L 449 -10.17 39.49 68.67
N ASP L 450 -10.98 40.55 68.64
CA ASP L 450 -10.56 41.87 68.09
C ASP L 450 -10.22 42.86 69.22
N ILE L 451 -10.41 42.47 70.49
CA ILE L 451 -9.93 43.30 71.63
C ILE L 451 -8.41 43.43 71.47
N PRO L 452 -7.84 44.66 71.33
CA PRO L 452 -6.49 44.82 70.79
C PRO L 452 -5.40 44.01 71.52
N VAL L 453 -5.49 43.85 72.85
CA VAL L 453 -4.51 43.03 73.64
C VAL L 453 -5.17 41.75 74.14
N LEU L 454 -6.21 41.80 74.98
CA LEU L 454 -6.88 40.60 75.52
C LEU L 454 -7.25 39.64 74.38
N GLY L 455 -7.59 40.20 73.21
CA GLY L 455 -8.13 39.45 72.05
C GLY L 455 -7.24 38.29 71.63
N TYR L 456 -5.93 38.37 71.91
CA TYR L 456 -4.95 37.33 71.53
C TYR L 456 -5.25 36.06 72.34
N LEU L 457 -6.06 36.17 73.38
CA LEU L 457 -6.45 34.99 74.18
C LEU L 457 -7.54 34.20 73.44
N PHE L 458 -8.32 34.86 72.60
CA PHE L 458 -9.40 34.18 71.83
C PHE L 458 -8.83 33.64 70.53
N ARG L 459 -7.84 34.31 69.95
CA ARG L 459 -7.32 34.00 68.59
C ARG L 459 -6.24 32.91 68.69
N SER L 460 -6.26 31.98 67.74
CA SER L 460 -5.17 31.01 67.48
C SER L 460 -4.49 31.42 66.18
N THR L 461 -3.41 32.15 66.28
CA THR L 461 -2.80 32.71 65.06
C THR L 461 -1.80 31.70 64.54
N SER L 462 -1.71 31.58 63.22
CA SER L 462 -0.63 30.84 62.51
C SER L 462 -0.01 31.75 61.46
N ASN L 463 1.24 32.17 61.66
CA ASN L 463 1.96 33.06 60.72
C ASN L 463 3.05 32.25 60.03
N ASN L 464 3.42 32.66 58.83
CA ASN L 464 4.53 32.00 58.11
C ASN L 464 5.21 33.06 57.27
N THR L 465 6.53 32.94 57.09
CA THR L 465 7.31 33.84 56.22
C THR L 465 8.48 33.07 55.63
N SER L 466 8.96 33.53 54.47
CA SER L 466 10.09 32.92 53.74
C SER L 466 10.78 33.98 52.88
N LYS L 467 11.99 33.65 52.49
CA LYS L 467 12.87 34.48 51.65
C LYS L 467 13.78 33.55 50.88
N ARG L 468 13.96 33.82 49.61
CA ARG L 468 14.99 33.15 48.81
C ARG L 468 15.59 34.22 47.91
N ASN L 469 16.89 34.43 48.00
CA ASN L 469 17.60 35.37 47.10
C ASN L 469 18.62 34.54 46.33
N LEU L 470 18.36 34.29 45.06
CA LEU L 470 19.22 33.46 44.20
C LEU L 470 19.88 34.36 43.16
N MET L 471 21.20 34.29 43.06
CA MET L 471 21.98 35.11 42.10
C MET L 471 22.94 34.19 41.35
N VAL L 472 22.94 34.26 40.02
CA VAL L 472 23.82 33.42 39.18
C VAL L 472 24.87 34.32 38.52
N PHE L 473 26.12 34.22 38.96
CA PHE L 473 27.24 35.04 38.42
C PHE L 473 28.16 34.18 37.55
N ILE L 474 28.68 34.75 36.47
CA ILE L 474 29.60 34.05 35.53
C ILE L 474 30.82 34.93 35.33
N ARG L 475 32.03 34.40 35.55
CA ARG L 475 33.29 35.17 35.42
C ARG L 475 34.21 34.50 34.41
N PRO L 476 34.13 34.88 33.12
CA PRO L 476 35.00 34.29 32.12
C PRO L 476 36.41 34.84 32.30
N THR L 477 37.35 34.12 31.73
CA THR L 477 38.80 34.35 31.86
C THR L 477 39.46 33.76 30.63
N ILE L 478 40.11 34.59 29.84
CA ILE L 478 40.63 34.08 28.55
C ILE L 478 42.14 33.86 28.62
N LEU L 479 42.49 32.69 28.11
CA LEU L 479 43.86 32.16 27.97
C LEU L 479 44.26 32.31 26.51
N ARG L 480 45.15 33.26 26.20
CA ARG L 480 45.58 33.55 24.81
C ARG L 480 46.71 32.59 24.41
N ASP L 481 47.61 32.30 25.34
CA ASP L 481 48.74 31.36 25.11
C ASP L 481 48.81 30.39 26.29
N ALA L 482 49.73 29.43 26.25
CA ALA L 482 49.87 28.32 27.23
C ALA L 482 50.34 28.86 28.59
N ASN L 483 51.34 29.75 28.61
CA ASN L 483 51.96 30.25 29.84
C ASN L 483 50.92 30.87 30.79
N VAL L 484 49.84 31.45 30.27
CA VAL L 484 48.78 32.03 31.14
C VAL L 484 47.91 30.88 31.68
N TYR L 485 47.94 29.74 31.00
CA TYR L 485 47.03 28.59 31.27
C TYR L 485 47.70 27.65 32.25
N SER L 486 49.01 27.76 32.43
CA SER L 486 49.69 27.06 33.55
C SER L 486 49.35 27.80 34.83
N GLY L 487 49.65 29.10 34.86
CA GLY L 487 49.47 29.96 36.06
C GLY L 487 48.05 29.89 36.57
N ILE L 488 47.08 29.83 35.65
CA ILE L 488 45.64 29.77 36.01
C ILE L 488 45.34 28.37 36.57
N SER L 489 45.95 27.34 36.00
CA SER L 489 45.76 25.94 36.42
C SER L 489 46.62 25.68 37.66
N SER L 490 47.79 26.31 37.75
CA SER L 490 48.73 26.11 38.87
C SER L 490 48.12 26.67 40.16
N ASN L 491 47.34 27.75 40.06
CA ASN L 491 46.76 28.41 41.26
C ASN L 491 45.57 27.59 41.75
N LYS L 492 44.90 26.86 40.86
CA LYS L 492 43.80 25.95 41.26
C LYS L 492 44.41 24.63 41.72
N TYR L 493 45.51 24.21 41.10
CA TYR L 493 46.22 22.97 41.47
C TYR L 493 46.81 23.13 42.86
N THR L 494 47.34 24.32 43.14
CA THR L 494 48.00 24.62 44.43
C THR L 494 46.94 24.94 45.49
N LEU L 495 45.93 25.73 45.16
CA LEU L 495 44.87 26.10 46.13
C LEU L 495 44.14 24.81 46.53
N PHE L 496 44.10 23.82 45.64
CA PHE L 496 43.52 22.50 45.95
C PHE L 496 44.51 21.72 46.82
N ARG L 497 45.78 21.78 46.46
CA ARG L 497 46.86 21.08 47.20
C ARG L 497 46.94 21.65 48.61
N ALA L 498 46.97 22.98 48.69
CA ALA L 498 47.08 23.74 49.95
C ALA L 498 45.85 23.45 50.82
N GLN L 499 44.73 23.06 50.21
CA GLN L 499 43.48 22.75 50.95
C GLN L 499 43.62 21.35 51.53
N GLN L 500 44.20 20.42 50.77
CA GLN L 500 44.45 19.04 51.24
C GLN L 500 45.45 19.09 52.39
N LEU L 501 46.51 19.89 52.29
CA LEU L 501 47.55 19.95 53.34
C LEU L 501 46.97 20.59 54.61
N ASP L 502 45.99 21.48 54.45
CA ASP L 502 45.27 22.10 55.59
C ASP L 502 44.42 21.02 56.29
N ALA L 503 43.81 20.13 55.52
CA ALA L 503 42.91 19.06 56.03
C ALA L 503 43.74 17.98 56.73
N VAL L 504 44.99 17.80 56.31
CA VAL L 504 45.93 16.85 56.96
C VAL L 504 46.27 17.39 58.36
N ALA L 505 46.46 18.70 58.50
CA ALA L 505 46.89 19.35 59.76
C ALA L 505 45.71 19.46 60.75
N GLN L 506 44.48 19.06 60.36
CA GLN L 506 43.36 18.84 61.30
C GLN L 506 43.25 17.33 61.61
N GLU L 507 43.34 16.50 60.58
CA GLU L 507 43.28 15.01 60.71
C GLU L 507 44.47 14.55 61.56
N GLY L 508 45.62 15.20 61.41
CA GLY L 508 46.83 14.93 62.23
C GLY L 508 46.55 15.23 63.69
N TYR L 509 45.81 16.32 63.92
CA TYR L 509 45.41 16.78 65.28
C TYR L 509 44.45 15.76 65.88
N ALA L 510 43.45 15.32 65.11
CA ALA L 510 42.38 14.40 65.56
C ALA L 510 42.93 12.98 65.73
N THR L 511 43.94 12.58 64.95
CA THR L 511 44.55 11.23 64.94
C THR L 511 43.55 10.18 64.45
N SER L 512 44.06 9.05 63.95
CA SER L 512 43.30 7.84 63.54
C SER L 512 42.42 8.09 62.31
N PRO L 513 42.73 9.04 61.41
CA PRO L 513 42.13 9.11 60.08
C PRO L 513 43.08 9.58 58.96
N ASP L 514 42.79 9.31 57.68
CA ASP L 514 43.71 9.77 56.60
C ASP L 514 42.99 10.50 55.46
N ARG L 515 43.43 11.74 55.21
CA ARG L 515 43.15 12.50 53.97
C ARG L 515 44.46 12.51 53.18
N GLN L 516 44.48 12.00 51.95
CA GLN L 516 45.77 11.86 51.24
C GLN L 516 45.90 12.91 50.14
N VAL L 517 47.11 13.40 50.00
CA VAL L 517 47.37 14.68 49.31
C VAL L 517 48.13 14.40 48.00
N LEU L 518 47.54 15.03 47.00
CA LEU L 518 48.12 15.49 45.71
C LEU L 518 49.53 16.04 45.87
N PRO L 519 50.47 15.63 44.99
CA PRO L 519 51.85 16.07 45.13
C PRO L 519 51.99 17.55 44.76
N GLU L 520 53.21 17.97 44.45
CA GLU L 520 53.48 19.35 43.98
C GLU L 520 53.42 19.35 42.44
N TYR L 521 53.19 20.53 41.86
CA TYR L 521 52.97 20.69 40.40
C TYR L 521 54.22 20.19 39.65
N GLY L 522 53.99 19.23 38.75
CA GLY L 522 54.95 18.78 37.73
C GLY L 522 55.89 17.72 38.26
N GLN L 523 55.58 17.11 39.41
CA GLN L 523 56.45 16.12 40.07
C GLN L 523 55.94 14.70 39.84
N ASP L 524 54.66 14.54 39.46
CA ASP L 524 53.91 13.25 39.47
C ASP L 524 54.26 12.50 40.77
N GLY M 1 59.37 -18.61 -82.00
CA GLY M 1 59.68 -17.37 -82.77
C GLY M 1 58.43 -16.75 -83.39
N ASP M 2 57.93 -17.34 -84.47
CA ASP M 2 56.73 -16.84 -85.20
C ASP M 2 55.50 -17.62 -84.76
N GLU M 3 55.63 -18.43 -83.71
CA GLU M 3 54.56 -19.38 -83.28
C GLU M 3 53.40 -18.59 -82.67
N MET M 4 52.26 -18.57 -83.36
CA MET M 4 51.06 -17.80 -82.94
C MET M 4 50.25 -18.65 -81.96
N VAL M 5 50.23 -18.25 -80.69
CA VAL M 5 49.51 -18.96 -79.60
C VAL M 5 48.84 -17.91 -78.70
N THR M 6 47.77 -18.31 -78.02
CA THR M 6 47.08 -17.49 -77.01
C THR M 6 47.54 -17.95 -75.62
N ARG M 7 47.97 -17.01 -74.79
CA ARG M 7 48.30 -17.30 -73.37
C ARG M 7 47.88 -16.11 -72.51
N VAL M 8 47.50 -16.43 -71.28
CA VAL M 8 46.67 -15.54 -70.40
C VAL M 8 47.31 -15.45 -69.02
N VAL M 9 47.68 -14.23 -68.63
CA VAL M 9 48.19 -13.94 -67.26
C VAL M 9 47.31 -12.86 -66.65
N PRO M 10 46.73 -13.09 -65.46
CA PRO M 10 46.09 -12.02 -64.70
C PRO M 10 47.10 -11.04 -64.10
N VAL M 11 46.67 -9.80 -63.89
CA VAL M 11 47.25 -8.85 -62.90
C VAL M 11 46.32 -8.88 -61.70
N ARG M 12 46.65 -9.63 -60.65
CA ARG M 12 45.78 -9.81 -59.46
C ARG M 12 45.83 -8.53 -58.61
N ASN M 13 47.04 -8.01 -58.39
CA ASN M 13 47.36 -6.84 -57.53
C ASN M 13 46.54 -5.62 -57.99
N VAL M 14 46.54 -5.35 -59.29
CA VAL M 14 45.89 -4.14 -59.88
C VAL M 14 44.83 -4.61 -60.88
N SER M 15 43.86 -3.75 -61.19
CA SER M 15 42.93 -3.99 -62.33
C SER M 15 43.75 -3.88 -63.63
N VAL M 16 43.68 -4.92 -64.47
CA VAL M 16 44.58 -5.08 -65.67
C VAL M 16 44.31 -3.97 -66.69
N ARG M 17 43.26 -3.17 -66.47
CA ARG M 17 42.71 -2.15 -67.41
C ARG M 17 43.84 -1.20 -67.85
N GLU M 18 44.90 -1.08 -67.04
CA GLU M 18 45.96 -0.05 -67.21
C GLU M 18 46.95 -0.46 -68.32
N LEU M 19 46.88 -1.70 -68.83
CA LEU M 19 47.86 -2.18 -69.86
C LEU M 19 47.22 -2.13 -71.25
N ALA M 20 46.02 -1.57 -71.37
CA ALA M 20 45.26 -1.56 -72.64
C ALA M 20 45.98 -0.72 -73.70
N PRO M 21 46.38 0.54 -73.40
CA PRO M 21 47.27 1.28 -74.30
C PRO M 21 48.59 0.53 -74.61
N LEU M 22 49.20 -0.05 -73.58
CA LEU M 22 50.54 -0.70 -73.58
C LEU M 22 50.50 -1.92 -74.50
N LEU M 23 49.56 -2.84 -74.28
CA LEU M 23 49.67 -4.21 -74.84
C LEU M 23 49.06 -4.27 -76.25
N ARG M 24 47.94 -3.57 -76.46
CA ARG M 24 47.39 -3.37 -77.83
C ARG M 24 48.33 -2.42 -78.59
N GLN M 25 49.12 -1.65 -77.85
CA GLN M 25 50.24 -0.88 -78.44
C GLN M 25 51.34 -1.88 -78.85
N LEU M 26 51.46 -3.02 -78.15
CA LEU M 26 52.47 -4.07 -78.49
C LEU M 26 51.95 -4.90 -79.67
N ASN M 27 50.64 -5.02 -79.82
CA ASN M 27 50.03 -5.40 -81.11
C ASN M 27 50.53 -4.38 -82.14
N ASP M 28 50.35 -3.09 -81.83
CA ASP M 28 50.70 -1.94 -82.71
C ASP M 28 52.22 -1.79 -82.82
N ASN M 29 52.99 -2.58 -82.05
CA ASN M 29 54.48 -2.48 -82.01
C ASN M 29 55.06 -3.10 -83.29
N ALA M 30 54.56 -4.27 -83.71
CA ALA M 30 55.14 -5.05 -84.84
C ALA M 30 54.05 -5.76 -85.63
N GLY M 31 54.46 -6.49 -86.68
CA GLY M 31 53.58 -7.23 -87.61
C GLY M 31 52.44 -7.92 -86.88
N GLY M 32 51.20 -7.59 -87.25
CA GLY M 32 49.96 -7.93 -86.53
C GLY M 32 49.62 -9.41 -86.55
N GLY M 33 48.39 -9.75 -86.16
CA GLY M 33 47.94 -11.11 -85.80
C GLY M 33 47.81 -11.23 -84.29
N ASN M 34 47.67 -10.10 -83.59
CA ASN M 34 47.66 -10.06 -82.11
C ASN M 34 46.24 -9.75 -81.60
N VAL M 35 45.93 -10.24 -80.40
CA VAL M 35 44.74 -9.84 -79.59
C VAL M 35 45.19 -9.64 -78.14
N VAL M 36 44.76 -8.55 -77.53
CA VAL M 36 44.87 -8.32 -76.07
C VAL M 36 43.47 -7.95 -75.59
N HIS M 37 43.03 -8.48 -74.43
CA HIS M 37 41.73 -8.10 -73.82
C HIS M 37 41.70 -8.43 -72.31
N TYR M 38 40.66 -7.92 -71.63
CA TYR M 38 40.65 -7.67 -70.17
C TYR M 38 39.36 -8.16 -69.55
N ASP M 39 39.48 -8.98 -68.52
CA ASP M 39 38.30 -9.42 -67.73
C ASP M 39 38.17 -8.45 -66.57
N PRO M 40 36.94 -8.10 -66.15
CA PRO M 40 36.76 -7.36 -64.90
C PRO M 40 37.31 -8.23 -63.76
N SER M 41 37.25 -9.55 -63.93
CA SER M 41 37.84 -10.59 -63.05
C SER M 41 39.37 -10.43 -63.05
N ASN M 42 39.86 -9.57 -63.95
CA ASN M 42 41.22 -8.97 -63.93
C ASN M 42 42.25 -10.05 -64.30
N VAL M 43 41.87 -10.93 -65.23
CA VAL M 43 42.85 -11.74 -66.01
C VAL M 43 43.07 -11.03 -67.35
N LEU M 44 44.30 -11.09 -67.85
CA LEU M 44 44.70 -10.44 -69.12
C LEU M 44 44.97 -11.52 -70.15
N LEU M 45 44.11 -11.63 -71.16
CA LEU M 45 44.16 -12.72 -72.17
C LEU M 45 44.86 -12.20 -73.44
N ILE M 46 45.80 -12.99 -73.96
CA ILE M 46 46.63 -12.60 -75.13
C ILE M 46 46.54 -13.66 -76.23
N THR M 47 46.76 -13.21 -77.47
CA THR M 47 46.96 -14.01 -78.69
C THR M 47 48.09 -13.36 -79.51
N GLY M 48 49.04 -14.15 -80.01
CA GLY M 48 50.10 -13.60 -80.87
C GLY M 48 51.28 -14.55 -81.03
N ARG M 49 52.21 -14.14 -81.90
CA ARG M 49 53.43 -14.92 -82.21
C ARG M 49 54.35 -14.90 -80.98
N ALA M 50 55.28 -15.86 -80.93
CA ALA M 50 56.02 -16.28 -79.71
C ALA M 50 56.77 -15.09 -79.09
N ALA M 51 57.37 -14.21 -79.90
CA ALA M 51 58.21 -13.08 -79.42
C ALA M 51 57.31 -11.98 -78.88
N VAL M 52 56.38 -11.47 -79.71
CA VAL M 52 55.46 -10.37 -79.35
C VAL M 52 54.81 -10.75 -78.01
N VAL M 53 54.46 -12.03 -77.86
CA VAL M 53 53.81 -12.55 -76.62
C VAL M 53 54.87 -12.70 -75.52
N ASN M 54 56.13 -13.01 -75.87
CA ASN M 54 57.24 -13.05 -74.88
C ASN M 54 57.22 -11.73 -74.10
N ARG M 55 57.29 -10.59 -74.81
CA ARG M 55 57.44 -9.23 -74.22
C ARG M 55 56.08 -8.72 -73.75
N LEU M 56 54.97 -9.25 -74.30
CA LEU M 56 53.60 -8.93 -73.82
C LEU M 56 53.42 -9.52 -72.42
N VAL M 57 53.55 -10.84 -72.30
CA VAL M 57 53.39 -11.59 -71.02
C VAL M 57 54.47 -11.08 -70.06
N GLU M 58 55.66 -10.72 -70.57
CA GLU M 58 56.70 -9.98 -69.78
C GLU M 58 56.01 -8.78 -69.12
N VAL M 59 55.34 -7.93 -69.90
CA VAL M 59 54.64 -6.72 -69.38
C VAL M 59 53.66 -7.18 -68.30
N VAL M 60 52.95 -8.29 -68.50
CA VAL M 60 51.76 -8.65 -67.68
C VAL M 60 52.23 -9.16 -66.32
N ARG M 61 53.08 -10.19 -66.29
CA ARG M 61 53.67 -10.72 -65.03
C ARG M 61 54.36 -9.55 -64.34
N ARG M 62 55.02 -8.71 -65.10
CA ARG M 62 55.73 -7.51 -64.58
C ARG M 62 54.72 -6.67 -63.79
N VAL M 63 53.73 -6.07 -64.45
CA VAL M 63 52.67 -5.26 -63.80
C VAL M 63 52.06 -6.08 -62.66
N ASP M 64 52.10 -7.41 -62.76
CA ASP M 64 51.55 -8.34 -61.74
C ASP M 64 52.43 -8.30 -60.49
N LYS M 65 53.75 -8.37 -60.66
CA LYS M 65 54.74 -8.40 -59.55
C LYS M 65 55.10 -6.96 -59.15
N ALA M 66 54.66 -5.97 -59.93
CA ALA M 66 54.98 -4.54 -59.73
C ALA M 66 54.31 -4.05 -58.45
N GLY M 67 53.08 -4.51 -58.21
CA GLY M 67 52.23 -4.07 -57.09
C GLY M 67 51.91 -5.21 -56.15
N ASP M 68 52.91 -5.76 -55.45
CA ASP M 68 52.74 -6.92 -54.53
C ASP M 68 51.98 -6.45 -53.28
N GLN M 69 51.22 -7.37 -52.66
CA GLN M 69 50.40 -7.08 -51.46
C GLN M 69 50.19 -8.38 -50.67
N GLU M 70 51.17 -8.78 -49.88
CA GLU M 70 51.12 -10.05 -49.11
C GLU M 70 50.93 -9.71 -47.63
N VAL M 71 50.65 -10.75 -46.83
CA VAL M 71 50.57 -10.63 -45.35
C VAL M 71 51.71 -11.41 -44.71
N ASP M 72 52.22 -10.85 -43.61
CA ASP M 72 53.23 -11.43 -42.69
C ASP M 72 52.68 -11.43 -41.25
N ILE M 73 52.80 -12.56 -40.58
CA ILE M 73 52.42 -12.69 -39.15
C ILE M 73 53.65 -13.11 -38.36
N ILE M 74 54.10 -12.27 -37.45
CA ILE M 74 55.09 -12.68 -36.42
C ILE M 74 54.56 -12.28 -35.04
N LYS M 75 54.72 -13.17 -34.07
CA LYS M 75 54.22 -13.03 -32.69
C LYS M 75 54.79 -11.78 -32.02
N LEU M 76 53.94 -11.04 -31.31
CA LEU M 76 54.35 -10.03 -30.31
C LEU M 76 54.29 -10.69 -28.94
N LYS M 77 55.38 -10.59 -28.17
CA LYS M 77 55.47 -11.24 -26.86
C LYS M 77 55.06 -10.24 -25.77
N TYR M 78 55.20 -8.92 -26.01
CA TYR M 78 55.14 -7.88 -24.94
C TYR M 78 53.94 -6.93 -25.14
N ALA M 79 54.12 -5.69 -25.62
CA ALA M 79 53.09 -4.64 -25.53
C ALA M 79 51.90 -4.92 -26.45
N SER M 80 50.72 -4.50 -25.99
CA SER M 80 49.38 -4.96 -26.45
C SER M 80 49.21 -4.69 -27.94
N ALA M 81 48.61 -5.64 -28.63
CA ALA M 81 48.32 -5.57 -30.09
C ALA M 81 47.35 -4.41 -30.35
N GLY M 82 46.39 -4.20 -29.45
CA GLY M 82 45.39 -3.10 -29.50
C GLY M 82 46.01 -1.73 -29.34
N GLU M 83 46.99 -1.58 -28.45
CA GLU M 83 47.78 -0.34 -28.31
C GLU M 83 48.62 -0.20 -29.57
N MET M 84 49.23 -1.31 -29.99
CA MET M 84 50.01 -1.40 -31.25
C MET M 84 49.11 -0.83 -32.35
N VAL M 85 47.84 -1.25 -32.35
CA VAL M 85 46.82 -0.85 -33.36
C VAL M 85 46.63 0.66 -33.27
N ARG M 86 46.31 1.15 -32.08
CA ARG M 86 45.92 2.58 -31.84
C ARG M 86 47.06 3.49 -32.30
N LEU M 87 48.29 3.19 -31.85
CA LEU M 87 49.48 4.05 -32.04
C LEU M 87 49.80 4.10 -33.52
N VAL M 88 49.69 2.96 -34.19
CA VAL M 88 50.00 2.85 -35.63
C VAL M 88 48.80 3.36 -36.44
N THR M 89 47.58 3.26 -35.94
CA THR M 89 46.40 3.78 -36.67
C THR M 89 46.62 5.27 -36.95
N ASN M 90 47.29 5.96 -36.03
CA ASN M 90 47.55 7.42 -36.16
C ASN M 90 48.63 7.64 -37.25
N LEU M 91 49.38 6.60 -37.60
CA LEU M 91 50.11 6.49 -38.91
C LEU M 91 49.06 6.42 -40.04
N ASN M 92 48.21 7.44 -40.16
CA ASN M 92 47.30 7.63 -41.32
C ASN M 92 48.16 7.72 -42.59
N LYS M 93 47.68 7.13 -43.69
CA LYS M 93 48.29 7.12 -45.05
C LYS M 93 49.20 5.89 -45.21
N ASP M 94 49.39 5.11 -44.14
CA ASP M 94 49.73 3.67 -44.25
C ASP M 94 48.47 2.93 -44.70
N GLY M 95 48.08 3.14 -45.98
CA GLY M 95 46.96 2.45 -46.66
C GLY M 95 45.58 2.92 -46.22
N ASN M 96 45.53 3.81 -45.23
CA ASN M 96 44.30 4.32 -44.57
C ASN M 96 44.01 5.74 -45.11
N SER M 97 43.40 5.83 -46.30
CA SER M 97 43.04 7.13 -46.93
C SER M 97 41.97 6.91 -48.01
N GLN M 98 41.39 8.01 -48.49
CA GLN M 98 40.37 8.03 -49.57
C GLN M 98 40.96 8.77 -50.77
N GLY M 99 42.29 8.73 -50.91
CA GLY M 99 43.05 9.39 -52.00
C GLY M 99 42.67 8.87 -53.37
N GLY M 100 42.38 9.78 -54.32
CA GLY M 100 41.86 9.46 -55.67
C GLY M 100 42.87 8.76 -56.55
N ASN M 101 43.62 9.52 -57.38
CA ASN M 101 44.66 9.01 -58.31
C ASN M 101 45.80 8.36 -57.51
N THR M 102 45.89 8.68 -56.22
CA THR M 102 46.79 8.04 -55.23
C THR M 102 46.42 6.56 -55.08
N SER M 103 45.11 6.28 -55.00
CA SER M 103 44.50 4.94 -54.84
C SER M 103 45.10 4.22 -53.61
N LEU M 104 45.23 4.93 -52.49
CA LEU M 104 46.00 4.46 -51.31
C LEU M 104 45.23 3.32 -50.64
N LEU M 105 43.99 3.10 -51.09
CA LEU M 105 43.16 1.93 -50.67
C LEU M 105 43.78 0.63 -51.19
N LEU M 106 44.75 0.70 -52.10
CA LEU M 106 45.54 -0.46 -52.64
C LEU M 106 46.91 -0.56 -51.94
N ALA M 107 47.20 0.32 -50.98
CA ALA M 107 48.52 0.45 -50.32
C ALA M 107 48.51 -0.30 -48.99
N PRO M 108 49.70 -0.63 -48.42
CA PRO M 108 49.82 -1.41 -47.19
C PRO M 108 49.04 -0.93 -45.95
N LYS M 109 48.38 -1.84 -45.24
CA LYS M 109 47.57 -1.56 -44.02
C LYS M 109 48.07 -2.40 -42.83
N VAL M 110 47.70 -1.99 -41.62
CA VAL M 110 48.22 -2.54 -40.32
C VAL M 110 47.08 -3.06 -39.47
N VAL M 111 47.35 -4.13 -38.71
CA VAL M 111 46.35 -4.87 -37.88
C VAL M 111 47.06 -5.51 -36.70
N ALA M 112 46.27 -6.14 -35.82
CA ALA M 112 46.75 -7.06 -34.78
C ALA M 112 45.63 -7.98 -34.24
N ASP M 113 46.07 -9.11 -33.69
CA ASP M 113 45.29 -10.12 -32.93
C ASP M 113 45.72 -10.03 -31.47
N GLU M 114 44.76 -10.09 -30.54
CA GLU M 114 45.07 -10.04 -29.09
C GLU M 114 44.93 -11.45 -28.49
N ARG M 115 44.52 -12.48 -29.27
CA ARG M 115 44.47 -13.90 -28.80
C ARG M 115 45.88 -14.51 -28.80
N THR M 116 46.66 -14.30 -29.88
CA THR M 116 48.07 -14.76 -30.00
C THR M 116 49.03 -13.60 -29.70
N ASN M 117 48.47 -12.38 -29.59
CA ASN M 117 49.17 -11.06 -29.67
C ASN M 117 50.08 -11.06 -30.90
N SER M 118 49.48 -11.00 -32.07
CA SER M 118 50.21 -11.07 -33.36
C SER M 118 50.00 -9.79 -34.16
N VAL M 119 51.08 -9.21 -34.67
CA VAL M 119 50.92 -8.13 -35.67
C VAL M 119 50.48 -8.79 -36.98
N VAL M 120 49.61 -8.07 -37.65
CA VAL M 120 49.15 -8.45 -39.00
C VAL M 120 49.46 -7.27 -39.91
N VAL M 121 50.14 -7.55 -41.00
CA VAL M 121 50.39 -6.56 -42.09
C VAL M 121 49.58 -7.03 -43.29
N SER M 122 49.12 -6.11 -44.13
CA SER M 122 48.59 -6.44 -45.47
C SER M 122 49.18 -5.46 -46.48
N GLY M 123 50.21 -5.86 -47.25
CA GLY M 123 50.77 -4.96 -48.28
C GLY M 123 52.13 -5.36 -48.83
N GLU M 124 52.82 -4.35 -49.37
CA GLU M 124 54.19 -4.33 -49.98
C GLU M 124 55.22 -5.14 -49.20
N PRO M 125 56.31 -5.60 -49.84
CA PRO M 125 57.49 -6.04 -49.10
C PRO M 125 58.33 -4.92 -48.46
N LYS M 126 58.20 -3.69 -48.95
CA LYS M 126 58.74 -2.50 -48.25
C LYS M 126 57.97 -2.34 -46.93
N ALA M 127 56.67 -2.68 -46.92
CA ALA M 127 55.84 -2.69 -45.68
C ALA M 127 56.24 -3.87 -44.79
N ARG M 128 56.49 -5.06 -45.35
CA ARG M 128 57.08 -6.20 -44.59
C ARG M 128 58.37 -5.73 -43.92
N ALA M 129 59.26 -5.11 -44.71
CA ALA M 129 60.58 -4.63 -44.26
C ALA M 129 60.41 -3.61 -43.12
N ARG M 130 59.57 -2.58 -43.29
CA ARG M 130 59.45 -1.45 -42.33
C ARG M 130 58.48 -1.80 -41.19
N ILE M 131 57.54 -2.72 -41.36
CA ILE M 131 56.59 -3.03 -40.25
C ILE M 131 57.13 -4.19 -39.41
N ILE M 132 58.05 -5.01 -39.92
CA ILE M 132 58.82 -5.91 -39.03
C ILE M 132 59.73 -5.05 -38.14
N GLN M 133 60.18 -3.88 -38.60
CA GLN M 133 60.89 -2.87 -37.77
C GLN M 133 59.93 -2.33 -36.71
N MET M 134 58.69 -2.01 -37.08
CA MET M 134 57.69 -1.41 -36.14
C MET M 134 57.19 -2.46 -35.13
N VAL M 135 57.11 -3.73 -35.54
CA VAL M 135 56.91 -4.90 -34.62
C VAL M 135 57.97 -4.84 -33.53
N ARG M 136 59.24 -4.69 -33.92
CA ARG M 136 60.43 -4.76 -33.03
C ARG M 136 60.48 -3.50 -32.16
N GLN M 137 60.07 -2.35 -32.71
CA GLN M 137 60.11 -1.04 -32.02
C GLN M 137 59.26 -1.06 -30.75
N LEU M 138 58.10 -1.73 -30.79
CA LEU M 138 57.08 -1.65 -29.72
C LEU M 138 56.90 -2.99 -29.01
N ASP M 139 57.67 -3.99 -29.40
CA ASP M 139 57.70 -5.34 -28.77
C ASP M 139 58.60 -5.25 -27.54
N ARG M 140 58.96 -4.03 -27.13
CA ARG M 140 59.76 -3.83 -25.90
C ARG M 140 58.89 -4.16 -24.69
N GLU M 141 59.52 -4.80 -23.70
CA GLU M 141 58.91 -5.20 -22.41
C GLU M 141 58.98 -4.01 -21.45
N LEU M 142 58.43 -4.15 -20.24
CA LEU M 142 58.55 -3.09 -19.22
C LEU M 142 59.91 -3.22 -18.55
N GLN M 143 60.47 -2.11 -18.07
CA GLN M 143 61.72 -2.12 -17.28
C GLN M 143 61.35 -1.92 -15.80
N SER M 144 61.30 -3.00 -15.03
CA SER M 144 61.00 -3.01 -13.58
C SER M 144 59.73 -2.19 -13.31
N GLN M 145 59.85 -0.88 -13.11
CA GLN M 145 58.72 0.06 -12.86
C GLN M 145 57.64 -0.19 -13.91
N GLY M 146 56.42 -0.52 -13.47
CA GLY M 146 55.28 -0.82 -14.36
C GLY M 146 54.31 0.35 -14.46
N ASN M 147 53.13 0.08 -15.04
CA ASN M 147 51.97 1.01 -14.98
C ASN M 147 51.41 0.96 -13.56
N THR M 148 51.25 -0.23 -12.98
CA THR M 148 50.71 -0.38 -11.62
C THR M 148 51.80 -0.72 -10.60
N ARG M 149 51.76 -0.02 -9.48
CA ARG M 149 52.65 -0.25 -8.32
C ARG M 149 51.82 -0.77 -7.15
N VAL M 150 52.47 -1.46 -6.21
CA VAL M 150 51.84 -1.73 -4.90
C VAL M 150 52.72 -1.10 -3.83
N PHE M 151 52.14 -0.16 -3.09
CA PHE M 151 52.77 0.45 -1.89
C PHE M 151 52.43 -0.38 -0.65
N TYR M 152 53.48 -0.84 0.00
CA TYR M 152 53.42 -1.41 1.35
C TYR M 152 53.39 -0.23 2.32
N LEU M 153 52.23 0.05 2.89
CA LEU M 153 52.16 1.13 3.90
C LEU M 153 52.64 0.56 5.23
N LYS M 154 53.40 1.36 5.98
CA LYS M 154 53.94 0.89 7.28
C LYS M 154 53.07 1.36 8.46
N TYR M 155 52.77 2.66 8.61
CA TYR M 155 52.04 3.23 9.78
C TYR M 155 50.59 3.53 9.40
N GLY M 156 50.29 3.59 8.11
CA GLY M 156 48.93 3.84 7.56
C GLY M 156 48.22 2.56 7.18
N LYS M 157 46.89 2.53 7.29
CA LYS M 157 46.04 1.34 7.04
C LYS M 157 45.46 1.41 5.63
N ALA M 158 45.64 0.35 4.83
CA ALA M 158 45.39 0.40 3.38
C ALA M 158 43.92 0.71 3.11
N LYS M 159 42.99 0.14 3.87
CA LYS M 159 41.53 0.26 3.60
C LYS M 159 41.12 1.73 3.82
N ASP M 160 41.67 2.35 4.85
CA ASP M 160 41.35 3.74 5.24
C ASP M 160 41.98 4.67 4.21
N MET M 161 43.21 4.36 3.78
CA MET M 161 43.98 5.18 2.82
C MET M 161 43.28 5.19 1.46
N VAL M 162 42.63 4.09 1.09
CA VAL M 162 41.95 3.97 -0.24
C VAL M 162 40.97 5.15 -0.34
N GLU M 163 40.18 5.36 0.70
CA GLU M 163 39.11 6.38 0.69
C GLU M 163 39.75 7.75 0.52
N VAL M 164 40.85 7.97 1.23
CA VAL M 164 41.60 9.26 1.21
C VAL M 164 42.04 9.51 -0.23
N LEU M 165 42.62 8.49 -0.84
CA LEU M 165 43.27 8.63 -2.16
C LEU M 165 42.17 8.73 -3.22
N LYS M 166 41.01 8.13 -2.95
CA LYS M 166 39.89 8.10 -3.92
C LYS M 166 39.51 9.54 -4.27
N GLY M 167 39.50 10.42 -3.28
CA GLY M 167 39.31 11.86 -3.51
C GLY M 167 40.31 12.37 -4.52
N VAL M 168 41.59 12.03 -4.34
CA VAL M 168 42.70 12.62 -5.15
C VAL M 168 42.51 12.16 -6.59
N SER M 169 42.18 10.88 -6.75
CA SER M 169 41.87 10.21 -8.05
C SER M 169 40.62 10.86 -8.65
N SER M 170 39.60 11.04 -7.80
CA SER M 170 38.24 11.50 -8.17
C SER M 170 38.25 13.04 -8.30
N LEU M 196 42.00 7.16 -12.54
CA LEU M 196 42.93 6.62 -11.52
C LEU M 196 42.14 5.68 -10.59
N ALA M 197 42.67 4.48 -10.38
CA ALA M 197 41.91 3.28 -9.96
C ALA M 197 42.60 2.55 -8.80
N ILE M 198 41.93 2.43 -7.67
CA ILE M 198 42.58 1.99 -6.41
C ILE M 198 41.80 0.85 -5.81
N SER M 199 42.50 -0.07 -5.14
CA SER M 199 41.95 -1.01 -4.14
C SER M 199 43.02 -1.27 -3.06
N ALA M 200 42.57 -1.56 -1.86
CA ALA M 200 43.47 -1.97 -0.76
C ALA M 200 43.18 -3.41 -0.38
N ASP M 201 44.24 -4.22 -0.33
CA ASP M 201 44.21 -5.62 0.12
C ASP M 201 44.25 -5.65 1.65
N GLU M 202 43.18 -6.15 2.24
CA GLU M 202 42.98 -6.12 3.71
C GLU M 202 44.09 -6.95 4.35
N THR M 203 44.59 -7.98 3.64
CA THR M 203 45.50 -8.99 4.24
C THR M 203 46.89 -8.40 4.40
N THR M 204 47.60 -8.13 3.30
CA THR M 204 48.98 -7.59 3.34
C THR M 204 48.93 -6.10 3.67
N ASN M 205 47.73 -5.52 3.81
CA ASN M 205 47.54 -4.09 4.13
C ASN M 205 48.36 -3.25 3.15
N ALA M 206 48.19 -3.52 1.86
CA ALA M 206 48.88 -2.81 0.78
C ALA M 206 47.85 -2.13 -0.11
N LEU M 207 48.26 -1.06 -0.78
CA LEU M 207 47.40 -0.25 -1.69
C LEU M 207 47.84 -0.50 -3.13
N VAL M 208 46.92 -0.98 -3.97
CA VAL M 208 47.18 -1.23 -5.42
C VAL M 208 46.51 -0.13 -6.23
N ILE M 209 47.29 0.84 -6.71
CA ILE M 209 46.79 1.96 -7.54
C ILE M 209 47.33 1.78 -8.97
N THR M 210 46.60 2.27 -9.96
CA THR M 210 46.98 2.20 -11.39
C THR M 210 46.66 3.55 -12.05
N ALA M 211 47.67 4.41 -12.18
CA ALA M 211 47.56 5.72 -12.85
C ALA M 211 48.79 5.95 -13.73
N GLN M 212 48.79 7.04 -14.50
CA GLN M 212 49.94 7.43 -15.37
C GLN M 212 51.17 7.55 -14.49
N PRO M 213 52.37 7.35 -15.05
CA PRO M 213 53.59 7.46 -14.28
C PRO M 213 53.73 8.87 -13.68
N ASP M 214 53.13 9.88 -14.30
CA ASP M 214 53.08 11.27 -13.74
C ASP M 214 52.29 11.26 -12.43
N VAL M 215 51.18 10.54 -12.39
CA VAL M 215 50.29 10.48 -11.21
C VAL M 215 50.91 9.52 -10.20
N MET M 216 51.59 8.48 -10.68
CA MET M 216 52.25 7.47 -9.81
C MET M 216 53.26 8.19 -8.90
N ALA M 217 54.05 9.09 -9.47
CA ALA M 217 55.07 9.88 -8.73
C ALA M 217 54.36 10.88 -7.82
N GLU M 218 53.18 11.39 -8.23
CA GLU M 218 52.38 12.35 -7.41
C GLU M 218 51.74 11.58 -6.24
N LEU M 219 51.18 10.40 -6.50
CA LEU M 219 50.55 9.54 -5.47
C LEU M 219 51.63 9.06 -4.51
N GLU M 220 52.86 8.89 -5.01
CA GLU M 220 54.01 8.39 -4.23
C GLU M 220 54.41 9.43 -3.18
N GLN M 221 54.24 10.73 -3.44
CA GLN M 221 54.53 11.79 -2.45
C GLN M 221 53.38 11.88 -1.45
N VAL M 222 52.15 11.74 -1.96
CA VAL M 222 50.91 11.83 -1.13
C VAL M 222 51.01 10.74 -0.08
N VAL M 223 51.33 9.54 -0.53
CA VAL M 223 51.42 8.32 0.31
C VAL M 223 52.50 8.54 1.35
N ALA M 224 53.67 9.00 0.93
CA ALA M 224 54.84 9.16 1.83
C ALA M 224 54.49 10.18 2.92
N LYS M 225 53.73 11.21 2.59
CA LYS M 225 53.35 12.25 3.58
C LYS M 225 52.29 11.66 4.52
N LEU M 226 51.44 10.80 3.96
CA LEU M 226 50.18 10.35 4.57
C LEU M 226 50.45 9.13 5.45
N ASP M 227 51.63 8.54 5.27
CA ASP M 227 52.06 7.31 5.98
C ASP M 227 53.09 7.69 7.05
N ILE M 228 53.17 8.96 7.40
CA ILE M 228 54.11 9.45 8.45
C ILE M 228 53.77 8.78 9.78
N ARG M 229 54.79 8.33 10.50
CA ARG M 229 54.65 7.69 11.84
C ARG M 229 53.83 8.61 12.74
N ARG M 230 52.55 8.28 12.95
CA ARG M 230 51.64 9.07 13.80
C ARG M 230 52.10 8.98 15.24
N ALA M 231 52.30 10.14 15.87
CA ALA M 231 52.85 10.25 17.24
C ALA M 231 51.82 9.76 18.26
N GLN M 232 52.32 9.28 19.38
CA GLN M 232 51.52 8.72 20.48
C GLN M 232 51.43 9.72 21.63
N VAL M 233 50.32 9.68 22.35
CA VAL M 233 50.08 10.63 23.48
C VAL M 233 49.70 9.84 24.71
N LEU M 234 50.45 10.03 25.79
CA LEU M 234 50.08 9.53 27.14
C LEU M 234 49.25 10.60 27.83
N VAL M 235 48.00 10.30 28.14
CA VAL M 235 47.08 11.28 28.74
C VAL M 235 46.74 10.83 30.16
N GLU M 236 47.27 11.50 31.17
CA GLU M 236 46.85 11.28 32.58
C GLU M 236 45.79 12.31 32.93
N ALA M 237 44.64 11.84 33.40
CA ALA M 237 43.63 12.70 34.04
C ALA M 237 43.78 12.54 35.55
N ILE M 238 43.46 13.58 36.28
CA ILE M 238 43.50 13.53 37.76
C ILE M 238 42.18 14.09 38.25
N ILE M 239 41.34 13.23 38.82
CA ILE M 239 40.04 13.64 39.40
C ILE M 239 40.17 13.60 40.90
N VAL M 240 40.15 14.76 41.53
CA VAL M 240 40.23 14.85 43.00
C VAL M 240 38.93 15.46 43.48
N GLU M 241 38.27 14.76 44.39
CA GLU M 241 37.08 15.30 45.06
C GLU M 241 37.26 15.19 46.56
N ILE M 242 36.73 16.17 47.28
CA ILE M 242 36.75 16.16 48.76
C ILE M 242 35.41 16.65 49.27
N ALA M 243 34.86 15.94 50.26
CA ALA M 243 33.47 16.08 50.74
C ALA M 243 33.45 15.89 52.26
N ASP M 244 32.53 16.58 52.92
CA ASP M 244 32.31 16.53 54.38
C ASP M 244 31.13 17.43 54.70
N GLY M 245 30.81 17.59 55.97
CA GLY M 245 29.82 18.58 56.40
C GLY M 245 29.38 18.22 57.79
N ASP M 246 28.75 19.15 58.49
CA ASP M 246 28.37 18.92 59.90
C ASP M 246 26.89 19.25 60.11
N GLY M 247 26.14 18.19 60.40
CA GLY M 247 24.82 18.27 61.04
C GLY M 247 24.98 18.43 62.55
N LEU M 248 23.98 19.03 63.16
CA LEU M 248 23.89 19.33 64.61
C LEU M 248 22.40 19.26 64.89
N ASN M 249 21.93 18.38 65.76
CA ASN M 249 20.54 18.53 66.25
C ASN M 249 20.53 18.48 67.77
N LEU M 250 20.33 19.64 68.37
CA LEU M 250 20.16 19.76 69.82
C LEU M 250 18.88 20.56 70.09
N GLY M 251 18.12 20.06 71.06
CA GLY M 251 16.72 20.43 71.30
C GLY M 251 16.30 19.97 72.68
N VAL M 252 15.54 20.79 73.38
CA VAL M 252 15.24 20.49 74.80
C VAL M 252 13.72 20.58 74.97
N GLN M 253 13.15 19.55 75.59
CA GLN M 253 11.69 19.46 75.78
C GLN M 253 11.42 19.34 77.28
N TRP M 254 10.47 20.14 77.78
CA TRP M 254 10.06 20.15 79.21
C TRP M 254 8.59 19.80 79.27
N ALA M 255 8.21 18.72 79.94
CA ALA M 255 6.79 18.33 80.08
C ALA M 255 6.42 18.32 81.56
N ASN M 256 5.36 19.04 81.93
CA ASN M 256 4.91 19.16 83.34
C ASN M 256 3.44 18.79 83.43
N THR M 257 3.11 17.84 84.28
CA THR M 257 1.72 17.36 84.39
C THR M 257 0.83 18.58 84.70
N ASN M 258 1.23 19.41 85.67
CA ASN M 258 0.38 20.50 86.20
C ASN M 258 0.27 21.66 85.21
N GLY M 259 1.40 22.06 84.63
CA GLY M 259 1.59 23.35 83.93
C GLY M 259 1.44 23.23 82.42
N GLY M 260 2.11 22.26 81.79
CA GLY M 260 2.10 22.07 80.32
C GLY M 260 3.38 21.43 79.82
N GLY M 261 3.37 20.96 78.57
CA GLY M 261 4.50 20.27 77.91
C GLY M 261 4.85 20.93 76.59
N THR M 262 6.11 20.81 76.15
CA THR M 262 6.65 21.40 74.89
C THR M 262 7.29 20.27 74.07
N GLN M 263 6.59 19.78 73.04
CA GLN M 263 7.08 18.66 72.18
C GLN M 263 7.45 19.23 70.82
N PHE M 264 8.57 18.74 70.27
CA PHE M 264 9.16 19.17 68.96
C PHE M 264 9.42 17.94 68.08
N THR M 265 9.98 18.18 66.88
CA THR M 265 10.15 17.18 65.78
C THR M 265 11.58 17.11 65.26
N ASN M 266 12.28 18.23 65.09
CA ASN M 266 13.69 18.29 64.63
C ASN M 266 14.50 17.22 65.38
N ALA M 267 14.06 16.91 66.61
CA ALA M 267 14.64 15.91 67.53
C ALA M 267 14.45 14.52 66.93
N GLY M 268 15.39 13.61 67.20
CA GLY M 268 15.29 12.17 66.86
C GLY M 268 13.90 11.60 67.10
N PRO M 269 13.47 11.43 68.38
CA PRO M 269 12.13 10.95 68.71
C PRO M 269 11.25 11.87 69.59
N GLY M 270 9.94 11.63 69.56
CA GLY M 270 8.92 12.39 70.31
C GLY M 270 8.59 11.72 71.63
N ILE M 271 8.50 12.52 72.70
CA ILE M 271 8.24 12.06 74.09
C ILE M 271 7.04 11.10 74.10
N GLY M 272 6.10 11.29 73.17
CA GLY M 272 4.88 10.46 73.05
C GLY M 272 5.21 8.99 72.91
N SER M 273 5.90 8.61 71.83
CA SER M 273 6.22 7.20 71.50
C SER M 273 7.05 6.59 72.63
N VAL M 274 7.90 7.42 73.26
CA VAL M 274 8.83 6.96 74.32
C VAL M 274 8.02 6.57 75.56
N ALA M 275 7.15 7.47 76.03
CA ALA M 275 6.33 7.29 77.26
C ALA M 275 5.40 6.11 77.05
N ILE M 276 4.72 6.08 75.90
CA ILE M 276 3.75 5.00 75.58
C ILE M 276 4.50 3.67 75.60
N ALA M 277 5.68 3.62 74.99
CA ALA M 277 6.50 2.39 74.89
C ALA M 277 6.89 1.92 76.30
N ALA M 278 7.33 2.85 77.16
CA ALA M 278 7.76 2.53 78.54
C ALA M 278 6.57 1.98 79.32
N LYS M 279 5.36 2.47 79.05
CA LYS M 279 4.12 2.05 79.76
C LYS M 279 3.61 0.75 79.12
N ASP M 280 4.03 0.47 77.88
CA ASP M 280 3.64 -0.74 77.12
C ASP M 280 4.66 -1.86 77.38
N TYR M 281 5.86 -1.51 77.85
CA TYR M 281 6.98 -2.44 78.18
C TYR M 281 6.84 -2.95 79.62
N LYS M 282 5.89 -2.39 80.37
CA LYS M 282 5.63 -2.75 81.79
C LYS M 282 4.92 -4.11 81.85
N ASP M 283 5.10 -4.83 82.97
CA ASP M 283 4.55 -6.19 83.23
C ASP M 283 4.90 -7.12 82.06
N ASN M 284 6.17 -7.10 81.63
CA ASN M 284 6.72 -7.91 80.51
C ASN M 284 5.82 -7.75 79.27
N GLY M 285 5.75 -6.53 78.72
CA GLY M 285 4.96 -6.19 77.52
C GLY M 285 5.75 -6.39 76.23
N THR M 286 5.38 -5.69 75.14
CA THR M 286 6.05 -5.74 73.82
C THR M 286 7.26 -4.81 73.79
N THR M 287 8.04 -4.87 72.72
CA THR M 287 9.26 -4.05 72.50
C THR M 287 9.31 -3.60 71.02
N THR M 288 8.47 -4.19 70.16
CA THR M 288 8.38 -3.85 68.72
C THR M 288 8.20 -2.34 68.57
N GLY M 289 7.06 -1.83 69.06
CA GLY M 289 6.74 -0.39 69.05
C GLY M 289 7.97 0.43 69.39
N LEU M 290 8.53 0.23 70.58
CA LEU M 290 9.61 1.11 71.07
C LEU M 290 10.90 0.83 70.33
N ALA M 291 11.17 -0.44 69.99
CA ALA M 291 12.43 -0.83 69.30
C ALA M 291 12.44 -0.19 67.91
N LYS M 292 11.29 0.22 67.39
CA LYS M 292 11.20 0.78 66.01
C LYS M 292 11.49 2.28 66.05
N LEU M 293 11.07 2.96 67.11
CA LEU M 293 11.43 4.37 67.37
C LEU M 293 12.95 4.50 67.43
N ALA M 294 13.58 3.71 68.31
CA ALA M 294 15.01 3.84 68.68
C ALA M 294 15.89 3.26 67.58
N GLU M 295 15.32 2.87 66.44
CA GLU M 295 16.06 2.21 65.32
C GLU M 295 17.14 3.16 64.75
N ASN M 296 16.78 4.38 64.34
CA ASN M 296 17.74 5.27 63.65
C ASN M 296 18.27 6.35 64.59
N PHE M 297 17.81 6.40 65.84
CA PHE M 297 18.15 7.53 66.75
C PHE M 297 19.67 7.61 66.91
N ASN M 298 20.21 8.83 66.98
CA ASN M 298 21.66 9.10 67.17
C ASN M 298 21.86 10.39 67.97
N GLY M 299 22.30 10.26 69.22
CA GLY M 299 22.74 11.37 70.07
C GLY M 299 22.67 11.06 71.56
N MET M 300 22.57 12.11 72.36
CA MET M 300 22.53 12.05 73.83
C MET M 300 21.15 12.54 74.28
N ALA M 301 20.23 11.61 74.57
CA ALA M 301 18.91 11.91 75.17
C ALA M 301 19.03 11.84 76.69
N ALA M 302 19.02 12.99 77.36
CA ALA M 302 19.25 13.08 78.81
C ALA M 302 18.00 13.60 79.50
N GLY M 303 17.30 12.69 80.21
CA GLY M 303 16.10 12.99 81.02
C GLY M 303 16.45 13.39 82.44
N PHE M 304 15.61 14.21 83.06
CA PHE M 304 15.81 14.71 84.46
C PHE M 304 14.44 15.00 85.08
N TYR M 305 14.20 14.50 86.30
CA TYR M 305 13.01 14.81 87.14
C TYR M 305 13.42 15.60 88.38
N GLN M 306 13.08 16.90 88.44
CA GLN M 306 13.16 17.68 89.69
C GLN M 306 11.73 18.00 90.11
N GLY M 307 11.32 17.37 91.21
CA GLY M 307 9.91 17.26 91.61
C GLY M 307 9.05 16.82 90.43
N ASN M 308 8.20 17.74 89.94
CA ASN M 308 7.07 17.43 89.04
C ASN M 308 7.42 17.78 87.58
N TRP M 309 8.38 18.67 87.32
CA TRP M 309 8.74 19.03 85.92
C TRP M 309 9.72 17.99 85.37
N ALA M 310 9.29 17.26 84.34
CA ALA M 310 10.15 16.35 83.54
C ALA M 310 10.82 17.15 82.42
N MET M 311 12.05 16.78 82.07
CA MET M 311 12.89 17.49 81.06
C MET M 311 13.63 16.45 80.23
N LEU M 312 13.62 16.64 78.90
CA LEU M 312 14.32 15.75 77.93
C LEU M 312 15.15 16.60 76.97
N VAL M 313 16.46 16.37 77.03
CA VAL M 313 17.48 17.11 76.24
C VAL M 313 17.97 16.16 75.14
N THR M 314 17.95 16.64 73.88
CA THR M 314 18.35 15.87 72.68
C THR M 314 19.51 16.57 71.98
N ALA M 315 20.53 15.81 71.60
CA ALA M 315 21.74 16.37 70.95
C ALA M 315 22.49 15.27 70.18
N LEU M 316 22.78 15.56 68.91
CA LEU M 316 23.84 14.89 68.13
C LEU M 316 24.36 15.87 67.09
N SER M 317 25.66 15.83 66.87
CA SER M 317 26.26 16.50 65.70
C SER M 317 26.80 15.41 64.79
N THR M 318 26.24 15.26 63.61
CA THR M 318 26.87 14.45 62.54
C THR M 318 27.84 15.36 61.79
N ASN M 319 29.03 14.84 61.50
CA ASN M 319 30.16 15.54 60.86
C ASN M 319 30.85 14.47 60.03
N THR M 320 31.12 14.78 58.77
CA THR M 320 31.40 13.75 57.75
C THR M 320 32.62 14.20 56.96
N LYS M 321 33.26 13.27 56.29
CA LYS M 321 34.49 13.52 55.50
C LYS M 321 34.61 12.42 54.46
N SER M 322 34.91 12.81 53.23
CA SER M 322 35.22 11.89 52.11
C SER M 322 36.23 12.56 51.19
N ASP M 323 37.13 11.77 50.62
CA ASP M 323 38.15 12.23 49.65
C ASP M 323 38.24 11.19 48.54
N ILE M 324 38.13 11.63 47.29
CA ILE M 324 38.18 10.74 46.11
C ILE M 324 39.22 11.29 45.16
N LEU M 325 39.97 10.41 44.48
CA LEU M 325 41.03 10.79 43.51
C LEU M 325 41.22 9.67 42.49
N SER M 326 40.78 9.91 41.24
CA SER M 326 40.91 8.93 40.13
C SER M 326 41.79 9.55 39.03
N THR M 327 42.79 8.81 38.56
CA THR M 327 43.74 9.26 37.52
C THR M 327 43.83 8.20 36.44
N PRO M 328 42.79 8.08 35.60
CA PRO M 328 42.81 7.11 34.50
C PRO M 328 43.58 7.66 33.29
N SER M 329 44.81 7.21 33.11
CA SER M 329 45.66 7.57 31.95
C SER M 329 45.39 6.59 30.80
N ILE M 330 45.84 6.93 29.59
CA ILE M 330 45.69 6.07 28.39
C ILE M 330 46.64 6.58 27.30
N VAL M 331 47.23 5.67 26.53
CA VAL M 331 48.13 6.04 25.41
C VAL M 331 47.45 5.66 24.10
N THR M 332 47.23 6.65 23.23
CA THR M 332 46.46 6.56 21.97
C THR M 332 47.29 7.09 20.81
N MET M 333 47.01 6.65 19.60
CA MET M 333 47.50 7.31 18.37
C MET M 333 46.71 8.60 18.18
N ASP M 334 47.35 9.67 17.74
CA ASP M 334 46.70 10.96 17.40
C ASP M 334 45.45 10.67 16.56
N ASN M 335 44.34 11.33 16.87
CA ASN M 335 43.21 11.41 15.92
C ASN M 335 42.49 10.07 15.81
N LYS M 336 42.93 9.06 16.55
CA LYS M 336 42.04 7.93 16.87
C LYS M 336 41.42 8.18 18.23
N GLU M 337 40.13 7.92 18.36
CA GLU M 337 39.55 7.94 19.71
C GLU M 337 39.91 6.62 20.37
N ALA M 338 40.54 6.75 21.53
CA ALA M 338 40.66 5.72 22.57
C ALA M 338 39.35 5.70 23.33
N SER M 339 39.01 4.54 23.86
CA SER M 339 38.08 4.43 24.99
C SER M 339 38.90 3.91 26.16
N PHE M 340 38.50 4.21 27.37
CA PHE M 340 39.06 3.56 28.56
C PHE M 340 37.91 3.46 29.57
N ASN M 341 37.64 2.27 30.05
CA ASN M 341 36.55 2.13 31.03
C ASN M 341 37.11 1.35 32.21
N VAL M 342 36.81 1.73 33.44
CA VAL M 342 36.95 0.80 34.58
C VAL M 342 35.77 1.00 35.54
N GLY M 343 34.79 0.15 35.36
CA GLY M 343 33.41 0.37 35.81
C GLY M 343 32.57 -0.78 35.33
N GLN M 344 31.37 -0.53 34.85
CA GLN M 344 30.51 -1.72 34.69
C GLN M 344 29.27 -1.45 33.86
N GLU M 345 28.75 -2.55 33.32
CA GLU M 345 27.51 -2.67 32.50
C GLU M 345 26.38 -3.11 33.42
N VAL M 346 25.41 -2.22 33.60
CA VAL M 346 24.18 -2.45 34.38
C VAL M 346 23.00 -2.26 33.45
N PRO M 347 21.92 -3.00 33.66
CA PRO M 347 20.75 -2.82 32.84
C PRO M 347 19.93 -1.60 33.26
N VAL M 348 19.38 -0.89 32.28
CA VAL M 348 18.42 0.25 32.48
C VAL M 348 17.18 -0.03 31.63
N GLN M 349 15.99 0.27 32.15
CA GLN M 349 14.72 0.06 31.40
C GLN M 349 14.63 1.07 30.25
N THR M 350 13.78 0.80 29.27
CA THR M 350 13.50 1.73 28.15
C THR M 350 12.20 1.31 27.44
N THR M 364 11.67 -5.01 28.63
CA THR M 364 12.72 -4.38 27.78
C THR M 364 13.73 -3.64 28.66
N ILE M 365 15.02 -3.99 28.54
CA ILE M 365 16.14 -3.40 29.33
C ILE M 365 17.24 -2.97 28.38
N GLU M 366 18.37 -2.50 28.92
CA GLU M 366 19.54 -1.99 28.15
C GLU M 366 20.79 -2.00 29.03
N ARG M 367 21.95 -2.11 28.39
CA ARG M 367 23.26 -2.18 29.09
C ARG M 367 23.91 -0.81 29.02
N LYS M 368 24.34 -0.26 30.15
CA LYS M 368 25.05 1.03 30.22
C LYS M 368 26.35 0.83 30.97
N THR M 369 27.48 1.26 30.40
CA THR M 369 28.81 1.20 31.04
C THR M 369 28.98 2.40 31.97
N VAL M 370 28.80 2.19 33.27
CA VAL M 370 28.96 3.22 34.32
C VAL M 370 30.10 2.79 35.24
N GLY M 371 31.15 3.60 35.30
CA GLY M 371 32.33 3.40 36.14
C GLY M 371 33.27 4.55 35.91
N THR M 372 34.55 4.40 36.17
CA THR M 372 35.51 5.45 35.74
C THR M 372 35.70 5.30 34.23
N LYS M 373 35.19 6.26 33.45
CA LYS M 373 35.34 6.27 31.98
C LYS M 373 36.15 7.47 31.59
N LEU M 374 37.04 7.23 30.68
CA LEU M 374 37.71 8.29 29.93
C LEU M 374 37.50 7.91 28.48
N VAL M 375 36.85 8.77 27.74
CA VAL M 375 36.83 8.62 26.28
C VAL M 375 37.60 9.80 25.71
N LEU M 376 38.68 9.54 25.03
CA LEU M 376 39.48 10.69 24.62
C LEU M 376 39.97 10.46 23.21
N THR M 377 39.84 11.48 22.37
CA THR M 377 40.45 11.55 21.02
C THR M 377 41.43 12.70 21.03
N PRO M 378 42.70 12.47 21.40
CA PRO M 378 43.75 13.48 21.22
C PRO M 378 44.08 13.86 19.76
N GLN M 379 44.57 15.09 19.60
CA GLN M 379 44.97 15.69 18.30
C GLN M 379 46.21 16.56 18.57
N ILE M 380 47.30 16.41 17.81
CA ILE M 380 48.60 17.00 18.20
C ILE M 380 48.92 18.23 17.35
N ASN M 381 49.17 19.36 18.03
CA ASN M 381 49.86 20.55 17.45
C ASN M 381 51.28 20.09 17.09
N GLU M 382 51.71 20.29 15.83
CA GLU M 382 53.04 19.89 15.30
C GLU M 382 54.09 19.80 16.42
N GLY M 383 54.15 20.79 17.32
CA GLY M 383 55.26 21.04 18.27
C GLY M 383 55.08 20.44 19.66
N ASP M 384 54.12 20.91 20.47
CA ASP M 384 53.99 20.53 21.89
C ASP M 384 52.54 20.22 22.24
N SER M 385 51.67 21.21 22.05
CA SER M 385 50.41 21.31 22.82
C SER M 385 49.30 20.44 22.22
N VAL M 386 48.72 19.61 23.07
CA VAL M 386 47.69 18.60 22.67
C VAL M 386 46.31 19.25 22.75
N LEU M 387 45.51 19.13 21.68
CA LEU M 387 44.04 19.32 21.72
C LEU M 387 43.42 18.00 22.17
N LEU M 388 42.74 18.00 23.31
CA LEU M 388 42.11 16.80 23.90
C LEU M 388 40.60 16.95 23.85
N THR M 389 39.92 16.13 23.08
CA THR M 389 38.44 16.07 23.16
C THR M 389 38.10 15.04 24.22
N ILE M 390 37.61 15.49 25.36
CA ILE M 390 37.35 14.62 26.53
C ILE M 390 35.84 14.50 26.71
N GLU M 391 35.38 13.26 26.87
CA GLU M 391 34.06 12.97 27.46
C GLU M 391 34.33 11.99 28.59
N GLN M 392 34.23 12.43 29.84
CA GLN M 392 34.51 11.54 30.98
C GLN M 392 33.48 11.76 32.08
N GLU M 393 33.43 10.79 32.97
CA GLU M 393 32.55 10.88 34.14
C GLU M 393 32.96 9.81 35.14
N VAL M 394 32.65 10.05 36.40
CA VAL M 394 32.73 9.02 37.45
C VAL M 394 31.31 8.79 37.92
N SER M 395 30.74 7.66 37.56
CA SER M 395 29.31 7.41 37.79
C SER M 395 29.13 6.07 38.49
N SER M 396 28.00 5.89 39.14
CA SER M 396 27.79 4.74 40.04
C SER M 396 26.29 4.47 40.13
N VAL M 397 25.94 3.23 40.42
CA VAL M 397 24.53 2.80 40.56
C VAL M 397 24.15 2.89 42.06
N GLY M 398 24.55 3.96 42.75
CA GLY M 398 24.37 4.06 44.21
C GLY M 398 24.82 2.77 44.89
N LYS M 399 23.88 1.95 45.38
CA LYS M 399 24.11 0.65 46.07
C LYS M 399 23.46 -0.50 45.27
N GLN M 400 24.23 -1.54 44.93
CA GLN M 400 23.79 -2.75 44.16
C GLN M 400 22.66 -3.49 44.90
N ALA M 401 22.30 -3.05 46.12
CA ALA M 401 21.26 -3.67 46.98
C ALA M 401 20.27 -2.61 47.50
N THR M 402 20.24 -1.44 46.85
CA THR M 402 19.35 -0.28 47.12
C THR M 402 18.47 -0.01 45.89
N GLY M 403 17.22 0.39 46.12
CA GLY M 403 16.26 0.75 45.06
C GLY M 403 16.33 2.23 44.71
N THR M 404 15.26 2.71 44.08
CA THR M 404 15.10 4.09 43.58
C THR M 404 13.65 4.52 43.89
N ASP M 405 13.33 5.82 43.93
CA ASP M 405 11.92 6.31 44.01
C ASP M 405 11.26 6.19 42.63
N GLY M 406 12.09 6.11 41.58
CA GLY M 406 11.68 5.80 40.20
C GLY M 406 11.56 4.31 39.92
N LEU M 407 12.12 3.84 38.80
CA LEU M 407 11.72 2.54 38.21
C LEU M 407 12.93 1.69 37.83
N GLY M 408 13.93 2.27 37.17
CA GLY M 408 15.20 1.55 36.87
C GLY M 408 16.28 1.87 37.89
N PRO M 409 17.55 1.53 37.60
CA PRO M 409 18.67 1.98 38.42
C PRO M 409 18.97 3.47 38.23
N THR M 410 19.56 4.14 39.22
CA THR M 410 20.01 5.56 39.09
C THR M 410 21.53 5.65 39.13
N PHE M 411 22.10 6.78 38.73
CA PHE M 411 23.57 6.90 38.65
C PHE M 411 24.05 8.21 39.24
N ASP M 412 25.04 8.16 40.12
CA ASP M 412 25.81 9.35 40.52
C ASP M 412 26.98 9.51 39.56
N THR M 413 26.94 10.59 38.79
CA THR M 413 27.93 10.82 37.73
C THR M 413 28.65 12.13 38.01
N ARG M 414 29.92 12.15 37.67
CA ARG M 414 30.68 13.40 37.55
C ARG M 414 31.32 13.40 36.18
N THR M 415 30.86 14.32 35.36
CA THR M 415 31.09 14.25 33.93
C THR M 415 31.74 15.54 33.52
N VAL M 416 32.47 15.48 32.44
CA VAL M 416 32.94 16.73 31.84
C VAL M 416 33.30 16.32 30.44
N LYS M 417 32.62 16.90 29.46
CA LYS M 417 32.95 16.70 28.05
C LYS M 417 33.32 18.06 27.48
N ASN M 418 34.57 18.18 27.06
CA ASN M 418 35.07 19.44 26.48
C ASN M 418 36.26 19.12 25.59
N ALA M 419 36.56 20.05 24.72
CA ALA M 419 37.88 20.10 24.10
C ALA M 419 38.68 21.14 24.86
N VAL M 420 39.91 20.77 25.17
CA VAL M 420 40.91 21.61 25.86
C VAL M 420 42.19 21.51 25.06
N LEU M 421 42.98 22.57 25.02
CA LEU M 421 44.31 22.47 24.38
C LEU M 421 45.40 22.84 25.37
N VAL M 422 46.23 21.85 25.66
CA VAL M 422 47.20 21.92 26.78
C VAL M 422 48.59 21.60 26.25
N LYS M 423 49.60 22.25 26.84
CA LYS M 423 51.04 22.08 26.55
C LYS M 423 51.46 20.66 26.92
N SER M 424 52.47 20.14 26.23
CA SER M 424 52.78 18.69 26.19
C SER M 424 53.24 18.20 27.57
N GLY M 425 53.64 19.10 28.47
CA GLY M 425 54.18 18.70 29.78
C GLY M 425 53.23 19.00 30.93
N GLU M 426 52.25 19.87 30.70
CA GLU M 426 51.59 20.65 31.78
C GLU M 426 50.32 19.97 32.28
N THR M 427 50.07 20.03 33.58
CA THR M 427 48.86 19.49 34.22
C THR M 427 47.87 20.63 34.44
N VAL M 428 46.64 20.48 33.98
CA VAL M 428 45.72 21.65 33.92
C VAL M 428 44.33 21.30 34.41
N VAL M 429 43.52 22.33 34.53
CA VAL M 429 42.11 22.23 34.96
C VAL M 429 41.26 22.03 33.71
N LEU M 430 40.49 20.95 33.64
CA LEU M 430 39.44 20.72 32.63
C LEU M 430 38.22 21.53 33.05
N GLY M 431 37.88 21.38 34.33
CA GLY M 431 36.64 21.89 34.93
C GLY M 431 36.62 21.62 36.42
N GLY M 432 35.46 21.76 37.03
CA GLY M 432 35.35 21.60 38.48
C GLY M 432 34.06 22.18 38.99
N LEU M 433 33.63 21.70 40.15
CA LEU M 433 32.43 22.17 40.86
C LEU M 433 32.78 22.26 42.33
N MET M 434 32.65 23.46 42.89
CA MET M 434 32.82 23.75 44.32
C MET M 434 31.44 24.10 44.86
N ASP M 435 30.84 23.20 45.64
CA ASP M 435 29.42 23.26 46.03
C ASP M 435 29.38 23.35 47.54
N GLU M 436 28.58 24.26 48.08
CA GLU M 436 28.50 24.49 49.53
C GLU M 436 27.04 24.63 49.92
N GLN M 437 26.62 23.89 50.93
CA GLN M 437 25.22 23.80 51.36
C GLN M 437 25.15 23.95 52.88
N THR M 438 24.19 24.72 53.36
CA THR M 438 23.98 24.91 54.82
C THR M 438 22.49 25.12 55.08
N LYS M 439 21.87 24.13 55.72
CA LYS M 439 20.46 24.21 56.12
C LYS M 439 20.40 24.37 57.64
N GLU M 440 19.65 25.36 58.11
CA GLU M 440 19.46 25.64 59.55
C GLU M 440 17.96 25.62 59.86
N GLU M 441 17.59 24.89 60.92
CA GLU M 441 16.19 24.76 61.40
C GLU M 441 16.18 24.92 62.92
N VAL M 442 15.14 25.60 63.42
CA VAL M 442 14.82 25.63 64.87
C VAL M 442 13.31 25.42 65.03
N SER M 443 12.93 24.66 66.06
CA SER M 443 11.55 24.57 66.57
C SER M 443 11.59 25.16 67.97
N LYS M 444 11.20 26.43 68.09
CA LYS M 444 11.34 27.14 69.37
C LYS M 444 9.98 27.62 69.83
N VAL M 445 9.90 28.02 71.09
CA VAL M 445 8.70 28.68 71.66
C VAL M 445 8.86 30.18 71.40
N PRO M 446 7.82 30.81 70.81
CA PRO M 446 7.93 32.12 70.17
C PRO M 446 8.79 33.16 70.88
N LEU M 447 8.39 33.55 72.08
CA LEU M 447 9.02 34.66 72.82
C LEU M 447 10.25 34.09 73.55
N LEU M 448 10.09 32.93 74.18
CA LEU M 448 11.09 32.37 75.13
C LEU M 448 12.29 31.88 74.32
N GLY M 449 12.05 31.35 73.12
CA GLY M 449 13.11 30.79 72.28
C GLY M 449 14.11 31.84 71.87
N ASP M 450 13.76 33.12 72.02
CA ASP M 450 14.56 34.26 71.50
C ASP M 450 15.40 34.90 72.62
N ILE M 451 15.24 34.47 73.87
CA ILE M 451 16.13 34.92 74.98
C ILE M 451 17.55 34.52 74.59
N PRO M 452 18.52 35.46 74.44
CA PRO M 452 19.76 35.19 73.70
C PRO M 452 20.54 33.96 74.19
N VAL M 453 20.58 33.68 75.50
CA VAL M 453 21.27 32.48 76.06
C VAL M 453 20.24 31.46 76.59
N LEU M 454 19.42 31.80 77.58
CA LEU M 454 18.40 30.87 78.14
C LEU M 454 17.57 30.25 77.00
N GLY M 455 17.31 31.02 75.95
CA GLY M 455 16.40 30.67 74.85
C GLY M 455 16.73 29.33 74.22
N TYR M 456 17.99 28.89 74.29
CA TYR M 456 18.46 27.62 73.69
C TYR M 456 17.80 26.46 74.45
N LEU M 457 17.23 26.73 75.62
CA LEU M 457 16.53 25.67 76.39
C LEU M 457 15.15 25.44 75.79
N PHE M 458 14.56 26.42 75.12
CA PHE M 458 13.22 26.28 74.50
C PHE M 458 13.37 25.73 73.08
N ARG M 459 14.46 26.07 72.40
CA ARG M 459 14.65 25.75 70.96
C ARG M 459 15.25 24.35 70.81
N SER M 460 14.76 23.61 69.81
CA SER M 460 15.35 22.34 69.32
C SER M 460 15.98 22.64 67.96
N THR M 461 17.27 22.91 67.94
CA THR M 461 17.87 23.36 66.67
C THR M 461 18.36 22.12 65.93
N SER M 462 18.21 22.13 64.61
CA SER M 462 18.85 21.14 63.69
C SER M 462 19.63 21.90 62.61
N ASN M 463 20.96 21.80 62.64
CA ASN M 463 21.84 22.48 61.66
C ASN M 463 22.44 21.42 60.74
N ASN M 464 22.79 21.80 59.52
CA ASN M 464 23.47 20.87 58.60
C ASN M 464 24.39 21.71 57.72
N THR M 465 25.53 21.15 57.34
CA THR M 465 26.47 21.81 56.40
C THR M 465 27.18 20.74 55.58
N SER M 466 27.66 21.13 54.40
CA SER M 466 28.38 20.25 53.46
C SER M 466 29.29 21.08 52.57
N LYS M 467 30.23 20.39 51.96
CA LYS M 467 31.25 20.94 51.05
C LYS M 467 31.63 19.83 50.09
N ARG M 468 31.75 20.17 48.82
CA ARG M 468 32.34 19.28 47.82
C ARG M 468 33.19 20.16 46.91
N ASN M 469 34.47 19.88 46.81
CA ASN M 469 35.35 20.60 45.86
C ASN M 469 35.89 19.56 44.89
N LEU M 470 35.39 19.58 43.66
CA LEU M 470 35.77 18.59 42.62
C LEU M 470 36.57 19.32 41.55
N MET M 471 37.75 18.79 41.24
CA MET M 471 38.66 19.38 40.22
C MET M 471 39.09 18.27 39.26
N VAL M 472 38.95 18.50 37.96
CA VAL M 472 39.34 17.50 36.92
C VAL M 472 40.55 18.04 36.18
N PHE M 473 41.72 17.44 36.40
CA PHE M 473 42.99 17.85 35.74
C PHE M 473 43.39 16.83 34.67
N ILE M 474 43.97 17.30 33.56
CA ILE M 474 44.43 16.43 32.44
C ILE M 474 45.86 16.83 32.10
N ARG M 475 46.79 15.87 32.10
CA ARG M 475 48.22 16.15 31.82
C ARG M 475 48.68 15.32 30.63
N PRO M 476 48.60 15.87 29.40
CA PRO M 476 49.05 15.13 28.23
C PRO M 476 50.58 15.10 28.22
N THR M 477 51.09 14.16 27.45
CA THR M 477 52.53 13.83 27.38
C THR M 477 52.76 13.21 26.01
N ILE M 478 53.58 13.82 25.18
CA ILE M 478 53.70 13.32 23.79
C ILE M 478 55.00 12.56 23.61
N LEU M 479 54.83 11.41 22.97
CA LEU M 479 55.87 10.44 22.58
C LEU M 479 56.11 10.62 21.09
N ARG M 480 57.25 11.20 20.70
CA ARG M 480 57.58 11.49 19.28
C ARG M 480 58.19 10.25 18.64
N ASP M 481 59.04 9.53 19.39
CA ASP M 481 59.69 8.28 18.92
C ASP M 481 59.53 7.21 20.02
N ALA M 482 60.02 6.00 19.76
CA ALA M 482 59.85 4.81 20.63
C ALA M 482 60.65 4.96 21.93
N ASN M 483 61.90 5.43 21.84
CA ASN M 483 62.83 5.52 22.99
C ASN M 483 62.23 6.35 24.13
N VAL M 484 61.38 7.34 23.83
CA VAL M 484 60.73 8.16 24.90
C VAL M 484 59.56 7.34 25.49
N TYR M 485 59.08 6.35 24.75
CA TYR M 485 57.85 5.60 25.08
C TYR M 485 58.24 4.36 25.88
N SER M 486 59.50 3.97 25.86
CA SER M 486 60.00 2.94 26.80
C SER M 486 60.14 3.60 28.17
N GLY M 487 60.90 4.69 28.24
CA GLY M 487 61.20 5.41 29.49
C GLY M 487 59.93 5.78 30.22
N ILE M 488 58.91 6.19 29.47
CA ILE M 488 57.61 6.61 30.05
C ILE M 488 56.88 5.37 30.56
N SER M 489 56.99 4.26 29.83
CA SER M 489 56.35 2.98 30.19
C SER M 489 57.19 2.29 31.26
N SER M 490 58.50 2.44 31.20
CA SER M 490 59.43 1.77 32.14
C SER M 490 59.24 2.36 33.54
N ASN M 491 58.92 3.65 33.64
CA ASN M 491 58.79 4.33 34.96
C ASN M 491 57.45 3.94 35.58
N LYS M 492 56.45 3.61 34.77
CA LYS M 492 55.14 3.12 35.27
C LYS M 492 55.28 1.63 35.54
N TYR M 493 56.04 0.93 34.73
CA TYR M 493 56.27 -0.52 34.89
C TYR M 493 57.06 -0.76 36.18
N THR M 494 58.02 0.11 36.46
CA THR M 494 58.90 -0.01 37.64
C THR M 494 58.18 0.54 38.86
N LEU M 495 57.51 1.69 38.76
CA LEU M 495 56.80 2.29 39.91
C LEU M 495 55.69 1.31 40.33
N PHE M 496 55.18 0.52 39.40
CA PHE M 496 54.18 -0.53 39.71
C PHE M 496 54.90 -1.71 40.35
N ARG M 497 56.06 -2.07 39.81
CA ARG M 497 56.87 -3.20 40.31
C ARG M 497 57.35 -2.87 41.73
N ALA M 498 57.88 -1.66 41.89
CA ALA M 498 58.42 -1.15 43.16
C ALA M 498 57.29 -1.07 44.20
N GLN M 499 56.04 -0.96 43.75
CA GLN M 499 54.87 -0.89 44.66
C GLN M 499 54.54 -2.30 45.12
N GLN M 500 54.64 -3.27 44.22
CA GLN M 500 54.40 -4.69 44.55
C GLN M 500 55.48 -5.15 45.53
N LEU M 501 56.74 -4.79 45.30
CA LEU M 501 57.86 -5.23 46.18
C LEU M 501 57.73 -4.59 47.56
N ASP M 502 57.14 -3.39 47.62
CA ASP M 502 56.86 -2.69 48.90
C ASP M 502 55.76 -3.46 49.66
N ALA M 503 54.76 -3.98 48.94
CA ALA M 503 53.60 -4.70 49.51
C ALA M 503 54.04 -6.08 49.99
N VAL M 504 55.07 -6.66 49.37
CA VAL M 504 55.67 -7.95 49.80
C VAL M 504 56.35 -7.75 51.15
N ALA M 505 57.04 -6.62 51.35
CA ALA M 505 57.83 -6.33 52.56
C ALA M 505 56.92 -5.92 53.74
N GLN M 506 55.60 -5.79 53.53
CA GLN M 506 54.58 -5.71 54.62
C GLN M 506 53.96 -7.09 54.84
N GLU M 507 53.60 -7.78 53.75
CA GLU M 507 53.00 -9.14 53.81
C GLU M 507 54.04 -10.10 54.41
N GLY M 508 55.32 -9.91 54.12
CA GLY M 508 56.42 -10.69 54.72
C GLY M 508 56.45 -10.47 56.23
N TYR M 509 56.22 -9.23 56.65
CA TYR M 509 56.19 -8.82 58.07
C TYR M 509 55.00 -9.50 58.75
N ALA M 510 53.82 -9.45 58.12
CA ALA M 510 52.54 -9.96 58.68
C ALA M 510 52.53 -11.50 58.66
N THR M 511 53.22 -12.13 57.71
CA THR M 511 53.27 -13.61 57.52
C THR M 511 51.90 -14.16 57.11
N SER M 512 51.89 -15.33 56.47
CA SER M 512 50.69 -16.12 56.12
C SER M 512 49.81 -15.44 55.05
N PRO M 513 50.34 -14.55 54.18
CA PRO M 513 49.65 -14.12 52.97
C PRO M 513 50.56 -13.88 51.76
N ASP M 514 50.04 -13.87 50.53
CA ASP M 514 50.92 -13.64 49.34
C ASP M 514 50.40 -12.57 48.38
N ARG M 515 51.22 -11.55 48.14
CA ARG M 515 51.10 -10.60 47.02
C ARG M 515 52.20 -10.97 46.03
N GLN M 516 51.88 -11.30 44.78
CA GLN M 516 52.92 -11.81 43.87
C GLN M 516 53.29 -10.75 42.83
N VAL M 517 54.58 -10.73 42.54
CA VAL M 517 55.20 -9.55 41.88
C VAL M 517 55.63 -9.92 40.47
N LEU M 518 55.21 -9.02 39.60
CA LEU M 518 55.75 -8.63 38.29
C LEU M 518 57.27 -8.67 38.24
N PRO M 519 57.87 -9.27 37.20
CA PRO M 519 59.33 -9.38 37.14
C PRO M 519 59.96 -8.02 36.85
N GLU M 520 61.20 -8.03 36.38
CA GLU M 520 61.90 -6.79 35.95
C GLU M 520 61.65 -6.59 34.46
N TYR M 521 61.81 -5.34 33.99
CA TYR M 521 61.49 -4.95 32.60
C TYR M 521 62.35 -5.78 31.63
N GLY M 522 61.67 -6.48 30.72
CA GLY M 522 62.28 -7.11 29.53
C GLY M 522 62.82 -8.50 29.84
N GLN M 523 62.44 -9.08 30.98
CA GLN M 523 62.95 -10.39 31.44
C GLN M 523 61.90 -11.49 31.20
N ASP M 524 60.63 -11.11 31.02
CA ASP M 524 59.45 -12.03 31.07
C ASP M 524 59.66 -13.01 32.23
N GLY N 1 36.78 -28.90 -91.49
CA GLY N 1 37.42 -27.77 -92.22
C GLY N 1 36.43 -26.68 -92.59
N ASP N 2 35.61 -26.92 -93.61
CA ASP N 2 34.60 -25.93 -94.10
C ASP N 2 33.23 -26.25 -93.51
N GLU N 3 33.19 -27.19 -92.55
CA GLU N 3 31.91 -27.74 -92.02
C GLU N 3 31.22 -26.66 -91.18
N MET N 4 30.08 -26.15 -91.66
CA MET N 4 29.33 -25.06 -91.00
C MET N 4 28.39 -25.67 -89.95
N VAL N 5 28.70 -25.45 -88.69
CA VAL N 5 27.91 -25.97 -87.54
C VAL N 5 27.80 -24.88 -86.48
N THR N 6 26.76 -24.95 -85.67
CA THR N 6 26.56 -24.07 -84.49
C THR N 6 26.98 -24.83 -83.24
N ARG N 7 27.85 -24.22 -82.43
CA ARG N 7 28.24 -24.78 -81.11
C ARG N 7 28.42 -23.63 -80.13
N VAL N 8 28.12 -23.92 -78.86
CA VAL N 8 27.81 -22.91 -77.82
C VAL N 8 28.62 -23.21 -76.56
N VAL N 9 29.46 -22.26 -76.16
CA VAL N 9 30.21 -22.33 -74.87
C VAL N 9 29.87 -21.09 -74.05
N PRO N 10 29.40 -21.25 -72.79
CA PRO N 10 29.31 -20.12 -71.87
C PRO N 10 30.68 -19.64 -71.38
N VAL N 11 30.77 -18.36 -71.03
CA VAL N 11 31.79 -17.81 -70.08
C VAL N 11 31.07 -17.64 -68.74
N ARG N 12 31.24 -18.58 -67.82
CA ARG N 12 30.52 -18.57 -66.51
C ARG N 12 31.15 -17.51 -65.60
N ASN N 13 32.49 -17.50 -65.55
CA ASN N 13 33.32 -16.62 -64.68
C ASN N 13 32.96 -15.15 -64.91
N VAL N 14 32.90 -14.74 -66.18
CA VAL N 14 32.70 -13.32 -66.58
C VAL N 14 31.43 -13.25 -67.43
N SER N 15 30.81 -12.07 -67.55
CA SER N 15 29.75 -11.82 -68.53
C SER N 15 30.37 -11.88 -69.93
N VAL N 16 29.81 -12.71 -70.81
CA VAL N 16 30.40 -13.05 -72.15
C VAL N 16 30.41 -11.79 -73.04
N ARG N 17 29.78 -10.71 -72.58
CA ARG N 17 29.54 -9.46 -73.36
C ARG N 17 30.87 -8.90 -73.92
N GLU N 18 31.99 -9.27 -73.29
CA GLU N 18 33.33 -8.68 -73.57
C GLU N 18 33.93 -9.30 -74.86
N LEU N 19 33.34 -10.35 -75.41
CA LEU N 19 33.91 -11.03 -76.62
C LEU N 19 33.16 -10.59 -77.87
N ALA N 20 32.25 -9.62 -77.76
CA ALA N 20 31.39 -9.17 -78.88
C ALA N 20 32.22 -8.53 -79.99
N PRO N 21 33.10 -7.55 -79.69
CA PRO N 21 34.08 -7.08 -80.68
C PRO N 21 34.97 -8.20 -81.25
N LEU N 22 35.45 -9.07 -80.36
CA LEU N 22 36.43 -10.16 -80.63
C LEU N 22 35.82 -11.17 -81.60
N LEU N 23 34.65 -11.71 -81.29
CA LEU N 23 34.17 -12.96 -81.95
C LEU N 23 33.40 -12.62 -83.23
N ARG N 24 32.60 -11.55 -83.22
CA ARG N 24 32.00 -11.01 -84.46
C ARG N 24 33.11 -10.37 -85.30
N GLN N 25 34.23 -10.03 -84.65
CA GLN N 25 35.47 -9.65 -85.37
C GLN N 25 36.04 -10.92 -86.01
N LEU N 26 35.82 -12.11 -85.42
CA LEU N 26 36.31 -13.39 -85.98
C LEU N 26 35.38 -13.86 -87.11
N ASN N 27 34.10 -13.46 -87.04
CA ASN N 27 33.23 -13.45 -88.26
C ASN N 27 33.94 -12.56 -89.29
N ASP N 28 34.29 -11.34 -88.86
CA ASP N 28 34.93 -10.30 -89.71
C ASP N 28 36.37 -10.69 -90.05
N ASN N 29 36.88 -11.79 -89.48
CA ASN N 29 38.29 -12.24 -89.67
C ASN N 29 38.45 -12.86 -91.06
N ALA N 30 37.50 -13.71 -91.49
CA ALA N 30 37.60 -14.48 -92.75
C ALA N 30 36.22 -14.65 -93.41
N GLY N 31 36.19 -15.34 -94.56
CA GLY N 31 34.99 -15.61 -95.35
C GLY N 31 33.79 -15.93 -94.48
N GLY N 32 32.70 -15.15 -94.63
CA GLY N 32 31.54 -15.11 -93.72
C GLY N 32 30.67 -16.36 -93.79
N GLY N 33 29.46 -16.27 -93.23
CA GLY N 33 28.60 -17.42 -92.89
C GLY N 33 28.62 -17.67 -91.39
N ASN N 34 29.00 -16.65 -90.61
CA ASN N 34 29.20 -16.79 -89.14
C ASN N 34 28.06 -16.06 -88.40
N VAL N 35 27.75 -16.54 -87.19
CA VAL N 35 26.91 -15.84 -86.17
C VAL N 35 27.59 -15.98 -84.81
N VAL N 36 27.68 -14.89 -84.07
CA VAL N 36 28.07 -14.90 -82.63
C VAL N 36 26.99 -14.11 -81.89
N HIS N 37 26.55 -14.58 -80.72
CA HIS N 37 25.58 -13.83 -79.88
C HIS N 37 25.62 -14.30 -78.41
N TYR N 38 24.95 -13.55 -77.54
CA TYR N 38 25.23 -13.48 -76.09
C TYR N 38 23.93 -13.52 -75.29
N ASP N 39 23.88 -14.44 -74.33
CA ASP N 39 22.74 -14.52 -73.39
C ASP N 39 23.14 -13.72 -72.16
N PRO N 40 22.20 -12.99 -71.52
CA PRO N 40 22.47 -12.40 -70.21
C PRO N 40 22.78 -13.55 -69.24
N SER N 41 22.20 -14.73 -69.50
CA SER N 41 22.48 -16.02 -68.81
C SER N 41 23.95 -16.40 -69.05
N ASN N 42 24.60 -15.68 -69.95
CA ASN N 42 26.08 -15.63 -70.11
C ASN N 42 26.57 -16.95 -70.71
N VAL N 43 25.78 -17.51 -71.63
CA VAL N 43 26.28 -18.51 -72.61
C VAL N 43 26.56 -17.79 -73.92
N LEU N 44 27.61 -18.23 -74.62
CA LEU N 44 28.04 -17.62 -75.89
C LEU N 44 27.76 -18.61 -77.02
N LEU N 45 26.80 -18.27 -77.88
CA LEU N 45 26.32 -19.18 -78.95
C LEU N 45 26.97 -18.80 -80.28
N ILE N 46 27.47 -19.81 -81.00
CA ILE N 46 28.23 -19.61 -82.27
C ILE N 46 27.61 -20.43 -83.40
N THR N 47 27.80 -19.93 -84.62
CA THR N 47 27.53 -20.61 -85.90
C THR N 47 28.68 -20.30 -86.87
N GLY N 48 29.20 -21.31 -87.57
CA GLY N 48 30.28 -21.08 -88.55
C GLY N 48 30.99 -22.35 -88.97
N ARG N 49 31.88 -22.21 -89.94
CA ARG N 49 32.68 -23.33 -90.50
C ARG N 49 33.69 -23.77 -89.45
N ALA N 50 34.19 -25.00 -89.60
CA ALA N 50 34.88 -25.80 -88.55
C ALA N 50 36.09 -25.05 -87.99
N ALA N 51 36.87 -24.37 -88.83
CA ALA N 51 38.13 -23.68 -88.43
C ALA N 51 37.78 -22.39 -87.67
N VAL N 52 37.02 -21.49 -88.31
CA VAL N 52 36.62 -20.18 -87.72
C VAL N 52 36.05 -20.46 -86.33
N VAL N 53 35.27 -21.55 -86.20
CA VAL N 53 34.64 -21.94 -84.91
C VAL N 53 35.69 -22.59 -84.01
N ASN N 54 36.68 -23.29 -84.58
CA ASN N 54 37.81 -23.84 -83.78
C ASN N 54 38.40 -22.71 -82.93
N ARG N 55 38.80 -21.61 -83.57
CA ARG N 55 39.52 -20.47 -82.92
C ARG N 55 38.51 -19.56 -82.20
N LEU N 56 37.23 -19.59 -82.60
CA LEU N 56 36.15 -18.85 -81.88
C LEU N 56 35.96 -19.50 -80.51
N VAL N 57 35.60 -20.79 -80.50
CA VAL N 57 35.33 -21.57 -79.26
C VAL N 57 36.63 -21.61 -78.46
N GLU N 58 37.80 -21.65 -79.13
CA GLU N 58 39.13 -21.42 -78.49
C GLU N 58 39.03 -20.15 -77.64
N VAL N 59 38.64 -19.03 -78.25
CA VAL N 59 38.52 -17.71 -77.55
C VAL N 59 37.59 -17.92 -76.34
N VAL N 60 36.50 -18.68 -76.51
CA VAL N 60 35.39 -18.67 -75.52
C VAL N 60 35.80 -19.46 -74.29
N ARG N 61 36.20 -20.74 -74.47
CA ARG N 61 36.70 -21.59 -73.36
C ARG N 61 37.87 -20.84 -72.71
N ARG N 62 38.70 -20.19 -73.53
CA ARG N 62 39.86 -19.40 -73.05
C ARG N 62 39.35 -18.36 -72.05
N VAL N 63 38.58 -17.37 -72.51
CA VAL N 63 37.99 -16.30 -71.64
C VAL N 63 37.27 -16.99 -70.47
N ASP N 64 36.80 -18.22 -70.66
CA ASP N 64 36.08 -19.00 -69.62
C ASP N 64 37.06 -19.42 -68.52
N LYS N 65 38.23 -19.95 -68.92
CA LYS N 65 39.28 -20.46 -67.99
C LYS N 65 40.20 -19.32 -67.58
N ALA N 66 40.06 -18.15 -68.21
CA ALA N 66 40.92 -16.97 -67.97
C ALA N 66 40.64 -16.43 -66.57
N GLY N 67 39.37 -16.44 -66.16
CA GLY N 67 38.90 -15.88 -64.88
C GLY N 67 38.30 -16.94 -63.98
N ASP N 68 39.10 -17.90 -63.49
CA ASP N 68 38.62 -19.01 -62.62
C ASP N 68 38.26 -18.44 -61.25
N GLN N 69 37.30 -19.07 -60.57
CA GLN N 69 36.83 -18.64 -59.23
C GLN N 69 36.24 -19.84 -58.49
N GLU N 70 37.09 -20.68 -57.90
CA GLU N 70 36.66 -21.92 -57.22
C GLU N 70 36.83 -21.73 -55.71
N VAL N 71 36.30 -22.67 -54.93
CA VAL N 71 36.47 -22.72 -53.46
C VAL N 71 37.31 -23.93 -53.08
N ASP N 72 38.13 -23.73 -52.05
CA ASP N 72 38.96 -24.75 -51.35
C ASP N 72 38.66 -24.71 -49.85
N ILE N 73 38.44 -25.90 -49.27
CA ILE N 73 38.23 -26.04 -47.81
C ILE N 73 39.31 -26.97 -47.26
N ILE N 74 40.15 -26.46 -46.38
CA ILE N 74 41.05 -27.32 -45.57
C ILE N 74 40.89 -26.93 -44.09
N LYS N 75 40.84 -27.95 -43.22
CA LYS N 75 40.61 -27.80 -41.77
C LYS N 75 41.68 -26.92 -41.13
N LEU N 76 41.26 -26.01 -40.25
CA LEU N 76 42.15 -25.34 -39.27
C LEU N 76 42.03 -26.10 -37.95
N LYS N 77 43.16 -26.49 -37.37
CA LYS N 77 43.17 -27.27 -36.13
C LYS N 77 43.30 -26.33 -34.94
N TYR N 78 43.89 -25.14 -35.12
CA TYR N 78 44.37 -24.27 -34.00
C TYR N 78 43.59 -22.93 -33.93
N ALA N 79 44.15 -21.80 -34.36
CA ALA N 79 43.62 -20.46 -34.03
C ALA N 79 42.29 -20.18 -34.75
N SER N 80 41.42 -19.43 -34.07
CA SER N 80 39.96 -19.32 -34.30
C SER N 80 39.71 -18.83 -35.73
N ALA N 81 38.71 -19.42 -36.38
CA ALA N 81 38.28 -19.09 -37.76
C ALA N 81 37.79 -17.63 -37.78
N GLY N 82 37.11 -17.19 -36.71
CA GLY N 82 36.59 -15.82 -36.53
C GLY N 82 37.68 -14.77 -36.39
N GLU N 83 38.75 -15.10 -35.66
CA GLU N 83 39.96 -14.24 -35.57
C GLU N 83 40.62 -14.27 -36.95
N MET N 84 40.72 -15.47 -37.54
CA MET N 84 41.24 -15.68 -38.91
C MET N 84 40.48 -14.69 -39.81
N VAL N 85 39.16 -14.63 -39.62
CA VAL N 85 38.24 -13.78 -40.43
C VAL N 85 38.63 -12.32 -40.21
N ARG N 86 38.67 -11.89 -38.95
CA ARG N 86 38.89 -10.47 -38.57
C ARG N 86 40.21 -9.97 -39.15
N LEU N 87 41.27 -10.75 -38.93
CA LEU N 87 42.68 -10.36 -39.25
C LEU N 87 42.81 -10.25 -40.76
N VAL N 88 42.17 -11.18 -41.47
CA VAL N 88 42.23 -11.23 -42.96
C VAL N 88 41.22 -10.22 -43.53
N THR N 89 40.12 -9.93 -42.83
CA THR N 89 39.14 -8.94 -43.32
C THR N 89 39.85 -7.61 -43.52
N ASN N 90 40.86 -7.32 -42.69
CA ASN N 90 41.63 -6.05 -42.77
C ASN N 90 42.54 -6.10 -44.01
N LEU N 91 42.80 -7.30 -44.56
CA LEU N 91 43.24 -7.49 -45.97
C LEU N 91 42.10 -7.06 -46.91
N ASN N 92 41.69 -5.79 -46.82
CA ASN N 92 40.77 -5.16 -47.80
C ASN N 92 41.42 -5.23 -49.18
N LYS N 93 40.62 -5.47 -50.23
CA LYS N 93 41.00 -5.53 -51.67
C LYS N 93 41.35 -6.98 -52.05
N ASP N 94 41.37 -7.89 -51.08
CA ASP N 94 41.14 -9.33 -51.33
C ASP N 94 39.64 -9.50 -51.61
N GLY N 95 39.18 -9.03 -52.77
CA GLY N 95 37.81 -9.19 -53.30
C GLY N 95 36.77 -8.31 -52.61
N ASN N 96 37.19 -7.59 -51.57
CA ASN N 96 36.33 -6.75 -50.71
C ASN N 96 36.53 -5.27 -51.11
N SER N 97 35.87 -4.82 -52.18
CA SER N 97 35.92 -3.41 -52.65
C SER N 97 34.72 -3.11 -53.56
N GLN N 98 34.53 -1.82 -53.88
CA GLN N 98 33.46 -1.32 -54.77
C GLN N 98 34.12 -0.71 -56.01
N GLY N 99 35.32 -1.19 -56.37
CA GLY N 99 36.13 -0.73 -57.52
C GLY N 99 35.41 -0.91 -58.85
N GLY N 100 35.35 0.14 -59.68
CA GLY N 100 34.57 0.18 -60.93
C GLY N 100 35.15 -0.72 -62.02
N ASN N 101 36.02 -0.17 -62.88
CA ASN N 101 36.69 -0.89 -64.02
C ASN N 101 37.59 -2.00 -63.45
N THR N 102 37.94 -1.91 -62.17
CA THR N 102 38.66 -2.93 -61.38
C THR N 102 37.80 -4.19 -61.27
N SER N 103 36.50 -3.99 -61.00
CA SER N 103 35.45 -5.04 -60.83
C SER N 103 35.89 -6.04 -59.75
N LEU N 104 36.41 -5.56 -58.62
CA LEU N 104 37.10 -6.42 -57.62
C LEU N 104 36.06 -7.27 -56.89
N LEU N 105 34.77 -7.01 -57.14
CA LEU N 105 33.63 -7.85 -56.66
C LEU N 105 33.67 -9.22 -57.35
N LEU N 106 34.45 -9.38 -58.42
CA LEU N 106 34.70 -10.65 -59.15
C LEU N 106 36.03 -11.30 -58.72
N ALA N 107 36.73 -10.70 -57.76
CA ALA N 107 38.08 -11.14 -57.31
C ALA N 107 37.95 -11.99 -56.05
N PRO N 108 39.00 -12.79 -55.70
CA PRO N 108 38.97 -13.70 -54.55
C PRO N 108 38.58 -13.13 -53.18
N LYS N 109 37.71 -13.83 -52.44
CA LYS N 109 37.24 -13.43 -51.08
C LYS N 109 37.55 -14.52 -50.06
N VAL N 110 37.54 -14.16 -48.76
CA VAL N 110 37.99 -15.00 -47.62
C VAL N 110 36.85 -15.17 -46.61
N VAL N 111 36.81 -16.34 -45.97
CA VAL N 111 35.73 -16.78 -45.04
C VAL N 111 36.31 -17.78 -44.03
N ALA N 112 35.46 -18.19 -43.08
CA ALA N 112 35.69 -19.34 -42.20
C ALA N 112 34.40 -19.85 -41.54
N ASP N 113 34.44 -21.13 -41.15
CA ASP N 113 33.44 -21.86 -40.33
C ASP N 113 34.06 -22.11 -38.96
N GLU N 114 33.27 -21.93 -37.90
CA GLU N 114 33.75 -22.17 -36.51
C GLU N 114 33.17 -23.50 -35.98
N ARG N 115 32.32 -24.21 -36.74
CA ARG N 115 31.81 -25.56 -36.36
C ARG N 115 32.87 -26.63 -36.64
N THR N 116 33.53 -26.59 -37.80
CA THR N 116 34.63 -27.50 -38.20
C THR N 116 35.99 -26.81 -38.00
N ASN N 117 35.96 -25.50 -37.71
CA ASN N 117 37.08 -24.53 -37.83
C ASN N 117 37.75 -24.72 -39.19
N SER N 118 37.07 -24.30 -40.25
CA SER N 118 37.54 -24.47 -41.64
C SER N 118 37.73 -23.11 -42.31
N VAL N 119 38.86 -22.89 -42.96
CA VAL N 119 38.98 -21.72 -43.84
C VAL N 119 38.17 -22.01 -45.09
N VAL N 120 37.55 -20.95 -45.57
CA VAL N 120 36.82 -20.98 -46.85
C VAL N 120 37.43 -19.88 -47.71
N VAL N 121 37.80 -20.24 -48.92
CA VAL N 121 38.24 -19.29 -49.96
C VAL N 121 37.18 -19.29 -51.05
N SER N 122 36.98 -18.17 -51.73
CA SER N 122 36.19 -18.13 -52.99
C SER N 122 36.96 -17.31 -54.03
N GLY N 123 37.65 -17.95 -54.98
CA GLY N 123 38.37 -17.19 -56.03
C GLY N 123 39.40 -17.99 -56.81
N GLU N 124 40.34 -17.23 -57.41
CA GLU N 124 41.53 -17.63 -58.23
C GLU N 124 42.27 -18.85 -57.69
N PRO N 125 43.01 -19.60 -58.53
CA PRO N 125 44.03 -20.51 -58.03
C PRO N 125 45.30 -19.85 -57.47
N LYS N 126 45.58 -18.60 -57.85
CA LYS N 126 46.61 -17.79 -57.16
C LYS N 126 46.13 -17.53 -55.73
N ALA N 127 44.82 -17.39 -55.52
CA ALA N 127 44.21 -17.24 -54.17
C ALA N 127 44.26 -18.58 -53.44
N ARG N 128 43.97 -19.71 -54.11
CA ARG N 128 44.19 -21.07 -53.54
C ARG N 128 45.64 -21.17 -53.07
N ALA N 129 46.58 -20.82 -53.95
CA ALA N 129 48.04 -20.91 -53.69
C ALA N 129 48.40 -20.04 -52.48
N ARG N 130 47.99 -18.76 -52.44
CA ARG N 130 48.44 -17.79 -51.39
C ARG N 130 47.57 -17.88 -50.13
N ILE N 131 46.34 -18.39 -50.21
CA ILE N 131 45.49 -18.47 -48.98
C ILE N 131 45.67 -19.83 -48.32
N ILE N 132 46.13 -20.85 -49.03
CA ILE N 132 46.61 -22.08 -48.34
C ILE N 132 47.88 -21.71 -47.55
N GLN N 133 48.68 -20.73 -48.00
CA GLN N 133 49.81 -20.17 -47.23
C GLN N 133 49.27 -19.44 -46.00
N MET N 134 48.21 -18.65 -46.13
CA MET N 134 47.64 -17.85 -45.02
C MET N 134 46.92 -18.75 -44.00
N VAL N 135 46.31 -19.86 -44.46
CA VAL N 135 45.82 -20.97 -43.61
C VAL N 135 46.96 -21.43 -42.70
N ARG N 136 48.12 -21.70 -43.29
CA ARG N 136 49.30 -22.31 -42.61
C ARG N 136 49.94 -21.26 -41.70
N GLN N 137 49.92 -19.99 -42.10
CA GLN N 137 50.55 -18.87 -41.35
C GLN N 137 49.92 -18.73 -39.96
N LEU N 138 48.61 -18.93 -39.84
CA LEU N 138 47.84 -18.62 -38.60
C LEU N 138 47.27 -19.89 -37.96
N ASP N 139 47.57 -21.05 -38.54
CA ASP N 139 47.18 -22.37 -38.01
C ASP N 139 48.20 -22.77 -36.95
N ARG N 140 49.03 -21.83 -36.51
CA ARG N 140 49.99 -22.06 -35.41
C ARG N 140 49.22 -22.21 -34.10
N GLU N 141 49.68 -23.14 -33.28
CA GLU N 141 49.15 -23.45 -31.93
C GLU N 141 49.75 -22.48 -30.92
N LEU N 142 49.34 -22.55 -29.65
CA LEU N 142 49.97 -21.73 -28.59
C LEU N 142 51.25 -22.44 -28.14
N GLN N 143 52.23 -21.67 -27.68
CA GLN N 143 53.49 -22.22 -27.13
C GLN N 143 53.44 -22.08 -25.61
N SER N 144 53.07 -23.16 -24.90
CA SER N 144 53.00 -23.22 -23.42
C SER N 144 52.17 -22.04 -22.89
N GLN N 145 52.82 -20.89 -22.65
CA GLN N 145 52.16 -19.64 -22.16
C GLN N 145 50.93 -19.36 -23.03
N GLY N 146 49.75 -19.29 -22.40
CA GLY N 146 48.48 -19.04 -23.11
C GLY N 146 48.01 -17.61 -22.99
N ASN N 147 46.75 -17.36 -23.36
CA ASN N 147 46.04 -16.09 -23.06
C ASN N 147 45.70 -16.11 -21.57
N THR N 148 45.20 -17.23 -21.06
CA THR N 148 44.83 -17.34 -19.63
C THR N 148 45.84 -18.17 -18.85
N ARG N 149 46.21 -17.65 -17.68
CA ARG N 149 47.09 -18.32 -16.71
C ARG N 149 46.29 -18.65 -15.45
N VAL N 150 46.74 -19.63 -14.68
CA VAL N 150 46.25 -19.82 -13.30
C VAL N 150 47.42 -19.67 -12.35
N PHE N 151 47.34 -18.68 -11.47
CA PHE N 151 48.30 -18.49 -10.36
C PHE N 151 47.84 -19.27 -9.14
N TYR N 152 48.72 -20.15 -8.69
CA TYR N 152 48.63 -20.81 -7.39
C TYR N 152 49.16 -19.83 -6.35
N LEU N 153 48.27 -19.22 -5.59
CA LEU N 153 48.73 -18.32 -4.52
C LEU N 153 49.13 -19.17 -3.31
N LYS N 154 50.21 -18.81 -2.65
CA LYS N 154 50.70 -19.58 -1.48
C LYS N 154 50.23 -18.97 -0.15
N TYR N 155 50.45 -17.68 0.12
CA TYR N 155 50.14 -17.04 1.43
C TYR N 155 48.87 -16.18 1.32
N GLY N 156 48.46 -15.87 0.09
CA GLY N 156 47.24 -15.09 -0.21
C GLY N 156 46.05 -15.98 -0.55
N LYS N 157 44.83 -15.53 -0.21
CA LYS N 157 43.57 -16.30 -0.40
C LYS N 157 42.89 -15.87 -1.69
N ALA N 158 42.56 -16.81 -2.57
CA ALA N 158 42.16 -16.51 -3.97
C ALA N 158 40.89 -15.65 -3.97
N LYS N 159 39.92 -15.95 -3.09
CA LYS N 159 38.58 -15.28 -3.11
C LYS N 159 38.78 -13.80 -2.75
N ASP N 160 39.65 -13.54 -1.76
CA ASP N 160 39.93 -12.19 -1.24
C ASP N 160 40.71 -11.43 -2.30
N MET N 161 41.66 -12.11 -2.96
CA MET N 161 42.56 -11.50 -3.98
C MET N 161 41.74 -11.08 -5.19
N VAL N 162 40.68 -11.83 -5.52
CA VAL N 162 39.85 -11.53 -6.72
C VAL N 162 39.37 -10.08 -6.57
N GLU N 163 38.83 -9.73 -5.42
CA GLU N 163 38.24 -8.40 -5.17
C GLU N 163 39.32 -7.35 -5.38
N VAL N 164 40.50 -7.61 -4.84
CA VAL N 164 41.67 -6.69 -4.91
C VAL N 164 41.97 -6.44 -6.37
N LEU N 165 42.06 -7.52 -7.13
CA LEU N 165 42.55 -7.45 -8.54
C LEU N 165 41.42 -6.85 -9.40
N LYS N 166 40.16 -7.02 -8.98
CA LYS N 166 39.00 -6.53 -9.75
C LYS N 166 39.14 -5.02 -9.93
N GLY N 167 39.59 -4.33 -8.90
CA GLY N 167 39.91 -2.90 -9.00
C GLY N 167 40.89 -2.66 -10.13
N VAL N 168 41.96 -3.45 -10.18
CA VAL N 168 43.09 -3.20 -11.13
C VAL N 168 42.57 -3.39 -12.54
N SER N 169 41.77 -4.43 -12.73
CA SER N 169 41.07 -4.78 -13.99
C SER N 169 40.08 -3.66 -14.33
N SER N 170 39.32 -3.23 -13.32
CA SER N 170 38.20 -2.26 -13.42
C SER N 170 38.76 -0.84 -13.46
N LEU N 196 39.50 -7.14 -18.66
CA LEU N 196 40.29 -8.10 -17.83
C LEU N 196 39.34 -8.79 -16.85
N ALA N 197 39.41 -10.12 -16.80
CA ALA N 197 38.33 -11.01 -16.34
C ALA N 197 38.85 -12.07 -15.36
N ILE N 198 38.33 -12.07 -14.13
CA ILE N 198 38.94 -12.86 -13.03
C ILE N 198 37.86 -13.71 -12.39
N SER N 199 38.26 -14.89 -11.90
CA SER N 199 37.53 -15.70 -10.89
C SER N 199 38.54 -16.43 -10.02
N ALA N 200 38.17 -16.70 -8.78
CA ALA N 200 38.99 -17.51 -7.87
C ALA N 200 38.25 -18.79 -7.53
N ASP N 201 38.92 -19.92 -7.70
CA ASP N 201 38.43 -21.27 -7.34
C ASP N 201 38.65 -21.49 -5.84
N GLU N 202 37.55 -21.64 -5.11
CA GLU N 202 37.59 -21.70 -3.64
C GLU N 202 38.37 -22.95 -3.25
N THR N 203 38.35 -24.00 -4.08
CA THR N 203 38.87 -25.34 -3.72
C THR N 203 40.40 -25.32 -3.75
N THR N 204 41.00 -25.19 -4.93
CA THR N 204 42.47 -25.18 -5.10
C THR N 204 43.04 -23.82 -4.67
N ASN N 205 42.16 -22.88 -4.30
CA ASN N 205 42.57 -21.52 -3.85
C ASN N 205 43.51 -20.93 -4.90
N ALA N 206 43.08 -20.95 -6.16
CA ALA N 206 43.86 -20.42 -7.29
C ALA N 206 43.05 -19.30 -7.96
N LEU N 207 43.74 -18.37 -8.61
CA LEU N 207 43.13 -17.23 -9.31
C LEU N 207 43.25 -17.45 -10.82
N VAL N 208 42.13 -17.45 -11.53
CA VAL N 208 42.09 -17.61 -13.01
C VAL N 208 41.78 -16.25 -13.64
N ILE N 209 42.80 -15.57 -14.16
CA ILE N 209 42.64 -14.26 -14.84
C ILE N 209 42.88 -14.47 -16.34
N THR N 210 42.26 -13.63 -17.16
CA THR N 210 42.39 -13.66 -18.64
C THR N 210 42.52 -12.22 -19.15
N ALA N 211 43.74 -11.75 -19.38
CA ALA N 211 44.03 -10.41 -19.94
C ALA N 211 45.12 -10.53 -20.99
N GLN N 212 45.43 -9.42 -21.67
CA GLN N 212 46.51 -9.36 -22.70
C GLN N 212 47.79 -9.80 -22.04
N PRO N 213 48.75 -10.35 -22.81
CA PRO N 213 50.02 -10.79 -22.25
C PRO N 213 50.74 -9.61 -21.58
N ASP N 214 50.50 -8.38 -22.03
CA ASP N 214 51.03 -7.14 -21.40
C ASP N 214 50.49 -7.03 -19.97
N VAL N 215 49.20 -7.31 -19.78
CA VAL N 215 48.51 -7.16 -18.48
C VAL N 215 48.86 -8.40 -17.65
N MET N 216 49.03 -9.55 -18.29
CA MET N 216 49.38 -10.83 -17.61
C MET N 216 50.69 -10.64 -16.84
N ALA N 217 51.68 -10.01 -17.49
CA ALA N 217 53.00 -9.73 -16.88
C ALA N 217 52.84 -8.66 -15.79
N GLU N 218 51.91 -7.72 -15.96
CA GLU N 218 51.64 -6.66 -14.97
C GLU N 218 50.91 -7.27 -13.76
N LEU N 219 49.92 -8.13 -14.00
CA LEU N 219 49.15 -8.82 -12.93
C LEU N 219 50.09 -9.77 -12.20
N GLU N 220 51.08 -10.30 -12.91
CA GLU N 220 52.06 -11.28 -12.36
C GLU N 220 52.95 -10.59 -11.32
N GLN N 221 53.24 -9.29 -11.46
CA GLN N 221 54.05 -8.54 -10.46
C GLN N 221 53.15 -8.15 -9.29
N VAL N 222 51.90 -7.78 -9.61
CA VAL N 222 50.90 -7.36 -8.58
C VAL N 222 50.72 -8.52 -7.63
N VAL N 223 50.50 -9.70 -8.20
CA VAL N 223 50.24 -10.96 -7.47
C VAL N 223 51.47 -11.27 -6.61
N ALA N 224 52.65 -11.22 -7.18
CA ALA N 224 53.89 -11.60 -6.49
C ALA N 224 54.10 -10.67 -5.29
N LYS N 225 53.74 -9.40 -5.42
CA LYS N 225 53.92 -8.43 -4.31
C LYS N 225 52.85 -8.70 -3.26
N LEU N 226 51.67 -9.11 -3.72
CA LEU N 226 50.41 -9.15 -2.93
C LEU N 226 50.33 -10.49 -2.20
N ASP N 227 51.16 -11.44 -2.61
CA ASP N 227 51.20 -12.82 -2.05
C ASP N 227 52.42 -12.96 -1.15
N ILE N 228 53.02 -11.84 -0.74
CA ILE N 228 54.21 -11.86 0.17
C ILE N 228 53.81 -12.53 1.50
N ARG N 229 54.68 -13.39 2.01
CA ARG N 229 54.47 -14.09 3.31
C ARG N 229 54.18 -13.06 4.38
N ARG N 230 52.92 -12.93 4.79
CA ARG N 230 52.48 -11.97 5.83
C ARG N 230 53.07 -12.40 7.17
N ALA N 231 53.77 -11.48 7.83
CA ALA N 231 54.49 -11.74 9.08
C ALA N 231 53.48 -11.93 10.22
N GLN N 232 53.90 -12.70 11.22
CA GLN N 232 53.10 -13.05 12.41
C GLN N 232 53.54 -12.23 13.61
N VAL N 233 52.60 -11.96 14.51
CA VAL N 233 52.88 -11.13 15.72
C VAL N 233 52.40 -11.88 16.95
N LEU N 234 53.30 -12.09 17.90
CA LEU N 234 52.93 -12.59 19.24
C LEU N 234 52.67 -11.38 20.13
N VAL N 235 51.45 -11.25 20.62
CA VAL N 235 51.04 -10.08 21.44
C VAL N 235 50.74 -10.56 22.85
N GLU N 236 51.61 -10.24 23.80
CA GLU N 236 51.32 -10.46 25.24
C GLU N 236 50.77 -9.17 25.83
N ALA N 237 49.61 -9.25 26.45
CA ALA N 237 49.08 -8.17 27.30
C ALA N 237 49.35 -8.56 28.75
N ILE N 238 49.54 -7.57 29.61
CA ILE N 238 49.75 -7.80 31.05
C ILE N 238 48.80 -6.87 31.78
N ILE N 239 47.79 -7.43 32.42
CA ILE N 239 46.82 -6.65 33.23
C ILE N 239 47.12 -6.92 34.69
N VAL N 240 47.61 -5.92 35.38
CA VAL N 240 47.91 -6.03 36.82
C VAL N 240 47.00 -5.07 37.54
N GLU N 241 46.26 -5.57 38.51
CA GLU N 241 45.45 -4.73 39.39
C GLU N 241 45.77 -5.09 40.84
N ILE N 242 45.74 -4.08 41.69
CA ILE N 242 45.95 -4.27 43.15
C ILE N 242 44.95 -3.39 43.90
N ALA N 243 44.32 -3.97 44.91
CA ALA N 243 43.16 -3.40 45.64
C ALA N 243 43.27 -3.75 47.11
N ASP N 244 42.76 -2.86 47.96
CA ASP N 244 42.72 -3.01 49.44
C ASP N 244 42.01 -1.78 49.99
N GLY N 245 41.94 -1.67 51.30
CA GLY N 245 41.46 -0.46 51.96
C GLY N 245 41.10 -0.80 53.37
N ASP N 246 40.95 0.22 54.22
CA ASP N 246 40.71 -0.03 55.66
C ASP N 246 39.50 0.79 56.13
N GLY N 247 38.46 0.04 56.47
CA GLY N 247 37.36 0.51 57.34
C GLY N 247 37.76 0.43 58.79
N LEU N 248 37.14 1.27 59.59
CA LEU N 248 37.37 1.40 61.05
C LEU N 248 36.01 1.83 61.57
N ASN N 249 35.35 1.09 62.46
CA ASN N 249 34.19 1.66 63.16
C ASN N 249 34.36 1.43 64.65
N LEU N 250 34.69 2.51 65.35
CA LEU N 250 34.77 2.51 66.82
C LEU N 250 33.93 3.67 67.34
N GLY N 251 33.16 3.36 68.39
CA GLY N 251 32.04 4.18 68.88
C GLY N 251 31.67 3.74 70.28
N VAL N 252 31.36 4.69 71.15
CA VAL N 252 31.17 4.35 72.58
C VAL N 252 29.84 4.96 73.00
N GLN N 253 28.99 4.15 73.63
CA GLN N 253 27.63 4.55 74.06
C GLN N 253 27.55 4.37 75.58
N TRP N 254 27.04 5.37 76.28
CA TRP N 254 26.85 5.36 77.75
C TRP N 254 25.38 5.57 78.03
N ALA N 255 24.73 4.62 78.69
CA ALA N 255 23.29 4.75 79.04
C ALA N 255 23.14 4.70 80.57
N ASN N 256 22.47 5.70 81.14
CA ASN N 256 22.29 5.80 82.61
C ASN N 256 20.80 5.97 82.92
N THR N 257 20.26 5.10 83.75
CA THR N 257 18.81 5.15 84.06
C THR N 257 18.50 6.55 84.59
N ASN N 258 19.30 7.07 85.52
CA ASN N 258 18.97 8.32 86.27
C ASN N 258 19.19 9.55 85.39
N GLY N 259 20.30 9.58 84.65
CA GLY N 259 20.86 10.79 84.01
C GLY N 259 20.48 10.92 82.54
N GLY N 260 20.64 9.85 81.75
CA GLY N 260 20.38 9.85 80.30
C GLY N 260 21.26 8.87 79.55
N GLY N 261 20.92 8.60 78.28
CA GLY N 261 21.62 7.64 77.40
C GLY N 261 22.02 8.28 76.09
N THR N 262 23.06 7.76 75.43
CA THR N 262 23.61 8.26 74.13
C THR N 262 23.68 7.10 73.15
N GLN N 263 22.72 7.00 72.23
CA GLN N 263 22.65 5.90 71.23
C GLN N 263 23.02 6.46 69.85
N PHE N 264 23.79 5.68 69.10
CA PHE N 264 24.33 6.02 67.76
C PHE N 264 24.01 4.90 66.76
N THR N 265 24.46 5.04 65.50
CA THR N 265 24.09 4.19 64.34
C THR N 265 25.30 3.66 63.57
N ASN N 266 26.35 4.49 63.36
CA ASN N 266 27.61 4.08 62.67
C ASN N 266 28.04 2.71 63.21
N ALA N 267 27.69 2.44 64.47
CA ALA N 267 27.97 1.19 65.21
C ALA N 267 27.20 0.04 64.56
N GLY N 268 27.75 -1.16 64.63
CA GLY N 268 27.09 -2.41 64.21
C GLY N 268 25.61 -2.48 64.65
N PRO N 269 25.33 -2.63 65.96
CA PRO N 269 23.95 -2.63 66.48
C PRO N 269 23.61 -1.57 67.55
N GLY N 270 22.30 -1.33 67.72
CA GLY N 270 21.75 -0.36 68.68
C GLY N 270 21.38 -1.02 70.00
N ILE N 271 21.73 -0.35 71.12
CA ILE N 271 21.51 -0.86 72.49
C ILE N 271 20.05 -1.32 72.64
N GLY N 272 19.13 -0.69 71.90
CA GLY N 272 17.69 -1.02 71.93
C GLY N 272 17.43 -2.48 71.66
N SER N 273 17.78 -2.95 70.45
CA SER N 273 17.51 -4.32 69.98
C SER N 273 18.20 -5.33 70.92
N VAL N 274 19.35 -4.95 71.45
CA VAL N 274 20.19 -5.83 72.31
C VAL N 274 19.46 -6.05 73.64
N ALA N 275 19.06 -4.95 74.31
CA ALA N 275 18.40 -4.97 75.63
C ALA N 275 17.08 -5.71 75.50
N ILE N 276 16.29 -5.35 74.49
CA ILE N 276 14.95 -5.97 74.27
C ILE N 276 15.15 -7.48 74.09
N ALA N 277 16.14 -7.87 73.28
CA ALA N 277 16.42 -9.29 72.98
C ALA N 277 16.78 -10.03 74.27
N ALA N 278 17.64 -9.43 75.10
CA ALA N 278 18.10 -10.05 76.36
C ALA N 278 16.91 -10.22 77.30
N LYS N 279 15.94 -9.30 77.27
CA LYS N 279 14.74 -9.33 78.14
C LYS N 279 13.70 -10.27 77.51
N ASP N 280 13.83 -10.54 76.20
CA ASP N 280 12.92 -11.44 75.45
C ASP N 280 13.47 -12.86 75.46
N TYR N 281 14.77 -13.02 75.75
CA TYR N 281 15.48 -14.33 75.82
C TYR N 281 15.35 -14.92 77.24
N LYS N 282 14.79 -14.15 78.18
CA LYS N 282 14.61 -14.56 79.59
C LYS N 282 13.46 -15.57 79.68
N ASP N 283 13.48 -16.43 80.70
CA ASP N 283 12.51 -17.54 80.96
C ASP N 283 12.34 -18.39 79.70
N ASN N 284 13.47 -18.76 79.07
CA ASN N 284 13.52 -19.58 77.83
C ASN N 284 12.59 -18.97 76.76
N GLY N 285 12.92 -17.74 76.31
CA GLY N 285 12.15 -16.99 75.28
C GLY N 285 12.63 -17.30 73.87
N THR N 286 12.41 -16.39 72.91
CA THR N 286 12.82 -16.52 71.49
C THR N 286 14.28 -16.08 71.31
N THR N 287 14.83 -16.30 70.12
CA THR N 287 16.22 -15.95 69.75
C THR N 287 16.25 -15.38 68.32
N THR N 288 15.15 -15.51 67.58
CA THR N 288 15.02 -15.01 66.18
C THR N 288 15.39 -13.52 66.16
N GLY N 289 14.59 -12.70 66.85
CA GLY N 289 14.84 -11.25 66.99
C GLY N 289 16.32 -10.96 67.18
N LEU N 290 16.91 -11.51 68.24
CA LEU N 290 18.30 -11.13 68.61
C LEU N 290 19.28 -11.77 67.64
N ALA N 291 19.01 -12.99 67.18
CA ALA N 291 19.93 -13.72 66.28
C ALA N 291 20.01 -12.97 64.95
N LYS N 292 19.03 -12.11 64.64
CA LYS N 292 18.98 -11.40 63.34
C LYS N 292 19.81 -10.11 63.42
N LEU N 293 19.81 -9.47 64.59
CA LEU N 293 20.70 -8.31 64.86
C LEU N 293 22.15 -8.76 64.68
N ALA N 294 22.55 -9.81 65.39
CA ALA N 294 23.95 -10.24 65.53
C ALA N 294 24.42 -10.97 64.27
N GLU N 295 23.59 -10.99 63.21
CA GLU N 295 23.89 -11.73 61.96
C GLU N 295 25.16 -11.17 61.29
N ASN N 296 25.23 -9.87 61.01
CA ASN N 296 26.35 -9.30 60.22
C ASN N 296 27.35 -8.58 61.13
N PHE N 297 27.12 -8.52 62.44
CA PHE N 297 27.97 -7.71 63.35
C PHE N 297 29.42 -8.21 63.26
N ASN N 298 30.37 -7.27 63.32
CA ASN N 298 31.82 -7.57 63.29
C ASN N 298 32.60 -6.55 64.13
N GLY N 299 33.11 -7.00 65.27
CA GLY N 299 34.05 -6.22 66.11
C GLY N 299 34.06 -6.66 67.56
N MET N 300 34.46 -5.75 68.44
CA MET N 300 34.58 -5.96 69.90
C MET N 300 33.55 -5.07 70.59
N ALA N 301 32.40 -5.62 70.96
CA ALA N 301 31.37 -4.95 71.78
C ALA N 301 31.65 -5.24 73.26
N ALA N 302 32.17 -4.26 73.99
CA ALA N 302 32.61 -4.42 75.39
C ALA N 302 31.73 -3.58 76.32
N GLY N 303 30.84 -4.24 77.08
CA GLY N 303 29.97 -3.63 78.10
C GLY N 303 30.63 -3.56 79.45
N PHE N 304 30.26 -2.57 80.26
CA PHE N 304 30.81 -2.35 81.63
C PHE N 304 29.74 -1.66 82.49
N TYR N 305 29.49 -2.18 83.70
CA TYR N 305 28.62 -1.58 84.74
C TYR N 305 29.44 -1.14 85.95
N GLN N 306 29.62 0.16 86.14
CA GLN N 306 30.17 0.71 87.41
C GLN N 306 29.03 1.47 88.09
N GLY N 307 28.56 0.90 89.19
CA GLY N 307 27.27 1.25 89.80
C GLY N 307 26.17 1.28 88.76
N ASN N 308 25.65 2.49 88.48
CA ASN N 308 24.38 2.72 87.76
C ASN N 308 24.64 3.10 86.30
N TRP N 309 25.82 3.63 85.94
CA TRP N 309 26.10 4.00 84.53
C TRP N 309 26.55 2.76 83.74
N ALA N 310 25.75 2.35 82.75
CA ALA N 310 26.09 1.30 81.77
C ALA N 310 26.86 1.95 80.60
N MET N 311 27.81 1.21 80.03
CA MET N 311 28.71 1.68 78.95
C MET N 311 28.89 0.55 77.93
N LEU N 312 28.78 0.87 76.64
CA LEU N 312 28.95 -0.07 75.51
C LEU N 312 29.92 0.52 74.49
N VAL N 313 31.04 -0.17 74.31
CA VAL N 313 32.15 0.24 73.41
C VAL N 313 32.10 -0.67 72.18
N THR N 314 32.09 -0.08 70.99
CA THR N 314 32.02 -0.80 69.69
C THR N 314 33.25 -0.47 68.85
N ALA N 315 33.86 -1.50 68.26
CA ALA N 315 35.09 -1.34 67.45
C ALA N 315 35.26 -2.53 66.51
N LEU N 316 35.47 -2.22 65.23
CA LEU N 316 36.10 -3.11 64.23
C LEU N 316 36.82 -2.27 63.19
N SER N 317 37.96 -2.74 62.77
CA SER N 317 38.62 -2.20 61.55
C SER N 317 38.60 -3.30 60.50
N THR N 318 37.87 -3.09 59.42
CA THR N 318 38.01 -3.95 58.22
C THR N 318 39.14 -3.36 57.38
N ASN N 319 40.00 -4.24 56.87
CA ASN N 319 41.22 -3.92 56.09
C ASN N 319 41.35 -5.06 55.09
N THR N 320 41.54 -4.72 53.83
CA THR N 320 41.30 -5.64 52.71
C THR N 320 42.48 -5.57 51.77
N LYS N 321 42.63 -6.60 50.94
CA LYS N 321 43.75 -6.70 49.98
C LYS N 321 43.32 -7.65 48.87
N SER N 322 43.57 -7.24 47.63
CA SER N 322 43.37 -8.07 46.42
C SER N 322 44.43 -7.70 45.39
N ASP N 323 44.88 -8.69 44.64
CA ASP N 323 45.88 -8.51 43.54
C ASP N 323 45.44 -9.37 42.36
N ILE N 324 45.33 -8.77 41.18
CA ILE N 324 44.89 -9.48 39.95
C ILE N 324 45.94 -9.22 38.88
N LEU N 325 46.20 -10.22 38.03
CA LEU N 325 47.20 -10.15 36.93
C LEU N 325 46.81 -11.12 35.82
N SER N 326 46.35 -10.59 34.69
CA SER N 326 45.96 -11.40 33.50
C SER N 326 46.85 -11.02 32.32
N THR N 327 47.42 -12.01 31.64
CA THR N 327 48.33 -11.81 30.50
C THR N 327 47.89 -12.69 29.34
N PRO N 328 46.78 -12.34 28.67
CA PRO N 328 46.30 -13.10 27.54
C PRO N 328 47.05 -12.73 26.25
N SER N 329 48.00 -13.57 25.85
CA SER N 329 48.76 -13.39 24.59
C SER N 329 48.00 -14.07 23.44
N ILE N 330 48.39 -13.77 22.20
CA ILE N 330 47.79 -14.37 20.97
C ILE N 330 48.70 -14.10 19.79
N VAL N 331 48.81 -15.07 18.88
CA VAL N 331 49.63 -14.92 17.63
C VAL N 331 48.70 -14.87 16.43
N THR N 332 48.75 -13.77 15.68
CA THR N 332 47.84 -13.42 14.56
C THR N 332 48.67 -13.09 13.32
N MET N 333 48.09 -13.26 12.14
CA MET N 333 48.62 -12.66 10.89
C MET N 333 48.34 -11.16 10.93
N ASP N 334 49.28 -10.35 10.45
CA ASP N 334 49.10 -8.89 10.31
C ASP N 334 47.74 -8.60 9.67
N ASN N 335 47.01 -7.63 10.20
CA ASN N 335 45.88 -7.05 9.46
C ASN N 335 44.71 -8.01 9.38
N LYS N 336 44.83 -9.19 9.98
CA LYS N 336 43.63 -9.96 10.36
C LYS N 336 43.34 -9.66 11.82
N GLU N 337 42.07 -9.45 12.15
CA GLU N 337 41.72 -9.38 13.57
C GLU N 337 41.64 -10.82 14.07
N ALA N 338 42.42 -11.06 15.11
CA ALA N 338 42.28 -12.18 16.05
C ALA N 338 41.16 -11.82 17.02
N SER N 339 40.49 -12.83 17.52
CA SER N 339 39.73 -12.74 18.79
C SER N 339 40.46 -13.65 19.76
N PHE N 340 40.35 -13.38 21.04
CA PHE N 340 40.76 -14.33 22.08
C PHE N 340 39.81 -14.13 23.25
N ASN N 341 39.17 -15.18 23.69
CA ASN N 341 38.25 -15.05 24.83
C ASN N 341 38.63 -16.11 25.84
N VAL N 342 38.64 -15.79 27.12
CA VAL N 342 38.57 -16.84 28.17
C VAL N 342 37.69 -16.35 29.31
N GLY N 343 36.43 -16.75 29.24
CA GLY N 343 35.30 -16.11 29.92
C GLY N 343 34.05 -16.80 29.50
N GLN N 344 32.97 -16.08 29.25
CA GLN N 344 31.73 -16.87 29.16
C GLN N 344 30.59 -16.06 28.56
N GLU N 345 29.63 -16.83 28.03
CA GLU N 345 28.35 -16.39 27.41
C GLU N 345 27.25 -16.49 28.47
N VAL N 346 26.72 -15.34 28.87
CA VAL N 346 25.60 -15.21 29.82
C VAL N 346 24.47 -14.49 29.11
N PRO N 347 23.24 -14.83 29.44
CA PRO N 347 22.12 -14.15 28.83
C PRO N 347 21.87 -12.78 29.47
N VAL N 348 21.51 -11.79 28.64
CA VAL N 348 21.09 -10.43 29.07
C VAL N 348 19.73 -10.13 28.44
N GLN N 349 18.81 -9.51 29.17
CA GLN N 349 17.47 -9.16 28.64
C GLN N 349 17.61 -8.04 27.60
N THR N 350 16.60 -7.86 26.77
CA THR N 350 16.54 -6.77 25.76
C THR N 350 15.11 -6.61 25.23
N THR N 364 12.43 -12.44 26.09
CA THR N 364 13.50 -12.11 25.12
C THR N 364 14.84 -11.90 25.87
N ILE N 365 15.87 -12.65 25.50
CA ILE N 365 17.22 -12.60 26.14
C ILE N 365 18.27 -12.48 25.03
N GLU N 366 19.55 -12.54 25.41
CA GLU N 366 20.71 -12.38 24.48
C GLU N 366 21.98 -12.94 25.13
N ARG N 367 22.92 -13.38 24.31
CA ARG N 367 24.17 -14.01 24.77
C ARG N 367 25.28 -12.96 24.68
N LYS N 368 26.03 -12.75 25.75
CA LYS N 368 27.17 -11.81 25.79
C LYS N 368 28.40 -12.55 26.31
N THR N 369 29.52 -12.49 25.59
CA THR N 369 30.80 -13.11 26.01
C THR N 369 31.51 -12.16 26.98
N VAL N 370 31.44 -12.46 28.28
CA VAL N 370 32.11 -11.68 29.36
C VAL N 370 33.11 -12.60 30.05
N GLY N 371 34.38 -12.24 29.98
CA GLY N 371 35.50 -12.96 30.60
C GLY N 371 36.76 -12.19 30.30
N THR N 372 37.91 -12.83 30.35
CA THR N 372 39.14 -12.17 29.85
C THR N 372 39.06 -12.18 28.31
N LYS N 373 38.85 -11.02 27.70
CA LYS N 373 38.81 -10.89 26.23
C LYS N 373 39.96 -10.02 25.78
N LEU N 374 40.57 -10.46 24.72
CA LEU N 374 41.47 -9.63 23.95
C LEU N 374 40.94 -9.73 22.53
N VAL N 375 40.57 -8.61 21.96
CA VAL N 375 40.32 -8.57 20.51
C VAL N 375 41.38 -7.69 19.91
N LEU N 376 42.19 -8.23 19.04
CA LEU N 376 43.31 -7.40 18.58
C LEU N 376 43.48 -7.63 17.09
N THR N 377 43.64 -6.54 16.35
CA THR N 377 44.06 -6.52 14.94
C THR N 377 45.39 -5.81 14.86
N PRO N 378 46.52 -6.52 15.01
CA PRO N 378 47.83 -5.95 14.71
C PRO N 378 48.10 -5.55 13.26
N GLN N 379 48.98 -4.56 13.09
CA GLN N 379 49.41 -4.00 11.79
C GLN N 379 50.90 -3.66 11.90
N ILE N 380 51.74 -4.11 10.97
CA ILE N 380 53.22 -4.08 11.18
C ILE N 380 53.86 -2.95 10.37
N ASN N 381 54.60 -2.08 11.06
CA ASN N 381 55.61 -1.16 10.45
C ASN N 381 56.69 -2.04 9.83
N GLU N 382 56.98 -1.86 8.54
CA GLU N 382 57.98 -2.63 7.77
C GLU N 382 59.06 -3.23 8.68
N GLY N 383 59.60 -2.44 9.63
CA GLY N 383 60.84 -2.73 10.40
C GLY N 383 60.62 -3.40 11.76
N ASP N 384 60.02 -2.69 12.73
CA ASP N 384 59.95 -3.18 14.15
C ASP N 384 58.54 -2.98 14.70
N SER N 385 58.09 -1.74 14.74
CA SER N 385 57.07 -1.28 15.70
C SER N 385 55.65 -1.62 15.23
N VAL N 386 54.91 -2.29 16.12
CA VAL N 386 53.54 -2.79 15.83
C VAL N 386 52.52 -1.71 16.18
N LEU N 387 51.60 -1.41 15.25
CA LEU N 387 50.33 -0.71 15.54
C LEU N 387 49.33 -1.75 15.99
N LEU N 388 48.85 -1.65 17.24
CA LEU N 388 47.91 -2.61 17.83
C LEU N 388 46.57 -1.92 18.04
N THR N 389 45.53 -2.35 17.35
CA THR N 389 44.16 -1.88 17.67
C THR N 389 43.59 -2.84 18.69
N ILE N 390 43.47 -2.38 19.93
CA ILE N 390 43.05 -3.24 21.07
C ILE N 390 41.64 -2.83 21.48
N GLU N 391 40.79 -3.82 21.64
CA GLU N 391 39.54 -3.69 22.42
C GLU N 391 39.57 -4.83 23.43
N GLN N 392 39.80 -4.53 24.70
CA GLN N 392 39.88 -5.59 25.72
C GLN N 392 39.15 -5.16 26.99
N GLU N 393 38.86 -6.15 27.81
CA GLU N 393 38.24 -5.89 29.10
C GLU N 393 38.34 -7.13 29.95
N VAL N 394 38.30 -6.96 31.25
CA VAL N 394 38.13 -8.07 32.21
C VAL N 394 36.80 -7.82 32.89
N SER N 395 35.80 -8.62 32.54
CA SER N 395 34.43 -8.37 33.00
C SER N 395 33.85 -9.63 33.63
N SER N 396 32.83 -9.46 34.44
CA SER N 396 32.31 -10.55 35.29
C SER N 396 30.85 -10.28 35.61
N VAL N 397 30.11 -11.34 35.87
CA VAL N 397 28.67 -11.24 36.22
C VAL N 397 28.54 -11.22 37.75
N GLY N 398 29.39 -10.44 38.44
CA GLY N 398 29.46 -10.46 39.91
C GLY N 398 29.49 -11.89 40.43
N LYS N 399 28.38 -12.38 41.02
CA LYS N 399 28.20 -13.75 41.58
C LYS N 399 27.08 -14.49 40.83
N GLN N 400 27.36 -15.69 40.30
CA GLN N 400 26.41 -16.57 39.57
C GLN N 400 25.20 -16.95 40.44
N ALA N 401 25.18 -16.54 41.71
CA ALA N 401 24.10 -16.84 42.70
C ALA N 401 23.63 -15.57 43.42
N THR N 402 23.95 -14.40 42.84
CA THR N 402 23.60 -13.03 43.34
C THR N 402 22.75 -12.31 42.28
N GLY N 403 21.78 -11.52 42.74
CA GLY N 403 20.90 -10.71 41.87
C GLY N 403 21.48 -9.33 41.61
N THR N 404 20.59 -8.42 41.19
CA THR N 404 20.91 -7.02 40.80
C THR N 404 19.78 -6.14 41.38
N ASP N 405 19.98 -4.82 41.54
CA ASP N 405 18.87 -3.86 41.88
C ASP N 405 18.06 -3.57 40.62
N GLY N 406 18.64 -3.84 39.45
CA GLY N 406 17.97 -3.79 38.14
C GLY N 406 17.26 -5.09 37.77
N LEU N 407 17.44 -5.58 36.55
CA LEU N 407 16.51 -6.56 35.95
C LEU N 407 17.27 -7.74 35.31
N GLY N 408 18.31 -7.48 34.53
CA GLY N 408 19.17 -8.55 33.98
C GLY N 408 20.42 -8.76 34.83
N PRO N 409 21.42 -9.52 34.33
CA PRO N 409 22.72 -9.62 34.97
C PRO N 409 23.53 -8.32 34.84
N THR N 410 24.44 -8.04 35.76
CA THR N 410 25.37 -6.87 35.66
C THR N 410 26.80 -7.34 35.46
N PHE N 411 27.70 -6.45 35.04
CA PHE N 411 29.08 -6.86 34.74
C PHE N 411 30.09 -5.90 35.33
N ASP N 412 31.08 -6.42 36.03
CA ASP N 412 32.30 -5.64 36.39
C ASP N 412 33.30 -5.79 35.26
N THR N 413 33.58 -4.69 34.59
CA THR N 413 34.44 -4.69 33.39
C THR N 413 35.62 -3.77 33.63
N ARG N 414 36.75 -4.18 33.09
CA ARG N 414 37.90 -3.28 32.93
C ARG N 414 38.31 -3.35 31.48
N THR N 415 38.14 -2.25 30.80
CA THR N 415 38.14 -2.22 29.36
C THR N 415 39.16 -1.21 28.92
N VAL N 416 39.67 -1.39 27.74
CA VAL N 416 40.49 -0.34 27.15
C VAL N 416 40.48 -0.68 25.69
N LYS N 417 39.94 0.21 24.87
CA LYS N 417 39.99 0.08 23.40
C LYS N 417 40.75 1.28 22.88
N ASN N 418 41.89 1.00 22.27
CA ASN N 418 42.74 2.05 21.70
C ASN N 418 43.61 1.44 20.61
N ALA N 419 44.11 2.29 19.76
CA ALA N 419 45.27 1.94 18.95
C ALA N 419 46.49 2.52 19.63
N VAL N 420 47.52 1.71 19.70
CA VAL N 420 48.85 2.04 20.28
C VAL N 420 49.88 1.59 19.26
N LEU N 421 51.00 2.28 19.16
CA LEU N 421 52.09 1.80 18.30
C LEU N 421 53.36 1.62 19.13
N VAL N 422 53.80 0.39 19.21
CA VAL N 422 54.86 -0.05 20.16
C VAL N 422 55.95 -0.76 19.38
N LYS N 423 57.18 -0.60 19.85
CA LYS N 423 58.41 -1.23 19.31
C LYS N 423 58.32 -2.74 19.51
N SER N 424 58.97 -3.50 18.63
CA SER N 424 58.71 -4.96 18.45
C SER N 424 59.15 -5.74 19.70
N GLY N 425 59.96 -5.16 20.59
CA GLY N 425 60.47 -5.89 21.77
C GLY N 425 59.85 -5.40 23.07
N GLU N 426 59.24 -4.22 23.07
CA GLU N 426 59.07 -3.39 24.28
C GLU N 426 57.71 -3.63 24.93
N THR N 427 57.68 -3.63 26.26
CA THR N 427 56.44 -3.79 27.06
C THR N 427 55.99 -2.41 27.51
N VAL N 428 54.74 -2.05 27.26
CA VAL N 428 54.32 -0.62 27.42
C VAL N 428 52.99 -0.51 28.11
N VAL N 429 52.65 0.73 28.43
CA VAL N 429 51.36 1.07 29.06
C VAL N 429 50.35 1.35 27.97
N LEU N 430 49.23 0.63 27.96
CA LEU N 430 48.06 0.93 27.12
C LEU N 430 47.29 2.07 27.78
N GLY N 431 47.08 1.89 29.09
CA GLY N 431 46.21 2.73 29.92
C GLY N 431 46.28 2.31 31.37
N GLY N 432 45.36 2.80 32.18
CA GLY N 432 45.38 2.51 33.62
C GLY N 432 44.48 3.46 34.36
N LEU N 433 44.04 3.02 35.53
CA LEU N 433 43.21 3.81 36.47
C LEU N 433 43.75 3.58 37.87
N MET N 434 44.15 4.67 38.51
CA MET N 434 44.60 4.69 39.92
C MET N 434 43.53 5.46 40.70
N ASP N 435 42.75 4.75 41.49
CA ASP N 435 41.52 5.27 42.11
C ASP N 435 41.70 5.18 43.62
N GLU N 436 41.37 6.24 44.33
CA GLU N 436 41.57 6.32 45.79
C GLU N 436 40.32 6.92 46.42
N GLN N 437 39.79 6.26 47.42
CA GLN N 437 38.52 6.64 48.09
C GLN N 437 38.71 6.63 49.60
N THR N 438 38.19 7.62 50.28
CA THR N 438 38.26 7.71 51.75
C THR N 438 37.00 8.39 52.28
N LYS N 439 36.14 7.63 52.95
CA LYS N 439 34.92 8.16 53.58
C LYS N 439 35.13 8.15 55.09
N GLU N 440 34.87 9.28 55.73
CA GLU N 440 34.98 9.43 57.20
C GLU N 440 33.63 9.91 57.76
N GLU N 441 33.17 9.24 58.81
CA GLU N 441 31.90 9.57 59.51
C GLU N 441 32.13 9.55 61.02
N VAL N 442 31.50 10.47 61.72
CA VAL N 442 31.39 10.44 63.21
C VAL N 442 29.96 10.78 63.60
N SER N 443 29.46 10.10 64.61
CA SER N 443 28.22 10.44 65.35
C SER N 443 28.66 10.81 66.76
N LYS N 444 28.80 12.10 67.02
CA LYS N 444 29.36 12.56 68.30
C LYS N 444 28.33 13.44 69.02
N VAL N 445 28.59 13.69 70.29
CA VAL N 445 27.81 14.66 71.09
C VAL N 445 28.47 16.01 70.90
N PRO N 446 27.69 17.05 70.52
CA PRO N 446 28.19 18.30 69.96
C PRO N 446 29.47 18.87 70.59
N LEU N 447 29.39 19.22 71.86
CA LEU N 447 30.49 19.94 72.56
C LEU N 447 31.49 18.88 73.04
N LEU N 448 31.00 17.79 73.61
CA LEU N 448 31.82 16.80 74.35
C LEU N 448 32.64 16.01 73.32
N GLY N 449 32.07 15.75 72.15
CA GLY N 449 32.73 14.94 71.11
C GLY N 449 33.98 15.62 70.60
N ASP N 450 34.16 16.90 70.90
CA ASP N 450 35.26 17.73 70.32
C ASP N 450 36.40 17.90 71.33
N ILE N 451 36.26 17.40 72.56
CA ILE N 451 37.39 17.37 73.54
C ILE N 451 38.49 16.54 72.89
N PRO N 452 39.72 17.07 72.64
CA PRO N 452 40.65 16.46 71.69
C PRO N 452 40.98 14.98 71.96
N VAL N 453 41.08 14.56 73.23
CA VAL N 453 41.34 13.14 73.59
C VAL N 453 40.09 12.51 74.21
N LEU N 454 39.58 12.99 75.35
CA LEU N 454 38.37 12.42 76.01
C LEU N 454 37.23 12.28 75.00
N GLY N 455 37.15 13.22 74.05
CA GLY N 455 36.03 13.35 73.09
C GLY N 455 35.76 12.07 72.33
N TYR N 456 36.76 11.20 72.17
CA TYR N 456 36.63 9.92 71.42
C TYR N 456 35.70 8.99 72.20
N LEU N 457 35.42 9.31 73.46
CA LEU N 457 34.49 8.50 74.27
C LEU N 457 33.04 8.84 73.88
N PHE N 458 32.80 10.05 73.38
CA PHE N 458 31.43 10.47 72.99
C PHE N 458 31.17 10.07 71.54
N ARG N 459 32.21 10.08 70.70
CA ARG N 459 32.08 9.89 69.23
C ARG N 459 32.09 8.40 68.89
N SER N 460 31.24 8.01 67.95
CA SER N 460 31.24 6.68 67.29
C SER N 460 31.76 6.90 65.87
N THR N 461 33.03 6.70 65.65
CA THR N 461 33.59 7.03 64.33
C THR N 461 33.48 5.81 63.44
N SER N 462 33.19 6.02 62.16
CA SER N 462 33.29 4.99 61.09
C SER N 462 34.14 5.54 59.95
N ASN N 463 35.32 4.97 59.76
CA ASN N 463 36.26 5.41 58.69
C ASN N 463 36.31 4.31 57.62
N ASN N 464 36.61 4.69 56.39
CA ASN N 464 36.77 3.70 55.30
C ASN N 464 37.82 4.25 54.35
N THR N 465 38.60 3.37 53.74
CA THR N 465 39.60 3.74 52.71
C THR N 465 39.74 2.60 51.72
N SER N 466 40.16 2.93 50.50
CA SER N 466 40.37 1.97 49.40
C SER N 466 41.41 2.51 48.43
N LYS N 467 41.95 1.60 47.64
CA LYS N 467 42.97 1.86 46.62
C LYS N 467 42.80 0.82 45.53
N ARG N 468 42.86 1.24 44.29
CA ARG N 468 42.95 0.32 43.15
C ARG N 468 43.94 0.94 42.18
N ASN N 469 45.00 0.23 41.84
CA ASN N 469 45.95 0.69 40.81
C ASN N 469 45.93 -0.35 39.70
N LEU N 470 45.33 0.00 38.56
CA LEU N 470 45.16 -0.92 37.42
C LEU N 470 46.04 -0.42 36.28
N MET N 471 46.88 -1.29 35.75
CA MET N 471 47.80 -0.96 34.63
C MET N 471 47.66 -2.02 33.55
N VAL N 472 47.45 -1.60 32.30
CA VAL N 472 47.30 -2.54 31.16
C VAL N 472 48.53 -2.39 30.26
N PHE N 473 49.41 -3.38 30.24
CA PHE N 473 50.64 -3.38 29.42
C PHE N 473 50.49 -4.34 28.23
N ILE N 474 51.04 -3.98 27.08
CA ILE N 474 51.00 -4.81 25.84
C ILE N 474 52.42 -4.92 25.30
N ARG N 475 52.92 -6.13 25.07
CA ARG N 475 54.30 -6.36 24.59
C ARG N 475 54.26 -7.15 23.29
N PRO N 476 54.23 -6.47 22.12
CA PRO N 476 54.23 -7.17 20.85
C PRO N 476 55.61 -7.74 20.59
N THR N 477 55.64 -8.71 19.69
CA THR N 477 56.83 -9.51 19.35
C THR N 477 56.64 -10.01 17.94
N ILE N 478 57.51 -9.63 17.03
CA ILE N 478 57.25 -9.97 15.61
C ILE N 478 58.14 -11.12 15.16
N LEU N 479 57.47 -12.05 14.49
CA LEU N 479 58.01 -13.28 13.88
C LEU N 479 58.12 -13.02 12.37
N ARG N 480 59.32 -12.83 11.85
CA ARG N 480 59.55 -12.52 10.42
C ARG N 480 59.57 -13.81 9.60
N ASP N 481 60.17 -14.87 10.16
CA ASP N 481 60.24 -16.20 9.50
C ASP N 481 59.83 -17.26 10.53
N ALA N 482 59.80 -18.53 10.13
CA ALA N 482 59.31 -19.68 10.94
C ALA N 482 60.27 -19.97 12.09
N ASN N 483 61.57 -19.98 11.83
CA ASN N 483 62.61 -20.38 12.82
C ASN N 483 62.52 -19.53 14.09
N VAL N 484 62.08 -18.27 13.99
CA VAL N 484 61.92 -17.40 15.20
C VAL N 484 60.62 -17.81 15.93
N TYR N 485 59.71 -18.47 15.21
CA TYR N 485 58.34 -18.77 15.70
C TYR N 485 58.34 -20.15 16.34
N SER N 486 59.36 -20.96 16.08
CA SER N 486 59.55 -22.20 16.86
C SER N 486 60.10 -21.80 18.24
N GLY N 487 61.21 -21.08 18.25
CA GLY N 487 61.92 -20.67 19.48
C GLY N 487 60.99 -19.95 20.42
N ILE N 488 60.10 -19.12 19.88
CA ILE N 488 59.14 -18.33 20.68
C ILE N 488 58.07 -19.29 21.24
N SER N 489 57.66 -20.25 20.43
CA SER N 489 56.64 -21.26 20.80
C SER N 489 57.29 -22.34 21.67
N SER N 490 58.55 -22.66 21.40
CA SER N 490 59.28 -23.71 22.14
C SER N 490 59.51 -23.27 23.58
N ASN N 491 59.71 -21.97 23.81
CA ASN N 491 60.01 -21.46 25.18
C ASN N 491 58.71 -21.41 25.99
N LYS N 492 57.56 -21.26 25.33
CA LYS N 492 56.25 -21.30 26.02
C LYS N 492 55.84 -22.76 26.16
N TYR N 493 56.18 -23.59 25.19
CA TYR N 493 55.87 -25.04 25.22
C TYR N 493 56.66 -25.70 26.35
N THR N 494 57.91 -25.27 26.51
CA THR N 494 58.83 -25.84 27.52
C THR N 494 58.54 -25.21 28.89
N LEU N 495 58.33 -23.89 28.96
CA LEU N 495 58.04 -23.22 30.26
C LEU N 495 56.73 -23.78 30.79
N PHE N 496 55.83 -24.21 29.91
CA PHE N 496 54.56 -24.87 30.31
C PHE N 496 54.87 -26.30 30.75
N ARG N 497 55.73 -26.98 30.00
CA ARG N 497 56.12 -28.38 30.29
C ARG N 497 56.86 -28.42 31.62
N ALA N 498 57.83 -27.50 31.77
CA ALA N 498 58.68 -27.38 32.97
C ALA N 498 57.80 -27.02 34.18
N GLN N 499 56.64 -26.41 33.94
CA GLN N 499 55.71 -26.04 35.04
C GLN N 499 54.94 -27.28 35.46
N GLN N 500 54.55 -28.11 34.48
CA GLN N 500 53.84 -29.39 34.77
C GLN N 500 54.79 -30.31 35.53
N LEU N 501 56.06 -30.39 35.12
CA LEU N 501 57.04 -31.31 35.77
C LEU N 501 57.33 -30.82 37.19
N ASP N 502 57.24 -29.52 37.42
CA ASP N 502 57.41 -28.92 38.78
C ASP N 502 56.22 -29.34 39.66
N ALA N 503 55.01 -29.37 39.08
CA ALA N 503 53.75 -29.70 39.78
C ALA N 503 53.71 -31.19 40.11
N VAL N 504 54.36 -32.01 39.28
CA VAL N 504 54.47 -33.48 39.52
C VAL N 504 55.36 -33.71 40.75
N ALA N 505 56.44 -32.92 40.90
CA ALA N 505 57.43 -33.09 41.99
C ALA N 505 56.90 -32.52 43.32
N GLN N 506 55.71 -31.91 43.33
CA GLN N 506 54.96 -31.59 44.59
C GLN N 506 53.89 -32.67 44.81
N GLU N 507 53.16 -33.06 43.76
CA GLU N 507 52.11 -34.11 43.83
C GLU N 507 52.78 -35.45 44.19
N GLY N 508 54.00 -35.69 43.70
CA GLY N 508 54.79 -36.88 44.06
C GLY N 508 55.11 -36.87 45.55
N TYR N 509 55.41 -35.69 46.08
CA TYR N 509 55.71 -35.48 47.51
C TYR N 509 54.46 -35.76 48.35
N ALA N 510 53.31 -35.21 47.92
CA ALA N 510 52.02 -35.29 48.64
C ALA N 510 51.44 -36.71 48.53
N THR N 511 51.71 -37.43 47.43
CA THR N 511 51.19 -38.80 47.15
C THR N 511 49.66 -38.77 46.94
N SER N 512 49.14 -39.77 46.24
CA SER N 512 47.69 -40.03 46.04
C SER N 512 47.01 -38.97 45.18
N PRO N 513 47.71 -38.22 44.28
CA PRO N 513 47.06 -37.43 43.23
C PRO N 513 47.83 -37.39 41.90
N ASP N 514 47.17 -37.04 40.78
CA ASP N 514 47.91 -36.98 39.48
C ASP N 514 47.70 -35.68 38.70
N ARG N 515 48.81 -35.02 38.40
CA ARG N 515 48.91 -33.96 37.37
C ARG N 515 49.66 -34.58 36.19
N GLN N 516 49.08 -34.62 34.99
CA GLN N 516 49.74 -35.35 33.88
C GLN N 516 50.34 -34.39 32.88
N VAL N 517 51.49 -34.79 32.37
CA VAL N 517 52.42 -33.85 31.71
C VAL N 517 52.49 -34.18 30.22
N LEU N 518 52.34 -33.09 29.49
CA LEU N 518 52.80 -32.78 28.13
C LEU N 518 54.19 -33.35 27.84
N PRO N 519 54.37 -34.00 26.67
CA PRO N 519 55.66 -34.61 26.37
C PRO N 519 56.71 -33.54 26.06
N GLU N 520 57.79 -33.94 25.39
CA GLU N 520 58.83 -32.99 24.94
C GLU N 520 58.50 -32.53 23.53
N TYR N 521 59.04 -31.39 23.13
CA TYR N 521 58.72 -30.74 21.83
C TYR N 521 59.09 -31.69 20.68
N GLY N 522 58.09 -31.99 19.84
CA GLY N 522 58.26 -32.65 18.54
C GLY N 522 58.26 -34.16 18.65
N GLN N 523 57.85 -34.70 19.81
CA GLN N 523 57.88 -36.15 20.09
C GLN N 523 56.47 -36.75 19.95
N ASP N 524 55.41 -35.91 20.02
CA ASP N 524 54.00 -36.33 20.21
C ASP N 524 53.96 -37.47 21.24
N GLY O 1 11.61 -28.98 -97.98
CA GLY O 1 12.53 -28.07 -98.74
C GLY O 1 11.99 -26.66 -98.85
N ASP O 2 11.02 -26.46 -99.75
CA ASP O 2 10.41 -25.13 -100.01
C ASP O 2 9.10 -25.00 -99.23
N GLU O 3 8.82 -25.96 -98.34
CA GLU O 3 7.51 -26.07 -97.64
C GLU O 3 7.39 -24.93 -96.63
N MET O 4 6.47 -23.99 -96.89
CA MET O 4 6.27 -22.78 -96.05
C MET O 4 5.31 -23.14 -94.92
N VAL O 5 5.84 -23.19 -93.69
CA VAL O 5 5.06 -23.53 -92.47
C VAL O 5 5.50 -22.61 -91.35
N THR O 6 4.62 -22.39 -90.37
CA THR O 6 4.91 -21.64 -89.13
C THR O 6 5.18 -22.64 -88.02
N ARG O 7 6.30 -22.49 -87.31
CA ARG O 7 6.60 -23.31 -86.12
C ARG O 7 7.32 -22.43 -85.09
N VAL O 8 7.09 -22.75 -83.81
CA VAL O 8 7.32 -21.83 -82.67
C VAL O 8 8.10 -22.57 -81.58
N VAL O 9 9.27 -22.04 -81.24
CA VAL O 9 10.10 -22.54 -80.10
C VAL O 9 10.36 -21.36 -79.17
N PRO O 10 10.02 -21.49 -77.86
CA PRO O 10 10.48 -20.52 -76.86
C PRO O 10 11.99 -20.64 -76.58
N VAL O 11 12.58 -19.53 -76.16
CA VAL O 11 13.84 -19.52 -75.35
C VAL O 11 13.42 -19.25 -73.91
N ARG O 12 13.33 -20.30 -73.08
CA ARG O 12 12.83 -20.19 -71.69
C ARG O 12 13.91 -19.55 -70.82
N ASN O 13 15.16 -20.02 -70.98
CA ASN O 13 16.36 -19.62 -70.19
C ASN O 13 16.55 -18.10 -70.28
N VAL O 14 16.49 -17.55 -71.48
CA VAL O 14 16.79 -16.12 -71.75
C VAL O 14 15.55 -15.49 -72.38
N SER O 15 15.43 -14.16 -72.33
CA SER O 15 14.42 -13.43 -73.11
C SER O 15 14.79 -13.54 -74.60
N VAL O 16 13.85 -13.99 -75.43
CA VAL O 16 14.11 -14.35 -76.86
C VAL O 16 14.48 -13.09 -77.65
N ARG O 17 14.35 -11.91 -77.04
CA ARG O 17 14.50 -10.57 -77.68
C ARG O 17 15.85 -10.48 -78.41
N GLU O 18 16.84 -11.30 -77.99
CA GLU O 18 18.25 -11.20 -78.43
C GLU O 18 18.42 -11.83 -79.83
N LEU O 19 17.42 -12.53 -80.36
CA LEU O 19 17.55 -13.21 -81.68
C LEU O 19 16.87 -12.38 -82.78
N ALA O 20 16.41 -11.17 -82.46
CA ALA O 20 15.65 -10.31 -83.39
C ALA O 20 16.53 -9.88 -84.57
N PRO O 21 17.75 -9.34 -84.35
CA PRO O 21 18.70 -9.14 -85.45
C PRO O 21 19.01 -10.43 -86.23
N LEU O 22 19.24 -11.52 -85.49
CA LEU O 22 19.70 -12.84 -85.98
C LEU O 22 18.63 -13.44 -86.92
N LEU O 23 17.39 -13.54 -86.46
CA LEU O 23 16.39 -14.45 -87.11
C LEU O 23 15.66 -13.70 -88.21
N ARG O 24 15.34 -12.42 -88.02
CA ARG O 24 14.83 -11.55 -89.10
C ARG O 24 15.99 -11.27 -90.06
N GLN O 25 17.22 -11.44 -89.59
CA GLN O 25 18.41 -11.45 -90.47
C GLN O 25 18.39 -12.75 -91.28
N LEU O 26 17.81 -13.83 -90.73
CA LEU O 26 17.70 -15.14 -91.45
C LEU O 26 16.53 -15.08 -92.44
N ASN O 27 15.52 -14.27 -92.15
CA ASN O 27 14.58 -13.79 -93.20
C ASN O 27 15.43 -13.10 -94.27
N ASP O 28 16.27 -12.16 -93.83
CA ASP O 28 17.14 -11.31 -94.69
C ASP O 28 18.28 -12.16 -95.29
N ASN O 29 18.40 -13.44 -94.88
CA ASN O 29 19.51 -14.34 -95.33
C ASN O 29 19.23 -14.80 -96.77
N ALA O 30 17.99 -15.18 -97.09
CA ALA O 30 17.62 -15.79 -98.40
C ALA O 30 16.21 -15.36 -98.83
N GLY O 31 15.79 -15.85 -100.00
CA GLY O 31 14.48 -15.56 -100.62
C GLY O 31 13.37 -15.54 -99.58
N GLY O 32 12.65 -14.40 -99.51
CA GLY O 32 11.70 -14.05 -98.42
C GLY O 32 10.43 -14.88 -98.44
N GLY O 33 9.42 -14.43 -97.68
CA GLY O 33 8.24 -15.22 -97.27
C GLY O 33 8.35 -15.64 -95.82
N ASN O 34 9.18 -14.93 -95.05
CA ASN O 34 9.50 -15.30 -93.64
C ASN O 34 8.84 -14.31 -92.68
N VAL O 35 8.51 -14.80 -91.47
CA VAL O 35 8.13 -13.97 -90.29
C VAL O 35 8.87 -14.51 -89.07
N VAL O 36 9.45 -13.63 -88.28
CA VAL O 36 9.99 -13.94 -86.93
C VAL O 36 9.38 -12.91 -85.98
N HIS O 37 8.94 -13.34 -84.78
CA HIS O 37 8.45 -12.39 -83.74
C HIS O 37 8.49 -13.02 -82.34
N TYR O 38 8.27 -12.17 -81.32
CA TYR O 38 8.73 -12.39 -79.93
C TYR O 38 7.63 -12.06 -78.94
N ASP O 39 7.35 -12.99 -78.05
CA ASP O 39 6.40 -12.76 -76.94
C ASP O 39 7.23 -12.32 -75.75
N PRO O 40 6.72 -11.38 -74.92
CA PRO O 40 7.36 -11.09 -73.64
C PRO O 40 7.32 -12.39 -72.80
N SER O 41 6.31 -13.23 -73.04
CA SER O 41 6.16 -14.60 -72.47
C SER O 41 7.31 -15.47 -72.98
N ASN O 42 8.08 -14.93 -73.92
CA ASN O 42 9.43 -15.40 -74.31
C ASN O 42 9.32 -16.73 -75.07
N VAL O 43 8.27 -16.85 -75.89
CA VAL O 43 8.23 -17.84 -77.00
C VAL O 43 8.60 -17.12 -78.29
N LEU O 44 9.29 -17.83 -79.18
CA LEU O 44 9.77 -17.27 -80.47
C LEU O 44 8.99 -17.94 -81.59
N LEU O 45 8.13 -17.17 -82.28
CA LEU O 45 7.21 -17.72 -83.30
C LEU O 45 7.79 -17.44 -84.69
N ILE O 46 7.78 -18.46 -85.55
CA ILE O 46 8.39 -18.39 -86.91
C ILE O 46 7.38 -18.78 -87.98
N THR O 47 7.60 -18.26 -89.18
CA THR O 47 6.93 -18.62 -90.45
C THR O 47 8.00 -18.65 -91.56
N GLY O 48 8.01 -19.68 -92.40
CA GLY O 48 8.95 -19.74 -93.53
C GLY O 48 9.07 -21.12 -94.13
N ARG O 49 9.82 -21.21 -95.22
CA ARG O 49 10.07 -22.46 -95.98
C ARG O 49 10.96 -23.37 -95.13
N ALA O 50 10.93 -24.67 -95.44
CA ALA O 50 11.39 -25.78 -94.57
C ALA O 50 12.85 -25.59 -94.16
N ALA O 51 13.72 -25.14 -95.07
CA ALA O 51 15.18 -25.01 -94.82
C ALA O 51 15.45 -23.78 -93.95
N VAL O 52 15.01 -22.60 -94.39
CA VAL O 52 15.21 -21.31 -93.67
C VAL O 52 14.75 -21.53 -92.21
N VAL O 53 13.65 -22.26 -92.04
CA VAL O 53 13.08 -22.56 -90.69
C VAL O 53 13.91 -23.66 -90.01
N ASN O 54 14.49 -24.59 -90.78
CA ASN O 54 15.42 -25.61 -90.21
C ASN O 54 16.49 -24.87 -89.40
N ARG O 55 17.20 -23.92 -90.02
CA ARG O 55 18.36 -23.21 -89.42
C ARG O 55 17.87 -22.10 -88.49
N LEU O 56 16.63 -21.60 -88.67
CA LEU O 56 16.00 -20.62 -87.74
C LEU O 56 15.76 -21.32 -86.41
N VAL O 57 14.94 -22.38 -86.43
CA VAL O 57 14.56 -23.16 -85.22
C VAL O 57 15.84 -23.76 -84.64
N GLU O 58 16.81 -24.14 -85.49
CA GLU O 58 18.19 -24.49 -85.05
C GLU O 58 18.68 -23.38 -84.12
N VAL O 59 18.68 -22.13 -84.59
CA VAL O 59 19.14 -20.96 -83.78
C VAL O 59 18.36 -20.96 -82.46
N VAL O 60 17.06 -21.24 -82.50
CA VAL O 60 16.15 -20.94 -81.35
C VAL O 60 16.38 -21.98 -80.25
N ARG O 61 16.25 -23.28 -80.58
CA ARG O 61 16.52 -24.38 -79.63
C ARG O 61 17.95 -24.19 -79.12
N ARG O 62 18.86 -23.80 -80.02
CA ARG O 62 20.28 -23.55 -79.67
C ARG O 62 20.33 -22.53 -78.54
N VAL O 63 19.94 -21.27 -78.81
CA VAL O 63 19.89 -20.18 -77.78
C VAL O 63 19.13 -20.70 -76.55
N ASP O 64 18.21 -21.64 -76.76
CA ASP O 64 17.38 -22.23 -75.67
C ASP O 64 18.26 -23.12 -74.78
N LYS O 65 19.08 -23.97 -75.38
CA LYS O 65 19.96 -24.94 -74.68
C LYS O 65 21.29 -24.28 -74.33
N ALA O 66 21.52 -23.07 -74.86
CA ALA O 66 22.79 -22.32 -74.69
C ALA O 66 22.92 -21.91 -73.23
N GLY O 67 21.79 -21.49 -72.63
CA GLY O 67 21.74 -20.94 -71.26
C GLY O 67 20.90 -21.80 -70.33
N ASP O 68 21.34 -23.04 -70.05
CA ASP O 68 20.58 -24.00 -69.19
C ASP O 68 20.64 -23.51 -67.73
N GLN O 69 19.60 -23.83 -66.95
CA GLN O 69 19.51 -23.42 -65.52
C GLN O 69 18.59 -24.40 -64.79
N GLU O 70 19.12 -25.56 -64.40
CA GLU O 70 18.35 -26.62 -63.74
C GLU O 70 18.76 -26.69 -62.26
N VAL O 71 18.02 -27.47 -61.49
CA VAL O 71 18.34 -27.75 -60.06
C VAL O 71 18.70 -29.22 -59.90
N ASP O 72 19.67 -29.46 -59.00
CA ASP O 72 20.13 -30.78 -58.51
C ASP O 72 20.06 -30.83 -56.99
N ILE O 73 19.47 -31.90 -56.46
CA ILE O 73 19.41 -32.13 -55.00
C ILE O 73 20.11 -33.45 -54.69
N ILE O 74 21.19 -33.39 -53.93
CA ILE O 74 21.79 -34.61 -53.32
C ILE O 74 21.97 -34.37 -51.82
N LYS O 75 21.65 -35.39 -51.01
CA LYS O 75 21.67 -35.35 -49.54
C LYS O 75 23.07 -35.01 -49.02
N LEU O 76 23.13 -34.12 -48.03
CA LEU O 76 24.33 -33.94 -47.15
C LEU O 76 24.09 -34.76 -45.89
N LYS O 77 25.05 -35.60 -45.53
CA LYS O 77 24.92 -36.48 -44.35
C LYS O 77 25.55 -35.80 -43.13
N TYR O 78 26.52 -34.88 -43.33
CA TYR O 78 27.41 -34.39 -42.24
C TYR O 78 27.21 -32.89 -41.97
N ALA O 79 28.10 -32.00 -42.41
CA ALA O 79 28.15 -30.60 -41.91
C ALA O 79 26.95 -29.77 -42.39
N SER O 80 26.54 -28.85 -41.53
CA SER O 80 25.21 -28.17 -41.52
C SER O 80 24.98 -27.46 -42.86
N ALA O 81 23.75 -27.58 -43.38
CA ALA O 81 23.32 -26.94 -44.64
C ALA O 81 23.41 -25.42 -44.49
N GLY O 82 23.09 -24.89 -43.31
CA GLY O 82 23.14 -23.46 -42.96
C GLY O 82 24.57 -22.91 -42.91
N GLU O 83 25.52 -23.68 -42.40
CA GLU O 83 26.95 -23.35 -42.45
C GLU O 83 27.38 -23.44 -43.91
N MET O 84 26.94 -24.51 -44.58
CA MET O 84 27.17 -24.73 -46.03
C MET O 84 26.74 -23.44 -46.72
N VAL O 85 25.57 -22.92 -46.33
CA VAL O 85 24.95 -21.70 -46.92
C VAL O 85 25.88 -20.52 -46.67
N ARG O 86 26.24 -20.29 -45.41
CA ARG O 86 27.02 -19.10 -44.97
C ARG O 86 28.35 -19.05 -45.73
N LEU O 87 29.07 -20.17 -45.74
CA LEU O 87 30.45 -20.27 -46.24
C LEU O 87 30.43 -20.04 -47.74
N VAL O 88 29.42 -20.60 -48.41
CA VAL O 88 29.26 -20.48 -49.88
C VAL O 88 28.64 -19.12 -50.21
N THR O 89 27.83 -18.54 -49.33
CA THR O 89 27.23 -17.21 -49.60
C THR O 89 28.36 -16.21 -49.82
N ASN O 90 29.49 -16.41 -49.15
CA ASN O 90 30.65 -15.50 -49.26
C ASN O 90 31.33 -15.72 -50.63
N LEU O 91 31.06 -16.86 -51.29
CA LEU O 91 31.22 -17.05 -52.76
C LEU O 91 30.23 -16.11 -53.48
N ASN O 92 30.33 -14.80 -53.25
CA ASN O 92 29.60 -13.77 -54.03
C ASN O 92 30.01 -13.90 -55.50
N LYS O 93 29.05 -13.71 -56.41
CA LYS O 93 29.20 -13.73 -57.90
C LYS O 93 28.95 -15.15 -58.42
N ASP O 94 28.75 -16.12 -57.54
CA ASP O 94 27.96 -17.34 -57.85
C ASP O 94 26.48 -16.92 -57.88
N GLY O 95 26.10 -16.18 -58.94
CA GLY O 95 24.72 -15.76 -59.25
C GLY O 95 24.19 -14.65 -58.34
N ASN O 96 24.97 -14.26 -57.33
CA ASN O 96 24.59 -13.28 -56.28
C ASN O 96 25.28 -11.94 -56.60
N SER O 97 24.70 -11.16 -57.51
CA SER O 97 25.22 -9.81 -57.90
C SER O 97 24.13 -8.98 -58.57
N GLN O 98 24.40 -7.69 -58.77
CA GLN O 98 23.49 -6.73 -59.44
C GLN O 98 24.16 -6.25 -60.72
N GLY O 99 25.04 -7.08 -61.30
CA GLY O 99 25.80 -6.80 -62.53
C GLY O 99 24.91 -6.55 -63.74
N GLY O 100 25.14 -5.46 -64.47
CA GLY O 100 24.29 -4.98 -65.58
C GLY O 100 24.34 -5.89 -66.80
N ASN O 101 25.24 -5.59 -67.76
CA ASN O 101 25.43 -6.35 -69.03
C ASN O 101 25.92 -7.77 -68.70
N THR O 102 26.44 -7.96 -67.47
CA THR O 102 26.83 -9.28 -66.88
C THR O 102 25.58 -10.14 -66.73
N SER O 103 24.49 -9.53 -66.25
CA SER O 103 23.16 -10.15 -65.99
C SER O 103 23.33 -11.38 -65.07
N LEU O 104 24.12 -11.26 -64.01
CA LEU O 104 24.57 -12.42 -63.19
C LEU O 104 23.37 -12.91 -62.37
N LEU O 105 22.28 -12.16 -62.39
CA LEU O 105 20.98 -12.57 -61.78
C LEU O 105 20.39 -13.78 -62.54
N LEU O 106 20.92 -14.08 -63.74
CA LEU O 106 20.56 -15.27 -64.58
C LEU O 106 21.58 -16.41 -64.40
N ALA O 107 22.58 -16.22 -63.55
CA ALA O 107 23.71 -17.17 -63.35
C ALA O 107 23.44 -18.06 -62.15
N PRO O 108 24.13 -19.22 -62.03
CA PRO O 108 23.90 -20.20 -60.95
C PRO O 108 23.94 -19.69 -59.50
N LYS O 109 22.98 -20.11 -58.68
CA LYS O 109 22.87 -19.73 -57.24
C LYS O 109 22.86 -20.99 -56.34
N VAL O 110 23.13 -20.78 -55.05
CA VAL O 110 23.37 -21.87 -54.04
C VAL O 110 22.39 -21.74 -52.88
N VAL O 111 21.99 -22.89 -52.32
CA VAL O 111 20.95 -23.02 -51.26
C VAL O 111 21.22 -24.26 -50.43
N ALA O 112 20.41 -24.45 -49.38
CA ALA O 112 20.29 -25.70 -48.62
C ALA O 112 19.00 -25.78 -47.80
N ASP O 113 18.60 -27.02 -47.50
CA ASP O 113 17.51 -27.44 -46.59
C ASP O 113 18.15 -28.06 -45.35
N GLU O 114 17.63 -27.74 -44.17
CA GLU O 114 18.15 -28.30 -42.91
C GLU O 114 17.19 -29.39 -42.38
N ARG O 115 16.04 -29.64 -43.04
CA ARG O 115 15.11 -30.76 -42.67
C ARG O 115 15.65 -32.09 -43.18
N THR O 116 16.12 -32.15 -44.44
CA THR O 116 16.75 -33.35 -45.06
C THR O 116 18.28 -33.22 -45.03
N ASN O 117 18.78 -32.04 -44.65
CA ASN O 117 20.16 -31.52 -44.88
C ASN O 117 20.54 -31.77 -46.34
N SER O 118 19.94 -31.01 -47.24
CA SER O 118 20.14 -31.18 -48.70
C SER O 118 20.74 -29.90 -49.29
N VAL O 119 21.78 -30.05 -50.11
CA VAL O 119 22.22 -28.89 -50.92
C VAL O 119 21.22 -28.72 -52.04
N VAL O 120 20.99 -27.46 -52.35
CA VAL O 120 20.14 -27.06 -53.48
C VAL O 120 21.00 -26.17 -54.36
N VAL O 121 21.06 -26.50 -55.65
CA VAL O 121 21.71 -25.65 -56.67
C VAL O 121 20.59 -25.13 -57.58
N SER O 122 20.75 -23.94 -58.15
CA SER O 122 19.88 -23.47 -59.25
C SER O 122 20.77 -22.86 -60.35
N GLY O 123 21.04 -23.59 -61.43
CA GLY O 123 21.85 -23.03 -62.53
C GLY O 123 22.39 -24.04 -63.52
N GLU O 124 23.47 -23.62 -64.20
CA GLU O 124 24.30 -24.32 -65.23
C GLU O 124 24.61 -25.78 -64.89
N PRO O 125 24.90 -26.63 -65.89
CA PRO O 125 25.56 -27.91 -65.63
C PRO O 125 27.05 -27.83 -65.23
N LYS O 126 27.73 -26.72 -65.56
CA LYS O 126 29.07 -26.42 -65.00
C LYS O 126 28.89 -26.18 -63.49
N ALA O 127 27.77 -25.60 -63.07
CA ALA O 127 27.43 -25.40 -61.63
C ALA O 127 27.06 -26.75 -61.00
N ARG O 128 26.29 -27.61 -61.69
CA ARG O 128 26.05 -29.01 -61.25
C ARG O 128 27.40 -29.69 -61.02
N ALA O 129 28.29 -29.60 -62.02
CA ALA O 129 29.63 -30.24 -62.01
C ALA O 129 30.45 -29.73 -60.82
N ARG O 130 30.55 -28.39 -60.63
CA ARG O 130 31.44 -27.79 -59.60
C ARG O 130 30.77 -27.72 -58.23
N ILE O 131 29.44 -27.72 -58.14
CA ILE O 131 28.79 -27.64 -56.80
C ILE O 131 28.51 -29.04 -56.27
N ILE O 132 28.48 -30.08 -57.11
CA ILE O 132 28.54 -31.47 -56.59
C ILE O 132 29.94 -31.68 -55.99
N GLN O 133 30.98 -31.01 -56.50
CA GLN O 133 32.33 -30.99 -55.88
C GLN O 133 32.27 -30.27 -54.53
N MET O 134 31.56 -29.14 -54.45
CA MET O 134 31.49 -28.33 -53.20
C MET O 134 30.61 -29.03 -52.15
N VAL O 135 29.59 -29.77 -52.58
CA VAL O 135 28.81 -30.73 -51.73
C VAL O 135 29.80 -31.67 -51.05
N ARG O 136 30.69 -32.27 -51.83
CA ARG O 136 31.63 -33.34 -51.38
C ARG O 136 32.72 -32.71 -50.51
N GLN O 137 33.13 -31.48 -50.83
CA GLN O 137 34.22 -30.77 -50.12
C GLN O 137 33.86 -30.57 -48.63
N LEU O 138 32.59 -30.31 -48.32
CA LEU O 138 32.15 -29.88 -46.97
C LEU O 138 31.23 -30.92 -46.33
N ASP O 139 31.00 -32.04 -47.02
CA ASP O 139 30.21 -33.18 -46.51
C ASP O 139 31.13 -34.04 -45.66
N ARG O 140 32.30 -33.52 -45.31
CA ARG O 140 33.23 -34.22 -44.40
C ARG O 140 32.64 -34.24 -42.99
N GLU O 141 32.81 -35.37 -42.31
CA GLU O 141 32.37 -35.63 -40.92
C GLU O 141 33.42 -35.07 -39.95
N LEU O 142 33.17 -35.13 -38.65
CA LEU O 142 34.20 -34.75 -37.66
C LEU O 142 35.16 -35.91 -37.47
N GLN O 143 36.41 -35.62 -37.13
CA GLN O 143 37.43 -36.65 -36.82
C GLN O 143 37.62 -36.69 -35.30
N SER O 144 36.96 -37.63 -34.62
CA SER O 144 37.05 -37.85 -33.15
C SER O 144 36.80 -36.51 -32.43
N GLN O 145 37.85 -35.72 -32.21
CA GLN O 145 37.78 -34.39 -31.54
C GLN O 145 36.65 -33.58 -32.18
N GLY O 146 35.67 -33.15 -31.37
CA GLY O 146 34.51 -32.38 -31.84
C GLY O 146 34.63 -30.89 -31.55
N ASN O 147 33.53 -30.16 -31.70
CA ASN O 147 33.39 -28.76 -31.22
C ASN O 147 33.25 -28.85 -29.69
N THR O 148 32.43 -29.75 -29.18
CA THR O 148 32.22 -29.91 -27.72
C THR O 148 32.94 -31.13 -27.17
N ARG O 149 33.62 -30.91 -26.04
CA ARG O 149 34.30 -31.98 -25.27
C ARG O 149 33.59 -32.14 -23.93
N VAL O 150 33.74 -33.30 -23.30
CA VAL O 150 33.38 -33.46 -21.88
C VAL O 150 34.63 -33.87 -21.13
N PHE O 151 35.04 -33.03 -20.18
CA PHE O 151 36.13 -33.33 -19.22
C PHE O 151 35.57 -34.04 -18.00
N TYR O 152 36.10 -35.22 -17.75
CA TYR O 152 35.93 -35.97 -16.50
C TYR O 152 36.91 -35.37 -15.50
N LEU O 153 36.42 -34.57 -14.56
CA LEU O 153 37.32 -34.04 -13.52
C LEU O 153 37.51 -35.13 -12.47
N LYS O 154 38.73 -35.26 -11.95
CA LYS O 154 39.02 -36.30 -10.93
C LYS O 154 38.99 -35.73 -9.50
N TYR O 155 39.72 -34.66 -9.19
CA TYR O 155 39.84 -34.10 -7.82
C TYR O 155 38.98 -32.84 -7.66
N GLY O 156 38.55 -32.25 -8.78
CA GLY O 156 37.70 -31.05 -8.82
C GLY O 156 36.23 -31.39 -9.03
N LYS O 157 35.32 -30.59 -8.48
CA LYS O 157 33.86 -30.81 -8.52
C LYS O 157 33.24 -30.01 -9.65
N ALA O 158 32.47 -30.65 -10.52
CA ALA O 158 32.04 -30.06 -11.80
C ALA O 158 31.20 -28.80 -11.55
N LYS O 159 30.30 -28.82 -10.56
CA LYS O 159 29.33 -27.73 -10.32
C LYS O 159 30.11 -26.47 -9.88
N ASP O 160 31.13 -26.67 -9.05
CA ASP O 160 31.95 -25.58 -8.49
C ASP O 160 32.83 -25.04 -9.61
N MET O 161 33.38 -25.93 -10.44
CA MET O 161 34.30 -25.57 -11.55
C MET O 161 33.55 -24.74 -12.59
N VAL O 162 32.26 -25.01 -12.79
CA VAL O 162 31.46 -24.28 -13.82
C VAL O 162 31.58 -22.80 -13.52
N GLU O 163 31.37 -22.42 -12.25
CA GLU O 163 31.36 -21.00 -11.84
C GLU O 163 32.73 -20.40 -12.14
N VAL O 164 33.77 -21.13 -11.82
CA VAL O 164 35.18 -20.70 -12.01
C VAL O 164 35.38 -20.40 -13.48
N LEU O 165 34.96 -21.34 -14.32
CA LEU O 165 35.25 -21.28 -15.78
C LEU O 165 34.33 -20.22 -16.40
N LYS O 166 33.17 -19.97 -15.80
CA LYS O 166 32.19 -18.99 -16.34
C LYS O 166 32.86 -17.64 -16.44
N GLY O 167 33.67 -17.27 -15.45
CA GLY O 167 34.49 -16.05 -15.51
C GLY O 167 35.33 -16.06 -16.76
N VAL O 168 36.01 -17.16 -17.05
CA VAL O 168 37.02 -17.23 -18.14
C VAL O 168 36.30 -17.03 -19.46
N SER O 169 35.14 -17.69 -19.58
CA SER O 169 34.21 -17.60 -20.74
C SER O 169 33.67 -16.18 -20.84
N SER O 170 33.26 -15.64 -19.69
CA SER O 170 32.58 -14.33 -19.55
C SER O 170 33.62 -13.20 -19.58
N LEU O 196 31.31 -18.66 -25.24
CA LEU O 196 31.76 -19.92 -24.60
C LEU O 196 30.77 -20.34 -23.53
N ALA O 197 30.34 -21.60 -23.59
CA ALA O 197 29.05 -22.08 -23.03
C ALA O 197 29.25 -23.37 -22.21
N ILE O 198 28.93 -23.33 -20.92
CA ILE O 198 29.32 -24.41 -19.98
C ILE O 198 28.09 -24.89 -19.23
N SER O 199 28.07 -26.18 -18.88
CA SER O 199 27.23 -26.78 -17.82
C SER O 199 27.99 -27.93 -17.18
N ALA O 200 27.70 -28.19 -15.92
CA ALA O 200 28.26 -29.35 -15.21
C ALA O 200 27.14 -30.31 -14.84
N ASP O 201 27.32 -31.58 -15.20
CA ASP O 201 26.41 -32.69 -14.86
C ASP O 201 26.70 -33.16 -13.43
N GLU O 202 25.73 -32.98 -12.55
CA GLU O 202 25.91 -33.24 -11.12
C GLU O 202 26.21 -34.72 -10.93
N THR O 203 25.70 -35.58 -11.83
CA THR O 203 25.72 -37.04 -11.64
C THR O 203 27.13 -37.58 -11.91
N THR O 204 27.59 -37.53 -13.16
CA THR O 204 28.92 -38.05 -13.55
C THR O 204 30.00 -37.04 -13.14
N ASN O 205 29.60 -35.90 -12.56
CA ASN O 205 30.54 -34.84 -12.10
C ASN O 205 31.50 -34.51 -13.25
N ALA O 206 30.94 -34.23 -14.42
CA ALA O 206 31.71 -33.88 -15.62
C ALA O 206 31.30 -32.47 -16.07
N LEU O 207 32.21 -31.79 -16.76
CA LEU O 207 31.99 -30.41 -17.29
C LEU O 207 31.83 -30.48 -18.80
N VAL O 208 30.71 -30.00 -19.31
CA VAL O 208 30.44 -29.95 -20.77
C VAL O 208 30.57 -28.51 -21.26
N ILE O 209 31.70 -28.19 -21.89
CA ILE O 209 31.97 -26.83 -22.45
C ILE O 209 31.93 -26.93 -23.97
N THR O 210 31.58 -25.82 -24.64
CA THR O 210 31.50 -25.73 -26.12
C THR O 210 32.09 -24.38 -26.53
N ALA O 211 33.37 -24.37 -26.92
CA ALA O 211 34.07 -23.17 -27.44
C ALA O 211 34.91 -23.56 -28.66
N GLN O 212 35.51 -22.56 -29.30
CA GLN O 212 36.40 -22.77 -30.48
C GLN O 212 37.50 -23.73 -30.07
N PRO O 213 38.07 -24.48 -31.03
CA PRO O 213 39.15 -25.41 -30.70
C PRO O 213 40.33 -24.67 -30.07
N ASP O 214 40.51 -23.38 -30.40
CA ASP O 214 41.55 -22.51 -29.78
C ASP O 214 41.27 -22.38 -28.28
N VAL O 215 40.01 -22.19 -27.91
CA VAL O 215 39.59 -21.98 -26.50
C VAL O 215 39.55 -23.34 -25.82
N MET O 216 39.19 -24.39 -26.57
CA MET O 216 39.11 -25.78 -26.04
C MET O 216 40.49 -26.17 -25.47
N ALA O 217 41.55 -25.88 -26.22
CA ALA O 217 42.94 -26.17 -25.81
C ALA O 217 43.34 -25.26 -24.65
N GLU O 218 42.81 -24.03 -24.60
CA GLU O 218 43.09 -23.07 -23.51
C GLU O 218 42.34 -23.51 -22.25
N LEU O 219 41.08 -23.92 -22.39
CA LEU O 219 40.24 -24.41 -21.26
C LEU O 219 40.84 -25.72 -20.75
N GLU O 220 41.47 -26.49 -21.64
CA GLU O 220 42.05 -27.81 -21.31
C GLU O 220 43.27 -27.62 -20.39
N GLN O 221 44.01 -26.51 -20.50
CA GLN O 221 45.15 -26.22 -19.59
C GLN O 221 44.61 -25.68 -18.26
N VAL O 222 43.57 -24.85 -18.35
CA VAL O 222 42.94 -24.21 -17.16
C VAL O 222 42.45 -25.35 -16.26
N VAL O 223 41.74 -26.28 -16.86
CA VAL O 223 41.11 -27.44 -16.18
C VAL O 223 42.23 -28.28 -15.56
N ALA O 224 43.27 -28.60 -16.31
CA ALA O 224 44.35 -29.48 -15.85
C ALA O 224 45.04 -28.84 -14.64
N LYS O 225 45.18 -27.51 -14.63
CA LYS O 225 45.83 -26.82 -13.50
C LYS O 225 44.88 -26.80 -12.30
N LEU O 226 43.58 -26.71 -12.60
CA LEU O 226 42.51 -26.38 -11.63
C LEU O 226 42.02 -27.67 -10.99
N ASP O 227 42.38 -28.81 -11.58
CA ASP O 227 41.96 -30.16 -11.13
C ASP O 227 43.14 -30.85 -10.44
N ILE O 228 44.17 -30.08 -10.07
CA ILE O 228 45.36 -30.63 -9.35
C ILE O 228 44.91 -31.26 -8.03
N ARG O 229 45.44 -32.45 -7.72
CA ARG O 229 45.15 -33.17 -6.46
C ARG O 229 45.41 -32.25 -5.28
N ARG O 230 44.35 -31.72 -4.68
CA ARG O 230 44.44 -30.80 -3.52
C ARG O 230 44.99 -31.57 -2.32
N ALA O 231 46.04 -31.04 -1.73
CA ALA O 231 46.77 -31.70 -0.62
C ALA O 231 45.92 -31.66 0.66
N GLN O 232 46.14 -32.64 1.52
CA GLN O 232 45.41 -32.81 2.79
C GLN O 232 46.28 -32.36 3.96
N VAL O 233 45.64 -31.88 5.01
CA VAL O 233 46.35 -31.36 6.20
C VAL O 233 45.78 -32.02 7.44
N LEU O 234 46.64 -32.67 8.23
CA LEU O 234 46.29 -33.15 9.58
C LEU O 234 46.62 -32.04 10.58
N VAL O 235 45.61 -31.54 11.27
CA VAL O 235 45.77 -30.40 12.20
C VAL O 235 45.49 -30.90 13.61
N GLU O 236 46.53 -31.05 14.43
CA GLU O 236 46.36 -31.32 15.89
C GLU O 236 46.41 -30.00 16.65
N ALA O 237 45.39 -29.73 17.43
CA ALA O 237 45.42 -28.64 18.42
C ALA O 237 45.71 -29.26 19.79
N ILE O 238 46.36 -28.53 20.66
CA ILE O 238 46.64 -29.00 22.03
C ILE O 238 46.21 -27.88 22.96
N ILE O 239 45.15 -28.11 23.72
CA ILE O 239 44.66 -27.14 24.72
C ILE O 239 45.02 -27.67 26.09
N VAL O 240 45.93 -27.00 26.76
CA VAL O 240 46.33 -27.40 28.13
C VAL O 240 45.94 -26.26 29.05
N GLU O 241 45.20 -26.57 30.08
CA GLU O 241 44.88 -25.60 31.14
C GLU O 241 45.22 -26.22 32.48
N ILE O 242 45.68 -25.38 33.40
CA ILE O 242 45.98 -25.81 34.79
C ILE O 242 45.50 -24.74 35.74
N ALA O 243 44.82 -25.16 36.81
CA ALA O 243 44.06 -24.30 37.74
C ALA O 243 44.21 -24.84 39.16
N ASP O 244 44.18 -23.93 40.13
CA ASP O 244 44.28 -24.24 41.58
C ASP O 244 44.16 -22.91 42.32
N GLY O 245 44.30 -22.96 43.63
CA GLY O 245 44.39 -21.73 44.44
C GLY O 245 44.11 -22.08 45.87
N ASP O 246 44.46 -21.21 46.80
CA ASP O 246 44.32 -21.52 48.24
C ASP O 246 43.58 -20.38 48.93
N GLY O 247 42.37 -20.73 49.40
CA GLY O 247 41.65 -20.02 50.45
C GLY O 247 42.17 -20.40 51.81
N LEU O 248 42.02 -19.50 52.76
CA LEU O 248 42.45 -19.64 54.17
C LEU O 248 41.43 -18.80 54.93
N ASN O 249 40.67 -19.37 55.85
CA ASN O 249 39.90 -18.49 56.77
C ASN O 249 40.16 -18.95 58.20
N LEU O 250 40.95 -18.16 58.91
CA LEU O 250 41.20 -18.37 60.34
C LEU O 250 40.93 -17.05 61.07
N GLY O 251 40.24 -17.18 62.21
CA GLY O 251 39.59 -16.09 62.93
C GLY O 251 39.26 -16.53 64.33
N VAL O 252 39.43 -15.64 65.30
CA VAL O 252 39.30 -16.06 66.71
C VAL O 252 38.36 -15.06 67.39
N GLN O 253 37.36 -15.59 68.09
CA GLN O 253 36.32 -14.77 68.75
C GLN O 253 36.36 -15.09 70.25
N TRP O 254 36.36 -14.06 71.09
CA TRP O 254 36.37 -14.17 72.57
C TRP O 254 35.13 -13.49 73.11
N ALA O 255 34.25 -14.21 73.78
CA ALA O 255 33.02 -13.61 74.36
C ALA O 255 33.06 -13.79 75.88
N ASN O 256 32.89 -12.69 76.62
CA ASN O 256 32.93 -12.71 78.11
C ASN O 256 31.68 -12.05 78.66
N THR O 257 30.95 -12.76 79.51
CA THR O 257 29.68 -12.23 80.04
C THR O 257 29.98 -10.89 80.70
N ASN O 258 31.02 -10.81 81.54
CA ASN O 258 31.28 -9.64 82.41
C ASN O 258 31.83 -8.47 81.58
N GLY O 259 32.78 -8.75 80.69
CA GLY O 259 33.67 -7.75 80.05
C GLY O 259 33.18 -7.31 78.67
N GLY O 260 32.84 -8.27 77.80
CA GLY O 260 32.41 -8.00 76.40
C GLY O 260 32.76 -9.13 75.46
N GLY O 261 32.20 -9.11 74.24
CA GLY O 261 32.37 -10.14 73.20
C GLY O 261 32.84 -9.53 71.89
N THR O 262 33.52 -10.31 71.05
CA THR O 262 34.05 -9.90 69.72
C THR O 262 33.55 -10.87 68.65
N GLN O 263 32.52 -10.49 67.90
CA GLN O 263 31.91 -11.36 66.87
C GLN O 263 32.29 -10.83 65.49
N PHE O 264 32.61 -11.73 64.56
CA PHE O 264 33.07 -11.45 63.18
C PHE O 264 32.21 -12.24 62.17
N THR O 265 32.53 -12.12 60.88
CA THR O 265 31.72 -12.64 59.73
C THR O 265 32.55 -13.47 58.75
N ASN O 266 33.79 -13.06 58.43
CA ASN O 266 34.71 -13.81 57.52
C ASN O 266 34.66 -15.30 57.89
N ALA O 267 34.39 -15.58 59.17
CA ALA O 267 34.27 -16.92 59.77
C ALA O 267 33.05 -17.63 59.18
N GLY O 268 33.12 -18.96 59.07
CA GLY O 268 31.98 -19.83 58.69
C GLY O 268 30.66 -19.39 59.34
N PRO O 269 30.50 -19.59 60.68
CA PRO O 269 29.30 -19.15 61.41
C PRO O 269 29.51 -18.17 62.57
N GLY O 270 28.42 -17.50 62.97
CA GLY O 270 28.40 -16.51 64.07
C GLY O 270 27.99 -17.14 65.38
N ILE O 271 28.68 -16.79 66.46
CA ILE O 271 28.46 -17.36 67.83
C ILE O 271 26.96 -17.27 68.17
N GLY O 272 26.26 -16.26 67.64
CA GLY O 272 24.83 -16.04 67.88
C GLY O 272 24.00 -17.27 67.54
N SER O 273 24.00 -17.68 66.28
CA SER O 273 23.16 -18.81 65.76
C SER O 273 23.53 -20.09 66.52
N VAL O 274 24.81 -20.22 66.88
CA VAL O 274 25.35 -21.44 67.53
C VAL O 274 24.77 -21.54 68.95
N ALA O 275 24.89 -20.47 69.73
CA ALA O 275 24.45 -20.41 71.14
C ALA O 275 22.94 -20.59 71.18
N ILE O 276 22.22 -19.85 70.33
CA ILE O 276 20.73 -19.91 70.30
C ILE O 276 20.32 -21.35 69.99
N ALA O 277 20.97 -21.98 69.00
CA ALA O 277 20.67 -23.35 68.56
C ALA O 277 20.89 -24.32 69.72
N ALA O 278 22.00 -24.18 70.45
CA ALA O 278 22.35 -25.08 71.57
C ALA O 278 21.29 -24.92 72.68
N LYS O 279 20.76 -23.70 72.86
CA LYS O 279 19.75 -23.41 73.91
C LYS O 279 18.36 -23.82 73.40
N ASP O 280 18.22 -23.96 72.08
CA ASP O 280 16.95 -24.35 71.42
C ASP O 280 16.92 -25.88 71.24
N TYR O 281 18.08 -26.53 71.31
CA TYR O 281 18.26 -28.01 71.18
C TYR O 281 18.08 -28.68 72.56
N LYS O 282 17.98 -27.89 73.62
CA LYS O 282 17.83 -28.37 75.02
C LYS O 282 16.41 -28.89 75.23
N ASP O 283 16.24 -29.84 76.17
CA ASP O 283 14.97 -30.54 76.50
C ASP O 283 14.34 -31.10 75.23
N ASN O 284 15.14 -31.77 74.40
CA ASN O 284 14.72 -32.40 73.12
C ASN O 284 13.98 -31.36 72.25
N GLY O 285 14.67 -30.28 71.84
CA GLY O 285 14.13 -29.20 71.00
C GLY O 285 14.27 -29.49 69.52
N THR O 286 14.30 -28.45 68.67
CA THR O 286 14.46 -28.55 67.18
C THR O 286 15.94 -28.65 66.81
N THR O 287 16.22 -28.91 65.54
CA THR O 287 17.59 -29.04 64.97
C THR O 287 17.65 -28.35 63.60
N THR O 288 16.50 -27.98 63.04
CA THR O 288 16.39 -27.30 61.72
C THR O 288 17.29 -26.07 61.73
N GLY O 289 16.96 -25.10 62.60
CA GLY O 289 17.74 -23.87 62.79
C GLY O 289 19.23 -24.16 62.75
N LEU O 290 19.70 -25.00 63.68
CA LEU O 290 21.16 -25.19 63.84
C LEU O 290 21.70 -26.04 62.69
N ALA O 291 20.94 -27.01 62.20
CA ALA O 291 21.39 -27.91 61.13
C ALA O 291 21.60 -27.09 59.84
N LYS O 292 20.98 -25.91 59.75
CA LYS O 292 21.03 -25.07 58.52
C LYS O 292 22.29 -24.19 58.55
N LEU O 293 22.68 -23.74 59.75
CA LEU O 293 23.96 -23.03 59.96
C LEU O 293 25.11 -23.95 59.52
N ALA O 294 25.16 -25.15 60.09
CA ALA O 294 26.32 -26.07 59.97
C ALA O 294 26.30 -26.76 58.60
N GLU O 295 25.41 -26.35 57.70
CA GLU O 295 25.25 -27.00 56.36
C GLU O 295 26.55 -26.86 55.53
N ASN O 296 27.07 -25.64 55.34
CA ASN O 296 28.22 -25.43 54.43
C ASN O 296 29.51 -25.24 55.20
N PHE O 297 29.48 -25.27 56.54
CA PHE O 297 30.68 -24.93 57.36
C PHE O 297 31.83 -25.90 57.00
N ASN O 298 33.06 -25.38 56.96
CA ASN O 298 34.28 -26.18 56.68
C ASN O 298 35.48 -25.62 57.44
N GLY O 299 35.93 -26.35 58.46
CA GLY O 299 37.18 -26.08 59.18
C GLY O 299 37.21 -26.67 60.58
N MET O 300 38.03 -26.06 61.43
CA MET O 300 38.24 -26.49 62.83
C MET O 300 37.72 -25.38 63.75
N ALA O 301 36.50 -25.53 64.26
CA ALA O 301 35.91 -24.64 65.29
C ALA O 301 36.23 -25.19 66.68
N ALA O 302 37.17 -24.54 67.38
CA ALA O 302 37.68 -25.03 68.68
C ALA O 302 37.30 -24.04 69.79
N GLY O 303 36.34 -24.43 70.63
CA GLY O 303 35.88 -23.67 71.81
C GLY O 303 36.70 -24.00 73.05
N PHE O 304 36.81 -23.05 73.97
CA PHE O 304 37.58 -23.21 75.25
C PHE O 304 36.95 -22.29 76.31
N TYR O 305 36.68 -22.82 77.50
CA TYR O 305 36.23 -22.08 78.71
C TYR O 305 37.31 -22.12 79.80
N GLN O 306 37.99 -21.01 80.04
CA GLN O 306 38.85 -20.84 81.24
C GLN O 306 38.18 -19.81 82.14
N GLY O 307 37.68 -20.30 83.27
CA GLY O 307 36.70 -19.59 84.11
C GLY O 307 35.58 -19.02 83.25
N ASN O 308 35.52 -17.69 83.14
CA ASN O 308 34.35 -16.94 82.65
C ASN O 308 34.54 -16.50 81.19
N TRP O 309 35.78 -16.40 80.68
CA TRP O 309 36.00 -15.99 79.26
C TRP O 309 35.84 -17.20 78.35
N ALA O 310 34.84 -17.16 77.47
CA ALA O 310 34.63 -18.14 76.38
C ALA O 310 35.44 -17.68 75.15
N MET O 311 35.96 -18.65 74.39
CA MET O 311 36.83 -18.40 73.20
C MET O 311 36.44 -19.40 72.10
N LEU O 312 36.30 -18.89 70.86
CA LEU O 312 35.97 -19.70 69.66
C LEU O 312 36.95 -19.38 68.54
N VAL O 313 37.70 -20.39 68.14
CA VAL O 313 38.76 -20.31 67.11
C VAL O 313 38.22 -20.99 65.85
N THR O 314 38.29 -20.29 64.71
CA THR O 314 37.80 -20.77 63.39
C THR O 314 38.95 -20.82 62.39
N ALA O 315 39.05 -21.91 61.64
CA ALA O 315 40.13 -22.11 60.66
C ALA O 315 39.73 -23.15 59.61
N LEU O 316 39.88 -22.79 58.35
CA LEU O 316 40.00 -23.73 57.21
C LEU O 316 40.84 -23.08 56.12
N SER O 317 41.67 -23.89 55.49
CA SER O 317 42.32 -23.47 54.23
C SER O 317 41.76 -24.36 53.13
N THR O 318 41.03 -23.77 52.18
CA THR O 318 40.69 -24.47 50.92
C THR O 318 41.85 -24.23 49.95
N ASN O 319 42.24 -25.29 49.25
CA ASN O 319 43.38 -25.34 48.32
C ASN O 319 42.96 -26.33 47.24
N THR O 320 43.10 -25.93 45.98
CA THR O 320 42.38 -26.56 44.86
C THR O 320 43.38 -26.80 43.75
N LYS O 321 43.03 -27.71 42.84
CA LYS O 321 43.89 -28.09 41.71
C LYS O 321 43.00 -28.65 40.61
N SER O 322 43.24 -28.24 39.38
CA SER O 322 42.59 -28.78 38.17
C SER O 322 43.57 -28.70 37.01
N ASP O 323 43.52 -29.69 36.12
CA ASP O 323 44.37 -29.76 34.91
C ASP O 323 43.49 -30.25 33.76
N ILE O 324 43.47 -29.51 32.65
CA ILE O 324 42.65 -29.86 31.47
C ILE O 324 43.58 -29.88 30.25
N LEU O 325 43.33 -30.79 29.32
CA LEU O 325 44.15 -30.94 28.07
C LEU O 325 43.28 -31.57 26.98
N SER O 326 42.91 -30.78 25.97
CA SER O 326 42.11 -31.25 24.82
C SER O 326 42.93 -31.08 23.54
N THR O 327 42.99 -32.11 22.71
CA THR O 327 43.76 -32.12 21.44
C THR O 327 42.87 -32.63 20.32
N PRO O 328 41.91 -31.82 19.86
CA PRO O 328 41.04 -32.22 18.77
C PRO O 328 41.71 -32.00 17.41
N SER O 329 42.21 -33.06 16.81
CA SER O 329 42.82 -33.03 15.45
C SER O 329 41.72 -33.24 14.40
N ILE O 330 42.04 -32.95 13.14
CA ILE O 330 41.11 -33.14 11.99
C ILE O 330 41.90 -33.08 10.69
N VAL O 331 41.52 -33.90 9.72
CA VAL O 331 42.18 -33.91 8.38
C VAL O 331 41.19 -33.38 7.34
N THR O 332 41.56 -32.30 6.67
CA THR O 332 40.72 -31.52 5.72
C THR O 332 41.44 -31.36 4.39
N MET O 333 40.70 -31.15 3.31
CA MET O 333 41.26 -30.65 2.04
C MET O 333 41.58 -29.17 2.22
N ASP O 334 42.68 -28.69 1.65
CA ASP O 334 43.05 -27.27 1.64
C ASP O 334 41.84 -26.43 1.24
N ASN O 335 41.60 -25.34 1.94
CA ASN O 335 40.68 -24.28 1.45
C ASN O 335 39.23 -24.75 1.49
N LYS O 336 38.98 -25.94 1.98
CA LYS O 336 37.64 -26.27 2.50
C LYS O 336 37.66 -26.06 4.00
N GLU O 337 36.62 -25.45 4.54
CA GLU O 337 36.50 -25.43 6.00
C GLU O 337 35.93 -26.79 6.41
N ALA O 338 36.70 -27.42 7.30
CA ALA O 338 36.26 -28.52 8.17
C ALA O 338 35.49 -27.90 9.33
N SER O 339 34.56 -28.65 9.86
CA SER O 339 34.07 -28.45 11.24
C SER O 339 34.51 -29.67 12.02
N PHE O 340 34.67 -29.53 13.32
CA PHE O 340 34.81 -30.69 14.20
C PHE O 340 34.16 -30.30 15.52
N ASN O 341 33.24 -31.09 16.00
CA ASN O 341 32.58 -30.77 17.28
C ASN O 341 32.66 -32.01 18.14
N VAL O 342 32.94 -31.87 19.42
CA VAL O 342 32.61 -32.95 20.40
C VAL O 342 32.13 -32.32 21.70
N GLY O 343 30.82 -32.23 21.80
CA GLY O 343 30.12 -31.30 22.70
C GLY O 343 28.65 -31.44 22.44
N GLN O 344 27.89 -30.35 22.40
CA GLN O 344 26.45 -30.60 22.46
C GLN O 344 25.62 -29.38 22.11
N GLU O 345 24.40 -29.67 21.70
CA GLU O 345 23.31 -28.73 21.32
C GLU O 345 22.39 -28.55 22.54
N VAL O 346 22.39 -27.34 23.09
CA VAL O 346 21.53 -26.93 24.21
C VAL O 346 20.68 -25.77 23.75
N PRO O 347 19.46 -25.67 24.26
CA PRO O 347 18.60 -24.56 23.88
C PRO O 347 18.97 -23.29 24.64
N VAL O 348 18.89 -22.15 23.94
CA VAL O 348 19.08 -20.79 24.53
C VAL O 348 17.88 -19.94 24.13
N GLN O 349 17.35 -19.12 25.04
CA GLN O 349 16.19 -18.24 24.75
C GLN O 349 16.61 -17.14 23.77
N THR O 350 15.64 -16.51 23.12
CA THR O 350 15.88 -15.35 22.21
C THR O 350 14.56 -14.63 21.94
N THR O 364 10.02 -19.14 22.84
CA THR O 364 11.01 -19.10 21.72
C THR O 364 12.40 -19.47 22.25
N ILE O 365 13.03 -20.50 21.69
CA ILE O 365 14.37 -21.00 22.10
C ILE O 365 15.24 -21.15 20.85
N GLU O 366 16.45 -21.71 21.02
CA GLU O 366 17.45 -21.89 19.93
C GLU O 366 18.48 -22.94 20.34
N ARG O 367 19.07 -23.61 19.35
CA ARG O 367 20.05 -24.70 19.57
C ARG O 367 21.44 -24.11 19.36
N LYS O 368 22.34 -24.32 20.31
CA LYS O 368 23.75 -23.87 20.23
C LYS O 368 24.66 -25.06 20.48
N THR O 369 25.63 -25.33 19.61
CA THR O 369 26.61 -26.42 19.77
C THR O 369 27.75 -25.92 20.68
N VAL O 370 27.73 -26.33 21.94
CA VAL O 370 28.77 -25.98 22.95
C VAL O 370 29.42 -27.28 23.40
N GLY O 371 30.72 -27.39 23.16
CA GLY O 371 31.55 -28.54 23.54
C GLY O 371 32.97 -28.26 23.09
N THR O 372 33.80 -29.27 22.91
CA THR O 372 35.10 -29.04 22.26
C THR O 372 34.82 -28.84 20.77
N LYS O 373 35.01 -27.62 20.27
CA LYS O 373 34.83 -27.30 18.83
C LYS O 373 36.15 -26.86 18.27
N LEU O 374 36.42 -27.36 17.10
CA LEU O 374 37.46 -26.83 16.24
C LEU O 374 36.77 -26.55 14.93
N VAL O 375 36.78 -25.32 14.51
CA VAL O 375 36.38 -25.01 13.12
C VAL O 375 37.60 -24.51 12.41
N LEU O 376 38.05 -25.20 11.39
CA LEU O 376 39.31 -24.78 10.82
C LEU O 376 39.22 -24.88 9.31
N THR O 377 39.68 -23.84 8.63
CA THR O 377 39.88 -23.80 7.16
C THR O 377 41.37 -23.62 6.93
N PRO O 378 42.16 -24.71 6.84
CA PRO O 378 43.54 -24.62 6.37
C PRO O 378 43.75 -24.16 4.92
N GLN O 379 44.91 -23.55 4.69
CA GLN O 379 45.36 -23.03 3.37
C GLN O 379 46.87 -23.28 3.26
N ILE O 380 47.36 -23.88 2.18
CA ILE O 380 48.74 -24.41 2.14
C ILE O 380 49.66 -23.50 1.32
N ASN O 381 50.75 -23.04 1.94
CA ASN O 381 51.94 -22.48 1.25
C ASN O 381 52.53 -23.62 0.40
N GLU O 382 52.72 -23.40 -0.90
CA GLU O 382 53.26 -24.39 -1.88
C GLU O 382 54.13 -25.44 -1.19
N GLY O 383 55.04 -25.02 -0.29
CA GLY O 383 56.16 -25.82 0.26
C GLY O 383 55.88 -26.53 1.59
N ASP O 384 55.71 -25.79 2.69
CA ASP O 384 55.64 -26.38 4.05
C ASP O 384 54.49 -25.76 4.84
N SER O 385 54.54 -24.45 5.02
CA SER O 385 53.90 -23.78 6.17
C SER O 385 52.41 -23.52 5.91
N VAL O 386 51.59 -23.97 6.85
CA VAL O 386 50.11 -23.90 6.76
C VAL O 386 49.62 -22.58 7.33
N LEU O 387 48.78 -21.86 6.59
CA LEU O 387 47.91 -20.77 7.13
C LEU O 387 46.65 -21.44 7.67
N LEU O 388 46.41 -21.32 8.98
CA LEU O 388 45.26 -21.93 9.66
C LEU O 388 44.31 -20.84 10.12
N THR O 389 43.11 -20.78 9.57
CA THR O 389 42.07 -19.89 10.13
C THR O 389 41.31 -20.69 11.17
N ILE O 390 41.53 -20.36 12.44
CA ILE O 390 40.96 -21.14 13.57
C ILE O 390 39.88 -20.31 14.24
N GLU O 391 38.73 -20.93 14.47
CA GLU O 391 37.73 -20.45 15.44
C GLU O 391 37.45 -21.63 16.35
N GLN O 392 37.95 -21.60 17.58
CA GLN O 392 37.74 -22.74 18.51
C GLN O 392 37.40 -22.23 19.90
N GLU O 393 36.87 -23.12 20.70
CA GLU O 393 36.55 -22.82 22.09
C GLU O 393 36.29 -24.12 22.83
N VAL O 394 36.48 -24.09 24.12
CA VAL O 394 36.01 -25.17 25.02
C VAL O 394 34.97 -24.54 25.92
N SER O 395 33.71 -24.87 25.69
CA SER O 395 32.61 -24.20 26.38
C SER O 395 31.68 -25.23 27.00
N SER O 396 30.90 -24.80 27.98
CA SER O 396 30.12 -25.73 28.82
C SER O 396 28.92 -24.98 29.39
N VAL O 397 27.88 -25.73 29.69
CA VAL O 397 26.63 -25.17 30.27
C VAL O 397 26.72 -25.29 31.81
N GLY O 398 27.88 -24.97 32.40
CA GLY O 398 28.11 -25.19 33.84
C GLY O 398 27.66 -26.58 34.25
N LYS O 399 26.52 -26.69 34.97
CA LYS O 399 25.91 -27.96 35.46
C LYS O 399 24.51 -28.15 34.85
N GLN O 400 24.25 -29.29 34.21
CA GLN O 400 22.95 -29.67 33.57
C GLN O 400 21.80 -29.68 34.60
N ALA O 401 22.09 -29.44 35.89
CA ALA O 401 21.11 -29.45 37.00
C ALA O 401 21.26 -28.20 37.88
N THR O 402 21.93 -27.16 37.34
CA THR O 402 22.19 -25.84 37.97
C THR O 402 21.55 -24.73 37.13
N GLY O 403 21.01 -23.70 37.79
CA GLY O 403 20.40 -22.54 37.14
C GLY O 403 21.41 -21.43 36.87
N THR O 404 20.89 -20.22 36.66
CA THR O 404 21.64 -18.99 36.33
C THR O 404 21.03 -17.84 37.14
N ASP O 405 21.73 -16.71 37.35
CA ASP O 405 21.13 -15.47 37.92
C ASP O 405 20.32 -14.75 36.82
N GLY O 406 20.61 -15.07 35.56
CA GLY O 406 19.85 -14.64 34.38
C GLY O 406 18.67 -15.54 34.06
N LEU O 407 18.51 -15.91 32.79
CA LEU O 407 17.20 -16.40 32.29
C LEU O 407 17.37 -17.68 31.46
N GLY O 408 18.33 -17.73 30.54
CA GLY O 408 18.65 -18.96 29.79
C GLY O 408 19.82 -19.73 30.41
N PRO O 409 20.38 -20.72 29.70
CA PRO O 409 21.63 -21.36 30.14
C PRO O 409 22.84 -20.44 29.95
N THR O 410 23.90 -20.62 30.73
CA THR O 410 25.17 -19.87 30.56
C THR O 410 26.29 -20.79 30.09
N PHE O 411 27.40 -20.24 29.60
CA PHE O 411 28.47 -21.08 29.05
C PHE O 411 29.84 -20.63 29.53
N ASP O 412 30.65 -21.56 30.04
CA ASP O 412 32.09 -21.32 30.24
C ASP O 412 32.82 -21.68 28.95
N THR O 413 33.40 -20.69 28.32
CA THR O 413 34.03 -20.86 27.00
C THR O 413 35.49 -20.46 27.10
N ARG O 414 36.31 -21.18 26.37
CA ARG O 414 37.69 -20.75 26.08
C ARG O 414 37.86 -20.78 24.58
N THR O 415 38.03 -19.62 24.03
CA THR O 415 37.87 -19.42 22.60
C THR O 415 39.12 -18.81 22.07
N VAL O 416 39.37 -19.02 20.82
CA VAL O 416 40.45 -18.26 20.17
C VAL O 416 40.14 -18.40 18.72
N LYS O 417 39.88 -17.28 18.05
CA LYS O 417 39.69 -17.25 16.59
C LYS O 417 40.78 -16.36 16.02
N ASN O 418 41.65 -16.96 15.23
CA ASN O 418 42.75 -16.23 14.60
C ASN O 418 43.18 -16.97 13.35
N ALA O 419 43.86 -16.27 12.49
CA ALA O 419 44.69 -16.91 11.46
C ALA O 419 46.12 -16.89 11.99
N VAL O 420 46.76 -18.04 11.83
CA VAL O 420 48.17 -18.28 12.21
C VAL O 420 48.82 -18.94 11.02
N LEU O 421 50.10 -18.69 10.79
CA LEU O 421 50.82 -19.44 9.73
C LEU O 421 52.02 -20.16 10.33
N VAL O 422 51.96 -21.48 10.26
CA VAL O 422 52.90 -22.37 11.00
C VAL O 422 53.52 -23.34 10.01
N LYS O 423 54.78 -23.69 10.28
CA LYS O 423 55.60 -24.65 9.51
C LYS O 423 54.98 -26.04 9.63
N SER O 424 55.17 -26.87 8.61
CA SER O 424 54.37 -28.10 8.39
C SER O 424 54.62 -29.13 9.48
N GLY O 425 55.70 -29.00 10.27
CA GLY O 425 56.04 -29.99 11.29
C GLY O 425 55.83 -29.48 12.70
N GLU O 426 55.71 -28.17 12.88
CA GLU O 426 56.02 -27.48 14.16
C GLU O 426 54.76 -27.29 15.01
N THR O 427 54.89 -27.45 16.32
CA THR O 427 53.80 -27.24 17.30
C THR O 427 53.96 -25.85 17.90
N VAL O 428 52.91 -25.03 17.86
CA VAL O 428 53.08 -23.59 18.19
C VAL O 428 51.99 -23.07 19.10
N VAL O 429 52.18 -21.86 19.54
CA VAL O 429 51.21 -21.14 20.40
C VAL O 429 50.25 -20.38 19.50
N LEU O 430 48.96 -20.64 19.63
CA LEU O 430 47.88 -19.84 19.00
C LEU O 430 47.69 -18.60 19.86
N GLY O 431 47.59 -18.83 21.16
CA GLY O 431 47.22 -17.84 22.18
C GLY O 431 47.30 -18.43 23.57
N GLY O 432 46.73 -17.76 24.54
CA GLY O 432 46.82 -18.19 25.93
C GLY O 432 46.46 -17.09 26.88
N LEU O 433 46.03 -17.48 28.07
CA LEU O 433 45.68 -16.55 29.18
C LEU O 433 46.27 -17.12 30.45
N MET O 434 47.12 -16.34 31.09
CA MET O 434 47.71 -16.65 32.42
C MET O 434 47.12 -15.65 33.40
N ASP O 435 46.24 -16.12 34.27
CA ASP O 435 45.37 -15.27 35.10
C ASP O 435 45.71 -15.60 36.56
N GLU O 436 45.89 -14.59 37.38
CA GLU O 436 46.29 -14.76 38.79
C GLU O 436 45.45 -13.82 39.65
N GLN O 437 44.84 -14.36 40.69
CA GLN O 437 43.88 -13.65 41.56
C GLN O 437 44.24 -13.92 43.01
N THR O 438 44.21 -12.87 43.84
CA THR O 438 44.48 -13.00 45.28
C THR O 438 43.66 -11.98 46.04
N LYS O 439 42.69 -12.46 46.80
CA LYS O 439 41.83 -11.60 47.65
C LYS O 439 42.21 -11.87 49.11
N GLU O 440 42.48 -10.79 49.86
CA GLU O 440 42.82 -10.87 51.30
C GLU O 440 41.83 -10.02 52.09
N GLU O 441 41.27 -10.59 53.16
CA GLU O 441 40.32 -9.91 54.07
C GLU O 441 40.72 -10.21 55.51
N VAL O 442 40.57 -9.20 56.37
CA VAL O 442 40.65 -9.38 57.85
C VAL O 442 39.51 -8.59 58.49
N SER O 443 38.92 -9.16 59.52
CA SER O 443 38.01 -8.49 60.47
C SER O 443 38.73 -8.47 61.80
N LYS O 444 39.38 -7.37 62.12
CA LYS O 444 40.22 -7.30 63.33
C LYS O 444 39.69 -6.20 64.25
N VAL O 445 40.17 -6.22 65.49
CA VAL O 445 39.91 -5.13 66.46
C VAL O 445 41.01 -4.10 66.26
N PRO O 446 40.63 -2.81 66.08
CA PRO O 446 41.50 -1.77 65.52
C PRO O 446 42.96 -1.79 65.98
N LEU O 447 43.18 -1.58 67.27
CA LEU O 447 44.54 -1.41 67.83
C LEU O 447 45.13 -2.80 68.07
N LEU O 448 44.33 -3.70 68.64
CA LEU O 448 44.80 -5.00 69.17
C LEU O 448 45.14 -5.91 67.98
N GLY O 449 44.37 -5.80 66.90
CA GLY O 449 44.54 -6.66 65.72
C GLY O 449 45.89 -6.43 65.06
N ASP O 450 46.58 -5.34 65.41
CA ASP O 450 47.82 -4.90 64.73
C ASP O 450 49.06 -5.28 65.55
N ILE O 451 48.88 -5.84 66.75
CA ILE O 451 50.04 -6.39 67.53
C ILE O 451 50.65 -7.49 66.66
N PRO O 452 51.95 -7.41 66.25
CA PRO O 452 52.46 -8.20 65.13
C PRO O 452 52.24 -9.71 65.24
N VAL O 453 52.32 -10.29 66.45
CA VAL O 453 52.07 -11.75 66.67
C VAL O 453 50.76 -11.96 67.44
N LEU O 454 50.62 -11.47 68.67
CA LEU O 454 49.37 -11.63 69.47
C LEU O 454 48.15 -11.23 68.65
N GLY O 455 48.31 -10.21 67.79
CA GLY O 455 47.22 -9.56 67.04
C GLY O 455 46.39 -10.56 66.25
N TYR O 456 46.96 -11.70 65.87
CA TYR O 456 46.28 -12.74 65.07
C TYR O 456 45.17 -13.37 65.93
N LEU O 457 45.18 -13.12 67.23
CA LEU O 457 44.12 -13.63 68.12
C LEU O 457 42.89 -12.75 67.99
N PHE O 458 43.05 -11.47 67.62
CA PHE O 458 41.90 -10.55 67.48
C PHE O 458 41.34 -10.64 66.06
N ARG O 459 42.19 -10.91 65.08
CA ARG O 459 41.82 -10.87 63.64
C ARG O 459 41.22 -12.20 63.21
N SER O 460 40.17 -12.14 62.38
CA SER O 460 39.60 -13.29 61.65
C SER O 460 39.97 -13.11 60.17
N THR O 461 41.04 -13.73 59.75
CA THR O 461 41.52 -13.45 58.38
C THR O 461 40.85 -14.44 57.44
N SER O 462 40.49 -13.99 56.24
CA SER O 462 40.07 -14.84 55.10
C SER O 462 40.92 -14.51 53.87
N ASN O 463 41.77 -15.44 53.46
CA ASN O 463 42.65 -15.25 52.29
C ASN O 463 42.16 -16.14 51.16
N ASN O 464 42.43 -15.76 49.92
CA ASN O 464 42.06 -16.59 48.75
C ASN O 464 43.11 -16.35 47.69
N THR O 465 43.43 -17.38 46.91
CA THR O 465 44.35 -17.27 45.75
C THR O 465 43.93 -18.26 44.67
N SER O 466 44.31 -17.96 43.43
CA SER O 466 43.99 -18.79 42.25
C SER O 466 45.03 -18.54 41.17
N LYS O 467 45.08 -19.48 40.24
CA LYS O 467 45.98 -19.49 39.09
C LYS O 467 45.30 -20.26 37.97
N ARG O 468 45.36 -19.73 36.77
CA ARG O 468 44.95 -20.48 35.57
C ARG O 468 45.98 -20.15 34.49
N ASN O 469 46.64 -21.16 33.95
CA ASN O 469 47.56 -20.95 32.81
C ASN O 469 47.01 -21.77 31.66
N LEU O 470 46.44 -21.09 30.67
CA LEU O 470 45.81 -21.74 29.49
C LEU O 470 46.66 -21.46 28.27
N MET O 471 47.04 -22.50 27.54
CA MET O 471 47.87 -22.39 26.32
C MET O 471 47.21 -23.19 25.21
N VAL O 472 47.02 -22.58 24.04
CA VAL O 472 46.39 -23.26 22.88
C VAL O 472 47.46 -23.45 21.80
N PHE O 473 47.88 -24.69 21.58
CA PHE O 473 48.93 -25.03 20.57
C PHE O 473 48.27 -25.73 19.37
N ILE O 474 48.77 -25.45 18.16
CA ILE O 474 48.27 -26.06 16.90
C ILE O 474 49.47 -26.60 16.13
N ARG O 475 49.44 -27.89 15.75
CA ARG O 475 50.56 -28.53 15.03
C ARG O 475 50.07 -29.10 13.71
N PRO O 476 50.15 -28.32 12.61
CA PRO O 476 49.71 -28.80 11.31
C PRO O 476 50.74 -29.81 10.80
N THR O 477 50.29 -30.60 9.84
CA THR O 477 51.04 -31.73 9.26
C THR O 477 50.49 -31.95 7.87
N ILE O 478 51.33 -31.81 6.86
CA ILE O 478 50.78 -31.85 5.48
C ILE O 478 51.12 -33.19 4.82
N LEU O 479 50.06 -33.72 4.21
CA LEU O 479 50.02 -34.98 3.43
C LEU O 479 50.02 -34.60 1.95
N ARG O 480 51.14 -34.79 1.25
CA ARG O 480 51.29 -34.41 -0.17
C ARG O 480 50.73 -35.52 -1.06
N ASP O 481 50.94 -36.78 -0.68
CA ASP O 481 50.42 -37.96 -1.42
C ASP O 481 49.79 -38.92 -0.42
N ALA O 482 49.22 -40.03 -0.89
CA ALA O 482 48.44 -41.01 -0.09
C ALA O 482 49.37 -41.77 0.87
N ASN O 483 50.53 -42.22 0.41
CA ASN O 483 51.46 -43.08 1.19
C ASN O 483 51.84 -42.41 2.51
N VAL O 484 51.89 -41.08 2.57
CA VAL O 484 52.22 -40.37 3.85
C VAL O 484 50.97 -40.36 4.74
N TYR O 485 49.80 -40.55 4.13
CA TYR O 485 48.49 -40.40 4.81
C TYR O 485 48.05 -41.75 5.35
N SER O 486 48.65 -42.84 4.88
CA SER O 486 48.46 -44.14 5.54
C SER O 486 49.27 -44.14 6.83
N GLY O 487 50.57 -43.88 6.71
CA GLY O 487 51.52 -43.91 7.84
C GLY O 487 51.06 -43.01 8.97
N ILE O 488 50.50 -41.87 8.63
CA ILE O 488 50.00 -40.89 9.63
C ILE O 488 48.73 -41.44 10.27
N SER O 489 47.89 -42.10 9.48
CA SER O 489 46.62 -42.69 9.95
C SER O 489 46.92 -44.03 10.63
N SER O 490 47.93 -44.76 10.14
CA SER O 490 48.28 -46.09 10.67
C SER O 490 48.83 -45.93 12.09
N ASN O 491 49.54 -44.83 12.38
CA ASN O 491 50.17 -44.64 13.71
C ASN O 491 49.10 -44.21 14.72
N LYS O 492 48.02 -43.58 14.26
CA LYS O 492 46.89 -43.22 15.15
C LYS O 492 45.98 -44.45 15.26
N TYR O 493 45.86 -45.22 14.18
CA TYR O 493 45.04 -46.45 14.16
C TYR O 493 45.66 -47.48 15.11
N THR O 494 46.99 -47.56 15.10
CA THR O 494 47.75 -48.54 15.91
C THR O 494 47.87 -48.01 17.35
N LEU O 495 48.19 -46.74 17.54
CA LEU O 495 48.35 -46.16 18.90
C LEU O 495 46.98 -46.27 19.61
N PHE O 496 45.90 -46.24 18.85
CA PHE O 496 44.53 -46.43 19.40
C PHE O 496 44.33 -47.92 19.69
N ARG O 497 44.77 -48.77 18.77
CA ARG O 497 44.64 -50.24 18.91
C ARG O 497 45.47 -50.70 20.10
N ALA O 498 46.72 -50.23 20.14
CA ALA O 498 47.69 -50.56 21.19
C ALA O 498 47.17 -50.06 22.55
N GLN O 499 46.30 -49.05 22.54
CA GLN O 499 45.73 -48.49 23.80
C GLN O 499 44.61 -49.43 24.25
N GLN O 500 43.81 -49.92 23.31
CA GLN O 500 42.73 -50.88 23.61
C GLN O 500 43.34 -52.17 24.14
N LEU O 501 44.42 -52.66 23.53
CA LEU O 501 45.06 -53.94 23.96
C LEU O 501 45.68 -53.77 25.34
N ASP O 502 46.12 -52.55 25.68
CA ASP O 502 46.67 -52.23 27.02
C ASP O 502 45.52 -52.28 28.04
N ALA O 503 44.33 -51.81 27.67
CA ALA O 503 43.15 -51.74 28.55
C ALA O 503 42.59 -53.15 28.77
N VAL O 504 42.76 -54.04 27.80
CA VAL O 504 42.35 -55.47 27.92
C VAL O 504 43.23 -56.14 28.99
N ALA O 505 44.53 -55.83 29.01
CA ALA O 505 45.52 -56.47 29.90
C ALA O 505 45.42 -55.91 31.34
N GLN O 506 44.55 -54.92 31.59
CA GLN O 506 44.13 -54.52 32.96
C GLN O 506 42.77 -55.16 33.29
N GLU O 507 41.83 -55.11 32.34
CA GLU O 507 40.48 -55.72 32.50
C GLU O 507 40.64 -57.24 32.67
N GLY O 508 41.61 -57.84 31.97
CA GLY O 508 41.94 -59.28 32.12
C GLY O 508 42.41 -59.57 33.52
N TYR O 509 43.19 -58.65 34.09
CA TYR O 509 43.75 -58.74 35.46
C TYR O 509 42.59 -58.64 36.46
N ALA O 510 41.69 -57.67 36.26
CA ALA O 510 40.56 -57.37 37.17
C ALA O 510 39.47 -58.46 37.07
N THR O 511 39.32 -59.08 35.89
CA THR O 511 38.29 -60.13 35.60
C THR O 511 36.88 -59.51 35.65
N SER O 512 35.93 -60.17 34.97
CA SER O 512 34.48 -59.86 35.00
C SER O 512 34.15 -58.52 34.33
N PRO O 513 34.95 -57.99 33.38
CA PRO O 513 34.53 -56.89 32.51
C PRO O 513 35.07 -56.96 31.07
N ASP O 514 34.47 -56.26 30.10
CA ASP O 514 34.99 -56.33 28.70
C ASP O 514 35.19 -54.95 28.05
N ARG O 515 36.43 -54.71 27.62
CA ARG O 515 36.80 -53.63 26.66
C ARG O 515 37.10 -54.35 25.34
N GLN O 516 36.42 -54.02 24.25
CA GLN O 516 36.59 -54.80 23.00
C GLN O 516 37.40 -54.00 21.98
N VAL O 517 38.23 -54.74 21.27
CA VAL O 517 39.36 -54.13 20.53
C VAL O 517 39.12 -54.28 19.03
N LEU O 518 39.29 -53.12 18.42
CA LEU O 518 39.66 -52.83 17.01
C LEU O 518 40.68 -53.83 16.46
N PRO O 519 40.47 -54.36 15.26
CA PRO O 519 41.38 -55.35 14.71
C PRO O 519 42.72 -54.71 14.30
N GLU O 520 43.46 -55.38 13.44
CA GLU O 520 44.73 -54.85 12.90
C GLU O 520 44.41 -54.12 11.59
N TYR O 521 45.30 -53.21 11.18
CA TYR O 521 45.09 -52.34 10.00
C TYR O 521 44.91 -53.21 8.75
N GLY O 522 43.78 -53.01 8.08
CA GLY O 522 43.51 -53.51 6.72
C GLY O 522 42.97 -54.94 6.73
N GLN O 523 42.52 -55.42 7.89
CA GLN O 523 42.04 -56.80 8.06
C GLN O 523 40.50 -56.84 8.11
N ASP O 524 39.86 -55.70 8.39
CA ASP O 524 38.41 -55.61 8.77
C ASP O 524 38.10 -56.76 9.73
#